data_6ZXL
#
_entry.id   6ZXL
#
_cell.length_a   1.00
_cell.length_b   1.00
_cell.length_c   1.00
_cell.angle_alpha   90.00
_cell.angle_beta   90.00
_cell.angle_gamma   90.00
#
_symmetry.space_group_name_H-M   'P 1'
#
loop_
_entity.id
_entity.type
_entity.pdbx_description
1 polymer 'Protective antigen'
2 polymer 'Lethal factor'
#
loop_
_entity_poly.entity_id
_entity_poly.type
_entity_poly.pdbx_seq_one_letter_code
_entity_poly.pdbx_strand_id
1 'polypeptide(L)'
;MGHHHHHHHHHHSSGHIDDDDKHMEVKQENRLLNESESSSQGLLGYYFSDLNFQAPMVVTSSTTGDLSIPSSELENIPSE
NQYFQSAIWSGFIKVKKSDEYTFATSADNHVTMWVDDQEVINKASNSNKIRLEKGRLYQIKIQYQRENPTEKGLDFKLYW
TDSQNKKEVISSDNLQLPELKQKSSNSRKKRSTSAGPTVPDRDNDGIPDSLEVEGYTVDVKNKRTFLSPWISNIHEKKGL
TKYKSSPEKWSTASDPYSDFEKVTGRIDKNVSPEARHPLVAAYPIVHVDMENIILSKNEDQSTQNTDSQTRTISKNTSTS
RTHTSEVHGNAEVHASFFDIGGSVSAGFSNSNSSTVAIDHSLSLAGERTWAETMGLNTADTARLNANIRYVNTGTAPIYN
VLPTTSLVLGKNQTLATIKAKENQLSQILAPNNYYPSKNLAPIALNAQDDFSSTPITMNYNQFLELEKTKQLRLDTDQVY
GNIATYNFENGRVRVDTGSNWSEVLPQIQETTARIIFNGKDLNLVERRIAAVNPSDPLETTKPDMTLKEALKIAFGFNEP
NGNLQYQGKDITEFDFNFDQQTSQNIKNQLAELNATNIYTVLDKIKLNAKMNILIRDKRFHYDRNNIAVGADESVVKEAH
REVINSSTEGLLLNIDKDIRKILSGYIVEIEDTEGLKEVINDRYDMLNISSLRQDGKTFIDFKKYNDKLPLYISNPNYKV
NVYAVTKENTIINPSENGDTSTNGIKKILIFSKKGYEIG
;
A,B,C,D,E,F,G
2 'polypeptide(L)'
;MNIKKEFIKVISMSCLVTAITLSGPVFIPLVQGAGGHGDVGMHVKEKEKNKDENKRKDEERNKTQEEHLKEIMKHIVKIE
VKGEEAVKKEAAEKLLEKVPSDVLEMYKAIGGKIYIVDGDITKHISLEALSEDKKKIKDIYGKDALLHEHYVYAKEGYEP
VLVIQSSEDYVENTEKALNVYYEIGKILSRDILSKINQPYQKFLDVLNTIKNASDSDGQDLLFTNQLKEHPTDFSVEFLE
QNSNEVQEVFAKAFAYYIEPQHRDVLQLYAPEAFNYMDKFNEQEINLSLEELKDQRMLARYEKWEKIKQHYQHWSDSLSE
EGRGLLKKLQIPIEPKKDDIIHSLSQEEKELLKRIQIDSSDFLSTEEKEFLKKLQIDIRDSLSEEEKELLNRIQVDSSNP
LSEKEKEFLKKLKLDIQPYDINQRLQDTGGLIDSPSINLDVRKQYKRDIQNIDALLHQSIGSTLYNKIYLYENMNINNLT
ATLGADLVDSTDNTKINRGIFNEFKKNFKYSISSNYMIVDINERPALDNERLKWRIQLSPDTRAGYLENGKLILQRNIGL
EIKDVQIIKQSEKEYIRIDAKVVPKSKIDTKIQEAQLNINQEWNKALGLPKYTKLITFNVHNRYASNIVESAYLILNEWK
NNIQSDLIKKVTNYLVDGNGRFVFTDITLPNIAEQYTHQDEIYEQVHSKGLYVPESRSILLHGPSKGVELRNDSEGFIHE
FGHAVDDYAGYLLDKNQSDLVTNSKKFIDIFKEEGSNLTSYGRTNEAEFFAEAFRLMHSTDHAERLKVQKNAPKTFQFIN
DQIKFIINS
;
H,I,J
#
# COMPACT_ATOMS: atom_id res chain seq x y z
N PRO A 197 -21.63 26.55 -7.63
CA PRO A 197 -20.54 26.46 -8.60
C PRO A 197 -20.14 25.02 -8.88
N THR A 198 -20.44 24.13 -7.94
CA THR A 198 -20.07 22.73 -8.13
C THR A 198 -20.79 22.09 -9.32
N VAL A 199 -22.08 22.38 -9.51
CA VAL A 199 -22.81 21.78 -10.63
C VAL A 199 -23.14 20.37 -10.19
N PRO A 200 -24.33 20.08 -9.73
CA PRO A 200 -24.63 18.70 -9.34
C PRO A 200 -25.06 17.89 -10.54
N ASP A 201 -24.39 16.74 -10.67
CA ASP A 201 -24.62 15.74 -11.69
C ASP A 201 -24.50 14.35 -11.05
N ARG A 202 -25.61 13.90 -10.45
CA ARG A 202 -25.59 12.72 -9.59
C ARG A 202 -25.20 11.47 -10.37
N ASP A 203 -25.76 11.30 -11.56
CA ASP A 203 -25.48 10.07 -12.27
C ASP A 203 -24.02 9.99 -12.67
N ASN A 204 -23.28 11.07 -12.51
CA ASN A 204 -21.86 11.04 -12.76
C ASN A 204 -21.59 10.73 -14.22
N ASP A 205 -22.36 11.34 -15.10
CA ASP A 205 -22.26 11.03 -16.51
C ASP A 205 -21.86 12.25 -17.31
N GLY A 206 -21.24 13.20 -16.68
CA GLY A 206 -20.70 14.34 -17.41
C GLY A 206 -21.67 15.46 -17.65
N ILE A 207 -22.85 15.14 -18.16
CA ILE A 207 -23.83 16.18 -18.39
C ILE A 207 -24.53 16.54 -17.10
N PRO A 208 -24.70 17.82 -16.79
CA PRO A 208 -25.39 18.19 -15.56
C PRO A 208 -26.86 17.90 -15.63
N ASP A 209 -27.48 17.91 -14.46
CA ASP A 209 -28.88 17.52 -14.32
C ASP A 209 -29.78 18.38 -15.20
N SER A 210 -29.78 19.69 -14.97
CA SER A 210 -30.72 20.54 -15.66
C SER A 210 -30.61 20.32 -17.15
N LEU A 211 -29.38 20.22 -17.63
CA LEU A 211 -29.17 19.98 -19.04
C LEU A 211 -29.89 18.73 -19.48
N GLU A 212 -29.72 17.64 -18.73
CA GLU A 212 -30.31 16.37 -19.15
C GLU A 212 -31.82 16.44 -19.13
N VAL A 213 -32.41 17.05 -18.11
CA VAL A 213 -33.86 17.04 -18.04
C VAL A 213 -34.44 17.94 -19.09
N GLU A 214 -33.84 19.09 -19.32
CA GLU A 214 -34.48 20.09 -20.16
C GLU A 214 -34.12 20.01 -21.62
N GLY A 215 -32.92 19.57 -21.96
CA GLY A 215 -32.57 19.52 -23.36
C GLY A 215 -31.22 20.15 -23.57
N TYR A 216 -30.34 19.50 -24.32
CA TYR A 216 -29.02 20.05 -24.58
C TYR A 216 -28.62 19.73 -26.00
N THR A 217 -27.43 20.17 -26.36
CA THR A 217 -26.93 19.85 -27.67
C THR A 217 -25.44 20.09 -27.75
N VAL A 218 -24.81 19.26 -28.53
CA VAL A 218 -23.40 19.36 -28.84
C VAL A 218 -23.25 20.19 -30.08
N ASP A 219 -22.30 21.11 -30.06
CA ASP A 219 -22.08 22.01 -31.18
C ASP A 219 -20.58 22.26 -31.30
N VAL A 220 -20.07 22.05 -32.50
CA VAL A 220 -18.65 22.22 -32.71
C VAL A 220 -18.33 23.70 -32.79
N LYS A 221 -17.50 24.17 -31.88
CA LYS A 221 -16.96 25.51 -31.91
C LYS A 221 -15.59 25.46 -32.53
N ASN A 222 -15.32 26.41 -33.41
CA ASN A 222 -14.35 26.26 -34.47
C ASN A 222 -13.63 24.93 -34.36
N LYS A 223 -12.64 24.82 -33.49
CA LYS A 223 -12.04 23.51 -33.30
C LYS A 223 -12.28 22.89 -31.95
N ARG A 224 -13.03 23.52 -31.06
CA ARG A 224 -13.23 23.00 -29.72
C ARG A 224 -14.69 22.62 -29.52
N THR A 225 -14.94 21.44 -28.98
CA THR A 225 -16.30 20.98 -28.74
C THR A 225 -16.78 21.27 -27.32
N PHE A 226 -17.94 21.90 -27.22
CA PHE A 226 -18.50 22.18 -25.91
C PHE A 226 -19.97 21.84 -25.91
N LEU A 227 -20.48 21.56 -24.73
CA LEU A 227 -21.88 21.19 -24.54
C LEU A 227 -22.71 22.41 -24.18
N SER A 228 -23.87 22.54 -24.80
CA SER A 228 -24.66 23.73 -24.57
C SER A 228 -26.13 23.45 -24.33
N PRO A 229 -26.76 24.27 -23.51
CA PRO A 229 -28.20 24.23 -23.37
C PRO A 229 -28.92 24.70 -24.60
N TRP A 230 -29.99 24.01 -24.94
CA TRP A 230 -30.74 24.28 -26.15
C TRP A 230 -31.29 25.68 -26.13
N ILE A 231 -30.88 26.49 -27.11
CA ILE A 231 -31.48 27.80 -27.34
C ILE A 231 -32.36 27.66 -28.57
N SER A 232 -33.62 28.04 -28.43
CA SER A 232 -34.58 27.72 -29.48
C SER A 232 -34.26 28.41 -30.79
N ASN A 233 -33.87 29.67 -30.74
CA ASN A 233 -33.79 30.41 -31.99
C ASN A 233 -32.44 30.33 -32.67
N ILE A 234 -31.36 30.21 -31.91
CA ILE A 234 -30.05 30.32 -32.54
C ILE A 234 -29.43 29.00 -32.97
N HIS A 235 -29.93 27.88 -32.48
CA HIS A 235 -29.35 26.60 -32.86
C HIS A 235 -30.05 25.97 -34.04
N GLU A 236 -31.32 26.33 -34.21
CA GLU A 236 -32.19 25.68 -35.18
C GLU A 236 -31.69 25.85 -36.61
N LYS A 237 -31.17 27.03 -36.95
CA LYS A 237 -30.73 27.25 -38.33
C LYS A 237 -29.58 26.37 -38.75
N LYS A 238 -28.80 25.81 -37.83
CA LYS A 238 -27.67 25.00 -38.25
C LYS A 238 -28.00 23.54 -38.42
N GLY A 239 -29.25 23.15 -38.21
CA GLY A 239 -29.62 21.75 -38.38
C GLY A 239 -29.07 20.80 -37.34
N LEU A 240 -29.05 21.20 -36.08
CA LEU A 240 -28.59 20.36 -35.00
C LEU A 240 -29.78 19.71 -34.32
N THR A 241 -29.62 18.48 -33.89
CA THR A 241 -30.70 17.74 -33.28
C THR A 241 -30.79 18.00 -31.79
N LYS A 242 -32.01 18.16 -31.31
CA LYS A 242 -32.29 18.39 -29.91
C LYS A 242 -32.37 17.08 -29.14
N TYR A 243 -31.40 16.84 -28.29
CA TYR A 243 -31.30 15.63 -27.48
C TYR A 243 -32.02 15.77 -26.14
N LYS A 244 -32.42 14.61 -25.61
CA LYS A 244 -32.97 14.51 -24.27
C LYS A 244 -32.38 13.25 -23.67
N SER A 245 -32.37 13.14 -22.36
CA SER A 245 -31.80 11.93 -21.76
C SER A 245 -32.21 11.81 -20.31
N SER A 246 -31.67 10.79 -19.66
CA SER A 246 -32.03 10.53 -18.29
C SER A 246 -30.98 11.06 -17.35
N PRO A 247 -31.36 11.96 -16.46
CA PRO A 247 -30.42 12.43 -15.44
C PRO A 247 -30.07 11.39 -14.42
N GLU A 248 -30.63 10.18 -14.46
CA GLU A 248 -30.29 9.23 -13.42
C GLU A 248 -29.83 7.90 -13.95
N LYS A 249 -29.33 7.86 -15.16
CA LYS A 249 -28.93 6.59 -15.72
C LYS A 249 -27.60 6.85 -16.37
N TRP A 250 -26.62 6.04 -16.00
CA TRP A 250 -25.33 6.23 -16.63
C TRP A 250 -25.38 5.96 -18.10
N SER A 251 -26.32 5.16 -18.56
CA SER A 251 -26.48 4.95 -19.99
C SER A 251 -27.96 4.78 -20.25
N THR A 252 -28.63 5.86 -20.65
CA THR A 252 -30.08 5.79 -20.80
C THR A 252 -30.50 4.54 -21.54
N ALA A 253 -29.76 4.18 -22.57
CA ALA A 253 -30.12 2.97 -23.29
C ALA A 253 -29.95 1.75 -22.43
N SER A 254 -29.02 1.79 -21.48
CA SER A 254 -28.63 0.70 -20.61
C SER A 254 -27.60 -0.14 -21.33
N ASP A 255 -27.22 0.23 -22.51
CA ASP A 255 -26.16 -0.48 -23.17
C ASP A 255 -24.85 0.05 -22.64
N PRO A 256 -23.78 -0.54 -22.97
CA PRO A 256 -22.53 -0.17 -22.32
C PRO A 256 -21.98 1.17 -22.77
N TYR A 257 -22.80 2.07 -23.28
CA TYR A 257 -22.22 3.36 -23.61
C TYR A 257 -22.96 4.50 -22.94
N SER A 258 -22.22 5.36 -22.25
CA SER A 258 -22.83 6.43 -21.48
C SER A 258 -23.49 7.47 -22.38
N ASP A 259 -24.50 8.12 -21.79
CA ASP A 259 -25.20 9.21 -22.44
C ASP A 259 -24.24 10.20 -23.06
N PHE A 260 -23.18 10.51 -22.33
CA PHE A 260 -22.25 11.54 -22.78
C PHE A 260 -21.36 11.08 -23.90
N GLU A 261 -20.72 9.94 -23.71
CA GLU A 261 -19.78 9.43 -24.67
C GLU A 261 -20.40 9.23 -26.04
N LYS A 262 -21.60 8.67 -26.10
CA LYS A 262 -22.21 8.46 -27.40
C LYS A 262 -22.37 9.76 -28.17
N VAL A 263 -23.03 10.75 -27.57
CA VAL A 263 -23.35 11.94 -28.35
C VAL A 263 -22.13 12.74 -28.63
N THR A 264 -21.10 12.60 -27.83
CA THR A 264 -19.92 13.39 -28.11
C THR A 264 -19.06 12.71 -29.14
N GLY A 265 -19.32 11.44 -29.40
CA GLY A 265 -18.52 10.69 -30.33
C GLY A 265 -17.40 9.94 -29.65
N ARG A 266 -17.20 10.14 -28.37
CA ARG A 266 -16.19 9.34 -27.70
C ARG A 266 -16.71 7.94 -27.52
N ILE A 267 -16.50 7.09 -28.52
CA ILE A 267 -17.09 5.77 -28.56
C ILE A 267 -16.42 4.99 -29.66
N ASP A 268 -16.50 3.68 -29.59
CA ASP A 268 -15.96 2.90 -30.69
C ASP A 268 -16.54 3.39 -31.99
N LYS A 269 -15.64 3.86 -32.85
CA LYS A 269 -16.03 4.47 -34.10
C LYS A 269 -16.77 3.52 -35.02
N ASN A 270 -17.04 2.30 -34.59
CA ASN A 270 -17.74 1.44 -35.51
C ASN A 270 -19.24 1.44 -35.34
N VAL A 271 -19.75 1.89 -34.21
CA VAL A 271 -21.19 1.94 -34.02
C VAL A 271 -21.85 2.77 -35.11
N SER A 272 -22.86 2.19 -35.74
CA SER A 272 -23.53 2.84 -36.85
C SER A 272 -24.09 4.19 -36.45
N PRO A 273 -24.17 5.13 -37.39
CA PRO A 273 -24.68 6.47 -37.06
C PRO A 273 -26.01 6.47 -36.37
N GLU A 274 -26.96 5.73 -36.91
CA GLU A 274 -28.30 5.76 -36.40
C GLU A 274 -28.34 5.43 -34.92
N ALA A 275 -27.34 4.76 -34.43
CA ALA A 275 -27.28 4.49 -33.01
C ALA A 275 -26.61 5.59 -32.24
N ARG A 276 -26.19 6.64 -32.91
CA ARG A 276 -25.61 7.74 -32.17
C ARG A 276 -26.65 8.49 -31.37
N HIS A 277 -27.88 8.30 -31.66
CA HIS A 277 -28.89 9.05 -30.93
C HIS A 277 -29.08 8.48 -29.54
N PRO A 278 -29.21 9.32 -28.53
CA PRO A 278 -29.13 8.84 -27.15
C PRO A 278 -30.13 7.81 -26.76
N LEU A 279 -31.19 7.62 -27.51
CA LEU A 279 -32.23 6.72 -27.02
C LEU A 279 -32.31 5.37 -27.72
N VAL A 280 -31.29 4.94 -28.45
CA VAL A 280 -31.40 3.67 -29.12
C VAL A 280 -30.30 2.73 -28.71
N ALA A 281 -30.68 1.66 -28.07
CA ALA A 281 -29.69 0.71 -27.62
C ALA A 281 -28.91 0.19 -28.80
N ALA A 282 -27.63 0.12 -28.65
CA ALA A 282 -26.75 -0.41 -29.68
C ALA A 282 -26.28 -1.78 -29.25
N TYR A 283 -26.73 -2.81 -29.94
CA TYR A 283 -26.31 -4.15 -29.55
C TYR A 283 -26.32 -5.04 -30.76
N PRO A 284 -25.64 -6.17 -30.69
CA PRO A 284 -25.55 -7.06 -31.84
C PRO A 284 -26.69 -8.04 -31.98
N ILE A 285 -26.95 -8.43 -33.21
CA ILE A 285 -27.92 -9.44 -33.61
C ILE A 285 -27.39 -10.32 -34.74
N VAL A 286 -26.88 -11.50 -34.41
CA VAL A 286 -26.19 -12.31 -35.40
C VAL A 286 -27.09 -13.42 -35.91
N HIS A 287 -27.22 -13.53 -37.23
CA HIS A 287 -27.87 -14.67 -37.82
C HIS A 287 -26.97 -15.18 -38.92
N VAL A 288 -27.25 -16.39 -39.37
CA VAL A 288 -26.42 -17.07 -40.34
C VAL A 288 -27.09 -17.07 -41.69
N ASP A 289 -26.30 -16.82 -42.73
CA ASP A 289 -26.75 -16.81 -44.11
C ASP A 289 -26.02 -17.91 -44.89
N MET A 290 -26.78 -18.83 -45.46
CA MET A 290 -26.26 -19.95 -46.22
C MET A 290 -26.43 -19.71 -47.72
N GLU A 291 -25.33 -19.70 -48.45
CA GLU A 291 -25.39 -19.39 -49.87
C GLU A 291 -25.59 -20.59 -50.79
N ASN A 292 -24.96 -21.74 -50.54
CA ASN A 292 -25.13 -22.82 -51.50
C ASN A 292 -24.71 -24.15 -50.90
N ILE A 293 -25.29 -25.22 -51.42
CA ILE A 293 -25.02 -26.56 -50.91
C ILE A 293 -24.45 -27.51 -51.96
N ILE A 294 -24.10 -28.71 -51.50
CA ILE A 294 -23.64 -29.82 -52.34
C ILE A 294 -24.01 -31.11 -51.63
N LEU A 295 -24.32 -32.14 -52.41
CA LEU A 295 -24.84 -33.38 -51.87
C LEU A 295 -24.13 -34.58 -52.50
N SER A 296 -24.15 -35.69 -51.77
CA SER A 296 -23.55 -36.95 -52.16
C SER A 296 -24.07 -38.01 -51.19
N LYS A 297 -23.53 -39.23 -51.29
CA LYS A 297 -23.94 -40.31 -50.41
C LYS A 297 -22.79 -40.76 -49.54
N ASN A 298 -23.06 -40.92 -48.25
CA ASN A 298 -22.07 -41.31 -47.26
C ASN A 298 -21.09 -42.36 -47.76
N ARG A 311 -22.66 -36.94 -59.98
CA ARG A 311 -23.75 -37.30 -59.08
C ARG A 311 -23.75 -36.48 -57.81
N THR A 312 -23.30 -35.23 -57.90
CA THR A 312 -23.30 -34.32 -56.77
C THR A 312 -24.22 -33.13 -57.04
N ILE A 313 -25.27 -33.01 -56.23
CA ILE A 313 -26.28 -31.98 -56.38
C ILE A 313 -25.74 -30.69 -55.76
N SER A 314 -25.35 -29.74 -56.59
CA SER A 314 -24.80 -28.47 -56.12
C SER A 314 -25.79 -27.36 -56.47
N LYS A 315 -26.53 -26.90 -55.46
CA LYS A 315 -27.52 -25.86 -55.67
C LYS A 315 -27.23 -24.61 -54.84
N ASN A 316 -27.57 -23.48 -55.44
CA ASN A 316 -27.48 -22.18 -54.79
C ASN A 316 -28.68 -21.97 -53.90
N THR A 317 -28.46 -21.39 -52.72
CA THR A 317 -29.54 -21.20 -51.78
C THR A 317 -29.79 -19.71 -51.56
N SER A 318 -30.99 -19.39 -51.10
CA SER A 318 -31.35 -18.03 -50.73
C SER A 318 -31.96 -18.05 -49.34
N THR A 319 -31.50 -17.15 -48.48
CA THR A 319 -31.94 -17.09 -47.11
C THR A 319 -32.56 -15.74 -46.82
N SER A 320 -33.53 -15.74 -45.92
CA SER A 320 -34.14 -14.51 -45.48
C SER A 320 -34.27 -14.56 -43.98
N ARG A 321 -33.93 -13.45 -43.34
CA ARG A 321 -34.08 -13.38 -41.91
C ARG A 321 -35.56 -13.43 -41.60
N THR A 322 -35.94 -14.30 -40.68
CA THR A 322 -37.36 -14.56 -40.47
C THR A 322 -37.84 -13.97 -39.15
N HIS A 323 -39.16 -13.96 -39.05
CA HIS A 323 -39.89 -13.54 -37.86
C HIS A 323 -41.28 -14.15 -37.91
N THR A 324 -41.69 -14.82 -36.85
CA THR A 324 -43.03 -15.37 -36.84
C THR A 324 -43.80 -14.70 -35.71
N SER A 325 -45.02 -15.16 -35.48
CA SER A 325 -45.86 -14.57 -34.44
C SER A 325 -45.38 -15.05 -33.08
N GLY A 347 -46.96 -13.95 -30.64
CA GLY A 347 -46.07 -14.39 -29.58
C GLY A 347 -44.65 -14.65 -30.06
N PHE A 348 -44.01 -13.60 -30.56
CA PHE A 348 -42.67 -13.69 -31.10
C PHE A 348 -41.65 -13.31 -30.03
N SER A 349 -40.59 -14.07 -29.94
CA SER A 349 -39.66 -14.00 -28.83
C SER A 349 -38.30 -13.53 -29.30
N ASN A 350 -37.50 -13.14 -28.33
CA ASN A 350 -36.22 -12.50 -28.56
C ASN A 350 -35.17 -13.56 -28.85
N SER A 351 -35.26 -14.11 -30.05
CA SER A 351 -34.30 -15.13 -30.45
C SER A 351 -34.22 -15.12 -31.96
N ASN A 352 -33.00 -15.07 -32.47
CA ASN A 352 -32.81 -14.93 -33.89
C ASN A 352 -32.90 -16.29 -34.56
N SER A 353 -33.54 -16.31 -35.71
CA SER A 353 -33.71 -17.52 -36.47
C SER A 353 -33.79 -17.12 -37.93
N SER A 354 -33.41 -18.02 -38.80
CA SER A 354 -33.53 -17.72 -40.22
C SER A 354 -34.25 -18.87 -40.90
N THR A 355 -34.40 -18.72 -42.21
CA THR A 355 -35.11 -19.70 -43.00
C THR A 355 -34.52 -19.70 -44.38
N VAL A 356 -34.03 -20.82 -44.79
CA VAL A 356 -33.43 -20.94 -46.10
C VAL A 356 -34.48 -21.53 -47.03
N ALA A 357 -34.36 -21.19 -48.30
CA ALA A 357 -35.20 -21.76 -49.35
C ALA A 357 -34.28 -22.24 -50.45
N ILE A 358 -34.41 -23.50 -50.80
CA ILE A 358 -33.54 -24.10 -51.79
C ILE A 358 -34.12 -23.86 -53.17
N ASP A 359 -33.24 -23.51 -54.10
CA ASP A 359 -33.66 -23.27 -55.47
C ASP A 359 -34.29 -24.55 -56.01
N HIS A 360 -35.41 -24.40 -56.67
CA HIS A 360 -36.10 -25.54 -57.24
C HIS A 360 -35.84 -25.74 -58.71
N SER A 361 -35.41 -24.72 -59.43
CA SER A 361 -35.24 -24.90 -60.87
C SER A 361 -34.19 -25.96 -61.17
N LEU A 362 -34.41 -26.66 -62.27
CA LEU A 362 -33.56 -27.76 -62.71
C LEU A 362 -32.41 -27.15 -63.51
N SER A 363 -31.24 -27.04 -62.88
CA SER A 363 -30.06 -26.57 -63.59
C SER A 363 -29.65 -27.50 -64.72
N LEU A 364 -29.72 -28.80 -64.52
CA LEU A 364 -29.42 -29.76 -65.58
C LEU A 364 -30.68 -30.35 -66.18
N ALA A 365 -30.68 -30.48 -67.51
CA ALA A 365 -31.83 -31.08 -68.18
C ALA A 365 -32.06 -32.49 -67.67
N GLY A 366 -31.01 -33.31 -67.65
CA GLY A 366 -31.13 -34.72 -67.34
C GLY A 366 -31.34 -35.08 -65.89
N GLU A 367 -31.45 -34.09 -65.00
CA GLU A 367 -31.53 -34.36 -63.57
C GLU A 367 -32.96 -34.52 -63.11
N ARG A 368 -33.74 -35.26 -63.89
CA ARG A 368 -35.12 -35.57 -63.54
C ARG A 368 -35.15 -36.40 -62.26
N THR A 369 -36.13 -36.11 -61.40
CA THR A 369 -36.28 -36.90 -60.18
C THR A 369 -35.10 -36.83 -59.22
N TRP A 370 -35.23 -36.06 -58.15
CA TRP A 370 -34.14 -35.93 -57.20
C TRP A 370 -33.72 -37.27 -56.65
N ALA A 371 -34.66 -38.18 -56.45
CA ALA A 371 -34.35 -39.46 -55.84
C ALA A 371 -33.33 -40.23 -56.66
N GLU A 372 -33.40 -40.12 -57.99
CA GLU A 372 -32.55 -40.91 -58.87
C GLU A 372 -31.22 -40.25 -59.21
N THR A 373 -31.19 -38.94 -59.45
CA THR A 373 -29.95 -38.27 -59.82
C THR A 373 -28.83 -38.65 -58.88
N MET A 374 -29.16 -38.95 -57.65
CA MET A 374 -28.23 -39.51 -56.69
C MET A 374 -28.65 -40.95 -56.48
N GLY A 375 -27.72 -41.87 -56.67
CA GLY A 375 -28.04 -43.27 -56.52
C GLY A 375 -28.38 -43.57 -55.08
N LEU A 376 -29.48 -43.00 -54.62
CA LEU A 376 -29.91 -43.11 -53.23
C LEU A 376 -30.77 -44.34 -53.07
N ASN A 377 -30.44 -45.18 -52.10
CA ASN A 377 -31.20 -46.38 -51.81
C ASN A 377 -31.93 -46.23 -50.49
N THR A 378 -32.96 -47.06 -50.32
CA THR A 378 -33.77 -47.02 -49.12
C THR A 378 -32.91 -47.13 -47.86
N ALA A 379 -31.83 -47.89 -47.93
CA ALA A 379 -30.95 -48.10 -46.78
C ALA A 379 -29.63 -47.36 -46.94
N ASP A 380 -29.65 -46.24 -47.65
CA ASP A 380 -28.47 -45.40 -47.81
C ASP A 380 -28.60 -44.14 -46.96
N THR A 381 -27.53 -43.33 -46.96
CA THR A 381 -27.52 -42.04 -46.28
C THR A 381 -26.69 -41.05 -47.08
N ALA A 382 -27.23 -39.84 -47.25
CA ALA A 382 -26.60 -38.78 -47.99
C ALA A 382 -25.83 -37.84 -47.06
N ARG A 383 -24.78 -37.23 -47.60
CA ARG A 383 -23.96 -36.29 -46.86
C ARG A 383 -24.20 -34.87 -47.40
N LEU A 384 -24.29 -33.91 -46.49
CA LEU A 384 -24.59 -32.52 -46.82
C LEU A 384 -23.40 -31.62 -46.56
N ASN A 385 -23.05 -30.79 -47.53
CA ASN A 385 -21.88 -29.93 -47.42
C ASN A 385 -22.30 -28.59 -48.01
N ALA A 386 -22.52 -27.63 -47.14
CA ALA A 386 -23.06 -26.32 -47.50
C ALA A 386 -22.04 -25.22 -47.24
N ASN A 387 -22.34 -24.05 -47.76
CA ASN A 387 -21.52 -22.88 -47.49
C ASN A 387 -22.37 -21.83 -46.79
N ILE A 388 -21.81 -21.22 -45.75
CA ILE A 388 -22.54 -20.22 -44.97
C ILE A 388 -21.63 -19.03 -44.69
N ARG A 389 -22.27 -17.88 -44.46
CA ARG A 389 -21.62 -16.68 -43.92
C ARG A 389 -22.48 -16.03 -42.85
N TYR A 390 -21.83 -15.32 -41.92
CA TYR A 390 -22.56 -14.63 -40.87
C TYR A 390 -22.84 -13.20 -41.27
N VAL A 391 -24.02 -12.73 -40.92
CA VAL A 391 -24.46 -11.38 -41.22
C VAL A 391 -24.87 -10.65 -39.96
N ASN A 392 -24.35 -9.47 -39.79
CA ASN A 392 -24.73 -8.58 -38.71
C ASN A 392 -25.63 -7.45 -39.18
N THR A 393 -26.91 -7.50 -38.88
CA THR A 393 -27.75 -6.39 -39.28
C THR A 393 -28.09 -5.49 -38.10
N GLY A 394 -27.37 -5.63 -37.02
CA GLY A 394 -27.63 -4.87 -35.82
C GLY A 394 -26.94 -3.54 -35.82
N THR A 395 -26.56 -3.09 -34.63
CA THR A 395 -25.95 -1.80 -34.46
C THR A 395 -24.65 -1.82 -33.65
N ALA A 396 -24.08 -2.98 -33.35
CA ALA A 396 -22.86 -2.94 -32.56
C ALA A 396 -21.95 -4.07 -32.94
N PRO A 397 -20.65 -3.95 -32.66
CA PRO A 397 -19.69 -4.95 -33.09
C PRO A 397 -19.55 -6.09 -32.10
N ILE A 398 -19.32 -7.28 -32.62
CA ILE A 398 -18.84 -8.42 -31.85
C ILE A 398 -17.38 -8.62 -32.13
N TYR A 399 -16.64 -9.20 -31.18
CA TYR A 399 -15.19 -9.21 -31.36
C TYR A 399 -14.60 -10.60 -31.44
N ASN A 400 -14.57 -11.37 -30.38
CA ASN A 400 -13.87 -12.63 -30.50
C ASN A 400 -14.75 -13.79 -30.96
N VAL A 401 -15.83 -14.01 -30.24
CA VAL A 401 -16.60 -15.23 -30.41
C VAL A 401 -17.58 -15.08 -31.57
N LEU A 402 -18.08 -16.20 -32.06
CA LEU A 402 -19.12 -16.25 -33.04
C LEU A 402 -20.06 -17.32 -32.53
N PRO A 403 -21.35 -17.10 -32.64
CA PRO A 403 -22.30 -17.97 -31.93
C PRO A 403 -22.39 -19.35 -32.53
N THR A 404 -22.58 -20.33 -31.65
CA THR A 404 -22.97 -21.67 -32.07
C THR A 404 -24.42 -21.70 -32.53
N THR A 405 -24.72 -22.50 -33.54
CA THR A 405 -26.04 -22.50 -34.15
C THR A 405 -26.35 -23.85 -34.75
N SER A 406 -27.57 -24.31 -34.54
CA SER A 406 -27.98 -25.65 -34.93
C SER A 406 -29.00 -25.64 -36.06
N LEU A 407 -28.74 -26.47 -37.06
CA LEU A 407 -29.64 -26.71 -38.17
C LEU A 407 -30.78 -27.66 -37.81
N VAL A 408 -31.97 -27.37 -38.30
CA VAL A 408 -33.14 -28.18 -38.02
C VAL A 408 -34.01 -28.28 -39.25
N LEU A 409 -34.37 -29.51 -39.61
CA LEU A 409 -35.34 -29.82 -40.66
C LEU A 409 -36.71 -30.14 -40.09
N GLY A 410 -37.74 -29.71 -40.80
CA GLY A 410 -39.07 -29.98 -40.35
C GLY A 410 -39.34 -29.24 -39.05
N LYS A 411 -40.21 -29.80 -38.24
CA LYS A 411 -40.57 -29.12 -37.00
C LYS A 411 -39.54 -29.33 -35.91
N ASN A 412 -38.99 -30.54 -35.75
CA ASN A 412 -38.15 -30.77 -34.61
C ASN A 412 -36.97 -31.69 -34.87
N GLN A 413 -36.68 -32.03 -36.11
CA GLN A 413 -35.60 -32.97 -36.40
C GLN A 413 -34.29 -32.20 -36.53
N THR A 414 -33.52 -32.18 -35.45
CA THR A 414 -32.26 -31.44 -35.43
C THR A 414 -31.17 -32.28 -36.10
N LEU A 415 -30.73 -31.86 -37.26
CA LEU A 415 -29.73 -32.66 -37.94
C LEU A 415 -28.35 -32.47 -37.35
N ALA A 416 -27.97 -31.26 -36.97
CA ALA A 416 -26.62 -31.02 -36.51
C ALA A 416 -26.52 -29.63 -35.90
N THR A 417 -25.55 -29.48 -35.01
CA THR A 417 -25.20 -28.20 -34.42
C THR A 417 -23.78 -27.86 -34.81
N ILE A 418 -23.58 -26.70 -35.44
CA ILE A 418 -22.24 -26.38 -35.92
C ILE A 418 -21.38 -25.93 -34.75
N LYS A 419 -20.27 -26.63 -34.55
CA LYS A 419 -19.43 -26.32 -33.40
C LYS A 419 -19.01 -24.86 -33.45
N ALA A 420 -18.74 -24.31 -32.29
CA ALA A 420 -18.15 -22.97 -32.17
C ALA A 420 -16.63 -23.07 -32.16
N LYS A 421 -16.00 -22.86 -33.33
CA LYS A 421 -14.54 -22.88 -33.38
C LYS A 421 -13.97 -21.90 -32.35
N GLU A 422 -12.82 -22.24 -31.79
CA GLU A 422 -12.26 -21.53 -30.64
C GLU A 422 -11.05 -20.69 -31.00
N ASN A 423 -11.10 -19.41 -30.61
CA ASN A 423 -9.98 -18.48 -30.80
C ASN A 423 -9.55 -18.37 -32.26
N GLN A 424 -10.54 -18.33 -33.15
CA GLN A 424 -10.26 -18.25 -34.57
C GLN A 424 -10.94 -17.08 -35.25
N LEU A 425 -11.94 -16.49 -34.64
CA LEU A 425 -12.66 -15.37 -35.24
C LEU A 425 -12.12 -14.06 -34.68
N SER A 426 -10.82 -13.88 -34.86
CA SER A 426 -10.14 -12.71 -34.36
C SER A 426 -10.45 -11.45 -35.15
N GLN A 427 -11.21 -11.53 -36.23
CA GLN A 427 -11.56 -10.37 -37.02
C GLN A 427 -12.84 -9.75 -36.46
N ILE A 428 -13.36 -8.76 -37.15
CA ILE A 428 -14.46 -7.99 -36.59
C ILE A 428 -15.65 -8.04 -37.52
N LEU A 429 -16.83 -8.03 -36.93
CA LEU A 429 -18.09 -7.98 -37.67
C LEU A 429 -18.79 -6.66 -37.44
N ALA A 430 -18.50 -5.70 -38.27
CA ALA A 430 -19.20 -4.47 -38.06
C ALA A 430 -20.59 -4.58 -38.65
N PRO A 431 -21.51 -3.76 -38.21
CA PRO A 431 -22.85 -3.81 -38.74
C PRO A 431 -22.85 -3.66 -40.26
N ASN A 432 -23.67 -4.49 -40.91
CA ASN A 432 -23.82 -4.48 -42.35
C ASN A 432 -22.55 -4.93 -43.04
N ASN A 433 -21.88 -5.88 -42.45
CA ASN A 433 -20.68 -6.40 -43.03
C ASN A 433 -20.81 -7.90 -43.07
N TYR A 434 -19.95 -8.55 -43.82
CA TYR A 434 -20.04 -9.99 -43.87
C TYR A 434 -18.81 -10.60 -43.24
N TYR A 435 -18.99 -11.79 -42.71
CA TYR A 435 -17.88 -12.58 -42.25
C TYR A 435 -17.94 -14.02 -42.73
N PRO A 436 -17.01 -14.43 -43.55
CA PRO A 436 -15.98 -13.50 -43.96
C PRO A 436 -16.54 -12.65 -45.07
N SER A 437 -15.97 -11.48 -45.31
CA SER A 437 -16.48 -10.55 -46.32
C SER A 437 -16.74 -11.22 -47.65
N LYS A 438 -17.54 -10.57 -48.49
CA LYS A 438 -17.89 -11.10 -49.80
C LYS A 438 -16.68 -11.39 -50.67
N ASN A 439 -15.49 -10.96 -50.26
CA ASN A 439 -14.33 -11.10 -51.11
C ASN A 439 -13.56 -12.37 -50.82
N LEU A 440 -14.00 -13.16 -49.87
CA LEU A 440 -13.21 -14.31 -49.47
C LEU A 440 -14.00 -15.59 -49.62
N ALA A 441 -13.28 -16.70 -49.67
CA ALA A 441 -13.95 -17.99 -49.72
C ALA A 441 -14.85 -18.15 -48.50
N PRO A 442 -16.07 -18.61 -48.67
CA PRO A 442 -16.94 -18.82 -47.53
C PRO A 442 -16.50 -20.03 -46.71
N ILE A 443 -16.85 -19.99 -45.43
CA ILE A 443 -16.46 -21.05 -44.51
C ILE A 443 -17.14 -22.35 -44.93
N ALA A 444 -16.34 -23.34 -45.28
CA ALA A 444 -16.91 -24.63 -45.62
C ALA A 444 -17.59 -25.21 -44.40
N LEU A 445 -18.84 -25.64 -44.57
CA LEU A 445 -19.59 -26.10 -43.42
C LEU A 445 -19.06 -27.42 -42.95
N ASN A 446 -19.00 -28.39 -43.84
CA ASN A 446 -18.30 -29.61 -43.50
C ASN A 446 -16.85 -29.26 -43.23
N ALA A 447 -16.31 -29.87 -42.19
CA ALA A 447 -14.98 -29.47 -41.74
C ALA A 447 -13.97 -29.68 -42.85
N GLN A 448 -14.12 -30.77 -43.61
CA GLN A 448 -13.21 -31.23 -44.65
C GLN A 448 -12.02 -31.88 -43.99
N ASP A 449 -12.01 -31.98 -42.66
CA ASP A 449 -10.93 -32.61 -41.90
C ASP A 449 -11.36 -33.99 -41.44
N ASP A 450 -10.74 -34.49 -40.38
CA ASP A 450 -10.98 -35.84 -39.91
C ASP A 450 -11.85 -35.90 -38.66
N PHE A 451 -12.50 -34.80 -38.30
CA PHE A 451 -13.27 -34.78 -37.05
C PHE A 451 -14.39 -35.81 -37.05
N SER A 452 -15.19 -35.82 -38.11
CA SER A 452 -16.21 -36.85 -38.30
C SER A 452 -16.31 -37.12 -39.79
N SER A 453 -16.39 -38.40 -40.15
CA SER A 453 -16.39 -38.75 -41.58
C SER A 453 -17.57 -38.12 -42.27
N THR A 454 -18.75 -38.22 -41.67
CA THR A 454 -19.94 -37.54 -42.15
C THR A 454 -20.72 -37.03 -40.95
N PRO A 455 -20.35 -35.87 -40.41
CA PRO A 455 -21.04 -35.40 -39.20
C PRO A 455 -22.52 -35.26 -39.44
N ILE A 456 -22.89 -34.82 -40.65
CA ILE A 456 -24.26 -34.59 -41.05
C ILE A 456 -24.85 -35.83 -41.71
N THR A 457 -25.08 -36.88 -40.94
CA THR A 457 -25.81 -37.99 -41.51
C THR A 457 -27.26 -37.59 -41.72
N MET A 458 -27.98 -38.37 -42.53
CA MET A 458 -29.34 -38.01 -42.87
C MET A 458 -30.04 -39.22 -43.47
N ASN A 459 -30.96 -39.82 -42.70
CA ASN A 459 -31.67 -41.01 -43.15
C ASN A 459 -32.49 -40.74 -44.41
N TYR A 460 -32.95 -41.84 -45.01
CA TYR A 460 -33.71 -41.79 -46.26
C TYR A 460 -34.98 -40.97 -46.08
N ASN A 461 -35.81 -41.38 -45.14
CA ASN A 461 -37.05 -40.68 -44.86
C ASN A 461 -36.77 -39.20 -44.70
N GLN A 462 -35.66 -38.85 -44.05
CA GLN A 462 -35.30 -37.44 -43.91
C GLN A 462 -35.16 -36.77 -45.27
N PHE A 463 -34.35 -37.35 -46.16
CA PHE A 463 -34.20 -36.78 -47.49
C PHE A 463 -35.53 -36.60 -48.20
N LEU A 464 -36.44 -37.54 -48.02
CA LEU A 464 -37.76 -37.40 -48.61
C LEU A 464 -38.50 -36.21 -48.04
N GLU A 465 -38.54 -36.12 -46.71
CA GLU A 465 -39.14 -34.98 -46.05
C GLU A 465 -38.61 -33.69 -46.63
N LEU A 466 -37.29 -33.63 -46.78
CA LEU A 466 -36.66 -32.44 -47.34
C LEU A 466 -37.16 -32.17 -48.75
N GLU A 467 -37.31 -33.22 -49.55
CA GLU A 467 -37.81 -32.96 -50.89
C GLU A 467 -39.22 -32.43 -50.84
N LYS A 468 -39.98 -32.84 -49.85
CA LYS A 468 -41.35 -32.38 -49.81
C LYS A 468 -41.43 -30.95 -49.30
N THR A 469 -40.50 -30.53 -48.43
CA THR A 469 -40.65 -29.20 -47.87
C THR A 469 -39.67 -28.20 -48.45
N LYS A 470 -38.47 -28.64 -48.81
CA LYS A 470 -37.45 -27.77 -49.39
C LYS A 470 -37.20 -26.52 -48.55
N GLN A 471 -37.21 -26.68 -47.23
CA GLN A 471 -37.11 -25.50 -46.37
C GLN A 471 -36.45 -25.85 -45.03
N LEU A 472 -35.39 -25.13 -44.67
CA LEU A 472 -34.73 -25.35 -43.38
C LEU A 472 -34.77 -24.13 -42.48
N ARG A 473 -34.44 -24.35 -41.20
CA ARG A 473 -34.39 -23.30 -40.18
C ARG A 473 -33.02 -23.27 -39.53
N LEU A 474 -32.55 -22.06 -39.21
CA LEU A 474 -31.27 -21.86 -38.55
C LEU A 474 -31.47 -21.02 -37.30
N ASP A 475 -31.50 -21.70 -36.17
CA ASP A 475 -31.69 -21.07 -34.87
C ASP A 475 -30.34 -20.81 -34.22
N THR A 476 -30.16 -19.60 -33.72
CA THR A 476 -28.93 -19.20 -33.08
C THR A 476 -29.18 -18.56 -31.73
N ASP A 477 -28.28 -18.80 -30.78
CA ASP A 477 -28.44 -18.17 -29.49
C ASP A 477 -27.64 -16.87 -29.50
N GLN A 478 -27.58 -16.17 -28.37
CA GLN A 478 -26.96 -14.85 -28.32
C GLN A 478 -25.61 -14.84 -27.62
N VAL A 479 -24.90 -15.95 -27.62
CA VAL A 479 -23.63 -15.96 -26.93
C VAL A 479 -22.57 -15.31 -27.80
N TYR A 480 -22.52 -14.01 -27.71
CA TYR A 480 -21.53 -13.21 -28.39
C TYR A 480 -20.30 -13.10 -27.51
N GLY A 481 -19.39 -12.19 -27.88
CA GLY A 481 -18.10 -12.12 -27.22
C GLY A 481 -18.05 -11.16 -26.05
N ASN A 482 -16.96 -10.43 -25.94
CA ASN A 482 -16.82 -9.39 -24.94
C ASN A 482 -17.16 -8.03 -25.53
N ILE A 483 -16.96 -6.97 -24.76
CA ILE A 483 -17.33 -5.63 -25.19
C ILE A 483 -16.11 -4.73 -25.17
N ALA A 484 -16.05 -3.82 -26.14
CA ALA A 484 -15.00 -2.82 -26.25
C ALA A 484 -15.46 -1.51 -25.66
N THR A 485 -14.73 -1.02 -24.68
CA THR A 485 -15.08 0.19 -23.96
C THR A 485 -14.03 1.26 -24.21
N TYR A 486 -14.43 2.52 -24.07
CA TYR A 486 -13.54 3.62 -24.33
C TYR A 486 -12.89 4.09 -23.03
N ASN A 487 -11.57 4.23 -23.07
CA ASN A 487 -10.77 4.58 -21.91
C ASN A 487 -10.35 6.06 -21.93
N PHE A 488 -10.66 6.81 -20.88
CA PHE A 488 -10.37 8.25 -20.90
C PHE A 488 -8.90 8.59 -20.82
N GLU A 489 -8.11 7.79 -20.11
CA GLU A 489 -6.73 8.18 -19.92
C GLU A 489 -5.98 8.30 -21.22
N ASN A 490 -6.20 7.41 -22.17
CA ASN A 490 -5.42 7.56 -23.38
C ASN A 490 -6.26 7.45 -24.63
N GLY A 491 -7.57 7.36 -24.52
CA GLY A 491 -8.37 7.35 -25.72
C GLY A 491 -8.27 6.07 -26.51
N ARG A 492 -7.86 5.01 -25.86
CA ARG A 492 -7.75 3.73 -26.51
C ARG A 492 -9.04 2.96 -26.37
N VAL A 493 -9.42 2.26 -27.42
CA VAL A 493 -10.60 1.41 -27.39
C VAL A 493 -10.07 0.01 -27.15
N ARG A 494 -10.26 -0.48 -25.94
CA ARG A 494 -9.68 -1.73 -25.51
C ARG A 494 -10.75 -2.75 -25.18
N VAL A 495 -10.49 -4.00 -25.53
CA VAL A 495 -11.43 -5.08 -25.27
C VAL A 495 -11.34 -5.53 -23.82
N ASP A 496 -12.38 -5.25 -23.05
CA ASP A 496 -12.41 -5.61 -21.64
C ASP A 496 -12.82 -7.05 -21.42
N THR A 497 -12.03 -7.76 -20.65
CA THR A 497 -12.33 -9.16 -20.40
C THR A 497 -13.33 -9.35 -19.29
N GLY A 498 -13.80 -8.28 -18.65
CA GLY A 498 -14.80 -8.45 -17.61
C GLY A 498 -16.25 -8.44 -18.03
N SER A 499 -16.57 -7.62 -19.01
CA SER A 499 -17.92 -7.41 -19.48
C SER A 499 -18.28 -8.32 -20.64
N ASN A 500 -19.42 -8.97 -20.57
CA ASN A 500 -19.77 -9.94 -21.58
C ASN A 500 -21.22 -9.71 -21.96
N TRP A 501 -21.48 -9.64 -23.26
CA TRP A 501 -22.80 -9.28 -23.75
C TRP A 501 -23.90 -10.12 -23.17
N SER A 502 -23.60 -11.31 -22.69
CA SER A 502 -24.72 -12.09 -22.24
C SER A 502 -25.26 -11.58 -20.95
N GLU A 503 -24.67 -10.55 -20.41
CA GLU A 503 -25.22 -9.97 -19.20
C GLU A 503 -25.97 -8.69 -19.46
N VAL A 504 -25.69 -8.05 -20.57
CA VAL A 504 -26.30 -6.77 -20.86
C VAL A 504 -27.59 -6.98 -21.63
N LEU A 505 -27.52 -7.80 -22.65
CA LEU A 505 -28.66 -8.02 -23.52
C LEU A 505 -29.99 -8.22 -22.79
N PRO A 506 -30.11 -9.04 -21.77
CA PRO A 506 -31.41 -9.15 -21.10
C PRO A 506 -32.03 -7.87 -20.59
N GLN A 507 -31.26 -6.98 -19.97
CA GLN A 507 -31.86 -5.73 -19.50
C GLN A 507 -32.47 -4.95 -20.63
N ILE A 508 -31.67 -4.72 -21.66
CA ILE A 508 -32.17 -4.02 -22.82
C ILE A 508 -33.43 -4.69 -23.31
N GLN A 509 -33.42 -6.02 -23.36
CA GLN A 509 -34.59 -6.64 -23.94
C GLN A 509 -35.77 -6.51 -23.02
N GLU A 510 -35.54 -6.08 -21.79
CA GLU A 510 -36.64 -5.98 -20.85
C GLU A 510 -37.02 -4.55 -20.57
N THR A 511 -36.40 -3.58 -21.22
CA THR A 511 -36.75 -2.21 -20.90
C THR A 511 -36.98 -1.37 -22.15
N THR A 512 -37.16 -1.98 -23.30
CA THR A 512 -37.34 -1.24 -24.53
C THR A 512 -38.50 -1.80 -25.33
N ALA A 513 -39.09 -0.95 -26.13
CA ALA A 513 -40.06 -1.41 -27.11
C ALA A 513 -39.35 -1.70 -28.40
N ARG A 514 -39.71 -2.80 -29.04
CA ARG A 514 -38.99 -3.28 -30.21
C ARG A 514 -39.85 -3.08 -31.44
N ILE A 515 -39.27 -2.49 -32.46
CA ILE A 515 -39.95 -2.16 -33.70
C ILE A 515 -39.22 -2.79 -34.86
N ILE A 516 -39.95 -3.55 -35.66
CA ILE A 516 -39.39 -4.18 -36.84
C ILE A 516 -39.92 -3.47 -38.07
N PHE A 517 -39.01 -3.13 -38.98
CA PHE A 517 -39.35 -2.37 -40.17
C PHE A 517 -38.72 -2.96 -41.40
N ASN A 518 -39.50 -3.08 -42.45
CA ASN A 518 -39.02 -3.57 -43.73
C ASN A 518 -39.00 -2.47 -44.79
N GLY A 519 -38.66 -1.25 -44.40
CA GLY A 519 -38.76 -0.21 -45.40
C GLY A 519 -37.64 -0.22 -46.41
N LYS A 520 -36.42 -0.39 -45.95
CA LYS A 520 -35.28 -0.25 -46.83
C LYS A 520 -35.42 -1.17 -48.01
N ASP A 521 -35.29 -2.47 -47.76
CA ASP A 521 -35.36 -3.44 -48.83
C ASP A 521 -36.30 -4.59 -48.51
N LEU A 522 -37.35 -4.33 -47.75
CA LEU A 522 -38.31 -5.37 -47.40
C LEU A 522 -37.65 -6.50 -46.63
N ASN A 523 -36.62 -6.16 -45.89
CA ASN A 523 -35.94 -7.08 -45.01
C ASN A 523 -36.10 -6.63 -43.57
N LEU A 524 -36.13 -7.57 -42.66
CA LEU A 524 -36.49 -7.27 -41.29
C LEU A 524 -35.36 -6.55 -40.57
N VAL A 525 -35.51 -5.24 -40.40
CA VAL A 525 -34.58 -4.42 -39.63
C VAL A 525 -35.18 -4.11 -38.27
N GLU A 526 -34.43 -4.38 -37.21
CA GLU A 526 -34.89 -4.24 -35.84
C GLU A 526 -34.21 -3.09 -35.08
N ARG A 527 -35.01 -2.27 -34.42
CA ARG A 527 -34.48 -1.18 -33.62
C ARG A 527 -35.16 -1.21 -32.26
N ARG A 528 -34.50 -0.71 -31.22
CA ARG A 528 -35.05 -0.71 -29.88
C ARG A 528 -35.06 0.69 -29.27
N ILE A 529 -36.20 1.12 -28.72
CA ILE A 529 -36.32 2.42 -28.08
C ILE A 529 -36.66 2.30 -26.60
N ALA A 530 -36.03 3.14 -25.80
CA ALA A 530 -36.23 3.15 -24.36
C ALA A 530 -37.57 3.77 -24.03
N ALA A 531 -38.46 3.00 -23.42
CA ALA A 531 -39.76 3.54 -23.04
C ALA A 531 -40.01 3.48 -21.55
N VAL A 532 -40.92 4.31 -21.11
CA VAL A 532 -41.26 4.42 -19.71
C VAL A 532 -42.11 3.24 -19.27
N ASN A 533 -41.97 2.87 -18.00
CA ASN A 533 -42.82 1.88 -17.33
C ASN A 533 -43.38 2.51 -16.06
N PRO A 534 -44.60 2.98 -16.09
CA PRO A 534 -45.20 3.66 -14.93
C PRO A 534 -44.87 3.02 -13.59
N SER A 535 -44.76 1.71 -13.57
CA SER A 535 -44.62 0.96 -12.34
C SER A 535 -43.29 1.16 -11.64
N ASP A 536 -42.29 1.76 -12.28
CA ASP A 536 -40.96 1.77 -11.70
C ASP A 536 -40.48 3.20 -11.46
N PRO A 537 -40.22 3.55 -10.23
CA PRO A 537 -39.74 4.89 -9.91
C PRO A 537 -38.62 5.32 -10.83
N LEU A 538 -37.51 4.60 -10.74
CA LEU A 538 -36.36 4.93 -11.59
C LEU A 538 -36.71 5.10 -13.05
N GLU A 539 -37.67 4.32 -13.54
CA GLU A 539 -37.96 4.39 -14.96
C GLU A 539 -38.77 5.59 -15.38
N THR A 540 -39.54 6.20 -14.47
CA THR A 540 -40.29 7.38 -14.85
C THR A 540 -39.37 8.51 -15.24
N THR A 541 -38.09 8.39 -14.94
CA THR A 541 -37.14 9.41 -15.30
C THR A 541 -36.89 9.46 -16.80
N LYS A 542 -37.34 8.62 -17.47
CA LYS A 542 -36.90 8.82 -18.83
C LYS A 542 -37.84 9.76 -19.57
N PRO A 543 -37.32 10.51 -20.52
CA PRO A 543 -38.17 11.43 -21.25
C PRO A 543 -39.34 10.69 -21.85
N ASP A 544 -40.51 11.30 -21.75
CA ASP A 544 -41.67 10.75 -22.40
C ASP A 544 -41.40 10.70 -23.89
N MET A 545 -41.66 9.56 -24.52
CA MET A 545 -41.34 9.40 -25.92
C MET A 545 -42.58 9.13 -26.75
N THR A 546 -42.89 10.07 -27.64
CA THR A 546 -44.02 9.88 -28.53
C THR A 546 -43.55 9.14 -29.78
N LEU A 547 -44.43 8.29 -30.29
CA LEU A 547 -44.15 7.43 -31.42
C LEU A 547 -43.51 8.12 -32.61
N LYS A 548 -44.09 9.24 -33.03
CA LYS A 548 -43.57 9.92 -34.22
C LYS A 548 -42.09 10.19 -34.17
N GLU A 549 -41.61 10.71 -33.06
CA GLU A 549 -40.18 11.01 -32.96
C GLU A 549 -39.35 9.75 -32.97
N ALA A 550 -39.83 8.70 -32.32
CA ALA A 550 -39.11 7.44 -32.38
C ALA A 550 -38.87 7.07 -33.82
N LEU A 551 -39.94 7.05 -34.61
CA LEU A 551 -39.77 6.76 -36.02
C LEU A 551 -38.83 7.74 -36.68
N LYS A 552 -38.84 9.00 -36.25
CA LYS A 552 -38.00 10.00 -36.89
C LYS A 552 -36.53 9.68 -36.70
N ILE A 553 -36.17 9.28 -35.49
CA ILE A 553 -34.77 9.10 -35.14
C ILE A 553 -34.25 7.70 -35.37
N ALA A 554 -35.10 6.73 -35.54
CA ALA A 554 -34.60 5.38 -35.65
C ALA A 554 -34.34 4.96 -37.08
N PHE A 555 -35.04 5.51 -38.04
CA PHE A 555 -34.96 4.99 -39.39
C PHE A 555 -34.59 6.02 -40.44
N GLY A 556 -34.91 7.29 -40.25
CA GLY A 556 -34.57 8.31 -41.21
C GLY A 556 -35.76 9.08 -41.72
N PHE A 557 -36.93 8.80 -41.18
CA PHE A 557 -38.14 9.53 -41.50
C PHE A 557 -37.91 11.02 -41.33
N ASN A 558 -38.56 11.83 -42.17
CA ASN A 558 -38.44 13.26 -42.02
C ASN A 558 -39.75 13.95 -42.37
N GLU A 559 -39.75 15.28 -42.22
CA GLU A 559 -40.92 16.12 -42.46
C GLU A 559 -40.56 17.26 -43.39
N PRO A 560 -40.48 17.00 -44.70
CA PRO A 560 -40.30 18.11 -45.62
C PRO A 560 -41.42 19.13 -45.47
N ASN A 561 -42.67 18.67 -45.48
CA ASN A 561 -43.82 19.55 -45.33
C ASN A 561 -44.64 19.18 -44.10
N GLY A 562 -43.99 18.68 -43.06
CA GLY A 562 -44.73 18.24 -41.89
C GLY A 562 -45.52 16.97 -42.05
N ASN A 563 -45.42 16.27 -43.18
CA ASN A 563 -46.10 15.00 -43.37
C ASN A 563 -45.06 13.90 -43.36
N LEU A 564 -45.23 12.94 -42.45
CA LEU A 564 -44.24 11.89 -42.32
C LEU A 564 -44.09 11.11 -43.60
N GLN A 565 -42.85 10.91 -44.03
CA GLN A 565 -42.61 10.13 -45.24
C GLN A 565 -41.20 9.58 -45.21
N TYR A 566 -41.03 8.44 -45.87
CA TYR A 566 -39.75 7.76 -46.06
C TYR A 566 -39.45 7.69 -47.54
N GLN A 567 -38.51 8.49 -48.00
CA GLN A 567 -38.13 8.57 -49.41
C GLN A 567 -39.35 8.47 -50.33
N GLY A 568 -40.21 9.45 -50.23
CA GLY A 568 -41.38 9.52 -51.12
C GLY A 568 -42.63 8.82 -50.61
N LYS A 569 -42.49 7.61 -50.09
CA LYS A 569 -43.65 6.83 -49.67
C LYS A 569 -44.27 7.42 -48.42
N ASP A 570 -45.48 7.94 -48.56
CA ASP A 570 -46.18 8.49 -47.41
C ASP A 570 -46.40 7.42 -46.35
N ILE A 571 -46.48 7.86 -45.10
CA ILE A 571 -46.72 6.98 -43.96
C ILE A 571 -48.01 6.17 -44.07
N THR A 572 -48.98 6.63 -44.85
CA THR A 572 -50.27 5.96 -44.87
C THR A 572 -50.24 4.62 -45.58
N GLU A 573 -49.18 4.33 -46.29
CA GLU A 573 -48.99 3.09 -47.02
C GLU A 573 -48.43 1.97 -46.16
N PHE A 574 -48.54 2.09 -44.85
CA PHE A 574 -47.97 1.07 -43.98
C PHE A 574 -48.98 0.53 -42.98
N ASP A 575 -48.79 -0.75 -42.65
CA ASP A 575 -49.61 -1.45 -41.68
C ASP A 575 -49.05 -1.31 -40.28
N PHE A 576 -49.94 -1.43 -39.31
CA PHE A 576 -49.61 -1.52 -37.91
C PHE A 576 -50.12 -2.83 -37.33
N ASN A 577 -49.20 -3.63 -36.81
CA ASN A 577 -49.56 -4.88 -36.16
C ASN A 577 -49.06 -4.88 -34.74
N PHE A 578 -49.87 -5.41 -33.83
CA PHE A 578 -49.59 -5.34 -32.41
C PHE A 578 -49.79 -6.67 -31.72
N ASP A 579 -48.92 -6.99 -30.76
CA ASP A 579 -49.24 -8.08 -29.87
C ASP A 579 -50.43 -7.73 -29.00
N GLN A 580 -51.11 -8.76 -28.52
CA GLN A 580 -52.39 -8.59 -27.85
C GLN A 580 -52.27 -7.58 -26.71
N GLN A 581 -51.19 -7.67 -25.94
CA GLN A 581 -50.93 -6.71 -24.88
C GLN A 581 -50.92 -5.31 -25.46
N THR A 582 -50.02 -5.10 -26.40
CA THR A 582 -49.87 -3.82 -27.04
C THR A 582 -51.19 -3.35 -27.61
N SER A 583 -51.93 -4.27 -28.21
CA SER A 583 -53.24 -3.93 -28.74
C SER A 583 -54.10 -3.30 -27.67
N GLN A 584 -54.21 -3.97 -26.54
CA GLN A 584 -54.99 -3.42 -25.44
C GLN A 584 -54.52 -2.02 -25.08
N ASN A 585 -53.21 -1.86 -24.90
CA ASN A 585 -52.68 -0.57 -24.49
C ASN A 585 -53.05 0.53 -25.49
N ILE A 586 -52.89 0.23 -26.78
CA ILE A 586 -53.15 1.27 -27.76
C ILE A 586 -54.63 1.55 -27.89
N LYS A 587 -55.46 0.53 -27.71
CA LYS A 587 -56.89 0.79 -27.71
C LYS A 587 -57.23 1.75 -26.60
N ASN A 588 -56.62 1.56 -25.43
CA ASN A 588 -56.81 2.54 -24.39
C ASN A 588 -56.38 3.92 -24.86
N GLN A 589 -55.14 4.03 -25.34
CA GLN A 589 -54.63 5.34 -25.74
C GLN A 589 -55.55 6.03 -26.73
N LEU A 590 -56.12 5.28 -27.65
CA LEU A 590 -57.06 5.91 -28.57
C LEU A 590 -58.39 6.19 -27.90
N ALA A 591 -58.66 5.55 -26.77
CA ALA A 591 -59.93 5.82 -26.12
C ALA A 591 -59.88 7.11 -25.34
N GLU A 592 -58.80 7.32 -24.59
CA GLU A 592 -58.77 8.59 -23.87
C GLU A 592 -58.59 9.78 -24.80
N LEU A 593 -58.35 9.57 -26.09
CA LEU A 593 -58.24 10.70 -27.00
C LEU A 593 -59.44 10.91 -27.90
N ASN A 594 -60.39 9.98 -27.94
CA ASN A 594 -61.57 10.13 -28.77
C ASN A 594 -61.21 10.34 -30.23
N ALA A 595 -60.44 9.41 -30.77
CA ALA A 595 -60.05 9.45 -32.16
C ALA A 595 -60.18 8.05 -32.75
N THR A 596 -60.38 7.97 -34.05
CA THR A 596 -60.49 6.67 -34.69
C THR A 596 -59.41 6.37 -35.70
N ASN A 597 -58.84 7.38 -36.34
CA ASN A 597 -57.77 7.15 -37.30
C ASN A 597 -56.46 7.47 -36.59
N ILE A 598 -55.67 6.44 -36.33
CA ILE A 598 -54.43 6.62 -35.62
C ILE A 598 -53.46 7.48 -36.38
N TYR A 599 -53.62 7.57 -37.69
CA TYR A 599 -52.66 8.28 -38.53
C TYR A 599 -52.67 9.77 -38.26
N THR A 600 -53.72 10.28 -37.64
CA THR A 600 -53.80 11.69 -37.31
C THR A 600 -53.11 11.99 -35.98
N VAL A 601 -53.57 11.34 -34.93
CA VAL A 601 -53.12 11.55 -33.56
C VAL A 601 -51.79 10.88 -33.25
N LEU A 602 -51.02 10.55 -34.29
CA LEU A 602 -49.79 9.79 -34.11
C LEU A 602 -48.88 10.42 -33.08
N ASP A 603 -48.76 11.73 -33.10
CA ASP A 603 -47.86 12.41 -32.20
C ASP A 603 -48.42 12.62 -30.79
N LYS A 604 -49.53 11.98 -30.42
CA LYS A 604 -50.12 12.10 -29.08
C LYS A 604 -50.24 10.74 -28.41
N ILE A 605 -49.53 9.77 -28.92
CA ILE A 605 -49.57 8.41 -28.42
C ILE A 605 -48.35 8.12 -27.57
N LYS A 606 -48.56 7.75 -26.33
CA LYS A 606 -47.45 7.47 -25.45
C LYS A 606 -46.99 6.05 -25.68
N LEU A 607 -45.68 5.86 -25.70
CA LEU A 607 -45.10 4.53 -25.78
C LEU A 607 -44.79 3.98 -24.40
N ASN A 608 -45.18 2.76 -24.14
CA ASN A 608 -44.79 2.13 -22.90
C ASN A 608 -43.79 1.01 -23.10
N ALA A 609 -43.16 0.62 -22.00
CA ALA A 609 -42.21 -0.47 -22.04
C ALA A 609 -42.93 -1.76 -22.45
N LYS A 610 -42.21 -2.62 -23.16
CA LYS A 610 -42.64 -3.94 -23.57
C LYS A 610 -43.60 -3.95 -24.74
N MET A 611 -43.85 -2.83 -25.39
CA MET A 611 -44.64 -2.89 -26.61
C MET A 611 -43.80 -3.45 -27.73
N ASN A 612 -44.45 -4.19 -28.62
CA ASN A 612 -43.79 -4.75 -29.78
C ASN A 612 -44.53 -4.28 -31.01
N ILE A 613 -43.84 -3.65 -31.94
CA ILE A 613 -44.52 -3.08 -33.09
C ILE A 613 -43.87 -3.54 -34.37
N LEU A 614 -44.70 -3.92 -35.35
CA LEU A 614 -44.24 -4.39 -36.64
C LEU A 614 -44.84 -3.58 -37.77
N ILE A 615 -44.02 -2.86 -38.49
CA ILE A 615 -44.47 -2.00 -39.57
C ILE A 615 -44.02 -2.56 -40.90
N ARG A 616 -44.97 -3.04 -41.71
CA ARG A 616 -44.64 -3.62 -42.99
C ARG A 616 -45.40 -2.83 -44.05
N ASP A 617 -44.83 -2.79 -45.25
CA ASP A 617 -45.51 -2.11 -46.34
C ASP A 617 -46.88 -2.72 -46.58
N LYS A 618 -47.89 -1.87 -46.66
CA LYS A 618 -49.27 -2.30 -46.77
C LYS A 618 -49.60 -2.89 -48.13
N ARG A 619 -48.72 -2.76 -49.11
CA ARG A 619 -49.07 -3.10 -50.47
C ARG A 619 -48.86 -4.56 -50.81
N PHE A 620 -48.08 -5.28 -50.03
CA PHE A 620 -47.69 -6.63 -50.38
C PHE A 620 -48.38 -7.67 -49.52
N HIS A 621 -48.59 -8.85 -50.10
CA HIS A 621 -49.10 -9.98 -49.34
C HIS A 621 -47.98 -10.69 -48.58
N TYR A 622 -48.32 -11.28 -47.44
CA TYR A 622 -47.34 -11.91 -46.57
C TYR A 622 -47.76 -13.30 -46.13
N ASP A 623 -46.76 -14.12 -45.80
CA ASP A 623 -46.98 -15.48 -45.35
C ASP A 623 -46.91 -15.52 -43.81
N ARG A 624 -46.92 -16.73 -43.25
CA ARG A 624 -46.91 -16.94 -41.80
C ARG A 624 -45.58 -16.52 -41.18
N ASN A 625 -44.50 -16.61 -41.94
CA ASN A 625 -43.18 -16.30 -41.42
C ASN A 625 -42.78 -14.86 -41.72
N ASN A 626 -43.78 -14.02 -41.89
CA ASN A 626 -43.61 -12.61 -42.14
C ASN A 626 -42.57 -12.33 -43.21
N ILE A 627 -42.54 -13.14 -44.21
CA ILE A 627 -41.69 -12.87 -45.35
C ILE A 627 -42.55 -12.30 -46.45
N ALA A 628 -41.99 -11.41 -47.23
CA ALA A 628 -42.74 -10.88 -48.36
C ALA A 628 -42.98 -12.02 -49.33
N VAL A 629 -44.24 -12.25 -49.71
CA VAL A 629 -44.52 -13.44 -50.52
C VAL A 629 -45.36 -13.10 -51.75
N GLY A 630 -46.15 -12.05 -51.68
CA GLY A 630 -46.93 -11.66 -52.83
C GLY A 630 -47.39 -10.23 -52.79
N ALA A 631 -48.36 -9.93 -53.64
CA ALA A 631 -48.85 -8.55 -53.77
C ALA A 631 -50.08 -8.54 -54.67
N ASP A 632 -50.78 -7.42 -54.64
CA ASP A 632 -51.87 -7.20 -55.58
C ASP A 632 -51.35 -6.99 -57.00
N GLU A 633 -52.04 -7.63 -57.94
CA GLU A 633 -51.60 -7.67 -59.34
C GLU A 633 -51.39 -6.28 -59.94
N SER A 634 -52.24 -5.32 -59.59
CA SER A 634 -52.19 -4.02 -60.24
C SER A 634 -50.83 -3.36 -60.06
N VAL A 635 -50.25 -3.46 -58.87
CA VAL A 635 -48.92 -2.90 -58.69
C VAL A 635 -47.94 -3.65 -59.58
N VAL A 636 -48.10 -4.97 -59.66
CA VAL A 636 -47.18 -5.77 -60.44
C VAL A 636 -47.21 -5.34 -61.90
N LYS A 637 -48.41 -5.16 -62.45
CA LYS A 637 -48.54 -4.75 -63.83
C LYS A 637 -47.96 -3.37 -64.03
N GLU A 638 -48.28 -2.44 -63.13
CA GLU A 638 -47.77 -1.08 -63.28
C GLU A 638 -46.26 -1.10 -63.32
N ALA A 639 -45.66 -2.06 -62.63
CA ALA A 639 -44.21 -2.13 -62.60
C ALA A 639 -43.60 -2.47 -63.96
N HIS A 640 -44.41 -2.80 -64.96
CA HIS A 640 -43.87 -3.23 -66.24
C HIS A 640 -44.21 -2.31 -67.41
N ARG A 641 -44.89 -1.21 -67.17
CA ARG A 641 -45.33 -0.42 -68.31
C ARG A 641 -44.22 0.26 -69.06
N GLU A 642 -42.95 0.00 -68.74
CA GLU A 642 -41.83 0.66 -69.40
C GLU A 642 -40.99 -0.39 -70.14
N VAL A 643 -41.32 -0.62 -71.40
CA VAL A 643 -40.60 -1.61 -72.19
C VAL A 643 -39.45 -0.86 -72.83
N ILE A 644 -38.26 -1.00 -72.24
CA ILE A 644 -37.08 -0.33 -72.78
C ILE A 644 -36.69 -0.94 -74.12
N ASN A 645 -36.85 -2.24 -74.27
CA ASN A 645 -36.50 -2.85 -75.55
C ASN A 645 -37.14 -4.21 -75.67
N SER A 646 -37.45 -4.58 -76.90
CA SER A 646 -38.01 -5.88 -77.24
C SER A 646 -37.50 -6.26 -78.62
N SER A 647 -37.08 -7.52 -78.76
CA SER A 647 -36.60 -8.02 -80.04
C SER A 647 -36.93 -9.50 -80.13
N THR A 648 -36.40 -10.16 -81.14
CA THR A 648 -36.59 -11.59 -81.27
C THR A 648 -35.54 -12.36 -80.48
N GLU A 649 -34.68 -11.65 -79.77
CA GLU A 649 -33.65 -12.26 -78.96
C GLU A 649 -33.90 -12.07 -77.46
N GLY A 650 -34.86 -11.25 -77.08
CA GLY A 650 -35.17 -11.06 -75.68
C GLY A 650 -35.56 -9.63 -75.33
N LEU A 651 -35.95 -9.43 -74.08
CA LEU A 651 -36.34 -8.13 -73.55
C LEU A 651 -35.26 -7.63 -72.61
N LEU A 652 -35.04 -6.32 -72.62
CA LEU A 652 -34.13 -5.64 -71.69
C LEU A 652 -34.97 -4.65 -70.88
N LEU A 653 -35.51 -5.12 -69.76
CA LEU A 653 -36.38 -4.29 -68.95
C LEU A 653 -35.60 -3.56 -67.86
N ASN A 654 -36.28 -2.60 -67.25
CA ASN A 654 -35.80 -1.85 -66.07
C ASN A 654 -36.90 -1.72 -65.02
N ILE A 655 -36.92 -2.65 -64.07
CA ILE A 655 -37.98 -2.72 -63.08
C ILE A 655 -37.39 -2.25 -61.76
N ASP A 656 -38.23 -1.69 -60.90
CA ASP A 656 -37.78 -1.29 -59.57
C ASP A 656 -37.22 -2.49 -58.81
N LYS A 657 -35.95 -2.37 -58.42
CA LYS A 657 -35.18 -3.45 -57.84
C LYS A 657 -35.94 -4.23 -56.77
N ASP A 658 -36.98 -3.66 -56.18
CA ASP A 658 -37.58 -4.38 -55.07
C ASP A 658 -38.56 -5.46 -55.52
N ILE A 659 -39.31 -5.20 -56.60
CA ILE A 659 -40.33 -6.15 -57.01
C ILE A 659 -39.77 -7.49 -57.44
N ARG A 660 -38.63 -7.52 -58.13
CA ARG A 660 -38.23 -8.80 -58.71
C ARG A 660 -37.69 -9.80 -57.70
N LYS A 661 -38.08 -9.66 -56.45
CA LYS A 661 -37.74 -10.64 -55.43
C LYS A 661 -38.97 -11.37 -54.91
N ILE A 662 -40.15 -11.09 -55.46
CA ILE A 662 -41.37 -11.81 -55.12
C ILE A 662 -41.98 -12.44 -56.37
N LEU A 663 -41.18 -12.58 -57.42
CA LEU A 663 -41.58 -13.19 -58.68
C LEU A 663 -40.67 -14.38 -58.91
N SER A 664 -41.25 -15.57 -58.98
CA SER A 664 -40.40 -16.74 -59.15
C SER A 664 -39.90 -16.96 -60.57
N GLY A 665 -40.68 -16.59 -61.58
CA GLY A 665 -40.22 -16.80 -62.94
C GLY A 665 -41.29 -16.46 -63.94
N TYR A 666 -41.00 -16.72 -65.20
CA TYR A 666 -41.94 -16.33 -66.23
C TYR A 666 -42.24 -17.49 -67.17
N ILE A 667 -43.50 -17.60 -67.57
CA ILE A 667 -43.93 -18.52 -68.61
C ILE A 667 -44.23 -17.68 -69.84
N VAL A 668 -43.52 -17.92 -70.92
CA VAL A 668 -43.73 -17.23 -72.18
C VAL A 668 -44.51 -18.15 -73.11
N GLU A 669 -45.47 -17.56 -73.82
CA GLU A 669 -46.29 -18.33 -74.72
C GLU A 669 -46.66 -17.47 -75.93
N ILE A 670 -46.97 -18.15 -77.02
CA ILE A 670 -47.37 -17.51 -78.27
C ILE A 670 -48.77 -17.97 -78.64
N GLU A 671 -49.54 -17.04 -79.19
CA GLU A 671 -50.96 -17.25 -79.45
C GLU A 671 -51.22 -17.06 -80.93
N ASP A 672 -51.70 -18.12 -81.60
CA ASP A 672 -52.11 -18.02 -82.98
C ASP A 672 -53.27 -17.03 -83.11
N THR A 673 -53.33 -16.38 -84.27
CA THR A 673 -54.39 -15.42 -84.59
C THR A 673 -55.80 -15.96 -84.36
N GLU A 674 -55.95 -17.27 -84.14
CA GLU A 674 -57.27 -17.86 -83.91
C GLU A 674 -57.42 -18.46 -82.51
N GLY A 675 -56.61 -18.00 -81.56
CA GLY A 675 -56.80 -18.35 -80.16
C GLY A 675 -56.02 -19.53 -79.64
N LEU A 676 -55.09 -20.08 -80.41
CA LEU A 676 -54.25 -21.15 -79.89
C LEU A 676 -53.25 -20.60 -78.88
N LYS A 677 -52.51 -21.49 -78.25
CA LYS A 677 -51.61 -21.14 -77.16
C LYS A 677 -50.44 -22.09 -77.18
N GLU A 678 -49.24 -21.56 -77.42
CA GLU A 678 -48.01 -22.33 -77.45
C GLU A 678 -47.06 -21.79 -76.38
N VAL A 679 -46.85 -22.55 -75.32
CA VAL A 679 -45.99 -22.13 -74.22
C VAL A 679 -44.58 -22.67 -74.49
N ILE A 680 -43.62 -21.76 -74.57
CA ILE A 680 -42.25 -22.14 -74.91
C ILE A 680 -41.66 -23.05 -73.84
N ASN A 681 -41.49 -22.51 -72.63
CA ASN A 681 -40.92 -23.28 -71.53
C ASN A 681 -42.03 -24.00 -70.78
N ASP A 682 -42.57 -25.03 -71.41
CA ASP A 682 -43.72 -25.71 -70.82
C ASP A 682 -43.28 -26.63 -69.68
N ARG A 683 -42.15 -26.32 -69.07
CA ARG A 683 -41.65 -27.04 -67.91
C ARG A 683 -41.59 -26.09 -66.73
N TYR A 684 -42.05 -26.56 -65.57
CA TYR A 684 -42.12 -25.71 -64.39
C TYR A 684 -40.75 -25.21 -63.97
N ASP A 685 -39.75 -26.09 -64.06
CA ASP A 685 -38.40 -25.70 -63.66
C ASP A 685 -37.85 -24.60 -64.55
N MET A 686 -38.18 -24.64 -65.84
CA MET A 686 -37.58 -23.71 -66.79
C MET A 686 -37.85 -22.26 -66.43
N LEU A 687 -39.05 -21.96 -65.90
CA LEU A 687 -39.48 -20.59 -65.58
C LEU A 687 -38.34 -19.61 -65.35
N ASN A 688 -37.31 -20.05 -64.63
CA ASN A 688 -36.20 -19.18 -64.25
C ASN A 688 -35.43 -18.80 -65.51
N ILE A 689 -35.98 -17.91 -66.33
CA ILE A 689 -35.34 -17.52 -67.58
C ILE A 689 -34.90 -16.07 -67.59
N SER A 690 -35.10 -15.33 -66.50
CA SER A 690 -34.80 -13.91 -66.47
C SER A 690 -33.51 -13.65 -65.71
N SER A 691 -32.48 -13.25 -66.43
CA SER A 691 -31.20 -12.88 -65.83
C SER A 691 -31.13 -11.36 -65.72
N LEU A 692 -30.05 -10.88 -65.12
CA LEU A 692 -29.84 -9.45 -64.93
C LEU A 692 -28.51 -9.03 -65.52
N ARG A 693 -28.55 -8.01 -66.37
CA ARG A 693 -27.31 -7.55 -66.98
C ARG A 693 -26.54 -6.66 -66.00
N GLN A 694 -25.27 -6.45 -66.32
CA GLN A 694 -24.37 -5.71 -65.45
C GLN A 694 -24.73 -4.23 -65.34
N ASP A 695 -25.66 -3.74 -66.16
CA ASP A 695 -26.16 -2.38 -66.03
C ASP A 695 -27.53 -2.30 -65.38
N GLY A 696 -27.92 -3.31 -64.61
CA GLY A 696 -29.16 -3.21 -63.89
C GLY A 696 -30.38 -3.31 -64.76
N LYS A 697 -30.20 -3.66 -66.02
CA LYS A 697 -31.31 -3.83 -66.94
C LYS A 697 -31.73 -5.29 -66.88
N THR A 698 -33.01 -5.54 -66.60
CA THR A 698 -33.43 -6.93 -66.56
C THR A 698 -33.41 -7.46 -67.99
N PHE A 699 -32.86 -8.66 -68.15
CA PHE A 699 -32.74 -9.30 -69.45
C PHE A 699 -33.32 -10.71 -69.40
N ILE A 700 -34.29 -10.99 -70.27
CA ILE A 700 -34.88 -12.30 -70.39
C ILE A 700 -34.20 -13.03 -71.54
N ASP A 701 -33.66 -14.21 -71.25
CA ASP A 701 -32.99 -15.03 -72.26
C ASP A 701 -33.76 -16.34 -72.42
N PHE A 702 -34.73 -16.34 -73.33
CA PHE A 702 -35.46 -17.55 -73.66
C PHE A 702 -34.62 -18.54 -74.42
N LYS A 703 -33.40 -18.16 -74.80
CA LYS A 703 -32.56 -19.03 -75.59
C LYS A 703 -32.20 -20.32 -74.85
N LYS A 704 -32.00 -20.24 -73.54
CA LYS A 704 -31.54 -21.42 -72.82
C LYS A 704 -32.52 -22.57 -72.94
N TYR A 705 -33.81 -22.28 -72.83
CA TYR A 705 -34.79 -23.34 -72.94
C TYR A 705 -35.40 -23.45 -74.33
N ASN A 706 -34.91 -22.67 -75.29
CA ASN A 706 -35.38 -22.76 -76.67
C ASN A 706 -34.48 -23.64 -77.52
N ASP A 707 -33.55 -24.36 -76.90
CA ASP A 707 -32.58 -25.20 -77.60
C ASP A 707 -31.76 -24.36 -78.57
N LYS A 708 -31.41 -23.14 -78.12
CA LYS A 708 -30.59 -22.22 -78.90
C LYS A 708 -31.21 -21.95 -80.27
N LEU A 709 -32.54 -21.84 -80.30
CA LEU A 709 -33.22 -21.53 -81.55
C LEU A 709 -33.95 -20.20 -81.46
N PRO A 710 -33.73 -19.29 -82.41
CA PRO A 710 -34.45 -18.02 -82.42
C PRO A 710 -35.96 -18.20 -82.36
N LEU A 711 -36.63 -17.29 -81.67
CA LEU A 711 -38.08 -17.37 -81.49
C LEU A 711 -38.77 -17.21 -82.84
N TYR A 712 -39.60 -18.19 -83.20
CA TYR A 712 -40.30 -18.19 -84.48
C TYR A 712 -41.73 -17.71 -84.27
N ILE A 713 -42.30 -17.11 -85.31
CA ILE A 713 -43.65 -16.56 -85.26
C ILE A 713 -44.40 -16.94 -86.52
N SER A 714 -45.50 -17.68 -86.36
CA SER A 714 -46.28 -18.18 -87.48
C SER A 714 -47.12 -17.11 -88.15
N ASN A 715 -47.08 -15.88 -87.67
CA ASN A 715 -47.92 -14.82 -88.21
C ASN A 715 -47.48 -13.49 -87.63
N PRO A 716 -47.08 -12.54 -88.46
CA PRO A 716 -46.69 -11.22 -87.97
C PRO A 716 -47.84 -10.48 -87.27
N ASN A 717 -49.03 -11.09 -87.27
CA ASN A 717 -50.18 -10.56 -86.56
C ASN A 717 -50.50 -11.32 -85.29
N TYR A 718 -49.73 -12.36 -84.97
CA TYR A 718 -49.98 -13.14 -83.76
C TYR A 718 -49.44 -12.41 -82.54
N LYS A 719 -50.26 -12.31 -81.50
CA LYS A 719 -49.85 -11.65 -80.27
C LYS A 719 -48.99 -12.59 -79.43
N VAL A 720 -48.00 -12.00 -78.75
CA VAL A 720 -47.10 -12.72 -77.85
C VAL A 720 -47.41 -12.31 -76.43
N ASN A 721 -47.89 -13.26 -75.62
CA ASN A 721 -48.28 -13.00 -74.25
C ASN A 721 -47.23 -13.56 -73.29
N VAL A 722 -46.93 -12.78 -72.24
CA VAL A 722 -46.02 -13.16 -71.18
C VAL A 722 -46.70 -13.03 -69.83
N TYR A 723 -46.62 -14.06 -69.01
CA TYR A 723 -47.19 -14.07 -67.67
C TYR A 723 -46.09 -14.19 -66.62
N ALA A 724 -46.33 -13.61 -65.45
CA ALA A 724 -45.43 -13.69 -64.30
C ALA A 724 -46.06 -14.49 -63.18
N VAL A 725 -45.24 -15.23 -62.44
CA VAL A 725 -45.73 -16.05 -61.33
C VAL A 725 -45.07 -15.62 -60.01
N THR A 726 -45.89 -15.08 -59.11
CA THR A 726 -45.45 -14.70 -57.78
C THR A 726 -45.18 -15.91 -56.91
N LYS A 727 -44.26 -15.72 -55.95
CA LYS A 727 -43.85 -16.78 -55.02
C LYS A 727 -45.03 -17.50 -54.39
N GLU A 728 -45.98 -16.76 -53.82
CA GLU A 728 -47.06 -17.39 -53.07
C GLU A 728 -47.79 -18.42 -53.90
N ASN A 729 -47.89 -18.20 -55.20
CA ASN A 729 -48.66 -19.08 -56.07
C ASN A 729 -47.79 -20.12 -56.77
N THR A 730 -46.56 -20.32 -56.32
CA THR A 730 -45.68 -21.25 -56.99
C THR A 730 -45.77 -22.66 -56.42
N ILE A 731 -45.35 -23.62 -57.23
CA ILE A 731 -45.26 -25.02 -56.84
C ILE A 731 -43.80 -25.38 -56.66
N ILE A 732 -43.53 -26.24 -55.69
CA ILE A 732 -42.17 -26.61 -55.34
C ILE A 732 -41.87 -28.08 -55.62
N ASN A 733 -42.86 -28.89 -55.93
CA ASN A 733 -42.66 -30.30 -56.21
C ASN A 733 -43.63 -30.72 -57.30
N PRO A 734 -43.33 -31.79 -58.02
CA PRO A 734 -44.30 -32.29 -58.99
C PRO A 734 -45.63 -32.61 -58.35
N SER A 735 -46.69 -32.46 -59.13
CA SER A 735 -48.06 -32.56 -58.63
C SER A 735 -48.46 -34.00 -58.34
N GLU A 736 -49.78 -34.21 -58.19
CA GLU A 736 -50.31 -35.54 -57.95
C GLU A 736 -49.90 -36.50 -59.06
N ASN A 737 -50.35 -36.22 -60.28
CA ASN A 737 -50.02 -37.02 -61.46
C ASN A 737 -48.72 -36.58 -62.13
N GLY A 738 -47.78 -36.03 -61.38
CA GLY A 738 -46.52 -35.63 -61.96
C GLY A 738 -46.68 -34.66 -63.11
N ASP A 739 -47.62 -33.74 -62.96
CA ASP A 739 -47.83 -32.72 -63.98
C ASP A 739 -46.66 -31.76 -64.07
N THR A 740 -46.25 -31.47 -65.30
CA THR A 740 -45.17 -30.55 -65.54
C THR A 740 -45.70 -29.29 -66.20
N SER A 741 -46.95 -29.33 -66.63
CA SER A 741 -47.62 -28.20 -67.26
C SER A 741 -47.94 -27.15 -66.21
N THR A 742 -47.99 -25.90 -66.66
CA THR A 742 -48.31 -24.78 -65.78
C THR A 742 -49.81 -24.56 -65.66
N ASN A 743 -50.61 -25.61 -65.80
CA ASN A 743 -52.07 -25.46 -65.86
C ASN A 743 -52.64 -24.94 -64.54
N GLY A 744 -52.52 -25.72 -63.47
CA GLY A 744 -53.22 -25.32 -62.25
C GLY A 744 -52.53 -24.26 -61.44
N ILE A 745 -51.77 -23.40 -62.11
CA ILE A 745 -51.08 -22.29 -61.48
C ILE A 745 -51.80 -20.98 -61.79
N LYS A 746 -52.07 -20.21 -60.75
CA LYS A 746 -52.71 -18.91 -60.88
C LYS A 746 -51.72 -17.99 -61.60
N LYS A 747 -52.07 -17.59 -62.82
CA LYS A 747 -51.20 -16.86 -63.74
C LYS A 747 -51.71 -15.45 -63.95
N ILE A 748 -50.80 -14.48 -63.94
CA ILE A 748 -51.12 -13.08 -64.17
C ILE A 748 -50.63 -12.65 -65.54
N LEU A 749 -51.53 -12.04 -66.31
CA LEU A 749 -51.16 -11.53 -67.63
C LEU A 749 -50.16 -10.40 -67.48
N ILE A 750 -49.06 -10.46 -68.22
CA ILE A 750 -48.02 -9.46 -68.05
C ILE A 750 -47.61 -8.79 -69.35
N PHE A 751 -47.92 -9.33 -70.53
CA PHE A 751 -47.45 -8.72 -71.76
C PHE A 751 -48.24 -9.24 -72.93
N SER A 752 -48.41 -8.40 -73.95
CA SER A 752 -49.19 -8.78 -75.12
C SER A 752 -48.95 -7.90 -76.34
N LYS A 753 -47.92 -8.20 -77.13
CA LYS A 753 -47.62 -7.47 -78.35
C LYS A 753 -47.72 -8.42 -79.55
N LYS A 754 -48.28 -7.92 -80.65
CA LYS A 754 -48.45 -8.75 -81.83
C LYS A 754 -47.09 -9.01 -82.51
N GLY A 755 -47.13 -9.88 -83.53
CA GLY A 755 -45.90 -10.27 -84.19
C GLY A 755 -45.20 -9.14 -84.92
N TYR A 756 -45.98 -8.29 -85.61
CA TYR A 756 -45.40 -7.15 -86.31
C TYR A 756 -44.77 -6.17 -85.35
N GLU A 757 -45.38 -5.97 -84.18
CA GLU A 757 -44.83 -5.03 -83.20
C GLU A 757 -43.45 -5.48 -82.74
N ILE A 758 -43.27 -6.77 -82.53
CA ILE A 758 -41.99 -7.31 -82.09
C ILE A 758 -40.92 -7.06 -83.15
N PRO B 197 -1.62 29.91 -16.41
CA PRO B 197 -1.27 28.77 -15.56
C PRO B 197 -1.95 27.50 -16.02
N THR B 198 -3.20 27.65 -16.45
CA THR B 198 -3.98 26.49 -16.84
C THR B 198 -3.35 25.79 -18.03
N VAL B 199 -2.95 26.55 -19.04
CA VAL B 199 -2.44 26.06 -20.32
C VAL B 199 -3.29 24.85 -20.72
N PRO B 200 -4.58 25.06 -20.91
CA PRO B 200 -5.50 23.93 -21.03
C PRO B 200 -5.07 22.92 -22.09
N ASP B 201 -5.22 21.64 -21.74
CA ASP B 201 -4.91 20.53 -22.64
C ASP B 201 -5.97 19.44 -22.48
N ARG B 202 -7.14 19.61 -23.11
CA ARG B 202 -8.20 18.64 -22.89
C ARG B 202 -7.78 17.24 -23.32
N ASP B 203 -7.18 17.12 -24.49
CA ASP B 203 -6.84 15.77 -24.90
C ASP B 203 -5.76 15.18 -24.00
N ASN B 204 -5.14 15.99 -23.16
CA ASN B 204 -4.20 15.46 -22.20
C ASN B 204 -3.04 14.81 -22.92
N ASP B 205 -2.56 15.47 -23.97
CA ASP B 205 -1.54 14.88 -24.81
C ASP B 205 -0.25 15.68 -24.85
N GLY B 206 0.01 16.48 -23.85
CA GLY B 206 1.27 17.19 -23.78
C GLY B 206 1.26 18.50 -24.52
N ILE B 207 0.81 18.50 -25.76
CA ILE B 207 0.76 19.75 -26.49
C ILE B 207 -0.47 20.52 -26.05
N PRO B 208 -0.35 21.80 -25.79
CA PRO B 208 -1.53 22.57 -25.38
C PRO B 208 -2.47 22.77 -26.53
N ASP B 209 -3.69 23.16 -26.19
CA ASP B 209 -4.76 23.28 -27.15
C ASP B 209 -4.45 24.24 -28.30
N SER B 210 -4.23 25.51 -27.98
CA SER B 210 -4.10 26.50 -29.03
C SER B 210 -3.04 26.09 -30.03
N LEU B 211 -1.93 25.58 -29.51
CA LEU B 211 -0.86 25.13 -30.37
C LEU B 211 -1.36 24.09 -31.36
N GLU B 212 -2.13 23.13 -30.88
CA GLU B 212 -2.57 22.03 -31.73
C GLU B 212 -3.44 22.53 -32.86
N VAL B 213 -4.35 23.47 -32.58
CA VAL B 213 -5.27 23.88 -33.64
C VAL B 213 -4.60 24.70 -34.73
N GLU B 214 -3.73 25.62 -34.39
CA GLU B 214 -3.33 26.48 -35.49
C GLU B 214 -2.07 25.98 -36.18
N GLY B 215 -1.20 25.29 -35.44
CA GLY B 215 0.04 24.80 -36.01
C GLY B 215 1.25 25.04 -35.14
N TYR B 216 2.08 24.02 -34.97
CA TYR B 216 3.28 24.12 -34.16
C TYR B 216 4.43 23.34 -34.77
N THR B 217 5.60 23.40 -34.12
CA THR B 217 6.75 22.63 -34.56
C THR B 217 7.82 22.57 -33.51
N VAL B 218 8.49 21.49 -33.44
CA VAL B 218 9.63 21.30 -32.58
C VAL B 218 10.89 21.64 -33.35
N ASP B 219 11.79 22.36 -32.69
CA ASP B 219 13.03 22.82 -33.29
C ASP B 219 14.12 22.74 -32.25
N VAL B 220 15.21 22.13 -32.61
CA VAL B 220 16.26 21.94 -31.64
C VAL B 220 17.02 23.23 -31.41
N LYS B 221 17.03 23.65 -30.16
CA LYS B 221 17.86 24.75 -29.67
C LYS B 221 19.08 24.11 -29.10
N ASN B 222 20.23 24.70 -29.39
CA ASN B 222 21.47 23.96 -29.43
C ASN B 222 21.27 22.50 -29.04
N LYS B 223 21.18 22.14 -27.77
CA LYS B 223 20.92 20.73 -27.51
C LYS B 223 19.56 20.38 -26.92
N ARG B 224 18.64 21.32 -26.73
CA ARG B 224 17.37 21.06 -26.08
C ARG B 224 16.17 21.26 -27.01
N THR B 225 15.25 20.30 -26.99
CA THR B 225 14.03 20.37 -27.79
C THR B 225 12.83 20.89 -27.03
N PHE B 226 12.16 21.89 -27.61
CA PHE B 226 10.97 22.51 -27.03
C PHE B 226 9.92 22.74 -28.10
N LEU B 227 8.67 22.91 -27.67
CA LEU B 227 7.54 23.14 -28.56
C LEU B 227 7.26 24.62 -28.77
N SER B 228 7.04 25.02 -30.02
CA SER B 228 6.85 26.41 -30.31
C SER B 228 5.71 26.64 -31.28
N PRO B 229 5.02 27.76 -31.14
CA PRO B 229 4.05 28.15 -32.15
C PRO B 229 4.74 28.49 -33.43
N TRP B 230 4.15 28.10 -34.54
CA TRP B 230 4.75 28.30 -35.85
C TRP B 230 5.00 29.77 -36.14
N ILE B 231 6.25 30.15 -36.33
CA ILE B 231 6.58 31.49 -36.81
C ILE B 231 7.02 31.39 -38.25
N SER B 232 6.36 32.15 -39.11
CA SER B 232 6.53 31.98 -40.54
C SER B 232 7.95 32.31 -40.99
N ASN B 233 8.53 33.35 -40.45
CA ASN B 233 9.76 33.85 -41.01
C ASN B 233 10.99 33.18 -40.45
N ILE B 234 10.96 32.73 -39.21
CA ILE B 234 12.18 32.20 -38.62
C ILE B 234 12.37 30.70 -38.79
N HIS B 235 11.31 29.96 -39.08
CA HIS B 235 11.45 28.53 -39.19
C HIS B 235 11.67 28.07 -40.61
N GLU B 236 11.14 28.83 -41.55
CA GLU B 236 11.19 28.38 -42.93
C GLU B 236 12.63 28.28 -43.38
N LYS B 237 13.48 29.21 -42.97
CA LYS B 237 14.85 29.04 -43.41
C LYS B 237 15.46 27.80 -42.80
N LYS B 238 14.91 27.29 -41.70
CA LYS B 238 15.55 26.14 -41.09
C LYS B 238 15.01 24.83 -41.61
N GLY B 239 14.06 24.85 -42.53
CA GLY B 239 13.49 23.65 -43.12
C GLY B 239 12.65 22.72 -42.27
N LEU B 240 11.83 23.25 -41.38
CA LEU B 240 10.96 22.45 -40.53
C LEU B 240 9.54 22.43 -41.08
N THR B 241 8.88 21.30 -40.89
CA THR B 241 7.52 21.12 -41.37
C THR B 241 6.52 21.60 -40.34
N LYS B 242 5.50 22.28 -40.83
CA LYS B 242 4.40 22.84 -40.04
C LYS B 242 3.33 21.80 -39.75
N TYR B 243 3.22 21.40 -38.49
CA TYR B 243 2.27 20.39 -38.06
C TYR B 243 0.94 20.96 -37.67
N LYS B 244 -0.08 20.15 -37.78
CA LYS B 244 -1.37 20.50 -37.24
C LYS B 244 -1.92 19.22 -36.61
N SER B 245 -2.86 19.35 -35.71
CA SER B 245 -3.36 18.12 -35.11
C SER B 245 -4.66 18.41 -34.39
N SER B 246 -5.20 17.40 -33.72
CA SER B 246 -6.46 17.57 -33.05
C SER B 246 -6.30 17.78 -31.57
N PRO B 247 -6.81 18.88 -31.04
CA PRO B 247 -6.76 19.11 -29.60
C PRO B 247 -7.64 18.20 -28.78
N GLU B 248 -8.41 17.28 -29.35
CA GLU B 248 -9.28 16.45 -28.52
C GLU B 248 -9.10 14.96 -28.77
N LYS B 249 -7.95 14.57 -29.25
CA LYS B 249 -7.71 13.17 -29.56
C LYS B 249 -6.36 12.82 -29.02
N TRP B 250 -6.29 11.76 -28.23
CA TRP B 250 -4.99 11.40 -27.75
C TRP B 250 -4.09 10.98 -28.89
N SER B 251 -4.66 10.55 -30.00
CA SER B 251 -3.86 10.26 -31.17
C SER B 251 -4.67 10.62 -32.41
N THR B 252 -4.44 11.81 -32.96
CA THR B 252 -5.26 12.23 -34.09
C THR B 252 -5.39 11.13 -35.11
N ALA B 253 -4.29 10.45 -35.39
CA ALA B 253 -4.41 9.38 -36.37
C ALA B 253 -5.27 8.25 -35.86
N SER B 254 -5.34 8.06 -34.55
CA SER B 254 -6.06 6.99 -33.85
C SER B 254 -5.21 5.76 -33.76
N ASP B 255 -4.00 5.78 -34.25
CA ASP B 255 -3.12 4.66 -34.10
C ASP B 255 -2.49 4.69 -32.74
N PRO B 256 -1.80 3.70 -32.36
CA PRO B 256 -1.38 3.60 -30.97
C PRO B 256 -0.31 4.58 -30.60
N TYR B 257 -0.23 5.71 -31.29
CA TYR B 257 0.87 6.60 -30.89
C TYR B 257 0.32 8.00 -30.68
N SER B 258 0.60 8.57 -29.52
CA SER B 258 0.03 9.86 -29.18
C SER B 258 0.57 10.95 -30.08
N ASP B 259 -0.23 11.99 -30.28
CA ASP B 259 0.20 13.14 -31.07
C ASP B 259 1.56 13.65 -30.64
N PHE B 260 1.75 13.76 -29.33
CA PHE B 260 2.97 14.35 -28.83
C PHE B 260 4.17 13.46 -28.95
N GLU B 261 4.02 12.24 -28.53
CA GLU B 261 5.13 11.32 -28.56
C GLU B 261 5.71 11.15 -29.96
N LYS B 262 4.86 10.96 -30.94
CA LYS B 262 5.33 10.70 -32.29
C LYS B 262 6.23 11.79 -32.87
N VAL B 263 5.80 13.05 -32.87
CA VAL B 263 6.60 14.05 -33.58
C VAL B 263 7.91 14.36 -32.90
N THR B 264 7.99 14.15 -31.61
CA THR B 264 9.19 14.51 -30.90
C THR B 264 10.20 13.42 -31.04
N GLY B 265 9.76 12.25 -31.44
CA GLY B 265 10.62 11.12 -31.54
C GLY B 265 10.68 10.22 -30.33
N ARG B 266 10.08 10.58 -29.21
CA ARG B 266 10.10 9.58 -28.16
C ARG B 266 9.10 8.51 -28.58
N ILE B 267 9.58 7.55 -29.35
CA ILE B 267 8.73 6.58 -29.99
C ILE B 267 9.60 5.48 -30.57
N ASP B 268 9.02 4.32 -30.77
CA ASP B 268 9.78 3.25 -31.39
C ASP B 268 10.44 3.69 -32.67
N LYS B 269 11.75 3.66 -32.67
CA LYS B 269 12.57 4.15 -33.77
C LYS B 269 12.39 3.43 -35.08
N ASN B 270 11.49 2.46 -35.17
CA ASN B 270 11.34 1.76 -36.43
C ASN B 270 10.27 2.32 -37.33
N VAL B 271 9.36 3.12 -36.79
CA VAL B 271 8.36 3.70 -37.66
C VAL B 271 9.05 4.46 -38.77
N SER B 272 8.66 4.19 -40.00
CA SER B 272 9.34 4.79 -41.12
C SER B 272 9.27 6.31 -41.01
N PRO B 273 10.26 7.01 -41.54
CA PRO B 273 10.28 8.47 -41.39
C PRO B 273 9.05 9.18 -41.85
N GLU B 274 8.61 8.94 -43.08
CA GLU B 274 7.47 9.68 -43.58
C GLU B 274 6.24 9.49 -42.73
N ALA B 275 6.18 8.46 -41.93
CA ALA B 275 5.04 8.29 -41.06
C ALA B 275 5.19 9.02 -39.75
N ARG B 276 6.26 9.75 -39.54
CA ARG B 276 6.34 10.51 -38.31
C ARG B 276 5.36 11.65 -38.30
N HIS B 277 4.82 11.99 -39.39
CA HIS B 277 3.94 13.12 -39.38
C HIS B 277 2.59 12.75 -38.77
N PRO B 278 2.04 13.61 -37.91
CA PRO B 278 0.88 13.23 -37.11
C PRO B 278 -0.34 12.86 -37.88
N LEU B 279 -0.42 13.12 -39.16
CA LEU B 279 -1.67 12.85 -39.83
C LEU B 279 -1.61 11.62 -40.71
N VAL B 280 -0.61 10.78 -40.51
CA VAL B 280 -0.48 9.58 -41.29
C VAL B 280 -0.50 8.41 -40.35
N ALA B 281 -1.54 7.61 -40.42
CA ALA B 281 -1.65 6.50 -39.51
C ALA B 281 -0.49 5.55 -39.74
N ALA B 282 0.09 5.09 -38.68
CA ALA B 282 1.18 4.13 -38.80
C ALA B 282 0.65 2.76 -38.41
N TYR B 283 0.55 1.84 -39.36
CA TYR B 283 0.07 0.52 -39.00
C TYR B 283 0.63 -0.47 -40.00
N PRO B 284 0.62 -1.74 -39.68
CA PRO B 284 1.23 -2.72 -40.56
C PRO B 284 0.32 -3.21 -41.67
N ILE B 285 0.96 -3.62 -42.76
CA ILE B 285 0.31 -4.24 -43.90
C ILE B 285 1.14 -5.38 -44.45
N VAL B 286 0.83 -6.60 -44.05
CA VAL B 286 1.64 -7.76 -44.37
C VAL B 286 1.03 -8.58 -45.48
N HIS B 287 1.81 -8.88 -46.50
CA HIS B 287 1.41 -9.86 -47.48
C HIS B 287 2.57 -10.82 -47.70
N VAL B 288 2.27 -11.95 -48.32
CA VAL B 288 3.23 -13.04 -48.46
C VAL B 288 3.79 -13.16 -49.86
N ASP B 289 5.10 -13.36 -49.95
CA ASP B 289 5.78 -13.53 -51.23
C ASP B 289 6.43 -14.89 -51.33
N MET B 290 6.05 -15.65 -52.35
CA MET B 290 6.55 -16.99 -52.60
C MET B 290 7.59 -16.92 -53.70
N GLU B 291 8.79 -17.39 -53.43
CA GLU B 291 9.87 -17.26 -54.40
C GLU B 291 9.98 -18.39 -55.43
N ASN B 292 9.79 -19.65 -55.06
CA ASN B 292 9.93 -20.69 -56.07
C ASN B 292 9.30 -22.00 -55.59
N ILE B 293 8.89 -22.82 -56.56
CA ILE B 293 8.26 -24.08 -56.23
C ILE B 293 9.03 -25.24 -56.82
N ILE B 294 8.57 -26.46 -56.51
CA ILE B 294 9.09 -27.72 -57.02
C ILE B 294 7.91 -28.68 -57.01
N LEU B 295 7.86 -29.58 -57.97
CA LEU B 295 6.72 -30.46 -58.12
C LEU B 295 7.14 -31.90 -58.35
N SER B 296 6.23 -32.80 -57.99
CA SER B 296 6.41 -34.24 -58.12
C SER B 296 5.05 -34.87 -57.87
N LYS B 297 5.01 -36.20 -57.82
CA LYS B 297 3.78 -36.95 -57.56
C LYS B 297 3.94 -37.75 -56.27
N ASN B 298 2.94 -37.67 -55.40
CA ASN B 298 2.95 -38.33 -54.10
C ASN B 298 3.56 -39.74 -54.11
N ARG B 311 12.35 -36.02 -62.85
CA ARG B 311 10.91 -35.89 -63.04
C ARG B 311 10.30 -34.99 -61.98
N THR B 312 11.05 -34.00 -61.54
CA THR B 312 10.59 -33.01 -60.56
C THR B 312 10.60 -31.62 -61.17
N ILE B 313 9.41 -31.01 -61.29
CA ILE B 313 9.28 -29.70 -61.93
C ILE B 313 9.70 -28.65 -60.91
N SER B 314 10.90 -28.09 -61.08
CA SER B 314 11.44 -27.07 -60.19
C SER B 314 11.54 -25.75 -60.96
N LYS B 315 10.61 -24.85 -60.73
CA LYS B 315 10.59 -23.58 -61.43
C LYS B 315 10.66 -22.39 -60.48
N ASN B 316 11.37 -21.34 -60.90
CA ASN B 316 11.42 -20.07 -60.16
C ASN B 316 10.25 -19.15 -60.47
N THR B 317 9.69 -18.53 -59.44
CA THR B 317 8.52 -17.68 -59.59
C THR B 317 8.76 -16.22 -59.24
N SER B 318 7.87 -15.37 -59.74
CA SER B 318 7.81 -13.95 -59.46
C SER B 318 6.39 -13.58 -59.01
N THR B 319 6.29 -12.82 -57.92
CA THR B 319 5.02 -12.44 -57.32
C THR B 319 4.85 -10.94 -57.26
N SER B 320 3.60 -10.50 -57.34
CA SER B 320 3.29 -9.10 -57.19
C SER B 320 2.08 -8.96 -56.29
N ARG B 321 2.15 -8.02 -55.37
CA ARG B 321 1.02 -7.74 -54.49
C ARG B 321 -0.15 -7.17 -55.27
N THR B 322 -1.32 -7.74 -55.07
CA THR B 322 -2.45 -7.39 -55.92
C THR B 322 -3.52 -6.60 -55.19
N HIS B 323 -4.39 -6.05 -56.01
CA HIS B 323 -5.59 -5.34 -55.58
C HIS B 323 -6.57 -5.32 -56.72
N THR B 324 -7.78 -5.76 -56.50
CA THR B 324 -8.76 -5.67 -57.57
C THR B 324 -9.88 -4.78 -57.11
N SER B 325 -10.92 -4.69 -57.94
CA SER B 325 -12.06 -3.84 -57.64
C SER B 325 -12.96 -4.48 -56.60
N GLY B 347 -15.49 -1.61 -56.16
CA GLY B 347 -15.87 -2.09 -54.85
C GLY B 347 -14.78 -2.92 -54.20
N PHE B 348 -13.64 -2.29 -53.98
CA PHE B 348 -12.48 -2.95 -53.40
C PHE B 348 -12.41 -2.76 -51.89
N SER B 349 -12.11 -3.84 -51.18
CA SER B 349 -12.26 -3.89 -49.73
C SER B 349 -10.93 -4.08 -49.03
N ASN B 350 -10.98 -3.83 -47.74
CA ASN B 350 -9.84 -3.75 -46.85
C ASN B 350 -9.37 -5.12 -46.37
N SER B 351 -8.72 -5.86 -47.25
CA SER B 351 -8.22 -7.16 -46.87
C SER B 351 -7.03 -7.48 -47.75
N ASN B 352 -5.93 -7.88 -47.17
CA ASN B 352 -4.75 -8.04 -47.99
C ASN B 352 -4.73 -9.38 -48.68
N SER B 353 -4.33 -9.36 -49.95
CA SER B 353 -4.22 -10.56 -50.77
C SER B 353 -3.18 -10.31 -51.85
N SER B 354 -2.54 -11.37 -52.32
CA SER B 354 -1.60 -11.21 -53.42
C SER B 354 -1.91 -12.22 -54.51
N THR B 355 -1.10 -12.17 -55.56
CA THR B 355 -1.30 -13.03 -56.73
C THR B 355 0.03 -13.30 -57.40
N VAL B 356 0.37 -14.55 -57.51
CA VAL B 356 1.60 -14.93 -58.16
C VAL B 356 1.28 -15.36 -59.58
N ALA B 357 2.24 -15.16 -60.48
CA ALA B 357 2.16 -15.64 -61.85
C ALA B 357 3.45 -16.37 -62.15
N ILE B 358 3.33 -17.61 -62.53
CA ILE B 358 4.49 -18.44 -62.80
C ILE B 358 4.93 -18.31 -64.24
N ASP B 359 6.24 -18.20 -64.44
CA ASP B 359 6.81 -18.14 -65.77
C ASP B 359 6.49 -19.42 -66.52
N HIS B 360 6.14 -19.28 -67.79
CA HIS B 360 5.80 -20.40 -68.63
C HIS B 360 6.98 -20.88 -69.45
N SER B 361 8.03 -20.07 -69.57
CA SER B 361 9.15 -20.43 -70.43
C SER B 361 9.80 -21.75 -69.99
N LEU B 362 10.33 -22.46 -70.99
CA LEU B 362 10.93 -23.79 -70.86
C LEU B 362 12.38 -23.67 -70.44
N SER B 363 12.66 -23.93 -69.17
CA SER B 363 14.05 -23.95 -68.73
C SER B 363 14.84 -25.04 -69.44
N LEU B 364 14.23 -26.20 -69.63
CA LEU B 364 14.83 -27.28 -70.39
C LEU B 364 14.21 -27.39 -71.78
N ALA B 365 15.07 -27.62 -72.78
CA ALA B 365 14.57 -27.79 -74.14
C ALA B 365 13.58 -28.95 -74.21
N GLY B 366 13.98 -30.12 -73.71
CA GLY B 366 13.24 -31.36 -73.82
C GLY B 366 12.07 -31.52 -72.87
N GLU B 367 11.73 -30.49 -72.10
CA GLU B 367 10.75 -30.58 -71.03
C GLU B 367 9.36 -30.11 -71.48
N ARG B 368 9.06 -30.39 -72.75
CA ARG B 368 7.75 -30.13 -73.32
C ARG B 368 6.67 -30.96 -72.66
N THR B 369 5.55 -30.31 -72.32
CA THR B 369 4.42 -30.99 -71.70
C THR B 369 4.68 -31.49 -70.29
N TRP B 370 4.21 -30.76 -69.28
CA TRP B 370 4.45 -31.15 -67.90
C TRP B 370 3.84 -32.52 -67.63
N ALA B 371 2.65 -32.77 -68.18
CA ALA B 371 1.95 -34.02 -67.92
C ALA B 371 2.85 -35.22 -68.10
N GLU B 372 3.89 -35.10 -68.93
CA GLU B 372 4.78 -36.22 -69.19
C GLU B 372 6.11 -36.10 -68.46
N THR B 373 6.62 -34.88 -68.29
CA THR B 373 7.85 -34.73 -67.52
C THR B 373 7.68 -35.30 -66.12
N MET B 374 6.48 -35.23 -65.60
CA MET B 374 6.11 -35.92 -64.38
C MET B 374 5.15 -37.00 -64.82
N GLY B 375 5.46 -38.24 -64.49
CA GLY B 375 4.60 -39.32 -64.93
C GLY B 375 3.24 -39.25 -64.27
N LEU B 376 2.47 -38.21 -64.59
CA LEU B 376 1.18 -37.99 -63.96
C LEU B 376 0.08 -38.71 -64.74
N ASN B 377 -0.67 -39.53 -64.03
CA ASN B 377 -1.79 -40.27 -64.60
C ASN B 377 -3.09 -39.74 -64.01
N THR B 378 -4.19 -40.06 -64.68
CA THR B 378 -5.51 -39.63 -64.24
C THR B 378 -5.79 -39.95 -62.78
N ALA B 379 -5.26 -41.07 -62.28
CA ALA B 379 -5.50 -41.49 -60.91
C ALA B 379 -4.26 -41.32 -60.04
N ASP B 380 -3.45 -40.32 -60.35
CA ASP B 380 -2.24 -40.00 -59.59
C ASP B 380 -2.49 -38.76 -58.73
N THR B 381 -1.50 -38.41 -57.91
CA THR B 381 -1.54 -37.21 -57.08
C THR B 381 -0.17 -36.58 -56.99
N ALA B 382 -0.14 -35.27 -57.16
CA ALA B 382 1.08 -34.47 -57.11
C ALA B 382 1.24 -33.82 -55.75
N ARG B 383 2.49 -33.58 -55.37
CA ARG B 383 2.84 -32.93 -54.11
C ARG B 383 3.40 -31.54 -54.41
N LEU B 384 3.03 -30.56 -53.58
CA LEU B 384 3.41 -29.17 -53.76
C LEU B 384 4.36 -28.71 -52.66
N ASN B 385 5.47 -28.09 -53.07
CA ASN B 385 6.50 -27.64 -52.14
C ASN B 385 7.06 -26.30 -52.58
N ALA B 386 6.68 -25.23 -51.89
CA ALA B 386 7.04 -23.89 -52.31
C ALA B 386 7.95 -23.26 -51.25
N ASN B 387 8.57 -22.14 -51.62
CA ASN B 387 9.35 -21.35 -50.68
C ASN B 387 8.75 -19.96 -50.61
N ILE B 388 8.59 -19.45 -49.39
CA ILE B 388 7.99 -18.14 -49.23
C ILE B 388 8.79 -17.29 -48.27
N ARG B 389 8.67 -15.98 -48.42
CA ARG B 389 9.14 -15.01 -47.44
C ARG B 389 8.10 -13.91 -47.26
N TYR B 390 8.15 -13.30 -46.08
CA TYR B 390 7.20 -12.23 -45.69
C TYR B 390 7.80 -10.86 -45.97
N VAL B 391 6.96 -9.96 -46.47
CA VAL B 391 7.35 -8.59 -46.75
C VAL B 391 6.42 -7.68 -45.98
N ASN B 392 6.98 -6.72 -45.29
CA ASN B 392 6.19 -5.72 -44.60
C ASN B 392 6.22 -4.41 -45.37
N THR B 393 5.10 -4.09 -46.01
CA THR B 393 5.02 -2.84 -46.73
C THR B 393 4.24 -1.80 -46.00
N GLY B 394 3.99 -2.00 -44.74
CA GLY B 394 3.21 -1.05 -43.98
C GLY B 394 4.04 0.06 -43.39
N THR B 395 3.61 0.53 -42.23
CA THR B 395 4.29 1.62 -41.56
C THR B 395 4.60 1.36 -40.10
N ALA B 396 4.45 0.13 -39.62
CA ALA B 396 4.74 -0.12 -38.21
C ALA B 396 5.26 -1.53 -38.05
N PRO B 397 5.96 -1.81 -36.99
CA PRO B 397 6.55 -3.13 -36.83
C PRO B 397 5.57 -4.08 -36.21
N ILE B 398 5.67 -5.32 -36.60
CA ILE B 398 5.05 -6.43 -35.91
C ILE B 398 6.07 -7.20 -35.10
N TYR B 399 5.62 -7.83 -34.02
CA TYR B 399 6.56 -8.44 -33.07
C TYR B 399 6.40 -9.94 -32.88
N ASN B 400 5.32 -10.39 -32.29
CA ASN B 400 5.19 -11.79 -31.94
C ASN B 400 4.56 -12.67 -33.00
N VAL B 401 3.39 -12.30 -33.45
CA VAL B 401 2.57 -13.20 -34.23
C VAL B 401 2.99 -13.16 -35.69
N LEU B 402 2.53 -14.15 -36.42
CA LEU B 402 2.70 -14.18 -37.84
C LEU B 402 1.37 -14.56 -38.46
N PRO B 403 0.99 -13.92 -39.54
CA PRO B 403 -0.38 -14.05 -40.03
C PRO B 403 -0.67 -15.40 -40.64
N THR B 404 -1.90 -15.84 -40.42
CA THR B 404 -2.46 -16.98 -41.13
C THR B 404 -2.77 -16.62 -42.57
N THR B 405 -2.56 -17.57 -43.46
CA THR B 405 -2.72 -17.30 -44.88
C THR B 405 -3.12 -18.57 -45.61
N SER B 406 -4.10 -18.44 -46.49
CA SER B 406 -4.69 -19.59 -47.17
C SER B 406 -4.40 -19.53 -48.66
N LEU B 407 -3.90 -20.65 -49.19
CA LEU B 407 -3.68 -20.83 -50.63
C LEU B 407 -4.98 -21.19 -51.35
N VAL B 408 -5.19 -20.61 -52.52
CA VAL B 408 -6.38 -20.90 -53.31
C VAL B 408 -6.07 -20.93 -54.79
N LEU B 409 -6.46 -22.01 -55.45
CA LEU B 409 -6.43 -22.12 -56.91
C LEU B 409 -7.81 -21.89 -57.47
N GLY B 410 -7.90 -21.25 -58.63
CA GLY B 410 -9.18 -20.99 -59.24
C GLY B 410 -10.03 -20.01 -58.45
N LYS B 411 -11.34 -20.16 -58.58
CA LYS B 411 -12.23 -19.21 -57.91
C LYS B 411 -12.41 -19.51 -56.45
N ASN B 412 -12.58 -20.78 -56.09
CA ASN B 412 -12.92 -21.07 -54.72
C ASN B 412 -12.30 -22.35 -54.19
N GLN B 413 -11.38 -22.96 -54.92
CA GLN B 413 -10.77 -24.22 -54.54
C GLN B 413 -9.60 -23.90 -53.63
N THR B 414 -9.82 -23.97 -52.33
CA THR B 414 -8.79 -23.64 -51.35
C THR B 414 -7.86 -24.82 -51.19
N LEU B 415 -6.64 -24.67 -51.66
CA LEU B 415 -5.70 -25.78 -51.59
C LEU B 415 -5.13 -25.96 -50.20
N ALA B 416 -4.87 -24.87 -49.49
CA ALA B 416 -4.21 -25.02 -48.21
C ALA B 416 -4.27 -23.70 -47.44
N THR B 417 -4.17 -23.85 -46.12
CA THR B 417 -4.09 -22.73 -45.18
C THR B 417 -2.73 -22.88 -44.52
N ILE B 418 -1.91 -21.84 -44.59
CA ILE B 418 -0.56 -21.97 -44.09
C ILE B 418 -0.57 -21.92 -42.58
N LYS B 419 -0.07 -22.97 -41.96
CA LYS B 419 -0.11 -23.07 -40.51
C LYS B 419 0.53 -21.86 -39.87
N ALA B 420 0.10 -21.56 -38.67
CA ALA B 420 0.74 -20.54 -37.86
C ALA B 420 1.84 -21.22 -37.06
N LYS B 421 3.07 -21.14 -37.56
CA LYS B 421 4.19 -21.75 -36.84
C LYS B 421 4.19 -21.20 -35.43
N GLU B 422 4.61 -22.03 -34.48
CA GLU B 422 4.45 -21.68 -33.07
C GLU B 422 5.79 -21.33 -32.45
N ASN B 423 5.82 -20.17 -31.79
CA ASN B 423 6.99 -19.68 -31.05
C ASN B 423 8.21 -19.64 -31.96
N GLN B 424 7.99 -19.21 -33.20
CA GLN B 424 9.06 -19.18 -34.19
C GLN B 424 9.29 -17.82 -34.83
N LEU B 425 8.33 -16.90 -34.74
CA LEU B 425 8.52 -15.60 -35.38
C LEU B 425 9.03 -14.61 -34.34
N SER B 426 10.15 -15.01 -33.76
CA SER B 426 10.82 -14.23 -32.75
C SER B 426 11.57 -13.06 -33.34
N GLN B 427 11.61 -12.96 -34.65
CA GLN B 427 12.28 -11.85 -35.30
C GLN B 427 11.30 -10.72 -35.52
N ILE B 428 11.74 -9.66 -36.19
CA ILE B 428 10.93 -8.47 -36.31
C ILE B 428 10.75 -8.13 -37.77
N LEU B 429 9.62 -7.57 -38.12
CA LEU B 429 9.40 -7.12 -39.48
C LEU B 429 9.34 -5.61 -39.58
N ALA B 430 10.46 -5.00 -39.78
CA ALA B 430 10.40 -3.58 -39.94
C ALA B 430 9.97 -3.30 -41.37
N PRO B 431 9.42 -2.14 -41.63
CA PRO B 431 8.98 -1.81 -42.97
C PRO B 431 10.07 -1.98 -44.02
N ASN B 432 9.70 -2.55 -45.16
CA ASN B 432 10.59 -2.76 -46.29
C ASN B 432 11.65 -3.78 -45.99
N ASN B 433 11.30 -4.79 -45.25
CA ASN B 433 12.27 -5.82 -44.95
C ASN B 433 11.66 -7.17 -45.25
N TYR B 434 12.51 -8.18 -45.31
CA TYR B 434 12.02 -9.52 -45.56
C TYR B 434 12.26 -10.32 -44.31
N TYR B 435 11.44 -11.33 -44.08
CA TYR B 435 11.73 -12.26 -42.99
C TYR B 435 11.58 -13.68 -43.45
N PRO B 436 12.66 -14.43 -43.47
CA PRO B 436 13.98 -13.95 -43.11
C PRO B 436 14.64 -13.20 -44.26
N SER B 437 15.64 -12.38 -43.95
CA SER B 437 16.35 -11.55 -44.91
C SER B 437 16.86 -12.24 -46.15
N LYS B 438 17.18 -11.43 -47.17
CA LYS B 438 17.65 -11.98 -48.43
C LYS B 438 18.87 -12.86 -48.29
N ASN B 439 19.53 -12.86 -47.16
CA ASN B 439 20.77 -13.60 -47.00
C ASN B 439 20.54 -14.98 -46.40
N LEU B 440 19.28 -15.32 -46.12
CA LEU B 440 18.95 -16.56 -45.43
C LEU B 440 18.02 -17.42 -46.29
N ALA B 441 18.00 -18.71 -45.97
CA ALA B 441 17.09 -19.63 -46.65
C ALA B 441 15.64 -19.21 -46.43
N PRO B 442 14.82 -19.24 -47.46
CA PRO B 442 13.40 -18.92 -47.26
C PRO B 442 12.73 -20.06 -46.53
N ILE B 443 11.66 -19.74 -45.81
CA ILE B 443 10.97 -20.75 -45.02
C ILE B 443 10.35 -21.79 -45.92
N ALA B 444 10.78 -23.03 -45.77
CA ALA B 444 10.17 -24.11 -46.54
C ALA B 444 8.72 -24.26 -46.15
N LEU B 445 7.85 -24.31 -47.15
CA LEU B 445 6.41 -24.32 -46.87
C LEU B 445 5.98 -25.65 -46.27
N ASN B 446 6.28 -26.73 -46.97
CA ASN B 446 6.06 -28.03 -46.38
C ASN B 446 6.92 -28.15 -45.13
N ALA B 447 6.33 -28.70 -44.07
CA ALA B 447 6.98 -28.70 -42.76
C ALA B 447 8.31 -29.45 -42.80
N GLN B 448 8.36 -30.55 -43.55
CA GLN B 448 9.49 -31.49 -43.64
C GLN B 448 9.49 -32.36 -42.39
N ASP B 449 8.50 -32.18 -41.52
CA ASP B 449 8.32 -32.94 -40.30
C ASP B 449 7.19 -33.96 -40.51
N ASP B 450 6.56 -34.40 -39.44
CA ASP B 450 5.56 -35.45 -39.50
C ASP B 450 4.13 -34.95 -39.37
N PHE B 451 3.89 -33.64 -39.48
CA PHE B 451 2.54 -33.12 -39.27
C PHE B 451 1.54 -33.68 -40.26
N SER B 452 1.85 -33.60 -41.54
CA SER B 452 1.08 -34.24 -42.59
C SER B 452 2.08 -34.59 -43.68
N SER B 453 1.98 -35.81 -44.22
CA SER B 453 2.97 -36.25 -45.19
C SER B 453 2.99 -35.33 -46.40
N THR B 454 1.81 -35.04 -46.95
CA THR B 454 1.67 -34.06 -48.03
C THR B 454 0.35 -33.33 -47.80
N PRO B 455 0.35 -32.30 -46.96
CA PRO B 455 -0.92 -31.63 -46.65
C PRO B 455 -1.57 -31.14 -47.93
N ILE B 456 -0.75 -30.67 -48.84
CA ILE B 456 -1.19 -30.10 -50.10
C ILE B 456 -1.28 -31.15 -51.21
N THR B 457 -2.24 -32.06 -51.08
CA THR B 457 -2.56 -32.97 -52.17
C THR B 457 -3.27 -32.21 -53.29
N MET B 458 -3.36 -32.84 -54.46
CA MET B 458 -3.95 -32.13 -55.59
C MET B 458 -4.35 -33.13 -56.67
N ASN B 459 -5.66 -33.33 -56.85
CA ASN B 459 -6.20 -34.27 -57.82
C ASN B 459 -5.81 -33.92 -59.24
N TYR B 460 -6.05 -34.86 -60.14
CA TYR B 460 -5.68 -34.69 -61.54
C TYR B 460 -6.38 -33.48 -62.12
N ASN B 461 -7.71 -33.49 -62.06
CA ASN B 461 -8.52 -32.40 -62.60
C ASN B 461 -8.03 -31.06 -62.11
N GLN B 462 -7.61 -30.99 -60.85
CA GLN B 462 -7.05 -29.75 -60.31
C GLN B 462 -5.86 -29.29 -61.11
N PHE B 463 -4.90 -30.19 -61.34
CA PHE B 463 -3.73 -29.86 -62.14
C PHE B 463 -4.09 -29.24 -63.47
N LEU B 464 -5.18 -29.71 -64.07
CA LEU B 464 -5.62 -29.15 -65.34
C LEU B 464 -6.00 -27.68 -65.20
N GLU B 465 -6.82 -27.36 -64.20
CA GLU B 465 -7.17 -25.96 -63.94
C GLU B 465 -5.93 -25.10 -63.88
N LEU B 466 -4.92 -25.57 -63.16
CA LEU B 466 -3.67 -24.84 -63.04
C LEU B 466 -3.02 -24.63 -64.39
N GLU B 467 -3.07 -25.64 -65.26
CA GLU B 467 -2.42 -25.53 -66.55
C GLU B 467 -3.02 -24.44 -67.42
N LYS B 468 -4.33 -24.20 -67.34
CA LYS B 468 -4.86 -23.16 -68.21
C LYS B 468 -4.60 -21.75 -67.68
N THR B 469 -4.52 -21.58 -66.36
CA THR B 469 -4.42 -20.24 -65.80
C THR B 469 -3.05 -19.86 -65.26
N LYS B 470 -2.26 -20.81 -64.76
CA LYS B 470 -0.90 -20.53 -64.29
C LYS B 470 -0.85 -19.38 -63.30
N GLN B 471 -1.88 -19.25 -62.46
CA GLN B 471 -1.95 -18.15 -61.51
C GLN B 471 -2.44 -18.64 -60.16
N LEU B 472 -1.94 -18.03 -59.09
CA LEU B 472 -2.43 -18.37 -57.77
C LEU B 472 -2.75 -17.11 -56.98
N ARG B 473 -3.48 -17.33 -55.89
CA ARG B 473 -3.91 -16.28 -54.99
C ARG B 473 -3.52 -16.63 -53.57
N LEU B 474 -3.16 -15.62 -52.78
CA LEU B 474 -2.74 -15.78 -51.38
C LEU B 474 -3.61 -14.89 -50.50
N ASP B 475 -4.58 -15.46 -49.82
CA ASP B 475 -5.43 -14.65 -48.95
C ASP B 475 -4.88 -14.65 -47.54
N THR B 476 -4.73 -13.47 -46.96
CA THR B 476 -4.21 -13.30 -45.61
C THR B 476 -5.11 -12.40 -44.78
N ASP B 477 -5.26 -12.74 -43.51
CA ASP B 477 -6.04 -11.92 -42.61
C ASP B 477 -5.17 -10.93 -41.83
N GLN B 478 -5.80 -10.19 -40.92
CA GLN B 478 -5.17 -9.11 -40.18
C GLN B 478 -4.90 -9.45 -38.71
N VAL B 479 -4.75 -10.72 -38.39
CA VAL B 479 -4.50 -11.13 -37.00
C VAL B 479 -3.00 -10.96 -36.74
N TYR B 480 -2.60 -9.75 -36.38
CA TYR B 480 -1.21 -9.52 -36.02
C TYR B 480 -0.95 -9.76 -34.54
N GLY B 481 0.22 -9.35 -34.12
CA GLY B 481 0.73 -9.68 -32.81
C GLY B 481 0.38 -8.69 -31.74
N ASN B 482 1.32 -8.40 -30.86
CA ASN B 482 1.10 -7.35 -29.91
C ASN B 482 1.69 -6.05 -30.44
N ILE B 483 1.69 -5.02 -29.62
CA ILE B 483 2.08 -3.68 -30.02
C ILE B 483 3.24 -3.21 -29.20
N ALA B 484 4.15 -2.49 -29.80
CA ALA B 484 5.28 -1.95 -29.06
C ALA B 484 4.97 -0.53 -28.67
N THR B 485 4.98 -0.24 -27.37
CA THR B 485 4.63 1.07 -26.89
C THR B 485 5.83 1.71 -26.20
N TYR B 486 5.83 3.04 -26.19
CA TYR B 486 6.90 3.80 -25.57
C TYR B 486 6.50 4.22 -24.18
N ASN B 487 7.38 3.96 -23.22
CA ASN B 487 7.12 4.31 -21.83
C ASN B 487 7.91 5.57 -21.53
N PHE B 488 7.22 6.61 -21.08
CA PHE B 488 7.89 7.90 -20.89
C PHE B 488 8.86 7.93 -19.71
N GLU B 489 8.59 7.21 -18.64
CA GLU B 489 9.41 7.38 -17.45
C GLU B 489 10.87 7.02 -17.68
N ASN B 490 11.15 5.98 -18.43
CA ASN B 490 12.55 5.62 -18.58
C ASN B 490 12.93 5.36 -20.01
N GLY B 491 12.03 5.60 -20.94
CA GLY B 491 12.42 5.46 -22.33
C GLY B 491 12.58 4.04 -22.78
N ARG B 492 11.97 3.10 -22.11
CA ARG B 492 12.04 1.73 -22.55
C ARG B 492 10.84 1.45 -23.45
N VAL B 493 11.08 0.75 -24.55
CA VAL B 493 10.01 0.36 -25.46
C VAL B 493 9.73 -1.11 -25.19
N ARG B 494 8.62 -1.38 -24.53
CA ARG B 494 8.30 -2.74 -24.14
C ARG B 494 7.04 -3.20 -24.83
N VAL B 495 7.01 -4.47 -25.20
CA VAL B 495 5.83 -4.99 -25.86
C VAL B 495 4.79 -5.27 -24.79
N ASP B 496 3.75 -4.45 -24.76
CA ASP B 496 2.69 -4.60 -23.77
C ASP B 496 1.71 -5.66 -24.18
N THR B 497 1.38 -6.54 -23.26
CA THR B 497 0.49 -7.63 -23.59
C THR B 497 -0.98 -7.24 -23.58
N GLY B 498 -1.30 -5.99 -23.30
CA GLY B 498 -2.69 -5.62 -23.35
C GLY B 498 -3.17 -5.17 -24.70
N SER B 499 -2.32 -4.46 -25.44
CA SER B 499 -2.70 -3.89 -26.73
C SER B 499 -2.33 -4.80 -27.89
N ASN B 500 -3.28 -5.01 -28.77
CA ASN B 500 -3.12 -5.96 -29.86
C ASN B 500 -3.67 -5.32 -31.12
N TRP B 501 -2.90 -5.39 -32.19
CA TRP B 501 -3.32 -4.73 -33.40
C TRP B 501 -4.71 -5.13 -33.82
N SER B 502 -5.19 -6.28 -33.38
CA SER B 502 -6.48 -6.72 -33.85
C SER B 502 -7.63 -5.96 -33.22
N GLU B 503 -7.38 -5.05 -32.32
CA GLU B 503 -8.46 -4.24 -31.80
C GLU B 503 -8.40 -2.85 -32.38
N VAL B 504 -7.25 -2.47 -32.92
CA VAL B 504 -7.04 -1.13 -33.42
C VAL B 504 -7.44 -0.98 -34.87
N LEU B 505 -7.03 -1.90 -35.74
CA LEU B 505 -7.33 -1.78 -37.16
C LEU B 505 -8.76 -1.36 -37.45
N PRO B 506 -9.76 -1.91 -36.82
CA PRO B 506 -11.11 -1.44 -37.09
C PRO B 506 -11.25 0.05 -36.94
N GLN B 507 -10.61 0.64 -35.95
CA GLN B 507 -10.71 2.09 -35.82
C GLN B 507 -10.17 2.78 -37.05
N ILE B 508 -8.94 2.47 -37.42
CA ILE B 508 -8.35 3.06 -38.61
C ILE B 508 -9.25 2.89 -39.82
N GLN B 509 -9.78 1.69 -39.99
CA GLN B 509 -10.46 1.41 -41.23
C GLN B 509 -11.77 2.14 -41.35
N GLU B 510 -12.27 2.73 -40.30
CA GLU B 510 -13.55 3.40 -40.39
C GLU B 510 -13.41 4.91 -40.29
N THR B 511 -12.20 5.44 -40.17
CA THR B 511 -12.10 6.87 -40.00
C THR B 511 -11.07 7.55 -40.88
N THR B 512 -10.58 6.92 -41.92
CA THR B 512 -9.56 7.56 -42.71
C THR B 512 -9.87 7.41 -44.19
N ALA B 513 -9.34 8.34 -44.95
CA ALA B 513 -9.39 8.23 -46.39
C ALA B 513 -8.14 7.50 -46.84
N ARG B 514 -8.31 6.60 -47.78
CA ARG B 514 -7.24 5.71 -48.18
C ARG B 514 -6.74 6.11 -49.55
N ILE B 515 -5.43 6.22 -49.69
CA ILE B 515 -4.81 6.64 -50.93
C ILE B 515 -3.88 5.55 -51.36
N ILE B 516 -4.09 5.03 -52.54
CA ILE B 516 -3.22 4.02 -53.10
C ILE B 516 -2.42 4.60 -54.25
N PHE B 517 -1.11 4.35 -54.24
CA PHE B 517 -0.18 4.92 -55.20
C PHE B 517 0.76 3.87 -55.76
N ASN B 518 0.96 3.88 -57.08
CA ASN B 518 1.93 3.00 -57.74
C ASN B 518 3.12 3.75 -58.32
N GLY B 519 3.55 4.82 -57.68
CA GLY B 519 4.60 5.59 -58.31
C GLY B 519 5.99 5.03 -58.22
N LYS B 520 6.38 4.58 -57.04
CA LYS B 520 7.78 4.25 -56.79
C LYS B 520 8.34 3.23 -57.76
N ASP B 521 7.91 2.00 -57.64
CA ASP B 521 8.44 0.93 -58.48
C ASP B 521 7.30 0.12 -59.06
N LEU B 522 6.18 0.79 -59.31
CA LEU B 522 5.03 0.12 -59.85
C LEU B 522 4.55 -0.96 -58.90
N ASN B 523 4.77 -0.74 -57.62
CA ASN B 523 4.26 -1.63 -56.61
C ASN B 523 3.29 -0.84 -55.76
N LEU B 524 2.24 -1.48 -55.32
CA LEU B 524 1.16 -0.77 -54.68
C LEU B 524 1.48 -0.42 -53.24
N VAL B 525 1.76 0.85 -52.99
CA VAL B 525 2.00 1.37 -51.65
C VAL B 525 0.75 2.10 -51.17
N GLU B 526 0.24 1.70 -50.02
CA GLU B 526 -1.01 2.23 -49.47
C GLU B 526 -0.76 3.08 -48.22
N ARG B 527 -1.39 4.23 -48.15
CA ARG B 527 -1.27 5.09 -46.98
C ARG B 527 -2.66 5.50 -46.55
N ARG B 528 -2.84 5.84 -45.28
CA ARG B 528 -4.16 6.24 -44.79
C ARG B 528 -4.07 7.62 -44.17
N ILE B 529 -4.97 8.51 -44.57
CA ILE B 529 -4.99 9.86 -44.06
C ILE B 529 -6.25 10.19 -43.30
N ALA B 530 -6.08 10.90 -42.20
CA ALA B 530 -7.18 11.28 -41.34
C ALA B 530 -7.98 12.41 -41.96
N ALA B 531 -9.24 12.16 -42.28
CA ALA B 531 -10.12 13.16 -42.85
C ALA B 531 -11.34 13.38 -41.97
N VAL B 532 -11.97 14.50 -42.14
CA VAL B 532 -13.15 14.83 -41.34
C VAL B 532 -14.36 14.05 -41.83
N ASN B 533 -15.29 13.78 -40.92
CA ASN B 533 -16.59 13.18 -41.23
C ASN B 533 -17.74 14.03 -40.73
N PRO B 534 -18.35 14.78 -41.57
CA PRO B 534 -19.42 15.70 -41.17
C PRO B 534 -20.39 15.21 -40.11
N SER B 535 -20.76 13.93 -40.14
CA SER B 535 -21.83 13.49 -39.25
C SER B 535 -21.47 13.45 -37.78
N ASP B 536 -20.19 13.54 -37.41
CA ASP B 536 -19.79 13.30 -36.02
C ASP B 536 -19.11 14.49 -35.39
N PRO B 537 -19.66 15.04 -34.35
CA PRO B 537 -19.02 16.17 -33.70
C PRO B 537 -17.55 15.91 -33.46
N LEU B 538 -17.24 14.91 -32.65
CA LEU B 538 -15.84 14.61 -32.37
C LEU B 538 -15.00 14.54 -33.61
N GLU B 539 -15.55 14.09 -34.71
CA GLU B 539 -14.70 13.98 -35.86
C GLU B 539 -14.45 15.30 -36.57
N THR B 540 -15.35 16.26 -36.41
CA THR B 540 -15.17 17.58 -37.03
C THR B 540 -13.97 18.34 -36.49
N THR B 541 -13.43 17.92 -35.37
CA THR B 541 -12.26 18.54 -34.77
C THR B 541 -10.98 18.28 -35.50
N LYS B 542 -10.96 17.57 -36.34
CA LYS B 542 -9.60 17.41 -36.82
C LYS B 542 -9.27 18.47 -37.84
N PRO B 543 -8.01 18.86 -37.91
CA PRO B 543 -7.63 19.88 -38.86
C PRO B 543 -8.10 19.48 -40.23
N ASP B 544 -8.63 20.45 -40.96
CA ASP B 544 -9.01 20.21 -42.34
C ASP B 544 -7.81 19.81 -43.17
N MET B 545 -8.00 18.80 -43.98
CA MET B 545 -6.92 18.26 -44.78
C MET B 545 -7.24 18.34 -46.25
N THR B 546 -6.50 19.14 -46.99
CA THR B 546 -6.73 19.18 -48.41
C THR B 546 -5.79 18.22 -49.13
N LEU B 547 -6.32 17.63 -50.20
CA LEU B 547 -5.61 16.62 -50.96
C LEU B 547 -4.18 17.02 -51.30
N LYS B 548 -3.99 18.25 -51.77
CA LYS B 548 -2.67 18.67 -52.21
C LYS B 548 -1.59 18.43 -51.18
N GLU B 549 -1.83 18.79 -49.93
CA GLU B 549 -0.81 18.55 -48.92
C GLU B 549 -0.62 17.07 -48.66
N ALA B 550 -1.71 16.30 -48.70
CA ALA B 550 -1.61 14.88 -48.46
C ALA B 550 -0.52 14.25 -49.30
N LEU B 551 -0.58 14.44 -50.61
CA LEU B 551 0.49 13.90 -51.43
C LEU B 551 1.84 14.45 -51.00
N LYS B 552 1.86 15.70 -50.56
CA LYS B 552 3.14 16.31 -50.19
C LYS B 552 3.71 15.64 -48.96
N ILE B 553 2.88 15.36 -47.98
CA ILE B 553 3.36 14.86 -46.72
C ILE B 553 3.41 13.36 -46.69
N ALA B 554 2.71 12.70 -47.59
CA ALA B 554 2.68 11.26 -47.56
C ALA B 554 3.72 10.61 -48.44
N PHE B 555 4.12 11.28 -49.52
CA PHE B 555 4.95 10.60 -50.50
C PHE B 555 6.25 11.26 -50.83
N GLY B 556 6.34 12.58 -50.73
CA GLY B 556 7.56 13.28 -51.00
C GLY B 556 7.41 14.32 -52.08
N PHE B 557 6.20 14.53 -52.58
CA PHE B 557 5.97 15.58 -53.54
C PHE B 557 6.46 16.90 -52.98
N ASN B 558 6.95 17.76 -53.86
CA ASN B 558 7.45 19.06 -53.44
C ASN B 558 7.13 20.10 -54.49
N GLU B 559 7.58 21.32 -54.22
CA GLU B 559 7.33 22.48 -55.07
C GLU B 559 8.63 23.16 -55.46
N PRO B 560 9.37 22.59 -56.40
CA PRO B 560 10.55 23.31 -56.92
C PRO B 560 10.14 24.64 -57.49
N ASN B 561 9.14 24.66 -58.35
CA ASN B 561 8.63 25.88 -58.95
C ASN B 561 7.17 26.13 -58.62
N GLY B 562 6.71 25.68 -57.46
CA GLY B 562 5.31 25.83 -57.12
C GLY B 562 4.37 24.93 -57.88
N ASN B 563 4.88 24.04 -58.72
CA ASN B 563 4.06 23.10 -59.47
C ASN B 563 4.26 21.70 -58.91
N LEU B 564 3.16 21.08 -58.48
CA LEU B 564 3.28 19.77 -57.85
C LEU B 564 3.89 18.77 -58.81
N GLN B 565 4.89 18.05 -58.34
CA GLN B 565 5.50 17.04 -59.18
C GLN B 565 6.17 16.02 -58.30
N TYR B 566 6.30 14.82 -58.81
CA TYR B 566 6.98 13.74 -58.12
C TYR B 566 8.23 13.39 -58.91
N GLN B 567 9.37 13.71 -58.33
CA GLN B 567 10.66 13.47 -58.95
C GLN B 567 10.60 13.80 -60.43
N GLY B 568 10.33 15.05 -60.71
CA GLY B 568 10.33 15.48 -62.10
C GLY B 568 8.99 15.34 -62.80
N LYS B 569 8.36 14.18 -62.65
CA LYS B 569 7.13 13.88 -63.37
C LYS B 569 5.97 14.71 -62.83
N ASP B 570 5.46 15.58 -63.68
CA ASP B 570 4.33 16.43 -63.32
C ASP B 570 3.10 15.62 -62.95
N ILE B 571 2.27 16.22 -62.09
CA ILE B 571 1.03 15.59 -61.67
C ILE B 571 0.11 15.27 -62.84
N THR B 572 0.27 15.94 -63.97
CA THR B 572 -0.68 15.73 -65.04
C THR B 572 -0.53 14.39 -65.74
N GLU B 573 0.56 13.68 -65.52
CA GLU B 573 0.76 12.38 -66.15
C GLU B 573 0.13 11.25 -65.38
N PHE B 574 -0.83 11.53 -64.51
CA PHE B 574 -1.46 10.53 -63.66
C PHE B 574 -2.97 10.56 -63.76
N ASP B 575 -3.55 9.37 -63.57
CA ASP B 575 -4.98 9.18 -63.59
C ASP B 575 -5.60 9.40 -62.22
N PHE B 576 -6.87 9.77 -62.24
CA PHE B 576 -7.71 9.85 -61.06
C PHE B 576 -8.88 8.91 -61.21
N ASN B 577 -8.98 7.93 -60.32
CA ASN B 577 -10.08 6.98 -60.29
C ASN B 577 -10.78 7.00 -58.95
N PHE B 578 -12.09 6.87 -58.96
CA PHE B 578 -12.85 7.00 -57.72
C PHE B 578 -13.87 5.88 -57.58
N ASP B 579 -14.07 5.42 -56.36
CA ASP B 579 -15.18 4.53 -56.09
C ASP B 579 -16.49 5.25 -56.31
N GLN B 580 -17.53 4.46 -56.64
CA GLN B 580 -18.79 5.06 -57.03
C GLN B 580 -19.25 6.01 -55.95
N GLN B 581 -19.09 5.59 -54.70
CA GLN B 581 -19.37 6.50 -53.59
C GLN B 581 -18.53 7.74 -53.74
N THR B 582 -17.21 7.57 -53.74
CA THR B 582 -16.30 8.69 -53.82
C THR B 582 -16.59 9.56 -55.02
N SER B 583 -16.89 8.93 -56.15
CA SER B 583 -17.21 9.67 -57.35
C SER B 583 -18.33 10.66 -57.11
N GLN B 584 -19.45 10.19 -56.57
CA GLN B 584 -20.56 11.10 -56.31
C GLN B 584 -20.13 12.29 -55.46
N ASN B 585 -19.43 12.01 -54.37
CA ASN B 585 -19.03 13.08 -53.46
C ASN B 585 -18.16 14.13 -54.15
N ILE B 586 -17.21 13.70 -54.98
CA ILE B 586 -16.33 14.68 -55.59
C ILE B 586 -17.06 15.49 -56.64
N LYS B 587 -18.05 14.90 -57.29
CA LYS B 587 -18.84 15.66 -58.24
C LYS B 587 -19.51 16.85 -57.59
N ASN B 588 -20.04 16.66 -56.39
CA ASN B 588 -20.58 17.81 -55.68
C ASN B 588 -19.52 18.86 -55.50
N GLN B 589 -18.41 18.48 -54.88
CA GLN B 589 -17.35 19.42 -54.59
C GLN B 589 -16.87 20.18 -55.82
N LEU B 590 -16.85 19.51 -56.97
CA LEU B 590 -16.41 20.18 -58.19
C LEU B 590 -17.43 21.15 -58.74
N ALA B 591 -18.69 21.07 -58.30
CA ALA B 591 -19.69 21.97 -58.84
C ALA B 591 -19.67 23.35 -58.22
N GLU B 592 -19.57 23.45 -56.90
CA GLU B 592 -19.59 24.80 -56.34
C GLU B 592 -18.34 25.59 -56.69
N LEU B 593 -17.36 24.98 -57.34
CA LEU B 593 -16.18 25.73 -57.74
C LEU B 593 -16.16 26.04 -59.22
N ASN B 594 -17.07 25.47 -60.00
CA ASN B 594 -17.18 25.74 -61.43
C ASN B 594 -15.87 25.41 -62.15
N ALA B 595 -15.43 24.18 -62.01
CA ALA B 595 -14.23 23.72 -62.69
C ALA B 595 -14.44 22.36 -63.29
N THR B 596 -13.69 22.07 -64.34
CA THR B 596 -13.76 20.80 -65.04
C THR B 596 -12.46 20.00 -64.99
N ASN B 597 -11.33 20.66 -64.89
CA ASN B 597 -10.04 19.99 -64.82
C ASN B 597 -9.60 19.96 -63.38
N ILE B 598 -9.57 18.77 -62.80
CA ILE B 598 -9.22 18.66 -61.40
C ILE B 598 -7.81 19.15 -61.15
N TYR B 599 -6.98 19.16 -62.18
CA TYR B 599 -5.60 19.52 -61.98
C TYR B 599 -5.46 20.97 -61.57
N THR B 600 -6.47 21.77 -61.80
CA THR B 600 -6.37 23.16 -61.38
C THR B 600 -6.79 23.32 -59.93
N VAL B 601 -8.02 22.95 -59.63
CA VAL B 601 -8.58 23.14 -58.30
C VAL B 601 -8.10 22.08 -57.32
N LEU B 602 -6.99 21.42 -57.64
CA LEU B 602 -6.54 20.32 -56.80
C LEU B 602 -6.44 20.72 -55.35
N ASP B 603 -5.94 21.92 -55.08
CA ASP B 603 -5.75 22.34 -53.71
C ASP B 603 -7.04 22.84 -53.10
N LYS B 604 -8.16 22.62 -53.77
CA LYS B 604 -9.45 23.08 -53.31
C LYS B 604 -10.44 21.94 -53.17
N ILE B 605 -9.95 20.73 -53.10
CA ILE B 605 -10.80 19.55 -53.04
C ILE B 605 -10.87 19.08 -51.61
N LYS B 606 -12.08 19.03 -51.07
CA LYS B 606 -12.24 18.63 -49.70
C LYS B 606 -12.27 17.13 -49.59
N LEU B 607 -11.58 16.59 -48.60
CA LEU B 607 -11.67 15.18 -48.29
C LEU B 607 -12.67 14.93 -47.19
N ASN B 608 -13.52 13.96 -47.41
CA ASN B 608 -14.43 13.43 -46.42
C ASN B 608 -13.94 12.07 -46.00
N ALA B 609 -14.46 11.57 -44.90
CA ALA B 609 -14.06 10.23 -44.47
C ALA B 609 -14.47 9.19 -45.50
N LYS B 610 -13.64 8.17 -45.63
CA LYS B 610 -13.88 6.97 -46.43
C LYS B 610 -13.74 7.06 -47.92
N MET B 611 -13.24 8.15 -48.50
CA MET B 611 -13.01 8.02 -49.93
C MET B 611 -11.80 7.13 -50.14
N ASN B 612 -11.83 6.44 -51.25
CA ASN B 612 -10.74 5.57 -51.62
C ASN B 612 -10.27 6.11 -52.95
N ILE B 613 -8.99 6.43 -53.04
CA ILE B 613 -8.49 7.10 -54.22
C ILE B 613 -7.33 6.32 -54.79
N LEU B 614 -7.30 6.20 -56.10
CA LEU B 614 -6.28 5.45 -56.80
C LEU B 614 -5.54 6.29 -57.83
N ILE B 615 -4.25 6.50 -57.61
CA ILE B 615 -3.42 7.31 -58.49
C ILE B 615 -2.44 6.39 -59.20
N ARG B 616 -2.65 6.20 -60.50
CA ARG B 616 -1.83 5.33 -61.32
C ARG B 616 -1.19 6.09 -62.46
N ASP B 617 -0.02 5.61 -62.89
CA ASP B 617 0.65 6.23 -64.02
C ASP B 617 -0.25 6.21 -65.24
N LYS B 618 -0.42 7.37 -65.87
CA LYS B 618 -1.37 7.46 -66.96
C LYS B 618 -0.85 6.76 -68.21
N ARG B 619 0.43 6.42 -68.26
CA ARG B 619 0.97 5.94 -69.51
C ARG B 619 0.83 4.45 -69.71
N PHE B 620 0.55 3.69 -68.67
CA PHE B 620 0.59 2.25 -68.81
C PHE B 620 -0.80 1.62 -68.85
N HIS B 621 -0.89 0.48 -69.53
CA HIS B 621 -2.11 -0.31 -69.50
C HIS B 621 -2.18 -1.22 -68.28
N TYR B 622 -3.41 -1.47 -67.84
CA TYR B 622 -3.70 -2.24 -66.64
C TYR B 622 -4.74 -3.29 -66.92
N ASP B 623 -4.69 -4.35 -66.14
CA ASP B 623 -5.62 -5.46 -66.23
C ASP B 623 -6.70 -5.31 -65.16
N ARG B 624 -7.50 -6.36 -64.98
CA ARG B 624 -8.61 -6.30 -64.03
C ARG B 624 -8.14 -6.23 -62.57
N ASN B 625 -6.98 -6.76 -62.23
CA ASN B 625 -6.50 -6.76 -60.85
C ASN B 625 -5.56 -5.61 -60.56
N ASN B 626 -5.71 -4.51 -61.29
CA ASN B 626 -4.92 -3.30 -61.11
C ASN B 626 -3.44 -3.58 -60.99
N ILE B 627 -2.96 -4.50 -61.76
CA ILE B 627 -1.55 -4.76 -61.87
C ILE B 627 -1.07 -4.12 -63.16
N ALA B 628 0.16 -3.62 -63.15
CA ALA B 628 0.71 -3.06 -64.38
C ALA B 628 0.89 -4.18 -65.40
N VAL B 629 0.32 -3.99 -66.59
CA VAL B 629 0.35 -5.09 -67.53
C VAL B 629 0.84 -4.65 -68.91
N GLY B 630 0.62 -3.39 -69.26
CA GLY B 630 1.09 -2.95 -70.55
C GLY B 630 1.23 -1.47 -70.68
N ALA B 631 1.32 -1.02 -71.92
CA ALA B 631 1.56 0.39 -72.21
C ALA B 631 1.38 0.62 -73.71
N ASP B 632 1.31 1.89 -74.08
CA ASP B 632 1.28 2.26 -75.49
C ASP B 632 2.63 1.96 -76.13
N GLU B 633 2.55 1.37 -77.32
CA GLU B 633 3.73 0.92 -78.04
C GLU B 633 4.73 2.05 -78.27
N SER B 634 4.22 3.25 -78.53
CA SER B 634 5.09 4.36 -78.86
C SER B 634 6.09 4.61 -77.76
N VAL B 635 5.63 4.53 -76.51
CA VAL B 635 6.51 4.72 -75.37
C VAL B 635 7.61 3.68 -75.37
N VAL B 636 7.28 2.46 -75.74
CA VAL B 636 8.26 1.40 -75.72
C VAL B 636 9.46 1.74 -76.59
N LYS B 637 9.22 2.31 -77.76
CA LYS B 637 10.32 2.60 -78.66
C LYS B 637 11.33 3.58 -78.07
N GLU B 638 10.88 4.69 -77.48
CA GLU B 638 11.86 5.64 -76.98
C GLU B 638 12.78 4.99 -75.97
N ALA B 639 12.28 4.00 -75.23
CA ALA B 639 13.09 3.34 -74.24
C ALA B 639 14.23 2.58 -74.87
N HIS B 640 14.25 2.47 -76.19
CA HIS B 640 15.26 1.70 -76.89
C HIS B 640 16.14 2.51 -77.81
N ARG B 641 15.93 3.80 -77.91
CA ARG B 641 16.69 4.61 -78.87
C ARG B 641 18.13 4.80 -78.51
N GLU B 642 18.64 4.16 -77.48
CA GLU B 642 20.03 4.35 -77.05
C GLU B 642 20.80 3.03 -77.18
N VAL B 643 21.40 2.82 -78.34
CA VAL B 643 22.15 1.60 -78.60
C VAL B 643 23.58 1.86 -78.13
N ILE B 644 23.92 1.35 -76.95
CA ILE B 644 25.27 1.58 -76.45
C ILE B 644 26.30 0.89 -77.31
N ASN B 645 25.99 -0.31 -77.79
CA ASN B 645 26.90 -1.03 -78.67
C ASN B 645 26.13 -2.15 -79.33
N SER B 646 26.58 -2.54 -80.51
CA SER B 646 25.95 -3.64 -81.23
C SER B 646 27.02 -4.42 -81.97
N SER B 647 26.91 -5.74 -81.89
CA SER B 647 27.87 -6.63 -82.53
C SER B 647 27.13 -7.89 -82.96
N THR B 648 27.88 -8.89 -83.39
CA THR B 648 27.30 -10.16 -83.79
C THR B 648 27.11 -11.10 -82.61
N GLU B 649 27.44 -10.65 -81.40
CA GLU B 649 27.29 -11.46 -80.22
C GLU B 649 26.18 -10.98 -79.28
N GLY B 650 25.63 -9.80 -79.52
CA GLY B 650 24.56 -9.33 -78.67
C GLY B 650 24.61 -7.85 -78.37
N LEU B 651 23.58 -7.40 -77.68
CA LEU B 651 23.41 -6.02 -77.25
C LEU B 651 23.62 -5.95 -75.75
N LEU B 652 24.24 -4.86 -75.28
CA LEU B 652 24.33 -4.58 -73.85
C LEU B 652 23.64 -3.23 -73.62
N LEU B 653 22.35 -3.29 -73.35
CA LEU B 653 21.57 -2.07 -73.20
C LEU B 653 21.55 -1.59 -71.75
N ASN B 654 21.05 -0.37 -71.58
CA ASN B 654 20.85 0.23 -70.27
C ASN B 654 19.45 0.82 -70.27
N ILE B 655 18.48 0.05 -69.79
CA ILE B 655 17.10 0.48 -69.88
C ILE B 655 16.63 0.89 -68.49
N ASP B 656 15.68 1.82 -68.46
CA ASP B 656 15.07 2.22 -67.20
C ASP B 656 14.43 1.03 -66.49
N LYS B 657 14.93 0.76 -65.28
CA LYS B 657 14.56 -0.43 -64.53
C LYS B 657 13.07 -0.70 -64.52
N ASP B 658 12.25 0.31 -64.75
CA ASP B 658 10.82 0.07 -64.61
C ASP B 658 10.21 -0.56 -65.84
N ILE B 659 10.65 -0.19 -67.03
CA ILE B 659 10.02 -0.75 -68.22
C ILE B 659 10.29 -2.24 -68.31
N ARG B 660 11.49 -2.67 -67.94
CA ARG B 660 11.86 -4.04 -68.21
C ARG B 660 11.21 -5.06 -67.31
N LYS B 661 10.08 -4.68 -66.72
CA LYS B 661 9.23 -5.59 -65.96
C LYS B 661 7.87 -5.73 -66.63
N ILE B 662 7.68 -5.11 -67.80
CA ILE B 662 6.46 -5.23 -68.57
C ILE B 662 6.77 -5.83 -69.96
N LEU B 663 7.91 -6.49 -70.08
CA LEU B 663 8.30 -7.13 -71.32
C LEU B 663 8.48 -8.62 -71.06
N SER B 664 7.66 -9.42 -71.73
CA SER B 664 7.71 -10.85 -71.52
C SER B 664 8.86 -11.51 -72.26
N GLY B 665 9.26 -10.99 -73.41
CA GLY B 665 10.32 -11.61 -74.15
C GLY B 665 10.56 -10.93 -75.49
N TYR B 666 11.44 -11.54 -76.26
CA TYR B 666 11.86 -10.98 -77.53
C TYR B 666 11.74 -11.99 -78.65
N ILE B 667 11.35 -11.49 -79.82
CA ILE B 667 11.29 -12.28 -81.04
C ILE B 667 12.48 -11.92 -81.90
N VAL B 668 13.30 -12.90 -82.22
CA VAL B 668 14.45 -12.71 -83.07
C VAL B 668 14.07 -13.22 -84.45
N GLU B 669 14.44 -12.47 -85.49
CA GLU B 669 14.11 -12.88 -86.84
C GLU B 669 15.20 -12.46 -87.80
N ILE B 670 15.27 -13.17 -88.92
CA ILE B 670 16.24 -12.91 -89.98
C ILE B 670 15.50 -12.63 -91.27
N GLU B 671 16.03 -11.71 -92.06
CA GLU B 671 15.36 -11.23 -93.25
C GLU B 671 16.26 -11.46 -94.46
N ASP B 672 15.76 -12.28 -95.40
CA ASP B 672 16.48 -12.47 -96.65
C ASP B 672 16.59 -11.15 -97.39
N THR B 673 17.66 -11.00 -98.16
CA THR B 673 17.87 -9.80 -98.96
C THR B 673 16.68 -9.44 -99.84
N GLU B 674 15.73 -10.36 -100.00
CA GLU B 674 14.55 -10.13 -100.83
C GLU B 674 13.25 -10.12 -100.04
N GLY B 675 13.30 -9.89 -98.74
CA GLY B 675 12.08 -9.69 -97.96
C GLY B 675 11.51 -10.91 -97.28
N LEU B 676 12.21 -12.04 -97.26
CA LEU B 676 11.73 -13.18 -96.51
C LEU B 676 11.90 -12.91 -95.01
N LYS B 677 11.41 -13.84 -94.20
CA LYS B 677 11.38 -13.62 -92.76
C LYS B 677 11.56 -14.96 -92.07
N GLU B 678 12.65 -15.07 -91.33
CA GLU B 678 13.00 -16.27 -90.58
C GLU B 678 13.10 -15.93 -89.10
N VAL B 679 12.16 -16.44 -88.30
CA VAL B 679 12.11 -16.17 -86.87
C VAL B 679 12.86 -17.28 -86.15
N ILE B 680 13.90 -16.90 -85.40
CA ILE B 680 14.76 -17.88 -84.74
C ILE B 680 14.02 -18.66 -83.68
N ASN B 681 13.57 -17.98 -82.62
CA ASN B 681 12.87 -18.65 -81.52
C ASN B 681 11.36 -18.74 -81.75
N ASP B 682 10.98 -19.63 -82.66
CA ASP B 682 9.58 -19.71 -83.09
C ASP B 682 8.79 -20.68 -82.23
N ARG B 683 8.86 -20.53 -80.91
CA ARG B 683 8.08 -21.32 -79.99
C ARG B 683 7.57 -20.44 -78.86
N TYR B 684 6.32 -20.68 -78.43
CA TYR B 684 5.69 -19.86 -77.40
C TYR B 684 6.54 -19.77 -76.15
N ASP B 685 7.19 -20.87 -75.78
CA ASP B 685 7.95 -20.94 -74.54
C ASP B 685 9.45 -20.76 -74.75
N MET B 686 9.88 -19.97 -75.74
CA MET B 686 11.32 -19.80 -75.95
C MET B 686 11.69 -18.34 -76.14
N LEU B 687 11.25 -17.48 -75.22
CA LEU B 687 11.48 -16.05 -75.34
C LEU B 687 12.48 -15.48 -74.34
N ASN B 688 12.66 -16.13 -73.20
CA ASN B 688 13.51 -15.64 -72.12
C ASN B 688 14.99 -15.66 -72.51
N ILE B 689 15.36 -14.70 -73.34
CA ILE B 689 16.73 -14.59 -73.85
C ILE B 689 17.46 -13.36 -73.31
N SER B 690 16.81 -12.56 -72.47
CA SER B 690 17.38 -11.29 -71.98
C SER B 690 17.83 -11.40 -70.54
N SER B 691 19.14 -11.37 -70.33
CA SER B 691 19.70 -11.35 -68.98
C SER B 691 20.08 -9.92 -68.59
N LEU B 692 20.52 -9.77 -67.35
CA LEU B 692 20.92 -8.48 -66.80
C LEU B 692 22.33 -8.60 -66.25
N ARG B 693 23.23 -7.72 -66.67
CA ARG B 693 24.58 -7.79 -66.17
C ARG B 693 24.67 -7.19 -64.77
N GLN B 694 25.76 -7.51 -64.08
CA GLN B 694 25.97 -7.10 -62.69
C GLN B 694 26.12 -5.59 -62.53
N ASP B 695 26.29 -4.85 -63.62
CA ASP B 695 26.31 -3.39 -63.57
C ASP B 695 25.01 -2.80 -64.08
N GLY B 696 23.93 -3.57 -64.03
CA GLY B 696 22.63 -3.05 -64.38
C GLY B 696 22.47 -2.85 -65.87
N LYS B 697 23.41 -3.33 -66.67
CA LYS B 697 23.33 -3.24 -68.12
C LYS B 697 22.66 -4.51 -68.63
N THR B 698 21.56 -4.35 -69.36
CA THR B 698 20.90 -5.52 -69.90
C THR B 698 21.77 -6.07 -71.03
N PHE B 699 21.92 -7.39 -71.07
CA PHE B 699 22.71 -8.04 -72.11
C PHE B 699 21.86 -9.11 -72.76
N ILE B 700 21.70 -9.00 -74.07
CA ILE B 700 20.93 -9.97 -74.83
C ILE B 700 21.88 -10.98 -75.45
N ASP B 701 21.60 -12.25 -75.18
CA ASP B 701 22.41 -13.36 -75.67
C ASP B 701 21.62 -14.04 -76.77
N PHE B 702 22.20 -14.09 -77.97
CA PHE B 702 21.56 -14.78 -79.07
C PHE B 702 21.79 -16.28 -78.99
N LYS B 703 22.98 -16.69 -78.57
CA LYS B 703 23.40 -18.09 -78.50
C LYS B 703 22.59 -18.93 -77.53
N LYS B 704 21.73 -18.32 -76.71
CA LYS B 704 21.00 -19.10 -75.71
C LYS B 704 20.11 -20.14 -76.38
N TYR B 705 19.07 -19.71 -77.07
CA TYR B 705 18.18 -20.63 -77.78
C TYR B 705 18.58 -20.79 -79.24
N ASN B 706 19.85 -20.53 -79.56
CA ASN B 706 20.44 -20.88 -80.84
C ASN B 706 21.11 -22.25 -80.69
N ASP B 707 22.09 -22.55 -81.54
CA ASP B 707 22.83 -23.79 -81.39
C ASP B 707 24.20 -23.56 -80.78
N LYS B 708 24.28 -22.71 -79.75
CA LYS B 708 25.56 -22.32 -79.17
C LYS B 708 26.57 -21.95 -80.25
N LEU B 709 26.08 -21.33 -81.33
CA LEU B 709 26.90 -20.93 -82.45
C LEU B 709 26.78 -19.43 -82.68
N PRO B 710 27.84 -18.79 -83.19
CA PRO B 710 27.76 -17.36 -83.50
C PRO B 710 26.66 -17.01 -84.50
N LEU B 711 26.52 -15.73 -84.78
CA LEU B 711 25.43 -15.24 -85.61
C LEU B 711 25.85 -15.15 -87.06
N TYR B 712 25.12 -15.83 -87.94
CA TYR B 712 25.43 -15.88 -89.36
C TYR B 712 24.53 -14.88 -90.10
N ILE B 713 25.04 -14.34 -91.20
CA ILE B 713 24.29 -13.37 -91.97
C ILE B 713 24.47 -13.68 -93.45
N SER B 714 23.36 -13.97 -94.14
CA SER B 714 23.50 -14.34 -95.53
C SER B 714 23.81 -13.16 -96.44
N ASN B 715 23.87 -11.94 -95.91
CA ASN B 715 24.07 -10.79 -96.76
C ASN B 715 24.30 -9.54 -95.93
N PRO B 716 25.44 -8.87 -96.10
CA PRO B 716 25.67 -7.62 -95.36
C PRO B 716 24.64 -6.54 -95.69
N ASN B 717 23.72 -6.82 -96.63
CA ASN B 717 22.62 -5.92 -96.96
C ASN B 717 21.29 -6.37 -96.38
N TYR B 718 21.28 -7.50 -95.67
CA TYR B 718 20.07 -8.00 -95.06
C TYR B 718 19.82 -7.23 -93.77
N LYS B 719 18.58 -6.78 -93.57
CA LYS B 719 18.26 -6.00 -92.38
C LYS B 719 18.08 -6.94 -91.19
N VAL B 720 18.51 -6.47 -90.02
CA VAL B 720 18.39 -7.22 -88.77
C VAL B 720 17.35 -6.56 -87.90
N ASN B 721 16.25 -7.29 -87.68
CA ASN B 721 15.10 -6.84 -86.91
C ASN B 721 15.09 -7.54 -85.56
N VAL B 722 14.74 -6.79 -84.51
CA VAL B 722 14.59 -7.32 -83.16
C VAL B 722 13.19 -6.99 -82.69
N TYR B 723 12.48 -8.00 -82.18
CA TYR B 723 11.13 -7.76 -81.72
C TYR B 723 11.00 -7.99 -80.22
N ALA B 724 10.11 -7.23 -79.59
CA ALA B 724 9.77 -7.37 -78.18
C ALA B 724 8.32 -7.81 -78.04
N VAL B 725 8.02 -8.64 -77.04
CA VAL B 725 6.65 -9.07 -76.82
C VAL B 725 6.18 -8.65 -75.42
N THR B 726 5.21 -7.73 -75.39
CA THR B 726 4.57 -7.26 -74.17
C THR B 726 3.66 -8.29 -73.51
N LYS B 727 3.53 -8.16 -72.19
CA LYS B 727 2.71 -9.07 -71.39
C LYS B 727 1.31 -9.27 -71.96
N GLU B 728 0.59 -8.19 -72.22
CA GLU B 728 -0.81 -8.31 -72.61
C GLU B 728 -0.99 -9.20 -73.83
N ASN B 729 -0.01 -9.22 -74.71
CA ASN B 729 -0.17 -9.96 -75.95
C ASN B 729 0.40 -11.35 -75.86
N THR B 730 0.68 -11.82 -74.66
CA THR B 730 1.30 -13.14 -74.60
C THR B 730 0.28 -14.27 -74.47
N ILE B 731 0.72 -15.44 -74.88
CA ILE B 731 -0.01 -16.70 -74.76
C ILE B 731 0.66 -17.53 -73.68
N ILE B 732 -0.15 -18.26 -72.92
CA ILE B 732 0.35 -19.02 -71.78
C ILE B 732 0.20 -20.52 -71.98
N ASN B 733 -0.51 -20.97 -73.01
CA ASN B 733 -0.67 -22.39 -73.29
C ASN B 733 -0.74 -22.55 -74.80
N PRO B 734 -0.43 -23.74 -75.31
CA PRO B 734 -0.61 -23.98 -76.75
C PRO B 734 -2.05 -23.73 -77.16
N SER B 735 -2.22 -23.33 -78.42
CA SER B 735 -3.52 -22.90 -78.91
C SER B 735 -4.44 -24.09 -79.14
N GLU B 736 -5.52 -23.87 -79.89
CA GLU B 736 -6.44 -24.97 -80.20
C GLU B 736 -5.69 -26.11 -80.85
N ASN B 737 -5.09 -25.86 -82.02
CA ASN B 737 -4.29 -26.86 -82.72
C ASN B 737 -2.83 -26.86 -82.28
N GLY B 738 -2.56 -26.47 -81.04
CA GLY B 738 -1.21 -26.49 -80.50
C GLY B 738 -0.19 -25.68 -81.27
N ASP B 739 -0.58 -24.51 -81.77
CA ASP B 739 0.36 -23.65 -82.47
C ASP B 739 1.41 -23.10 -81.51
N THR B 740 2.68 -23.14 -81.92
CA THR B 740 3.78 -22.62 -81.12
C THR B 740 4.44 -21.41 -81.77
N SER B 741 4.07 -21.09 -83.00
CA SER B 741 4.65 -19.95 -83.69
C SER B 741 4.15 -18.65 -83.07
N THR B 742 4.96 -17.63 -83.20
CA THR B 742 4.62 -16.32 -82.67
C THR B 742 3.76 -15.57 -83.67
N ASN B 743 3.01 -16.33 -84.48
CA ASN B 743 2.22 -15.73 -85.55
C ASN B 743 1.14 -14.80 -84.99
N GLY B 744 0.19 -15.37 -84.25
CA GLY B 744 -0.95 -14.61 -83.79
C GLY B 744 -0.66 -13.74 -82.58
N ILE B 745 0.59 -13.29 -82.46
CA ILE B 745 1.02 -12.43 -81.37
C ILE B 745 1.12 -11.01 -81.86
N LYS B 746 0.47 -10.10 -81.16
CA LYS B 746 0.54 -8.69 -81.50
C LYS B 746 1.92 -8.14 -81.20
N LYS B 747 2.66 -7.78 -82.24
CA LYS B 747 4.06 -7.39 -82.16
C LYS B 747 4.20 -5.92 -82.52
N ILE B 748 5.00 -5.19 -81.75
CA ILE B 748 5.28 -3.79 -81.97
C ILE B 748 6.69 -3.70 -82.52
N LEU B 749 6.87 -2.99 -83.63
CA LEU B 749 8.20 -2.85 -84.22
C LEU B 749 9.17 -2.14 -83.28
N ILE B 750 10.33 -2.77 -83.10
CA ILE B 750 11.34 -2.29 -82.16
C ILE B 750 12.72 -2.15 -82.76
N PHE B 751 13.06 -2.78 -83.88
CA PHE B 751 14.42 -2.65 -84.34
C PHE B 751 14.56 -3.10 -85.79
N SER B 752 15.48 -2.45 -86.50
CA SER B 752 15.72 -2.71 -87.91
C SER B 752 17.06 -2.15 -88.38
N LYS B 753 18.16 -2.87 -88.21
CA LYS B 753 19.46 -2.42 -88.69
C LYS B 753 19.99 -3.37 -89.76
N LYS B 754 20.58 -2.81 -90.80
CA LYS B 754 21.12 -3.63 -91.88
C LYS B 754 22.39 -4.34 -91.42
N GLY B 755 22.93 -5.17 -92.32
CA GLY B 755 24.14 -5.91 -92.00
C GLY B 755 25.32 -5.01 -91.74
N TYR B 756 25.41 -3.91 -92.49
CA TYR B 756 26.52 -2.99 -92.34
C TYR B 756 26.57 -2.41 -90.94
N GLU B 757 25.41 -2.07 -90.39
CA GLU B 757 25.36 -1.53 -89.04
C GLU B 757 25.84 -2.56 -88.03
N ILE B 758 25.45 -3.82 -88.20
CA ILE B 758 25.83 -4.87 -87.27
C ILE B 758 27.33 -5.15 -87.38
N PRO C 197 16.52 24.82 -5.36
CA PRO C 197 16.96 25.28 -6.69
C PRO C 197 16.39 24.44 -7.81
N THR C 198 16.11 23.17 -7.54
CA THR C 198 15.46 22.29 -8.50
C THR C 198 16.14 22.32 -9.86
N VAL C 199 17.45 22.04 -9.87
CA VAL C 199 18.23 22.13 -11.10
C VAL C 199 17.57 21.25 -12.16
N PRO C 200 17.36 21.78 -13.36
CA PRO C 200 16.60 21.03 -14.36
C PRO C 200 17.29 19.76 -14.85
N ASP C 201 16.47 18.73 -15.04
CA ASP C 201 16.90 17.45 -15.61
C ASP C 201 15.65 16.81 -16.20
N ARG C 202 15.37 17.11 -17.46
CA ARG C 202 14.19 16.54 -18.09
C ARG C 202 14.33 15.04 -18.28
N ASP C 203 15.49 14.60 -18.75
CA ASP C 203 15.63 13.18 -19.02
C ASP C 203 15.53 12.35 -17.78
N ASN C 204 15.58 12.97 -16.62
CA ASN C 204 15.34 12.23 -15.40
C ASN C 204 16.40 11.17 -15.24
N ASP C 205 17.64 11.54 -15.55
CA ASP C 205 18.72 10.55 -15.56
C ASP C 205 19.79 10.89 -14.55
N GLY C 206 19.45 11.66 -13.56
CA GLY C 206 20.36 11.93 -12.46
C GLY C 206 21.32 13.07 -12.69
N ILE C 207 22.02 13.04 -13.80
CA ILE C 207 22.94 14.12 -14.10
C ILE C 207 22.11 15.29 -14.60
N PRO C 208 22.37 16.49 -14.15
CA PRO C 208 21.59 17.63 -14.61
C PRO C 208 21.91 17.99 -16.05
N ASP C 209 20.99 18.77 -16.61
CA ASP C 209 21.04 19.12 -18.02
C ASP C 209 22.34 19.81 -18.44
N SER C 210 22.61 20.97 -17.86
CA SER C 210 23.73 21.77 -18.34
C SER C 210 24.96 20.91 -18.35
N LEU C 211 25.14 20.14 -17.31
CA LEU C 211 26.28 19.26 -17.25
C LEU C 211 26.32 18.34 -18.45
N GLU C 212 25.18 17.74 -18.81
CA GLU C 212 25.23 16.74 -19.87
C GLU C 212 25.65 17.34 -21.20
N VAL C 213 25.17 18.53 -21.54
CA VAL C 213 25.50 19.04 -22.86
C VAL C 213 26.96 19.45 -22.97
N GLU C 214 27.51 20.07 -21.94
CA GLU C 214 28.81 20.70 -22.09
C GLU C 214 29.99 19.82 -21.75
N GLY C 215 29.85 18.89 -20.81
CA GLY C 215 30.97 18.04 -20.47
C GLY C 215 31.15 17.94 -18.97
N TYR C 216 31.32 16.73 -18.45
CA TYR C 216 31.50 16.49 -17.04
C TYR C 216 32.44 15.32 -16.83
N THR C 217 32.71 15.01 -15.56
CA THR C 217 33.53 13.87 -15.28
C THR C 217 33.40 13.43 -13.84
N VAL C 218 33.50 12.18 -13.66
CA VAL C 218 33.52 11.51 -12.38
C VAL C 218 34.93 11.31 -11.89
N ASP C 219 35.14 11.57 -10.61
CA ASP C 219 36.46 11.47 -9.99
C ASP C 219 36.38 10.93 -8.57
N VAL C 220 37.18 9.92 -8.28
CA VAL C 220 37.14 9.36 -6.94
C VAL C 220 37.91 10.28 -6.00
N LYS C 221 37.22 10.77 -4.98
CA LYS C 221 37.81 11.55 -3.91
C LYS C 221 38.09 10.60 -2.76
N ASN C 222 39.26 10.75 -2.15
CA ASN C 222 39.93 9.66 -1.44
C ASN C 222 39.06 8.42 -1.44
N LYS C 223 38.08 8.31 -0.58
CA LYS C 223 37.22 7.14 -0.69
C LYS C 223 35.81 7.45 -1.16
N ARG C 224 35.48 8.69 -1.47
CA ARG C 224 34.13 9.09 -1.86
C ARG C 224 34.09 9.59 -3.29
N THR C 225 33.11 9.12 -4.05
CA THR C 225 32.97 9.51 -5.44
C THR C 225 31.98 10.65 -5.63
N PHE C 226 32.40 11.67 -6.36
CA PHE C 226 31.52 12.79 -6.62
C PHE C 226 31.62 13.18 -8.09
N LEU C 227 30.53 13.78 -8.59
CA LEU C 227 30.41 14.21 -9.98
C LEU C 227 30.72 15.69 -10.15
N SER C 228 31.52 16.03 -11.16
CA SER C 228 31.96 17.41 -11.36
C SER C 228 31.90 17.90 -12.79
N PRO C 229 31.64 19.19 -12.97
CA PRO C 229 31.77 19.80 -14.29
C PRO C 229 33.21 19.87 -14.74
N TRP C 230 33.43 19.57 -16.02
CA TRP C 230 34.78 19.52 -16.59
C TRP C 230 35.49 20.86 -16.48
N ILE C 231 36.60 20.88 -15.78
CA ILE C 231 37.49 22.02 -15.78
C ILE C 231 38.70 21.65 -16.61
N SER C 232 39.01 22.49 -17.60
CA SER C 232 40.00 22.12 -18.60
C SER C 232 41.39 21.92 -17.99
N ASN C 233 41.80 22.80 -17.08
CA ASN C 233 43.18 22.82 -16.65
C ASN C 233 43.51 21.89 -15.51
N ILE C 234 42.57 21.65 -14.59
CA ILE C 234 42.93 20.91 -13.38
C ILE C 234 42.65 19.42 -13.50
N HIS C 235 41.86 19.01 -14.47
CA HIS C 235 41.57 17.59 -14.65
C HIS C 235 42.46 16.94 -15.68
N GLU C 236 42.97 17.72 -16.62
CA GLU C 236 43.69 17.14 -17.73
C GLU C 236 44.94 16.42 -17.29
N LYS C 237 45.65 16.96 -16.31
CA LYS C 237 46.86 16.27 -15.88
C LYS C 237 46.55 14.94 -15.25
N LYS C 238 45.31 14.73 -14.83
CA LYS C 238 44.96 13.51 -14.12
C LYS C 238 44.51 12.36 -15.01
N GLY C 239 44.46 12.55 -16.32
CA GLY C 239 44.07 11.46 -17.20
C GLY C 239 42.62 11.04 -17.10
N LEU C 240 41.72 11.98 -16.92
CA LEU C 240 40.30 11.67 -16.85
C LEU C 240 39.64 11.96 -18.19
N THR C 241 38.67 11.14 -18.56
CA THR C 241 38.01 11.33 -19.84
C THR C 241 36.84 12.28 -19.74
N LYS C 242 36.73 13.15 -20.72
CA LYS C 242 35.64 14.11 -20.78
C LYS C 242 34.43 13.45 -21.43
N TYR C 243 33.39 13.20 -20.64
CA TYR C 243 32.19 12.57 -21.19
C TYR C 243 31.19 13.59 -21.68
N LYS C 244 30.38 13.20 -22.65
CA LYS C 244 29.24 14.01 -23.03
C LYS C 244 28.08 13.07 -23.33
N SER C 245 26.87 13.58 -23.31
CA SER C 245 25.74 12.69 -23.55
C SER C 245 24.49 13.50 -23.85
N SER C 246 23.36 12.83 -23.97
CA SER C 246 22.13 13.51 -24.32
C SER C 246 21.22 13.84 -23.18
N PRO C 247 20.88 15.10 -23.02
CA PRO C 247 19.95 15.50 -21.97
C PRO C 247 18.54 15.02 -22.18
N GLU C 248 18.22 14.34 -23.26
CA GLU C 248 16.83 13.94 -23.41
C GLU C 248 16.69 12.47 -23.70
N LYS C 249 17.65 11.70 -23.27
CA LYS C 249 17.66 10.28 -23.53
C LYS C 249 18.03 9.61 -22.23
N TRP C 250 17.20 8.69 -21.76
CA TRP C 250 17.59 8.02 -20.55
C TRP C 250 18.81 7.18 -20.77
N SER C 251 19.07 6.79 -22.00
CA SER C 251 20.27 6.04 -22.30
C SER C 251 20.78 6.40 -23.69
N THR C 252 21.73 7.32 -23.78
CA THR C 252 22.16 7.75 -25.09
C THR C 252 22.40 6.59 -26.01
N ALA C 253 23.04 5.55 -25.50
CA ALA C 253 23.26 4.43 -26.38
C ALA C 253 21.96 3.78 -26.76
N SER C 254 20.95 3.89 -25.91
CA SER C 254 19.63 3.30 -26.00
C SER C 254 19.61 1.89 -25.45
N ASP C 255 20.71 1.38 -24.94
CA ASP C 255 20.66 0.06 -24.35
C ASP C 255 20.12 0.21 -22.93
N PRO C 256 19.81 -0.86 -22.28
CA PRO C 256 19.08 -0.74 -21.04
C PRO C 256 19.84 -0.24 -19.85
N TYR C 257 20.90 0.54 -20.05
CA TYR C 257 21.67 0.98 -18.86
C TYR C 257 21.79 2.49 -18.92
N SER C 258 21.17 3.22 -18.00
CA SER C 258 21.14 4.66 -18.18
C SER C 258 22.52 5.26 -18.19
N ASP C 259 22.59 6.42 -18.82
CA ASP C 259 23.81 7.18 -18.90
C ASP C 259 24.50 7.24 -17.58
N PHE C 260 23.73 7.36 -16.52
CA PHE C 260 24.31 7.60 -15.22
C PHE C 260 25.05 6.38 -14.69
N GLU C 261 24.45 5.21 -14.75
CA GLU C 261 25.12 4.03 -14.23
C GLU C 261 26.44 3.74 -14.89
N LYS C 262 26.49 3.83 -16.21
CA LYS C 262 27.71 3.43 -16.89
C LYS C 262 28.92 4.16 -16.35
N VAL C 263 28.89 5.48 -16.28
CA VAL C 263 30.11 6.11 -15.84
C VAL C 263 30.30 5.89 -14.37
N THR C 264 29.22 5.67 -13.65
CA THR C 264 29.36 5.53 -12.24
C THR C 264 29.73 4.14 -11.82
N GLY C 265 29.55 3.16 -12.69
CA GLY C 265 29.85 1.80 -12.34
C GLY C 265 28.74 0.97 -11.75
N ARG C 266 27.59 1.55 -11.43
CA ARG C 266 26.53 0.68 -10.95
C ARG C 266 25.93 -0.12 -12.09
N ILE C 267 26.48 -1.29 -12.37
CA ILE C 267 26.13 -2.03 -13.57
C ILE C 267 26.68 -3.42 -13.44
N ASP C 268 26.13 -4.35 -14.18
CA ASP C 268 26.75 -5.65 -14.15
C ASP C 268 28.22 -5.53 -14.42
N LYS C 269 29.00 -5.91 -13.43
CA LYS C 269 30.43 -5.73 -13.48
C LYS C 269 31.00 -6.52 -14.63
N ASN C 270 30.14 -7.16 -15.41
CA ASN C 270 30.64 -7.93 -16.51
C ASN C 270 30.71 -7.15 -17.79
N VAL C 271 30.00 -6.03 -17.87
CA VAL C 271 30.08 -5.25 -19.08
C VAL C 271 31.54 -4.90 -19.32
N SER C 272 32.01 -5.16 -20.52
CA SER C 272 33.41 -4.97 -20.84
C SER C 272 33.86 -3.54 -20.58
N PRO C 273 35.13 -3.34 -20.25
CA PRO C 273 35.61 -1.98 -19.97
C PRO C 273 35.26 -1.03 -21.07
N GLU C 274 35.54 -1.45 -22.29
CA GLU C 274 35.37 -0.61 -23.46
C GLU C 274 33.95 -0.11 -23.57
N ALA C 275 33.02 -0.77 -22.93
CA ALA C 275 31.66 -0.28 -22.98
C ALA C 275 31.32 0.73 -21.91
N ARG C 276 32.23 1.13 -21.05
CA ARG C 276 31.81 2.16 -20.13
C ARG C 276 31.61 3.50 -20.81
N HIS C 277 32.08 3.66 -21.91
CA HIS C 277 31.87 5.02 -22.36
C HIS C 277 30.42 5.21 -22.80
N PRO C 278 29.82 6.33 -22.42
CA PRO C 278 28.37 6.49 -22.60
C PRO C 278 27.93 6.38 -24.00
N LEU C 279 28.85 6.43 -24.96
CA LEU C 279 28.44 6.47 -26.36
C LEU C 279 28.66 5.15 -27.09
N VAL C 280 28.84 4.06 -26.39
CA VAL C 280 29.06 2.79 -27.05
C VAL C 280 27.98 1.83 -26.59
N ALA C 281 27.14 1.42 -27.52
CA ALA C 281 26.06 0.52 -27.16
C ALA C 281 26.60 -0.79 -26.64
N ALA C 282 26.00 -1.25 -25.58
CA ALA C 282 26.35 -2.51 -24.96
C ALA C 282 25.27 -3.53 -25.25
N TYR C 283 25.60 -4.54 -26.03
CA TYR C 283 24.63 -5.58 -26.36
C TYR C 283 25.40 -6.84 -26.67
N PRO C 284 24.73 -7.99 -26.65
CA PRO C 284 25.41 -9.27 -26.85
C PRO C 284 25.59 -9.63 -28.32
N ILE C 285 26.62 -10.42 -28.57
CA ILE C 285 26.93 -10.95 -29.89
C ILE C 285 27.35 -12.40 -29.90
N VAL C 286 26.41 -13.29 -30.19
CA VAL C 286 26.63 -14.72 -30.09
C VAL C 286 26.86 -15.29 -31.47
N HIS C 287 27.95 -16.00 -31.66
CA HIS C 287 28.12 -16.75 -32.89
C HIS C 287 28.59 -18.14 -32.50
N VAL C 288 28.52 -19.07 -33.43
CA VAL C 288 28.80 -20.46 -33.14
C VAL C 288 30.15 -20.87 -33.69
N ASP C 289 30.91 -21.60 -32.88
CA ASP C 289 32.21 -22.13 -33.27
C ASP C 289 32.20 -23.64 -33.24
N MET C 290 32.50 -24.25 -34.36
CA MET C 290 32.50 -25.69 -34.48
C MET C 290 33.95 -26.18 -34.46
N GLU C 291 34.30 -27.04 -33.52
CA GLU C 291 35.69 -27.43 -33.45
C GLU C 291 36.03 -28.65 -34.30
N ASN C 292 35.18 -29.68 -34.34
CA ASN C 292 35.52 -30.85 -35.12
C ASN C 292 34.30 -31.71 -35.36
N ILE C 293 34.34 -32.47 -36.46
CA ILE C 293 33.24 -33.32 -36.84
C ILE C 293 33.69 -34.77 -36.95
N ILE C 294 32.75 -35.68 -37.21
CA ILE C 294 33.05 -37.09 -37.44
C ILE C 294 31.96 -37.61 -38.37
N LEU C 295 32.31 -38.54 -39.24
CA LEU C 295 31.34 -39.03 -40.20
C LEU C 295 31.37 -40.54 -40.31
N SER C 296 30.23 -41.07 -40.73
CA SER C 296 29.99 -42.49 -40.92
C SER C 296 28.66 -42.60 -41.66
N LYS C 297 28.16 -43.83 -41.85
CA LYS C 297 26.90 -44.06 -42.55
C LYS C 297 25.85 -44.67 -41.64
N ASN C 298 24.65 -44.11 -41.70
CA ASN C 298 23.52 -44.51 -40.88
C ASN C 298 23.44 -46.02 -40.70
N ARG C 311 36.25 -47.14 -39.50
CA ARG C 311 36.00 -46.62 -40.85
C ARG C 311 35.10 -45.39 -40.79
N THR C 312 35.24 -44.62 -39.71
CA THR C 312 34.48 -43.38 -39.53
C THR C 312 35.46 -42.22 -39.48
N ILE C 313 35.33 -41.32 -40.43
CA ILE C 313 36.22 -40.18 -40.58
C ILE C 313 35.89 -39.07 -39.58
N SER C 314 36.74 -38.92 -38.56
CA SER C 314 36.55 -37.93 -37.50
C SER C 314 37.68 -36.95 -37.77
N LYS C 315 37.36 -35.81 -38.37
CA LYS C 315 38.41 -34.86 -38.72
C LYS C 315 38.17 -33.50 -38.04
N ASN C 316 39.26 -32.82 -37.69
CA ASN C 316 39.23 -31.49 -37.09
C ASN C 316 39.00 -30.34 -38.06
N THR C 317 38.20 -29.36 -37.60
CA THR C 317 37.78 -28.19 -38.36
C THR C 317 38.31 -26.88 -37.75
N SER C 318 38.34 -25.83 -38.58
CA SER C 318 38.69 -24.48 -38.16
C SER C 318 37.60 -23.51 -38.60
N THR C 319 37.17 -22.65 -37.69
CA THR C 319 36.09 -21.70 -37.95
C THR C 319 36.54 -20.27 -37.76
N SER C 320 35.95 -19.38 -38.54
CA SER C 320 36.19 -17.96 -38.40
C SER C 320 34.86 -17.23 -38.50
N ARG C 321 34.63 -16.29 -37.61
CA ARG C 321 33.42 -15.52 -37.74
C ARG C 321 33.55 -14.72 -39.03
N THR C 322 32.53 -14.81 -39.86
CA THR C 322 32.62 -14.25 -41.19
C THR C 322 31.74 -13.02 -41.34
N HIS C 323 31.96 -12.30 -42.43
CA HIS C 323 31.13 -11.17 -42.82
C HIS C 323 31.31 -10.95 -44.30
N THR C 324 30.23 -10.91 -45.06
CA THR C 324 30.38 -10.66 -46.48
C THR C 324 29.68 -9.36 -46.84
N SER C 325 29.64 -9.05 -48.14
CA SER C 325 29.02 -7.81 -48.61
C SER C 325 27.51 -7.89 -48.58
N GLY C 347 26.38 -5.09 -49.67
CA GLY C 347 25.04 -5.14 -49.11
C GLY C 347 24.94 -6.08 -47.93
N PHE C 348 25.70 -5.76 -46.88
CA PHE C 348 25.76 -6.57 -45.67
C PHE C 348 24.81 -6.08 -44.60
N SER C 349 24.12 -7.02 -43.98
CA SER C 349 22.99 -6.76 -43.10
C SER C 349 23.31 -7.22 -41.69
N ASN C 350 22.47 -6.77 -40.77
CA ASN C 350 22.70 -6.93 -39.35
C ASN C 350 22.26 -8.31 -38.85
N SER C 351 23.05 -9.31 -39.21
CA SER C 351 22.76 -10.67 -38.76
C SER C 351 24.04 -11.47 -38.78
N ASN C 352 24.34 -12.11 -37.67
CA ASN C 352 25.61 -12.80 -37.53
C ASN C 352 25.58 -14.21 -38.09
N SER C 353 26.68 -14.59 -38.73
CA SER C 353 26.85 -15.91 -39.32
C SER C 353 28.34 -16.21 -39.31
N SER C 354 28.68 -17.48 -39.27
CA SER C 354 30.08 -17.84 -39.31
C SER C 354 30.31 -18.88 -40.39
N THR C 355 31.55 -19.32 -40.50
CA THR C 355 31.98 -20.22 -41.56
C THR C 355 33.09 -21.10 -41.03
N VAL C 356 32.89 -22.39 -41.10
CA VAL C 356 33.88 -23.36 -40.66
C VAL C 356 34.69 -23.81 -41.87
N ALA C 357 35.95 -24.16 -41.66
CA ALA C 357 36.78 -24.71 -42.72
C ALA C 357 37.48 -25.98 -42.28
N ILE C 358 37.29 -27.05 -43.02
CA ILE C 358 37.89 -28.35 -42.71
C ILE C 358 39.28 -28.47 -43.28
N ASP C 359 40.18 -28.99 -42.46
CA ASP C 359 41.54 -29.27 -42.88
C ASP C 359 41.46 -30.27 -44.02
N HIS C 360 42.26 -30.08 -45.07
CA HIS C 360 42.17 -31.07 -46.14
C HIS C 360 43.27 -32.12 -46.06
N SER C 361 44.35 -31.89 -45.31
CA SER C 361 45.47 -32.82 -45.29
C SER C 361 45.09 -34.20 -44.78
N LEU C 362 45.79 -35.20 -45.30
CA LEU C 362 45.56 -36.63 -45.04
C LEU C 362 46.29 -37.08 -43.78
N SER C 363 45.54 -37.22 -42.69
CA SER C 363 46.17 -37.77 -41.48
C SER C 363 46.65 -39.20 -41.71
N LEU C 364 45.86 -40.02 -42.40
CA LEU C 364 46.29 -41.37 -42.76
C LEU C 364 46.71 -41.42 -44.23
N ALA C 365 47.82 -42.10 -44.49
CA ALA C 365 48.30 -42.27 -45.86
C ALA C 365 47.30 -42.97 -46.77
N GLY C 366 46.81 -44.14 -46.35
CA GLY C 366 45.99 -44.97 -47.21
C GLY C 366 44.55 -44.57 -47.42
N GLU C 367 44.11 -43.44 -46.91
CA GLU C 367 42.69 -43.11 -46.95
C GLU C 367 42.38 -42.20 -48.12
N ARG C 368 43.06 -42.44 -49.24
CA ARG C 368 42.79 -41.70 -50.45
C ARG C 368 41.36 -41.97 -50.93
N THR C 369 40.67 -40.88 -51.29
CA THR C 369 39.28 -40.93 -51.75
C THR C 369 38.33 -41.31 -50.63
N TRP C 370 37.67 -40.32 -50.06
CA TRP C 370 36.75 -40.59 -48.96
C TRP C 370 35.68 -41.54 -49.43
N ALA C 371 35.23 -41.38 -50.68
CA ALA C 371 34.15 -42.20 -51.21
C ALA C 371 34.40 -43.67 -50.93
N GLU C 372 35.66 -44.08 -50.78
CA GLU C 372 35.97 -45.47 -50.52
C GLU C 372 36.32 -45.71 -49.06
N THR C 373 36.95 -44.74 -48.39
CA THR C 373 37.22 -44.89 -46.97
C THR C 373 35.93 -45.11 -46.21
N MET C 374 34.84 -44.53 -46.70
CA MET C 374 33.49 -44.78 -46.23
C MET C 374 32.78 -45.55 -47.34
N GLY C 375 32.24 -46.71 -46.99
CA GLY C 375 31.58 -47.53 -47.99
C GLY C 375 30.34 -46.84 -48.50
N LEU C 376 30.54 -45.72 -49.20
CA LEU C 376 29.42 -44.94 -49.67
C LEU C 376 28.98 -45.41 -51.05
N ASN C 377 27.70 -45.74 -51.17
CA ASN C 377 27.07 -46.16 -52.41
C ASN C 377 26.07 -45.10 -52.85
N THR C 378 25.70 -45.17 -54.13
CA THR C 378 24.75 -44.22 -54.71
C THR C 378 23.46 -44.14 -53.89
N ALA C 379 23.05 -45.25 -53.30
CA ALA C 379 21.81 -45.30 -52.53
C ALA C 379 22.10 -45.44 -51.04
N ASP C 380 23.22 -44.88 -50.58
CA ASP C 380 23.55 -44.91 -49.17
C ASP C 380 23.31 -43.54 -48.53
N THR C 381 23.48 -43.46 -47.22
CA THR C 381 23.39 -42.21 -46.48
C THR C 381 24.42 -42.19 -45.36
N ALA C 382 25.11 -41.07 -45.22
CA ALA C 382 26.14 -40.90 -44.20
C ALA C 382 25.58 -40.19 -42.96
N ARG C 383 26.18 -40.50 -41.82
CA ARG C 383 25.79 -39.89 -40.56
C ARG C 383 26.86 -38.93 -40.04
N LEU C 384 26.41 -37.78 -39.54
CA LEU C 384 27.23 -36.67 -39.05
C LEU C 384 27.08 -36.45 -37.56
N ASN C 385 28.21 -36.33 -36.86
CA ASN C 385 28.21 -36.16 -35.41
C ASN C 385 29.31 -35.15 -35.03
N ALA C 386 28.92 -33.94 -34.70
CA ALA C 386 29.89 -32.88 -34.47
C ALA C 386 29.88 -32.38 -33.03
N ASN C 387 30.92 -31.63 -32.72
CA ASN C 387 31.11 -30.90 -31.47
C ASN C 387 31.21 -29.41 -31.74
N ILE C 388 30.54 -28.60 -30.93
CA ILE C 388 30.51 -27.15 -31.11
C ILE C 388 30.76 -26.47 -29.78
N ARG C 389 31.22 -25.22 -29.86
CA ARG C 389 31.31 -24.33 -28.72
C ARG C 389 30.77 -22.95 -29.07
N TYR C 390 30.24 -22.28 -28.07
CA TYR C 390 29.73 -20.92 -28.23
C TYR C 390 30.73 -19.86 -27.83
N VAL C 391 30.74 -18.78 -28.59
CA VAL C 391 31.64 -17.66 -28.37
C VAL C 391 30.83 -16.40 -28.20
N ASN C 392 31.14 -15.65 -27.17
CA ASN C 392 30.55 -14.35 -26.92
C ASN C 392 31.52 -13.25 -27.29
N THR C 393 31.29 -12.61 -28.42
CA THR C 393 32.14 -11.51 -28.81
C THR C 393 31.49 -10.18 -28.62
N GLY C 394 30.41 -10.12 -27.90
CA GLY C 394 29.71 -8.87 -27.73
C GLY C 394 30.22 -8.06 -26.57
N THR C 395 29.32 -7.33 -25.96
CA THR C 395 29.65 -6.47 -24.85
C THR C 395 28.72 -6.67 -23.67
N ALA C 396 27.88 -7.69 -23.68
CA ALA C 396 26.96 -7.86 -22.57
C ALA C 396 26.72 -9.33 -22.32
N PRO C 397 26.25 -9.68 -21.14
CA PRO C 397 26.08 -11.08 -20.79
C PRO C 397 24.73 -11.56 -21.26
N ILE C 398 24.68 -12.82 -21.64
CA ILE C 398 23.42 -13.52 -21.83
C ILE C 398 23.11 -14.40 -20.65
N TYR C 399 21.83 -14.62 -20.39
CA TYR C 399 21.44 -15.31 -19.16
C TYR C 399 20.67 -16.60 -19.37
N ASN C 400 19.45 -16.55 -19.83
CA ASN C 400 18.74 -17.82 -19.82
C ASN C 400 18.88 -18.66 -21.08
N VAL C 401 18.51 -18.09 -22.21
CA VAL C 401 18.34 -18.85 -23.44
C VAL C 401 19.66 -18.95 -24.16
N LEU C 402 19.71 -19.82 -25.14
CA LEU C 402 20.84 -19.89 -25.98
C LEU C 402 20.32 -19.98 -27.40
N PRO C 403 20.92 -19.28 -28.36
CA PRO C 403 20.28 -19.12 -29.67
C PRO C 403 20.27 -20.37 -30.51
N THR C 404 19.18 -20.51 -31.27
CA THR C 404 19.07 -21.48 -32.36
C THR C 404 19.89 -21.10 -33.58
N THR C 405 20.44 -22.10 -34.26
CA THR C 405 21.31 -21.87 -35.40
C THR C 405 21.25 -23.08 -36.31
N SER C 406 21.16 -22.84 -37.60
CA SER C 406 20.96 -23.92 -38.57
C SER C 406 22.18 -24.08 -39.46
N LEU C 407 22.64 -25.32 -39.59
CA LEU C 407 23.73 -25.65 -40.50
C LEU C 407 23.18 -25.76 -41.92
N VAL C 408 23.92 -25.24 -42.89
CA VAL C 408 23.53 -25.25 -44.30
C VAL C 408 24.75 -25.49 -45.18
N LEU C 409 24.65 -26.44 -46.11
CA LEU C 409 25.70 -26.62 -47.11
C LEU C 409 25.29 -25.92 -48.39
N GLY C 410 26.28 -25.37 -49.08
CA GLY C 410 26.02 -24.69 -50.32
C GLY C 410 25.23 -23.41 -50.15
N LYS C 411 24.49 -23.07 -51.20
CA LYS C 411 23.75 -21.82 -51.21
C LYS C 411 22.46 -21.91 -50.39
N ASN C 412 21.74 -23.03 -50.46
CA ASN C 412 20.45 -23.05 -49.80
C ASN C 412 20.11 -24.39 -49.16
N GLN C 413 21.06 -25.31 -49.07
CA GLN C 413 20.78 -26.66 -48.56
C GLN C 413 20.90 -26.68 -47.03
N THR C 414 19.76 -26.57 -46.35
CA THR C 414 19.72 -26.55 -44.88
C THR C 414 19.78 -27.97 -44.33
N LEU C 415 20.90 -28.33 -43.71
CA LEU C 415 21.00 -29.70 -43.23
C LEU C 415 20.24 -29.93 -41.94
N ALA C 416 20.29 -28.97 -41.03
CA ALA C 416 19.69 -29.20 -39.72
C ALA C 416 19.64 -27.90 -38.95
N THR C 417 18.71 -27.84 -38.01
CA THR C 417 18.59 -26.72 -37.09
C THR C 417 18.80 -27.27 -35.69
N ILE C 418 19.77 -26.72 -34.98
CA ILE C 418 20.08 -27.28 -33.66
C ILE C 418 19.02 -26.83 -32.69
N LYS C 419 18.37 -27.79 -32.06
CA LYS C 419 17.27 -27.49 -31.16
C LYS C 419 17.75 -26.53 -30.09
N ALA C 420 16.81 -25.76 -29.56
CA ALA C 420 17.11 -24.93 -28.41
C ALA C 420 16.84 -25.79 -27.18
N LYS C 421 17.90 -26.36 -26.64
CA LYS C 421 17.77 -27.17 -25.43
C LYS C 421 17.07 -26.35 -24.37
N GLU C 422 16.29 -27.01 -23.53
CA GLU C 422 15.43 -26.29 -22.62
C GLU C 422 15.98 -26.35 -21.21
N ASN C 423 16.10 -25.17 -20.59
CA ASN C 423 16.55 -25.04 -19.22
C ASN C 423 17.92 -25.69 -19.01
N GLN C 424 18.83 -25.49 -19.96
CA GLN C 424 20.15 -26.11 -19.85
C GLN C 424 21.31 -25.13 -19.92
N LEU C 425 21.13 -23.94 -20.45
CA LEU C 425 22.21 -22.96 -20.54
C LEU C 425 22.09 -21.98 -19.36
N SER C 426 22.09 -22.55 -18.18
CA SER C 426 21.94 -21.74 -16.98
C SER C 426 23.19 -20.97 -16.63
N GLN C 427 24.27 -21.13 -17.36
CA GLN C 427 25.47 -20.38 -17.06
C GLN C 427 25.45 -19.06 -17.82
N ILE C 428 26.54 -18.32 -17.76
CA ILE C 428 26.57 -16.97 -18.30
C ILE C 428 27.70 -16.86 -19.30
N LEU C 429 27.48 -16.05 -20.33
CA LEU C 429 28.48 -15.76 -21.33
C LEU C 429 28.93 -14.32 -21.22
N ALA C 430 29.98 -14.12 -20.46
CA ALA C 430 30.45 -12.76 -20.41
C ALA C 430 31.22 -12.55 -21.69
N PRO C 431 31.38 -11.32 -22.10
CA PRO C 431 32.08 -11.07 -23.36
C PRO C 431 33.45 -11.71 -23.37
N ASN C 432 33.79 -12.30 -24.51
CA ASN C 432 35.08 -12.93 -24.73
C ASN C 432 35.24 -14.17 -23.87
N ASN C 433 34.18 -14.92 -23.73
CA ASN C 433 34.25 -16.13 -22.94
C ASN C 433 33.71 -17.27 -23.75
N TYR C 434 33.97 -18.49 -23.31
CA TYR C 434 33.45 -19.61 -24.05
C TYR C 434 32.43 -20.35 -23.19
N TYR C 435 31.48 -20.98 -23.86
CA TYR C 435 30.53 -21.85 -23.19
C TYR C 435 30.35 -23.18 -23.89
N PRO C 436 30.69 -24.27 -23.25
CA PRO C 436 31.27 -24.31 -21.94
C PRO C 436 32.74 -24.07 -22.06
N SER C 437 33.42 -23.65 -21.00
CA SER C 437 34.83 -23.32 -21.07
C SER C 437 35.69 -24.37 -21.73
N LYS C 438 36.88 -23.96 -22.18
CA LYS C 438 37.83 -24.84 -22.88
C LYS C 438 38.25 -26.05 -22.08
N ASN C 439 37.93 -26.09 -20.81
CA ASN C 439 38.35 -27.18 -19.95
C ASN C 439 37.31 -28.28 -19.84
N LEU C 440 36.18 -28.14 -20.50
CA LEU C 440 35.09 -29.09 -20.40
C LEU C 440 34.75 -29.63 -21.78
N ALA C 441 34.07 -30.78 -21.78
CA ALA C 441 33.61 -31.36 -23.02
C ALA C 441 32.69 -30.41 -23.76
N PRO C 442 32.86 -30.26 -25.06
CA PRO C 442 31.98 -29.40 -25.84
C PRO C 442 30.62 -30.04 -25.99
N ILE C 443 29.61 -29.20 -26.19
CA ILE C 443 28.25 -29.71 -26.30
C ILE C 443 28.17 -30.59 -27.54
N ALA C 444 27.89 -31.86 -27.32
CA ALA C 444 27.71 -32.82 -28.40
C ALA C 444 26.53 -32.43 -29.26
N LEU C 445 26.72 -32.43 -30.58
CA LEU C 445 25.66 -31.97 -31.44
C LEU C 445 24.51 -32.96 -31.48
N ASN C 446 24.79 -34.20 -31.83
CA ASN C 446 23.78 -35.23 -31.72
C ASN C 446 23.35 -35.44 -30.28
N ALA C 447 22.04 -35.58 -30.09
CA ALA C 447 21.46 -35.62 -28.76
C ALA C 447 22.02 -36.78 -27.95
N GLN C 448 22.26 -37.92 -28.60
CA GLN C 448 22.67 -39.20 -28.03
C GLN C 448 21.44 -39.86 -27.42
N ASP C 449 20.27 -39.25 -27.57
CA ASP C 449 19.01 -39.75 -27.08
C ASP C 449 18.22 -40.34 -28.26
N ASP C 450 16.91 -40.38 -28.13
CA ASP C 450 16.05 -41.03 -29.11
C ASP C 450 15.33 -40.04 -30.02
N PHE C 451 15.77 -38.77 -30.02
CA PHE C 451 15.07 -37.75 -30.79
C PHE C 451 15.08 -38.07 -32.28
N SER C 452 16.24 -38.37 -32.83
CA SER C 452 16.31 -38.84 -34.20
C SER C 452 17.45 -39.82 -34.29
N SER C 453 17.20 -40.95 -34.98
CA SER C 453 18.20 -42.01 -35.04
C SER C 453 19.47 -41.49 -35.69
N THR C 454 19.33 -40.76 -36.77
CA THR C 454 20.43 -40.07 -37.43
C THR C 454 19.83 -38.74 -37.86
N PRO C 455 19.82 -37.76 -36.96
CA PRO C 455 19.17 -36.49 -37.31
C PRO C 455 19.76 -35.92 -38.57
N ILE C 456 21.06 -36.10 -38.76
CA ILE C 456 21.72 -35.53 -39.91
C ILE C 456 21.68 -36.56 -41.03
N THR C 457 20.50 -36.84 -41.57
CA THR C 457 20.50 -37.66 -42.76
C THR C 457 21.05 -36.82 -43.93
N MET C 458 21.46 -37.50 -44.98
CA MET C 458 22.05 -36.76 -46.10
C MET C 458 22.16 -37.64 -47.34
N ASN C 459 21.35 -37.35 -48.36
CA ASN C 459 21.43 -38.16 -49.55
C ASN C 459 22.82 -38.04 -50.16
N TYR C 460 23.05 -38.89 -51.16
CA TYR C 460 24.37 -38.97 -51.79
C TYR C 460 24.76 -37.61 -52.35
N ASN C 461 23.90 -37.03 -53.19
CA ASN C 461 24.22 -35.78 -53.86
C ASN C 461 24.80 -34.73 -52.91
N GLN C 462 24.28 -34.63 -51.69
CA GLN C 462 24.88 -33.68 -50.75
C GLN C 462 26.36 -33.97 -50.54
N PHE C 463 26.68 -35.22 -50.28
CA PHE C 463 28.07 -35.61 -50.07
C PHE C 463 28.95 -35.10 -51.19
N LEU C 464 28.43 -35.09 -52.42
CA LEU C 464 29.23 -34.60 -53.53
C LEU C 464 29.60 -33.13 -53.39
N GLU C 465 28.62 -32.25 -53.19
CA GLU C 465 28.96 -30.84 -52.95
C GLU C 465 29.97 -30.73 -51.84
N LEU C 466 29.74 -31.46 -50.76
CA LEU C 466 30.67 -31.40 -49.65
C LEU C 466 32.07 -31.80 -50.09
N GLU C 467 32.17 -32.82 -50.93
CA GLU C 467 33.49 -33.25 -51.38
C GLU C 467 34.17 -32.18 -52.23
N LYS C 468 33.43 -31.41 -53.00
CA LYS C 468 34.11 -30.42 -53.80
C LYS C 468 34.46 -29.15 -53.02
N THR C 469 33.66 -28.77 -52.02
CA THR C 469 33.87 -27.47 -51.38
C THR C 469 34.45 -27.49 -49.97
N LYS C 470 34.14 -28.49 -49.14
CA LYS C 470 34.62 -28.51 -47.75
C LYS C 470 34.27 -27.22 -47.00
N GLN C 471 33.09 -26.68 -47.25
CA GLN C 471 32.65 -25.46 -46.58
C GLN C 471 31.25 -25.62 -46.07
N LEU C 472 31.01 -25.12 -44.86
CA LEU C 472 29.67 -25.13 -44.29
C LEU C 472 29.36 -23.77 -43.68
N ARG C 473 28.08 -23.41 -43.72
CA ARG C 473 27.63 -22.14 -43.18
C ARG C 473 26.80 -22.40 -41.95
N LEU C 474 26.94 -21.53 -40.97
CA LEU C 474 26.21 -21.64 -39.72
C LEU C 474 25.47 -20.32 -39.51
N ASP C 475 24.19 -20.32 -39.80
CA ASP C 475 23.40 -19.12 -39.63
C ASP C 475 22.77 -19.17 -38.25
N THR C 476 22.89 -18.07 -37.51
CA THR C 476 22.36 -18.03 -36.17
C THR C 476 21.47 -16.83 -36.00
N ASP C 477 20.40 -16.99 -35.24
CA ASP C 477 19.53 -15.87 -35.02
C ASP C 477 19.89 -15.15 -33.74
N GLN C 478 19.11 -14.13 -33.42
CA GLN C 478 19.33 -13.20 -32.33
C GLN C 478 18.36 -13.35 -31.17
N VAL C 479 17.76 -14.51 -31.00
CA VAL C 479 16.80 -14.61 -29.91
C VAL C 479 17.48 -14.85 -28.58
N TYR C 480 17.91 -13.77 -27.93
CA TYR C 480 18.49 -13.97 -26.62
C TYR C 480 17.44 -13.93 -25.51
N GLY C 481 17.91 -13.90 -24.27
CA GLY C 481 17.06 -14.08 -23.13
C GLY C 481 16.52 -12.79 -22.58
N ASN C 482 16.48 -12.68 -21.27
CA ASN C 482 16.14 -11.42 -20.65
C ASN C 482 17.43 -10.69 -20.30
N ILE C 483 17.32 -9.57 -19.62
CA ILE C 483 18.46 -8.71 -19.34
C ILE C 483 18.61 -8.51 -17.85
N ALA C 484 19.84 -8.40 -17.39
CA ALA C 484 20.12 -8.18 -15.98
C ALA C 484 20.30 -6.69 -15.71
N THR C 485 19.48 -6.17 -14.82
CA THR C 485 19.41 -4.77 -14.46
C THR C 485 19.84 -4.53 -13.04
N TYR C 486 20.27 -3.30 -12.78
CA TYR C 486 20.77 -2.88 -11.47
C TYR C 486 19.69 -2.22 -10.64
N ASN C 487 19.54 -2.66 -9.41
CA ASN C 487 18.55 -2.13 -8.49
C ASN C 487 19.15 -1.18 -7.48
N PHE C 488 18.60 0.03 -7.42
CA PHE C 488 19.13 1.04 -6.52
C PHE C 488 18.85 0.75 -5.06
N GLU C 489 17.75 0.07 -4.77
CA GLU C 489 17.34 -0.07 -3.39
C GLU C 489 18.38 -0.78 -2.54
N ASN C 490 18.93 -1.85 -3.06
CA ASN C 490 19.88 -2.59 -2.25
C ASN C 490 21.12 -3.04 -2.99
N GLY C 491 21.29 -2.66 -4.25
CA GLY C 491 22.47 -3.01 -5.00
C GLY C 491 22.59 -4.46 -5.44
N ARG C 492 21.50 -5.19 -5.51
CA ARG C 492 21.55 -6.56 -5.99
C ARG C 492 21.30 -6.52 -7.48
N VAL C 493 22.02 -7.32 -8.23
CA VAL C 493 21.79 -7.39 -9.66
C VAL C 493 20.94 -8.60 -9.92
N ARG C 494 19.68 -8.37 -10.23
CA ARG C 494 18.71 -9.43 -10.40
C ARG C 494 18.23 -9.43 -11.84
N VAL C 495 18.01 -10.62 -12.37
CA VAL C 495 17.54 -10.76 -13.75
C VAL C 495 16.05 -10.52 -13.81
N ASP C 496 15.68 -9.40 -14.41
CA ASP C 496 14.29 -9.04 -14.52
C ASP C 496 13.67 -9.77 -15.69
N THR C 497 12.52 -10.37 -15.45
CA THR C 497 11.82 -11.14 -16.46
C THR C 497 10.96 -10.30 -17.40
N GLY C 498 10.92 -8.99 -17.24
CA GLY C 498 10.15 -8.20 -18.17
C GLY C 498 10.88 -7.73 -19.40
N SER C 499 12.13 -7.35 -19.25
CA SER C 499 12.89 -6.78 -20.34
C SER C 499 13.64 -7.89 -21.05
N ASN C 500 13.56 -7.91 -22.35
CA ASN C 500 14.14 -8.97 -23.13
C ASN C 500 14.88 -8.40 -24.32
N TRP C 501 16.09 -8.87 -24.54
CA TRP C 501 16.92 -8.31 -25.60
C TRP C 501 16.20 -8.29 -26.91
N SER C 502 15.17 -9.09 -27.07
CA SER C 502 14.50 -9.11 -28.34
C SER C 502 13.64 -7.88 -28.53
N GLU C 503 13.59 -7.01 -27.54
CA GLU C 503 12.87 -5.77 -27.68
C GLU C 503 13.78 -4.59 -27.86
N VAL C 504 15.04 -4.70 -27.45
CA VAL C 504 15.94 -3.58 -27.52
C VAL C 504 16.74 -3.54 -28.81
N LEU C 505 17.36 -4.65 -29.22
CA LEU C 505 18.20 -4.63 -30.41
C LEU C 505 17.64 -3.88 -31.59
N PRO C 506 16.39 -4.03 -31.97
CA PRO C 506 15.90 -3.24 -33.07
C PRO C 506 16.17 -1.77 -32.89
N GLN C 507 15.99 -1.23 -31.69
CA GLN C 507 16.31 0.17 -31.48
C GLN C 507 17.77 0.46 -31.81
N ILE C 508 18.67 -0.28 -31.19
CA ILE C 508 20.09 -0.11 -31.43
C ILE C 508 20.46 -0.19 -32.89
N GLN C 509 19.93 -1.16 -33.60
CA GLN C 509 20.45 -1.31 -34.94
C GLN C 509 20.03 -0.20 -35.86
N GLU C 510 19.09 0.65 -35.47
CA GLU C 510 18.64 1.68 -36.38
C GLU C 510 19.09 3.08 -35.97
N THR C 511 19.86 3.23 -34.90
CA THR C 511 20.26 4.56 -34.46
C THR C 511 21.73 4.66 -34.17
N THR C 512 22.54 3.74 -34.67
CA THR C 512 23.95 3.74 -34.36
C THR C 512 24.79 3.53 -35.59
N ALA C 513 26.01 3.99 -35.52
CA ALA C 513 27.01 3.71 -36.52
C ALA C 513 27.79 2.46 -36.19
N ARG C 514 28.07 1.67 -37.22
CA ARG C 514 28.66 0.36 -37.06
C ARG C 514 30.10 0.45 -37.55
N ILE C 515 31.03 -0.02 -36.75
CA ILE C 515 32.43 0.04 -37.10
C ILE C 515 32.99 -1.35 -37.04
N ILE C 516 33.54 -1.82 -38.13
CA ILE C 516 34.14 -3.14 -38.15
C ILE C 516 35.65 -3.04 -38.26
N PHE C 517 36.35 -3.77 -37.39
CA PHE C 517 37.79 -3.74 -37.26
C PHE C 517 38.39 -5.13 -37.13
N ASN C 518 39.44 -5.40 -37.89
CA ASN C 518 40.12 -6.67 -37.77
C ASN C 518 41.51 -6.51 -37.18
N GLY C 519 41.67 -5.56 -36.27
CA GLY C 519 42.99 -5.31 -35.77
C GLY C 519 43.59 -6.24 -34.75
N LYS C 520 42.81 -6.62 -33.74
CA LYS C 520 43.38 -7.30 -32.60
C LYS C 520 44.12 -8.54 -33.05
N ASP C 521 43.37 -9.52 -33.50
CA ASP C 521 43.94 -10.80 -33.91
C ASP C 521 43.40 -11.24 -35.27
N LEU C 522 43.11 -10.27 -36.14
CA LEU C 522 42.57 -10.55 -37.46
C LEU C 522 41.20 -11.23 -37.35
N ASN C 523 40.47 -10.92 -36.30
CA ASN C 523 39.11 -11.41 -36.15
C ASN C 523 38.17 -10.23 -36.10
N LEU C 524 36.98 -10.43 -36.64
CA LEU C 524 36.04 -9.33 -36.81
C LEU C 524 35.34 -8.96 -35.51
N VAL C 525 35.74 -7.84 -34.94
CA VAL C 525 35.12 -7.28 -33.75
C VAL C 525 34.21 -6.15 -34.13
N GLU C 526 32.97 -6.22 -33.68
CA GLU C 526 31.95 -5.25 -34.02
C GLU C 526 31.59 -4.39 -32.83
N ARG C 527 31.57 -3.08 -33.01
CA ARG C 527 31.17 -2.14 -31.97
C ARG C 527 30.19 -1.18 -32.59
N ARG C 528 29.33 -0.60 -31.79
CA ARG C 528 28.35 0.33 -32.30
C ARG C 528 28.42 1.68 -31.61
N ILE C 529 28.44 2.74 -32.41
CA ILE C 529 28.54 4.09 -31.88
C ILE C 529 27.32 4.92 -32.20
N ALA C 530 26.89 5.70 -31.22
CA ALA C 530 25.74 6.56 -31.33
C ALA C 530 26.05 7.79 -32.16
N ALA C 531 25.41 7.94 -33.31
CA ALA C 531 25.59 9.09 -34.17
C ALA C 531 24.27 9.81 -34.39
N VAL C 532 24.36 11.08 -34.81
CA VAL C 532 23.17 11.87 -35.01
C VAL C 532 22.47 11.43 -36.28
N ASN C 533 21.15 11.61 -36.33
CA ASN C 533 20.37 11.37 -37.54
C ASN C 533 19.59 12.63 -37.88
N PRO C 534 20.07 13.41 -38.81
CA PRO C 534 19.44 14.69 -39.17
C PRO C 534 17.94 14.71 -39.24
N SER C 535 17.36 13.63 -39.72
CA SER C 535 15.93 13.64 -39.96
C SER C 535 15.09 13.65 -38.70
N ASP C 536 15.66 13.39 -37.54
CA ASP C 536 14.85 13.17 -36.35
C ASP C 536 15.11 14.17 -35.24
N PRO C 537 14.13 14.96 -34.84
CA PRO C 537 14.35 15.96 -33.79
C PRO C 537 15.08 15.44 -32.58
N LEU C 538 14.48 14.50 -31.87
CA LEU C 538 15.13 13.95 -30.70
C LEU C 538 16.55 13.52 -30.97
N GLU C 539 16.82 13.06 -32.17
CA GLU C 539 18.13 12.52 -32.41
C GLU C 539 19.22 13.55 -32.60
N THR C 540 18.90 14.76 -33.00
CA THR C 540 19.98 15.73 -33.08
C THR C 540 20.58 16.02 -31.74
N THR C 541 19.93 15.59 -30.67
CA THR C 541 20.41 15.82 -29.33
C THR C 541 21.63 15.00 -29.00
N LYS C 542 21.96 14.26 -29.72
CA LYS C 542 23.09 13.60 -29.11
C LYS C 542 24.34 14.38 -29.41
N PRO C 543 25.30 14.37 -28.51
CA PRO C 543 26.53 15.11 -28.74
C PRO C 543 27.14 14.71 -30.06
N ASP C 544 27.62 15.71 -30.78
CA ASP C 544 28.33 15.43 -32.02
C ASP C 544 29.53 14.55 -31.75
N MET C 545 29.71 13.58 -32.61
CA MET C 545 30.75 12.59 -32.46
C MET C 545 31.64 12.66 -33.69
N THR C 546 32.91 12.98 -33.50
CA THR C 546 33.81 12.98 -34.62
C THR C 546 34.46 11.62 -34.73
N LEU C 547 34.67 11.19 -35.97
CA LEU C 547 35.22 9.87 -36.25
C LEU C 547 36.48 9.58 -35.46
N LYS C 548 37.43 10.49 -35.48
CA LYS C 548 38.70 10.23 -34.81
C LYS C 548 38.55 9.85 -33.36
N GLU C 549 37.74 10.58 -32.60
CA GLU C 549 37.62 10.26 -31.19
C GLU C 549 36.94 8.92 -31.00
N ALA C 550 35.98 8.61 -31.86
CA ALA C 550 35.32 7.32 -31.81
C ALA C 550 36.36 6.22 -31.80
N LEU C 551 37.27 6.28 -32.76
CA LEU C 551 38.33 5.28 -32.78
C LEU C 551 39.09 5.29 -31.47
N LYS C 552 39.22 6.47 -30.87
CA LYS C 552 39.98 6.56 -29.64
C LYS C 552 39.28 5.83 -28.51
N ILE C 553 37.96 6.00 -28.41
CA ILE C 553 37.22 5.47 -27.29
C ILE C 553 36.65 4.09 -27.52
N ALA C 554 36.57 3.65 -28.75
CA ALA C 554 35.94 2.38 -28.99
C ALA C 554 36.91 1.22 -28.98
N PHE C 555 38.15 1.44 -29.35
CA PHE C 555 39.09 0.35 -29.52
C PHE C 555 40.34 0.47 -28.69
N GLY C 556 40.77 1.69 -28.39
CA GLY C 556 41.97 1.88 -27.58
C GLY C 556 43.04 2.69 -28.26
N PHE C 557 42.77 3.21 -29.45
CA PHE C 557 43.70 4.08 -30.13
C PHE C 557 44.12 5.23 -29.24
N ASN C 558 45.35 5.69 -29.40
CA ASN C 558 45.85 6.80 -28.62
C ASN C 558 46.77 7.66 -29.47
N GLU C 559 47.30 8.71 -28.85
CA GLU C 559 48.13 9.72 -29.51
C GLU C 559 49.46 9.88 -28.79
N PRO C 560 50.40 8.98 -29.02
CA PRO C 560 51.74 9.20 -28.46
C PRO C 560 52.32 10.51 -28.92
N ASN C 561 52.28 10.77 -30.23
CA ASN C 561 52.77 12.01 -30.80
C ASN C 561 51.70 12.79 -31.53
N GLY C 562 50.45 12.70 -31.07
CA GLY C 562 49.38 13.36 -31.80
C GLY C 562 49.02 12.69 -33.10
N ASN C 563 49.60 11.53 -33.37
CA ASN C 563 49.31 10.75 -34.56
C ASN C 563 48.50 9.52 -34.15
N LEU C 564 47.33 9.35 -34.75
CA LEU C 564 46.48 8.24 -34.36
C LEU C 564 47.27 6.97 -34.59
N GLN C 565 47.33 6.11 -33.59
CA GLN C 565 48.11 4.91 -33.85
C GLN C 565 47.68 3.81 -32.90
N TYR C 566 47.85 2.58 -33.35
CA TYR C 566 47.59 1.39 -32.55
C TYR C 566 48.89 0.63 -32.36
N GLN C 567 49.46 0.68 -31.16
CA GLN C 567 50.72 0.00 -30.90
C GLN C 567 51.68 0.06 -32.07
N GLY C 568 52.14 1.25 -32.41
CA GLY C 568 53.12 1.32 -33.47
C GLY C 568 52.50 1.47 -34.82
N LYS C 569 51.47 0.69 -35.11
CA LYS C 569 50.89 0.71 -36.45
C LYS C 569 50.13 2.01 -36.66
N ASP C 570 50.66 2.84 -37.56
CA ASP C 570 50.05 4.08 -37.95
C ASP C 570 48.67 3.88 -38.57
N ILE C 571 47.84 4.90 -38.46
CA ILE C 571 46.53 4.84 -39.06
C ILE C 571 46.64 4.57 -40.56
N THR C 572 47.80 4.86 -41.13
CA THR C 572 47.95 4.74 -42.56
C THR C 572 48.01 3.29 -43.03
N GLU C 573 48.18 2.34 -42.13
CA GLU C 573 48.23 0.95 -42.55
C GLU C 573 46.86 0.31 -42.68
N PHE C 574 45.79 1.09 -42.80
CA PHE C 574 44.47 0.51 -42.89
C PHE C 574 43.69 1.02 -44.08
N ASP C 575 42.84 0.15 -44.60
CA ASP C 575 41.95 0.49 -45.69
C ASP C 575 40.66 1.04 -45.13
N PHE C 576 40.00 1.86 -45.92
CA PHE C 576 38.66 2.31 -45.61
C PHE C 576 37.71 1.87 -46.73
N ASN C 577 36.72 1.06 -46.38
CA ASN C 577 35.71 0.63 -47.32
C ASN C 577 34.34 1.02 -46.80
N PHE C 578 33.48 1.41 -47.70
CA PHE C 578 32.19 1.95 -47.34
C PHE C 578 31.08 1.31 -48.14
N ASP C 579 29.94 1.10 -47.48
CA ASP C 579 28.73 0.73 -48.18
C ASP C 579 28.27 1.88 -49.07
N GLN C 580 27.49 1.52 -50.10
CA GLN C 580 27.13 2.46 -51.14
C GLN C 580 26.49 3.72 -50.55
N GLN C 581 25.61 3.54 -49.59
CA GLN C 581 25.03 4.67 -48.86
C GLN C 581 26.12 5.51 -48.24
N THR C 582 26.90 4.89 -47.37
CA THR C 582 27.93 5.60 -46.66
C THR C 582 28.88 6.28 -47.62
N SER C 583 29.24 5.59 -48.69
CA SER C 583 30.11 6.19 -49.69
C SER C 583 29.55 7.49 -50.19
N GLN C 584 28.30 7.46 -50.63
CA GLN C 584 27.67 8.69 -51.08
C GLN C 584 27.75 9.76 -50.02
N ASN C 585 27.36 9.44 -48.79
CA ASN C 585 27.35 10.45 -47.75
C ASN C 585 28.72 11.07 -47.50
N ILE C 586 29.77 10.24 -47.45
CA ILE C 586 31.09 10.80 -47.15
C ILE C 586 31.70 11.59 -48.27
N LYS C 587 31.43 11.24 -49.52
CA LYS C 587 31.97 12.05 -50.60
C LYS C 587 31.47 13.49 -50.53
N ASN C 588 30.19 13.69 -50.22
CA ASN C 588 29.72 15.04 -50.02
C ASN C 588 30.51 15.74 -48.94
N GLN C 589 30.56 15.13 -47.74
CA GLN C 589 31.28 15.75 -46.64
C GLN C 589 32.71 16.08 -47.03
N LEU C 590 33.30 15.25 -47.88
CA LEU C 590 34.65 15.49 -48.35
C LEU C 590 34.73 16.63 -49.34
N ALA C 591 33.60 17.04 -49.91
CA ALA C 591 33.64 18.10 -50.90
C ALA C 591 33.71 19.48 -50.27
N GLU C 592 32.91 19.76 -49.24
CA GLU C 592 32.98 21.11 -48.68
C GLU C 592 34.29 21.38 -47.99
N LEU C 593 35.16 20.39 -47.85
CA LEU C 593 36.45 20.63 -47.23
C LEU C 593 37.61 20.68 -48.21
N ASN C 594 37.41 20.32 -49.48
CA ASN C 594 38.45 20.41 -50.49
C ASN C 594 39.68 19.59 -50.08
N ALA C 595 39.44 18.31 -49.82
CA ALA C 595 40.52 17.43 -49.47
C ALA C 595 40.36 16.14 -50.23
N THR C 596 41.47 15.45 -50.42
CA THR C 596 41.45 14.18 -51.13
C THR C 596 41.89 13.02 -50.27
N ASN C 597 42.74 13.25 -49.29
CA ASN C 597 43.20 12.20 -48.40
C ASN C 597 42.43 12.27 -47.10
N ILE C 598 41.59 11.27 -46.86
CA ILE C 598 40.79 11.30 -45.66
C ILE C 598 41.70 11.20 -44.48
N TYR C 599 42.91 10.69 -44.68
CA TYR C 599 43.80 10.49 -43.55
C TYR C 599 44.21 11.81 -42.97
N THR C 600 44.06 12.87 -43.74
CA THR C 600 44.41 14.19 -43.23
C THR C 600 43.20 14.74 -42.51
N VAL C 601 42.10 14.85 -43.22
CA VAL C 601 40.88 15.46 -42.73
C VAL C 601 40.14 14.48 -41.82
N LEU C 602 40.85 13.48 -41.32
CA LEU C 602 40.18 12.42 -40.56
C LEU C 602 39.34 12.98 -39.44
N ASP C 603 39.82 14.00 -38.76
CA ASP C 603 39.13 14.55 -37.61
C ASP C 603 37.99 15.47 -38.00
N LYS C 604 37.59 15.50 -39.26
CA LYS C 604 36.52 16.41 -39.63
C LYS C 604 35.34 15.73 -40.30
N ILE C 605 35.20 14.42 -40.15
CA ILE C 605 34.10 13.70 -40.79
C ILE C 605 33.03 13.45 -39.75
N LYS C 606 31.85 13.97 -40.00
CA LYS C 606 30.75 13.82 -39.09
C LYS C 606 30.11 12.49 -39.40
N LEU C 607 29.77 11.75 -38.36
CA LEU C 607 29.03 10.52 -38.52
C LEU C 607 27.54 10.72 -38.35
N ASN C 608 26.78 10.17 -39.27
CA ASN C 608 25.35 10.11 -39.23
C ASN C 608 24.92 8.69 -38.91
N ALA C 609 23.66 8.54 -38.53
CA ALA C 609 23.16 7.20 -38.25
C ALA C 609 23.22 6.34 -39.50
N LYS C 610 23.43 5.05 -39.28
CA LYS C 610 23.40 4.00 -40.29
C LYS C 610 24.61 3.87 -41.19
N MET C 611 25.68 4.60 -40.99
CA MET C 611 26.80 4.22 -41.84
C MET C 611 27.40 2.94 -41.35
N ASN C 612 27.94 2.20 -42.29
CA ASN C 612 28.59 0.94 -42.02
C ASN C 612 30.00 1.10 -42.53
N ILE C 613 30.96 0.88 -41.65
CA ILE C 613 32.35 1.11 -41.99
C ILE C 613 33.12 -0.14 -41.70
N LEU C 614 34.02 -0.49 -42.61
CA LEU C 614 34.81 -1.70 -42.47
C LEU C 614 36.28 -1.37 -42.50
N ILE C 615 36.97 -1.66 -41.41
CA ILE C 615 38.38 -1.36 -41.30
C ILE C 615 39.16 -2.66 -41.36
N ARG C 616 39.88 -2.86 -42.44
CA ARG C 616 40.65 -4.06 -42.69
C ARG C 616 42.12 -3.70 -42.89
N ASP C 617 42.98 -4.61 -42.50
CA ASP C 617 44.41 -4.40 -42.69
C ASP C 617 44.70 -4.23 -44.17
N LYS C 618 45.43 -3.16 -44.52
CA LYS C 618 45.65 -2.92 -45.93
C LYS C 618 46.67 -3.88 -46.52
N ARG C 619 47.38 -4.61 -45.69
CA ARG C 619 48.51 -5.38 -46.19
C ARG C 619 48.13 -6.76 -46.67
N PHE C 620 46.96 -7.26 -46.31
CA PHE C 620 46.61 -8.63 -46.62
C PHE C 620 45.58 -8.66 -47.74
N HIS C 621 45.62 -9.73 -48.53
CA HIS C 621 44.58 -9.94 -49.52
C HIS C 621 43.38 -10.60 -48.88
N TYR C 622 42.22 -10.32 -49.43
CA TYR C 622 40.98 -10.76 -48.83
C TYR C 622 40.10 -11.44 -49.87
N ASP C 623 39.22 -12.30 -49.39
CA ASP C 623 38.28 -13.00 -50.23
C ASP C 623 36.93 -12.28 -50.18
N ARG C 624 35.90 -12.90 -50.77
CA ARG C 624 34.58 -12.28 -50.84
C ARG C 624 33.92 -12.16 -49.49
N ASN C 625 34.23 -13.07 -48.56
CA ASN C 625 33.60 -13.09 -47.25
C ASN C 625 34.44 -12.38 -46.20
N ASN C 626 35.25 -11.43 -46.63
CA ASN C 626 36.07 -10.63 -45.75
C ASN C 626 36.84 -11.49 -44.76
N ILE C 627 37.33 -12.60 -45.21
CA ILE C 627 38.20 -13.39 -44.36
C ILE C 627 39.62 -13.17 -44.80
N ALA C 628 40.53 -13.20 -43.84
CA ALA C 628 41.94 -13.07 -44.19
C ALA C 628 42.36 -14.31 -44.97
N VAL C 629 42.91 -14.11 -46.16
CA VAL C 629 43.18 -15.27 -46.99
C VAL C 629 44.59 -15.27 -47.56
N GLY C 630 45.17 -14.10 -47.72
CA GLY C 630 46.51 -14.00 -48.28
C GLY C 630 47.17 -12.68 -47.97
N ALA C 631 48.21 -12.39 -48.76
CA ALA C 631 48.99 -11.18 -48.55
C ALA C 631 49.90 -11.00 -49.75
N ASP C 632 50.45 -9.80 -49.87
CA ASP C 632 51.45 -9.54 -50.89
C ASP C 632 52.76 -10.25 -50.57
N GLU C 633 53.35 -10.82 -51.61
CA GLU C 633 54.54 -11.65 -51.49
C GLU C 633 55.67 -10.97 -50.74
N SER C 634 55.84 -9.66 -50.96
CA SER C 634 56.97 -8.94 -50.36
C SER C 634 56.94 -9.07 -48.86
N VAL C 635 55.76 -9.02 -48.28
CA VAL C 635 55.60 -9.20 -46.85
C VAL C 635 56.06 -10.58 -46.44
N VAL C 636 55.77 -11.58 -47.27
CA VAL C 636 56.10 -12.95 -46.93
C VAL C 636 57.60 -13.13 -46.68
N LYS C 637 58.45 -12.58 -47.54
CA LYS C 637 59.89 -12.73 -47.30
C LYS C 637 60.32 -12.02 -46.01
N GLU C 638 59.87 -10.78 -45.82
CA GLU C 638 60.30 -10.07 -44.63
C GLU C 638 59.94 -10.82 -43.36
N ALA C 639 58.83 -11.54 -43.37
CA ALA C 639 58.42 -12.28 -42.18
C ALA C 639 59.37 -13.42 -41.85
N HIS C 640 60.31 -13.74 -42.72
CA HIS C 640 61.17 -14.89 -42.51
C HIS C 640 62.63 -14.52 -42.35
N ARG C 641 62.95 -13.25 -42.37
CA ARG C 641 64.34 -12.85 -42.36
C ARG C 641 65.06 -13.14 -41.03
N GLU C 642 64.44 -13.83 -40.09
CA GLU C 642 65.05 -14.14 -38.79
C GLU C 642 65.16 -15.65 -38.62
N VAL C 643 66.28 -16.24 -39.05
CA VAL C 643 66.47 -17.67 -38.96
C VAL C 643 67.12 -17.95 -37.60
N ILE C 644 66.30 -18.36 -36.63
CA ILE C 644 66.82 -18.63 -35.29
C ILE C 644 67.70 -19.87 -35.26
N ASN C 645 67.35 -20.90 -36.03
CA ASN C 645 68.14 -22.11 -36.05
C ASN C 645 67.79 -22.94 -37.29
N SER C 646 68.77 -23.70 -37.77
CA SER C 646 68.56 -24.58 -38.91
C SER C 646 69.40 -25.84 -38.76
N SER C 647 68.80 -26.99 -39.04
CA SER C 647 69.50 -28.27 -38.98
C SER C 647 68.90 -29.21 -40.02
N THR C 648 69.30 -30.48 -39.98
CA THR C 648 68.76 -31.49 -40.87
C THR C 648 67.50 -32.14 -40.34
N GLU C 649 67.02 -31.71 -39.17
CA GLU C 649 65.82 -32.26 -38.58
C GLU C 649 64.66 -31.29 -38.56
N GLY C 650 64.90 -30.02 -38.91
CA GLY C 650 63.82 -29.05 -38.93
C GLY C 650 64.23 -27.66 -38.49
N LEU C 651 63.28 -26.75 -38.59
CA LEU C 651 63.47 -25.36 -38.23
C LEU C 651 62.71 -25.07 -36.95
N LEU C 652 63.29 -24.21 -36.11
CA LEU C 652 62.63 -23.72 -34.92
C LEU C 652 62.56 -22.20 -35.11
N LEU C 653 61.51 -21.76 -35.77
CA LEU C 653 61.38 -20.35 -36.07
C LEU C 653 60.57 -19.64 -34.97
N ASN C 654 60.58 -18.31 -34.98
CA ASN C 654 59.75 -17.51 -34.07
C ASN C 654 59.07 -16.39 -34.83
N ILE C 655 57.86 -16.63 -35.31
CA ILE C 655 57.16 -15.68 -36.17
C ILE C 655 56.00 -15.03 -35.43
N ASP C 656 55.67 -13.81 -35.87
CA ASP C 656 54.54 -13.06 -35.37
C ASP C 656 53.23 -13.82 -35.54
N LYS C 657 52.54 -14.04 -34.42
CA LYS C 657 51.37 -14.90 -34.33
C LYS C 657 50.37 -14.70 -35.44
N ASP C 658 50.38 -13.54 -36.09
CA ASP C 658 49.33 -13.28 -37.07
C ASP C 658 49.62 -13.92 -38.42
N ILE C 659 50.89 -13.97 -38.83
CA ILE C 659 51.18 -14.48 -40.16
C ILE C 659 50.76 -15.93 -40.27
N ARG C 660 50.92 -16.70 -39.21
CA ARG C 660 50.67 -18.11 -39.37
C ARG C 660 49.18 -18.36 -39.44
N LYS C 661 48.42 -17.35 -39.83
CA LYS C 661 47.01 -17.52 -40.06
C LYS C 661 46.67 -17.34 -41.52
N ILE C 662 47.67 -17.08 -42.36
CA ILE C 662 47.53 -17.01 -43.79
C ILE C 662 48.49 -17.95 -44.51
N LEU C 663 49.04 -18.93 -43.80
CA LEU C 663 49.95 -19.88 -44.42
C LEU C 663 49.36 -21.27 -44.32
N SER C 664 49.08 -21.88 -45.46
CA SER C 664 48.48 -23.20 -45.47
C SER C 664 49.50 -24.33 -45.27
N GLY C 665 50.72 -24.17 -45.77
CA GLY C 665 51.70 -25.23 -45.63
C GLY C 665 52.98 -24.91 -46.40
N TYR C 666 53.89 -25.88 -46.42
CA TYR C 666 55.19 -25.69 -47.04
C TYR C 666 55.55 -26.80 -48.01
N ILE C 667 56.21 -26.42 -49.10
CA ILE C 667 56.77 -27.36 -50.07
C ILE C 667 58.27 -27.41 -49.88
N VAL C 668 58.79 -28.59 -49.60
CA VAL C 668 60.22 -28.82 -49.43
C VAL C 668 60.78 -29.46 -50.70
N GLU C 669 61.94 -28.99 -51.14
CA GLU C 669 62.56 -29.54 -52.34
C GLU C 669 64.07 -29.49 -52.20
N ILE C 670 64.74 -30.36 -52.94
CA ILE C 670 66.19 -30.45 -52.96
C ILE C 670 66.66 -30.23 -54.39
N GLU C 671 67.79 -29.56 -54.54
CA GLU C 671 68.25 -29.11 -55.84
C GLU C 671 69.63 -29.71 -56.10
N ASP C 672 69.73 -30.53 -57.15
CA ASP C 672 71.01 -31.05 -57.59
C ASP C 672 71.94 -29.93 -58.01
N THR C 673 73.24 -30.15 -57.82
CA THR C 673 74.26 -29.19 -58.21
C THR C 673 74.14 -28.77 -59.68
N GLU C 674 73.32 -29.48 -60.45
CA GLU C 674 73.14 -29.17 -61.86
C GLU C 674 71.70 -28.77 -62.17
N GLY C 675 70.95 -28.33 -61.18
CA GLY C 675 69.65 -27.74 -61.40
C GLY C 675 68.46 -28.66 -61.29
N LEU C 676 68.64 -29.89 -60.82
CA LEU C 676 67.47 -30.75 -60.62
C LEU C 676 66.66 -30.28 -59.41
N LYS C 677 65.50 -30.92 -59.23
CA LYS C 677 64.53 -30.49 -58.22
C LYS C 677 63.80 -31.73 -57.73
N GLU C 678 63.94 -32.05 -56.45
CA GLU C 678 63.27 -33.20 -55.84
C GLU C 678 62.38 -32.75 -54.70
N VAL C 679 61.05 -32.85 -54.90
CA VAL C 679 60.08 -32.45 -53.90
C VAL C 679 59.72 -33.68 -53.08
N ILE C 680 59.95 -33.61 -51.76
CA ILE C 680 59.74 -34.76 -50.90
C ILE C 680 58.27 -35.17 -50.83
N ASN C 681 57.43 -34.29 -50.28
CA ASN C 681 55.99 -34.57 -50.13
C ASN C 681 55.21 -34.13 -51.36
N ASP C 682 55.35 -34.92 -52.42
CA ASP C 682 54.83 -34.54 -53.72
C ASP C 682 53.39 -35.02 -53.92
N ARG C 683 52.52 -34.70 -52.95
CA ARG C 683 51.11 -34.99 -53.06
C ARG C 683 50.31 -33.82 -52.52
N TYR C 684 49.23 -33.49 -53.22
CA TYR C 684 48.42 -32.34 -52.86
C TYR C 684 47.96 -32.39 -51.41
N ASP C 685 47.62 -33.58 -50.92
CA ASP C 685 47.07 -33.74 -49.59
C ASP C 685 48.09 -34.21 -48.56
N MET C 686 49.35 -33.81 -48.69
CA MET C 686 50.40 -34.24 -47.76
C MET C 686 51.24 -33.06 -47.30
N LEU C 687 50.57 -32.01 -46.82
CA LEU C 687 51.24 -30.78 -46.44
C LEU C 687 51.31 -30.49 -44.95
N ASN C 688 50.41 -31.03 -44.14
CA ASN C 688 50.43 -30.69 -42.72
C ASN C 688 51.64 -31.25 -41.99
N ILE C 689 52.81 -30.66 -42.21
CA ILE C 689 54.06 -31.10 -41.61
C ILE C 689 54.63 -30.11 -40.60
N SER C 690 53.95 -29.00 -40.36
CA SER C 690 54.47 -27.92 -39.52
C SER C 690 53.84 -27.88 -38.13
N SER C 691 54.63 -28.22 -37.11
CA SER C 691 54.17 -28.12 -35.74
C SER C 691 54.66 -26.82 -35.10
N LEU C 692 54.19 -26.60 -33.87
CA LEU C 692 54.52 -25.43 -33.05
C LEU C 692 55.02 -25.90 -31.71
N ARG C 693 56.19 -25.42 -31.29
CA ARG C 693 56.67 -25.87 -29.99
C ARG C 693 55.95 -25.11 -28.88
N GLN C 694 56.05 -25.65 -27.67
CA GLN C 694 55.35 -25.12 -26.49
C GLN C 694 55.84 -23.75 -26.07
N ASP C 695 56.95 -23.29 -26.64
CA ASP C 695 57.47 -21.94 -26.44
C ASP C 695 57.17 -21.05 -27.62
N GLY C 696 56.14 -21.39 -28.39
CA GLY C 696 55.73 -20.53 -29.48
C GLY C 696 56.68 -20.59 -30.65
N LYS C 697 57.62 -21.54 -30.61
CA LYS C 697 58.56 -21.75 -31.69
C LYS C 697 57.98 -22.77 -32.65
N THR C 698 57.86 -22.38 -33.92
CA THR C 698 57.33 -23.28 -34.92
C THR C 698 58.37 -24.36 -35.22
N PHE C 699 57.91 -25.61 -35.32
CA PHE C 699 58.79 -26.72 -35.61
C PHE C 699 58.25 -27.50 -36.79
N ILE C 700 59.08 -27.63 -37.82
CA ILE C 700 58.77 -28.41 -39.01
C ILE C 700 59.40 -29.78 -38.87
N ASP C 701 58.59 -30.82 -39.01
CA ASP C 701 59.05 -32.19 -38.85
C ASP C 701 59.12 -32.80 -40.24
N PHE C 702 60.30 -33.29 -40.62
CA PHE C 702 60.45 -33.93 -41.91
C PHE C 702 59.96 -35.36 -41.91
N LYS C 703 60.22 -36.09 -40.82
CA LYS C 703 59.86 -37.49 -40.77
C LYS C 703 58.36 -37.71 -40.79
N LYS C 704 57.55 -36.65 -40.68
CA LYS C 704 56.12 -36.82 -40.62
C LYS C 704 55.65 -37.42 -41.93
N TYR C 705 55.71 -36.66 -43.02
CA TYR C 705 55.31 -37.21 -44.30
C TYR C 705 56.51 -37.73 -45.08
N ASN C 706 57.59 -38.07 -44.39
CA ASN C 706 58.68 -38.84 -44.95
C ASN C 706 58.46 -40.31 -44.63
N ASP C 707 59.54 -41.08 -44.63
CA ASP C 707 59.50 -42.49 -44.22
C ASP C 707 60.08 -42.64 -42.82
N LYS C 708 59.71 -41.74 -41.91
CA LYS C 708 60.29 -41.66 -40.58
C LYS C 708 61.81 -41.73 -40.63
N LEU C 709 62.40 -41.16 -41.69
CA LEU C 709 63.84 -41.16 -41.82
C LEU C 709 64.37 -39.74 -41.96
N PRO C 710 65.58 -39.48 -41.46
CA PRO C 710 66.21 -38.17 -41.63
C PRO C 710 66.39 -37.76 -43.08
N LEU C 711 66.92 -36.56 -43.25
CA LEU C 711 67.06 -35.95 -44.56
C LEU C 711 68.43 -36.25 -45.14
N TYR C 712 68.47 -36.83 -46.32
CA TYR C 712 69.71 -37.19 -46.98
C TYR C 712 70.05 -36.08 -47.97
N ILE C 713 71.34 -35.87 -48.22
CA ILE C 713 71.77 -34.81 -49.12
C ILE C 713 72.87 -35.30 -50.05
N SER C 714 72.59 -35.24 -51.34
CA SER C 714 73.49 -35.72 -52.38
C SER C 714 74.68 -34.82 -52.61
N ASN C 715 74.80 -33.71 -51.90
CA ASN C 715 75.89 -32.81 -52.19
C ASN C 715 75.98 -31.73 -51.13
N PRO C 716 77.11 -31.62 -50.40
CA PRO C 716 77.23 -30.55 -49.41
C PRO C 716 77.18 -29.18 -50.07
N ASN C 717 77.14 -29.15 -51.40
CA ASN C 717 76.99 -27.94 -52.18
C ASN C 717 75.59 -27.82 -52.78
N TYR C 718 74.73 -28.80 -52.54
CA TYR C 718 73.37 -28.78 -53.07
C TYR C 718 72.50 -27.87 -52.23
N LYS C 719 71.76 -26.99 -52.89
CA LYS C 719 70.88 -26.07 -52.17
C LYS C 719 69.60 -26.79 -51.76
N VAL C 720 69.10 -26.42 -50.58
CA VAL C 720 67.86 -26.95 -50.04
C VAL C 720 66.84 -25.82 -50.07
N ASN C 721 65.79 -26.00 -50.85
CA ASN C 721 64.79 -24.97 -51.02
C ASN C 721 63.52 -25.31 -50.23
N VAL C 722 62.96 -24.30 -49.58
CA VAL C 722 61.72 -24.41 -48.83
C VAL C 722 60.78 -23.35 -49.35
N TYR C 723 59.56 -23.76 -49.67
CA TYR C 723 58.50 -22.88 -50.15
C TYR C 723 57.34 -22.86 -49.16
N ALA C 724 56.63 -21.72 -49.05
CA ALA C 724 55.44 -21.64 -48.20
C ALA C 724 54.19 -21.44 -49.07
N VAL C 725 53.07 -22.05 -48.70
CA VAL C 725 51.85 -21.90 -49.51
C VAL C 725 50.68 -21.33 -48.71
N THR C 726 50.27 -20.14 -49.08
CA THR C 726 49.10 -19.51 -48.50
C THR C 726 47.82 -20.20 -48.96
N LYS C 727 46.79 -20.13 -48.12
CA LYS C 727 45.50 -20.76 -48.41
C LYS C 727 44.98 -20.42 -49.80
N GLU C 728 44.94 -19.14 -50.16
CA GLU C 728 44.33 -18.73 -51.42
C GLU C 728 44.92 -19.49 -52.59
N ASN C 729 46.18 -19.86 -52.52
CA ASN C 729 46.86 -20.50 -53.63
C ASN C 729 46.82 -22.02 -53.53
N THR C 730 45.98 -22.55 -52.66
CA THR C 730 45.90 -23.99 -52.46
C THR C 730 44.85 -24.65 -53.34
N ILE C 731 45.01 -25.95 -53.52
CA ILE C 731 44.06 -26.80 -54.22
C ILE C 731 43.32 -27.61 -53.17
N ILE C 732 42.05 -27.86 -53.41
CA ILE C 732 41.22 -28.56 -52.44
C ILE C 732 40.72 -29.92 -52.95
N ASN C 733 40.90 -30.22 -54.23
CA ASN C 733 40.50 -31.50 -54.80
C ASN C 733 41.49 -31.88 -55.88
N PRO C 734 41.61 -33.16 -56.18
CA PRO C 734 42.43 -33.57 -57.31
C PRO C 734 41.91 -32.91 -58.59
N SER C 735 42.83 -32.71 -59.53
CA SER C 735 42.53 -31.96 -60.74
C SER C 735 41.66 -32.77 -61.69
N GLU C 736 41.61 -32.34 -62.95
CA GLU C 736 40.84 -33.05 -63.95
C GLU C 736 41.29 -34.51 -63.99
N ASN C 737 42.56 -34.73 -64.32
CA ASN C 737 43.11 -36.07 -64.31
C ASN C 737 43.62 -36.46 -62.92
N GLY C 738 43.02 -35.91 -61.88
CA GLY C 738 43.40 -36.25 -60.51
C GLY C 738 44.85 -36.00 -60.18
N ASP C 739 45.42 -34.92 -60.67
CA ASP C 739 46.80 -34.59 -60.36
C ASP C 739 47.01 -34.23 -58.90
N THR C 740 48.10 -34.79 -58.34
CA THR C 740 48.51 -34.56 -56.96
C THR C 740 49.81 -33.78 -56.92
N SER C 741 50.45 -33.58 -58.07
CA SER C 741 51.69 -32.84 -58.17
C SER C 741 51.44 -31.37 -57.92
N THR C 742 52.45 -30.68 -57.43
CA THR C 742 52.33 -29.25 -57.14
C THR C 742 52.56 -28.38 -58.35
N ASN C 743 52.28 -28.92 -59.55
CA ASN C 743 52.61 -28.22 -60.78
C ASN C 743 51.84 -26.91 -60.90
N GLY C 744 50.52 -26.99 -61.00
CA GLY C 744 49.74 -25.80 -61.27
C GLY C 744 49.47 -24.89 -60.08
N ILE C 745 50.35 -24.92 -59.11
CA ILE C 745 50.26 -24.07 -57.92
C ILE C 745 51.28 -22.95 -58.06
N LYS C 746 50.82 -21.71 -57.89
CA LYS C 746 51.73 -20.58 -57.93
C LYS C 746 52.57 -20.64 -56.67
N LYS C 747 53.86 -20.89 -56.85
CA LYS C 747 54.74 -21.15 -55.74
C LYS C 747 55.78 -20.06 -55.52
N ILE C 748 55.97 -19.69 -54.26
CA ILE C 748 56.96 -18.70 -53.84
C ILE C 748 58.14 -19.35 -53.11
N LEU C 749 59.35 -19.05 -53.58
CA LEU C 749 60.56 -19.54 -52.93
C LEU C 749 60.72 -18.92 -51.54
N ILE C 750 61.01 -19.74 -50.53
CA ILE C 750 61.06 -19.22 -49.17
C ILE C 750 62.39 -19.49 -48.48
N PHE C 751 63.22 -20.40 -48.98
CA PHE C 751 64.47 -20.69 -48.30
C PHE C 751 65.38 -21.42 -49.27
N SER C 752 66.70 -21.21 -49.12
CA SER C 752 67.68 -21.81 -50.03
C SER C 752 69.09 -21.78 -49.45
N LYS C 753 69.46 -22.78 -48.67
CA LYS C 753 70.80 -22.88 -48.13
C LYS C 753 71.48 -24.13 -48.66
N LYS C 754 72.75 -23.97 -49.08
CA LYS C 754 73.55 -25.07 -49.59
C LYS C 754 73.67 -26.20 -48.55
N GLY C 755 74.20 -27.33 -49.03
CA GLY C 755 74.30 -28.52 -48.18
C GLY C 755 75.20 -28.32 -46.98
N TYR C 756 76.22 -27.48 -47.09
CA TYR C 756 77.14 -27.28 -45.99
C TYR C 756 76.70 -26.17 -45.06
N GLU C 757 75.74 -25.36 -45.47
CA GLU C 757 75.23 -24.28 -44.64
C GLU C 757 74.17 -24.78 -43.66
N ILE C 758 73.84 -26.06 -43.71
CA ILE C 758 72.83 -26.64 -42.85
C ILE C 758 73.27 -26.55 -41.39
N THR D 198 22.16 15.37 10.06
CA THR D 198 21.68 14.17 10.73
C THR D 198 22.52 12.98 10.34
N VAL D 199 23.70 13.28 9.82
CA VAL D 199 24.78 12.40 9.36
C VAL D 199 24.44 11.84 7.98
N PRO D 200 25.25 12.12 6.99
CA PRO D 200 25.01 11.60 5.64
C PRO D 200 25.27 10.11 5.59
N ASP D 201 24.64 9.46 4.62
CA ASP D 201 24.76 8.03 4.42
C ASP D 201 24.36 7.54 3.03
N ARG D 202 25.25 7.64 2.06
CA ARG D 202 24.83 7.42 0.69
C ARG D 202 24.45 5.97 0.46
N ASP D 203 25.27 5.03 0.90
CA ASP D 203 24.91 3.65 0.59
C ASP D 203 23.66 3.19 1.32
N ASN D 204 23.16 3.95 2.30
CA ASN D 204 21.90 3.61 2.93
C ASN D 204 21.99 2.25 3.60
N ASP D 205 23.11 2.02 4.27
CA ASP D 205 23.38 0.72 4.85
C ASP D 205 23.50 0.80 6.35
N GLY D 206 22.90 1.79 6.95
CA GLY D 206 22.90 1.80 8.39
C GLY D 206 24.14 2.48 8.93
N ILE D 207 25.30 2.07 8.43
CA ILE D 207 26.53 2.69 8.88
C ILE D 207 26.72 4.02 8.21
N PRO D 208 27.09 5.06 8.95
CA PRO D 208 27.34 6.35 8.34
C PRO D 208 28.62 6.29 7.55
N ASP D 209 28.75 7.26 6.66
CA ASP D 209 29.86 7.28 5.72
C ASP D 209 31.21 7.24 6.41
N SER D 210 31.48 8.25 7.21
CA SER D 210 32.82 8.39 7.78
C SER D 210 33.25 7.12 8.45
N LEU D 211 32.35 6.53 9.21
CA LEU D 211 32.70 5.28 9.86
C LEU D 211 33.17 4.27 8.85
N GLU D 212 32.45 4.10 7.75
CA GLU D 212 32.82 3.04 6.83
C GLU D 212 34.22 3.26 6.30
N VAL D 213 34.58 4.49 5.98
CA VAL D 213 35.88 4.69 5.39
C VAL D 213 36.99 4.51 6.40
N GLU D 214 36.78 4.97 7.62
CA GLU D 214 37.91 5.09 8.50
C GLU D 214 38.15 3.88 9.36
N GLY D 215 37.12 3.15 9.72
CA GLY D 215 37.31 1.99 10.55
C GLY D 215 36.30 2.02 11.67
N TYR D 216 35.63 0.92 11.91
CA TYR D 216 34.65 0.90 12.96
C TYR D 216 34.64 -0.46 13.60
N THR D 217 33.83 -0.61 14.64
CA THR D 217 33.63 -1.89 15.26
C THR D 217 32.43 -1.81 16.14
N VAL D 218 31.66 -2.86 16.17
CA VAL D 218 30.54 -2.97 17.07
C VAL D 218 30.97 -3.70 18.33
N ASP D 219 30.56 -3.18 19.46
CA ASP D 219 30.92 -3.76 20.73
C ASP D 219 29.75 -3.64 21.68
N VAL D 220 29.40 -4.76 22.27
CA VAL D 220 28.24 -4.84 23.15
C VAL D 220 28.53 -4.24 24.52
N LYS D 221 27.72 -3.26 24.89
CA LYS D 221 27.71 -2.66 26.21
C LYS D 221 26.61 -3.39 26.97
N ASN D 222 26.87 -3.64 28.25
CA ASN D 222 26.33 -4.76 29.00
C ASN D 222 25.37 -5.57 28.16
N LYS D 223 24.13 -5.17 27.98
CA LYS D 223 23.26 -5.97 27.14
C LYS D 223 22.85 -5.34 25.82
N ARG D 224 23.32 -4.16 25.49
CA ARG D 224 22.87 -3.46 24.29
C ARG D 224 24.01 -3.29 23.30
N THR D 225 23.74 -3.56 22.04
CA THR D 225 24.71 -3.41 20.96
C THR D 225 24.56 -2.08 20.25
N PHE D 226 25.67 -1.36 20.11
CA PHE D 226 25.68 -0.08 19.42
C PHE D 226 26.91 -0.10 18.55
N LEU D 227 26.91 0.69 17.49
CA LEU D 227 28.07 0.76 16.62
C LEU D 227 28.98 1.93 16.98
N SER D 228 30.29 1.69 17.03
CA SER D 228 31.27 2.70 17.45
C SER D 228 32.51 2.78 16.58
N PRO D 229 33.10 3.96 16.49
CA PRO D 229 34.39 4.09 15.80
C PRO D 229 35.50 3.38 16.53
N TRP D 230 36.36 2.74 15.75
CA TRP D 230 37.46 1.94 16.30
C TRP D 230 38.35 2.81 17.13
N ILE D 231 38.46 2.50 18.40
CA ILE D 231 39.42 3.15 19.28
C ILE D 231 40.56 2.19 19.58
N SER D 232 41.79 2.66 19.32
CA SER D 232 42.94 1.77 19.36
C SER D 232 43.18 1.16 20.73
N ASN D 233 43.04 1.95 21.77
CA ASN D 233 43.49 1.46 23.06
C ASN D 233 42.41 0.68 23.79
N ILE D 234 41.15 1.02 23.60
CA ILE D 234 40.12 0.43 24.42
C ILE D 234 39.54 -0.82 23.80
N HIS D 235 39.72 -1.01 22.52
CA HIS D 235 39.20 -2.17 21.85
C HIS D 235 40.24 -3.26 21.71
N GLU D 236 41.50 -2.88 21.66
CA GLU D 236 42.53 -3.88 21.40
C GLU D 236 42.62 -4.85 22.56
N LYS D 237 42.54 -4.38 23.79
CA LYS D 237 42.65 -5.34 24.87
C LYS D 237 41.45 -6.27 24.86
N LYS D 238 40.35 -5.87 24.24
CA LYS D 238 39.16 -6.71 24.28
C LYS D 238 39.10 -7.68 23.12
N GLY D 239 40.10 -7.68 22.23
CA GLY D 239 40.15 -8.59 21.11
C GLY D 239 39.14 -8.42 19.98
N LEU D 240 38.82 -7.20 19.63
CA LEU D 240 37.91 -6.94 18.52
C LEU D 240 38.69 -6.60 17.26
N THR D 241 38.14 -7.00 16.13
CA THR D 241 38.78 -6.79 14.84
C THR D 241 38.40 -5.45 14.25
N LYS D 242 39.38 -4.81 13.63
CA LYS D 242 39.24 -3.52 12.99
C LYS D 242 38.66 -3.66 11.58
N TYR D 243 37.41 -3.22 11.40
CA TYR D 243 36.72 -3.32 10.13
C TYR D 243 36.91 -2.10 9.24
N LYS D 244 36.84 -2.34 7.93
CA LYS D 244 36.82 -1.30 6.92
C LYS D 244 35.81 -1.68 5.88
N SER D 245 35.32 -0.73 5.10
CA SER D 245 34.35 -1.14 4.10
C SER D 245 34.16 -0.01 3.11
N SER D 246 33.25 -0.24 2.20
CA SER D 246 32.96 0.73 1.17
C SER D 246 31.71 1.48 1.47
N PRO D 247 31.78 2.80 1.49
CA PRO D 247 30.59 3.62 1.67
C PRO D 247 29.66 3.56 0.51
N GLU D 248 29.98 2.85 -0.56
CA GLU D 248 29.08 2.87 -1.71
C GLU D 248 28.69 1.49 -2.20
N LYS D 249 28.70 0.52 -1.32
CA LYS D 249 28.35 -0.84 -1.69
C LYS D 249 27.43 -1.32 -0.61
N TRP D 250 26.26 -1.77 -1.00
CA TRP D 250 25.41 -2.28 0.05
C TRP D 250 26.04 -3.52 0.62
N SER D 251 26.91 -4.16 -0.15
CA SER D 251 27.70 -5.30 0.31
C SER D 251 29.06 -5.25 -0.36
N THR D 252 30.06 -4.72 0.31
CA THR D 252 31.35 -4.55 -0.35
C THR D 252 31.76 -5.78 -1.11
N ALA D 253 31.55 -6.94 -0.53
CA ALA D 253 31.92 -8.17 -1.23
C ALA D 253 31.07 -8.40 -2.45
N SER D 254 29.86 -7.89 -2.46
CA SER D 254 28.84 -8.07 -3.48
C SER D 254 28.00 -9.31 -3.25
N ASP D 255 28.18 -10.05 -2.19
CA ASP D 255 27.30 -11.17 -1.98
C ASP D 255 26.02 -10.65 -1.36
N PRO D 256 25.02 -11.44 -1.26
CA PRO D 256 23.72 -10.92 -0.89
C PRO D 256 23.58 -10.55 0.55
N TYR D 257 24.65 -10.26 1.23
CA TYR D 257 24.45 -9.83 2.59
C TYR D 257 25.08 -8.48 2.80
N SER D 258 24.31 -7.56 3.37
CA SER D 258 24.79 -6.19 3.51
C SER D 258 25.96 -6.07 4.47
N ASP D 259 26.76 -5.05 4.19
CA ASP D 259 27.89 -4.73 5.05
C ASP D 259 27.48 -4.68 6.51
N PHE D 260 26.33 -4.10 6.80
CA PHE D 260 25.92 -3.94 8.19
C PHE D 260 25.57 -5.23 8.83
N GLU D 261 24.74 -5.99 8.17
CA GLU D 261 24.31 -7.27 8.69
C GLU D 261 25.48 -8.20 8.97
N LYS D 262 26.46 -8.27 8.07
CA LYS D 262 27.53 -9.24 8.28
C LYS D 262 28.17 -9.09 9.65
N VAL D 263 28.66 -7.91 9.99
CA VAL D 263 29.39 -7.91 11.24
C VAL D 263 28.48 -8.01 12.43
N THR D 264 27.25 -7.64 12.31
CA THR D 264 26.41 -7.67 13.50
C THR D 264 25.81 -9.03 13.78
N GLY D 265 25.82 -9.94 12.82
CA GLY D 265 25.23 -11.25 13.01
C GLY D 265 23.78 -11.41 12.61
N ARG D 266 23.07 -10.35 12.25
CA ARG D 266 21.72 -10.60 11.79
C ARG D 266 21.85 -11.24 10.44
N ILE D 267 21.97 -12.56 10.43
CA ILE D 267 22.32 -13.27 9.22
C ILE D 267 22.11 -14.75 9.44
N ASP D 268 21.99 -15.49 8.35
CA ASP D 268 21.97 -16.92 8.53
C ASP D 268 23.12 -17.37 9.37
N LYS D 269 22.77 -17.89 10.52
CA LYS D 269 23.73 -18.24 11.53
C LYS D 269 24.65 -19.32 11.03
N ASN D 270 24.50 -19.71 9.78
CA ASN D 270 25.33 -20.78 9.29
C ASN D 270 26.58 -20.36 8.55
N VAL D 271 26.67 -19.14 8.06
CA VAL D 271 27.90 -18.75 7.39
C VAL D 271 29.06 -18.92 8.34
N SER D 272 30.10 -19.58 7.87
CA SER D 272 31.22 -19.91 8.73
C SER D 272 31.75 -18.63 9.37
N PRO D 273 32.34 -18.73 10.55
CA PRO D 273 32.81 -17.52 11.24
C PRO D 273 33.74 -16.63 10.44
N GLU D 274 34.79 -17.18 9.85
CA GLU D 274 35.74 -16.34 9.15
C GLU D 274 35.11 -15.54 8.04
N ALA D 275 33.97 -15.93 7.54
CA ALA D 275 33.37 -15.09 6.52
C ALA D 275 32.48 -14.00 7.06
N ARG D 276 32.32 -13.83 8.36
CA ARG D 276 31.53 -12.69 8.75
C ARG D 276 32.23 -11.38 8.49
N HIS D 277 33.48 -11.40 8.22
CA HIS D 277 34.17 -10.15 8.01
C HIS D 277 33.87 -9.57 6.63
N PRO D 278 33.59 -8.28 6.57
CA PRO D 278 33.03 -7.68 5.37
C PRO D 278 33.85 -7.81 4.16
N LEU D 279 35.10 -8.21 4.25
CA LEU D 279 35.91 -8.24 3.06
C LEU D 279 36.10 -9.64 2.55
N VAL D 280 35.26 -10.54 3.02
CA VAL D 280 35.35 -11.93 2.64
C VAL D 280 34.08 -12.39 2.00
N ALA D 281 34.17 -12.73 0.73
CA ALA D 281 33.01 -13.17 0.00
C ALA D 281 32.44 -14.44 0.59
N ALA D 282 31.15 -14.49 0.73
CA ALA D 282 30.48 -15.67 1.25
C ALA D 282 29.75 -16.37 0.12
N TYR D 283 30.20 -17.55 -0.29
CA TYR D 283 29.46 -18.22 -1.35
C TYR D 283 29.70 -19.72 -1.26
N PRO D 284 28.85 -20.52 -1.87
CA PRO D 284 28.97 -21.97 -1.78
C PRO D 284 29.89 -22.61 -2.78
N ILE D 285 30.44 -23.75 -2.39
CA ILE D 285 31.29 -24.55 -3.27
C ILE D 285 31.06 -26.05 -3.12
N VAL D 286 30.29 -26.66 -4.00
CA VAL D 286 29.90 -28.05 -3.85
C VAL D 286 30.71 -28.95 -4.75
N HIS D 287 31.31 -29.99 -4.20
CA HIS D 287 31.93 -31.01 -5.03
C HIS D 287 31.47 -32.38 -4.55
N VAL D 288 31.69 -33.39 -5.39
CA VAL D 288 31.19 -34.75 -5.17
C VAL D 288 32.30 -35.71 -4.74
N ASP D 289 31.99 -36.53 -3.73
CA ASP D 289 32.89 -37.54 -3.19
C ASP D 289 32.34 -38.94 -3.37
N MET D 290 33.13 -39.79 -4.02
CA MET D 290 32.78 -41.17 -4.29
C MET D 290 33.47 -42.06 -3.27
N GLU D 291 32.68 -42.80 -2.50
CA GLU D 291 33.21 -43.63 -1.44
C GLU D 291 33.55 -45.04 -1.88
N ASN D 292 32.73 -45.64 -2.74
CA ASN D 292 33.03 -47.01 -3.15
C ASN D 292 32.25 -47.36 -4.41
N ILE D 293 32.81 -48.27 -5.19
CA ILE D 293 32.17 -48.66 -6.43
C ILE D 293 31.91 -50.16 -6.40
N ILE D 294 31.23 -50.68 -7.42
CA ILE D 294 31.00 -52.11 -7.61
C ILE D 294 30.84 -52.35 -9.10
N LEU D 295 31.31 -53.50 -9.57
CA LEU D 295 31.30 -53.77 -11.00
C LEU D 295 30.82 -55.19 -11.26
N SER D 296 30.30 -55.39 -12.47
CA SER D 296 29.77 -56.66 -12.97
C SER D 296 29.55 -56.49 -14.47
N LYS D 297 28.93 -57.48 -15.11
CA LYS D 297 28.64 -57.41 -16.53
C LYS D 297 27.14 -57.39 -16.78
N ASN D 298 26.69 -56.45 -17.62
CA ASN D 298 25.28 -56.24 -17.95
C ASN D 298 24.47 -57.52 -18.14
N ARG D 311 31.89 -62.78 -9.09
CA ARG D 311 32.43 -62.15 -10.30
C ARG D 311 32.00 -60.68 -10.37
N THR D 312 31.87 -60.04 -9.21
CA THR D 312 31.53 -58.62 -9.12
C THR D 312 32.65 -57.86 -8.44
N ILE D 313 33.27 -56.94 -9.18
CA ILE D 313 34.40 -56.18 -8.65
C ILE D 313 33.88 -55.05 -7.76
N SER D 314 33.99 -55.21 -6.45
CA SER D 314 33.54 -54.23 -5.46
C SER D 314 34.80 -53.71 -4.76
N LYS D 315 35.26 -52.53 -5.13
CA LYS D 315 36.46 -52.01 -4.50
C LYS D 315 36.14 -50.67 -3.84
N ASN D 316 36.80 -50.38 -2.73
CA ASN D 316 36.64 -49.10 -2.06
C ASN D 316 37.48 -48.03 -2.74
N THR D 317 36.90 -46.84 -2.86
CA THR D 317 37.50 -45.70 -3.53
C THR D 317 37.77 -44.51 -2.62
N SER D 318 38.70 -43.67 -3.08
CA SER D 318 39.04 -42.41 -2.45
C SER D 318 38.98 -41.35 -3.54
N THR D 319 38.34 -40.23 -3.24
CA THR D 319 38.15 -39.16 -4.20
C THR D 319 38.75 -37.85 -3.76
N SER D 320 39.18 -37.09 -4.74
CA SER D 320 39.69 -35.77 -4.46
C SER D 320 39.18 -34.73 -5.44
N ARG D 321 38.83 -33.62 -4.83
CA ARG D 321 38.44 -32.41 -5.50
C ARG D 321 39.65 -31.92 -6.29
N THR D 322 39.45 -31.58 -7.55
CA THR D 322 40.65 -31.28 -8.31
C THR D 322 40.76 -29.80 -8.64
N HIS D 323 41.95 -29.46 -9.12
CA HIS D 323 42.28 -28.14 -9.63
C HIS D 323 43.46 -28.25 -10.55
N THR D 324 43.35 -27.75 -11.77
CA THR D 324 44.52 -27.82 -12.62
C THR D 324 44.94 -26.41 -12.95
N SER D 325 45.94 -26.29 -13.80
CA SER D 325 46.46 -25.00 -14.17
C SER D 325 45.50 -24.37 -15.16
N GLY D 347 46.22 -21.84 -16.56
CA GLY D 347 44.94 -21.42 -17.10
C GLY D 347 43.75 -22.10 -16.44
N PHE D 348 43.59 -21.89 -15.14
CA PHE D 348 42.53 -22.50 -14.37
C PHE D 348 41.33 -21.57 -14.26
N SER D 349 40.15 -22.15 -14.44
CA SER D 349 38.91 -21.44 -14.64
C SER D 349 37.95 -21.70 -13.48
N ASN D 350 36.91 -20.88 -13.44
CA ASN D 350 36.01 -20.86 -12.30
C ASN D 350 34.99 -21.98 -12.41
N SER D 351 35.46 -23.19 -12.18
CA SER D 351 34.56 -24.32 -12.22
C SER D 351 35.13 -25.42 -11.35
N ASN D 352 34.32 -25.93 -10.44
CA ASN D 352 34.78 -26.90 -9.47
C ASN D 352 34.74 -28.29 -10.08
N SER D 353 35.74 -29.09 -9.77
CA SER D 353 35.83 -30.44 -10.29
C SER D 353 36.56 -31.31 -9.28
N SER D 354 36.29 -32.61 -9.34
CA SER D 354 36.94 -33.55 -8.45
C SER D 354 37.59 -34.67 -9.25
N THR D 355 38.20 -35.59 -8.54
CA THR D 355 38.97 -36.67 -9.15
C THR D 355 38.96 -37.90 -8.26
N VAL D 356 38.51 -39.02 -8.78
CA VAL D 356 38.48 -40.24 -8.00
C VAL D 356 39.72 -41.04 -8.33
N ALA D 357 40.18 -41.80 -7.34
CA ALA D 357 41.29 -42.73 -7.48
C ALA D 357 40.86 -44.08 -6.94
N ILE D 358 40.98 -45.10 -7.75
CA ILE D 358 40.53 -46.42 -7.35
C ILE D 358 41.60 -47.14 -6.56
N ASP D 359 41.18 -47.78 -5.48
CA ASP D 359 42.13 -48.56 -4.72
C ASP D 359 42.63 -49.69 -5.60
N HIS D 360 43.92 -49.90 -5.60
CA HIS D 360 44.49 -50.96 -6.40
C HIS D 360 44.79 -52.22 -5.63
N SER D 361 44.86 -52.15 -4.31
CA SER D 361 45.26 -53.34 -3.57
C SER D 361 44.28 -54.49 -3.80
N LEU D 362 44.83 -55.71 -3.78
CA LEU D 362 44.08 -56.94 -4.07
C LEU D 362 43.37 -57.46 -2.83
N SER D 363 42.07 -57.22 -2.73
CA SER D 363 41.32 -57.82 -1.63
C SER D 363 41.30 -59.34 -1.74
N LEU D 364 41.13 -59.87 -2.95
CA LEU D 364 41.20 -61.30 -3.19
C LEU D 364 42.51 -61.73 -3.81
N ALA D 365 43.07 -62.83 -3.31
CA ALA D 365 44.31 -63.37 -3.87
C ALA D 365 44.16 -63.75 -5.33
N GLY D 366 43.15 -64.56 -5.66
CA GLY D 366 42.94 -65.16 -6.95
C GLY D 366 42.37 -64.31 -8.06
N GLU D 367 42.21 -63.00 -7.85
CA GLU D 367 41.49 -62.15 -8.80
C GLU D 367 42.45 -61.43 -9.74
N ARG D 368 43.52 -62.10 -10.14
CA ARG D 368 44.43 -61.55 -11.12
C ARG D 368 43.70 -61.36 -12.45
N THR D 369 43.86 -60.18 -13.04
CA THR D 369 43.23 -59.84 -14.31
C THR D 369 41.73 -59.73 -14.12
N TRP D 370 41.23 -58.52 -13.99
CA TRP D 370 39.80 -58.32 -13.80
C TRP D 370 39.04 -58.85 -14.99
N ALA D 371 39.59 -58.68 -16.19
CA ALA D 371 38.91 -59.10 -17.41
C ALA D 371 38.36 -60.51 -17.29
N GLU D 372 38.97 -61.33 -16.43
CA GLU D 372 38.51 -62.70 -16.25
C GLU D 372 37.70 -62.87 -14.97
N THR D 373 38.02 -62.13 -13.92
CA THR D 373 37.20 -62.20 -12.71
C THR D 373 35.75 -61.85 -13.02
N MET D 374 35.54 -60.99 -13.99
CA MET D 374 34.22 -60.70 -14.53
C MET D 374 34.21 -61.30 -15.93
N GLY D 375 33.23 -62.15 -16.21
CA GLY D 375 33.21 -62.78 -17.52
C GLY D 375 32.95 -61.83 -18.68
N LEU D 376 33.88 -60.91 -18.93
CA LEU D 376 33.71 -59.93 -19.98
C LEU D 376 34.29 -60.46 -21.28
N ASN D 377 33.48 -60.43 -22.33
CA ASN D 377 33.89 -60.85 -23.66
C ASN D 377 33.95 -59.63 -24.56
N THR D 378 34.64 -59.78 -25.69
CA THR D 378 34.79 -58.69 -26.63
C THR D 378 33.46 -58.04 -26.97
N ALA D 379 32.39 -58.82 -27.01
CA ALA D 379 31.07 -58.32 -27.35
C ALA D 379 30.17 -58.25 -26.12
N ASP D 380 30.75 -58.01 -24.95
CA ASP D 380 30.00 -57.86 -23.72
C ASP D 380 29.90 -56.39 -23.32
N THR D 381 29.15 -56.14 -22.26
CA THR D 381 29.01 -54.81 -21.67
C THR D 381 28.92 -54.97 -20.16
N ALA D 382 29.67 -54.15 -19.45
CA ALA D 382 29.71 -54.17 -18.00
C ALA D 382 28.77 -53.11 -17.42
N ARG D 383 28.27 -53.37 -16.21
CA ARG D 383 27.39 -52.43 -15.54
C ARG D 383 28.13 -51.78 -14.37
N LEU D 384 27.92 -50.47 -14.23
CA LEU D 384 28.54 -49.66 -13.20
C LEU D 384 27.48 -49.16 -12.22
N ASN D 385 27.77 -49.33 -10.93
CA ASN D 385 26.84 -49.02 -9.84
C ASN D 385 27.55 -48.38 -8.66
N ALA D 386 27.34 -47.08 -8.48
CA ALA D 386 28.07 -46.35 -7.46
C ALA D 386 27.13 -45.82 -6.38
N ASN D 387 27.79 -45.40 -5.29
CA ASN D 387 27.21 -44.75 -4.14
C ASN D 387 27.87 -43.38 -4.01
N ILE D 388 27.10 -42.31 -3.73
CA ILE D 388 27.69 -40.98 -3.71
C ILE D 388 27.32 -40.21 -2.46
N ARG D 389 28.18 -39.23 -2.11
CA ARG D 389 27.84 -38.23 -1.13
C ARG D 389 28.30 -36.85 -1.59
N TYR D 390 27.61 -35.81 -1.12
CA TYR D 390 27.93 -34.42 -1.41
C TYR D 390 28.76 -33.73 -0.35
N VAL D 391 29.69 -32.89 -0.80
CA VAL D 391 30.58 -32.18 0.11
C VAL D 391 30.46 -30.69 -0.13
N ASN D 392 30.26 -29.94 0.95
CA ASN D 392 30.25 -28.49 0.94
C ASN D 392 31.51 -27.93 1.56
N THR D 393 32.44 -27.44 0.75
CA THR D 393 33.63 -26.85 1.32
C THR D 393 33.60 -25.35 1.23
N GLY D 394 32.47 -24.77 0.94
CA GLY D 394 32.40 -23.34 0.80
C GLY D 394 32.14 -22.67 2.11
N THR D 395 31.45 -21.55 2.05
CA THR D 395 31.17 -20.78 3.24
C THR D 395 29.71 -20.37 3.39
N ALA D 396 28.79 -20.89 2.58
CA ALA D 396 27.41 -20.47 2.73
C ALA D 396 26.49 -21.63 2.41
N PRO D 397 25.27 -21.60 2.91
CA PRO D 397 24.38 -22.73 2.76
C PRO D 397 23.64 -22.68 1.44
N ILE D 398 23.41 -23.82 0.90
CA ILE D 398 22.47 -24.00 -0.19
C ILE D 398 21.20 -24.59 0.36
N TYR D 399 20.06 -24.32 -0.28
CA TYR D 399 18.80 -24.70 0.35
C TYR D 399 17.97 -25.69 -0.45
N ASN D 400 17.41 -25.27 -1.57
CA ASN D 400 16.47 -26.13 -2.26
C ASN D 400 17.12 -27.04 -3.28
N VAL D 401 17.89 -26.48 -4.17
CA VAL D 401 18.31 -27.21 -5.34
C VAL D 401 19.52 -28.05 -4.98
N LEU D 402 19.84 -28.99 -5.84
CA LEU D 402 21.02 -29.70 -5.59
C LEU D 402 21.64 -29.76 -6.98
N PRO D 403 22.94 -29.60 -7.09
CA PRO D 403 23.51 -29.38 -8.43
C PRO D 403 23.47 -30.61 -9.29
N THR D 404 23.23 -30.38 -10.58
CA THR D 404 23.45 -31.40 -11.59
C THR D 404 24.92 -31.61 -11.82
N THR D 405 25.28 -32.86 -12.09
CA THR D 405 26.69 -33.19 -12.20
C THR D 405 26.88 -34.36 -13.14
N SER D 406 27.86 -34.24 -14.02
CA SER D 406 28.08 -35.24 -15.06
C SER D 406 29.41 -35.94 -14.83
N LEU D 407 29.37 -37.26 -14.83
CA LEU D 407 30.59 -38.05 -14.76
C LEU D 407 31.21 -38.10 -16.15
N VAL D 408 32.52 -37.99 -16.20
CA VAL D 408 33.24 -38.06 -17.46
C VAL D 408 34.54 -38.81 -17.25
N LEU D 409 34.75 -39.79 -18.10
CA LEU D 409 35.99 -40.55 -18.20
C LEU D 409 36.87 -40.10 -19.35
N GLY D 410 38.18 -40.16 -19.13
CA GLY D 410 39.13 -39.79 -20.15
C GLY D 410 39.07 -38.33 -20.51
N LYS D 411 39.44 -38.05 -21.76
CA LYS D 411 39.46 -36.65 -22.15
C LYS D 411 38.08 -36.16 -22.47
N ASN D 412 37.29 -36.95 -23.21
CA ASN D 412 36.00 -36.41 -23.61
C ASN D 412 34.89 -37.45 -23.66
N GLN D 413 35.10 -38.67 -23.20
CA GLN D 413 34.05 -39.67 -23.30
C GLN D 413 33.18 -39.55 -22.06
N THR D 414 32.07 -38.84 -22.21
CA THR D 414 31.18 -38.61 -21.08
C THR D 414 30.30 -39.82 -20.89
N LEU D 415 30.51 -40.54 -19.79
CA LEU D 415 29.73 -41.76 -19.58
C LEU D 415 28.32 -41.48 -19.11
N ALA D 416 28.12 -40.46 -18.29
CA ALA D 416 26.80 -40.28 -17.71
C ALA D 416 26.72 -38.92 -17.04
N THR D 417 25.50 -38.44 -16.92
CA THR D 417 25.18 -37.21 -16.21
C THR D 417 24.29 -37.58 -15.06
N ILE D 418 24.70 -37.22 -13.84
CA ILE D 418 23.95 -37.65 -12.67
C ILE D 418 22.69 -36.82 -12.57
N LYS D 419 21.56 -37.51 -12.57
CA LYS D 419 20.29 -36.80 -12.55
C LYS D 419 20.20 -35.89 -11.36
N ALA D 420 19.43 -34.83 -11.53
CA ALA D 420 19.04 -33.94 -10.45
C ALA D 420 17.76 -34.50 -9.86
N LYS D 421 17.88 -35.24 -8.76
CA LYS D 421 16.68 -35.77 -8.13
C LYS D 421 15.74 -34.62 -7.87
N GLU D 422 14.44 -34.87 -7.95
CA GLU D 422 13.47 -33.80 -7.94
C GLU D 422 12.71 -33.75 -6.61
N ASN D 423 12.68 -32.56 -6.02
CA ASN D 423 11.95 -32.30 -4.78
C ASN D 423 12.41 -33.26 -3.69
N GLN D 424 13.72 -33.47 -3.63
CA GLN D 424 14.27 -34.41 -2.67
C GLN D 424 15.33 -33.80 -1.77
N LEU D 425 15.91 -32.67 -2.14
CA LEU D 425 16.93 -32.08 -1.28
C LEU D 425 16.31 -30.98 -0.42
N SER D 426 15.29 -31.39 0.33
CA SER D 426 14.59 -30.46 1.21
C SER D 426 15.37 -30.12 2.46
N GLN D 427 16.53 -30.74 2.63
CA GLN D 427 17.41 -30.51 3.76
C GLN D 427 18.39 -29.40 3.43
N ILE D 428 19.34 -29.16 4.32
CA ILE D 428 20.23 -28.04 4.15
C ILE D 428 21.64 -28.58 4.15
N LEU D 429 22.48 -27.98 3.35
CA LEU D 429 23.87 -28.34 3.30
C LEU D 429 24.66 -27.19 3.87
N ALA D 430 24.90 -27.24 5.16
CA ALA D 430 25.68 -26.14 5.68
C ALA D 430 27.15 -26.35 5.39
N PRO D 431 27.91 -25.27 5.38
CA PRO D 431 29.34 -25.36 5.11
C PRO D 431 30.07 -26.31 6.03
N ASN D 432 30.96 -27.07 5.42
CA ASN D 432 31.79 -28.03 6.11
C ASN D 432 30.96 -29.18 6.66
N ASN D 433 29.94 -29.56 5.93
CA ASN D 433 29.08 -30.66 6.31
C ASN D 433 28.94 -31.59 5.14
N TYR D 434 28.41 -32.77 5.40
CA TYR D 434 28.23 -33.69 4.32
C TYR D 434 26.73 -33.86 4.12
N TYR D 435 26.35 -34.17 2.90
CA TYR D 435 25.00 -34.56 2.59
C TYR D 435 25.01 -35.80 1.72
N PRO D 436 24.45 -36.88 2.19
CA PRO D 436 23.81 -36.87 3.49
C PRO D 436 24.82 -37.03 4.57
N SER D 437 24.48 -36.62 5.80
CA SER D 437 25.42 -36.64 6.92
C SER D 437 26.17 -37.94 7.08
N LYS D 438 27.29 -37.89 7.79
CA LYS D 438 28.11 -39.06 8.04
C LYS D 438 27.39 -40.18 8.76
N ASN D 439 26.20 -39.95 9.28
CA ASN D 439 25.55 -40.99 10.05
C ASN D 439 24.62 -41.83 9.21
N LEU D 440 24.47 -41.51 7.94
CA LEU D 440 23.49 -42.18 7.10
C LEU D 440 24.17 -42.81 5.90
N ALA D 441 23.49 -43.78 5.33
CA ALA D 441 23.97 -44.37 4.11
C ALA D 441 24.06 -43.31 3.02
N PRO D 442 25.12 -43.29 2.25
CA PRO D 442 25.24 -42.36 1.14
C PRO D 442 24.27 -42.72 0.02
N ILE D 443 23.90 -41.69 -0.76
CA ILE D 443 22.92 -41.83 -1.82
C ILE D 443 23.40 -42.77 -2.90
N ALA D 444 22.67 -43.86 -3.09
CA ALA D 444 22.98 -44.80 -4.17
C ALA D 444 22.80 -44.10 -5.51
N LEU D 445 23.81 -44.26 -6.37
CA LEU D 445 23.83 -43.52 -7.62
C LEU D 445 22.76 -44.00 -8.59
N ASN D 446 22.76 -45.29 -8.91
CA ASN D 446 21.67 -45.80 -9.73
C ASN D 446 20.33 -45.63 -9.04
N ALA D 447 19.35 -45.21 -9.82
CA ALA D 447 18.04 -44.85 -9.27
C ALA D 447 17.40 -46.04 -8.58
N GLN D 448 17.57 -47.24 -9.13
CA GLN D 448 16.94 -48.50 -8.75
C GLN D 448 15.54 -48.54 -9.31
N ASP D 449 15.14 -47.54 -10.10
CA ASP D 449 13.84 -47.46 -10.74
C ASP D 449 13.93 -47.86 -12.20
N ASP D 450 13.00 -47.39 -13.03
CA ASP D 450 12.90 -47.81 -14.42
C ASP D 450 13.43 -46.77 -15.40
N PHE D 451 14.16 -45.76 -14.92
CA PHE D 451 14.63 -44.68 -15.80
C PHE D 451 15.54 -45.23 -16.89
N SER D 452 16.50 -46.06 -16.49
CA SER D 452 17.34 -46.78 -17.43
C SER D 452 17.64 -48.13 -16.78
N SER D 453 17.55 -49.20 -17.59
CA SER D 453 17.71 -50.54 -17.07
C SER D 453 19.08 -50.71 -16.44
N THR D 454 20.11 -50.23 -17.12
CA THR D 454 21.46 -50.18 -16.60
C THR D 454 21.97 -48.84 -17.10
N PRO D 455 21.67 -47.78 -16.37
CA PRO D 455 22.00 -46.45 -16.86
C PRO D 455 23.46 -46.30 -17.17
N ILE D 456 24.33 -46.88 -16.34
CA ILE D 456 25.75 -46.76 -16.59
C ILE D 456 26.26 -47.95 -17.39
N THR D 457 25.87 -48.05 -18.66
CA THR D 457 26.46 -49.04 -19.54
C THR D 457 27.89 -48.66 -19.91
N MET D 458 28.62 -49.64 -20.44
CA MET D 458 30.04 -49.43 -20.76
C MET D 458 30.53 -50.54 -21.69
N ASN D 459 30.74 -50.23 -22.98
CA ASN D 459 31.21 -51.24 -23.92
C ASN D 459 32.59 -51.71 -23.52
N TYR D 460 33.04 -52.75 -24.20
CA TYR D 460 34.32 -53.38 -23.88
C TYR D 460 35.45 -52.34 -23.93
N ASN D 461 35.56 -51.61 -25.04
CA ASN D 461 36.65 -50.66 -25.22
C ASN D 461 36.90 -49.74 -24.03
N GLN D 462 35.86 -49.21 -23.37
CA GLN D 462 36.14 -48.39 -22.19
C GLN D 462 36.90 -49.17 -21.13
N PHE D 463 36.42 -50.36 -20.81
CA PHE D 463 37.10 -51.16 -19.81
C PHE D 463 38.59 -51.26 -20.05
N LEU D 464 39.01 -51.36 -21.30
CA LEU D 464 40.44 -51.41 -21.55
C LEU D 464 41.12 -50.12 -21.13
N GLU D 465 40.65 -48.99 -21.66
CA GLU D 465 41.15 -47.70 -21.23
C GLU D 465 41.07 -47.56 -19.70
N LEU D 466 39.96 -48.02 -19.11
CA LEU D 466 39.83 -47.94 -17.66
C LEU D 466 40.97 -48.63 -16.96
N GLU D 467 41.41 -49.78 -17.48
CA GLU D 467 42.49 -50.50 -16.85
C GLU D 467 43.81 -49.76 -16.90
N LYS D 468 44.06 -48.98 -17.95
CA LYS D 468 45.35 -48.31 -17.96
C LYS D 468 45.41 -47.08 -17.05
N THR D 469 44.29 -46.38 -16.82
CA THR D 469 44.41 -45.15 -16.04
C THR D 469 43.91 -45.24 -14.61
N LYS D 470 42.91 -46.08 -14.33
CA LYS D 470 42.42 -46.28 -12.97
C LYS D 470 42.08 -44.96 -12.29
N GLN D 471 41.45 -44.05 -13.03
CA GLN D 471 41.03 -42.81 -12.42
C GLN D 471 39.93 -42.14 -13.22
N LEU D 472 39.01 -41.48 -12.53
CA LEU D 472 37.94 -40.76 -13.19
C LEU D 472 37.85 -39.35 -12.64
N ARG D 473 37.19 -38.48 -13.42
CA ARG D 473 36.95 -37.10 -13.06
C ARG D 473 35.45 -36.85 -13.03
N LEU D 474 35.00 -36.01 -12.10
CA LEU D 474 33.59 -35.66 -11.97
C LEU D 474 33.42 -34.15 -11.98
N ASP D 475 33.00 -33.62 -13.10
CA ASP D 475 32.82 -32.19 -13.26
C ASP D 475 31.38 -31.79 -12.95
N THR D 476 31.22 -30.77 -12.13
CA THR D 476 29.91 -30.28 -11.71
C THR D 476 29.79 -28.77 -11.92
N ASP D 477 28.59 -28.30 -12.30
CA ASP D 477 28.43 -26.86 -12.48
C ASP D 477 27.89 -26.22 -11.19
N GLN D 478 27.62 -24.92 -11.26
CA GLN D 478 27.27 -24.13 -10.10
C GLN D 478 25.82 -23.67 -10.03
N VAL D 479 24.89 -24.38 -10.65
CA VAL D 479 23.50 -23.93 -10.61
C VAL D 479 22.87 -24.33 -9.30
N TYR D 480 23.03 -23.50 -8.30
CA TYR D 480 22.42 -23.76 -7.02
C TYR D 480 21.01 -23.19 -6.93
N GLY D 481 20.49 -23.15 -5.71
CA GLY D 481 19.10 -22.84 -5.45
C GLY D 481 18.84 -21.37 -5.24
N ASN D 482 17.99 -21.04 -4.29
CA ASN D 482 17.79 -19.65 -3.94
C ASN D 482 18.65 -19.27 -2.74
N ILE D 483 18.47 -18.06 -2.24
CA ILE D 483 19.29 -17.52 -1.18
C ILE D 483 18.39 -17.19 -0.01
N ALA D 484 18.89 -17.39 1.20
CA ALA D 484 18.14 -17.07 2.40
C ALA D 484 18.56 -15.70 2.87
N THR D 485 17.60 -14.80 3.00
CA THR D 485 17.85 -13.43 3.38
C THR D 485 17.25 -13.11 4.73
N TYR D 486 17.80 -12.09 5.37
CA TYR D 486 17.35 -11.69 6.69
C TYR D 486 16.31 -10.58 6.61
N ASN D 487 15.20 -10.79 7.29
CA ASN D 487 14.11 -9.85 7.33
C ASN D 487 14.13 -9.07 8.64
N PHE D 488 14.17 -7.76 8.56
CA PHE D 488 14.29 -6.96 9.76
C PHE D 488 13.03 -6.96 10.61
N GLU D 489 11.87 -7.10 9.98
CA GLU D 489 10.63 -6.91 10.73
C GLU D 489 10.49 -7.87 11.89
N ASN D 490 10.81 -9.13 11.70
CA ASN D 490 10.64 -10.07 12.81
C ASN D 490 11.81 -11.01 12.95
N GLY D 491 12.86 -10.84 12.17
CA GLY D 491 14.00 -11.70 12.36
C GLY D 491 13.79 -13.09 11.87
N ARG D 492 12.86 -13.31 10.97
CA ARG D 492 12.68 -14.64 10.43
C ARG D 492 13.52 -14.75 9.17
N VAL D 493 14.14 -15.89 8.97
CA VAL D 493 14.94 -16.10 7.77
C VAL D 493 14.11 -16.91 6.79
N ARG D 494 13.60 -16.26 5.74
CA ARG D 494 12.74 -16.93 4.79
C ARG D 494 13.38 -16.92 3.42
N VAL D 495 13.23 -18.01 2.67
CA VAL D 495 13.81 -18.09 1.33
C VAL D 495 12.95 -17.39 0.27
N ASP D 496 13.46 -16.31 -0.27
CA ASP D 496 12.75 -15.59 -1.32
C ASP D 496 12.99 -16.27 -2.65
N THR D 497 11.93 -16.48 -3.39
CA THR D 497 12.03 -17.17 -4.64
C THR D 497 12.50 -16.28 -5.78
N GLY D 498 12.79 -15.01 -5.52
CA GLY D 498 13.28 -14.16 -6.58
C GLY D 498 14.79 -14.13 -6.79
N SER D 499 15.55 -14.21 -5.71
CA SER D 499 17.00 -14.08 -5.80
C SER D 499 17.63 -15.44 -5.96
N ASN D 500 18.54 -15.57 -6.91
CA ASN D 500 19.07 -16.89 -7.20
C ASN D 500 20.57 -16.81 -7.38
N TRP D 501 21.26 -17.72 -6.71
CA TRP D 501 22.70 -17.72 -6.69
C TRP D 501 23.30 -17.69 -8.07
N SER D 502 22.54 -18.09 -9.08
CA SER D 502 23.10 -18.14 -10.41
C SER D 502 23.24 -16.77 -11.03
N GLU D 503 22.82 -15.72 -10.34
CA GLU D 503 23.00 -14.39 -10.86
C GLU D 503 24.11 -13.64 -10.15
N VAL D 504 24.48 -14.09 -8.97
CA VAL D 504 25.47 -13.40 -8.18
C VAL D 504 26.87 -13.86 -8.48
N LEU D 505 27.11 -15.16 -8.54
CA LEU D 505 28.45 -15.69 -8.74
C LEU D 505 29.30 -14.98 -9.76
N PRO D 506 28.81 -14.65 -10.95
CA PRO D 506 29.66 -13.93 -11.87
C PRO D 506 30.27 -12.67 -11.30
N GLN D 507 29.50 -11.88 -10.55
CA GLN D 507 30.09 -10.70 -9.95
C GLN D 507 31.24 -11.05 -9.03
N ILE D 508 30.95 -11.90 -8.06
CA ILE D 508 31.99 -12.33 -7.16
C ILE D 508 33.18 -12.87 -7.91
N GLN D 509 32.94 -13.67 -8.91
CA GLN D 509 34.11 -14.25 -9.50
C GLN D 509 34.90 -13.23 -10.30
N GLU D 510 34.34 -12.05 -10.54
CA GLU D 510 35.00 -11.05 -11.35
C GLU D 510 35.49 -9.82 -10.59
N THR D 511 35.30 -9.74 -9.28
CA THR D 511 35.71 -8.52 -8.58
C THR D 511 36.53 -8.84 -7.33
N THR D 512 37.04 -10.04 -7.23
CA THR D 512 37.78 -10.48 -6.07
C THR D 512 39.06 -11.19 -6.45
N ALA D 513 39.95 -11.19 -5.49
CA ALA D 513 41.17 -11.94 -5.57
C ALA D 513 41.01 -13.35 -5.04
N ARG D 514 41.65 -14.28 -5.70
CA ARG D 514 41.49 -15.69 -5.45
C ARG D 514 42.73 -16.19 -4.75
N ILE D 515 42.55 -16.88 -3.65
CA ILE D 515 43.64 -17.38 -2.83
C ILE D 515 43.46 -18.86 -2.67
N ILE D 516 44.46 -19.62 -3.04
CA ILE D 516 44.39 -21.07 -2.89
C ILE D 516 45.32 -21.44 -1.75
N PHE D 517 44.80 -22.22 -0.80
CA PHE D 517 45.55 -22.60 0.40
C PHE D 517 45.42 -24.07 0.72
N ASN D 518 46.54 -24.74 0.95
CA ASN D 518 46.50 -26.13 1.38
C ASN D 518 47.04 -26.31 2.78
N GLY D 519 46.84 -25.34 3.65
CA GLY D 519 47.45 -25.44 4.95
C GLY D 519 46.76 -26.33 5.97
N LYS D 520 45.44 -26.18 6.08
CA LYS D 520 44.70 -26.76 7.18
C LYS D 520 44.89 -28.26 7.24
N ASP D 521 44.37 -29.00 6.27
CA ASP D 521 44.47 -30.45 6.28
C ASP D 521 44.97 -30.97 4.94
N LEU D 522 45.81 -30.17 4.30
CA LEU D 522 46.36 -30.47 3.00
C LEU D 522 45.24 -30.59 1.99
N ASN D 523 44.14 -29.90 2.26
CA ASN D 523 43.05 -29.81 1.33
C ASN D 523 42.80 -28.37 0.93
N LEU D 524 42.39 -28.21 -0.30
CA LEU D 524 42.27 -26.88 -0.88
C LEU D 524 41.03 -26.10 -0.46
N VAL D 525 41.24 -25.10 0.39
CA VAL D 525 40.21 -24.18 0.86
C VAL D 525 40.28 -22.88 0.08
N GLU D 526 39.16 -22.50 -0.47
CA GLU D 526 39.03 -21.34 -1.30
C GLU D 526 38.28 -20.21 -0.65
N ARG D 527 38.87 -19.03 -0.70
CA ARG D 527 38.25 -17.83 -0.19
C ARG D 527 38.39 -16.74 -1.24
N ARG D 528 37.51 -15.77 -1.24
CA ARG D 528 37.62 -14.70 -2.21
C ARG D 528 37.66 -13.36 -1.50
N ILE D 529 38.65 -12.53 -1.84
CA ILE D 529 38.80 -11.24 -1.22
C ILE D 529 38.64 -10.10 -2.22
N ALA D 530 37.95 -9.06 -1.77
CA ALA D 530 37.66 -7.87 -2.56
C ALA D 530 38.87 -6.96 -2.72
N ALA D 531 39.34 -6.78 -3.94
CA ALA D 531 40.47 -5.88 -4.18
C ALA D 531 40.09 -4.77 -5.14
N VAL D 532 40.85 -3.68 -5.12
CA VAL D 532 40.56 -2.55 -5.98
C VAL D 532 40.96 -2.85 -7.41
N ASN D 533 40.24 -2.25 -8.36
CA ASN D 533 40.55 -2.28 -9.79
C ASN D 533 40.64 -0.87 -10.31
N PRO D 534 41.83 -0.34 -10.49
CA PRO D 534 42.01 1.04 -10.93
C PRO D 534 41.04 1.50 -11.99
N SER D 535 40.68 0.59 -12.90
CA SER D 535 39.90 0.99 -14.05
C SER D 535 38.47 1.38 -13.73
N ASP D 536 37.97 1.11 -12.52
CA ASP D 536 36.55 1.29 -12.29
C ASP D 536 36.29 2.29 -11.19
N PRO D 537 35.67 3.38 -11.49
CA PRO D 537 35.39 4.38 -10.46
C PRO D 537 34.78 3.85 -9.19
N LEU D 538 33.54 3.38 -9.30
CA LEU D 538 32.85 2.81 -8.15
C LEU D 538 33.64 1.75 -7.45
N GLU D 539 34.38 0.97 -8.19
CA GLU D 539 35.04 -0.15 -7.58
C GLU D 539 36.27 0.29 -6.79
N THR D 540 36.87 1.41 -7.14
CA THR D 540 38.02 1.91 -6.40
C THR D 540 37.64 2.27 -4.98
N THR D 541 36.36 2.35 -4.69
CA THR D 541 35.94 2.69 -3.36
C THR D 541 36.24 1.60 -2.36
N LYS D 542 36.65 0.53 -2.77
CA LYS D 542 36.72 -0.33 -1.61
C LYS D 542 38.05 -0.15 -0.91
N PRO D 543 38.07 -0.28 0.40
CA PRO D 543 39.33 -0.11 1.12
C PRO D 543 40.38 -1.04 0.54
N ASP D 544 41.56 -0.50 0.38
CA ASP D 544 42.71 -1.27 -0.07
C ASP D 544 43.08 -2.39 0.89
N MET D 545 43.40 -3.54 0.32
CA MET D 545 43.76 -4.72 1.07
C MET D 545 45.15 -5.16 0.70
N THR D 546 46.05 -5.15 1.67
CA THR D 546 47.40 -5.63 1.45
C THR D 546 47.42 -7.12 1.77
N LEU D 547 48.22 -7.84 0.99
CA LEU D 547 48.26 -9.29 1.10
C LEU D 547 48.39 -9.78 2.52
N LYS D 548 49.34 -9.23 3.27
CA LYS D 548 49.48 -9.71 4.64
C LYS D 548 48.18 -9.59 5.38
N GLU D 549 47.49 -8.48 5.20
CA GLU D 549 46.24 -8.29 5.91
C GLU D 549 45.21 -9.29 5.45
N ALA D 550 45.19 -9.55 4.15
CA ALA D 550 44.29 -10.56 3.62
C ALA D 550 44.46 -11.87 4.36
N LEU D 551 45.69 -12.35 4.44
CA LEU D 551 45.93 -13.59 5.16
C LEU D 551 45.44 -13.50 6.58
N LYS D 552 45.48 -12.31 7.16
CA LYS D 552 45.10 -12.19 8.56
C LYS D 552 43.62 -12.51 8.73
N ILE D 553 42.77 -12.01 7.84
CA ILE D 553 41.34 -12.18 8.02
C ILE D 553 40.77 -13.40 7.33
N ALA D 554 41.47 -13.99 6.39
CA ALA D 554 40.87 -15.08 5.65
C ALA D 554 41.15 -16.45 6.22
N PHE D 555 42.26 -16.65 6.86
CA PHE D 555 42.60 -17.98 7.26
C PHE D 555 42.89 -18.14 8.73
N GLY D 556 43.42 -17.13 9.39
CA GLY D 556 43.69 -17.24 10.80
C GLY D 556 45.13 -17.03 11.16
N PHE D 557 45.98 -16.71 10.19
CA PHE D 557 47.36 -16.39 10.48
C PHE D 557 47.40 -15.29 11.52
N ASN D 558 48.41 -15.32 12.38
CA ASN D 558 48.54 -14.24 13.34
C ASN D 558 50.02 -14.00 13.60
N GLU D 559 50.29 -13.02 14.45
CA GLU D 559 51.64 -12.56 14.76
C GLU D 559 51.90 -12.59 16.25
N PRO D 560 52.21 -13.77 16.79
CA PRO D 560 52.62 -13.81 18.19
C PRO D 560 53.82 -12.94 18.41
N ASN D 561 54.81 -13.05 17.54
CA ASN D 561 56.00 -12.24 17.62
C ASN D 561 56.19 -11.39 16.38
N GLY D 562 55.08 -10.99 15.74
CA GLY D 562 55.22 -10.23 14.52
C GLY D 562 55.70 -11.02 13.32
N ASN D 563 55.85 -12.33 13.46
CA ASN D 563 56.28 -13.18 12.37
C ASN D 563 55.12 -14.02 11.88
N LEU D 564 54.82 -13.92 10.59
CA LEU D 564 53.68 -14.61 10.03
C LEU D 564 53.82 -16.12 10.22
N GLN D 565 52.78 -16.74 10.77
CA GLN D 565 52.83 -18.18 10.94
C GLN D 565 51.41 -18.71 11.09
N TYR D 566 51.24 -19.97 10.75
CA TYR D 566 49.98 -20.66 10.92
C TYR D 566 50.21 -21.74 11.96
N GLN D 567 49.72 -21.48 13.17
CA GLN D 567 49.94 -22.32 14.35
C GLN D 567 51.37 -22.83 14.28
N GLY D 568 52.30 -21.91 14.38
CA GLY D 568 53.70 -22.26 14.39
C GLY D 568 54.38 -22.24 13.06
N LYS D 569 53.77 -22.82 12.04
CA LYS D 569 54.49 -22.89 10.78
C LYS D 569 54.58 -21.50 10.19
N ASP D 570 55.81 -20.98 10.14
CA ASP D 570 56.09 -19.67 9.59
C ASP D 570 55.69 -19.55 8.12
N ILE D 571 55.36 -18.33 7.72
CA ILE D 571 55.01 -18.06 6.33
C ILE D 571 56.08 -18.44 5.34
N THR D 572 57.33 -18.53 5.77
CA THR D 572 58.41 -18.76 4.83
C THR D 572 58.48 -20.17 4.28
N GLU D 573 57.76 -21.11 4.83
CA GLU D 573 57.81 -22.48 4.35
C GLU D 573 56.86 -22.77 3.19
N PHE D 574 56.41 -21.75 2.47
CA PHE D 574 55.47 -21.98 1.39
C PHE D 574 55.93 -21.36 0.08
N ASP D 575 55.56 -22.01 -1.03
CA ASP D 575 55.85 -21.50 -2.36
C ASP D 575 54.70 -20.61 -2.83
N PHE D 576 55.03 -19.66 -3.70
CA PHE D 576 54.06 -18.81 -4.37
C PHE D 576 54.14 -18.99 -5.88
N ASN D 577 53.06 -19.41 -6.51
CA ASN D 577 53.00 -19.53 -7.95
C ASN D 577 51.89 -18.66 -8.51
N PHE D 578 52.12 -18.04 -9.66
CA PHE D 578 51.18 -17.07 -10.20
C PHE D 578 50.90 -17.27 -11.67
N ASP D 579 49.66 -16.99 -12.07
CA ASP D 579 49.34 -16.92 -13.48
C ASP D 579 50.06 -15.78 -14.21
N GLN D 580 50.23 -15.99 -15.52
CA GLN D 580 51.05 -15.09 -16.32
C GLN D 580 50.54 -13.68 -16.20
N GLN D 581 49.22 -13.53 -16.26
CA GLN D 581 48.62 -12.23 -16.05
C GLN D 581 49.04 -11.71 -14.68
N THR D 582 48.69 -12.47 -13.64
CA THR D 582 49.00 -12.07 -12.29
C THR D 582 50.50 -11.81 -12.13
N SER D 583 51.31 -12.65 -12.75
CA SER D 583 52.75 -12.51 -12.71
C SER D 583 53.19 -11.12 -13.16
N GLN D 584 52.73 -10.69 -14.32
CA GLN D 584 53.10 -9.37 -14.82
C GLN D 584 52.86 -8.29 -13.81
N ASN D 585 51.68 -8.26 -13.22
CA ASN D 585 51.38 -7.21 -12.26
C ASN D 585 52.38 -7.22 -11.11
N ILE D 586 52.71 -8.40 -10.62
CA ILE D 586 53.57 -8.48 -9.46
C ILE D 586 55.03 -8.13 -9.75
N LYS D 587 55.53 -8.43 -10.94
CA LYS D 587 56.89 -8.00 -11.24
C LYS D 587 57.02 -6.50 -11.16
N ASN D 588 56.03 -5.77 -11.65
CA ASN D 588 56.03 -4.34 -11.48
C ASN D 588 56.09 -3.98 -9.99
N GLN D 589 55.17 -4.54 -9.22
CA GLN D 589 55.06 -4.22 -7.80
C GLN D 589 56.35 -4.42 -7.02
N LEU D 590 57.15 -5.41 -7.37
CA LEU D 590 58.40 -5.62 -6.67
C LEU D 590 59.48 -4.62 -7.07
N ALA D 591 59.29 -3.91 -8.17
CA ALA D 591 60.29 -2.97 -8.62
C ALA D 591 60.23 -1.64 -7.87
N GLU D 592 59.04 -1.09 -7.66
CA GLU D 592 59.03 0.19 -6.97
C GLU D 592 59.44 0.08 -5.51
N LEU D 593 59.64 -1.12 -5.00
CA LEU D 593 60.12 -1.27 -3.65
C LEU D 593 61.59 -1.69 -3.59
N ASN D 594 62.18 -2.04 -4.74
CA ASN D 594 63.58 -2.41 -4.82
C ASN D 594 63.90 -3.59 -3.91
N ALA D 595 63.16 -4.67 -4.10
CA ALA D 595 63.37 -5.86 -3.32
C ALA D 595 63.31 -7.08 -4.24
N THR D 596 63.98 -8.15 -3.82
CA THR D 596 64.00 -9.40 -4.55
C THR D 596 63.36 -10.53 -3.78
N ASN D 597 63.38 -10.47 -2.46
CA ASN D 597 62.76 -11.48 -1.63
C ASN D 597 61.42 -10.94 -1.18
N ILE D 598 60.36 -11.54 -1.70
CA ILE D 598 59.02 -11.09 -1.41
C ILE D 598 58.68 -11.25 0.05
N TYR D 599 59.40 -12.12 0.75
CA TYR D 599 59.01 -12.40 2.12
C TYR D 599 59.20 -11.22 3.05
N THR D 600 60.01 -10.24 2.68
CA THR D 600 60.16 -9.11 3.58
C THR D 600 59.11 -8.04 3.34
N VAL D 601 59.07 -7.51 2.12
CA VAL D 601 58.19 -6.42 1.76
C VAL D 601 56.79 -6.99 1.52
N LEU D 602 56.57 -8.20 2.04
CA LEU D 602 55.33 -8.92 1.76
C LEU D 602 54.12 -8.07 2.11
N ASP D 603 54.20 -7.33 3.20
CA ASP D 603 53.09 -6.55 3.69
C ASP D 603 52.90 -5.26 2.93
N LYS D 604 53.56 -5.08 1.79
CA LYS D 604 53.46 -3.85 1.02
C LYS D 604 52.99 -4.08 -0.40
N ILE D 605 52.39 -5.21 -0.69
CA ILE D 605 51.96 -5.54 -2.03
C ILE D 605 50.47 -5.33 -2.16
N LYS D 606 50.08 -4.49 -3.10
CA LYS D 606 48.68 -4.20 -3.32
C LYS D 606 48.05 -5.28 -4.20
N LEU D 607 46.84 -5.69 -3.85
CA LEU D 607 46.05 -6.58 -4.68
C LEU D 607 45.10 -5.86 -5.60
N ASN D 608 45.11 -6.26 -6.85
CA ASN D 608 44.16 -5.81 -7.85
C ASN D 608 43.19 -6.93 -8.14
N ALA D 609 42.08 -6.55 -8.77
CA ALA D 609 41.08 -7.51 -9.14
C ALA D 609 41.58 -8.51 -10.17
N LYS D 610 41.06 -9.73 -10.07
CA LYS D 610 41.15 -10.90 -10.92
C LYS D 610 42.47 -11.63 -10.83
N MET D 611 43.37 -11.25 -9.94
CA MET D 611 44.53 -12.08 -9.74
C MET D 611 44.17 -13.32 -8.97
N ASN D 612 44.90 -14.38 -9.26
CA ASN D 612 44.70 -15.67 -8.64
C ASN D 612 46.00 -16.08 -7.97
N ILE D 613 45.97 -16.39 -6.68
CA ILE D 613 47.20 -16.65 -5.95
C ILE D 613 47.10 -18.03 -5.32
N LEU D 614 48.16 -18.80 -5.47
CA LEU D 614 48.25 -20.17 -4.98
C LEU D 614 49.45 -20.43 -4.08
N ILE D 615 49.22 -20.72 -2.82
CA ILE D 615 50.28 -20.95 -1.85
C ILE D 615 50.30 -22.42 -1.45
N ARG D 616 51.35 -23.13 -1.84
CA ARG D 616 51.48 -24.56 -1.57
C ARG D 616 52.71 -24.84 -0.71
N ASP D 617 52.62 -25.91 0.07
CA ASP D 617 53.73 -26.30 0.93
C ASP D 617 54.98 -26.57 0.12
N LYS D 618 56.07 -25.92 0.51
CA LYS D 618 57.28 -26.06 -0.26
C LYS D 618 57.94 -27.41 -0.04
N ARG D 619 57.50 -28.16 0.95
CA ARG D 619 58.22 -29.36 1.35
C ARG D 619 57.82 -30.59 0.57
N PHE D 620 56.68 -30.55 -0.08
CA PHE D 620 56.13 -31.73 -0.71
C PHE D 620 56.24 -31.69 -2.22
N HIS D 621 56.35 -32.86 -2.83
CA HIS D 621 56.26 -32.92 -4.28
C HIS D 621 54.82 -32.94 -4.72
N TYR D 622 54.57 -32.40 -5.91
CA TYR D 622 53.22 -32.26 -6.45
C TYR D 622 53.13 -32.77 -7.87
N ASP D 623 51.92 -33.17 -8.25
CA ASP D 623 51.65 -33.67 -9.58
C ASP D 623 51.06 -32.58 -10.48
N ARG D 624 50.58 -33.01 -11.64
CA ARG D 624 50.05 -32.08 -12.64
C ARG D 624 48.78 -31.39 -12.18
N ASN D 625 47.96 -32.04 -11.37
CA ASN D 625 46.71 -31.43 -10.92
C ASN D 625 46.84 -30.78 -9.57
N ASN D 626 48.03 -30.37 -9.22
CA ASN D 626 48.33 -29.70 -7.95
C ASN D 626 47.75 -30.42 -6.75
N ILE D 627 47.77 -31.71 -6.76
CA ILE D 627 47.44 -32.45 -5.56
C ILE D 627 48.73 -32.96 -4.98
N ALA D 628 48.77 -33.04 -3.66
CA ALA D 628 49.95 -33.58 -3.01
C ALA D 628 50.12 -35.04 -3.33
N VAL D 629 51.29 -35.42 -3.83
CA VAL D 629 51.51 -36.78 -4.30
C VAL D 629 52.79 -37.32 -3.70
N GLY D 630 53.71 -36.44 -3.36
CA GLY D 630 54.95 -36.88 -2.77
C GLY D 630 55.68 -35.82 -2.01
N ALA D 631 56.95 -36.09 -1.77
CA ALA D 631 57.80 -35.22 -0.98
C ALA D 631 59.22 -35.74 -1.10
N ASP D 632 60.16 -34.92 -0.68
CA ASP D 632 61.54 -35.38 -0.61
C ASP D 632 61.68 -36.42 0.50
N GLU D 633 62.42 -37.48 0.18
CA GLU D 633 62.57 -38.62 1.08
C GLU D 633 63.10 -38.20 2.44
N SER D 634 63.99 -37.21 2.45
CA SER D 634 64.64 -36.83 3.69
C SER D 634 63.64 -36.46 4.75
N VAL D 635 62.61 -35.71 4.38
CA VAL D 635 61.56 -35.35 5.32
C VAL D 635 60.87 -36.57 5.85
N VAL D 636 60.65 -37.55 4.99
CA VAL D 636 59.93 -38.75 5.36
C VAL D 636 60.60 -39.50 6.52
N LYS D 637 61.92 -39.65 6.48
CA LYS D 637 62.58 -40.42 7.52
C LYS D 637 62.45 -39.83 8.92
N GLU D 638 62.70 -38.53 9.11
CA GLU D 638 62.59 -38.05 10.49
C GLU D 638 61.19 -38.29 11.02
N ALA D 639 60.20 -38.26 10.14
CA ALA D 639 58.84 -38.48 10.58
C ALA D 639 58.65 -39.90 11.08
N HIS D 640 59.66 -40.75 10.87
CA HIS D 640 59.58 -42.14 11.26
C HIS D 640 60.60 -42.54 12.31
N ARG D 641 61.44 -41.62 12.72
CA ARG D 641 62.53 -41.86 13.66
C ARG D 641 62.06 -42.09 15.06
N GLU D 642 60.75 -42.22 15.28
CA GLU D 642 60.19 -42.37 16.62
C GLU D 642 59.52 -43.73 16.74
N VAL D 643 60.26 -44.73 17.20
CA VAL D 643 59.75 -46.09 17.33
C VAL D 643 59.13 -46.19 18.72
N ILE D 644 57.81 -46.07 18.79
CA ILE D 644 57.13 -46.19 20.07
C ILE D 644 57.21 -47.61 20.62
N ASN D 645 57.16 -48.60 19.74
CA ASN D 645 57.25 -50.00 20.15
C ASN D 645 57.62 -50.86 18.97
N SER D 646 58.29 -51.97 19.26
CA SER D 646 58.66 -52.91 18.21
C SER D 646 58.61 -54.33 18.74
N SER D 647 58.05 -55.21 17.92
CA SER D 647 57.91 -56.63 18.25
C SER D 647 58.02 -57.42 16.94
N THR D 648 57.72 -58.71 17.00
CA THR D 648 57.73 -59.55 15.81
C THR D 648 56.43 -59.51 15.03
N GLU D 649 55.44 -58.71 15.46
CA GLU D 649 54.17 -58.62 14.76
C GLU D 649 53.93 -57.29 14.06
N GLY D 650 54.79 -56.29 14.28
CA GLY D 650 54.60 -55.00 13.63
C GLY D 650 54.98 -53.81 14.47
N LEU D 651 54.89 -52.63 13.85
CA LEU D 651 55.23 -51.38 14.50
C LEU D 651 53.96 -50.60 14.81
N LEU D 652 53.94 -49.90 15.95
CA LEU D 652 52.84 -49.00 16.29
C LEU D 652 53.33 -47.55 16.43
N LEU D 653 53.35 -46.83 15.32
CA LEU D 653 53.85 -45.47 15.39
C LEU D 653 52.70 -44.49 15.62
N ASN D 654 53.07 -43.25 15.91
CA ASN D 654 52.15 -42.13 16.03
C ASN D 654 52.76 -40.99 15.22
N ILE D 655 52.36 -40.92 13.97
CA ILE D 655 52.92 -39.99 12.99
C ILE D 655 51.91 -38.89 12.72
N ASP D 656 52.42 -37.73 12.32
CA ASP D 656 51.57 -36.60 11.97
C ASP D 656 50.58 -36.92 10.87
N LYS D 657 49.30 -36.76 11.20
CA LYS D 657 48.17 -37.17 10.37
C LYS D 657 48.32 -36.81 8.91
N ASP D 658 49.17 -35.85 8.60
CA ASP D 658 49.29 -35.35 7.25
C ASP D 658 50.12 -36.26 6.37
N ILE D 659 51.11 -36.93 6.94
CA ILE D 659 52.03 -37.74 6.13
C ILE D 659 51.29 -38.86 5.41
N ARG D 660 50.28 -39.46 6.04
CA ARG D 660 49.76 -40.64 5.38
C ARG D 660 48.94 -40.30 4.15
N LYS D 661 49.19 -39.14 3.56
CA LYS D 661 48.53 -38.83 2.31
C LYS D 661 49.55 -38.78 1.20
N ILE D 662 50.81 -39.00 1.52
CA ILE D 662 51.84 -39.11 0.48
C ILE D 662 52.61 -40.42 0.59
N LEU D 663 52.07 -41.40 1.31
CA LEU D 663 52.71 -42.69 1.45
C LEU D 663 51.76 -43.75 0.91
N SER D 664 52.16 -44.43 -0.15
CA SER D 664 51.30 -45.44 -0.73
C SER D 664 51.36 -46.77 0.01
N GLY D 665 52.52 -47.14 0.56
CA GLY D 665 52.62 -48.41 1.24
C GLY D 665 54.04 -48.68 1.67
N TYR D 666 54.24 -49.90 2.20
CA TYR D 666 55.52 -50.31 2.74
C TYR D 666 56.01 -51.62 2.16
N ILE D 667 57.32 -51.69 1.94
CA ILE D 667 58.01 -52.90 1.51
C ILE D 667 58.77 -53.51 2.68
N VAL D 668 58.45 -54.75 3.00
CA VAL D 668 59.14 -55.47 4.06
C VAL D 668 60.13 -56.43 3.41
N GLU D 669 61.34 -56.49 3.95
CA GLU D 669 62.36 -57.39 3.40
C GLU D 669 63.27 -57.89 4.51
N ILE D 670 63.89 -59.04 4.25
CA ILE D 670 64.82 -59.67 5.17
C ILE D 670 66.15 -59.81 4.45
N GLU D 671 67.25 -59.64 5.18
CA GLU D 671 68.57 -59.60 4.57
C GLU D 671 69.42 -60.70 5.19
N ASP D 672 69.85 -61.65 4.34
CA ASP D 672 70.76 -62.69 4.80
C ASP D 672 72.08 -62.09 5.28
N THR D 673 72.69 -62.74 6.26
CA THR D 673 73.99 -62.34 6.78
C THR D 673 75.02 -62.19 5.66
N GLU D 674 74.71 -62.71 4.47
CA GLU D 674 75.63 -62.62 3.34
C GLU D 674 75.04 -61.81 2.19
N GLY D 675 74.06 -60.96 2.45
CA GLY D 675 73.59 -60.03 1.46
C GLY D 675 72.41 -60.45 0.62
N LEU D 676 71.75 -61.56 0.94
CA LEU D 676 70.56 -61.88 0.19
C LEU D 676 69.42 -60.94 0.58
N LYS D 677 68.30 -61.05 -0.12
CA LYS D 677 67.20 -60.11 0.02
C LYS D 677 65.90 -60.86 -0.23
N GLU D 678 65.04 -60.94 0.78
CA GLU D 678 63.76 -61.64 0.66
C GLU D 678 62.62 -60.66 0.94
N VAL D 679 61.86 -60.33 -0.10
CA VAL D 679 60.74 -59.40 -0.01
C VAL D 679 59.47 -60.21 0.25
N ILE D 680 58.79 -59.92 1.35
CA ILE D 680 57.61 -60.71 1.72
C ILE D 680 56.49 -60.53 0.71
N ASN D 681 55.95 -59.32 0.60
CA ASN D 681 54.85 -59.04 -0.32
C ASN D 681 55.36 -58.60 -1.70
N ASP D 682 55.86 -59.59 -2.44
CA ASP D 682 56.55 -59.30 -3.70
C ASP D 682 55.57 -59.27 -4.87
N ARG D 683 54.49 -58.50 -4.74
CA ARG D 683 53.56 -58.33 -5.85
C ARG D 683 53.13 -56.88 -5.93
N TYR D 684 53.04 -56.38 -7.16
CA TYR D 684 52.71 -54.97 -7.38
C TYR D 684 51.43 -54.55 -6.70
N ASP D 685 50.42 -55.40 -6.71
CA ASP D 685 49.11 -55.05 -6.16
C ASP D 685 48.88 -55.60 -4.76
N MET D 686 49.92 -55.73 -3.96
CA MET D 686 49.75 -56.27 -2.61
C MET D 686 50.46 -55.43 -1.58
N LEU D 687 50.22 -54.12 -1.57
CA LEU D 687 50.97 -53.30 -0.64
C LEU D 687 50.18 -52.75 0.54
N ASN D 688 48.86 -52.58 0.42
CA ASN D 688 48.10 -51.97 1.50
C ASN D 688 48.01 -52.86 2.74
N ILE D 689 49.10 -52.97 3.48
CA ILE D 689 49.13 -53.83 4.67
C ILE D 689 49.26 -53.04 5.96
N SER D 690 49.32 -51.72 5.91
CA SER D 690 49.55 -50.90 7.09
C SER D 690 48.25 -50.22 7.52
N SER D 691 47.70 -50.65 8.65
CA SER D 691 46.52 -50.03 9.22
C SER D 691 46.86 -49.05 10.34
N LEU D 692 45.81 -48.38 10.84
CA LEU D 692 45.88 -47.40 11.91
C LEU D 692 44.92 -47.79 13.03
N ARG D 693 45.43 -47.85 14.24
CA ARG D 693 44.57 -48.21 15.37
C ARG D 693 43.72 -47.03 15.81
N GLN D 694 42.70 -47.33 16.61
CA GLN D 694 41.70 -46.38 17.07
C GLN D 694 42.27 -45.31 17.99
N ASP D 695 43.50 -45.45 18.43
CA ASP D 695 44.21 -44.45 19.21
C ASP D 695 45.22 -43.70 18.36
N GLY D 696 45.01 -43.67 17.06
CA GLY D 696 45.87 -42.88 16.21
C GLY D 696 47.22 -43.51 16.03
N LYS D 697 47.39 -44.73 16.49
CA LYS D 697 48.63 -45.46 16.31
C LYS D 697 48.55 -46.29 15.03
N THR D 698 49.47 -46.07 14.12
CA THR D 698 49.48 -46.86 12.89
C THR D 698 49.93 -48.26 13.24
N PHE D 699 49.25 -49.26 12.69
CA PHE D 699 49.62 -50.64 12.95
C PHE D 699 49.80 -51.36 11.63
N ILE D 700 50.98 -51.94 11.44
CA ILE D 700 51.29 -52.70 10.25
C ILE D 700 51.07 -54.18 10.55
N ASP D 701 50.26 -54.83 9.73
CA ASP D 701 49.92 -56.24 9.92
C ASP D 701 50.67 -57.06 8.88
N PHE D 702 51.46 -58.01 9.35
CA PHE D 702 52.18 -58.88 8.44
C PHE D 702 51.29 -60.01 7.93
N LYS D 703 50.45 -60.54 8.81
CA LYS D 703 49.61 -61.68 8.44
C LYS D 703 48.59 -61.34 7.38
N LYS D 704 48.41 -60.07 7.04
CA LYS D 704 47.39 -59.74 6.06
C LYS D 704 47.83 -60.41 4.76
N TYR D 705 48.92 -59.92 4.16
CA TYR D 705 49.43 -60.54 2.95
C TYR D 705 50.56 -61.52 3.23
N ASN D 706 50.64 -62.06 4.44
CA ASN D 706 51.51 -63.19 4.74
C ASN D 706 50.70 -64.47 4.60
N ASP D 707 51.15 -65.54 5.25
CA ASP D 707 50.40 -66.79 5.30
C ASP D 707 49.72 -66.97 6.66
N LYS D 708 49.14 -65.89 7.18
CA LYS D 708 48.58 -65.88 8.54
C LYS D 708 49.53 -66.51 9.54
N LEU D 709 50.84 -66.33 9.32
CA LEU D 709 51.84 -66.89 10.21
C LEU D 709 52.76 -65.82 10.77
N PRO D 710 53.23 -66.01 12.00
CA PRO D 710 54.20 -65.07 12.58
C PRO D 710 55.49 -64.93 11.78
N LEU D 711 56.35 -64.06 12.25
CA LEU D 711 57.56 -63.69 11.55
C LEU D 711 58.74 -64.52 12.05
N TYR D 712 59.41 -65.20 11.13
CA TYR D 712 60.55 -66.05 11.41
C TYR D 712 61.84 -65.29 11.10
N ILE D 713 62.91 -65.62 11.83
CA ILE D 713 64.19 -64.96 11.64
C ILE D 713 65.30 -66.00 11.68
N SER D 714 66.02 -66.13 10.56
CA SER D 714 67.07 -67.13 10.43
C SER D 714 68.36 -66.77 11.14
N ASN D 715 68.44 -65.59 11.76
CA ASN D 715 69.68 -65.17 12.37
C ASN D 715 69.48 -63.90 13.19
N PRO D 716 69.77 -63.92 14.50
CA PRO D 716 69.67 -62.69 15.28
C PRO D 716 70.62 -61.62 14.77
N ASN D 717 71.46 -61.98 13.80
CA ASN D 717 72.35 -61.04 13.15
C ASN D 717 71.89 -60.67 11.75
N TYR D 718 70.78 -61.25 11.27
CA TYR D 718 70.28 -60.95 9.93
C TYR D 718 69.52 -59.62 9.99
N LYS D 719 69.81 -58.73 9.05
CA LYS D 719 69.13 -57.45 9.03
C LYS D 719 67.73 -57.57 8.43
N VAL D 720 66.80 -56.81 8.99
CA VAL D 720 65.43 -56.72 8.52
C VAL D 720 65.25 -55.32 7.96
N ASN D 721 65.02 -55.23 6.66
CA ASN D 721 64.89 -53.94 5.99
C ASN D 721 63.42 -53.69 5.65
N VAL D 722 62.98 -52.46 5.87
CA VAL D 722 61.63 -52.04 5.53
C VAL D 722 61.70 -50.80 4.67
N TYR D 723 61.01 -50.82 3.54
CA TYR D 723 60.94 -49.69 2.63
C TYR D 723 59.52 -49.17 2.57
N ALA D 724 59.39 -47.87 2.36
CA ALA D 724 58.09 -47.24 2.17
C ALA D 724 58.00 -46.72 0.74
N VAL D 725 56.81 -46.81 0.16
CA VAL D 725 56.58 -46.35 -1.20
C VAL D 725 55.49 -45.27 -1.24
N THR D 726 55.89 -44.06 -1.60
CA THR D 726 54.96 -42.95 -1.79
C THR D 726 54.16 -43.14 -3.07
N LYS D 727 52.94 -42.58 -3.08
CA LYS D 727 52.09 -42.72 -4.27
C LYS D 727 52.81 -42.35 -5.55
N GLU D 728 53.48 -41.20 -5.57
CA GLU D 728 54.08 -40.74 -6.82
C GLU D 728 55.02 -41.78 -7.40
N ASN D 729 55.64 -42.58 -6.55
CA ASN D 729 56.64 -43.54 -6.97
C ASN D 729 56.04 -44.92 -7.18
N THR D 730 54.73 -45.04 -7.26
CA THR D 730 54.09 -46.34 -7.41
C THR D 730 53.84 -46.75 -8.85
N ILE D 731 53.68 -48.06 -9.01
CA ILE D 731 53.29 -48.68 -10.26
C ILE D 731 51.84 -49.13 -10.10
N ILE D 732 51.05 -49.00 -11.16
CA ILE D 732 49.63 -49.31 -11.08
C ILE D 732 49.23 -50.49 -11.94
N ASN D 733 50.10 -50.97 -12.82
CA ASN D 733 49.76 -52.11 -13.66
C ASN D 733 51.02 -52.93 -13.88
N PRO D 734 50.87 -54.21 -14.20
CA PRO D 734 52.03 -55.02 -14.59
C PRO D 734 52.74 -54.40 -15.78
N SER D 735 54.04 -54.65 -15.87
CA SER D 735 54.88 -53.99 -16.85
C SER D 735 54.64 -54.52 -18.26
N GLU D 736 55.59 -54.25 -19.15
CA GLU D 736 55.50 -54.70 -20.53
C GLU D 736 55.30 -56.20 -20.61
N ASN D 737 56.25 -56.98 -20.09
CA ASN D 737 56.13 -58.43 -20.07
C ASN D 737 55.38 -58.92 -18.86
N GLY D 738 54.46 -58.11 -18.34
CA GLY D 738 53.63 -58.48 -17.21
C GLY D 738 54.39 -58.87 -15.96
N ASP D 739 55.49 -58.18 -15.68
CA ASP D 739 56.22 -58.46 -14.45
C ASP D 739 55.41 -58.03 -13.24
N THR D 740 55.38 -58.88 -12.22
CA THR D 740 54.66 -58.59 -11.00
C THR D 740 55.58 -58.37 -9.81
N SER D 741 56.87 -58.65 -9.98
CA SER D 741 57.84 -58.45 -8.91
C SER D 741 58.06 -56.96 -8.70
N THR D 742 58.43 -56.60 -7.47
CA THR D 742 58.67 -55.20 -7.14
C THR D 742 60.08 -54.77 -7.49
N ASN D 743 60.67 -55.39 -8.51
CA ASN D 743 62.07 -55.14 -8.83
C ASN D 743 62.28 -53.69 -9.26
N GLY D 744 61.68 -53.29 -10.36
CA GLY D 744 61.95 -51.98 -10.92
C GLY D 744 61.21 -50.85 -10.23
N ILE D 745 60.90 -51.02 -8.95
CA ILE D 745 60.23 -49.99 -8.17
C ILE D 745 61.24 -49.30 -7.27
N LYS D 746 61.30 -47.99 -7.35
CA LYS D 746 62.18 -47.22 -6.49
C LYS D 746 61.66 -47.22 -5.06
N LYS D 747 62.39 -47.88 -4.16
CA LYS D 747 61.98 -48.10 -2.79
C LYS D 747 62.91 -47.32 -1.87
N ILE D 748 62.37 -46.68 -0.85
CA ILE D 748 63.20 -45.95 0.12
C ILE D 748 63.27 -46.72 1.43
N LEU D 749 64.50 -46.91 1.91
CA LEU D 749 64.73 -47.58 3.19
C LEU D 749 64.19 -46.72 4.31
N ILE D 750 63.43 -47.33 5.22
CA ILE D 750 62.86 -46.53 6.29
C ILE D 750 63.21 -47.14 7.63
N PHE D 751 63.67 -48.39 7.64
CA PHE D 751 63.97 -49.01 8.91
C PHE D 751 64.89 -50.20 8.65
N SER D 752 65.80 -50.45 9.61
CA SER D 752 66.79 -51.50 9.49
C SER D 752 67.44 -51.79 10.84
N LYS D 753 66.84 -52.67 11.63
CA LYS D 753 67.34 -52.98 12.96
C LYS D 753 67.84 -54.42 13.02
N LYS D 754 68.62 -54.71 14.05
CA LYS D 754 69.18 -56.04 14.23
C LYS D 754 68.09 -57.04 14.59
N GLY D 755 68.32 -58.30 14.21
CA GLY D 755 67.37 -59.34 14.53
C GLY D 755 67.18 -59.57 16.02
N TYR D 756 68.28 -59.57 16.78
CA TYR D 756 68.16 -59.79 18.22
C TYR D 756 67.37 -58.65 18.87
N GLU D 757 67.57 -57.42 18.40
CA GLU D 757 66.90 -56.27 19.02
C GLU D 757 65.40 -56.38 18.93
N ILE D 758 64.88 -56.84 17.79
CA ILE D 758 63.45 -56.91 17.57
C ILE D 758 62.80 -57.86 18.57
N PRO E 197 7.26 9.56 22.56
CA PRO E 197 8.12 9.67 23.74
C PRO E 197 8.25 8.34 24.48
N THR E 198 7.71 7.28 23.91
CA THR E 198 7.75 5.98 24.53
C THR E 198 9.16 5.43 24.57
N VAL E 199 9.42 4.59 25.55
CA VAL E 199 10.77 4.06 25.61
C VAL E 199 11.05 3.31 24.33
N PRO E 200 12.22 3.48 23.72
CA PRO E 200 12.48 2.85 22.43
C PRO E 200 12.56 1.34 22.56
N ASP E 201 12.30 0.66 21.44
CA ASP E 201 12.31 -0.80 21.41
C ASP E 201 12.90 -1.32 20.10
N ARG E 202 14.23 -1.44 20.05
CA ARG E 202 14.85 -1.81 18.79
C ARG E 202 14.34 -3.13 18.25
N ASP E 203 14.23 -4.14 19.10
CA ASP E 203 13.79 -5.40 18.55
C ASP E 203 12.36 -5.34 18.06
N ASN E 204 11.64 -4.28 18.38
CA ASN E 204 10.31 -4.09 17.83
C ASN E 204 9.42 -5.23 18.29
N ASP E 205 9.55 -5.58 19.55
CA ASP E 205 8.85 -6.75 20.06
C ASP E 205 7.89 -6.37 21.16
N GLY E 206 7.47 -5.13 21.21
CA GLY E 206 6.44 -4.81 22.18
C GLY E 206 7.02 -4.47 23.54
N ILE E 207 7.90 -5.32 24.02
CA ILE E 207 8.52 -5.08 25.30
C ILE E 207 9.59 -4.02 25.23
N PRO E 208 9.61 -3.08 26.15
CA PRO E 208 10.65 -2.05 26.10
C PRO E 208 11.99 -2.62 26.47
N ASP E 209 13.03 -1.86 26.11
CA ASP E 209 14.41 -2.30 26.30
C ASP E 209 14.73 -2.59 27.75
N SER E 210 14.62 -1.58 28.61
CA SER E 210 15.07 -1.72 29.98
C SER E 210 14.43 -2.92 30.61
N LEU E 211 13.14 -3.07 30.38
CA LEU E 211 12.46 -4.21 30.94
C LEU E 211 13.14 -5.50 30.49
N GLU E 212 13.45 -5.59 29.20
CA GLU E 212 14.01 -6.84 28.72
C GLU E 212 15.33 -7.14 29.42
N VAL E 213 16.17 -6.12 29.62
CA VAL E 213 17.46 -6.42 30.20
C VAL E 213 17.37 -6.78 31.67
N GLU E 214 16.53 -6.09 32.44
CA GLU E 214 16.63 -6.25 33.89
C GLU E 214 15.72 -7.30 34.50
N GLY E 215 14.57 -7.55 33.92
CA GLY E 215 13.66 -8.53 34.49
C GLY E 215 12.26 -7.97 34.54
N TYR E 216 11.30 -8.75 34.09
CA TYR E 216 9.90 -8.33 34.05
C TYR E 216 9.01 -9.52 34.32
N THR E 217 7.72 -9.28 34.33
CA THR E 217 6.76 -10.35 34.54
C THR E 217 5.38 -9.87 34.14
N VAL E 218 4.59 -10.81 33.67
CA VAL E 218 3.20 -10.59 33.31
C VAL E 218 2.35 -10.85 34.52
N ASP E 219 1.39 -9.98 34.78
CA ASP E 219 0.60 -10.14 35.97
C ASP E 219 -0.85 -9.77 35.75
N VAL E 220 -1.73 -10.67 36.11
CA VAL E 220 -3.14 -10.43 35.90
C VAL E 220 -3.64 -9.50 36.99
N LYS E 221 -4.17 -8.37 36.57
CA LYS E 221 -4.85 -7.45 37.46
C LYS E 221 -6.30 -7.85 37.27
N ASN E 222 -7.04 -7.96 38.37
CA ASN E 222 -8.19 -8.86 38.44
C ASN E 222 -8.45 -9.55 37.10
N LYS E 223 -9.04 -8.89 36.12
CA LYS E 223 -9.21 -9.55 34.83
C LYS E 223 -8.38 -8.99 33.69
N ARG E 224 -7.51 -8.02 33.91
CA ARG E 224 -6.77 -7.37 32.83
C ARG E 224 -5.29 -7.69 32.97
N THR E 225 -4.66 -8.07 31.87
CA THR E 225 -3.25 -8.40 31.89
C THR E 225 -2.35 -7.24 31.52
N PHE E 226 -1.36 -6.98 32.37
CA PHE E 226 -0.42 -5.91 32.09
C PHE E 226 0.98 -6.41 32.40
N LEU E 227 1.94 -5.79 31.74
CA LEU E 227 3.34 -6.16 31.92
C LEU E 227 3.98 -5.28 32.98
N SER E 228 4.75 -5.88 33.87
CA SER E 228 5.32 -5.09 34.95
C SER E 228 6.80 -5.37 35.18
N PRO E 229 7.53 -4.37 35.61
CA PRO E 229 8.92 -4.57 36.02
C PRO E 229 9.02 -5.39 37.30
N TRP E 230 9.99 -6.29 37.32
CA TRP E 230 10.17 -7.21 38.45
C TRP E 230 10.40 -6.49 39.75
N ILE E 231 9.51 -6.69 40.71
CA ILE E 231 9.74 -6.24 42.07
C ILE E 231 10.10 -7.44 42.91
N SER E 232 11.23 -7.38 43.60
CA SER E 232 11.74 -8.56 44.28
C SER E 232 10.82 -9.04 45.41
N ASN E 233 10.30 -8.12 46.21
CA ASN E 233 9.63 -8.50 47.44
C ASN E 233 8.14 -8.74 47.29
N ILE E 234 7.46 -8.02 46.41
CA ILE E 234 6.01 -8.08 46.37
C ILE E 234 5.50 -9.11 45.38
N HIS E 235 6.33 -9.55 44.46
CA HIS E 235 5.90 -10.53 43.48
C HIS E 235 6.22 -11.95 43.87
N GLU E 236 7.26 -12.15 44.69
CA GLU E 236 7.73 -13.49 44.99
C GLU E 236 6.68 -14.29 45.74
N LYS E 237 5.96 -13.67 46.66
CA LYS E 237 4.98 -14.42 47.40
C LYS E 237 3.87 -14.95 46.52
N LYS E 238 3.68 -14.41 45.33
CA LYS E 238 2.59 -14.90 44.52
C LYS E 238 3.01 -16.06 43.64
N GLY E 239 4.27 -16.47 43.71
CA GLY E 239 4.70 -17.59 42.88
C GLY E 239 4.76 -17.18 41.42
N LEU E 240 5.21 -15.97 41.14
CA LEU E 240 5.34 -15.49 39.78
C LEU E 240 6.77 -15.67 39.34
N THR E 241 6.96 -15.98 38.06
CA THR E 241 8.30 -16.21 37.55
C THR E 241 8.99 -14.95 37.05
N LYS E 242 10.26 -14.83 37.41
CA LYS E 242 11.10 -13.74 36.98
C LYS E 242 11.72 -14.08 35.63
N TYR E 243 11.28 -13.41 34.58
CA TYR E 243 11.74 -13.63 33.23
C TYR E 243 12.92 -12.74 32.88
N LYS E 244 13.71 -13.21 31.93
CA LYS E 244 14.78 -12.42 31.36
C LYS E 244 14.74 -12.67 29.87
N SER E 245 15.31 -11.78 29.08
CA SER E 245 15.27 -12.02 27.66
C SER E 245 16.25 -11.09 26.98
N SER E 246 16.26 -11.16 25.67
CA SER E 246 17.16 -10.34 24.90
C SER E 246 16.44 -9.17 24.30
N PRO E 247 16.87 -7.96 24.60
CA PRO E 247 16.30 -6.79 23.98
C PRO E 247 16.61 -6.68 22.52
N GLU E 248 17.34 -7.61 21.93
CA GLU E 248 17.67 -7.42 20.54
C GLU E 248 17.30 -8.59 19.64
N LYS E 249 16.32 -9.37 20.03
CA LYS E 249 15.93 -10.51 19.23
C LYS E 249 14.42 -10.53 19.20
N TRP E 250 13.86 -10.57 18.01
CA TRP E 250 12.43 -10.64 17.94
C TRP E 250 11.98 -11.95 18.53
N SER E 251 12.87 -12.93 18.55
CA SER E 251 12.63 -14.23 19.16
C SER E 251 13.91 -14.73 19.82
N THR E 252 14.05 -14.50 21.12
CA THR E 252 15.28 -14.88 21.77
C THR E 252 15.66 -16.29 21.41
N ALA E 253 14.68 -17.17 21.39
CA ALA E 253 14.99 -18.53 21.03
C ALA E 253 15.38 -18.67 19.58
N SER E 254 14.88 -17.78 18.74
CA SER E 254 15.02 -17.80 17.29
C SER E 254 13.92 -18.65 16.68
N ASP E 255 12.99 -19.17 17.45
CA ASP E 255 11.91 -19.91 16.86
C ASP E 255 10.88 -18.90 16.35
N PRO E 256 9.93 -19.32 15.61
CA PRO E 256 9.06 -18.35 14.97
C PRO E 256 8.06 -17.69 15.88
N TYR E 257 8.37 -17.60 17.16
CA TYR E 257 7.38 -16.94 18.04
C TYR E 257 8.11 -15.88 18.84
N SER E 258 7.57 -14.67 18.83
CA SER E 258 8.24 -13.54 19.45
C SER E 258 8.28 -13.70 20.96
N ASP E 259 9.30 -13.10 21.54
CA ASP E 259 9.47 -13.09 22.97
C ASP E 259 8.19 -12.71 23.68
N PHE E 260 7.47 -11.76 23.13
CA PHE E 260 6.27 -11.26 23.78
C PHE E 260 5.15 -12.25 23.74
N GLU E 261 4.90 -12.81 22.57
CA GLU E 261 3.79 -13.73 22.43
C GLU E 261 3.87 -14.91 23.39
N LYS E 262 5.05 -15.52 23.56
CA LYS E 262 5.08 -16.70 24.42
C LYS E 262 4.51 -16.41 25.80
N VAL E 263 5.03 -15.43 26.49
CA VAL E 263 4.59 -15.27 27.86
C VAL E 263 3.20 -14.71 27.96
N THR E 264 2.75 -13.97 26.98
CA THR E 264 1.44 -13.37 27.09
C THR E 264 0.31 -14.26 26.64
N GLY E 265 0.61 -15.34 25.93
CA GLY E 265 -0.34 -16.30 25.40
C GLY E 265 -0.89 -16.13 24.00
N ARG E 266 -0.65 -15.03 23.30
CA ARG E 266 -1.14 -15.08 21.92
C ARG E 266 -0.26 -15.96 21.08
N ILE E 267 -0.62 -17.24 21.05
CA ILE E 267 0.20 -18.26 20.45
C ILE E 267 -0.64 -19.50 20.33
N ASP E 268 -0.24 -20.41 19.45
CA ASP E 268 -0.97 -21.65 19.40
C ASP E 268 -1.10 -22.27 20.76
N LYS E 269 -2.34 -22.35 21.21
CA LYS E 269 -2.60 -22.80 22.56
C LYS E 269 -2.15 -24.24 22.68
N ASN E 270 -1.59 -24.79 21.63
CA ASN E 270 -1.17 -26.16 21.70
C ASN E 270 0.28 -26.36 22.10
N VAL E 271 1.12 -25.34 21.99
CA VAL E 271 2.51 -25.49 22.40
C VAL E 271 2.59 -25.90 23.86
N SER E 272 3.38 -26.92 24.15
CA SER E 272 3.40 -27.44 25.51
C SER E 272 3.76 -26.33 26.48
N PRO E 273 3.27 -26.41 27.72
CA PRO E 273 3.55 -25.35 28.70
C PRO E 273 5.01 -25.04 28.96
N GLU E 274 5.82 -26.04 29.22
CA GLU E 274 7.20 -25.77 29.57
C GLU E 274 7.92 -24.96 28.51
N ALA E 275 7.45 -24.97 27.30
CA ALA E 275 8.06 -24.14 26.28
C ALA E 275 7.47 -22.76 26.23
N ARG E 276 6.54 -22.43 27.11
CA ARG E 276 6.04 -21.07 27.09
C ARG E 276 7.10 -20.10 27.55
N HIS E 277 8.11 -20.58 28.20
CA HIS E 277 9.16 -19.74 28.73
C HIS E 277 10.14 -19.31 27.65
N PRO E 278 10.51 -18.04 27.62
CA PRO E 278 11.23 -17.50 26.49
C PRO E 278 12.53 -18.15 26.19
N LEU E 279 13.08 -18.97 27.07
CA LEU E 279 14.42 -19.46 26.79
C LEU E 279 14.42 -20.91 26.33
N VAL E 280 13.27 -21.40 25.91
CA VAL E 280 13.17 -22.78 25.48
C VAL E 280 12.67 -22.85 24.07
N ALA E 281 13.51 -23.33 23.18
CA ALA E 281 13.12 -23.40 21.80
C ALA E 281 11.93 -24.31 21.68
N ALA E 282 10.94 -23.89 20.94
CA ALA E 282 9.77 -24.70 20.71
C ALA E 282 9.80 -25.20 19.28
N TYR E 283 10.00 -26.49 19.07
CA TYR E 283 10.04 -26.95 17.71
C TYR E 283 9.63 -28.41 17.70
N PRO E 284 9.30 -28.95 16.53
CA PRO E 284 8.83 -30.34 16.47
C PRO E 284 9.97 -31.34 16.37
N ILE E 285 9.70 -32.52 16.90
CA ILE E 285 10.60 -33.66 16.83
C ILE E 285 9.86 -34.95 16.57
N VAL E 286 9.82 -35.38 15.33
CA VAL E 286 9.02 -36.52 14.91
C VAL E 286 9.87 -37.75 14.70
N HIS E 287 9.49 -38.84 15.34
CA HIS E 287 10.08 -40.14 15.07
C HIS E 287 8.97 -41.15 14.90
N VAL E 288 9.31 -42.29 14.33
CA VAL E 288 8.35 -43.31 13.93
C VAL E 288 8.39 -44.48 14.89
N ASP E 289 7.22 -44.96 15.29
CA ASP E 289 7.13 -46.10 16.19
C ASP E 289 6.41 -47.24 15.46
N MET E 290 7.08 -48.37 15.34
CA MET E 290 6.56 -49.56 14.67
C MET E 290 6.11 -50.60 15.67
N GLU E 291 4.83 -50.98 15.64
CA GLU E 291 4.31 -51.93 16.62
C GLU E 291 4.39 -53.41 16.25
N ASN E 292 4.17 -53.82 15.00
CA ASN E 292 4.21 -55.24 14.72
C ASN E 292 4.36 -55.52 13.22
N ILE E 293 4.95 -56.69 12.93
CA ILE E 293 5.21 -57.09 11.55
C ILE E 293 4.54 -58.42 11.21
N ILE E 294 4.66 -58.83 9.95
CA ILE E 294 4.16 -60.11 9.47
C ILE E 294 5.04 -60.53 8.30
N LEU E 295 5.26 -61.84 8.14
CA LEU E 295 6.16 -62.35 7.11
C LEU E 295 5.54 -63.55 6.38
N SER E 296 6.01 -63.77 5.16
CA SER E 296 5.55 -64.84 4.30
C SER E 296 6.52 -64.92 3.12
N LYS E 297 6.21 -65.76 2.13
CA LYS E 297 7.04 -65.92 0.93
C LYS E 297 6.27 -65.51 -0.32
N ASN E 298 6.92 -64.72 -1.17
CA ASN E 298 6.31 -64.19 -2.39
C ASN E 298 5.41 -65.18 -3.11
N ARG E 311 0.69 -70.13 7.74
CA ARG E 311 2.13 -70.29 7.56
C ARG E 311 2.79 -68.94 7.40
N THR E 312 2.23 -67.93 8.05
CA THR E 312 2.75 -66.57 8.06
C THR E 312 3.15 -66.19 9.48
N ILE E 313 4.43 -65.93 9.70
CA ILE E 313 4.91 -65.61 11.03
C ILE E 313 4.52 -64.17 11.35
N SER E 314 3.52 -64.01 12.19
CA SER E 314 2.99 -62.71 12.59
C SER E 314 3.34 -62.49 14.06
N LYS E 315 4.34 -61.67 14.29
CA LYS E 315 4.82 -61.38 15.63
C LYS E 315 4.69 -59.88 15.93
N ASN E 316 4.36 -59.57 17.18
CA ASN E 316 4.29 -58.19 17.65
C ASN E 316 5.67 -57.68 18.03
N THR E 317 5.97 -56.43 17.69
CA THR E 317 7.29 -55.87 17.94
C THR E 317 7.25 -54.70 18.94
N SER E 318 8.42 -54.42 19.52
CA SER E 318 8.59 -53.29 20.43
C SER E 318 9.74 -52.42 19.95
N THR E 319 9.52 -51.12 19.96
CA THR E 319 10.46 -50.15 19.45
C THR E 319 10.89 -49.18 20.53
N SER E 320 12.12 -48.69 20.42
CA SER E 320 12.62 -47.68 21.33
C SER E 320 13.35 -46.63 20.51
N ARG E 321 13.09 -45.37 20.79
CA ARG E 321 13.82 -44.30 20.13
C ARG E 321 15.28 -44.30 20.53
N THR E 322 16.18 -44.28 19.56
CA THR E 322 17.56 -44.47 19.91
C THR E 322 18.36 -43.18 19.78
N HIS E 323 19.56 -43.23 20.34
CA HIS E 323 20.53 -42.16 20.23
C HIS E 323 21.90 -42.75 20.54
N THR E 324 22.87 -42.56 19.67
CA THR E 324 24.17 -43.11 20.05
C THR E 324 25.17 -41.97 20.18
N SER E 325 26.43 -42.32 20.43
CA SER E 325 27.46 -41.30 20.62
C SER E 325 27.88 -40.70 19.29
N GLY E 347 30.26 -38.86 19.13
CA GLY E 347 30.04 -37.99 17.99
C GLY E 347 28.63 -38.07 17.41
N PHE E 348 27.65 -37.70 18.23
CA PHE E 348 26.25 -37.76 17.84
C PHE E 348 25.74 -36.44 17.30
N SER E 349 25.01 -36.53 16.21
CA SER E 349 24.63 -35.40 15.39
C SER E 349 23.13 -35.25 15.42
N ASN E 350 22.70 -34.09 14.97
CA ASN E 350 21.31 -33.67 15.09
C ASN E 350 20.50 -34.28 13.97
N SER E 351 20.22 -35.57 14.09
CA SER E 351 19.43 -36.28 13.10
C SER E 351 18.75 -37.42 13.82
N ASN E 352 17.45 -37.51 13.62
CA ASN E 352 16.63 -38.43 14.37
C ASN E 352 16.63 -39.83 13.80
N SER E 353 16.69 -40.81 14.70
CA SER E 353 16.65 -42.21 14.33
C SER E 353 16.05 -42.99 15.49
N SER E 354 15.39 -44.09 15.19
CA SER E 354 14.86 -44.94 16.23
C SER E 354 15.29 -46.37 15.96
N THR E 355 14.88 -47.26 16.84
CA THR E 355 15.31 -48.64 16.75
C THR E 355 14.29 -49.57 17.37
N VAL E 356 13.80 -50.50 16.59
CA VAL E 356 12.85 -51.48 17.08
C VAL E 356 13.62 -52.73 17.46
N ALA E 357 13.12 -53.43 18.46
CA ALA E 357 13.68 -54.72 18.86
C ALA E 357 12.55 -55.71 18.94
N ILE E 358 12.68 -56.76 18.22
CA ILE E 358 11.65 -57.77 18.14
C ILE E 358 11.83 -58.80 19.25
N ASP E 359 10.74 -59.16 19.90
CA ASP E 359 10.81 -60.21 20.90
C ASP E 359 11.24 -61.47 20.18
N HIS E 360 12.14 -62.23 20.78
CA HIS E 360 12.59 -63.46 20.14
C HIS E 360 11.91 -64.72 20.65
N SER E 361 11.24 -64.67 21.81
CA SER E 361 10.64 -65.87 22.38
C SER E 361 9.58 -66.46 21.45
N LEU E 362 9.43 -67.79 21.51
CA LEU E 362 8.54 -68.54 20.63
C LEU E 362 7.12 -68.54 21.17
N SER E 363 6.26 -67.72 20.58
CA SER E 363 4.85 -67.75 20.95
C SER E 363 4.22 -69.09 20.63
N LEU E 364 4.55 -69.68 19.47
CA LEU E 364 4.10 -71.01 19.12
C LEU E 364 5.19 -72.05 19.31
N ALA E 365 4.80 -73.18 19.90
CA ALA E 365 5.73 -74.29 20.12
C ALA E 365 6.33 -74.80 18.83
N GLY E 366 5.51 -75.12 17.84
CA GLY E 366 5.95 -75.79 16.64
C GLY E 366 6.71 -74.99 15.61
N GLU E 367 7.04 -73.74 15.88
CA GLU E 367 7.61 -72.86 14.86
C GLU E 367 9.13 -72.82 14.94
N ARG E 368 9.78 -73.93 15.26
CA ARG E 368 11.24 -73.97 15.24
C ARG E 368 11.80 -73.73 13.85
N THR E 369 12.80 -72.86 13.78
CA THR E 369 13.45 -72.54 12.51
C THR E 369 12.52 -71.77 11.58
N TRP E 370 12.65 -70.46 11.54
CA TRP E 370 11.80 -69.65 10.68
C TRP E 370 12.01 -70.05 9.23
N ALA E 371 13.26 -70.33 8.86
CA ALA E 371 13.59 -70.65 7.47
C ALA E 371 12.63 -71.70 6.90
N GLU E 372 12.05 -72.53 7.76
CA GLU E 372 11.13 -73.56 7.30
C GLU E 372 9.68 -73.18 7.55
N THR E 373 9.40 -72.43 8.62
CA THR E 373 8.05 -71.95 8.86
C THR E 373 7.54 -71.15 7.67
N MET E 374 8.45 -70.49 6.98
CA MET E 374 8.18 -69.86 5.70
C MET E 374 8.92 -70.69 4.67
N GLY E 375 8.20 -71.17 3.66
CA GLY E 375 8.86 -72.00 2.67
C GLY E 375 9.88 -71.23 1.86
N LEU E 376 10.95 -70.81 2.52
CA LEU E 376 11.95 -70.01 1.88
C LEU E 376 13.01 -70.90 1.25
N ASN E 377 13.26 -70.68 -0.04
CA ASN E 377 14.27 -71.39 -0.80
C ASN E 377 15.37 -70.41 -1.17
N THR E 378 16.51 -70.97 -1.56
CA THR E 378 17.65 -70.14 -1.93
C THR E 378 17.24 -69.09 -2.94
N ALA E 379 16.29 -69.42 -3.81
CA ALA E 379 15.84 -68.52 -4.85
C ALA E 379 14.45 -67.97 -4.56
N ASP E 380 14.08 -67.81 -3.29
CA ASP E 380 12.79 -67.23 -2.95
C ASP E 380 12.96 -65.79 -2.46
N THR E 381 11.82 -65.12 -2.23
CA THR E 381 11.80 -63.76 -1.68
C THR E 381 10.59 -63.60 -0.77
N ALA E 382 10.81 -63.03 0.41
CA ALA E 382 9.75 -62.77 1.36
C ALA E 382 9.29 -61.31 1.30
N ARG E 383 8.02 -61.09 1.61
CA ARG E 383 7.47 -59.74 1.67
C ARG E 383 7.14 -59.38 3.12
N LEU E 384 7.44 -58.14 3.49
CA LEU E 384 7.26 -57.61 4.83
C LEU E 384 6.16 -56.57 4.92
N ASN E 385 5.28 -56.74 5.90
CA ASN E 385 4.11 -55.88 6.04
C ASN E 385 3.89 -55.60 7.52
N ALA E 386 4.22 -54.40 7.96
CA ALA E 386 4.20 -53.99 9.35
C ALA E 386 3.16 -52.89 9.57
N ASN E 387 2.90 -52.59 10.83
CA ASN E 387 2.02 -51.50 11.24
C ASN E 387 2.77 -50.47 12.09
N ILE E 388 2.56 -49.18 11.79
CA ILE E 388 3.26 -48.09 12.48
C ILE E 388 2.29 -46.99 12.88
N ARG E 389 2.73 -46.20 13.86
CA ARG E 389 2.11 -44.93 14.22
C ARG E 389 3.19 -43.89 14.40
N TYR E 390 2.84 -42.62 14.21
CA TYR E 390 3.77 -41.52 14.36
C TYR E 390 3.73 -40.93 15.75
N VAL E 391 4.89 -40.55 16.25
CA VAL E 391 5.02 -40.01 17.60
C VAL E 391 5.64 -38.64 17.53
N ASN E 392 5.01 -37.69 18.21
CA ASN E 392 5.52 -36.34 18.38
C ASN E 392 6.10 -36.19 19.77
N THR E 393 7.42 -36.21 19.88
CA THR E 393 8.03 -36.03 21.18
C THR E 393 8.67 -34.67 21.34
N GLY E 394 8.37 -33.75 20.45
CA GLY E 394 8.96 -32.43 20.51
C GLY E 394 8.16 -31.52 21.38
N THR E 395 8.17 -30.24 21.03
CA THR E 395 7.45 -29.25 21.79
C THR E 395 6.57 -28.34 20.95
N ALA E 396 6.38 -28.63 19.67
CA ALA E 396 5.56 -27.76 18.86
C ALA E 396 4.83 -28.58 17.83
N PRO E 397 3.73 -28.09 17.31
CA PRO E 397 2.90 -28.91 16.42
C PRO E 397 3.36 -28.87 14.97
N ILE E 398 3.21 -29.98 14.30
CA ILE E 398 3.30 -30.02 12.84
C ILE E 398 1.92 -30.10 12.26
N TYR E 399 1.74 -29.61 11.04
CA TYR E 399 0.39 -29.50 10.52
C TYR E 399 0.15 -30.32 9.26
N ASN E 400 0.75 -29.95 8.14
CA ASN E 400 0.29 -30.67 6.95
C ASN E 400 1.08 -31.93 6.63
N VAL E 401 2.38 -31.80 6.48
CA VAL E 401 3.19 -32.85 5.91
C VAL E 401 3.61 -33.86 6.96
N LEU E 402 4.09 -35.01 6.53
CA LEU E 402 4.65 -36.06 7.34
C LEU E 402 5.94 -36.57 6.73
N PRO E 403 6.93 -36.84 7.54
CA PRO E 403 8.28 -37.09 7.03
C PRO E 403 8.43 -38.41 6.33
N THR E 404 9.27 -38.41 5.31
CA THR E 404 9.77 -39.64 4.72
C THR E 404 10.78 -40.33 5.65
N THR E 405 10.80 -41.66 5.62
CA THR E 405 11.60 -42.45 6.54
C THR E 405 12.02 -43.75 5.89
N SER E 406 13.29 -44.11 6.05
CA SER E 406 13.88 -45.25 5.36
C SER E 406 14.27 -46.38 6.31
N LEU E 407 13.84 -47.59 5.96
CA LEU E 407 14.22 -48.80 6.67
C LEU E 407 15.61 -49.29 6.27
N VAL E 408 16.37 -49.73 7.27
CA VAL E 408 17.70 -50.27 7.02
C VAL E 408 17.94 -51.44 7.96
N LEU E 409 18.36 -52.58 7.41
CA LEU E 409 18.81 -53.68 8.23
C LEU E 409 20.32 -53.65 8.22
N GLY E 410 20.94 -53.97 9.35
CA GLY E 410 22.38 -53.97 9.35
C GLY E 410 23.01 -52.61 9.15
N LYS E 411 24.20 -52.63 8.55
CA LYS E 411 24.97 -51.40 8.38
C LYS E 411 24.49 -50.58 7.18
N ASN E 412 24.17 -51.20 6.06
CA ASN E 412 23.89 -50.37 4.89
C ASN E 412 22.79 -50.92 3.99
N GLN E 413 22.06 -51.93 4.41
CA GLN E 413 21.07 -52.55 3.54
C GLN E 413 19.76 -51.79 3.69
N THR E 414 19.51 -50.87 2.77
CA THR E 414 18.31 -50.06 2.80
C THR E 414 17.18 -50.86 2.18
N LEU E 415 16.23 -51.28 3.00
CA LEU E 415 15.16 -52.10 2.46
C LEU E 415 14.10 -51.28 1.73
N ALA E 416 13.80 -50.10 2.25
CA ALA E 416 12.69 -49.35 1.69
C ALA E 416 12.71 -47.95 2.25
N THR E 417 12.10 -47.04 1.50
CA THR E 417 11.90 -45.66 1.90
C THR E 417 10.40 -45.52 1.98
N ILE E 418 9.91 -45.11 3.14
CA ILE E 418 8.48 -45.08 3.34
C ILE E 418 7.90 -43.87 2.62
N LYS E 419 6.99 -44.14 1.70
CA LYS E 419 6.42 -43.08 0.90
C LYS E 419 5.79 -42.05 1.80
N ALA E 420 5.76 -40.83 1.32
CA ALA E 420 5.02 -39.76 1.95
C ALA E 420 3.62 -39.76 1.38
N LYS E 421 2.67 -40.38 2.08
CA LYS E 421 1.30 -40.37 1.57
C LYS E 421 0.92 -38.92 1.30
N GLU E 422 0.11 -38.68 0.28
CA GLU E 422 -0.13 -37.32 -0.19
C GLU E 422 -1.51 -36.78 0.13
N ASN E 423 -1.54 -35.60 0.74
CA ASN E 423 -2.75 -34.86 1.07
C ASN E 423 -3.73 -35.69 1.90
N GLN E 424 -3.20 -36.43 2.86
CA GLN E 424 -4.04 -37.31 3.67
C GLN E 424 -3.92 -37.06 5.15
N LEU E 425 -2.86 -36.40 5.59
CA LEU E 425 -2.65 -36.14 7.01
C LEU E 425 -3.14 -34.75 7.38
N SER E 426 -4.41 -34.55 7.10
CA SER E 426 -5.07 -33.29 7.37
C SER E 426 -5.33 -33.09 8.86
N GLN E 427 -4.96 -34.08 9.67
CA GLN E 427 -5.11 -34.00 11.11
C GLN E 427 -3.88 -33.35 11.72
N ILE E 428 -3.80 -33.32 13.03
CA ILE E 428 -2.79 -32.55 13.73
C ILE E 428 -1.97 -33.44 14.63
N LEU E 429 -0.71 -33.08 14.77
CA LEU E 429 0.16 -33.80 15.68
C LEU E 429 0.51 -32.91 16.85
N ALA E 430 -0.27 -33.01 17.90
CA ALA E 430 0.07 -32.20 19.05
C ALA E 430 1.22 -32.84 19.81
N PRO E 431 1.95 -32.07 20.58
CA PRO E 431 3.06 -32.64 21.34
C PRO E 431 2.63 -33.78 22.24
N ASN E 432 3.44 -34.84 22.26
CA ASN E 432 3.21 -35.99 23.12
C ASN E 432 1.95 -36.75 22.73
N ASN E 433 1.70 -36.82 21.44
CA ASN E 433 0.54 -37.52 20.93
C ASN E 433 0.97 -38.49 19.87
N TYR E 434 0.04 -39.35 19.50
CA TYR E 434 0.32 -40.34 18.48
C TYR E 434 -0.51 -40.01 17.26
N TYR E 435 0.00 -40.42 16.10
CA TYR E 435 -0.75 -40.34 14.85
C TYR E 435 -0.66 -41.66 14.11
N PRO E 436 -1.77 -42.32 13.88
CA PRO E 436 -3.07 -41.84 14.31
C PRO E 436 -3.27 -42.15 15.75
N SER E 437 -4.18 -41.44 16.42
CA SER E 437 -4.37 -41.64 17.84
C SER E 437 -4.52 -43.10 18.21
N LYS E 438 -4.31 -43.40 19.49
CA LYS E 438 -4.39 -44.75 20.01
C LYS E 438 -5.73 -45.42 19.77
N ASN E 439 -6.74 -44.69 19.35
CA ASN E 439 -8.05 -45.27 19.20
C ASN E 439 -8.32 -45.78 17.81
N LEU E 440 -7.39 -45.63 16.89
CA LEU E 440 -7.68 -45.97 15.51
C LEU E 440 -6.73 -47.01 14.98
N ALA E 441 -7.13 -47.65 13.90
CA ALA E 441 -6.27 -48.61 13.24
C ALA E 441 -4.97 -47.95 12.80
N PRO E 442 -3.85 -48.60 13.03
CA PRO E 442 -2.57 -48.04 12.55
C PRO E 442 -2.44 -48.13 11.05
N ILE E 443 -1.66 -47.21 10.49
CA ILE E 443 -1.47 -47.14 9.06
C ILE E 443 -0.73 -48.37 8.55
N ALA E 444 -1.40 -49.13 7.68
CA ALA E 444 -0.78 -50.28 7.05
C ALA E 444 0.39 -49.84 6.18
N LEU E 445 1.53 -50.50 6.34
CA LEU E 445 2.71 -50.05 5.62
C LEU E 445 2.59 -50.37 4.14
N ASN E 446 2.37 -51.63 3.81
CA ASN E 446 2.10 -51.93 2.41
C ASN E 446 0.85 -51.19 1.96
N ALA E 447 0.95 -50.60 0.76
CA ALA E 447 -0.10 -49.72 0.26
C ALA E 447 -1.42 -50.46 0.12
N GLN E 448 -1.36 -51.71 -0.34
CA GLN E 448 -2.48 -52.58 -0.68
C GLN E 448 -3.04 -52.16 -2.04
N ASP E 449 -2.43 -51.17 -2.70
CA ASP E 449 -2.82 -50.68 -4.01
C ASP E 449 -1.86 -51.23 -5.07
N ASP E 450 -1.77 -50.53 -6.19
CA ASP E 450 -0.99 -51.00 -7.34
C ASP E 450 0.34 -50.29 -7.49
N PHE E 451 0.78 -49.54 -6.47
CA PHE E 451 2.00 -48.76 -6.61
C PHE E 451 3.19 -49.65 -6.87
N SER E 452 3.33 -50.73 -6.10
CA SER E 452 4.33 -51.74 -6.39
C SER E 452 3.73 -53.07 -5.98
N SER E 453 3.90 -54.09 -6.83
CA SER E 453 3.26 -55.38 -6.59
C SER E 453 3.72 -55.95 -5.27
N THR E 454 5.03 -55.92 -5.03
CA THR E 454 5.59 -56.30 -3.73
C THR E 454 6.71 -55.31 -3.47
N PRO E 455 6.36 -54.14 -2.94
CA PRO E 455 7.39 -53.12 -2.76
C PRO E 455 8.51 -53.61 -1.87
N ILE E 456 8.17 -54.36 -0.82
CA ILE E 456 9.16 -54.83 0.14
C ILE E 456 9.69 -56.22 -0.21
N THR E 457 10.43 -56.32 -1.31
CA THR E 457 11.15 -57.56 -1.56
C THR E 457 12.32 -57.66 -0.59
N MET E 458 12.88 -58.85 -0.46
CA MET E 458 13.98 -59.02 0.49
C MET E 458 14.65 -60.34 0.13
N ASN E 459 15.87 -60.27 -0.42
CA ASN E 459 16.57 -61.48 -0.85
C ASN E 459 16.85 -62.44 0.30
N TYR E 460 17.26 -63.64 -0.08
CA TYR E 460 17.50 -64.68 0.89
C TYR E 460 18.57 -64.25 1.87
N ASN E 461 19.75 -63.91 1.35
CA ASN E 461 20.85 -63.48 2.19
C ASN E 461 20.37 -62.43 3.18
N GLN E 462 19.53 -61.52 2.72
CA GLN E 462 18.97 -60.53 3.63
C GLN E 462 18.22 -61.22 4.76
N PHE E 463 17.29 -62.12 4.42
CA PHE E 463 16.61 -62.85 5.47
C PHE E 463 17.60 -63.49 6.40
N LEU E 464 18.71 -63.98 5.84
CA LEU E 464 19.73 -64.58 6.67
C LEU E 464 20.29 -63.52 7.59
N GLU E 465 20.71 -62.39 7.00
CA GLU E 465 21.18 -61.27 7.79
C GLU E 465 20.18 -60.90 8.86
N LEU E 466 18.90 -60.82 8.49
CA LEU E 466 17.89 -60.48 9.47
C LEU E 466 17.85 -61.48 10.60
N GLU E 467 17.97 -62.77 10.27
CA GLU E 467 17.89 -63.81 11.29
C GLU E 467 19.02 -63.76 12.30
N LYS E 468 20.22 -63.34 11.90
CA LYS E 468 21.29 -63.33 12.90
C LYS E 468 21.21 -62.15 13.85
N THR E 469 20.69 -60.98 13.43
CA THR E 469 20.74 -59.84 14.33
C THR E 469 19.41 -59.45 14.97
N LYS E 470 18.30 -59.64 14.29
CA LYS E 470 16.94 -59.40 14.82
C LYS E 470 16.70 -57.98 15.37
N GLN E 471 17.29 -56.93 14.77
CA GLN E 471 17.07 -55.54 15.18
C GLN E 471 16.90 -54.65 13.96
N LEU E 472 16.11 -53.59 14.09
CA LEU E 472 15.99 -52.67 12.97
C LEU E 472 16.09 -51.23 13.40
N ARG E 473 16.38 -50.39 12.40
CA ARG E 473 16.58 -48.95 12.54
C ARG E 473 15.61 -48.20 11.64
N LEU E 474 15.16 -47.05 12.12
CA LEU E 474 14.25 -46.18 11.39
C LEU E 474 14.82 -44.77 11.24
N ASP E 475 15.35 -44.47 10.06
CA ASP E 475 15.91 -43.15 9.79
C ASP E 475 14.89 -42.24 9.12
N THR E 476 14.73 -41.03 9.66
CA THR E 476 13.80 -40.00 9.21
C THR E 476 14.47 -38.66 8.99
N ASP E 477 14.00 -37.92 8.00
CA ASP E 477 14.55 -36.60 7.72
C ASP E 477 13.72 -35.53 8.43
N GLN E 478 14.04 -34.26 8.16
CA GLN E 478 13.47 -33.16 8.90
C GLN E 478 12.45 -32.34 8.11
N VAL E 479 11.82 -32.92 7.10
CA VAL E 479 10.88 -32.13 6.30
C VAL E 479 9.52 -32.02 6.98
N TYR E 480 9.36 -31.06 7.86
CA TYR E 480 8.03 -30.91 8.43
C TYR E 480 7.21 -29.96 7.59
N GLY E 481 6.07 -29.53 8.11
CA GLY E 481 5.14 -28.80 7.30
C GLY E 481 5.29 -27.31 7.33
N ASN E 482 4.18 -26.60 7.36
CA ASN E 482 4.23 -25.16 7.55
C ASN E 482 4.02 -24.81 9.01
N ILE E 483 3.92 -23.53 9.33
CA ILE E 483 3.86 -23.09 10.71
C ILE E 483 2.61 -22.27 10.96
N ALA E 484 2.07 -22.38 12.15
CA ALA E 484 0.90 -21.63 12.57
C ALA E 484 1.33 -20.38 13.33
N THR E 485 0.89 -19.22 12.86
CA THR E 485 1.24 -17.92 13.41
C THR E 485 0.01 -17.25 13.97
N TYR E 486 0.25 -16.36 14.90
CA TYR E 486 -0.82 -15.62 15.56
C TYR E 486 -1.06 -14.27 14.90
N ASN E 487 -2.33 -13.98 14.63
CA ASN E 487 -2.74 -12.74 13.98
C ASN E 487 -3.28 -11.79 15.03
N PHE E 488 -2.71 -10.59 15.08
CA PHE E 488 -3.10 -9.63 16.11
C PHE E 488 -4.49 -9.06 15.94
N GLU E 489 -4.95 -8.90 14.71
CA GLU E 489 -6.19 -8.15 14.50
C GLU E 489 -7.39 -8.79 15.17
N ASN E 490 -7.53 -10.09 15.08
CA ASN E 490 -8.71 -10.70 15.68
C ASN E 490 -8.39 -11.96 16.46
N GLY E 491 -7.13 -12.28 16.62
CA GLY E 491 -6.73 -13.41 17.42
C GLY E 491 -6.95 -14.76 16.83
N ARG E 492 -7.08 -14.86 15.53
CA ARG E 492 -7.26 -16.17 14.93
C ARG E 492 -5.88 -16.70 14.56
N VAL E 493 -5.68 -17.98 14.79
CA VAL E 493 -4.43 -18.63 14.46
C VAL E 493 -4.62 -19.39 13.15
N ARG E 494 -4.02 -18.86 12.09
CA ARG E 494 -4.19 -19.36 10.76
C ARG E 494 -2.84 -19.84 10.26
N VAL E 495 -2.84 -20.92 9.49
CA VAL E 495 -1.62 -21.50 8.96
C VAL E 495 -1.12 -20.72 7.75
N ASP E 496 -0.01 -20.03 7.92
CA ASP E 496 0.58 -19.21 6.86
C ASP E 496 1.40 -20.04 5.89
N THR E 497 1.17 -19.81 4.61
CA THR E 497 1.88 -20.55 3.59
C THR E 497 3.25 -19.97 3.31
N GLY E 498 3.63 -18.92 4.00
CA GLY E 498 4.97 -18.41 3.76
C GLY E 498 5.99 -19.07 4.65
N SER E 499 5.65 -19.35 5.90
CA SER E 499 6.62 -19.87 6.85
C SER E 499 6.63 -21.38 6.89
N ASN E 500 7.82 -21.95 6.78
CA ASN E 500 8.02 -23.38 6.67
C ASN E 500 9.17 -23.82 7.55
N TRP E 501 8.93 -24.83 8.37
CA TRP E 501 9.92 -25.28 9.33
C TRP E 501 11.24 -25.61 8.69
N SER E 502 11.25 -25.91 7.40
CA SER E 502 12.53 -26.30 6.85
C SER E 502 13.48 -25.16 6.68
N GLU E 503 13.07 -23.95 7.01
CA GLU E 503 13.99 -22.84 6.94
C GLU E 503 14.46 -22.41 8.31
N VAL E 504 13.71 -22.75 9.34
CA VAL E 504 14.03 -22.30 10.68
C VAL E 504 14.89 -23.28 11.45
N LEU E 505 14.54 -24.56 11.47
CA LEU E 505 15.33 -25.48 12.29
C LEU E 505 16.82 -25.30 12.17
N PRO E 506 17.39 -25.20 11.01
CA PRO E 506 18.83 -25.01 10.96
C PRO E 506 19.29 -23.84 11.79
N GLN E 507 18.56 -22.73 11.78
CA GLN E 507 18.96 -21.60 12.60
C GLN E 507 18.99 -21.92 14.07
N ILE E 508 17.87 -22.39 14.58
CA ILE E 508 17.76 -22.77 15.99
C ILE E 508 18.85 -23.73 16.38
N GLN E 509 19.16 -24.66 15.50
CA GLN E 509 20.08 -25.72 15.82
C GLN E 509 21.48 -25.22 16.01
N GLU E 510 21.75 -23.97 15.67
CA GLU E 510 23.09 -23.42 15.81
C GLU E 510 23.26 -22.38 16.89
N THR E 511 22.26 -22.09 17.70
CA THR E 511 22.42 -21.03 18.67
C THR E 511 21.99 -21.47 20.06
N THR E 512 21.87 -22.77 20.28
CA THR E 512 21.42 -23.28 21.55
C THR E 512 22.27 -24.46 22.00
N ALA E 513 22.33 -24.65 23.30
CA ALA E 513 22.91 -25.85 23.88
C ALA E 513 21.80 -26.87 24.07
N ARG E 514 22.09 -28.11 23.75
CA ARG E 514 21.10 -29.16 23.70
C ARG E 514 21.30 -30.12 24.86
N ILE E 515 20.21 -30.41 25.56
CA ILE E 515 20.19 -31.19 26.80
C ILE E 515 19.32 -32.40 26.61
N ILE E 516 19.88 -33.57 26.85
CA ILE E 516 19.15 -34.81 26.78
C ILE E 516 18.97 -35.38 28.17
N PHE E 517 17.74 -35.73 28.51
CA PHE E 517 17.37 -36.22 29.82
C PHE E 517 16.47 -37.44 29.72
N ASN E 518 16.80 -38.49 30.46
CA ASN E 518 15.96 -39.68 30.54
C ASN E 518 15.40 -39.84 31.94
N GLY E 519 15.09 -38.75 32.61
CA GLY E 519 14.70 -38.92 33.98
C GLY E 519 13.29 -39.44 34.14
N LYS E 520 12.37 -38.88 33.38
CA LYS E 520 10.97 -39.15 33.62
C LYS E 520 10.64 -40.63 33.54
N ASP E 521 10.72 -41.21 32.35
CA ASP E 521 10.33 -42.61 32.17
C ASP E 521 11.36 -43.40 31.40
N LEU E 522 12.63 -43.07 31.54
CA LEU E 522 13.67 -43.79 30.83
C LEU E 522 13.53 -43.68 29.33
N ASN E 523 12.94 -42.59 28.86
CA ASN E 523 12.89 -42.33 27.44
C ASN E 523 13.62 -41.01 27.17
N LEU E 524 14.23 -40.94 26.01
CA LEU E 524 15.10 -39.81 25.70
C LEU E 524 14.26 -38.57 25.39
N VAL E 525 14.21 -37.65 26.33
CA VAL E 525 13.52 -36.38 26.16
C VAL E 525 14.51 -35.27 25.87
N GLU E 526 14.28 -34.53 24.80
CA GLU E 526 15.17 -33.47 24.33
C GLU E 526 14.60 -32.08 24.52
N ARG E 527 15.39 -31.19 25.07
CA ARG E 527 14.99 -29.82 25.23
C ARG E 527 16.12 -28.95 24.71
N ARG E 528 15.80 -27.74 24.26
CA ARG E 528 16.85 -26.86 23.76
C ARG E 528 16.83 -25.52 24.46
N ILE E 529 18.00 -25.10 24.93
CA ILE E 529 18.13 -23.83 25.62
C ILE E 529 19.04 -22.86 24.88
N ALA E 530 18.63 -21.61 24.83
CA ALA E 530 19.38 -20.57 24.15
C ALA E 530 20.59 -20.17 24.98
N ALA E 531 21.80 -20.39 24.48
CA ALA E 531 22.98 -19.99 25.21
C ALA E 531 23.81 -19.01 24.41
N VAL E 532 24.65 -18.29 25.13
CA VAL E 532 25.49 -17.27 24.54
C VAL E 532 26.64 -17.90 23.77
N ASN E 533 27.09 -17.19 22.74
CA ASN E 533 28.27 -17.56 21.96
C ASN E 533 29.28 -16.43 21.95
N PRO E 534 30.29 -16.52 22.77
CA PRO E 534 31.30 -15.47 22.86
C PRO E 534 31.70 -14.86 21.52
N SER E 535 31.77 -15.70 20.51
CA SER E 535 32.30 -15.27 19.21
C SER E 535 31.39 -14.31 18.45
N ASP E 536 30.13 -14.15 18.84
CA ASP E 536 29.19 -13.41 18.02
C ASP E 536 28.63 -12.22 18.79
N PRO E 537 28.88 -11.03 18.35
CA PRO E 537 28.36 -9.86 19.04
C PRO E 537 26.90 -9.95 19.39
N LEU E 538 26.06 -9.98 18.37
CA LEU E 538 24.62 -10.04 18.61
C LEU E 538 24.24 -11.14 19.57
N GLU E 539 24.95 -12.23 19.57
CA GLU E 539 24.51 -13.31 20.42
C GLU E 539 24.81 -13.07 21.88
N THR E 540 25.82 -12.27 22.18
CA THR E 540 26.07 -12.00 23.57
C THR E 540 24.90 -11.29 24.21
N THR E 541 23.97 -10.82 23.41
CA THR E 541 22.83 -10.15 23.96
C THR E 541 21.89 -11.09 24.70
N LYS E 542 22.10 -12.24 24.64
CA LYS E 542 21.02 -12.91 25.34
C LYS E 542 21.36 -12.99 26.82
N PRO E 543 20.37 -12.93 27.69
CA PRO E 543 20.65 -13.04 29.12
C PRO E 543 21.44 -14.29 29.41
N ASP E 544 22.42 -14.15 30.29
CA ASP E 544 23.24 -15.27 30.74
C ASP E 544 22.43 -16.38 31.39
N MET E 545 22.77 -17.60 31.04
CA MET E 545 22.04 -18.77 31.51
C MET E 545 22.95 -19.69 32.28
N THR E 546 22.67 -19.88 33.57
CA THR E 546 23.46 -20.81 34.35
C THR E 546 22.82 -22.18 34.31
N LEU E 547 23.68 -23.21 34.28
CA LEU E 547 23.21 -24.59 34.15
C LEU E 547 22.11 -24.92 35.12
N LYS E 548 22.30 -24.60 36.40
CA LYS E 548 21.28 -24.92 37.38
C LYS E 548 19.93 -24.34 37.00
N GLU E 549 19.92 -23.09 36.57
CA GLU E 549 18.65 -22.47 36.25
C GLU E 549 18.01 -23.12 35.04
N ALA E 550 18.80 -23.47 34.05
CA ALA E 550 18.25 -24.16 32.90
C ALA E 550 17.46 -25.39 33.32
N LEU E 551 18.09 -26.25 34.10
CA LEU E 551 17.40 -27.43 34.57
C LEU E 551 16.14 -27.06 35.31
N LYS E 552 16.15 -25.92 35.99
CA LYS E 552 14.97 -25.54 36.76
C LYS E 552 13.81 -25.25 35.82
N ILE E 553 14.08 -24.56 34.72
CA ILE E 553 13.01 -24.11 33.85
C ILE E 553 12.67 -25.08 32.74
N ALA E 554 13.55 -26.01 32.42
CA ALA E 554 13.27 -26.86 31.29
C ALA E 554 12.56 -28.16 31.62
N PHE E 555 12.75 -28.69 32.80
CA PHE E 555 12.21 -29.99 33.07
C PHE E 555 11.31 -30.04 34.28
N GLY E 556 11.54 -29.20 35.28
CA GLY E 556 10.71 -29.13 36.45
C GLY E 556 11.45 -29.39 37.74
N PHE E 557 12.75 -29.57 37.72
CA PHE E 557 13.51 -29.72 38.95
C PHE E 557 13.23 -28.53 39.86
N ASN E 558 13.25 -28.77 41.16
CA ASN E 558 13.04 -27.67 42.08
C ASN E 558 13.90 -27.84 43.32
N GLU E 559 13.75 -26.87 44.22
CA GLU E 559 14.53 -26.75 45.45
C GLU E 559 13.59 -26.62 46.63
N PRO E 560 13.03 -27.72 47.10
CA PRO E 560 12.25 -27.65 48.34
C PRO E 560 13.09 -27.13 49.50
N ASN E 561 14.29 -27.69 49.67
CA ASN E 561 15.20 -27.27 50.72
C ASN E 561 16.50 -26.73 50.15
N GLY E 562 16.44 -26.11 48.99
CA GLY E 562 17.64 -25.63 48.34
C GLY E 562 18.54 -26.70 47.76
N ASN E 563 18.14 -27.96 47.81
CA ASN E 563 18.90 -29.05 47.24
C ASN E 563 18.18 -29.56 46.00
N LEU E 564 18.88 -29.56 44.88
CA LEU E 564 18.29 -29.93 43.60
C LEU E 564 17.76 -31.36 43.61
N GLN E 565 16.52 -31.51 43.15
CA GLN E 565 15.88 -32.80 43.09
C GLN E 565 14.75 -32.78 42.06
N TYR E 566 14.48 -33.96 41.50
CA TYR E 566 13.37 -34.16 40.58
C TYR E 566 12.43 -35.12 41.26
N GLN E 567 11.35 -34.56 41.80
CA GLN E 567 10.36 -35.30 42.56
C GLN E 567 11.02 -36.42 43.37
N GLY E 568 11.85 -36.03 44.32
CA GLY E 568 12.50 -36.98 45.21
C GLY E 568 13.86 -37.48 44.79
N LYS E 569 14.02 -37.87 43.54
CA LYS E 569 15.29 -38.43 43.11
C LYS E 569 16.33 -37.32 43.09
N ASP E 570 17.32 -37.40 43.96
CA ASP E 570 18.36 -36.38 43.98
C ASP E 570 19.13 -36.31 42.68
N ILE E 571 19.61 -35.10 42.38
CA ILE E 571 20.46 -34.90 41.21
C ILE E 571 21.71 -35.74 41.28
N THR E 572 22.10 -36.17 42.47
CA THR E 572 23.36 -36.86 42.63
C THR E 572 23.34 -38.26 42.05
N GLU E 573 22.17 -38.79 41.74
CA GLU E 573 22.05 -40.11 41.17
C GLU E 573 22.18 -40.10 39.66
N PHE E 574 22.77 -39.06 39.08
CA PHE E 574 22.85 -38.97 37.63
C PHE E 574 24.27 -38.73 37.11
N ASP E 575 24.52 -39.28 35.93
CA ASP E 575 25.78 -39.12 35.21
C ASP E 575 25.76 -37.88 34.32
N PHE E 576 26.94 -37.36 34.07
CA PHE E 576 27.14 -36.27 33.14
C PHE E 576 28.09 -36.69 32.03
N ASN E 577 27.62 -36.64 30.80
CA ASN E 577 28.45 -36.95 29.66
C ASN E 577 28.53 -35.78 28.71
N PHE E 578 29.71 -35.56 28.15
CA PHE E 578 29.96 -34.37 27.34
C PHE E 578 30.65 -34.75 26.05
N ASP E 579 30.30 -34.04 24.98
CA ASP E 579 31.06 -34.15 23.75
C ASP E 579 32.48 -33.60 23.90
N GLN E 580 33.35 -34.10 23.02
CA GLN E 580 34.78 -33.87 23.16
C GLN E 580 35.09 -32.39 23.26
N GLN E 581 34.50 -31.58 22.38
CA GLN E 581 34.62 -30.14 22.53
C GLN E 581 34.09 -29.69 23.87
N THR E 582 32.84 -30.00 24.14
CA THR E 582 32.24 -29.56 25.39
C THR E 582 33.08 -29.99 26.58
N SER E 583 33.58 -31.22 26.53
CA SER E 583 34.45 -31.70 27.61
C SER E 583 35.62 -30.76 27.81
N GLN E 584 36.36 -30.48 26.74
CA GLN E 584 37.49 -29.58 26.84
C GLN E 584 37.05 -28.27 27.44
N ASN E 585 35.95 -27.72 26.95
CA ASN E 585 35.48 -26.45 27.46
C ASN E 585 35.24 -26.53 28.96
N ILE E 586 34.65 -27.62 29.42
CA ILE E 586 34.30 -27.72 30.83
C ILE E 586 35.50 -27.89 31.75
N LYS E 587 36.55 -28.59 31.31
CA LYS E 587 37.73 -28.68 32.16
C LYS E 587 38.33 -27.31 32.43
N ASN E 588 38.35 -26.43 31.43
CA ASN E 588 38.79 -25.07 31.70
C ASN E 588 37.93 -24.44 32.80
N GLN E 589 36.61 -24.44 32.60
CA GLN E 589 35.70 -23.84 33.57
C GLN E 589 35.92 -24.40 34.96
N LEU E 590 36.30 -25.67 35.04
CA LEU E 590 36.57 -26.30 36.30
C LEU E 590 37.86 -25.82 36.93
N ALA E 591 38.74 -25.20 36.14
CA ALA E 591 40.00 -24.75 36.72
C ALA E 591 39.85 -23.42 37.46
N GLU E 592 39.17 -22.44 36.87
CA GLU E 592 39.05 -21.17 37.56
C GLU E 592 38.20 -21.23 38.81
N LEU E 593 37.52 -22.34 39.09
CA LEU E 593 36.76 -22.41 40.32
C LEU E 593 37.45 -23.28 41.36
N ASN E 594 38.48 -24.02 40.98
CA ASN E 594 39.24 -24.82 41.92
C ASN E 594 38.33 -25.80 42.66
N ALA E 595 37.61 -26.59 41.87
CA ALA E 595 36.72 -27.59 42.41
C ALA E 595 36.90 -28.88 41.66
N THR E 596 36.57 -29.98 42.31
CA THR E 596 36.67 -31.29 41.71
C THR E 596 35.33 -31.99 41.57
N ASN E 597 34.38 -31.69 42.43
CA ASN E 597 33.05 -32.28 42.34
C ASN E 597 32.12 -31.29 41.68
N ILE E 598 31.71 -31.62 40.45
CA ILE E 598 30.86 -30.74 39.70
C ILE E 598 29.51 -30.62 40.37
N TYR E 599 29.16 -31.59 41.19
CA TYR E 599 27.85 -31.60 41.79
C TYR E 599 27.66 -30.46 42.77
N THR E 600 28.75 -29.90 43.26
CA THR E 600 28.69 -28.78 44.20
C THR E 600 28.60 -27.42 43.53
N VAL E 601 29.59 -27.11 42.70
CA VAL E 601 29.74 -25.81 42.04
C VAL E 601 28.79 -25.72 40.86
N LEU E 602 27.76 -26.55 40.88
CA LEU E 602 26.88 -26.65 39.73
C LEU E 602 26.34 -25.29 39.30
N ASP E 603 26.03 -24.43 40.23
CA ASP E 603 25.44 -23.16 39.86
C ASP E 603 26.43 -22.13 39.34
N LYS E 604 27.66 -22.51 39.02
CA LYS E 604 28.64 -21.53 38.54
C LYS E 604 29.21 -21.86 37.17
N ILE E 605 28.57 -22.74 36.41
CA ILE E 605 29.09 -23.12 35.10
C ILE E 605 28.32 -22.40 34.02
N LYS E 606 29.04 -21.67 33.18
CA LYS E 606 28.40 -20.91 32.11
C LYS E 606 28.15 -21.84 30.93
N LEU E 607 26.98 -21.71 30.32
CA LEU E 607 26.66 -22.45 29.13
C LEU E 607 26.95 -21.68 27.85
N ASN E 608 27.66 -22.29 26.92
CA ASN E 608 27.81 -21.69 25.61
C ASN E 608 27.04 -22.51 24.58
N ALA E 609 26.84 -21.92 23.42
CA ALA E 609 26.16 -22.58 22.32
C ALA E 609 26.91 -23.80 21.82
N LYS E 610 26.14 -24.79 21.37
CA LYS E 610 26.55 -26.02 20.73
C LYS E 610 27.03 -27.10 21.67
N MET E 611 26.92 -26.94 22.97
CA MET E 611 27.21 -28.07 23.84
C MET E 611 26.09 -29.09 23.81
N ASN E 612 26.47 -30.33 24.03
CA ASN E 612 25.56 -31.46 24.07
C ASN E 612 25.69 -32.12 25.43
N ILE E 613 24.59 -32.25 26.14
CA ILE E 613 24.62 -32.76 27.50
C ILE E 613 23.70 -33.94 27.60
N LEU E 614 24.18 -34.99 28.25
CA LEU E 614 23.46 -36.25 28.42
C LEU E 614 23.34 -36.61 29.88
N ILE E 615 22.11 -36.67 30.38
CA ILE E 615 21.84 -36.97 31.78
C ILE E 615 21.22 -38.34 31.87
N ARG E 616 21.96 -39.33 32.37
CA ARG E 616 21.45 -40.67 32.47
C ARG E 616 21.47 -41.12 33.92
N ASP E 617 20.52 -41.95 34.29
CA ASP E 617 20.53 -42.51 35.63
C ASP E 617 21.78 -43.36 35.80
N LYS E 618 22.55 -43.11 36.87
CA LYS E 618 23.81 -43.82 37.05
C LYS E 618 23.63 -45.27 37.47
N ARG E 619 22.42 -45.69 37.81
CA ARG E 619 22.25 -46.98 38.44
C ARG E 619 22.13 -48.11 37.44
N PHE E 620 21.87 -47.78 36.19
CA PHE E 620 21.59 -48.78 35.18
C PHE E 620 22.76 -48.94 34.23
N HIS E 621 22.89 -50.14 33.68
CA HIS E 621 23.86 -50.34 32.62
C HIS E 621 23.30 -49.89 31.28
N TYR E 622 24.17 -49.44 30.41
CA TYR E 622 23.78 -48.89 29.12
C TYR E 622 24.60 -49.51 28.02
N ASP E 623 24.03 -49.53 26.81
CA ASP E 623 24.72 -50.06 25.66
C ASP E 623 25.33 -48.97 24.81
N ARG E 624 25.78 -49.36 23.63
CA ARG E 624 26.43 -48.43 22.72
C ARG E 624 25.44 -47.41 22.17
N ASN E 625 24.17 -47.78 22.04
CA ASN E 625 23.17 -46.88 21.49
C ASN E 625 22.38 -46.17 22.57
N ASN E 626 23.00 -46.00 23.72
CA ASN E 626 22.46 -45.30 24.86
C ASN E 626 21.03 -45.71 25.20
N ILE E 627 20.73 -46.95 25.08
CA ILE E 627 19.46 -47.45 25.54
C ILE E 627 19.72 -48.16 26.87
N ALA E 628 18.74 -48.10 27.75
CA ALA E 628 18.87 -48.82 29.01
C ALA E 628 18.90 -50.32 28.76
N VAL E 629 19.93 -51.00 29.27
CA VAL E 629 20.13 -52.42 28.96
C VAL E 629 20.34 -53.25 30.21
N GLY E 630 20.85 -52.65 31.27
CA GLY E 630 21.04 -53.41 32.48
C GLY E 630 21.15 -52.55 33.72
N ALA E 631 21.66 -53.17 34.78
CA ALA E 631 21.76 -52.51 36.08
C ALA E 631 22.57 -53.40 37.01
N ASP E 632 23.00 -52.83 38.12
CA ASP E 632 23.64 -53.62 39.17
C ASP E 632 22.60 -54.53 39.83
N GLU E 633 22.98 -55.80 40.04
CA GLU E 633 22.01 -56.77 40.55
C GLU E 633 21.38 -56.32 41.86
N SER E 634 22.16 -55.68 42.73
CA SER E 634 21.66 -55.36 44.05
C SER E 634 20.41 -54.49 44.01
N VAL E 635 20.38 -53.50 43.14
CA VAL E 635 19.16 -52.71 43.04
C VAL E 635 18.02 -53.56 42.55
N VAL E 636 18.30 -54.44 41.58
CA VAL E 636 17.26 -55.26 40.98
C VAL E 636 16.60 -56.15 42.02
N LYS E 637 17.39 -56.79 42.87
CA LYS E 637 16.81 -57.66 43.88
C LYS E 637 15.95 -56.87 44.86
N GLU E 638 16.46 -55.72 45.31
CA GLU E 638 15.70 -54.94 46.29
C GLU E 638 14.32 -54.61 45.75
N ALA E 639 14.19 -54.44 44.45
CA ALA E 639 12.90 -54.13 43.87
C ALA E 639 11.92 -55.27 44.00
N HIS E 640 12.37 -56.44 44.47
CA HIS E 640 11.50 -57.60 44.53
C HIS E 640 11.23 -58.07 45.94
N ARG E 641 11.76 -57.41 46.94
CA ARG E 641 11.57 -57.91 48.29
C ARG E 641 10.12 -57.77 48.78
N GLU E 642 9.21 -57.39 47.90
CA GLU E 642 7.80 -57.17 48.22
C GLU E 642 6.93 -58.16 47.45
N VAL E 643 6.68 -59.32 48.06
CA VAL E 643 5.88 -60.38 47.48
C VAL E 643 4.44 -60.11 47.89
N ILE E 644 3.64 -59.56 46.98
CA ILE E 644 2.26 -59.25 47.30
C ILE E 644 1.46 -60.52 47.54
N ASN E 645 1.75 -61.58 46.78
CA ASN E 645 1.06 -62.84 46.98
C ASN E 645 1.84 -63.95 46.30
N SER E 646 1.71 -65.16 46.86
CA SER E 646 2.36 -66.34 46.33
C SER E 646 1.45 -67.54 46.54
N SER E 647 1.35 -68.37 45.52
CA SER E 647 0.54 -69.58 45.55
C SER E 647 1.23 -70.61 44.69
N THR E 648 0.53 -71.72 44.44
CA THR E 648 1.08 -72.76 43.59
C THR E 648 0.81 -72.51 42.11
N GLU E 649 0.18 -71.39 41.76
CA GLU E 649 -0.11 -71.10 40.36
C GLU E 649 0.69 -69.94 39.76
N GLY E 650 1.44 -69.20 40.57
CA GLY E 650 2.23 -68.10 40.05
C GLY E 650 2.28 -66.93 41.00
N LEU E 651 3.04 -65.89 40.67
CA LEU E 651 3.18 -64.71 41.52
C LEU E 651 2.43 -63.51 40.95
N LEU E 652 1.85 -62.72 41.85
CA LEU E 652 1.22 -61.45 41.51
C LEU E 652 1.92 -60.31 42.26
N LEU E 653 2.97 -59.75 41.67
CA LEU E 653 3.72 -58.69 42.34
C LEU E 653 3.22 -57.30 41.94
N ASN E 654 3.69 -56.28 42.68
CA ASN E 654 3.45 -54.87 42.38
C ASN E 654 4.79 -54.14 42.46
N ILE E 655 5.45 -54.04 41.32
CA ILE E 655 6.79 -53.47 41.23
C ILE E 655 6.69 -52.12 40.54
N ASP E 656 7.63 -51.23 40.84
CA ASP E 656 7.67 -49.93 40.19
C ASP E 656 7.79 -50.06 38.67
N LYS E 657 6.80 -49.52 37.97
CA LYS E 657 6.62 -49.68 36.54
C LYS E 657 7.89 -49.50 35.74
N ASP E 658 8.88 -48.83 36.29
CA ASP E 658 10.06 -48.55 35.49
C ASP E 658 11.03 -49.70 35.40
N ILE E 659 11.22 -50.46 36.47
CA ILE E 659 12.23 -51.51 36.44
C ILE E 659 11.91 -52.61 35.45
N ARG E 660 10.65 -52.98 35.32
CA ARG E 660 10.33 -54.19 34.56
C ARG E 660 10.44 -54.01 33.06
N LYS E 661 11.24 -53.07 32.63
CA LYS E 661 11.57 -52.90 31.24
C LYS E 661 13.04 -53.20 30.99
N ILE E 662 13.76 -53.66 32.01
CA ILE E 662 15.13 -54.09 31.83
C ILE E 662 15.28 -55.57 32.21
N LEU E 663 14.17 -56.28 32.27
CA LEU E 663 14.18 -57.71 32.56
C LEU E 663 13.52 -58.39 31.38
N SER E 664 14.26 -59.25 30.70
CA SER E 664 13.72 -59.90 29.51
C SER E 664 12.80 -61.07 29.85
N GLY E 665 13.04 -61.80 30.93
CA GLY E 665 12.21 -62.93 31.24
C GLY E 665 12.73 -63.71 32.44
N TYR E 666 12.09 -64.84 32.69
CA TYR E 666 12.43 -65.64 33.85
C TYR E 666 12.68 -67.10 33.53
N ILE E 667 13.67 -67.67 34.22
CA ILE E 667 13.98 -69.09 34.18
C ILE E 667 13.48 -69.71 35.47
N VAL E 668 12.60 -70.68 35.36
CA VAL E 668 12.05 -71.39 36.50
C VAL E 668 12.76 -72.72 36.63
N GLU E 669 13.13 -73.08 37.86
CA GLU E 669 13.82 -74.32 38.11
C GLU E 669 13.40 -74.87 39.47
N ILE E 670 13.56 -76.18 39.62
CA ILE E 670 13.22 -76.86 40.86
C ILE E 670 14.47 -77.57 41.36
N GLU E 671 14.64 -77.58 42.68
CA GLU E 671 15.86 -78.08 43.30
C GLU E 671 15.49 -79.20 44.26
N ASP E 672 15.99 -80.39 43.99
CA ASP E 672 15.83 -81.51 44.91
C ASP E 672 16.51 -81.21 46.24
N THR E 673 15.94 -81.76 47.30
CA THR E 673 16.48 -81.62 48.65
C THR E 673 17.95 -82.02 48.73
N GLU E 674 18.48 -82.67 47.68
CA GLU E 674 19.88 -83.09 47.65
C GLU E 674 20.68 -82.40 46.55
N GLY E 675 20.24 -81.25 46.08
CA GLY E 675 21.03 -80.44 45.19
C GLY E 675 20.80 -80.63 43.71
N LEU E 676 19.80 -81.40 43.32
CA LEU E 676 19.49 -81.52 41.91
C LEU E 676 18.84 -80.22 41.42
N LYS E 677 18.63 -80.12 40.12
CA LYS E 677 18.17 -78.88 39.53
C LYS E 677 17.32 -79.21 38.31
N GLU E 678 16.04 -78.86 38.36
CA GLU E 678 15.13 -79.09 37.24
C GLU E 678 14.58 -77.75 36.79
N VAL E 679 15.03 -77.30 35.61
CA VAL E 679 14.64 -76.00 35.05
C VAL E 679 13.44 -76.21 34.13
N ILE E 680 12.34 -75.53 34.43
CA ILE E 680 11.13 -75.73 33.65
C ILE E 680 11.29 -75.26 32.21
N ASN E 681 11.47 -73.96 32.01
CA ASN E 681 11.64 -73.42 30.66
C ASN E 681 13.10 -73.34 30.23
N ASP E 682 13.69 -74.49 29.96
CA ASP E 682 15.13 -74.50 29.70
C ASP E 682 15.40 -74.32 28.21
N ARG E 683 14.78 -73.31 27.60
CA ARG E 683 15.02 -73.02 26.19
C ARG E 683 15.12 -71.52 25.98
N TYR E 684 16.06 -71.12 25.12
CA TYR E 684 16.31 -69.71 24.87
C TYR E 684 15.05 -68.95 24.49
N ASP E 685 14.20 -69.57 23.69
CA ASP E 685 13.02 -68.87 23.22
C ASP E 685 11.78 -69.22 24.02
N MET E 686 11.93 -69.53 25.30
CA MET E 686 10.77 -69.88 26.09
C MET E 686 10.79 -69.16 27.42
N LEU E 687 11.00 -67.85 27.41
CA LEU E 687 11.11 -67.12 28.65
C LEU E 687 9.95 -66.19 28.93
N ASN E 688 9.25 -65.73 27.88
CA ASN E 688 8.20 -64.74 28.07
C ASN E 688 6.98 -65.31 28.78
N ILE E 689 7.09 -65.51 30.09
CA ILE E 689 6.00 -66.07 30.87
C ILE E 689 5.43 -65.09 31.87
N SER E 690 5.94 -63.88 31.92
CA SER E 690 5.54 -62.91 32.92
C SER E 690 4.64 -61.85 32.30
N SER E 691 3.35 -61.87 32.64
CA SER E 691 2.43 -60.85 32.19
C SER E 691 2.21 -59.80 33.28
N LEU E 692 1.45 -58.77 32.92
CA LEU E 692 1.10 -57.65 33.79
C LEU E 692 -0.41 -57.52 33.80
N ARG E 693 -1.01 -57.52 34.99
CA ARG E 693 -2.46 -57.39 35.03
C ARG E 693 -2.88 -55.93 34.86
N GLN E 694 -4.18 -55.76 34.55
CA GLN E 694 -4.75 -54.45 34.27
C GLN E 694 -4.77 -53.55 35.49
N ASP E 695 -4.49 -54.08 36.67
CA ASP E 695 -4.33 -53.28 37.87
C ASP E 695 -2.89 -53.11 38.23
N GLY E 696 -2.00 -53.24 37.26
CA GLY E 696 -0.60 -52.98 37.46
C GLY E 696 0.09 -54.04 38.29
N LYS E 697 -0.59 -55.15 38.56
CA LYS E 697 0.03 -56.24 39.28
C LYS E 697 0.65 -57.18 38.26
N THR E 698 1.94 -57.42 38.37
CA THR E 698 2.59 -58.35 37.46
C THR E 698 2.16 -59.76 37.82
N PHE E 699 1.84 -60.56 36.81
CA PHE E 699 1.43 -61.93 37.06
C PHE E 699 2.29 -62.84 36.20
N ILE E 700 2.96 -63.78 36.84
CA ILE E 700 3.77 -64.78 36.16
C ILE E 700 2.96 -66.06 36.03
N ASP E 701 2.84 -66.56 34.81
CA ASP E 701 2.05 -67.75 34.52
C ASP E 701 2.98 -68.92 34.25
N PHE E 702 2.84 -69.98 35.04
CA PHE E 702 3.66 -71.15 34.82
C PHE E 702 3.09 -72.00 33.70
N LYS E 703 1.77 -72.09 33.63
CA LYS E 703 1.13 -72.94 32.63
C LYS E 703 1.39 -72.45 31.21
N LYS E 704 1.98 -71.28 31.05
CA LYS E 704 2.20 -70.76 29.71
C LYS E 704 3.14 -71.75 29.05
N TYR E 705 4.39 -71.80 29.52
CA TYR E 705 5.34 -72.75 28.98
C TYR E 705 5.41 -74.03 29.81
N ASN E 706 4.36 -74.34 30.56
CA ASN E 706 4.19 -75.65 31.18
C ASN E 706 3.34 -76.53 30.27
N ASP E 707 2.69 -77.53 30.86
CA ASP E 707 1.74 -78.39 30.15
C ASP E 707 0.30 -78.03 30.51
N LYS E 708 -0.01 -76.73 30.57
CA LYS E 708 -1.30 -76.22 31.05
C LYS E 708 -1.73 -76.91 32.34
N LEU E 709 -0.75 -77.23 33.19
CA LEU E 709 -1.03 -77.89 34.45
C LEU E 709 -0.48 -77.09 35.63
N PRO E 710 -1.12 -77.20 36.78
CA PRO E 710 -0.61 -76.53 37.99
C PRO E 710 0.80 -76.98 38.36
N LEU E 711 1.33 -76.39 39.42
CA LEU E 711 2.71 -76.61 39.82
C LEU E 711 2.81 -77.72 40.86
N TYR E 712 3.61 -78.73 40.54
CA TYR E 712 3.83 -79.90 41.36
C TYR E 712 5.14 -79.74 42.13
N ILE E 713 5.21 -80.36 43.30
CA ILE E 713 6.40 -80.27 44.13
C ILE E 713 6.73 -81.65 44.67
N SER E 714 7.91 -82.16 44.32
CA SER E 714 8.32 -83.49 44.70
C SER E 714 8.73 -83.61 46.15
N ASN E 715 8.72 -82.52 46.90
CA ASN E 715 9.20 -82.58 48.27
C ASN E 715 8.88 -81.30 49.01
N PRO E 716 8.12 -81.36 50.09
CA PRO E 716 7.86 -80.14 50.87
C PRO E 716 9.14 -79.54 51.45
N ASN E 717 10.26 -80.25 51.27
CA ASN E 717 11.57 -79.75 51.67
C ASN E 717 12.41 -79.32 50.48
N TYR E 718 11.90 -79.48 49.26
CA TYR E 718 12.61 -79.08 48.06
C TYR E 718 12.46 -77.57 47.89
N LYS E 719 13.57 -76.88 47.62
CA LYS E 719 13.51 -75.44 47.45
C LYS E 719 13.00 -75.11 46.05
N VAL E 720 12.22 -74.04 45.95
CA VAL E 720 11.70 -73.56 44.68
C VAL E 720 12.39 -72.25 44.35
N ASN E 721 13.17 -72.25 43.28
CA ASN E 721 13.96 -71.11 42.85
C ASN E 721 13.35 -70.46 41.61
N VAL E 722 13.37 -69.13 41.57
CA VAL E 722 12.92 -68.35 40.43
C VAL E 722 14.08 -67.46 40.02
N TYR E 723 14.43 -67.50 38.74
CA TYR E 723 15.54 -66.71 38.26
C TYR E 723 15.10 -65.66 37.24
N ALA E 724 15.82 -64.52 37.21
CA ALA E 724 15.59 -63.47 36.22
C ALA E 724 16.79 -63.35 35.28
N VAL E 725 16.51 -63.04 34.01
CA VAL E 725 17.54 -62.86 32.98
C VAL E 725 17.42 -61.45 32.41
N THR E 726 18.43 -60.63 32.64
CA THR E 726 18.47 -59.29 32.07
C THR E 726 18.70 -59.30 30.57
N LYS E 727 18.18 -58.25 29.92
CA LYS E 727 18.31 -58.13 28.47
C LYS E 727 19.74 -58.37 28.02
N GLU E 728 20.69 -57.66 28.63
CA GLU E 728 22.07 -57.72 28.18
C GLU E 728 22.57 -59.16 28.13
N ASN E 729 22.07 -60.00 29.02
CA ASN E 729 22.53 -61.37 29.11
C ASN E 729 21.68 -62.35 28.33
N THR E 730 20.80 -61.87 27.44
CA THR E 730 19.94 -62.79 26.72
C THR E 730 20.57 -63.22 25.41
N ILE E 731 20.12 -64.36 24.94
CA ILE E 731 20.52 -64.91 23.65
C ILE E 731 19.38 -64.80 22.66
N ILE E 732 19.72 -64.51 21.41
CA ILE E 732 18.73 -64.33 20.36
C ILE E 732 18.85 -65.37 19.25
N ASN E 733 19.87 -66.21 19.25
CA ASN E 733 20.06 -67.24 18.25
C ASN E 733 20.66 -68.47 18.89
N PRO E 734 20.45 -69.64 18.32
CA PRO E 734 21.12 -70.84 18.81
C PRO E 734 22.62 -70.68 18.77
N SER E 735 23.30 -71.36 19.70
CA SER E 735 24.73 -71.22 19.90
C SER E 735 25.49 -71.90 18.78
N GLU E 736 26.79 -72.13 19.01
CA GLU E 736 27.62 -72.82 18.05
C GLU E 736 27.02 -74.19 17.71
N ASN E 737 26.93 -75.07 18.69
CA ASN E 737 26.34 -76.38 18.50
C ASN E 737 24.83 -76.38 18.70
N GLY E 738 24.17 -75.26 18.44
CA GLY E 738 22.73 -75.19 18.54
C GLY E 738 22.20 -75.57 19.90
N ASP E 739 22.90 -75.17 20.96
CA ASP E 739 22.43 -75.46 22.31
C ASP E 739 21.15 -74.69 22.61
N THR E 740 20.18 -75.37 23.19
CA THR E 740 18.92 -74.75 23.56
C THR E 740 18.72 -74.72 25.07
N SER E 741 19.57 -75.42 25.82
CA SER E 741 19.44 -75.43 27.27
C SER E 741 19.86 -74.08 27.83
N THR E 742 19.30 -73.73 28.98
CA THR E 742 19.63 -72.45 29.60
C THR E 742 20.88 -72.52 30.46
N ASN E 743 21.79 -73.44 30.16
CA ASN E 743 22.97 -73.63 31.00
C ASN E 743 23.89 -72.41 30.97
N GLY E 744 24.46 -72.13 29.80
CA GLY E 744 25.49 -71.11 29.63
C GLY E 744 25.02 -69.67 29.54
N ILE E 745 23.92 -69.34 30.19
CA ILE E 745 23.40 -67.97 30.21
C ILE E 745 23.76 -67.30 31.53
N LYS E 746 24.36 -66.11 31.45
CA LYS E 746 24.65 -65.42 32.68
C LYS E 746 23.31 -65.02 33.27
N LYS E 747 22.95 -65.69 34.35
CA LYS E 747 21.65 -65.63 34.98
C LYS E 747 21.74 -65.05 36.39
N ILE E 748 20.80 -64.20 36.76
CA ILE E 748 20.77 -63.65 38.10
C ILE E 748 19.66 -64.28 38.93
N LEU E 749 20.03 -64.77 40.11
CA LEU E 749 19.12 -65.34 41.11
C LEU E 749 18.20 -64.31 41.70
N ILE E 750 16.90 -64.61 41.75
CA ILE E 750 15.95 -63.61 42.24
C ILE E 750 15.04 -64.12 43.35
N PHE E 751 14.88 -65.43 43.55
CA PHE E 751 13.95 -65.89 44.57
C PHE E 751 14.25 -67.35 44.86
N SER E 752 14.01 -67.77 46.11
CA SER E 752 14.34 -69.13 46.53
C SER E 752 13.60 -69.48 47.83
N LYS E 753 12.38 -69.99 47.68
CA LYS E 753 11.57 -70.41 48.83
C LYS E 753 11.35 -71.92 48.77
N LYS E 754 11.50 -72.56 49.93
CA LYS E 754 11.31 -73.99 50.07
C LYS E 754 9.89 -74.42 49.66
N GLY E 755 9.71 -75.75 49.54
CA GLY E 755 8.47 -76.30 49.08
C GLY E 755 7.28 -75.99 49.97
N TYR E 756 7.49 -75.85 51.27
CA TYR E 756 6.39 -75.60 52.17
C TYR E 756 6.13 -74.11 52.34
N GLU E 757 7.05 -73.26 51.91
CA GLU E 757 6.90 -71.83 51.99
C GLU E 757 6.10 -71.25 50.84
N ILE E 758 5.67 -72.09 49.90
CA ILE E 758 4.90 -71.62 48.74
C ILE E 758 3.57 -71.02 49.17
N PRO F 197 -11.47 10.68 24.33
CA PRO F 197 -12.76 10.27 24.89
C PRO F 197 -13.25 8.97 24.29
N THR F 198 -12.33 8.02 24.13
CA THR F 198 -12.64 6.70 23.60
C THR F 198 -12.48 5.67 24.71
N VAL F 199 -13.53 4.88 24.91
CA VAL F 199 -13.46 3.92 26.01
C VAL F 199 -12.37 2.92 25.70
N PRO F 200 -11.58 2.51 26.67
CA PRO F 200 -10.46 1.60 26.39
C PRO F 200 -10.98 0.26 25.89
N ASP F 201 -10.45 -0.20 24.76
CA ASP F 201 -10.93 -1.42 24.14
C ASP F 201 -9.73 -2.22 23.67
N ARG F 202 -9.11 -2.93 24.59
CA ARG F 202 -7.84 -3.55 24.30
C ARG F 202 -7.99 -4.65 23.25
N ASP F 203 -8.95 -5.53 23.44
CA ASP F 203 -9.08 -6.62 22.47
C ASP F 203 -9.56 -6.14 21.13
N ASN F 204 -10.01 -4.90 21.00
CA ASN F 204 -10.39 -4.37 19.69
C ASN F 204 -11.56 -5.16 19.14
N ASP F 205 -12.53 -5.46 20.00
CA ASP F 205 -13.63 -6.32 19.62
C ASP F 205 -14.96 -5.61 19.69
N GLY F 206 -14.95 -4.31 19.61
CA GLY F 206 -16.24 -3.66 19.56
C GLY F 206 -16.76 -3.38 20.94
N ILE F 207 -16.73 -4.40 21.80
CA ILE F 207 -17.21 -4.23 23.15
C ILE F 207 -16.19 -3.53 24.03
N PRO F 208 -16.63 -2.59 24.83
CA PRO F 208 -15.72 -1.90 25.72
C PRO F 208 -15.29 -2.82 26.85
N ASP F 209 -14.20 -2.43 27.49
CA ASP F 209 -13.57 -3.25 28.52
C ASP F 209 -14.50 -3.56 29.70
N SER F 210 -14.95 -2.53 30.40
CA SER F 210 -15.70 -2.72 31.63
C SER F 210 -16.88 -3.63 31.43
N LEU F 211 -17.61 -3.42 30.36
CA LEU F 211 -18.74 -4.26 30.10
C LEU F 211 -18.32 -5.71 30.05
N GLU F 212 -17.23 -5.99 29.33
CA GLU F 212 -16.83 -7.37 29.15
C GLU F 212 -16.50 -8.03 30.47
N VAL F 213 -15.79 -7.32 31.34
CA VAL F 213 -15.40 -7.97 32.58
C VAL F 213 -16.59 -8.14 33.50
N GLU F 214 -17.46 -7.14 33.60
CA GLU F 214 -18.45 -7.19 34.65
C GLU F 214 -19.78 -7.81 34.23
N GLY F 215 -20.20 -7.65 32.99
CA GLY F 215 -21.47 -8.21 32.57
C GLY F 215 -22.32 -7.22 31.81
N TYR F 216 -22.86 -7.62 30.67
CA TYR F 216 -23.70 -6.75 29.85
C TYR F 216 -24.79 -7.56 29.18
N THR F 217 -25.62 -6.86 28.42
CA THR F 217 -26.66 -7.51 27.63
C THR F 217 -27.16 -6.54 26.58
N VAL F 218 -27.52 -7.07 25.48
CA VAL F 218 -28.12 -6.29 24.40
C VAL F 218 -29.62 -6.24 24.49
N ASP F 219 -30.17 -5.07 24.26
CA ASP F 219 -31.60 -4.89 24.32
C ASP F 219 -31.99 -3.94 23.20
N VAL F 220 -33.13 -4.21 22.60
CA VAL F 220 -33.65 -3.46 21.48
C VAL F 220 -34.78 -2.53 21.87
N LYS F 221 -34.66 -1.27 21.50
CA LYS F 221 -35.71 -0.31 21.79
C LYS F 221 -36.18 0.36 20.53
N ASN F 222 -37.48 0.56 20.46
CA ASN F 222 -38.23 1.07 19.33
C ASN F 222 -38.00 0.05 18.23
N LYS F 223 -36.74 0.01 17.78
CA LYS F 223 -36.21 -0.83 16.72
C LYS F 223 -34.71 -0.70 16.55
N ARG F 224 -33.99 -0.11 17.47
CA ARG F 224 -32.54 -0.05 17.36
C ARG F 224 -31.87 -0.80 18.48
N THR F 225 -30.88 -1.59 18.12
CA THR F 225 -30.13 -2.37 19.07
C THR F 225 -28.87 -1.67 19.55
N PHE F 226 -28.71 -1.60 20.85
CA PHE F 226 -27.55 -0.97 21.45
C PHE F 226 -27.09 -1.91 22.55
N LEU F 227 -25.83 -1.84 22.91
CA LEU F 227 -25.30 -2.70 23.95
C LEU F 227 -25.37 -1.95 25.26
N SER F 228 -25.82 -2.62 26.32
CA SER F 228 -26.02 -1.98 27.62
C SER F 228 -25.47 -2.78 28.79
N PRO F 229 -25.05 -2.08 29.83
CA PRO F 229 -24.66 -2.73 31.07
C PRO F 229 -25.82 -3.35 31.81
N TRP F 230 -25.54 -4.52 32.37
CA TRP F 230 -26.53 -5.32 33.06
C TRP F 230 -27.15 -4.57 34.21
N ILE F 231 -28.45 -4.40 34.15
CA ILE F 231 -29.20 -3.88 35.28
C ILE F 231 -29.92 -5.05 35.89
N SER F 232 -29.70 -5.26 37.18
CA SER F 232 -30.20 -6.49 37.80
C SER F 232 -31.71 -6.53 37.76
N ASN F 233 -32.34 -5.41 38.08
CA ASN F 233 -33.77 -5.41 38.28
C ASN F 233 -34.55 -5.14 37.01
N ILE F 234 -34.02 -4.33 36.11
CA ILE F 234 -34.82 -3.88 35.00
C ILE F 234 -34.68 -4.74 33.76
N HIS F 235 -33.66 -5.57 33.71
CA HIS F 235 -33.50 -6.40 32.54
C HIS F 235 -34.14 -7.75 32.76
N GLU F 236 -34.23 -8.17 34.01
CA GLU F 236 -34.69 -9.53 34.29
C GLU F 236 -36.14 -9.70 33.86
N LYS F 237 -36.99 -8.67 34.05
CA LYS F 237 -38.37 -8.88 33.66
C LYS F 237 -38.50 -9.14 32.18
N LYS F 238 -37.50 -8.75 31.42
CA LYS F 238 -37.61 -8.87 29.99
C LYS F 238 -37.06 -10.19 29.47
N GLY F 239 -36.56 -11.05 30.35
CA GLY F 239 -36.03 -12.34 29.96
C GLY F 239 -34.74 -12.33 29.16
N LEU F 240 -33.82 -11.44 29.48
CA LEU F 240 -32.53 -11.35 28.83
C LEU F 240 -31.49 -12.06 29.67
N THR F 241 -30.53 -12.67 29.02
CA THR F 241 -29.48 -13.42 29.68
C THR F 241 -28.31 -12.52 30.03
N LYS F 242 -27.77 -12.73 31.22
CA LYS F 242 -26.62 -11.99 31.73
C LYS F 242 -25.33 -12.60 31.21
N TYR F 243 -24.66 -11.86 30.32
CA TYR F 243 -23.43 -12.26 29.65
C TYR F 243 -22.17 -11.88 30.40
N LYS F 244 -21.13 -12.64 30.12
CA LYS F 244 -19.77 -12.40 30.56
C LYS F 244 -18.86 -12.68 29.39
N SER F 245 -17.65 -12.14 29.41
CA SER F 245 -16.79 -12.43 28.27
C SER F 245 -15.37 -12.04 28.62
N SER F 246 -14.47 -12.19 27.67
CA SER F 246 -13.09 -11.86 27.90
C SER F 246 -12.74 -10.53 27.31
N PRO F 247 -12.27 -9.58 28.09
CA PRO F 247 -11.82 -8.32 27.51
C PRO F 247 -10.57 -8.50 26.72
N GLU F 248 -10.01 -9.69 26.65
CA GLU F 248 -8.79 -9.81 25.89
C GLU F 248 -8.83 -10.91 24.84
N LYS F 249 -10.01 -11.27 24.39
CA LYS F 249 -10.11 -12.30 23.39
C LYS F 249 -11.13 -11.82 22.40
N TRP F 250 -10.73 -11.80 21.15
CA TRP F 250 -11.67 -11.38 20.14
C TRP F 250 -12.78 -12.41 20.04
N SER F 251 -12.53 -13.63 20.48
CA SER F 251 -13.56 -14.67 20.52
C SER F 251 -13.32 -15.52 21.76
N THR F 252 -14.01 -15.21 22.85
CA THR F 252 -13.76 -15.91 24.09
C THR F 252 -13.71 -17.41 23.87
N ALA F 253 -14.63 -17.91 23.07
CA ALA F 253 -14.62 -19.33 22.81
C ALA F 253 -13.41 -19.76 22.02
N SER F 254 -12.85 -18.86 21.22
CA SER F 254 -11.75 -19.13 20.32
C SER F 254 -12.33 -19.65 19.03
N ASP F 255 -13.64 -19.70 18.89
CA ASP F 255 -14.23 -20.11 17.64
C ASP F 255 -14.23 -18.95 16.67
N PRO F 256 -14.51 -19.20 15.45
CA PRO F 256 -14.34 -18.15 14.46
C PRO F 256 -15.41 -17.11 14.56
N TYR F 257 -16.05 -16.96 15.69
CA TYR F 257 -17.03 -15.90 15.80
C TYR F 257 -16.74 -14.96 16.94
N SER F 258 -16.70 -13.66 16.65
CA SER F 258 -16.32 -12.68 17.66
C SER F 258 -17.35 -12.57 18.76
N ASP F 259 -16.84 -12.23 19.93
CA ASP F 259 -17.68 -12.01 21.09
C ASP F 259 -18.86 -11.11 20.77
N PHE F 260 -18.59 -10.06 20.02
CA PHE F 260 -19.62 -9.09 19.75
C PHE F 260 -20.64 -9.60 18.77
N GLU F 261 -20.18 -10.15 17.68
CA GLU F 261 -21.08 -10.63 16.66
C GLU F 261 -22.06 -11.62 17.23
N LYS F 262 -21.58 -12.54 18.07
CA LYS F 262 -22.46 -13.56 18.61
C LYS F 262 -23.67 -12.93 19.29
N VAL F 263 -23.45 -12.02 20.24
CA VAL F 263 -24.65 -11.59 20.91
C VAL F 263 -25.51 -10.71 20.06
N THR F 264 -24.96 -10.03 19.08
CA THR F 264 -25.86 -9.18 18.33
C THR F 264 -26.55 -9.91 17.21
N GLY F 265 -26.06 -11.06 16.81
CA GLY F 265 -26.65 -11.78 15.69
C GLY F 265 -26.05 -11.51 14.32
N ARG F 266 -25.14 -10.55 14.14
CA ARG F 266 -24.58 -10.50 12.79
C ARG F 266 -23.66 -11.68 12.60
N ILE F 267 -24.23 -12.78 12.13
CA ILE F 267 -23.52 -14.05 12.12
C ILE F 267 -24.31 -14.98 11.24
N ASP F 268 -23.65 -16.02 10.74
CA ASP F 268 -24.44 -16.96 9.97
C ASP F 268 -25.64 -17.35 10.78
N LYS F 269 -26.78 -16.96 10.27
CA LYS F 269 -28.03 -17.11 10.95
C LYS F 269 -28.39 -18.58 11.13
N ASN F 270 -27.52 -19.48 10.72
CA ASN F 270 -27.85 -20.88 10.86
C ASN F 270 -27.36 -21.50 12.15
N VAL F 271 -26.41 -20.90 12.82
CA VAL F 271 -25.94 -21.45 14.09
C VAL F 271 -27.09 -21.60 15.06
N SER F 272 -27.21 -22.76 15.66
CA SER F 272 -28.32 -23.05 16.54
C SER F 272 -28.40 -22.05 17.68
N PRO F 273 -29.60 -21.80 18.20
CA PRO F 273 -29.75 -20.81 19.29
C PRO F 273 -28.85 -21.03 20.49
N GLU F 274 -28.83 -22.25 21.02
CA GLU F 274 -28.04 -22.48 22.21
C GLU F 274 -26.59 -22.12 22.02
N ALA F 275 -26.09 -22.07 20.80
CA ALA F 275 -24.71 -21.67 20.63
C ALA F 275 -24.49 -20.17 20.53
N ARG F 276 -25.53 -19.36 20.63
CA ARG F 276 -25.28 -17.92 20.66
C ARG F 276 -24.63 -17.45 21.93
N HIS F 277 -24.64 -18.20 22.94
CA HIS F 277 -24.03 -17.65 24.13
C HIS F 277 -22.50 -17.70 24.05
N PRO F 278 -21.83 -16.64 24.47
CA PRO F 278 -20.41 -16.50 24.20
C PRO F 278 -19.57 -17.61 24.73
N LEU F 279 -20.08 -18.44 25.62
CA LEU F 279 -19.20 -19.40 26.24
C LEU F 279 -19.40 -20.80 25.69
N VAL F 280 -20.05 -20.93 24.56
CA VAL F 280 -20.29 -22.23 23.99
C VAL F 280 -19.67 -22.28 22.62
N ALA F 281 -18.67 -23.12 22.46
CA ALA F 281 -18.03 -23.19 21.17
C ALA F 281 -19.04 -23.63 20.13
N ALA F 282 -19.06 -22.97 19.01
CA ALA F 282 -19.95 -23.37 17.95
C ALA F 282 -19.15 -24.05 16.87
N TYR F 283 -19.32 -25.34 16.72
CA TYR F 283 -18.56 -26.03 15.69
C TYR F 283 -19.32 -27.27 15.30
N PRO F 284 -18.98 -27.86 14.18
CA PRO F 284 -19.71 -29.03 13.70
C PRO F 284 -19.22 -30.34 14.28
N ILE F 285 -20.15 -31.28 14.37
CA ILE F 285 -19.87 -32.64 14.82
C ILE F 285 -20.59 -33.64 13.94
N VAL F 286 -19.88 -34.16 12.97
CA VAL F 286 -20.46 -35.03 11.96
C VAL F 286 -20.09 -36.47 12.23
N HIS F 287 -21.09 -37.33 12.29
CA HIS F 287 -20.90 -38.75 12.33
C HIS F 287 -21.80 -39.37 11.29
N VAL F 288 -21.54 -40.62 10.97
CA VAL F 288 -22.21 -41.30 9.87
C VAL F 288 -23.26 -42.28 10.36
N ASP F 289 -24.43 -42.24 9.74
CA ASP F 289 -25.54 -43.12 10.05
C ASP F 289 -25.83 -44.00 8.84
N MET F 290 -25.76 -45.31 9.05
CA MET F 290 -25.95 -46.30 8.00
C MET F 290 -27.35 -46.91 8.11
N GLU F 291 -28.13 -46.82 7.04
CA GLU F 291 -29.53 -47.25 7.13
C GLU F 291 -29.78 -48.74 6.84
N ASN F 292 -29.15 -49.33 5.83
CA ASN F 292 -29.43 -50.72 5.54
C ASN F 292 -28.37 -51.27 4.61
N ILE F 293 -28.17 -52.59 4.65
CA ILE F 293 -27.19 -53.24 3.82
C ILE F 293 -27.89 -54.27 2.94
N ILE F 294 -27.12 -54.86 2.03
CA ILE F 294 -27.55 -55.95 1.17
C ILE F 294 -26.30 -56.75 0.82
N LEU F 295 -26.46 -58.06 0.67
CA LEU F 295 -25.33 -58.94 0.44
C LEU F 295 -25.66 -59.94 -0.66
N SER F 296 -24.60 -60.44 -1.27
CA SER F 296 -24.61 -61.41 -2.36
C SER F 296 -23.16 -61.89 -2.49
N LYS F 297 -22.87 -62.67 -3.51
CA LYS F 297 -21.51 -63.14 -3.73
C LYS F 297 -20.99 -62.57 -5.04
N ASN F 298 -19.78 -62.04 -4.99
CA ASN F 298 -19.14 -61.38 -6.13
C ASN F 298 -19.40 -62.08 -7.47
N ARG F 311 -31.59 -64.91 -3.59
CA ARG F 311 -30.57 -65.38 -2.66
C ARG F 311 -29.67 -64.23 -2.21
N THR F 312 -30.25 -63.03 -2.12
CA THR F 312 -29.56 -61.83 -1.64
C THR F 312 -30.22 -61.30 -0.38
N ILE F 313 -29.49 -61.31 0.72
CA ILE F 313 -30.03 -60.87 2.00
C ILE F 313 -30.05 -59.35 2.09
N SER F 314 -31.24 -58.77 1.99
CA SER F 314 -31.44 -57.33 2.01
C SER F 314 -32.15 -57.07 3.33
N LYS F 315 -31.40 -56.60 4.31
CA LYS F 315 -31.95 -56.36 5.64
C LYS F 315 -31.82 -54.91 6.07
N ASN F 316 -32.82 -54.41 6.81
CA ASN F 316 -32.78 -53.07 7.38
C ASN F 316 -32.00 -53.03 8.69
N THR F 317 -31.16 -52.01 8.86
CA THR F 317 -30.27 -51.88 10.01
C THR F 317 -30.57 -50.63 10.85
N SER F 318 -30.10 -50.65 12.10
CA SER F 318 -30.22 -49.53 13.02
C SER F 318 -28.87 -49.15 13.63
N THR F 319 -28.58 -47.85 13.65
CA THR F 319 -27.31 -47.27 14.11
C THR F 319 -27.49 -46.33 15.30
N SER F 320 -26.46 -46.28 16.14
CA SER F 320 -26.44 -45.40 17.28
C SER F 320 -25.08 -44.72 17.41
N ARG F 321 -25.11 -43.42 17.71
CA ARG F 321 -23.89 -42.66 17.96
C ARG F 321 -23.18 -43.16 19.19
N THR F 322 -21.89 -43.43 19.05
CA THR F 322 -21.16 -44.10 20.10
C THR F 322 -20.14 -43.20 20.79
N HIS F 323 -19.66 -43.70 21.91
CA HIS F 323 -18.57 -43.14 22.72
C HIS F 323 -17.99 -44.23 23.58
N THR F 324 -16.68 -44.44 23.53
CA THR F 324 -16.13 -45.45 24.41
C THR F 324 -15.12 -44.80 25.35
N SER F 325 -14.45 -45.64 26.14
CA SER F 325 -13.46 -45.17 27.11
C SER F 325 -12.18 -44.76 26.44
N GLY F 347 -9.96 -43.84 28.57
CA GLY F 347 -9.05 -43.16 27.67
C GLY F 347 -9.69 -42.79 26.35
N PHE F 348 -10.72 -41.96 26.42
CA PHE F 348 -11.47 -41.55 25.23
C PHE F 348 -10.97 -40.23 24.68
N SER F 349 -10.83 -40.18 23.36
CA SER F 349 -10.15 -39.12 22.67
C SER F 349 -11.14 -38.37 21.81
N ASN F 350 -10.68 -37.22 21.35
CA ASN F 350 -11.55 -36.27 20.67
C ASN F 350 -11.64 -36.71 19.21
N SER F 351 -12.40 -37.78 18.99
CA SER F 351 -12.58 -38.31 17.66
C SER F 351 -13.90 -39.05 17.58
N ASN F 352 -14.70 -38.69 16.57
CA ASN F 352 -16.03 -39.22 16.48
C ASN F 352 -16.09 -40.58 15.82
N SER F 353 -16.91 -41.46 16.36
CA SER F 353 -17.07 -42.79 15.83
C SER F 353 -18.47 -43.26 16.16
N SER F 354 -19.00 -44.14 15.33
CA SER F 354 -20.30 -44.72 15.61
C SER F 354 -20.21 -46.24 15.50
N THR F 355 -21.34 -46.89 15.72
CA THR F 355 -21.40 -48.34 15.72
C THR F 355 -22.78 -48.77 15.30
N VAL F 356 -22.86 -49.55 14.27
CA VAL F 356 -24.13 -50.05 13.79
C VAL F 356 -24.33 -51.43 14.38
N ALA F 357 -25.60 -51.78 14.60
CA ALA F 357 -25.97 -53.12 15.06
C ALA F 357 -27.07 -53.67 14.17
N ILE F 358 -26.82 -54.81 13.60
CA ILE F 358 -27.77 -55.42 12.69
C ILE F 358 -28.78 -56.26 13.45
N ASP F 359 -30.05 -56.09 13.11
CA ASP F 359 -31.13 -56.87 13.69
C ASP F 359 -30.98 -58.35 13.38
N HIS F 360 -31.23 -59.17 14.38
CA HIS F 360 -31.11 -60.61 14.25
C HIS F 360 -32.42 -61.32 13.94
N SER F 361 -33.58 -60.69 14.17
CA SER F 361 -34.85 -61.40 13.95
C SER F 361 -35.01 -61.79 12.48
N LEU F 362 -35.69 -62.93 12.26
CA LEU F 362 -35.86 -63.47 10.91
C LEU F 362 -37.08 -62.85 10.23
N SER F 363 -36.83 -61.90 9.33
CA SER F 363 -37.92 -61.36 8.52
C SER F 363 -38.53 -62.42 7.61
N LEU F 364 -37.68 -63.27 7.02
CA LEU F 364 -38.12 -64.40 6.20
C LEU F 364 -38.00 -65.72 6.96
N ALA F 365 -39.03 -66.55 6.82
CA ALA F 365 -39.05 -67.86 7.45
C ALA F 365 -37.88 -68.73 6.99
N GLY F 366 -37.70 -68.87 5.69
CA GLY F 366 -36.76 -69.80 5.11
C GLY F 366 -35.29 -69.45 5.14
N GLU F 367 -34.88 -68.38 5.81
CA GLU F 367 -33.50 -67.93 5.70
C GLU F 367 -32.62 -68.42 6.85
N ARG F 368 -32.86 -69.64 7.35
CA ARG F 368 -31.96 -70.22 8.35
C ARG F 368 -30.58 -70.45 7.76
N THR F 369 -29.55 -70.05 8.51
CA THR F 369 -28.16 -70.20 8.08
C THR F 369 -27.83 -69.31 6.91
N TRP F 370 -27.19 -68.18 7.19
CA TRP F 370 -26.84 -67.25 6.12
C TRP F 370 -25.92 -67.93 5.12
N ALA F 371 -24.98 -68.73 5.61
CA ALA F 371 -23.99 -69.37 4.76
C ALA F 371 -24.64 -70.04 3.56
N GLU F 372 -25.90 -70.43 3.67
CA GLU F 372 -26.58 -71.11 2.59
C GLU F 372 -27.53 -70.23 1.80
N THR F 373 -28.18 -69.24 2.43
CA THR F 373 -29.03 -68.33 1.68
C THR F 373 -28.25 -67.63 0.57
N MET F 374 -26.97 -67.41 0.78
CA MET F 374 -26.05 -66.95 -0.24
C MET F 374 -25.13 -68.14 -0.48
N GLY F 375 -25.04 -68.59 -1.72
CA GLY F 375 -24.20 -69.75 -1.96
C GLY F 375 -22.73 -69.47 -1.71
N LEU F 376 -22.40 -69.23 -0.45
CA LEU F 376 -21.05 -68.87 -0.09
C LEU F 376 -20.26 -70.14 0.23
N ASN F 377 -19.14 -70.30 -0.45
CA ASN F 377 -18.24 -71.42 -0.24
C ASN F 377 -16.95 -70.91 0.38
N THR F 378 -16.17 -71.85 0.93
CA THR F 378 -14.92 -71.48 1.57
C THR F 378 -14.05 -70.61 0.67
N ALA F 379 -14.11 -70.82 -0.64
CA ALA F 379 -13.30 -70.07 -1.60
C ALA F 379 -14.15 -69.08 -2.40
N ASP F 380 -15.21 -68.55 -1.81
CA ASP F 380 -16.06 -67.57 -2.44
C ASP F 380 -15.78 -66.19 -1.86
N THR F 381 -16.44 -65.18 -2.43
CA THR F 381 -16.35 -63.81 -1.93
C THR F 381 -17.72 -63.16 -2.09
N ALA F 382 -18.16 -62.51 -1.03
CA ALA F 382 -19.44 -61.82 -0.98
C ALA F 382 -19.30 -60.33 -1.24
N ARG F 383 -20.34 -59.73 -1.81
CA ARG F 383 -20.35 -58.31 -2.07
C ARG F 383 -21.37 -57.64 -1.15
N LEU F 384 -20.98 -56.48 -0.61
CA LEU F 384 -21.77 -55.73 0.35
C LEU F 384 -22.23 -54.42 -0.26
N ASN F 385 -23.52 -54.10 -0.08
CA ASN F 385 -24.09 -52.90 -0.70
C ASN F 385 -25.01 -52.22 0.31
N ALA F 386 -24.52 -51.13 0.89
CA ALA F 386 -25.20 -50.42 1.97
C ALA F 386 -25.57 -49.00 1.56
N ASN F 387 -26.43 -48.39 2.39
CA ASN F 387 -26.84 -47.00 2.28
C ASN F 387 -26.50 -46.23 3.56
N ILE F 388 -25.97 -45.02 3.42
CA ILE F 388 -25.57 -44.22 4.58
C ILE F 388 -26.11 -42.80 4.42
N ARG F 389 -26.26 -42.12 5.54
CA ARG F 389 -26.52 -40.70 5.57
C ARG F 389 -25.65 -40.03 6.62
N TYR F 390 -25.36 -38.76 6.40
CA TYR F 390 -24.56 -37.98 7.35
C TYR F 390 -25.44 -37.21 8.32
N VAL F 391 -24.97 -37.14 9.55
CA VAL F 391 -25.69 -36.47 10.62
C VAL F 391 -24.83 -35.39 11.24
N ASN F 392 -25.40 -34.22 11.38
CA ASN F 392 -24.80 -33.09 12.06
C ASN F 392 -25.39 -32.89 13.43
N THR F 393 -24.66 -33.27 14.46
CA THR F 393 -25.14 -33.04 15.81
C THR F 393 -24.42 -31.92 16.50
N GLY F 394 -23.67 -31.13 15.78
CA GLY F 394 -22.92 -30.06 16.38
C GLY F 394 -23.73 -28.80 16.49
N THR F 395 -23.05 -27.67 16.40
CA THR F 395 -23.72 -26.38 16.50
C THR F 395 -23.34 -25.42 15.39
N ALA F 396 -22.65 -25.87 14.35
CA ALA F 396 -22.28 -24.95 13.30
C ALA F 396 -22.27 -25.68 11.97
N PRO F 397 -22.45 -24.97 10.88
CA PRO F 397 -22.58 -25.60 9.58
C PRO F 397 -21.24 -25.87 8.92
N ILE F 398 -21.19 -26.98 8.19
CA ILE F 398 -20.11 -27.21 7.24
C ILE F 398 -20.63 -26.91 5.86
N TYR F 399 -19.77 -26.52 4.94
CA TYR F 399 -20.30 -26.02 3.67
C TYR F 399 -19.85 -26.85 2.47
N ASN F 400 -18.58 -26.81 2.12
CA ASN F 400 -18.13 -27.44 0.90
C ASN F 400 -17.75 -28.91 1.01
N VAL F 401 -16.86 -29.24 1.93
CA VAL F 401 -16.24 -30.54 1.92
C VAL F 401 -17.16 -31.52 2.62
N LEU F 402 -16.89 -32.80 2.46
CA LEU F 402 -17.64 -33.80 3.16
C LEU F 402 -16.63 -34.79 3.74
N PRO F 403 -16.82 -35.27 4.95
CA PRO F 403 -15.74 -35.99 5.62
C PRO F 403 -15.47 -37.35 5.02
N THR F 404 -14.20 -37.70 5.00
CA THR F 404 -13.77 -39.05 4.73
C THR F 404 -14.07 -39.96 5.91
N THR F 405 -14.40 -41.21 5.62
CA THR F 405 -14.82 -42.13 6.67
C THR F 405 -14.47 -43.56 6.30
N SER F 406 -13.88 -44.29 7.25
CA SER F 406 -13.42 -45.64 6.98
C SER F 406 -14.16 -46.67 7.82
N LEU F 407 -14.68 -47.71 7.16
CA LEU F 407 -15.28 -48.85 7.83
C LEU F 407 -14.23 -49.84 8.33
N VAL F 408 -14.45 -50.35 9.54
CA VAL F 408 -13.55 -51.35 10.10
C VAL F 408 -14.37 -52.35 10.90
N LEU F 409 -14.17 -53.63 10.61
CA LEU F 409 -14.76 -54.70 11.38
C LEU F 409 -13.79 -55.30 12.37
N GLY F 410 -14.29 -55.68 13.53
CA GLY F 410 -13.46 -56.30 14.52
C GLY F 410 -12.41 -55.38 15.09
N LYS F 411 -11.31 -56.00 15.51
CA LYS F 411 -10.24 -55.26 16.13
C LYS F 411 -9.42 -54.53 15.10
N ASN F 412 -9.13 -55.18 13.97
CA ASN F 412 -8.21 -54.56 13.03
C ASN F 412 -8.57 -54.81 11.57
N GLN F 413 -9.75 -55.36 11.28
CA GLN F 413 -10.10 -55.69 9.90
C GLN F 413 -10.74 -54.49 9.21
N THR F 414 -9.94 -53.73 8.48
CA THR F 414 -10.47 -52.56 7.80
C THR F 414 -11.12 -53.00 6.49
N LEU F 415 -12.44 -52.94 6.42
CA LEU F 415 -13.06 -53.40 5.19
C LEU F 415 -13.00 -52.39 4.07
N ALA F 416 -13.18 -51.11 4.38
CA ALA F 416 -13.25 -50.14 3.29
C ALA F 416 -13.20 -48.75 3.86
N THR F 417 -12.74 -47.82 3.03
CA THR F 417 -12.72 -46.40 3.33
C THR F 417 -13.59 -45.71 2.30
N ILE F 418 -14.59 -44.97 2.75
CA ILE F 418 -15.51 -44.36 1.81
C ILE F 418 -14.82 -43.16 1.19
N LYS F 419 -14.69 -43.18 -0.14
CA LYS F 419 -13.99 -42.12 -0.83
C LYS F 419 -14.62 -40.78 -0.50
N ALA F 420 -13.81 -39.74 -0.58
CA ALA F 420 -14.32 -38.39 -0.48
C ALA F 420 -14.71 -37.88 -1.86
N LYS F 421 -16.00 -37.99 -2.19
CA LYS F 421 -16.47 -37.47 -3.46
C LYS F 421 -16.06 -36.01 -3.56
N GLU F 422 -15.77 -35.51 -4.75
CA GLU F 422 -15.19 -34.18 -4.87
C GLU F 422 -16.17 -33.17 -5.43
N ASN F 423 -16.30 -32.04 -4.73
CA ASN F 423 -17.15 -30.93 -5.16
C ASN F 423 -18.58 -31.39 -5.37
N GLN F 424 -19.08 -32.21 -4.46
CA GLN F 424 -20.42 -32.77 -4.59
C GLN F 424 -21.32 -32.50 -3.40
N LEU F 425 -20.79 -32.12 -2.24
CA LEU F 425 -21.60 -31.85 -1.07
C LEU F 425 -21.85 -30.36 -0.98
N SER F 426 -22.45 -29.86 -2.06
CA SER F 426 -22.79 -28.47 -2.26
C SER F 426 -23.96 -28.01 -1.43
N GLN F 427 -24.57 -28.92 -0.68
CA GLN F 427 -25.67 -28.60 0.19
C GLN F 427 -25.14 -28.21 1.57
N ILE F 428 -26.03 -28.03 2.51
CA ILE F 428 -25.66 -27.48 3.80
C ILE F 428 -26.03 -28.45 4.89
N LEU F 429 -25.22 -28.50 5.92
CA LEU F 429 -25.54 -29.34 7.05
C LEU F 429 -25.88 -28.50 8.26
N ALA F 430 -27.12 -28.16 8.39
CA ALA F 430 -27.42 -27.39 9.57
C ALA F 430 -27.54 -28.34 10.74
N PRO F 431 -27.39 -27.84 11.94
CA PRO F 431 -27.54 -28.68 13.11
C PRO F 431 -28.88 -29.37 13.13
N ASN F 432 -28.88 -30.65 13.49
CA ASN F 432 -30.07 -31.48 13.59
C ASN F 432 -30.68 -31.71 12.22
N ASN F 433 -29.84 -31.86 11.22
CA ASN F 433 -30.33 -32.11 9.89
C ASN F 433 -29.58 -33.29 9.31
N TYR F 434 -30.11 -33.82 8.24
CA TYR F 434 -29.50 -34.95 7.59
C TYR F 434 -29.01 -34.53 6.22
N TYR F 435 -28.00 -35.23 5.75
CA TYR F 435 -27.56 -35.08 4.37
C TYR F 435 -27.37 -36.42 3.70
N PRO F 436 -28.11 -36.71 2.67
CA PRO F 436 -29.11 -35.77 2.17
C PRO F 436 -30.34 -35.88 3.00
N SER F 437 -31.19 -34.88 3.01
CA SER F 437 -32.37 -34.88 3.86
C SER F 437 -33.20 -36.15 3.77
N LYS F 438 -34.05 -36.35 4.78
CA LYS F 438 -34.93 -37.52 4.85
C LYS F 438 -35.85 -37.67 3.66
N ASN F 439 -35.94 -36.70 2.78
CA ASN F 439 -36.90 -36.82 1.71
C ASN F 439 -36.31 -37.44 0.46
N LEU F 440 -35.02 -37.76 0.48
CA LEU F 440 -34.36 -38.25 -0.71
C LEU F 440 -33.73 -39.59 -0.44
N ALA F 441 -33.46 -40.29 -1.51
CA ALA F 441 -32.75 -41.54 -1.39
C ALA F 441 -31.38 -41.33 -0.75
N PRO F 442 -30.99 -42.18 0.18
CA PRO F 442 -29.66 -42.07 0.76
C PRO F 442 -28.61 -42.46 -0.26
N ILE F 443 -27.42 -41.92 -0.07
CA ILE F 443 -26.35 -42.09 -1.03
C ILE F 443 -25.94 -43.55 -1.17
N ALA F 444 -26.10 -44.10 -2.36
CA ALA F 444 -25.65 -45.45 -2.65
C ALA F 444 -24.13 -45.53 -2.53
N LEU F 445 -23.65 -46.52 -1.79
CA LEU F 445 -22.23 -46.59 -1.51
C LEU F 445 -21.42 -46.99 -2.73
N ASN F 446 -21.75 -48.13 -3.33
CA ASN F 446 -21.06 -48.48 -4.56
C ASN F 446 -21.31 -47.45 -5.64
N ALA F 447 -20.22 -47.11 -6.34
CA ALA F 447 -20.24 -46.02 -7.31
C ALA F 447 -21.20 -46.30 -8.46
N GLN F 448 -21.28 -47.55 -8.90
CA GLN F 448 -22.01 -48.05 -10.06
C GLN F 448 -21.20 -47.75 -11.31
N ASP F 449 -19.99 -47.20 -11.18
CA ASP F 449 -19.10 -46.91 -12.29
C ASP F 449 -18.02 -47.97 -12.38
N ASP F 450 -16.87 -47.63 -12.98
CA ASP F 450 -15.82 -48.59 -13.25
C ASP F 450 -14.64 -48.49 -12.29
N PHE F 451 -14.80 -47.76 -11.17
CA PHE F 451 -13.67 -47.55 -10.26
C PHE F 451 -13.14 -48.87 -9.70
N SER F 452 -14.04 -49.72 -9.21
CA SER F 452 -13.68 -51.07 -8.80
C SER F 452 -14.86 -51.97 -9.14
N SER F 453 -14.55 -53.14 -9.70
CA SER F 453 -15.61 -54.04 -10.18
C SER F 453 -16.53 -54.43 -9.03
N THR F 454 -15.95 -54.80 -7.90
CA THR F 454 -16.71 -55.07 -6.67
C THR F 454 -15.88 -54.50 -5.55
N PRO F 455 -16.00 -53.20 -5.29
CA PRO F 455 -15.13 -52.59 -4.30
C PRO F 455 -15.23 -53.25 -2.94
N ILE F 456 -16.44 -53.66 -2.55
CA ILE F 456 -16.59 -54.25 -1.24
C ILE F 456 -16.46 -55.77 -1.32
N THR F 457 -15.26 -56.24 -1.61
CA THR F 457 -14.99 -57.67 -1.50
C THR F 457 -14.93 -58.06 -0.03
N MET F 458 -15.01 -59.35 0.24
CA MET F 458 -15.04 -59.79 1.62
C MET F 458 -14.75 -61.29 1.70
N ASN F 459 -13.57 -61.66 2.19
CA ASN F 459 -13.21 -63.07 2.28
C ASN F 459 -14.14 -63.83 3.22
N TYR F 460 -14.02 -65.15 3.16
CA TYR F 460 -14.89 -66.03 3.95
C TYR F 460 -14.73 -65.76 5.45
N ASN F 461 -13.49 -65.87 5.94
CA ASN F 461 -13.20 -65.70 7.35
C ASN F 461 -13.84 -64.44 7.92
N GLN F 462 -13.79 -63.34 7.17
CA GLN F 462 -14.46 -62.13 7.62
C GLN F 462 -15.95 -62.39 7.81
N PHE F 463 -16.59 -62.97 6.81
CA PHE F 463 -17.99 -63.27 6.94
C PHE F 463 -18.29 -64.06 8.20
N LEU F 464 -17.40 -64.97 8.57
CA LEU F 464 -17.61 -65.72 9.81
C LEU F 464 -17.59 -64.79 11.01
N GLU F 465 -16.55 -63.98 11.11
CA GLU F 465 -16.45 -62.98 12.18
C GLU F 465 -17.71 -62.13 12.25
N LEU F 466 -18.18 -61.66 11.11
CA LEU F 466 -19.38 -60.83 11.10
C LEU F 466 -20.58 -61.58 11.64
N GLU F 467 -20.71 -62.85 11.29
CA GLU F 467 -21.88 -63.59 11.75
C GLU F 467 -21.89 -63.75 13.26
N LYS F 468 -20.74 -63.88 13.88
CA LYS F 468 -20.73 -64.04 15.33
C LYS F 468 -20.95 -62.73 16.05
N THR F 469 -20.58 -61.60 15.47
CA THR F 469 -20.66 -60.36 16.22
C THR F 469 -21.81 -59.44 15.84
N LYS F 470 -22.21 -59.39 14.57
CA LYS F 470 -23.28 -58.48 14.13
C LYS F 470 -23.07 -57.03 14.59
N GLN F 471 -21.83 -56.59 14.72
CA GLN F 471 -21.54 -55.19 15.07
C GLN F 471 -20.50 -54.59 14.14
N LEU F 472 -20.78 -53.40 13.60
CA LEU F 472 -19.77 -52.70 12.85
C LEU F 472 -19.61 -51.31 13.46
N ARG F 473 -18.48 -50.68 13.13
CA ARG F 473 -18.15 -49.36 13.63
C ARG F 473 -17.77 -48.46 12.47
N LEU F 474 -18.09 -47.18 12.60
CA LEU F 474 -17.81 -46.19 11.58
C LEU F 474 -16.99 -45.03 12.13
N ASP F 475 -15.69 -45.04 11.82
CA ASP F 475 -14.78 -44.00 12.27
C ASP F 475 -14.64 -42.90 11.24
N THR F 476 -14.77 -41.66 11.70
CA THR F 476 -14.66 -40.47 10.87
C THR F 476 -13.66 -39.50 11.48
N ASP F 477 -12.92 -38.83 10.63
CA ASP F 477 -11.96 -37.83 11.07
C ASP F 477 -12.63 -36.46 10.99
N GLN F 478 -11.87 -35.40 11.23
CA GLN F 478 -12.44 -34.06 11.31
C GLN F 478 -12.07 -33.20 10.10
N VAL F 479 -11.79 -33.80 8.96
CA VAL F 479 -11.41 -32.93 7.86
C VAL F 479 -12.68 -32.34 7.30
N TYR F 480 -13.09 -31.27 7.92
CA TYR F 480 -14.26 -30.56 7.46
C TYR F 480 -13.85 -29.53 6.42
N GLY F 481 -14.79 -28.64 6.10
CA GLY F 481 -14.65 -27.72 4.99
C GLY F 481 -14.02 -26.39 5.31
N ASN F 482 -14.57 -25.34 4.73
CA ASN F 482 -14.18 -23.99 5.02
C ASN F 482 -15.12 -23.40 6.06
N ILE F 483 -14.98 -22.13 6.34
CA ILE F 483 -15.71 -21.48 7.40
C ILE F 483 -16.52 -20.34 6.83
N ALA F 484 -17.69 -20.12 7.37
CA ALA F 484 -18.53 -19.02 6.95
C ALA F 484 -18.32 -17.85 7.89
N THR F 485 -17.92 -16.72 7.35
CA THR F 485 -17.61 -15.55 8.14
C THR F 485 -18.59 -14.43 7.84
N TYR F 486 -18.76 -13.55 8.80
CA TYR F 486 -19.68 -12.45 8.63
C TYR F 486 -18.97 -11.20 8.16
N ASN F 487 -19.47 -10.60 7.10
CA ASN F 487 -18.88 -9.39 6.54
C ASN F 487 -19.71 -8.19 6.96
N PHE F 488 -19.08 -7.22 7.58
CA PHE F 488 -19.84 -6.07 8.08
C PHE F 488 -20.36 -5.14 7.00
N GLU F 489 -19.68 -5.06 5.86
CA GLU F 489 -20.00 -4.03 4.89
C GLU F 489 -21.44 -4.11 4.38
N ASN F 490 -21.91 -5.29 4.06
CA ASN F 490 -23.26 -5.40 3.51
C ASN F 490 -24.04 -6.56 4.09
N GLY F 491 -23.51 -7.27 5.07
CA GLY F 491 -24.27 -8.34 5.64
C GLY F 491 -24.37 -9.56 4.77
N ARG F 492 -23.45 -9.72 3.84
CA ARG F 492 -23.44 -10.89 2.99
C ARG F 492 -22.57 -11.92 3.67
N VAL F 493 -23.00 -13.16 3.67
CA VAL F 493 -22.23 -14.22 4.26
C VAL F 493 -21.53 -15.00 3.17
N ARG F 494 -20.24 -14.81 3.07
CA ARG F 494 -19.45 -15.40 2.02
C ARG F 494 -18.44 -16.35 2.63
N VAL F 495 -18.18 -17.46 1.95
CA VAL F 495 -17.25 -18.46 2.44
C VAL F 495 -15.83 -17.98 2.17
N ASP F 496 -15.10 -17.66 3.23
CA ASP F 496 -13.73 -17.20 3.07
C ASP F 496 -12.78 -18.35 2.87
N THR F 497 -11.94 -18.22 1.86
CA THR F 497 -11.00 -19.28 1.52
C THR F 497 -9.75 -19.25 2.38
N GLY F 498 -9.62 -18.33 3.32
CA GLY F 498 -8.44 -18.36 4.16
C GLY F 498 -8.53 -19.20 5.41
N SER F 499 -9.70 -19.22 6.05
CA SER F 499 -9.89 -19.89 7.32
C SER F 499 -10.39 -21.31 7.13
N ASN F 500 -9.75 -22.27 7.78
CA ASN F 500 -10.11 -23.65 7.53
C ASN F 500 -10.20 -24.42 8.83
N TRP F 501 -11.30 -25.14 8.99
CA TRP F 501 -11.60 -25.87 10.22
C TRP F 501 -10.54 -26.83 10.70
N SER F 502 -9.67 -27.33 9.84
CA SER F 502 -8.75 -28.31 10.41
C SER F 502 -7.66 -27.70 11.24
N GLU F 503 -7.60 -26.39 11.30
CA GLU F 503 -6.65 -25.68 12.13
C GLU F 503 -7.26 -25.03 13.34
N VAL F 504 -8.57 -24.83 13.35
CA VAL F 504 -9.18 -24.15 14.48
C VAL F 504 -9.55 -25.14 15.55
N LEU F 505 -10.19 -26.25 15.19
CA LEU F 505 -10.61 -27.21 16.20
C LEU F 505 -9.57 -27.51 17.25
N PRO F 506 -8.32 -27.79 16.92
CA PRO F 506 -7.36 -28.04 17.99
C PRO F 506 -7.33 -26.96 19.03
N GLN F 507 -7.41 -25.68 18.66
CA GLN F 507 -7.43 -24.65 19.69
C GLN F 507 -8.60 -24.82 20.64
N ILE F 508 -9.81 -24.87 20.11
CA ILE F 508 -10.94 -25.11 20.99
C ILE F 508 -10.70 -26.33 21.80
N GLN F 509 -10.18 -27.35 21.18
CA GLN F 509 -10.11 -28.63 21.84
C GLN F 509 -9.13 -28.67 22.99
N GLU F 510 -8.27 -27.68 23.12
CA GLU F 510 -7.31 -27.70 24.21
C GLU F 510 -7.54 -26.65 25.27
N THR F 511 -8.58 -25.85 25.13
CA THR F 511 -8.76 -24.76 26.06
C THR F 511 -10.18 -24.73 26.61
N THR F 512 -10.92 -25.82 26.48
CA THR F 512 -12.30 -25.88 26.92
C THR F 512 -12.57 -27.15 27.70
N ALA F 513 -13.57 -27.09 28.57
CA ALA F 513 -14.08 -28.26 29.24
C ALA F 513 -15.20 -28.90 28.42
N ARG F 514 -15.18 -30.22 28.34
CA ARG F 514 -16.07 -30.98 27.48
C ARG F 514 -17.09 -31.74 28.30
N ILE F 515 -18.36 -31.55 27.96
CA ILE F 515 -19.46 -32.15 28.69
C ILE F 515 -20.32 -32.93 27.71
N ILE F 516 -20.49 -34.22 27.96
CA ILE F 516 -21.35 -35.03 27.13
C ILE F 516 -22.59 -35.36 27.94
N PHE F 517 -23.76 -35.15 27.35
CA PHE F 517 -25.03 -35.31 28.03
C PHE F 517 -26.05 -36.06 27.20
N ASN F 518 -26.73 -37.02 27.83
CA ASN F 518 -27.78 -37.77 27.17
C ASN F 518 -29.17 -37.47 27.72
N GLY F 519 -29.45 -36.23 28.08
CA GLY F 519 -30.73 -36.01 28.71
C GLY F 519 -31.87 -36.05 27.73
N LYS F 520 -31.71 -35.42 26.58
CA LYS F 520 -32.82 -35.21 25.67
C LYS F 520 -33.54 -36.46 25.21
N ASP F 521 -32.89 -37.26 24.38
CA ASP F 521 -33.52 -38.44 23.82
C ASP F 521 -32.65 -39.66 23.93
N LEU F 522 -31.85 -39.72 24.99
CA LEU F 522 -30.95 -40.83 25.22
C LEU F 522 -29.91 -40.95 24.11
N ASN F 523 -29.58 -39.83 23.49
CA ASN F 523 -28.52 -39.77 22.50
C ASN F 523 -27.43 -38.82 22.98
N LEU F 524 -26.20 -39.11 22.62
CA LEU F 524 -25.07 -38.38 23.16
C LEU F 524 -24.95 -37.00 22.52
N VAL F 525 -25.34 -35.98 23.26
CA VAL F 525 -25.21 -34.59 22.83
C VAL F 525 -23.99 -33.99 23.50
N GLU F 526 -23.10 -33.44 22.70
CA GLU F 526 -21.84 -32.91 23.19
C GLU F 526 -21.73 -31.39 23.11
N ARG F 527 -21.32 -30.76 24.20
CA ARG F 527 -21.11 -29.32 24.24
C ARG F 527 -19.74 -29.06 24.84
N ARG F 528 -19.11 -27.94 24.50
CA ARG F 528 -17.80 -27.62 25.04
C ARG F 528 -17.80 -26.24 25.68
N ILE F 529 -17.31 -26.15 26.90
CA ILE F 529 -17.27 -24.87 27.60
C ILE F 529 -15.84 -24.45 27.91
N ALA F 530 -15.59 -23.17 27.74
CA ALA F 530 -14.29 -22.56 27.99
C ALA F 530 -14.04 -22.44 29.46
N ALA F 531 -12.99 -23.08 29.98
CA ALA F 531 -12.68 -22.97 31.40
C ALA F 531 -11.29 -22.39 31.57
N VAL F 532 -11.06 -21.85 32.74
CA VAL F 532 -9.78 -21.21 33.03
C VAL F 532 -8.70 -22.26 33.28
N ASN F 533 -7.47 -21.92 32.94
CA ASN F 533 -6.29 -22.72 33.25
C ASN F 533 -5.27 -21.91 34.00
N PRO F 534 -5.22 -22.03 35.30
CA PRO F 534 -4.29 -21.25 36.12
C PRO F 534 -2.90 -21.06 35.56
N SER F 535 -2.38 -22.07 34.88
CA SER F 535 -0.98 -22.04 34.46
C SER F 535 -0.69 -21.03 33.37
N ASP F 536 -1.70 -20.45 32.72
CA ASP F 536 -1.47 -19.63 31.53
C ASP F 536 -2.00 -18.22 31.77
N PRO F 537 -1.18 -17.23 31.74
CA PRO F 537 -1.62 -15.86 31.99
C PRO F 537 -2.86 -15.38 31.27
N LEU F 538 -2.76 -15.32 29.95
CA LEU F 538 -3.86 -14.88 29.12
C LEU F 538 -5.16 -15.58 29.43
N GLU F 539 -5.07 -16.82 29.83
CA GLU F 539 -6.25 -17.62 30.03
C GLU F 539 -6.99 -17.26 31.29
N THR F 540 -6.30 -16.71 32.27
CA THR F 540 -7.02 -16.32 33.45
C THR F 540 -8.01 -15.23 33.13
N THR F 541 -7.91 -14.63 31.96
CA THR F 541 -8.85 -13.59 31.62
C THR F 541 -10.25 -14.11 31.38
N LYS F 542 -10.42 -15.23 31.32
CA LYS F 542 -11.80 -15.52 31.01
C LYS F 542 -12.63 -15.60 32.27
N PRO F 543 -13.87 -15.19 32.23
CA PRO F 543 -14.71 -15.25 33.41
C PRO F 543 -14.75 -16.63 34.00
N ASP F 544 -14.70 -16.68 35.33
CA ASP F 544 -14.85 -17.92 36.06
C ASP F 544 -16.20 -18.54 35.75
N MET F 545 -16.20 -19.84 35.54
CA MET F 545 -17.40 -20.56 35.13
C MET F 545 -17.76 -21.63 36.15
N THR F 546 -18.93 -21.48 36.77
CA THR F 546 -19.39 -22.50 37.70
C THR F 546 -20.26 -23.51 36.97
N LEU F 547 -20.11 -24.77 37.36
CA LEU F 547 -20.81 -25.88 36.72
C LEU F 547 -22.30 -25.66 36.56
N LYS F 548 -22.96 -25.26 37.65
CA LYS F 548 -24.41 -25.10 37.59
C LYS F 548 -24.84 -24.18 36.46
N GLU F 549 -24.14 -23.07 36.27
CA GLU F 549 -24.53 -22.20 35.17
C GLU F 549 -24.28 -22.88 33.84
N ALA F 550 -23.19 -23.62 33.73
CA ALA F 550 -22.93 -24.35 32.50
C ALA F 550 -24.13 -25.18 32.12
N LEU F 551 -24.61 -26.00 33.03
CA LEU F 551 -25.80 -26.77 32.73
C LEU F 551 -26.93 -25.84 32.39
N LYS F 552 -26.98 -24.69 33.03
CA LYS F 552 -28.08 -23.79 32.75
C LYS F 552 -27.96 -23.29 31.33
N ILE F 553 -26.74 -22.95 30.92
CA ILE F 553 -26.51 -22.31 29.63
C ILE F 553 -26.21 -23.29 28.52
N ALA F 554 -25.82 -24.51 28.84
CA ALA F 554 -25.45 -25.41 27.75
C ALA F 554 -26.60 -26.24 27.26
N PHE F 555 -27.55 -26.55 28.10
CA PHE F 555 -28.60 -27.47 27.75
C PHE F 555 -29.99 -26.92 27.94
N GLY F 556 -30.17 -26.01 28.89
CA GLY F 556 -31.47 -25.40 29.09
C GLY F 556 -32.04 -25.59 30.47
N PHE F 557 -31.33 -26.22 31.38
CA PHE F 557 -31.83 -26.34 32.74
C PHE F 557 -32.20 -24.97 33.28
N ASN F 558 -33.22 -24.94 34.14
CA ASN F 558 -33.61 -23.69 34.77
C ASN F 558 -34.08 -23.96 36.19
N GLU F 559 -34.44 -22.88 36.86
CA GLU F 559 -34.83 -22.90 38.27
C GLU F 559 -36.17 -22.20 38.43
N PRO F 560 -37.26 -22.88 38.12
CA PRO F 560 -38.57 -22.29 38.41
C PRO F 560 -38.70 -21.97 39.89
N ASN F 561 -38.35 -22.92 40.75
CA ASN F 561 -38.39 -22.73 42.19
C ASN F 561 -37.02 -22.91 42.82
N GLY F 562 -35.98 -22.56 42.08
CA GLY F 562 -34.64 -22.78 42.60
C GLY F 562 -34.17 -24.21 42.60
N ASN F 563 -34.95 -25.14 42.05
CA ASN F 563 -34.53 -26.53 41.99
C ASN F 563 -34.18 -26.91 40.57
N LEU F 564 -32.95 -27.37 40.36
CA LEU F 564 -32.49 -27.73 39.03
C LEU F 564 -33.33 -28.85 38.45
N GLN F 565 -33.80 -28.66 37.22
CA GLN F 565 -34.56 -29.73 36.60
C GLN F 565 -34.54 -29.56 35.09
N TYR F 566 -34.70 -30.67 34.41
CA TYR F 566 -34.80 -30.72 32.95
C TYR F 566 -36.21 -31.17 32.70
N GLN F 567 -37.06 -30.26 32.25
CA GLN F 567 -38.48 -30.56 32.06
C GLN F 567 -38.97 -31.43 33.22
N GLY F 568 -38.93 -30.86 34.40
CA GLY F 568 -39.45 -31.57 35.55
C GLY F 568 -38.48 -32.47 36.28
N LYS F 569 -37.70 -33.26 35.54
CA LYS F 569 -36.82 -34.25 36.15
C LYS F 569 -35.67 -33.57 36.87
N ASP F 570 -35.65 -33.73 38.18
CA ASP F 570 -34.61 -33.16 39.03
C ASP F 570 -33.21 -33.67 38.68
N ILE F 571 -32.22 -32.82 38.95
CA ILE F 571 -30.82 -33.14 38.74
C ILE F 571 -30.33 -34.37 39.49
N THR F 572 -31.01 -34.77 40.55
CA THR F 572 -30.47 -35.84 41.35
C THR F 572 -30.55 -37.21 40.70
N GLU F 573 -31.29 -37.37 39.62
CA GLU F 573 -31.39 -38.67 38.97
C GLU F 573 -30.26 -38.98 37.98
N PHE F 574 -29.13 -38.31 38.07
CA PHE F 574 -28.06 -38.54 37.11
C PHE F 574 -26.73 -38.87 37.78
N ASP F 575 -25.94 -39.68 37.08
CA ASP F 575 -24.61 -40.08 37.51
C ASP F 575 -23.55 -39.11 37.01
N PHE F 576 -22.45 -39.04 37.74
CA PHE F 576 -21.27 -38.31 37.31
C PHE F 576 -20.07 -39.23 37.24
N ASN F 577 -19.48 -39.35 36.05
CA ASN F 577 -18.27 -40.13 35.86
C ASN F 577 -17.19 -39.24 35.31
N PHE F 578 -15.97 -39.44 35.77
CA PHE F 578 -14.89 -38.56 35.41
C PHE F 578 -13.69 -39.39 35.00
N ASP F 579 -12.95 -38.89 34.02
CA ASP F 579 -11.66 -39.47 33.68
C ASP F 579 -10.66 -39.31 34.83
N GLN F 580 -9.67 -40.19 34.81
CA GLN F 580 -8.72 -40.35 35.90
C GLN F 580 -8.07 -39.03 36.29
N GLN F 581 -7.66 -38.25 35.32
CA GLN F 581 -7.07 -36.94 35.61
C GLN F 581 -7.99 -36.07 36.44
N THR F 582 -9.17 -35.79 35.93
CA THR F 582 -10.10 -34.91 36.63
C THR F 582 -10.40 -35.36 38.05
N SER F 583 -10.52 -36.68 38.27
CA SER F 583 -10.84 -37.15 39.61
C SER F 583 -9.94 -36.61 40.70
N GLN F 584 -8.61 -36.75 40.59
CA GLN F 584 -7.79 -36.16 41.65
C GLN F 584 -8.14 -34.68 41.81
N ASN F 585 -8.18 -33.96 40.71
CA ASN F 585 -8.48 -32.55 40.81
C ASN F 585 -9.84 -32.34 41.46
N ILE F 586 -10.84 -33.16 41.09
CA ILE F 586 -12.17 -32.90 41.60
C ILE F 586 -12.30 -33.25 43.08
N LYS F 587 -11.57 -34.26 43.54
CA LYS F 587 -11.60 -34.58 44.98
C LYS F 587 -11.12 -33.39 45.82
N ASN F 588 -10.12 -32.67 45.34
CA ASN F 588 -9.66 -31.49 46.06
C ASN F 588 -10.75 -30.47 46.34
N GLN F 589 -11.46 -30.00 45.31
CA GLN F 589 -12.46 -28.96 45.52
C GLN F 589 -13.49 -29.27 46.60
N LEU F 590 -13.89 -30.52 46.74
CA LEU F 590 -14.85 -30.84 47.78
C LEU F 590 -14.24 -30.81 49.16
N ALA F 591 -12.92 -30.82 49.26
CA ALA F 591 -12.30 -30.80 50.57
C ALA F 591 -12.25 -29.39 51.14
N GLU F 592 -11.86 -28.40 50.35
CA GLU F 592 -11.85 -27.08 50.96
C GLU F 592 -13.26 -26.61 51.24
N LEU F 593 -14.27 -27.36 50.81
CA LEU F 593 -15.64 -27.04 51.13
C LEU F 593 -16.22 -27.95 52.19
N ASN F 594 -15.54 -29.04 52.54
CA ASN F 594 -15.98 -29.95 53.60
C ASN F 594 -17.38 -30.48 53.30
N ALA F 595 -17.53 -31.09 52.13
CA ALA F 595 -18.80 -31.65 51.73
C ALA F 595 -18.58 -33.02 51.12
N THR F 596 -19.64 -33.83 51.18
CA THR F 596 -19.61 -35.17 50.63
C THR F 596 -20.59 -35.38 49.50
N ASN F 597 -21.70 -34.65 49.47
CA ASN F 597 -22.67 -34.78 48.39
C ASN F 597 -22.45 -33.63 47.42
N ILE F 598 -21.94 -33.95 46.24
CA ILE F 598 -21.66 -32.93 45.26
C ILE F 598 -22.92 -32.24 44.78
N TYR F 599 -24.04 -32.92 44.90
CA TYR F 599 -25.28 -32.40 44.37
C TYR F 599 -25.77 -31.18 45.12
N THR F 600 -25.31 -31.00 46.34
CA THR F 600 -25.71 -29.84 47.12
C THR F 600 -24.82 -28.65 46.83
N VAL F 601 -23.53 -28.81 47.06
CA VAL F 601 -22.52 -27.77 46.92
C VAL F 601 -22.17 -27.59 45.43
N LEU F 602 -23.07 -28.07 44.58
CA LEU F 602 -22.84 -28.11 43.15
C LEU F 602 -22.42 -26.76 42.59
N ASP F 603 -22.98 -25.69 43.10
CA ASP F 603 -22.75 -24.36 42.59
C ASP F 603 -21.43 -23.75 43.03
N LYS F 604 -20.51 -24.52 43.60
CA LYS F 604 -19.26 -23.94 44.05
C LYS F 604 -18.05 -24.61 43.42
N ILE F 605 -18.26 -25.33 42.33
CA ILE F 605 -17.19 -26.07 41.67
C ILE F 605 -16.71 -25.32 40.45
N LYS F 606 -15.42 -25.01 40.44
CA LYS F 606 -14.78 -24.29 39.36
C LYS F 606 -14.43 -25.33 38.31
N LEU F 607 -14.63 -24.96 37.06
CA LEU F 607 -14.25 -25.81 35.95
C LEU F 607 -12.86 -25.46 35.46
N ASN F 608 -12.02 -26.47 35.24
CA ASN F 608 -10.72 -26.23 34.62
C ASN F 608 -10.66 -26.76 33.20
N ALA F 609 -9.66 -26.31 32.47
CA ALA F 609 -9.48 -26.78 31.11
C ALA F 609 -9.20 -28.26 31.05
N LYS F 610 -9.70 -28.89 30.00
CA LYS F 610 -9.45 -30.26 29.64
C LYS F 610 -10.20 -31.30 30.46
N MET F 611 -11.10 -30.92 31.34
CA MET F 611 -11.91 -31.96 31.96
C MET F 611 -12.94 -32.53 31.01
N ASN F 612 -13.24 -33.79 31.21
CA ASN F 612 -14.24 -34.50 30.44
C ASN F 612 -15.27 -35.06 31.41
N ILE F 613 -16.52 -34.73 31.19
CA ILE F 613 -17.57 -35.12 32.11
C ILE F 613 -18.67 -35.84 31.36
N LEU F 614 -19.17 -36.92 31.94
CA LEU F 614 -20.22 -37.73 31.33
C LEU F 614 -21.41 -37.79 32.27
N ILE F 615 -22.50 -37.18 31.86
CA ILE F 615 -23.70 -37.14 32.69
C ILE F 615 -24.77 -37.98 32.02
N ARG F 616 -25.06 -39.16 32.58
CA ARG F 616 -26.08 -40.04 32.04
C ARG F 616 -27.08 -40.38 33.13
N ASP F 617 -28.34 -40.61 32.72
CA ASP F 617 -29.38 -41.00 33.65
C ASP F 617 -29.02 -42.29 34.37
N LYS F 618 -29.12 -42.26 35.71
CA LYS F 618 -28.74 -43.39 36.55
C LYS F 618 -29.72 -44.54 36.51
N ARG F 619 -30.86 -44.38 35.88
CA ARG F 619 -31.90 -45.40 36.03
C ARG F 619 -31.70 -46.56 35.08
N PHE F 620 -30.91 -46.38 34.03
CA PHE F 620 -30.77 -47.38 33.00
C PHE F 620 -29.41 -48.05 33.13
N HIS F 621 -29.36 -49.30 32.71
CA HIS F 621 -28.09 -50.00 32.63
C HIS F 621 -27.37 -49.68 31.32
N TYR F 622 -26.04 -49.74 31.37
CA TYR F 622 -25.21 -49.34 30.25
C TYR F 622 -24.18 -50.40 29.96
N ASP F 623 -23.74 -50.41 28.73
CA ASP F 623 -22.75 -51.33 28.25
C ASP F 623 -21.37 -50.68 28.29
N ARG F 624 -20.39 -51.35 27.68
CA ARG F 624 -19.02 -50.88 27.68
C ARG F 624 -18.87 -49.59 26.87
N ASN F 625 -19.70 -49.42 25.86
CA ASN F 625 -19.65 -48.26 24.98
C ASN F 625 -20.65 -47.19 25.37
N ASN F 626 -21.02 -47.16 26.65
CA ASN F 626 -21.94 -46.18 27.18
C ASN F 626 -23.17 -45.98 26.30
N ILE F 627 -23.66 -47.05 25.77
CA ILE F 627 -24.92 -46.98 25.06
C ILE F 627 -25.97 -47.53 26.00
N ALA F 628 -27.18 -46.99 25.91
CA ALA F 628 -28.24 -47.50 26.76
C ALA F 628 -28.56 -48.93 26.35
N VAL F 629 -28.51 -49.85 27.30
CA VAL F 629 -28.64 -51.24 26.93
C VAL F 629 -29.68 -51.91 27.83
N GLY F 630 -29.85 -51.39 29.02
CA GLY F 630 -30.83 -51.96 29.91
C GLY F 630 -31.26 -51.04 31.02
N ALA F 631 -31.90 -51.64 32.02
CA ALA F 631 -32.47 -50.91 33.15
C ALA F 631 -32.93 -51.92 34.18
N ASP F 632 -33.19 -51.44 35.39
CA ASP F 632 -33.79 -52.28 36.41
C ASP F 632 -35.24 -52.61 36.06
N GLU F 633 -35.59 -53.88 36.26
CA GLU F 633 -36.91 -54.36 35.86
C GLU F 633 -38.02 -53.55 36.51
N SER F 634 -37.85 -53.14 37.76
CA SER F 634 -38.95 -52.47 38.45
C SER F 634 -39.39 -51.21 37.72
N VAL F 635 -38.46 -50.42 37.23
CA VAL F 635 -38.88 -49.27 36.44
C VAL F 635 -39.56 -49.78 35.18
N VAL F 636 -38.99 -50.83 34.60
CA VAL F 636 -39.51 -51.37 33.36
C VAL F 636 -40.95 -51.81 33.54
N LYS F 637 -41.23 -52.51 34.63
CA LYS F 637 -42.59 -52.93 34.86
C LYS F 637 -43.48 -51.71 35.03
N GLU F 638 -43.02 -50.74 35.82
CA GLU F 638 -43.80 -49.55 36.08
C GLU F 638 -44.17 -48.86 34.78
N ALA F 639 -43.29 -48.95 33.79
CA ALA F 639 -43.45 -48.35 32.49
C ALA F 639 -44.56 -48.99 31.67
N HIS F 640 -45.16 -50.07 32.15
CA HIS F 640 -46.12 -50.79 31.34
C HIS F 640 -47.55 -50.82 31.87
N ARG F 641 -47.83 -50.18 32.95
CA ARG F 641 -49.14 -50.29 33.57
C ARG F 641 -50.28 -49.62 32.76
N GLU F 642 -50.15 -49.13 31.54
CA GLU F 642 -51.26 -48.47 30.84
C GLU F 642 -51.69 -49.20 29.57
N VAL F 643 -52.65 -50.12 29.70
CA VAL F 643 -53.16 -50.91 28.58
C VAL F 643 -54.32 -50.14 27.95
N ILE F 644 -54.04 -49.47 26.83
CA ILE F 644 -55.09 -48.70 26.14
C ILE F 644 -56.17 -49.59 25.53
N ASN F 645 -55.80 -50.77 25.03
CA ASN F 645 -56.76 -51.70 24.44
C ASN F 645 -56.17 -53.10 24.39
N SER F 646 -57.05 -54.08 24.46
CA SER F 646 -56.65 -55.48 24.42
C SER F 646 -57.71 -56.32 23.70
N SER F 647 -57.24 -57.22 22.86
CA SER F 647 -58.09 -58.14 22.12
C SER F 647 -57.29 -59.43 21.93
N THR F 648 -57.81 -60.34 21.11
CA THR F 648 -57.09 -61.57 20.84
C THR F 648 -56.08 -61.44 19.70
N GLU F 649 -55.92 -60.24 19.14
CA GLU F 649 -54.98 -59.99 18.07
C GLU F 649 -53.78 -59.14 18.46
N GLY F 650 -53.77 -58.59 19.66
CA GLY F 650 -52.65 -57.78 20.10
C GLY F 650 -52.99 -56.60 20.97
N LEU F 651 -51.94 -55.92 21.45
CA LEU F 651 -52.09 -54.77 22.31
C LEU F 651 -51.75 -53.50 21.56
N LEU F 652 -52.46 -52.42 21.87
CA LEU F 652 -52.18 -51.10 21.35
C LEU F 652 -51.86 -50.14 22.49
N LEU F 653 -50.60 -50.08 22.89
CA LEU F 653 -50.21 -49.23 24.02
C LEU F 653 -49.78 -47.86 23.54
N ASN F 654 -49.63 -46.94 24.50
CA ASN F 654 -49.08 -45.62 24.27
C ASN F 654 -48.05 -45.38 25.37
N ILE F 655 -46.80 -45.74 25.10
CA ILE F 655 -45.73 -45.67 26.10
C ILE F 655 -44.79 -44.54 25.73
N ASP F 656 -44.12 -44.00 26.74
CA ASP F 656 -43.13 -42.95 26.54
C ASP F 656 -42.02 -43.39 25.58
N LYS F 657 -41.87 -42.62 24.50
CA LYS F 657 -41.01 -42.91 23.36
C LYS F 657 -39.63 -43.41 23.75
N ASP F 658 -39.19 -43.12 24.98
CA ASP F 658 -37.82 -43.47 25.31
C ASP F 658 -37.65 -44.93 25.70
N ILE F 659 -38.64 -45.53 26.34
CA ILE F 659 -38.46 -46.91 26.77
C ILE F 659 -38.27 -47.79 25.57
N ARG F 660 -38.97 -47.49 24.48
CA ARG F 660 -39.00 -48.37 23.34
C ARG F 660 -37.68 -48.29 22.59
N LYS F 661 -36.62 -47.89 23.30
CA LYS F 661 -35.28 -47.91 22.76
C LYS F 661 -34.43 -48.92 23.50
N ILE F 662 -35.00 -49.60 24.47
CA ILE F 662 -34.33 -50.68 25.16
C ILE F 662 -35.13 -51.98 25.11
N LEU F 663 -36.08 -52.09 24.17
CA LEU F 663 -36.87 -53.30 24.05
C LEU F 663 -36.70 -53.91 22.68
N SER F 664 -36.12 -55.12 22.61
CA SER F 664 -35.91 -55.77 21.33
C SER F 664 -37.17 -56.48 20.80
N GLY F 665 -37.99 -57.04 21.67
CA GLY F 665 -39.19 -57.72 21.24
C GLY F 665 -39.86 -58.41 22.42
N TYR F 666 -40.92 -59.17 22.11
CA TYR F 666 -41.67 -59.84 23.16
C TYR F 666 -41.88 -61.31 22.88
N ILE F 667 -41.80 -62.11 23.94
CA ILE F 667 -42.14 -63.54 23.89
C ILE F 667 -43.49 -63.71 24.56
N VAL F 668 -44.45 -64.26 23.82
CA VAL F 668 -45.78 -64.54 24.33
C VAL F 668 -45.91 -66.02 24.64
N GLU F 669 -46.53 -66.32 25.77
CA GLU F 669 -46.73 -67.69 26.21
C GLU F 669 -48.05 -67.77 26.95
N ILE F 670 -48.61 -68.97 26.99
CA ILE F 670 -49.87 -69.23 27.66
C ILE F 670 -49.63 -70.28 28.71
N GLU F 671 -50.32 -70.17 29.84
CA GLU F 671 -50.08 -71.01 31.01
C GLU F 671 -51.36 -71.75 31.31
N ASP F 672 -51.30 -73.07 31.22
CA ASP F 672 -52.44 -73.90 31.60
C ASP F 672 -52.74 -73.68 33.07
N THR F 673 -54.03 -73.81 33.40
CA THR F 673 -54.49 -73.70 34.77
C THR F 673 -53.69 -74.63 35.68
N GLU F 674 -52.93 -75.55 35.09
CA GLU F 674 -52.12 -76.48 35.85
C GLU F 674 -50.62 -76.31 35.58
N GLY F 675 -50.21 -75.16 35.09
CA GLY F 675 -48.79 -74.86 35.02
C GLY F 675 -48.06 -75.18 33.74
N LEU F 676 -48.76 -75.53 32.65
CA LEU F 676 -48.04 -75.73 31.41
C LEU F 676 -47.58 -74.39 30.82
N LYS F 677 -46.78 -74.47 29.75
CA LYS F 677 -46.15 -73.28 29.19
C LYS F 677 -45.98 -73.48 27.69
N GLU F 678 -46.64 -72.65 26.89
CA GLU F 678 -46.56 -72.71 25.44
C GLU F 678 -46.03 -71.39 24.89
N VAL F 679 -44.81 -71.41 24.36
CA VAL F 679 -44.21 -70.20 23.80
C VAL F 679 -44.50 -70.21 22.31
N ILE F 680 -45.19 -69.17 21.84
CA ILE F 680 -45.60 -69.10 20.45
C ILE F 680 -44.41 -69.01 19.51
N ASN F 681 -43.66 -67.91 19.60
CA ASN F 681 -42.50 -67.67 18.74
C ASN F 681 -41.23 -68.26 19.36
N ASP F 682 -41.13 -69.57 19.27
CA ASP F 682 -40.07 -70.31 19.96
C ASP F 682 -38.82 -70.40 19.10
N ARG F 683 -38.36 -69.26 18.60
CA ARG F 683 -37.12 -69.19 17.84
C ARG F 683 -36.35 -67.95 18.28
N TYR F 684 -35.03 -68.08 18.38
CA TYR F 684 -34.20 -66.98 18.86
C TYR F 684 -34.44 -65.71 18.08
N ASP F 685 -34.67 -65.83 16.77
CA ASP F 685 -34.83 -64.69 15.89
C ASP F 685 -36.29 -64.38 15.59
N MET F 686 -37.20 -64.64 16.51
CA MET F 686 -38.59 -64.34 16.21
C MET F 686 -39.28 -63.60 17.33
N LEU F 687 -38.67 -62.52 17.82
CA LEU F 687 -39.25 -61.81 18.95
C LEU F 687 -39.80 -60.45 18.55
N ASN F 688 -39.28 -59.87 17.48
CA ASN F 688 -39.64 -58.52 17.01
C ASN F 688 -41.06 -58.57 16.45
N ILE F 689 -42.03 -58.62 17.35
CA ILE F 689 -43.42 -58.72 16.95
C ILE F 689 -44.20 -57.47 17.27
N SER F 690 -43.56 -56.45 17.80
CA SER F 690 -44.23 -55.24 18.25
C SER F 690 -43.98 -54.11 17.26
N SER F 691 -45.02 -53.71 16.55
CA SER F 691 -44.93 -52.57 15.66
C SER F 691 -45.52 -51.35 16.37
N LEU F 692 -45.43 -50.21 15.70
CA LEU F 692 -45.92 -48.94 16.23
C LEU F 692 -46.87 -48.31 15.24
N ARG F 693 -48.06 -47.96 15.69
CA ARG F 693 -49.06 -47.36 14.82
C ARG F 693 -48.75 -45.88 14.58
N GLN F 694 -49.41 -45.34 13.55
CA GLN F 694 -49.20 -43.96 13.11
C GLN F 694 -49.64 -42.94 14.14
N ASP F 695 -50.33 -43.37 15.19
CA ASP F 695 -50.68 -42.52 16.31
C ASP F 695 -49.80 -42.79 17.51
N GLY F 696 -48.60 -43.31 17.26
CA GLY F 696 -47.68 -43.51 18.35
C GLY F 696 -48.08 -44.66 19.23
N LYS F 697 -49.05 -45.45 18.79
CA LYS F 697 -49.49 -46.62 19.52
C LYS F 697 -48.71 -47.85 19.06
N THR F 698 -48.05 -48.51 20.00
CA THR F 698 -47.35 -49.73 19.68
C THR F 698 -48.38 -50.80 19.42
N PHE F 699 -48.18 -51.61 18.38
CA PHE F 699 -49.14 -52.66 18.07
C PHE F 699 -48.39 -53.97 18.00
N ILE F 700 -48.83 -54.93 18.82
CA ILE F 700 -48.27 -56.27 18.83
C ILE F 700 -49.16 -57.18 18.00
N ASP F 701 -48.57 -57.85 17.02
CA ASP F 701 -49.29 -58.74 16.13
C ASP F 701 -48.93 -60.17 16.47
N PHE F 702 -49.93 -60.98 16.77
CA PHE F 702 -49.64 -62.38 17.04
C PHE F 702 -49.47 -63.17 15.76
N LYS F 703 -50.28 -62.86 14.75
CA LYS F 703 -50.21 -63.62 13.52
C LYS F 703 -48.90 -63.41 12.78
N LYS F 704 -48.05 -62.49 13.22
CA LYS F 704 -46.81 -62.21 12.50
C LYS F 704 -45.92 -63.45 12.49
N TYR F 705 -45.38 -63.82 13.65
CA TYR F 705 -44.56 -65.01 13.73
C TYR F 705 -45.39 -66.21 14.18
N ASN F 706 -46.69 -66.16 13.94
CA ASN F 706 -47.60 -67.29 14.06
C ASN F 706 -47.76 -67.95 12.69
N ASP F 707 -48.86 -68.66 12.49
CA ASP F 707 -49.22 -69.26 11.22
C ASP F 707 -50.28 -68.45 10.50
N LYS F 708 -50.11 -67.12 10.52
CA LYS F 708 -51.10 -66.17 10.02
C LYS F 708 -52.48 -66.51 10.55
N LEU F 709 -52.55 -66.99 11.78
CA LEU F 709 -53.84 -67.32 12.36
C LEU F 709 -54.02 -66.55 13.67
N PRO F 710 -55.25 -66.19 14.00
CA PRO F 710 -55.51 -65.53 15.29
C PRO F 710 -55.09 -66.38 16.47
N LEU F 711 -55.26 -65.84 17.67
CA LEU F 711 -54.78 -66.52 18.87
C LEU F 711 -55.91 -67.33 19.49
N TYR F 712 -55.66 -68.63 19.67
CA TYR F 712 -56.62 -69.57 20.22
C TYR F 712 -56.31 -69.79 21.70
N ILE F 713 -57.33 -70.11 22.48
CA ILE F 713 -57.16 -70.32 23.92
C ILE F 713 -57.94 -71.54 24.35
N SER F 714 -57.25 -72.54 24.86
CA SER F 714 -57.87 -73.79 25.25
C SER F 714 -58.66 -73.72 26.55
N ASN F 715 -58.72 -72.56 27.20
CA ASN F 715 -59.39 -72.51 28.50
C ASN F 715 -59.56 -71.08 28.99
N PRO F 716 -60.78 -70.63 29.22
CA PRO F 716 -60.98 -69.28 29.77
C PRO F 716 -60.33 -69.14 31.14
N ASN F 717 -59.80 -70.22 31.69
CA ASN F 717 -59.07 -70.19 32.95
C ASN F 717 -57.57 -70.32 32.74
N TYR F 718 -57.12 -70.46 31.50
CA TYR F 718 -55.70 -70.58 31.19
C TYR F 718 -55.06 -69.20 31.21
N LYS F 719 -53.92 -69.08 31.90
CA LYS F 719 -53.24 -67.79 31.98
C LYS F 719 -52.45 -67.51 30.71
N VAL F 720 -52.45 -66.24 30.31
CA VAL F 720 -51.69 -65.76 29.16
C VAL F 720 -50.56 -64.88 29.68
N ASN F 721 -49.33 -65.32 29.47
CA ASN F 721 -48.15 -64.61 29.98
C ASN F 721 -47.44 -63.88 28.86
N VAL F 722 -47.00 -62.66 29.14
CA VAL F 722 -46.21 -61.87 28.20
C VAL F 722 -44.92 -61.44 28.86
N TYR F 723 -43.82 -61.71 28.19
CA TYR F 723 -42.51 -61.30 28.68
C TYR F 723 -41.86 -60.30 27.74
N ALA F 724 -41.05 -59.42 28.32
CA ALA F 724 -40.25 -58.44 27.59
C ALA F 724 -38.79 -58.80 27.74
N VAL F 725 -38.00 -58.60 26.69
CA VAL F 725 -36.58 -58.90 26.72
C VAL F 725 -35.76 -57.64 26.44
N THR F 726 -35.03 -57.20 27.45
CA THR F 726 -34.15 -56.06 27.29
C THR F 726 -32.96 -56.41 26.41
N LYS F 727 -32.44 -55.39 25.73
CA LYS F 727 -31.34 -55.55 24.80
C LYS F 727 -30.19 -56.36 25.41
N GLU F 728 -29.73 -55.95 26.60
CA GLU F 728 -28.57 -56.59 27.20
C GLU F 728 -28.76 -58.09 27.33
N ASN F 729 -29.99 -58.53 27.52
CA ASN F 729 -30.25 -59.92 27.77
C ASN F 729 -30.62 -60.68 26.52
N THR F 730 -30.38 -60.12 25.35
CA THR F 730 -30.78 -60.82 24.14
C THR F 730 -29.65 -61.70 23.63
N ILE F 731 -30.03 -62.70 22.84
CA ILE F 731 -29.08 -63.60 22.17
C ILE F 731 -29.05 -63.26 20.70
N ILE F 732 -27.86 -63.34 20.10
CA ILE F 732 -27.70 -62.98 18.71
C ILE F 732 -27.26 -64.13 17.84
N ASN F 733 -26.87 -65.27 18.42
CA ASN F 733 -26.45 -66.38 17.59
C ASN F 733 -26.87 -67.67 18.24
N PRO F 734 -27.01 -68.74 17.47
CA PRO F 734 -27.27 -70.06 18.04
C PRO F 734 -26.18 -70.46 19.03
N SER F 735 -26.57 -71.27 20.02
CA SER F 735 -25.70 -71.64 21.12
C SER F 735 -24.66 -72.66 20.68
N GLU F 736 -24.04 -73.31 21.67
CA GLU F 736 -23.05 -74.34 21.39
C GLU F 736 -23.64 -75.41 20.49
N ASN F 737 -24.67 -76.10 20.97
CA ASN F 737 -25.34 -77.13 20.19
C ASN F 737 -26.45 -76.54 19.31
N GLY F 738 -26.28 -75.28 18.90
CA GLY F 738 -27.22 -74.63 18.00
C GLY F 738 -28.65 -74.57 18.50
N ASP F 739 -28.83 -74.36 19.79
CA ASP F 739 -30.19 -74.22 20.30
C ASP F 739 -30.82 -72.94 19.77
N THR F 740 -32.07 -73.06 19.31
CA THR F 740 -32.81 -71.93 18.79
C THR F 740 -34.00 -71.58 19.66
N SER F 741 -34.33 -72.43 20.63
CA SER F 741 -35.44 -72.20 21.52
C SER F 741 -35.12 -71.06 22.48
N THR F 742 -36.15 -70.38 22.93
CA THR F 742 -35.95 -69.28 23.85
C THR F 742 -35.87 -69.75 25.29
N ASN F 743 -35.45 -70.99 25.50
CA ASN F 743 -35.45 -71.59 26.83
C ASN F 743 -34.48 -70.86 27.75
N GLY F 744 -33.19 -70.93 27.44
CA GLY F 744 -32.17 -70.42 28.33
C GLY F 744 -32.01 -68.92 28.26
N ILE F 745 -33.08 -68.22 27.94
CA ILE F 745 -33.09 -66.77 27.88
C ILE F 745 -33.74 -66.19 29.12
N LYS F 746 -33.03 -65.28 29.77
CA LYS F 746 -33.50 -64.58 30.96
C LYS F 746 -34.65 -63.66 30.58
N LYS F 747 -35.84 -64.00 31.05
CA LYS F 747 -37.08 -63.33 30.65
C LYS F 747 -37.68 -62.61 31.84
N ILE F 748 -38.19 -61.41 31.62
CA ILE F 748 -38.86 -60.67 32.67
C ILE F 748 -40.36 -60.72 32.42
N LEU F 749 -41.11 -61.15 33.44
CA LEU F 749 -42.57 -61.20 33.34
C LEU F 749 -43.15 -59.80 33.24
N ILE F 750 -44.03 -59.60 32.27
CA ILE F 750 -44.58 -58.28 32.06
C ILE F 750 -46.11 -58.25 32.04
N PHE F 751 -46.78 -59.37 31.86
CA PHE F 751 -48.24 -59.35 31.80
C PHE F 751 -48.76 -60.77 32.01
N SER F 752 -49.94 -60.88 32.62
CA SER F 752 -50.51 -62.19 32.93
C SER F 752 -52.00 -62.04 33.26
N LYS F 753 -52.83 -62.09 32.23
CA LYS F 753 -54.28 -62.01 32.42
C LYS F 753 -54.94 -63.32 31.99
N LYS F 754 -55.88 -63.79 32.82
CA LYS F 754 -56.61 -65.01 32.55
C LYS F 754 -57.37 -64.94 31.21
N GLY F 755 -57.86 -66.11 30.79
CA GLY F 755 -58.52 -66.20 29.50
C GLY F 755 -59.77 -65.35 29.41
N TYR F 756 -60.46 -65.16 30.53
CA TYR F 756 -61.69 -64.39 30.54
C TYR F 756 -61.43 -62.93 30.81
N GLU F 757 -60.22 -62.59 31.24
CA GLU F 757 -59.88 -61.22 31.53
C GLU F 757 -59.48 -60.46 30.27
N ILE F 758 -59.47 -61.13 29.13
CA ILE F 758 -59.09 -60.50 27.87
C ILE F 758 -60.07 -59.39 27.52
N PRO G 197 -23.60 16.81 12.37
CA PRO G 197 -24.69 17.30 11.53
C PRO G 197 -25.01 16.35 10.39
N THR G 198 -24.73 15.07 10.57
CA THR G 198 -25.00 14.05 9.57
C THR G 198 -26.14 13.16 10.06
N VAL G 199 -27.10 12.93 9.19
CA VAL G 199 -28.20 12.03 9.54
C VAL G 199 -27.64 10.64 9.80
N PRO G 200 -28.03 9.98 10.87
CA PRO G 200 -27.44 8.67 11.17
C PRO G 200 -27.81 7.64 10.12
N ASP G 201 -26.89 6.69 9.93
CA ASP G 201 -27.14 5.59 8.99
C ASP G 201 -26.32 4.35 9.37
N ARG G 202 -26.81 3.58 10.33
CA ARG G 202 -25.98 2.51 10.84
C ARG G 202 -25.75 1.44 9.79
N ASP G 203 -26.83 1.03 9.13
CA ASP G 203 -26.76 -0.04 8.16
C ASP G 203 -25.98 0.35 6.91
N ASN G 204 -25.65 1.61 6.72
CA ASN G 204 -24.83 2.00 5.59
C ASN G 204 -25.53 1.67 4.30
N ASP G 205 -26.83 1.94 4.25
CA ASP G 205 -27.63 1.55 3.11
C ASP G 205 -28.28 2.75 2.46
N GLY G 206 -27.74 3.92 2.66
CA GLY G 206 -28.27 5.06 1.97
C GLY G 206 -29.42 5.68 2.69
N ILE G 207 -30.41 4.87 3.06
CA ILE G 207 -31.54 5.42 3.79
C ILE G 207 -31.19 5.64 5.25
N PRO G 208 -31.54 6.77 5.83
CA PRO G 208 -31.22 7.00 7.23
C PRO G 208 -32.10 6.16 8.13
N ASP G 209 -31.64 6.01 9.38
CA ASP G 209 -32.31 5.15 10.33
C ASP G 209 -33.76 5.56 10.57
N SER G 210 -33.96 6.77 11.08
CA SER G 210 -35.29 7.20 11.47
C SER G 210 -36.23 7.02 10.31
N LEU G 211 -35.76 7.39 9.13
CA LEU G 211 -36.54 7.23 7.94
C LEU G 211 -36.96 5.77 7.79
N GLU G 212 -36.02 4.85 7.97
CA GLU G 212 -36.31 3.43 7.75
C GLU G 212 -37.36 2.90 8.73
N VAL G 213 -37.27 3.28 10.00
CA VAL G 213 -38.19 2.71 10.98
C VAL G 213 -39.61 3.23 10.83
N GLU G 214 -39.77 4.52 10.55
CA GLU G 214 -41.09 5.10 10.65
C GLU G 214 -41.91 5.05 9.39
N GLY G 215 -41.28 5.08 8.24
CA GLY G 215 -42.04 5.04 7.02
C GLY G 215 -41.54 6.08 6.06
N TYR G 216 -41.33 5.63 4.82
CA TYR G 216 -40.86 6.45 3.73
C TYR G 216 -41.51 6.04 2.43
N THR G 217 -41.15 6.74 1.38
CA THR G 217 -41.65 6.45 0.04
C THR G 217 -40.78 7.14 -0.97
N VAL G 218 -40.65 6.54 -2.09
CA VAL G 218 -39.93 7.12 -3.20
C VAL G 218 -40.89 7.91 -4.07
N ASP G 219 -40.43 9.05 -4.58
CA ASP G 219 -41.24 9.86 -5.46
C ASP G 219 -40.39 10.45 -6.57
N VAL G 220 -41.07 10.85 -7.63
CA VAL G 220 -40.46 11.48 -8.79
C VAL G 220 -41.04 12.88 -8.94
N LYS G 221 -40.16 13.88 -9.09
CA LYS G 221 -40.74 15.20 -9.20
C LYS G 221 -40.82 15.61 -10.66
N ASN G 222 -39.95 16.50 -11.12
CA ASN G 222 -39.95 16.79 -12.54
C ASN G 222 -39.50 15.57 -13.31
N LYS G 223 -38.36 15.03 -12.92
CA LYS G 223 -37.77 13.80 -13.42
C LYS G 223 -36.66 13.35 -12.50
N ARG G 224 -36.58 13.92 -11.31
CA ARG G 224 -35.61 13.48 -10.32
C ARG G 224 -36.32 12.76 -9.20
N THR G 225 -35.70 11.68 -8.74
CA THR G 225 -36.27 10.84 -7.70
C THR G 225 -35.71 11.17 -6.33
N PHE G 226 -36.60 11.37 -5.36
CA PHE G 226 -36.21 11.73 -4.02
C PHE G 226 -36.99 10.91 -3.01
N LEU G 227 -36.39 10.76 -1.83
CA LEU G 227 -36.98 10.01 -0.73
C LEU G 227 -37.75 10.91 0.22
N SER G 228 -38.93 10.48 0.62
CA SER G 228 -39.73 11.34 1.46
C SER G 228 -40.34 10.58 2.62
N PRO G 229 -40.49 11.24 3.74
CA PRO G 229 -41.26 10.65 4.84
C PRO G 229 -42.71 10.58 4.45
N TRP G 230 -43.36 9.48 4.83
CA TRP G 230 -44.73 9.23 4.44
C TRP G 230 -45.65 10.34 4.91
N ILE G 231 -46.28 11.02 3.97
CA ILE G 231 -47.32 11.99 4.26
C ILE G 231 -48.66 11.37 3.92
N SER G 232 -49.57 11.38 4.89
CA SER G 232 -50.81 10.62 4.75
C SER G 232 -51.67 11.13 3.61
N ASN G 233 -51.78 12.44 3.45
CA ASN G 233 -52.76 13.00 2.55
C ASN G 233 -52.26 13.14 1.13
N ILE G 234 -50.97 13.36 0.94
CA ILE G 234 -50.48 13.66 -0.39
C ILE G 234 -50.00 12.43 -1.15
N HIS G 235 -49.78 11.32 -0.46
CA HIS G 235 -49.27 10.15 -1.14
C HIS G 235 -50.30 9.15 -1.61
N GLU G 236 -51.46 9.04 -0.94
CA GLU G 236 -52.39 7.98 -1.31
C GLU G 236 -52.94 8.20 -2.70
N LYS G 237 -53.23 9.44 -3.05
CA LYS G 237 -53.75 9.70 -4.39
C LYS G 237 -52.75 9.34 -5.45
N LYS G 238 -51.48 9.26 -5.11
CA LYS G 238 -50.46 9.00 -6.10
C LYS G 238 -50.23 7.52 -6.29
N GLY G 239 -50.92 6.68 -5.55
CA GLY G 239 -50.76 5.25 -5.71
C GLY G 239 -49.38 4.82 -5.26
N LEU G 240 -48.86 5.41 -4.20
CA LEU G 240 -47.56 5.05 -3.70
C LEU G 240 -47.70 4.07 -2.55
N THR G 241 -46.77 3.14 -2.47
CA THR G 241 -46.80 2.15 -1.43
C THR G 241 -46.04 2.64 -0.21
N LYS G 242 -46.61 2.42 0.97
CA LYS G 242 -45.93 2.83 2.19
C LYS G 242 -44.95 1.74 2.60
N TYR G 243 -43.66 2.01 2.44
CA TYR G 243 -42.62 1.05 2.77
C TYR G 243 -42.13 1.20 4.19
N LYS G 244 -41.62 0.10 4.73
CA LYS G 244 -40.92 0.11 6.01
C LYS G 244 -39.73 -0.82 5.88
N SER G 245 -38.76 -0.70 6.77
CA SER G 245 -37.59 -1.56 6.63
C SER G 245 -36.80 -1.59 7.92
N SER G 246 -35.67 -2.26 7.87
CA SER G 246 -34.83 -2.41 9.04
C SER G 246 -33.70 -1.44 9.04
N PRO G 247 -33.60 -0.63 10.07
CA PRO G 247 -32.46 0.28 10.19
C PRO G 247 -31.19 -0.46 10.48
N GLU G 248 -31.22 -1.77 10.62
CA GLU G 248 -29.98 -2.44 10.96
C GLU G 248 -29.65 -3.60 10.02
N LYS G 249 -30.15 -3.55 8.80
CA LYS G 249 -29.91 -4.64 7.87
C LYS G 249 -29.54 -4.09 6.52
N TRP G 250 -28.43 -4.54 5.97
CA TRP G 250 -28.09 -4.04 4.66
C TRP G 250 -29.13 -4.49 3.67
N SER G 251 -29.82 -5.57 3.96
CA SER G 251 -30.92 -6.02 3.11
C SER G 251 -31.97 -6.60 4.04
N THR G 252 -32.98 -5.81 4.39
CA THR G 252 -33.94 -6.29 5.37
C THR G 252 -34.40 -7.70 5.05
N ALA G 253 -34.61 -7.98 3.78
CA ALA G 253 -35.03 -9.32 3.45
C ALA G 253 -33.95 -10.34 3.72
N SER G 254 -32.68 -9.94 3.67
CA SER G 254 -31.48 -10.76 3.80
C SER G 254 -31.07 -11.35 2.47
N ASP G 255 -31.76 -11.03 1.40
CA ASP G 255 -31.39 -11.46 0.08
C ASP G 255 -30.31 -10.54 -0.46
N PRO G 256 -29.71 -10.86 -1.56
CA PRO G 256 -28.55 -10.08 -1.99
C PRO G 256 -28.87 -8.71 -2.52
N TYR G 257 -30.00 -8.11 -2.19
CA TYR G 257 -30.26 -6.76 -2.63
C TYR G 257 -30.60 -5.82 -1.50
N SER G 258 -29.89 -4.69 -1.44
CA SER G 258 -30.07 -3.76 -0.34
C SER G 258 -31.44 -3.10 -0.35
N ASP G 259 -31.86 -2.73 0.86
CA ASP G 259 -33.13 -2.04 1.03
C ASP G 259 -33.26 -0.89 0.07
N PHE G 260 -32.19 -0.14 -0.12
CA PHE G 260 -32.27 1.06 -0.94
C PHE G 260 -32.41 0.75 -2.39
N GLU G 261 -31.57 -0.12 -2.88
CA GLU G 261 -31.61 -0.47 -4.28
C GLU G 261 -32.96 -1.00 -4.72
N LYS G 262 -33.61 -1.84 -3.91
CA LYS G 262 -34.90 -2.38 -4.34
C LYS G 262 -35.89 -1.26 -4.65
N VAL G 263 -36.13 -0.36 -3.72
CA VAL G 263 -37.16 0.61 -3.98
C VAL G 263 -36.71 1.61 -5.01
N THR G 264 -35.42 1.79 -5.16
CA THR G 264 -34.97 2.80 -6.08
C THR G 264 -34.93 2.32 -7.52
N GLY G 265 -34.96 1.02 -7.74
CA GLY G 265 -34.89 0.51 -9.07
C GLY G 265 -33.50 0.23 -9.57
N ARG G 266 -32.48 0.62 -8.82
CA ARG G 266 -31.14 0.24 -9.24
C ARG G 266 -31.01 -1.22 -8.90
N ILE G 267 -31.40 -2.06 -9.85
CA ILE G 267 -31.52 -3.48 -9.61
C ILE G 267 -31.69 -4.13 -10.96
N ASP G 268 -31.38 -5.42 -11.04
CA ASP G 268 -31.63 -6.10 -12.29
C ASP G 268 -33.04 -5.87 -12.74
N LYS G 269 -33.18 -5.21 -13.88
CA LYS G 269 -34.49 -4.82 -14.37
C LYS G 269 -35.31 -6.06 -14.67
N ASN G 270 -34.77 -7.22 -14.38
CA ASN G 270 -35.49 -8.44 -14.66
C ASN G 270 -36.32 -8.96 -13.50
N VAL G 271 -36.03 -8.53 -12.28
CA VAL G 271 -36.81 -8.96 -11.12
C VAL G 271 -38.29 -8.66 -11.26
N SER G 272 -39.11 -9.66 -11.02
CA SER G 272 -40.54 -9.54 -11.20
C SER G 272 -41.07 -8.41 -10.32
N PRO G 273 -42.14 -7.76 -10.72
CA PRO G 273 -42.68 -6.65 -9.93
C PRO G 273 -42.97 -6.98 -8.49
N GLU G 274 -43.70 -8.06 -8.26
CA GLU G 274 -44.10 -8.40 -6.90
C GLU G 274 -42.93 -8.55 -5.97
N ALA G 275 -41.76 -8.83 -6.48
CA ALA G 275 -40.60 -8.93 -5.62
C ALA G 275 -39.89 -7.61 -5.40
N ARG G 276 -40.39 -6.53 -5.98
CA ARG G 276 -39.78 -5.24 -5.70
C ARG G 276 -40.04 -4.74 -4.30
N HIS G 277 -41.00 -5.28 -3.63
CA HIS G 277 -41.27 -4.76 -2.31
C HIS G 277 -40.22 -5.26 -1.32
N PRO G 278 -39.74 -4.42 -0.43
CA PRO G 278 -38.55 -4.77 0.34
C PRO G 278 -38.68 -5.99 1.18
N LEU G 279 -39.87 -6.50 1.41
CA LEU G 279 -40.01 -7.59 2.35
C LEU G 279 -40.23 -8.93 1.70
N VAL G 280 -39.97 -9.05 0.41
CA VAL G 280 -40.18 -10.31 -0.28
C VAL G 280 -38.86 -10.73 -0.89
N ALA G 281 -38.31 -11.81 -0.40
CA ALA G 281 -37.02 -12.23 -0.93
C ALA G 281 -37.17 -12.56 -2.39
N ALA G 282 -36.24 -12.10 -3.17
CA ALA G 282 -36.24 -12.40 -4.57
C ALA G 282 -35.14 -13.43 -4.77
N TYR G 283 -35.52 -14.64 -5.09
CA TYR G 283 -34.53 -15.68 -5.28
C TYR G 283 -35.09 -16.69 -6.22
N PRO G 284 -34.26 -17.55 -6.80
CA PRO G 284 -34.75 -18.49 -7.79
C PRO G 284 -35.34 -19.76 -7.21
N ILE G 285 -36.24 -20.34 -8.01
CA ILE G 285 -36.91 -21.59 -7.74
C ILE G 285 -36.99 -22.43 -8.99
N VAL G 286 -36.09 -23.37 -9.16
CA VAL G 286 -35.99 -24.11 -10.39
C VAL G 286 -36.61 -25.48 -10.23
N HIS G 287 -37.54 -25.83 -11.11
CA HIS G 287 -38.02 -27.20 -11.15
C HIS G 287 -38.02 -27.65 -12.60
N VAL G 288 -38.11 -28.93 -12.79
CA VAL G 288 -37.98 -29.53 -14.10
C VAL G 288 -39.31 -29.96 -14.67
N ASP G 289 -39.55 -29.66 -15.92
CA ASP G 289 -40.77 -30.07 -16.61
C ASP G 289 -40.38 -30.96 -17.78
N MET G 290 -40.90 -32.17 -17.79
CA MET G 290 -40.59 -33.13 -18.83
C MET G 290 -41.77 -33.12 -19.78
N GLU G 291 -41.53 -32.84 -21.07
CA GLU G 291 -42.67 -32.68 -21.97
C GLU G 291 -43.17 -33.96 -22.62
N ASN G 292 -42.31 -34.88 -23.07
CA ASN G 292 -42.87 -36.10 -23.63
C ASN G 292 -41.77 -37.14 -23.71
N ILE G 293 -42.18 -38.40 -23.67
CA ILE G 293 -41.19 -39.46 -23.74
C ILE G 293 -41.46 -40.36 -24.94
N ILE G 294 -40.54 -41.28 -25.16
CA ILE G 294 -40.64 -42.30 -26.18
C ILE G 294 -39.81 -43.46 -25.67
N LEU G 295 -40.24 -44.68 -25.96
CA LEU G 295 -39.56 -45.84 -25.40
C LEU G 295 -39.36 -46.90 -26.47
N SER G 296 -38.41 -47.78 -26.21
CA SER G 296 -38.02 -48.89 -27.08
C SER G 296 -37.13 -49.81 -26.23
N LYS G 297 -36.55 -50.82 -26.86
CA LYS G 297 -35.68 -51.75 -26.15
C LYS G 297 -34.27 -51.65 -26.69
N ASN G 298 -33.31 -51.57 -25.77
CA ASN G 298 -31.89 -51.41 -26.09
C ASN G 298 -31.44 -52.22 -27.31
N ARG G 311 -42.29 -49.40 -33.76
CA ARG G 311 -42.36 -50.20 -32.54
C ARG G 311 -41.78 -49.44 -31.37
N THR G 312 -41.93 -48.11 -31.40
CA THR G 312 -41.50 -47.23 -30.33
C THR G 312 -42.68 -46.51 -29.70
N ILE G 313 -42.93 -46.76 -28.42
CA ILE G 313 -44.06 -46.17 -27.71
C ILE G 313 -43.72 -44.72 -27.36
N SER G 314 -44.33 -43.79 -28.08
CA SER G 314 -44.09 -42.35 -27.93
C SER G 314 -45.32 -41.65 -27.35
N LYS G 315 -45.25 -41.30 -26.08
CA LYS G 315 -46.38 -40.65 -25.41
C LYS G 315 -46.03 -39.25 -24.91
N ASN G 316 -47.03 -38.38 -24.95
CA ASN G 316 -46.94 -37.03 -24.41
C ASN G 316 -47.14 -37.05 -22.90
N THR G 317 -46.37 -36.25 -22.19
CA THR G 317 -46.44 -36.24 -20.74
C THR G 317 -46.93 -34.91 -20.21
N SER G 318 -47.46 -34.95 -18.99
CA SER G 318 -47.88 -33.76 -18.26
C SER G 318 -47.26 -33.79 -16.86
N THR G 319 -46.68 -32.68 -16.45
CA THR G 319 -46.00 -32.57 -15.17
C THR G 319 -46.60 -31.47 -14.29
N SER G 320 -46.55 -31.68 -12.99
CA SER G 320 -46.98 -30.67 -12.03
C SER G 320 -45.99 -30.63 -10.88
N ARG G 321 -45.63 -29.41 -10.49
CA ARG G 321 -44.75 -29.23 -9.34
C ARG G 321 -45.47 -29.69 -8.08
N THR G 322 -44.81 -30.51 -7.28
CA THR G 322 -45.51 -31.14 -6.19
C THR G 322 -45.09 -30.57 -4.84
N HIS G 323 -45.90 -30.94 -3.84
CA HIS G 323 -45.66 -30.63 -2.45
C HIS G 323 -46.42 -31.60 -1.58
N THR G 324 -45.73 -32.25 -0.66
CA THR G 324 -46.40 -33.15 0.25
C THR G 324 -46.22 -32.62 1.66
N SER G 325 -46.68 -33.37 2.65
CA SER G 325 -46.57 -32.93 4.03
C SER G 325 -45.15 -33.11 4.52
N GLY G 347 -44.46 -32.57 7.37
CA GLY G 347 -43.01 -32.42 7.40
C GLY G 347 -42.38 -32.16 6.05
N PHE G 348 -42.74 -31.04 5.43
CA PHE G 348 -42.25 -30.67 4.12
C PHE G 348 -41.05 -29.73 4.23
N SER G 349 -40.04 -30.02 3.44
CA SER G 349 -38.74 -29.41 3.56
C SER G 349 -38.38 -28.60 2.33
N ASN G 350 -37.33 -27.80 2.50
CA ASN G 350 -36.95 -26.81 1.50
C ASN G 350 -36.13 -27.51 0.43
N SER G 351 -36.84 -28.28 -0.39
CA SER G 351 -36.18 -29.01 -1.46
C SER G 351 -37.20 -29.23 -2.57
N ASN G 352 -36.79 -28.91 -3.78
CA ASN G 352 -37.71 -28.93 -4.90
C ASN G 352 -37.87 -30.30 -5.51
N SER G 353 -39.10 -30.63 -5.87
CA SER G 353 -39.44 -31.90 -6.49
C SER G 353 -40.65 -31.68 -7.38
N SER G 354 -40.77 -32.48 -8.43
CA SER G 354 -41.92 -32.40 -9.32
C SER G 354 -42.53 -33.76 -9.54
N THR G 355 -43.56 -33.78 -10.38
CA THR G 355 -44.29 -35.01 -10.66
C THR G 355 -44.87 -34.98 -12.06
N VAL G 356 -44.48 -35.94 -12.85
CA VAL G 356 -44.95 -36.10 -14.21
C VAL G 356 -46.07 -37.12 -14.19
N ALA G 357 -46.99 -36.99 -15.15
CA ALA G 357 -48.06 -37.95 -15.34
C ALA G 357 -48.09 -38.36 -16.80
N ILE G 358 -48.00 -39.66 -17.06
CA ILE G 358 -47.97 -40.18 -18.42
C ILE G 358 -49.37 -40.37 -18.98
N ASP G 359 -49.54 -39.97 -20.24
CA ASP G 359 -50.81 -40.14 -20.93
C ASP G 359 -51.17 -41.60 -21.03
N HIS G 360 -52.43 -41.90 -20.72
CA HIS G 360 -52.93 -43.25 -20.79
C HIS G 360 -53.74 -43.56 -22.04
N SER G 361 -54.25 -42.56 -22.74
CA SER G 361 -55.10 -42.84 -23.90
C SER G 361 -54.35 -43.57 -25.02
N LEU G 362 -55.11 -44.41 -25.75
CA LEU G 362 -54.58 -45.24 -26.83
C LEU G 362 -54.58 -44.43 -28.11
N SER G 363 -53.42 -43.91 -28.51
CA SER G 363 -53.34 -43.21 -29.80
C SER G 363 -53.64 -44.16 -30.95
N LEU G 364 -53.13 -45.39 -30.88
CA LEU G 364 -53.43 -46.42 -31.87
C LEU G 364 -54.44 -47.42 -31.34
N ALA G 365 -55.38 -47.79 -32.21
CA ALA G 365 -56.36 -48.80 -31.82
C ALA G 365 -55.68 -50.10 -31.43
N GLY G 366 -54.80 -50.61 -32.30
CA GLY G 366 -54.16 -51.90 -32.20
C GLY G 366 -53.02 -51.98 -31.21
N GLU G 367 -52.77 -50.93 -30.45
CA GLU G 367 -51.60 -50.86 -29.57
C GLU G 367 -51.95 -51.26 -28.15
N ARG G 368 -52.87 -52.21 -28.03
CA ARG G 368 -53.22 -52.79 -26.74
C ARG G 368 -52.05 -53.53 -26.13
N THR G 369 -51.78 -53.26 -24.85
CA THR G 369 -50.70 -53.90 -24.11
C THR G 369 -49.32 -53.52 -24.61
N TRP G 370 -48.67 -52.58 -23.92
CA TRP G 370 -47.34 -52.17 -24.34
C TRP G 370 -46.39 -53.35 -24.30
N ALA G 371 -46.53 -54.21 -23.29
CA ALA G 371 -45.63 -55.34 -23.15
C ALA G 371 -45.47 -56.08 -24.47
N GLU G 372 -46.49 -56.00 -25.33
CA GLU G 372 -46.42 -56.68 -26.61
C GLU G 372 -46.11 -55.69 -27.72
N THR G 373 -46.61 -54.44 -27.59
CA THR G 373 -46.28 -53.44 -28.60
C THR G 373 -44.78 -53.28 -28.71
N MET G 374 -44.06 -53.49 -27.62
CA MET G 374 -42.62 -53.57 -27.62
C MET G 374 -42.31 -55.02 -27.33
N GLY G 375 -41.54 -55.66 -28.22
CA GLY G 375 -41.23 -57.05 -28.01
C GLY G 375 -40.36 -57.23 -26.78
N LEU G 376 -40.91 -56.95 -25.61
CA LEU G 376 -40.12 -57.00 -24.40
C LEU G 376 -40.18 -58.41 -23.82
N ASN G 377 -39.01 -58.98 -23.58
CA ASN G 377 -38.88 -60.29 -22.99
C ASN G 377 -38.30 -60.16 -21.60
N THR G 378 -38.49 -61.21 -20.80
CA THR G 378 -37.99 -61.22 -19.43
C THR G 378 -36.52 -60.86 -19.34
N ALA G 379 -35.74 -61.25 -20.36
CA ALA G 379 -34.31 -61.02 -20.38
C ALA G 379 -33.92 -59.93 -21.38
N ASP G 380 -34.81 -58.95 -21.59
CA ASP G 380 -34.54 -57.82 -22.47
C ASP G 380 -34.25 -56.57 -21.65
N THR G 381 -33.90 -55.48 -22.35
CA THR G 381 -33.68 -54.19 -21.71
C THR G 381 -34.17 -53.10 -22.64
N ALA G 382 -34.90 -52.16 -22.06
CA ALA G 382 -35.47 -51.04 -22.77
C ALA G 382 -34.59 -49.81 -22.64
N ARG G 383 -34.64 -48.95 -23.64
CA ARG G 383 -33.84 -47.73 -23.64
C ARG G 383 -34.78 -46.55 -23.45
N LEU G 384 -34.38 -45.61 -22.60
CA LEU G 384 -35.22 -44.44 -22.28
C LEU G 384 -34.58 -43.17 -22.81
N ASN G 385 -35.35 -42.40 -23.54
CA ASN G 385 -34.91 -41.15 -24.18
C ASN G 385 -36.05 -40.14 -24.14
N ALA G 386 -35.94 -39.16 -23.25
CA ALA G 386 -37.01 -38.21 -22.99
C ALA G 386 -36.59 -36.80 -23.39
N ASN G 387 -37.57 -35.90 -23.42
CA ASN G 387 -37.37 -34.48 -23.69
C ASN G 387 -37.79 -33.63 -22.50
N ILE G 388 -36.96 -32.65 -22.13
CA ILE G 388 -37.22 -31.84 -20.95
C ILE G 388 -37.04 -30.36 -21.27
N ARG G 389 -37.72 -29.53 -20.49
CA ARG G 389 -37.48 -28.11 -20.44
C ARG G 389 -37.45 -27.65 -18.98
N TYR G 390 -36.71 -26.58 -18.69
CA TYR G 390 -36.65 -26.05 -17.33
C TYR G 390 -37.63 -24.92 -17.11
N VAL G 391 -38.18 -24.88 -15.91
CA VAL G 391 -39.14 -23.87 -15.55
C VAL G 391 -38.64 -23.13 -14.32
N ASN G 392 -38.62 -21.83 -14.42
CA ASN G 392 -38.28 -20.97 -13.31
C ASN G 392 -39.51 -20.30 -12.75
N THR G 393 -39.98 -20.75 -11.60
CA THR G 393 -41.14 -20.12 -10.99
C THR G 393 -40.75 -19.25 -9.82
N GLY G 394 -39.50 -18.92 -9.70
CA GLY G 394 -39.07 -18.14 -8.56
C GLY G 394 -39.25 -16.67 -8.84
N THR G 395 -38.39 -15.85 -8.23
CA THR G 395 -38.50 -14.42 -8.39
C THR G 395 -37.20 -13.75 -8.76
N ALA G 396 -36.16 -14.49 -9.09
CA ALA G 396 -34.92 -13.84 -9.46
C ALA G 396 -34.21 -14.69 -10.50
N PRO G 397 -33.34 -14.10 -11.28
CA PRO G 397 -32.76 -14.83 -12.38
C PRO G 397 -31.57 -15.63 -11.93
N ILE G 398 -31.38 -16.73 -12.55
CA ILE G 398 -30.12 -17.44 -12.47
C ILE G 398 -29.40 -17.14 -13.76
N TYR G 399 -28.06 -17.20 -13.76
CA TYR G 399 -27.32 -16.71 -14.91
C TYR G 399 -26.50 -17.77 -15.61
N ASN G 400 -25.46 -18.27 -14.99
CA ASN G 400 -24.59 -19.17 -15.73
C ASN G 400 -24.99 -20.63 -15.63
N VAL G 401 -25.13 -21.15 -14.44
CA VAL G 401 -25.25 -22.58 -14.20
C VAL G 401 -26.70 -23.04 -14.35
N LEU G 402 -26.87 -24.36 -14.46
CA LEU G 402 -28.15 -25.06 -14.50
C LEU G 402 -28.10 -26.28 -13.59
N PRO G 403 -29.17 -26.55 -12.86
CA PRO G 403 -29.10 -27.55 -11.80
C PRO G 403 -29.01 -28.96 -12.35
N THR G 404 -28.24 -29.80 -11.67
CA THR G 404 -28.27 -31.24 -11.88
C THR G 404 -29.53 -31.85 -11.25
N THR G 405 -30.04 -32.90 -11.89
CA THR G 405 -31.31 -33.50 -11.48
C THR G 405 -31.32 -34.97 -11.82
N SER G 406 -31.84 -35.79 -10.90
CA SER G 406 -31.80 -37.24 -11.00
C SER G 406 -33.19 -37.85 -11.17
N LEU G 407 -33.33 -38.77 -12.13
CA LEU G 407 -34.56 -39.53 -12.30
C LEU G 407 -34.68 -40.68 -11.32
N VAL G 408 -35.87 -40.88 -10.77
CA VAL G 408 -36.12 -41.97 -9.82
C VAL G 408 -37.51 -42.56 -10.04
N LEU G 409 -37.58 -43.88 -10.16
CA LEU G 409 -38.83 -44.62 -10.19
C LEU G 409 -39.15 -45.23 -8.84
N GLY G 410 -40.43 -45.23 -8.49
CA GLY G 410 -40.82 -45.82 -7.23
C GLY G 410 -40.27 -45.07 -6.04
N LYS G 411 -40.05 -45.83 -4.96
CA LYS G 411 -39.57 -45.24 -3.73
C LYS G 411 -38.08 -44.98 -3.78
N ASN G 412 -37.30 -45.89 -4.37
CA ASN G 412 -35.86 -45.72 -4.29
C ASN G 412 -35.13 -46.15 -5.55
N GLN G 413 -35.83 -46.41 -6.63
CA GLN G 413 -35.19 -46.88 -7.84
C GLN G 413 -34.75 -45.65 -8.64
N THR G 414 -33.50 -45.26 -8.47
CA THR G 414 -32.96 -44.07 -9.12
C THR G 414 -32.54 -44.48 -10.51
N LEU G 415 -33.25 -44.02 -11.53
CA LEU G 415 -32.88 -44.46 -12.86
C LEU G 415 -31.67 -43.71 -13.41
N ALA G 416 -31.55 -42.42 -13.16
CA ALA G 416 -30.48 -41.69 -13.80
C ALA G 416 -30.36 -40.33 -13.16
N THR G 417 -29.18 -39.74 -13.25
CA THR G 417 -28.94 -38.39 -12.79
C THR G 417 -28.51 -37.60 -14.01
N ILE G 418 -29.23 -36.53 -14.30
CA ILE G 418 -28.94 -35.78 -15.51
C ILE G 418 -27.70 -34.92 -15.30
N LYS G 419 -26.69 -35.15 -16.13
CA LYS G 419 -25.41 -34.47 -16.02
C LYS G 419 -25.61 -32.96 -16.10
N ALA G 420 -24.69 -32.24 -15.48
CA ALA G 420 -24.61 -30.79 -15.60
C ALA G 420 -23.72 -30.42 -16.78
N LYS G 421 -24.33 -30.14 -17.94
CA LYS G 421 -23.55 -29.72 -19.10
C LYS G 421 -22.71 -28.51 -18.70
N GLU G 422 -21.53 -28.38 -19.29
CA GLU G 422 -20.55 -27.40 -18.83
C GLU G 422 -20.40 -26.22 -19.78
N ASN G 423 -20.49 -25.02 -19.20
CA ASN G 423 -20.30 -23.76 -19.92
C ASN G 423 -21.22 -23.63 -21.12
N GLN G 424 -22.48 -24.01 -20.95
CA GLN G 424 -23.43 -23.99 -22.05
C GLN G 424 -24.66 -23.16 -21.76
N LEU G 425 -24.97 -22.87 -20.51
CA LEU G 425 -26.16 -22.12 -20.20
C LEU G 425 -25.82 -20.64 -20.05
N SER G 426 -25.23 -20.12 -21.10
CA SER G 426 -24.81 -18.73 -21.15
C SER G 426 -25.98 -17.78 -21.31
N GLN G 427 -27.16 -18.31 -21.48
CA GLN G 427 -28.41 -17.58 -21.62
C GLN G 427 -29.01 -17.37 -20.24
N ILE G 428 -30.20 -16.83 -20.18
CA ILE G 428 -30.74 -16.38 -18.92
C ILE G 428 -32.08 -17.07 -18.66
N LEU G 429 -32.36 -17.35 -17.39
CA LEU G 429 -33.64 -17.91 -17.01
C LEU G 429 -34.43 -16.90 -16.20
N ALA G 430 -35.20 -16.10 -16.88
CA ALA G 430 -36.00 -15.12 -16.18
C ALA G 430 -37.26 -15.75 -15.61
N PRO G 431 -37.85 -15.12 -14.62
CA PRO G 431 -39.07 -15.66 -14.02
C PRO G 431 -40.16 -15.88 -15.06
N ASN G 432 -40.84 -17.02 -14.93
CA ASN G 432 -41.94 -17.37 -15.81
C ASN G 432 -41.44 -17.60 -17.22
N ASN G 433 -40.27 -18.18 -17.35
CA ASN G 433 -39.76 -18.46 -18.67
C ASN G 433 -39.30 -19.89 -18.75
N TYR G 434 -39.10 -20.34 -19.96
CA TYR G 434 -38.67 -21.69 -20.15
C TYR G 434 -37.27 -21.70 -20.71
N TYR G 435 -36.55 -22.76 -20.43
CA TYR G 435 -35.28 -22.97 -21.08
C TYR G 435 -35.20 -24.39 -21.61
N PRO G 436 -35.08 -24.56 -22.90
CA PRO G 436 -35.03 -23.39 -23.78
C PRO G 436 -36.44 -22.91 -24.03
N SER G 437 -36.64 -21.66 -24.44
CA SER G 437 -37.97 -21.12 -24.61
C SER G 437 -38.93 -21.99 -25.40
N LYS G 438 -40.22 -21.72 -25.25
CA LYS G 438 -41.27 -22.50 -25.91
C LYS G 438 -41.15 -22.56 -27.42
N ASN G 439 -40.31 -21.77 -28.03
CA ASN G 439 -40.24 -21.74 -29.48
C ASN G 439 -39.17 -22.66 -30.05
N LEU G 440 -38.43 -23.37 -29.20
CA LEU G 440 -37.31 -24.20 -29.61
C LEU G 440 -37.48 -25.65 -29.19
N ALA G 441 -36.74 -26.51 -29.86
CA ALA G 441 -36.73 -27.92 -29.49
C ALA G 441 -36.27 -28.10 -28.06
N PRO G 442 -36.95 -28.92 -27.29
CA PRO G 442 -36.51 -29.20 -25.93
C PRO G 442 -35.25 -30.03 -25.89
N ILE G 443 -34.51 -29.89 -24.80
CA ILE G 443 -33.23 -30.56 -24.66
C ILE G 443 -33.42 -32.07 -24.68
N ALA G 444 -32.83 -32.72 -25.66
CA ALA G 444 -32.87 -34.18 -25.72
C ALA G 444 -32.14 -34.77 -24.52
N LEU G 445 -32.78 -35.72 -23.84
CA LEU G 445 -32.17 -36.22 -22.61
C LEU G 445 -30.95 -37.08 -22.90
N ASN G 446 -31.11 -38.10 -23.74
CA ASN G 446 -29.95 -38.87 -24.17
C ASN G 446 -28.96 -37.98 -24.90
N ALA G 447 -27.67 -38.18 -24.59
CA ALA G 447 -26.66 -37.26 -25.11
C ALA G 447 -26.63 -37.25 -26.64
N GLN G 448 -26.82 -38.41 -27.27
CA GLN G 448 -26.73 -38.66 -28.70
C GLN G 448 -25.27 -38.75 -29.15
N ASP G 449 -24.32 -38.66 -28.24
CA ASP G 449 -22.90 -38.77 -28.52
C ASP G 449 -22.43 -40.16 -28.10
N ASP G 450 -21.14 -40.30 -27.82
CA ASP G 450 -20.59 -41.61 -27.52
C ASP G 450 -20.32 -41.81 -26.04
N PHE G 451 -20.83 -40.94 -25.18
CA PHE G 451 -20.51 -41.02 -23.75
C PHE G 451 -20.99 -42.34 -23.17
N SER G 452 -22.24 -42.70 -23.41
CA SER G 452 -22.75 -44.02 -23.06
C SER G 452 -23.78 -44.39 -24.11
N SER G 453 -23.72 -45.64 -24.58
CA SER G 453 -24.60 -46.05 -25.67
C SER G 453 -26.06 -45.91 -25.26
N THR G 454 -26.39 -46.42 -24.08
CA THR G 454 -27.71 -46.23 -23.48
C THR G 454 -27.53 -46.04 -22.00
N PRO G 455 -27.26 -44.81 -21.57
CA PRO G 455 -26.97 -44.61 -20.15
C PRO G 455 -28.12 -45.09 -19.28
N ILE G 456 -29.33 -44.87 -19.75
CA ILE G 456 -30.54 -45.26 -19.03
C ILE G 456 -31.01 -46.64 -19.43
N THR G 457 -30.25 -47.67 -19.07
CA THR G 457 -30.76 -49.03 -19.25
C THR G 457 -31.86 -49.29 -18.22
N MET G 458 -32.64 -50.36 -18.45
CA MET G 458 -33.76 -50.63 -17.54
C MET G 458 -34.25 -52.06 -17.72
N ASN G 459 -33.97 -52.92 -16.74
CA ASN G 459 -34.39 -54.31 -16.78
C ASN G 459 -35.93 -54.42 -16.78
N TYR G 460 -36.39 -55.64 -17.02
CA TYR G 460 -37.81 -55.92 -17.21
C TYR G 460 -38.68 -55.50 -16.01
N ASN G 461 -38.37 -56.02 -14.82
CA ASN G 461 -39.20 -55.74 -13.65
C ASN G 461 -39.53 -54.27 -13.47
N GLN G 462 -38.60 -53.36 -13.76
CA GLN G 462 -38.96 -51.94 -13.66
C GLN G 462 -40.15 -51.63 -14.56
N PHE G 463 -40.04 -52.03 -15.82
CA PHE G 463 -41.13 -51.80 -16.76
C PHE G 463 -42.44 -52.26 -16.17
N LEU G 464 -42.42 -53.40 -15.48
CA LEU G 464 -43.65 -53.85 -14.85
C LEU G 464 -44.08 -52.85 -13.80
N GLU G 465 -43.15 -52.49 -12.91
CA GLU G 465 -43.42 -51.46 -11.93
C GLU G 465 -43.94 -50.23 -12.61
N LEU G 466 -43.29 -49.82 -13.68
CA LEU G 466 -43.74 -48.64 -14.40
C LEU G 466 -45.15 -48.85 -14.92
N GLU G 467 -45.44 -50.04 -15.46
CA GLU G 467 -46.77 -50.23 -16.01
C GLU G 467 -47.82 -50.16 -14.94
N LYS G 468 -47.50 -50.60 -13.74
CA LYS G 468 -48.51 -50.55 -12.69
C LYS G 468 -48.66 -49.15 -12.12
N THR G 469 -47.60 -48.34 -12.12
CA THR G 469 -47.70 -47.06 -11.46
C THR G 469 -47.82 -45.87 -12.40
N LYS G 470 -47.17 -45.91 -13.55
CA LYS G 470 -47.23 -44.85 -14.55
C LYS G 470 -46.89 -43.48 -13.97
N GLN G 471 -46.05 -43.41 -12.94
CA GLN G 471 -45.65 -42.14 -12.33
C GLN G 471 -44.16 -42.10 -12.08
N LEU G 472 -43.53 -40.98 -12.41
CA LEU G 472 -42.12 -40.77 -12.13
C LEU G 472 -41.93 -39.54 -11.26
N ARG G 473 -40.72 -39.42 -10.75
CA ARG G 473 -40.33 -38.34 -9.87
C ARG G 473 -39.08 -37.64 -10.36
N LEU G 474 -39.04 -36.33 -10.18
CA LEU G 474 -37.91 -35.49 -10.55
C LEU G 474 -37.48 -34.66 -9.36
N ASP G 475 -36.40 -35.08 -8.72
CA ASP G 475 -35.84 -34.36 -7.57
C ASP G 475 -34.77 -33.42 -8.08
N THR G 476 -34.81 -32.19 -7.59
CA THR G 476 -33.84 -31.18 -7.97
C THR G 476 -33.19 -30.61 -6.74
N ASP G 477 -31.90 -30.33 -6.86
CA ASP G 477 -31.11 -29.76 -5.79
C ASP G 477 -31.04 -28.26 -5.91
N GLN G 478 -30.23 -27.64 -5.07
CA GLN G 478 -30.22 -26.19 -5.00
C GLN G 478 -28.96 -25.58 -5.59
N VAL G 479 -28.29 -26.27 -6.50
CA VAL G 479 -27.06 -25.68 -7.02
C VAL G 479 -27.30 -24.69 -8.13
N TYR G 480 -27.59 -23.46 -7.77
CA TYR G 480 -27.70 -22.46 -8.80
C TYR G 480 -26.34 -21.81 -9.04
N GLY G 481 -26.35 -20.73 -9.79
CA GLY G 481 -25.15 -20.08 -10.26
C GLY G 481 -24.60 -19.00 -9.36
N ASN G 482 -24.12 -17.92 -9.96
CA ASN G 482 -23.71 -16.75 -9.24
C ASN G 482 -24.84 -15.74 -9.20
N ILE G 483 -24.56 -14.56 -8.68
CA ILE G 483 -25.59 -13.56 -8.48
C ILE G 483 -25.24 -12.33 -9.28
N ALA G 484 -26.25 -11.66 -9.79
CA ALA G 484 -26.06 -10.42 -10.53
C ALA G 484 -26.22 -9.25 -9.58
N THR G 485 -25.19 -8.41 -9.51
CA THR G 485 -25.14 -7.30 -8.59
C THR G 485 -25.12 -5.98 -9.35
N TYR G 486 -25.57 -4.93 -8.69
CA TYR G 486 -25.66 -3.60 -9.28
C TYR G 486 -24.41 -2.80 -8.92
N ASN G 487 -23.78 -2.21 -9.91
CA ASN G 487 -22.55 -1.47 -9.70
C ASN G 487 -22.84 0.04 -9.71
N PHE G 488 -22.46 0.74 -8.65
CA PHE G 488 -22.79 2.15 -8.59
C PHE G 488 -22.01 3.04 -9.55
N GLU G 489 -20.77 2.70 -9.86
CA GLU G 489 -19.95 3.63 -10.64
C GLU G 489 -20.51 3.91 -12.02
N ASN G 490 -20.98 2.90 -12.71
CA ASN G 490 -21.47 3.18 -14.06
C ASN G 490 -22.80 2.51 -14.37
N GLY G 491 -23.44 1.89 -13.41
CA GLY G 491 -24.75 1.32 -13.64
C GLY G 491 -24.72 0.06 -14.47
N ARG G 492 -23.59 -0.59 -14.51
CA ARG G 492 -23.44 -1.83 -15.24
C ARG G 492 -23.71 -2.98 -14.29
N VAL G 493 -24.42 -3.97 -14.77
CA VAL G 493 -24.71 -5.16 -13.99
C VAL G 493 -23.77 -6.28 -14.41
N ARG G 494 -22.83 -6.60 -13.53
CA ARG G 494 -21.78 -7.55 -13.83
C ARG G 494 -21.92 -8.76 -12.95
N VAL G 495 -21.64 -9.91 -13.52
CA VAL G 495 -21.72 -11.15 -12.78
C VAL G 495 -20.47 -11.30 -11.92
N ASP G 496 -20.64 -11.19 -10.62
CA ASP G 496 -19.51 -11.29 -9.71
C ASP G 496 -19.17 -12.75 -9.43
N THR G 497 -17.92 -13.08 -9.55
CA THR G 497 -17.53 -14.45 -9.33
C THR G 497 -17.33 -14.76 -7.87
N GLY G 498 -17.52 -13.80 -6.98
CA GLY G 498 -17.36 -14.10 -5.57
C GLY G 498 -18.59 -14.59 -4.82
N SER G 499 -19.75 -14.04 -5.15
CA SER G 499 -20.97 -14.36 -4.44
C SER G 499 -21.71 -15.48 -5.15
N ASN G 500 -22.14 -16.47 -4.39
CA ASN G 500 -22.73 -17.65 -4.98
C ASN G 500 -24.00 -18.05 -4.23
N TRP G 501 -25.06 -18.27 -4.99
CA TRP G 501 -26.36 -18.56 -4.39
C TRP G 501 -26.30 -19.71 -3.43
N SER G 502 -25.34 -20.59 -3.54
CA SER G 502 -25.46 -21.70 -2.63
C SER G 502 -25.12 -21.33 -1.22
N GLU G 503 -24.75 -20.10 -0.97
CA GLU G 503 -24.47 -19.65 0.37
C GLU G 503 -25.54 -18.77 0.93
N VAL G 504 -26.39 -18.21 0.10
CA VAL G 504 -27.38 -17.30 0.62
C VAL G 504 -28.65 -18.02 1.03
N LEU G 505 -29.16 -18.89 0.17
CA LEU G 505 -30.42 -19.57 0.50
C LEU G 505 -30.50 -20.07 1.93
N PRO G 506 -29.48 -20.73 2.47
CA PRO G 506 -29.61 -21.15 3.85
C PRO G 506 -29.96 -20.01 4.77
N GLN G 507 -29.38 -18.84 4.57
CA GLN G 507 -29.79 -17.73 5.39
C GLN G 507 -31.26 -17.44 5.20
N ILE G 508 -31.66 -17.26 3.96
CA ILE G 508 -33.06 -17.01 3.65
C ILE G 508 -33.95 -18.08 4.25
N GLN G 509 -33.56 -19.34 4.11
CA GLN G 509 -34.47 -20.40 4.49
C GLN G 509 -34.70 -20.51 5.98
N GLU G 510 -33.91 -19.82 6.78
CA GLU G 510 -34.05 -19.92 8.22
C GLU G 510 -34.61 -18.65 8.83
N THR G 511 -34.94 -17.68 8.02
CA THR G 511 -35.40 -16.43 8.59
C THR G 511 -36.65 -15.91 7.93
N THR G 512 -37.35 -16.75 7.20
CA THR G 512 -38.52 -16.29 6.49
C THR G 512 -39.69 -17.22 6.70
N ALA G 513 -40.87 -16.66 6.56
CA ALA G 513 -42.11 -17.43 6.53
C ALA G 513 -42.44 -17.80 5.09
N ARG G 514 -42.87 -19.03 4.89
CA ARG G 514 -43.06 -19.55 3.55
C ARG G 514 -44.56 -19.70 3.33
N ILE G 515 -45.04 -19.16 2.20
CA ILE G 515 -46.45 -19.14 1.87
C ILE G 515 -46.68 -19.78 0.53
N ILE G 516 -47.54 -20.78 0.49
CA ILE G 516 -47.90 -21.42 -0.77
C ILE G 516 -49.32 -21.07 -1.13
N PHE G 517 -49.53 -20.63 -2.36
CA PHE G 517 -50.83 -20.21 -2.82
C PHE G 517 -51.10 -20.78 -4.20
N ASN G 518 -52.26 -21.36 -4.39
CA ASN G 518 -52.68 -21.85 -5.69
C ASN G 518 -53.82 -21.03 -6.26
N GLY G 519 -53.84 -19.73 -6.01
CA GLY G 519 -55.01 -18.98 -6.43
C GLY G 519 -55.09 -18.70 -7.91
N LYS G 520 -53.98 -18.29 -8.51
CA LYS G 520 -54.02 -17.81 -9.87
C LYS G 520 -54.59 -18.86 -10.79
N ASP G 521 -53.84 -19.95 -10.98
CA ASP G 521 -54.26 -21.00 -11.89
C ASP G 521 -54.17 -22.38 -11.26
N LEU G 522 -54.40 -22.47 -9.97
CA LEU G 522 -54.35 -23.76 -9.29
C LEU G 522 -52.96 -24.37 -9.37
N ASN G 523 -51.94 -23.53 -9.42
CA ASN G 523 -50.57 -23.98 -9.41
C ASN G 523 -49.86 -23.46 -8.18
N LEU G 524 -48.91 -24.25 -7.71
CA LEU G 524 -48.23 -24.00 -6.45
C LEU G 524 -47.25 -22.84 -6.58
N VAL G 525 -47.62 -21.69 -6.06
CA VAL G 525 -46.74 -20.51 -6.03
C VAL G 525 -46.13 -20.34 -4.66
N GLU G 526 -44.81 -20.24 -4.59
CA GLU G 526 -44.10 -20.13 -3.32
C GLU G 526 -43.50 -18.75 -3.14
N ARG G 527 -43.76 -18.12 -2.01
CA ARG G 527 -43.23 -16.81 -1.69
C ARG G 527 -42.65 -16.83 -0.29
N ARG G 528 -41.68 -15.97 -0.01
CA ARG G 528 -41.10 -15.96 1.34
C ARG G 528 -41.14 -14.58 1.97
N ILE G 529 -41.64 -14.51 3.20
CA ILE G 529 -41.73 -13.28 3.96
C ILE G 529 -40.92 -13.32 5.23
N ALA G 530 -40.23 -12.22 5.50
CA ALA G 530 -39.41 -12.09 6.68
C ALA G 530 -40.27 -11.87 7.91
N ALA G 531 -40.22 -12.79 8.87
CA ALA G 531 -40.99 -12.64 10.10
C ALA G 531 -40.05 -12.62 11.29
N VAL G 532 -40.54 -12.09 12.36
CA VAL G 532 -39.72 -11.95 13.56
C VAL G 532 -39.52 -13.28 14.25
N ASN G 533 -38.37 -13.38 14.91
CA ASN G 533 -38.04 -14.52 15.76
C ASN G 533 -37.69 -13.99 17.13
N PRO G 534 -38.61 -14.05 18.06
CA PRO G 534 -38.40 -13.52 19.41
C PRO G 534 -37.01 -13.76 19.99
N SER G 535 -36.45 -14.92 19.69
CA SER G 535 -35.20 -15.29 20.35
C SER G 535 -34.00 -14.47 19.91
N ASP G 536 -34.09 -13.67 18.85
CA ASP G 536 -32.89 -13.05 18.33
C ASP G 536 -33.01 -11.53 18.34
N PRO G 537 -32.16 -10.85 19.08
CA PRO G 537 -32.21 -9.38 19.12
C PRO G 537 -32.26 -8.70 17.78
N LEU G 538 -31.18 -8.89 17.03
CA LEU G 538 -31.10 -8.30 15.72
C LEU G 538 -32.32 -8.57 14.88
N GLU G 539 -32.91 -9.74 15.05
CA GLU G 539 -34.03 -10.06 14.19
C GLU G 539 -35.27 -9.33 14.61
N THR G 540 -35.37 -8.97 15.87
CA THR G 540 -36.52 -8.22 16.32
C THR G 540 -36.57 -6.87 15.65
N THR G 541 -35.48 -6.48 15.00
CA THR G 541 -35.49 -5.20 14.36
C THR G 541 -36.38 -5.14 13.14
N LYS G 542 -36.79 -6.07 12.74
CA LYS G 542 -37.53 -5.84 11.52
C LYS G 542 -38.99 -5.53 11.81
N PRO G 543 -39.62 -4.73 10.98
CA PRO G 543 -41.02 -4.37 11.21
C PRO G 543 -41.91 -5.58 11.37
N ASP G 544 -42.81 -5.46 12.33
CA ASP G 544 -43.81 -6.48 12.56
C ASP G 544 -44.69 -6.70 11.34
N MET G 545 -44.98 -7.96 11.05
CA MET G 545 -45.71 -8.36 9.87
C MET G 545 -47.01 -9.03 10.26
N THR G 546 -48.12 -8.41 9.90
CA THR G 546 -49.39 -9.06 10.14
C THR G 546 -49.75 -9.86 8.91
N LEU G 547 -50.34 -11.03 9.14
CA LEU G 547 -50.69 -11.90 8.03
C LEU G 547 -51.47 -11.17 6.95
N LYS G 548 -52.51 -10.43 7.34
CA LYS G 548 -53.35 -9.77 6.34
C LYS G 548 -52.54 -8.91 5.40
N GLU G 549 -51.64 -8.11 5.93
CA GLU G 549 -50.86 -7.25 5.05
C GLU G 549 -49.90 -8.06 4.20
N ALA G 550 -49.33 -9.12 4.79
CA ALA G 550 -48.44 -9.97 4.02
C ALA G 550 -49.09 -10.45 2.73
N LEU G 551 -50.26 -11.05 2.84
CA LEU G 551 -50.94 -11.48 1.63
C LEU G 551 -51.17 -10.33 0.69
N LYS G 552 -51.38 -9.14 1.23
CA LYS G 552 -51.68 -8.01 0.39
C LYS G 552 -50.49 -7.70 -0.49
N ILE G 553 -49.30 -7.79 0.06
CA ILE G 553 -48.12 -7.37 -0.66
C ILE G 553 -47.54 -8.50 -1.47
N ALA G 554 -47.91 -9.73 -1.18
CA ALA G 554 -47.27 -10.83 -1.88
C ALA G 554 -48.00 -11.28 -3.13
N PHE G 555 -49.30 -11.10 -3.22
CA PHE G 555 -50.00 -11.71 -4.34
C PHE G 555 -50.83 -10.76 -5.16
N GLY G 556 -51.33 -9.68 -4.59
CA GLY G 556 -52.11 -8.72 -5.35
C GLY G 556 -53.50 -8.48 -4.81
N PHE G 557 -53.85 -9.09 -3.67
CA PHE G 557 -55.11 -8.77 -3.04
C PHE G 557 -55.20 -7.27 -2.86
N ASN G 558 -56.41 -6.76 -2.90
CA ASN G 558 -56.63 -5.34 -2.71
C ASN G 558 -57.88 -5.15 -1.90
N GLU G 559 -58.24 -3.91 -1.65
CA GLU G 559 -59.36 -3.61 -0.78
C GLU G 559 -60.31 -2.69 -1.52
N PRO G 560 -61.06 -3.23 -2.48
CA PRO G 560 -62.07 -2.38 -3.14
C PRO G 560 -63.15 -1.88 -2.21
N ASN G 561 -63.78 -2.79 -1.45
CA ASN G 561 -64.83 -2.43 -0.51
C ASN G 561 -64.51 -2.84 0.92
N GLY G 562 -63.25 -2.87 1.29
CA GLY G 562 -62.89 -3.35 2.60
C GLY G 562 -63.00 -4.86 2.79
N ASN G 563 -63.32 -5.62 1.76
CA ASN G 563 -63.34 -7.08 1.85
C ASN G 563 -62.22 -7.67 1.03
N LEU G 564 -61.36 -8.45 1.67
CA LEU G 564 -60.23 -9.04 0.97
C LEU G 564 -60.73 -9.94 -0.14
N GLN G 565 -60.15 -9.78 -1.32
CA GLN G 565 -60.55 -10.60 -2.44
C GLN G 565 -59.43 -10.66 -3.46
N TYR G 566 -59.42 -11.73 -4.22
CA TYR G 566 -58.47 -11.93 -5.31
C TYR G 566 -59.29 -11.91 -6.58
N GLN G 567 -59.25 -10.78 -7.29
CA GLN G 567 -60.03 -10.55 -8.49
C GLN G 567 -61.38 -11.22 -8.33
N GLY G 568 -62.16 -10.71 -7.40
CA GLY G 568 -63.51 -11.18 -7.13
C GLY G 568 -63.68 -12.26 -6.07
N LYS G 569 -62.85 -13.29 -6.11
CA LYS G 569 -63.01 -14.40 -5.18
C LYS G 569 -62.66 -13.98 -3.76
N ASP G 570 -63.67 -13.97 -2.91
CA ASP G 570 -63.51 -13.63 -1.49
C ASP G 570 -62.58 -14.58 -0.77
N ILE G 571 -61.95 -14.07 0.28
CA ILE G 571 -61.07 -14.87 1.11
C ILE G 571 -61.77 -16.05 1.74
N THR G 572 -63.09 -15.99 1.88
CA THR G 572 -63.72 -17.07 2.63
C THR G 572 -63.76 -18.38 1.89
N GLU G 573 -63.49 -18.35 0.61
CA GLU G 573 -63.44 -19.56 -0.21
C GLU G 573 -62.08 -20.22 -0.15
N PHE G 574 -61.29 -19.94 0.87
CA PHE G 574 -59.96 -20.49 0.95
C PHE G 574 -59.72 -21.21 2.26
N ASP G 575 -58.89 -22.26 2.19
CA ASP G 575 -58.48 -23.03 3.35
C ASP G 575 -57.22 -22.48 3.99
N PHE G 576 -57.09 -22.72 5.28
CA PHE G 576 -55.86 -22.44 6.01
C PHE G 576 -55.36 -23.73 6.62
N ASN G 577 -54.16 -24.15 6.26
CA ASN G 577 -53.57 -25.34 6.85
C ASN G 577 -52.25 -24.99 7.50
N PHE G 578 -51.96 -25.60 8.63
CA PHE G 578 -50.77 -25.21 9.36
C PHE G 578 -49.99 -26.44 9.78
N ASP G 579 -48.67 -26.32 9.74
CA ASP G 579 -47.82 -27.33 10.34
C ASP G 579 -47.98 -27.39 11.84
N GLN G 580 -47.71 -28.57 12.40
CA GLN G 580 -47.97 -28.82 13.80
C GLN G 580 -47.26 -27.77 14.65
N GLN G 581 -46.02 -27.46 14.29
CA GLN G 581 -45.30 -26.40 14.94
C GLN G 581 -46.09 -25.11 14.86
N THR G 582 -46.35 -24.68 13.64
CA THR G 582 -47.07 -23.45 13.40
C THR G 582 -48.40 -23.44 14.11
N SER G 583 -49.07 -24.60 14.11
CA SER G 583 -50.34 -24.73 14.78
C SER G 583 -50.27 -24.27 16.22
N GLN G 584 -49.30 -24.81 16.96
CA GLN G 584 -49.15 -24.39 18.35
C GLN G 584 -49.06 -22.88 18.45
N ASN G 585 -48.17 -22.27 17.68
CA ASN G 585 -48.05 -20.84 17.77
C ASN G 585 -49.36 -20.16 17.37
N ILE G 586 -49.98 -20.63 16.28
CA ILE G 586 -51.16 -19.91 15.84
C ILE G 586 -52.35 -20.17 16.74
N LYS G 587 -52.49 -21.38 17.26
CA LYS G 587 -53.58 -21.61 18.20
C LYS G 587 -53.42 -20.73 19.44
N ASN G 588 -52.21 -20.58 19.93
CA ASN G 588 -52.00 -19.63 21.01
C ASN G 588 -52.50 -18.27 20.57
N GLN G 589 -52.00 -17.81 19.42
CA GLN G 589 -52.32 -16.49 18.92
C GLN G 589 -53.82 -16.26 18.83
N LEU G 590 -54.58 -17.28 18.47
CA LEU G 590 -56.02 -17.07 18.44
C LEU G 590 -56.63 -17.07 19.83
N ALA G 591 -55.92 -17.53 20.84
CA ALA G 591 -56.53 -17.57 22.16
C ALA G 591 -56.50 -16.21 22.84
N GLU G 592 -55.36 -15.50 22.81
CA GLU G 592 -55.35 -14.21 23.50
C GLU G 592 -56.23 -13.18 22.83
N LEU G 593 -56.80 -13.52 21.68
CA LEU G 593 -57.67 -12.58 20.98
C LEU G 593 -59.14 -12.89 21.16
N ASN G 594 -59.46 -14.04 21.74
CA ASN G 594 -60.83 -14.43 22.01
C ASN G 594 -61.66 -14.47 20.73
N ALA G 595 -61.16 -15.22 19.75
CA ALA G 595 -61.85 -15.37 18.49
C ALA G 595 -61.79 -16.82 18.05
N THR G 596 -62.76 -17.21 17.24
CA THR G 596 -62.79 -18.56 16.74
C THR G 596 -62.66 -18.65 15.23
N ASN G 597 -63.12 -17.63 14.50
CA ASN G 597 -63.01 -17.59 13.05
C ASN G 597 -61.84 -16.70 12.65
N ILE G 598 -60.79 -17.32 12.11
CA ILE G 598 -59.60 -16.57 11.75
C ILE G 598 -59.91 -15.57 10.66
N TYR G 599 -60.98 -15.80 9.91
CA TYR G 599 -61.28 -14.95 8.77
C TYR G 599 -61.65 -13.54 9.20
N THR G 600 -62.04 -13.36 10.46
CA THR G 600 -62.39 -12.05 10.98
C THR G 600 -61.19 -11.26 11.51
N VAL G 601 -60.48 -11.85 12.46
CA VAL G 601 -59.38 -11.24 13.18
C VAL G 601 -58.11 -11.22 12.35
N LEU G 602 -58.26 -11.33 11.02
CA LEU G 602 -57.11 -11.47 10.15
C LEU G 602 -56.04 -10.40 10.40
N ASP G 603 -56.45 -9.18 10.67
CA ASP G 603 -55.47 -8.13 10.85
C ASP G 603 -54.82 -8.16 12.22
N LYS G 604 -55.00 -9.22 13.01
CA LYS G 604 -54.43 -9.24 14.34
C LYS G 604 -53.54 -10.45 14.58
N ILE G 605 -53.09 -11.13 13.54
CA ILE G 605 -52.26 -12.31 13.72
C ILE G 605 -50.82 -11.92 13.44
N LYS G 606 -49.98 -12.13 14.43
CA LYS G 606 -48.59 -11.79 14.27
C LYS G 606 -47.91 -12.95 13.57
N LEU G 607 -47.04 -12.64 12.63
CA LEU G 607 -46.25 -13.67 11.99
C LEU G 607 -44.93 -13.81 12.70
N ASN G 608 -44.57 -15.03 13.00
CA ASN G 608 -43.27 -15.36 13.53
C ASN G 608 -42.48 -16.07 12.45
N ALA G 609 -41.18 -16.11 12.66
CA ALA G 609 -40.26 -16.80 11.77
C ALA G 609 -40.53 -18.30 11.76
N LYS G 610 -40.29 -18.89 10.60
CA LYS G 610 -40.31 -20.32 10.36
C LYS G 610 -41.68 -20.94 10.24
N MET G 611 -42.75 -20.15 10.24
CA MET G 611 -44.05 -20.74 9.97
C MET G 611 -44.21 -21.06 8.50
N ASN G 612 -45.01 -22.09 8.25
CA ASN G 612 -45.35 -22.53 6.91
C ASN G 612 -46.84 -22.47 6.79
N ILE G 613 -47.33 -21.77 5.79
CA ILE G 613 -48.77 -21.58 5.64
C ILE G 613 -49.16 -22.00 4.23
N LEU G 614 -50.27 -22.72 4.12
CA LEU G 614 -50.77 -23.24 2.84
C LEU G 614 -52.18 -22.72 2.61
N ILE G 615 -52.36 -21.90 1.59
CA ILE G 615 -53.66 -21.31 1.31
C ILE G 615 -54.16 -21.95 0.04
N ARG G 616 -55.18 -22.79 0.19
CA ARG G 616 -55.78 -23.53 -0.90
C ARG G 616 -57.27 -23.27 -1.03
N ASP G 617 -57.76 -23.35 -2.26
CA ASP G 617 -59.17 -23.18 -2.52
C ASP G 617 -60.02 -24.21 -1.79
N LYS G 618 -61.04 -23.75 -1.08
CA LYS G 618 -61.87 -24.59 -0.24
C LYS G 618 -62.80 -25.49 -1.06
N ARG G 619 -62.93 -25.24 -2.35
CA ARG G 619 -63.94 -25.88 -3.16
C ARG G 619 -63.54 -27.23 -3.75
N PHE G 620 -62.26 -27.55 -3.80
CA PHE G 620 -61.79 -28.73 -4.50
C PHE G 620 -61.32 -29.87 -3.59
N HIS G 621 -61.44 -31.08 -4.11
CA HIS G 621 -60.88 -32.24 -3.44
C HIS G 621 -59.41 -32.38 -3.79
N TYR G 622 -58.64 -32.91 -2.86
CA TYR G 622 -57.20 -33.02 -3.02
C TYR G 622 -56.68 -34.39 -2.65
N ASP G 623 -55.57 -34.75 -3.25
CA ASP G 623 -54.93 -36.01 -2.97
C ASP G 623 -53.77 -35.80 -2.00
N ARG G 624 -52.96 -36.85 -1.84
CA ARG G 624 -51.86 -36.86 -0.88
C ARG G 624 -50.72 -35.89 -1.20
N ASN G 625 -50.44 -35.62 -2.48
CA ASN G 625 -49.33 -34.74 -2.84
C ASN G 625 -49.76 -33.32 -3.10
N ASN G 626 -50.85 -32.93 -2.46
CA ASN G 626 -51.39 -31.59 -2.56
C ASN G 626 -51.49 -31.09 -3.98
N ILE G 627 -51.86 -31.94 -4.88
CA ILE G 627 -52.16 -31.50 -6.21
C ILE G 627 -53.66 -31.44 -6.33
N ALA G 628 -54.15 -30.48 -7.11
CA ALA G 628 -55.59 -30.41 -7.32
C ALA G 628 -56.02 -31.63 -8.09
N VAL G 629 -57.00 -32.37 -7.57
CA VAL G 629 -57.34 -33.63 -8.21
C VAL G 629 -58.85 -33.74 -8.44
N GLY G 630 -59.63 -33.08 -7.61
CA GLY G 630 -61.06 -33.16 -7.80
C GLY G 630 -61.83 -32.05 -7.14
N ALA G 631 -63.13 -32.27 -7.01
CA ALA G 631 -64.06 -31.27 -6.50
C ALA G 631 -65.40 -31.94 -6.28
N ASP G 632 -66.28 -31.25 -5.57
CA ASP G 632 -67.66 -31.72 -5.44
C ASP G 632 -68.40 -31.62 -6.77
N GLU G 633 -69.12 -32.70 -7.08
CA GLU G 633 -69.80 -32.81 -8.37
C GLU G 633 -70.75 -31.65 -8.61
N SER G 634 -71.43 -31.19 -7.57
CA SER G 634 -72.45 -30.18 -7.75
C SER G 634 -71.86 -28.93 -8.39
N VAL G 635 -70.67 -28.54 -7.96
CA VAL G 635 -70.01 -27.37 -8.56
C VAL G 635 -69.75 -27.65 -10.04
N VAL G 636 -69.38 -28.88 -10.36
CA VAL G 636 -69.02 -29.27 -11.71
C VAL G 636 -70.14 -29.00 -12.70
N LYS G 637 -71.38 -29.28 -12.32
CA LYS G 637 -72.49 -29.09 -13.25
C LYS G 637 -72.63 -27.64 -13.69
N GLU G 638 -72.57 -26.68 -12.76
CA GLU G 638 -72.74 -25.29 -13.20
C GLU G 638 -71.71 -24.94 -14.25
N ALA G 639 -70.55 -25.56 -14.19
CA ALA G 639 -69.51 -25.23 -15.14
C ALA G 639 -69.89 -25.63 -16.54
N HIS G 640 -70.99 -26.35 -16.72
CA HIS G 640 -71.39 -26.79 -18.03
C HIS G 640 -72.73 -26.23 -18.47
N ARG G 641 -73.36 -25.41 -17.66
CA ARG G 641 -74.71 -24.94 -17.95
C ARG G 641 -74.77 -23.94 -19.15
N GLU G 642 -73.67 -23.72 -19.86
CA GLU G 642 -73.62 -22.77 -20.98
C GLU G 642 -73.28 -23.52 -22.27
N VAL G 643 -74.31 -23.97 -22.97
CA VAL G 643 -74.12 -24.72 -24.21
C VAL G 643 -74.05 -23.71 -25.35
N ILE G 644 -72.82 -23.41 -25.79
CA ILE G 644 -72.67 -22.47 -26.88
C ILE G 644 -73.17 -23.08 -28.18
N ASN G 645 -72.97 -24.38 -28.36
CA ASN G 645 -73.45 -25.02 -29.57
C ASN G 645 -73.50 -26.52 -29.34
N SER G 646 -74.42 -27.19 -30.04
CA SER G 646 -74.57 -28.63 -29.95
C SER G 646 -75.00 -29.18 -31.30
N SER G 647 -74.37 -30.28 -31.72
CA SER G 647 -74.73 -30.89 -32.98
C SER G 647 -74.51 -32.40 -32.86
N THR G 648 -74.62 -33.10 -33.99
CA THR G 648 -74.38 -34.53 -34.02
C THR G 648 -72.92 -34.88 -34.22
N GLU G 649 -72.04 -33.87 -34.29
CA GLU G 649 -70.62 -34.08 -34.46
C GLU G 649 -69.82 -33.70 -33.22
N GLY G 650 -70.45 -33.09 -32.22
CA GLY G 650 -69.77 -32.72 -31.00
C GLY G 650 -70.23 -31.43 -30.37
N LEU G 651 -69.64 -31.13 -29.22
CA LEU G 651 -69.96 -29.94 -28.46
C LEU G 651 -68.82 -28.95 -28.55
N LEU G 652 -69.18 -27.66 -28.58
CA LEU G 652 -68.21 -26.57 -28.55
C LEU G 652 -68.45 -25.73 -27.30
N LEU G 653 -67.80 -26.09 -26.20
CA LEU G 653 -68.01 -25.38 -24.96
C LEU G 653 -66.99 -24.25 -24.79
N ASN G 654 -67.26 -23.40 -23.81
CA ASN G 654 -66.36 -22.32 -23.36
C ASN G 654 -66.33 -22.40 -21.84
N ILE G 655 -65.38 -23.15 -21.30
CA ILE G 655 -65.32 -23.36 -19.86
C ILE G 655 -64.11 -22.62 -19.32
N ASP G 656 -64.17 -22.24 -18.04
CA ASP G 656 -63.02 -21.58 -17.43
C ASP G 656 -61.78 -22.47 -17.48
N LYS G 657 -60.74 -21.94 -18.12
CA LYS G 657 -59.52 -22.65 -18.46
C LYS G 657 -58.96 -23.50 -17.32
N ASP G 658 -59.34 -23.17 -16.09
CA ASP G 658 -58.76 -23.85 -14.95
C ASP G 658 -59.40 -25.20 -14.67
N ILE G 659 -60.70 -25.32 -14.91
CA ILE G 659 -61.37 -26.56 -14.56
C ILE G 659 -60.80 -27.71 -15.36
N ARG G 660 -60.42 -27.46 -16.61
CA ARG G 660 -60.08 -28.57 -17.48
C ARG G 660 -58.75 -29.22 -17.18
N LYS G 661 -58.24 -29.07 -15.96
CA LYS G 661 -57.06 -29.83 -15.60
C LYS G 661 -57.35 -30.82 -14.48
N ILE G 662 -58.60 -30.93 -14.05
CA ILE G 662 -59.01 -31.95 -13.09
C ILE G 662 -60.08 -32.85 -13.67
N LEU G 663 -60.23 -32.84 -14.99
CA LEU G 663 -61.18 -33.71 -15.67
C LEU G 663 -60.41 -34.58 -16.64
N SER G 664 -60.49 -35.88 -16.42
CA SER G 664 -59.76 -36.82 -17.27
C SER G 664 -60.46 -37.09 -18.60
N GLY G 665 -61.78 -37.06 -18.62
CA GLY G 665 -62.48 -37.35 -19.86
C GLY G 665 -63.98 -37.42 -19.65
N TYR G 666 -64.66 -37.82 -20.71
CA TYR G 666 -66.11 -37.90 -20.73
C TYR G 666 -66.60 -39.26 -21.16
N ILE G 667 -67.67 -39.71 -20.52
CA ILE G 667 -68.35 -40.93 -20.91
C ILE G 667 -69.61 -40.54 -21.64
N VAL G 668 -69.71 -40.98 -22.87
CA VAL G 668 -70.89 -40.76 -23.70
C VAL G 668 -71.69 -42.04 -23.71
N GLU G 669 -73.00 -41.92 -23.58
CA GLU G 669 -73.84 -43.10 -23.60
C GLU G 669 -75.17 -42.74 -24.24
N ILE G 670 -75.82 -43.76 -24.76
CA ILE G 670 -77.11 -43.62 -25.42
C ILE G 670 -78.12 -44.49 -24.71
N GLU G 671 -79.34 -44.00 -24.62
CA GLU G 671 -80.38 -44.64 -23.84
C GLU G 671 -81.53 -44.92 -24.79
N ASP G 672 -81.86 -46.20 -24.94
CA ASP G 672 -83.02 -46.58 -25.73
C ASP G 672 -84.28 -46.00 -25.12
N THR G 673 -85.26 -45.71 -25.97
CA THR G 673 -86.54 -45.18 -25.53
C THR G 673 -87.16 -46.03 -24.42
N GLU G 674 -86.61 -47.23 -24.18
CA GLU G 674 -87.11 -48.13 -23.14
C GLU G 674 -86.08 -48.39 -22.05
N GLY G 675 -85.10 -47.50 -21.88
CA GLY G 675 -84.21 -47.58 -20.73
C GLY G 675 -82.91 -48.32 -20.93
N LEU G 676 -82.55 -48.70 -22.14
CA LEU G 676 -81.25 -49.31 -22.36
C LEU G 676 -80.15 -48.25 -22.26
N LYS G 677 -78.90 -48.72 -22.33
CA LYS G 677 -77.74 -47.87 -22.09
C LYS G 677 -76.62 -48.37 -22.98
N GLU G 678 -76.18 -47.54 -23.92
CA GLU G 678 -75.11 -47.87 -24.84
C GLU G 678 -73.96 -46.89 -24.69
N VAL G 679 -72.84 -47.37 -24.15
CA VAL G 679 -71.67 -46.53 -23.94
C VAL G 679 -70.79 -46.67 -25.17
N ILE G 680 -70.53 -45.54 -25.84
CA ILE G 680 -69.77 -45.56 -27.08
C ILE G 680 -68.35 -46.03 -26.84
N ASN G 681 -67.57 -45.25 -26.10
CA ASN G 681 -66.18 -45.59 -25.83
C ASN G 681 -66.05 -46.44 -24.56
N ASP G 682 -66.44 -47.70 -24.69
CA ASP G 682 -66.53 -48.56 -23.52
C ASP G 682 -65.21 -49.26 -23.26
N ARG G 683 -64.13 -48.48 -23.21
CA ARG G 683 -62.81 -48.99 -22.87
C ARG G 683 -62.11 -47.99 -21.96
N TYR G 684 -61.39 -48.52 -20.96
CA TYR G 684 -60.72 -47.67 -19.99
C TYR G 684 -59.84 -46.62 -20.64
N ASP G 685 -59.17 -46.98 -21.73
CA ASP G 685 -58.21 -46.09 -22.37
C ASP G 685 -58.79 -45.35 -23.56
N MET G 686 -60.07 -45.03 -23.54
CA MET G 686 -60.67 -44.34 -24.68
C MET G 686 -61.52 -43.18 -24.25
N LEU G 687 -61.02 -42.30 -23.38
CA LEU G 687 -61.88 -41.23 -22.90
C LEU G 687 -61.38 -39.83 -23.29
N ASN G 688 -60.34 -39.74 -24.10
CA ASN G 688 -59.82 -38.45 -24.56
C ASN G 688 -60.60 -37.97 -25.78
N ILE G 689 -61.87 -37.63 -25.55
CA ILE G 689 -62.75 -37.28 -26.66
C ILE G 689 -63.00 -35.78 -26.76
N SER G 690 -62.33 -34.96 -25.96
CA SER G 690 -62.60 -33.54 -25.92
C SER G 690 -61.37 -32.75 -26.32
N SER G 691 -61.55 -31.76 -27.18
CA SER G 691 -60.47 -30.89 -27.61
C SER G 691 -60.80 -29.45 -27.25
N LEU G 692 -59.89 -28.55 -27.60
CA LEU G 692 -60.04 -27.12 -27.39
C LEU G 692 -59.78 -26.42 -28.70
N ARG G 693 -60.72 -25.58 -29.12
CA ARG G 693 -60.53 -24.87 -30.37
C ARG G 693 -59.61 -23.67 -30.18
N GLN G 694 -59.13 -23.14 -31.30
CA GLN G 694 -58.17 -22.05 -31.32
C GLN G 694 -58.74 -20.75 -30.77
N ASP G 695 -60.04 -20.69 -30.54
CA ASP G 695 -60.70 -19.56 -29.90
C ASP G 695 -61.04 -19.87 -28.45
N GLY G 696 -60.32 -20.80 -27.84
CA GLY G 696 -60.52 -21.08 -26.44
C GLY G 696 -61.80 -21.83 -26.18
N LYS G 697 -62.45 -22.30 -27.23
CA LYS G 697 -63.67 -23.08 -27.12
C LYS G 697 -63.32 -24.55 -27.04
N THR G 698 -63.79 -25.21 -25.99
CA THR G 698 -63.55 -26.63 -25.89
C THR G 698 -64.39 -27.31 -26.96
N PHE G 699 -63.80 -28.28 -27.66
CA PHE G 699 -64.51 -29.00 -28.71
C PHE G 699 -64.45 -30.50 -28.50
N ILE G 700 -65.60 -31.14 -28.45
CA ILE G 700 -65.70 -32.58 -28.30
C ILE G 700 -65.91 -33.20 -29.67
N ASP G 701 -65.05 -34.15 -30.03
CA ASP G 701 -65.08 -34.81 -31.33
C ASP G 701 -65.63 -36.22 -31.15
N PHE G 702 -66.71 -36.54 -31.86
CA PHE G 702 -67.25 -37.90 -31.75
C PHE G 702 -66.52 -38.90 -32.64
N LYS G 703 -66.16 -38.50 -33.85
CA LYS G 703 -65.54 -39.43 -34.80
C LYS G 703 -64.16 -39.93 -34.37
N LYS G 704 -63.56 -39.37 -33.32
CA LYS G 704 -62.22 -39.80 -32.94
C LYS G 704 -62.25 -41.26 -32.52
N TYR G 705 -62.89 -41.53 -31.38
CA TYR G 705 -63.03 -42.89 -30.88
C TYR G 705 -64.38 -43.48 -31.27
N ASN G 706 -65.00 -43.00 -32.34
CA ASN G 706 -66.15 -43.64 -32.95
C ASN G 706 -65.65 -44.56 -34.06
N ASP G 707 -66.51 -44.85 -35.03
CA ASP G 707 -66.10 -45.63 -36.19
C ASP G 707 -65.91 -44.72 -37.38
N LYS G 708 -65.27 -43.57 -37.13
CA LYS G 708 -65.13 -42.52 -38.13
C LYS G 708 -66.46 -42.28 -38.81
N LEU G 709 -67.53 -42.43 -38.03
CA LEU G 709 -68.87 -42.24 -38.52
C LEU G 709 -69.59 -41.20 -37.69
N PRO G 710 -70.49 -40.46 -38.30
CA PRO G 710 -71.31 -39.49 -37.55
C PRO G 710 -72.10 -40.18 -36.45
N LEU G 711 -72.84 -39.39 -35.69
CA LEU G 711 -73.54 -39.90 -34.53
C LEU G 711 -74.95 -40.30 -34.95
N TYR G 712 -75.28 -41.56 -34.70
CA TYR G 712 -76.57 -42.12 -35.08
C TYR G 712 -77.47 -42.12 -33.85
N ILE G 713 -78.76 -42.01 -34.08
CA ILE G 713 -79.75 -41.98 -33.01
C ILE G 713 -80.91 -42.88 -33.38
N SER G 714 -81.15 -43.89 -32.55
CA SER G 714 -82.18 -44.87 -32.84
C SER G 714 -83.59 -44.34 -32.63
N ASN G 715 -83.72 -43.10 -32.19
CA ASN G 715 -85.03 -42.55 -31.87
C ASN G 715 -84.94 -41.06 -31.59
N PRO G 716 -85.66 -40.21 -32.35
CA PRO G 716 -85.63 -38.77 -32.05
C PRO G 716 -86.18 -38.48 -30.66
N ASN G 717 -86.68 -39.52 -30.00
CA ASN G 717 -87.13 -39.44 -28.62
C ASN G 717 -86.15 -40.10 -27.67
N TYR G 718 -85.06 -40.66 -28.20
CA TYR G 718 -84.06 -41.31 -27.38
C TYR G 718 -83.17 -40.26 -26.74
N LYS G 719 -82.95 -40.39 -25.43
CA LYS G 719 -82.13 -39.44 -24.70
C LYS G 719 -80.66 -39.73 -24.96
N VAL G 720 -79.87 -38.65 -25.03
CA VAL G 720 -78.43 -38.73 -25.22
C VAL G 720 -77.80 -38.31 -23.91
N ASN G 721 -77.10 -39.23 -23.27
CA ASN G 721 -76.52 -38.99 -21.97
C ASN G 721 -75.01 -38.76 -22.09
N VAL G 722 -74.50 -37.79 -21.34
CA VAL G 722 -73.07 -37.49 -21.30
C VAL G 722 -72.59 -37.53 -19.86
N TYR G 723 -71.53 -38.28 -19.61
CA TYR G 723 -70.93 -38.38 -18.29
C TYR G 723 -69.51 -37.82 -18.32
N ALA G 724 -69.09 -37.28 -17.18
CA ALA G 724 -67.74 -36.79 -16.99
C ALA G 724 -67.01 -37.66 -15.97
N VAL G 725 -65.72 -37.87 -16.20
CA VAL G 725 -64.87 -38.67 -15.31
C VAL G 725 -63.72 -37.83 -14.78
N THR G 726 -63.76 -37.57 -13.47
CA THR G 726 -62.70 -36.88 -12.76
C THR G 726 -61.45 -37.75 -12.60
N LYS G 727 -60.30 -37.08 -12.55
CA LYS G 727 -59.02 -37.78 -12.43
C LYS G 727 -58.98 -38.77 -11.26
N GLU G 728 -59.34 -38.32 -10.06
CA GLU G 728 -59.18 -39.19 -8.90
C GLU G 728 -59.88 -40.53 -9.08
N ASN G 729 -60.97 -40.55 -9.83
CA ASN G 729 -61.76 -41.75 -9.98
C ASN G 729 -61.38 -42.53 -11.23
N THR G 730 -60.25 -42.24 -11.83
CA THR G 730 -59.90 -42.96 -13.05
C THR G 730 -59.07 -44.19 -12.75
N ILE G 731 -59.08 -45.09 -13.72
CA ILE G 731 -58.29 -46.30 -13.71
C ILE G 731 -57.14 -46.11 -14.69
N ILE G 732 -55.98 -46.64 -14.33
CA ILE G 732 -54.78 -46.47 -15.15
C ILE G 732 -54.26 -47.78 -15.71
N ASN G 733 -54.79 -48.91 -15.28
CA ASN G 733 -54.35 -50.20 -15.78
C ASN G 733 -55.56 -51.11 -15.84
N PRO G 734 -55.53 -52.15 -16.67
CA PRO G 734 -56.63 -53.13 -16.65
C PRO G 734 -56.81 -53.74 -15.27
N SER G 735 -58.05 -54.10 -14.96
CA SER G 735 -58.45 -54.56 -13.64
C SER G 735 -57.99 -55.98 -13.32
N GLU G 736 -58.58 -56.57 -12.28
CA GLU G 736 -58.28 -57.95 -11.90
C GLU G 736 -58.49 -58.88 -13.07
N ASN G 737 -59.75 -58.99 -13.52
CA ASN G 737 -60.07 -59.81 -14.68
C ASN G 737 -59.93 -59.03 -15.98
N GLY G 738 -59.06 -58.04 -16.01
CA GLY G 738 -58.81 -57.27 -17.22
C GLY G 738 -60.04 -56.60 -17.79
N ASP G 739 -60.91 -56.10 -16.93
CA ASP G 739 -62.10 -55.40 -17.40
C ASP G 739 -61.74 -54.08 -18.07
N THR G 740 -62.36 -53.83 -19.22
CA THR G 740 -62.16 -52.61 -19.96
C THR G 740 -63.43 -51.79 -19.98
N SER G 741 -64.53 -52.37 -19.53
CA SER G 741 -65.80 -51.67 -19.53
C SER G 741 -65.78 -50.58 -18.48
N THR G 742 -66.55 -49.54 -18.74
CA THR G 742 -66.63 -48.43 -17.82
C THR G 742 -67.64 -48.67 -16.72
N ASN G 743 -67.90 -49.94 -16.41
CA ASN G 743 -68.95 -50.26 -15.45
C ASN G 743 -68.62 -49.72 -14.07
N GLY G 744 -67.56 -50.23 -13.45
CA GLY G 744 -67.27 -49.86 -12.09
C GLY G 744 -66.57 -48.53 -11.92
N ILE G 745 -66.80 -47.60 -12.85
CA ILE G 745 -66.23 -46.27 -12.78
C ILE G 745 -67.29 -45.28 -12.33
N LYS G 746 -66.99 -44.52 -11.28
CA LYS G 746 -67.93 -43.50 -10.81
C LYS G 746 -68.00 -42.37 -11.83
N LYS G 747 -69.14 -42.27 -12.50
CA LYS G 747 -69.35 -41.34 -13.60
C LYS G 747 -70.41 -40.33 -13.20
N ILE G 748 -70.19 -39.06 -13.53
CA ILE G 748 -71.18 -38.04 -13.24
C ILE G 748 -71.89 -37.63 -14.53
N LEU G 749 -73.22 -37.65 -14.49
CA LEU G 749 -74.05 -37.24 -15.61
C LEU G 749 -73.87 -35.76 -15.88
N ILE G 750 -73.70 -35.39 -17.14
CA ILE G 750 -73.48 -33.99 -17.47
C ILE G 750 -74.58 -33.45 -18.37
N PHE G 751 -74.52 -33.81 -19.65
CA PHE G 751 -75.44 -33.29 -20.65
C PHE G 751 -76.37 -34.41 -21.11
N SER G 752 -77.68 -34.19 -20.95
CA SER G 752 -78.69 -35.13 -21.41
C SER G 752 -79.68 -34.40 -22.32
N LYS G 753 -79.96 -34.98 -23.48
CA LYS G 753 -80.83 -34.33 -24.44
C LYS G 753 -81.47 -35.37 -25.35
N LYS G 754 -82.76 -35.22 -25.60
CA LYS G 754 -83.49 -36.08 -26.52
C LYS G 754 -82.93 -35.92 -27.94
N GLY G 755 -83.38 -36.83 -28.82
CA GLY G 755 -82.86 -36.85 -30.18
C GLY G 755 -83.13 -35.59 -30.97
N TYR G 756 -84.25 -34.93 -30.70
CA TYR G 756 -84.61 -33.74 -31.46
C TYR G 756 -84.06 -32.46 -30.86
N GLU G 757 -83.58 -32.51 -29.62
CA GLU G 757 -83.03 -31.32 -28.98
C GLU G 757 -81.58 -31.09 -29.35
N ILE G 758 -80.98 -31.95 -30.18
CA ILE G 758 -79.58 -31.81 -30.56
C ILE G 758 -79.35 -30.52 -31.35
N GLU H 85 -21.54 41.56 -28.26
CA GLU H 85 -22.55 41.45 -27.22
C GLU H 85 -21.92 41.08 -25.87
N ALA H 86 -22.78 40.63 -24.95
CA ALA H 86 -22.36 40.22 -23.61
C ALA H 86 -21.04 39.45 -23.61
N VAL H 87 -20.91 38.46 -24.48
CA VAL H 87 -19.69 37.67 -24.48
C VAL H 87 -18.59 38.40 -25.24
N LYS H 88 -18.94 39.04 -26.35
CA LYS H 88 -17.92 39.77 -27.10
C LYS H 88 -17.33 40.86 -26.23
N LYS H 89 -18.19 41.63 -25.55
CA LYS H 89 -17.67 42.65 -24.68
C LYS H 89 -16.85 42.01 -23.59
N GLU H 90 -17.32 40.85 -23.10
CA GLU H 90 -16.55 40.17 -22.09
C GLU H 90 -15.28 39.66 -22.71
N ALA H 91 -15.33 39.27 -23.98
CA ALA H 91 -14.13 38.77 -24.62
C ALA H 91 -13.09 39.87 -24.67
N ALA H 92 -13.49 41.05 -25.14
CA ALA H 92 -12.57 42.17 -25.18
C ALA H 92 -12.10 42.46 -23.78
N GLU H 93 -13.02 42.40 -22.83
CA GLU H 93 -12.70 42.68 -21.44
C GLU H 93 -11.59 41.78 -20.98
N LYS H 94 -11.68 40.50 -21.31
CA LYS H 94 -10.59 39.62 -20.91
C LYS H 94 -9.29 40.00 -21.63
N LEU H 95 -9.36 40.43 -22.89
CA LEU H 95 -8.13 40.81 -23.57
C LEU H 95 -7.42 41.93 -22.84
N LEU H 96 -8.13 43.02 -22.60
CA LEU H 96 -7.51 44.12 -21.90
C LEU H 96 -7.07 43.70 -20.51
N GLU H 97 -7.63 42.63 -19.97
CA GLU H 97 -7.28 42.29 -18.61
C GLU H 97 -5.83 41.82 -18.51
N LYS H 98 -5.31 41.16 -19.54
CA LYS H 98 -3.93 40.72 -19.46
C LYS H 98 -2.93 41.87 -19.46
N VAL H 99 -3.30 43.06 -19.93
CA VAL H 99 -2.31 44.13 -20.01
C VAL H 99 -1.66 44.34 -18.65
N PRO H 100 -0.34 44.44 -18.60
CA PRO H 100 0.35 44.49 -17.30
C PRO H 100 -0.09 45.65 -16.46
N SER H 101 0.78 46.64 -16.39
CA SER H 101 0.58 47.79 -15.52
C SER H 101 -0.48 48.77 -16.03
N ASP H 102 -1.69 48.28 -16.34
CA ASP H 102 -2.81 49.11 -16.79
C ASP H 102 -2.34 50.31 -17.59
N VAL H 103 -1.73 50.06 -18.75
CA VAL H 103 -1.23 51.14 -19.58
C VAL H 103 -2.36 52.03 -20.09
N LEU H 104 -3.59 51.67 -19.79
CA LEU H 104 -4.69 52.55 -20.13
C LEU H 104 -4.59 53.90 -19.41
N GLU H 105 -4.04 53.91 -18.19
CA GLU H 105 -4.03 55.16 -17.44
C GLU H 105 -3.18 56.21 -18.10
N MET H 106 -2.01 55.87 -18.60
CA MET H 106 -1.32 56.87 -19.38
C MET H 106 -2.03 57.09 -20.71
N TYR H 107 -2.59 56.03 -21.27
CA TYR H 107 -3.31 56.15 -22.53
C TYR H 107 -4.46 57.16 -22.45
N LYS H 108 -5.31 57.06 -21.43
CA LYS H 108 -6.38 58.06 -21.28
C LYS H 108 -5.80 59.45 -21.11
N ALA H 109 -4.71 59.57 -20.37
CA ALA H 109 -4.09 60.86 -20.12
C ALA H 109 -3.69 61.53 -21.42
N ILE H 110 -3.37 60.75 -22.45
CA ILE H 110 -3.00 61.34 -23.72
C ILE H 110 -4.25 61.44 -24.58
N GLY H 111 -5.41 61.30 -23.96
CA GLY H 111 -6.64 61.48 -24.70
C GLY H 111 -7.04 60.31 -25.56
N GLY H 112 -6.42 59.16 -25.38
CA GLY H 112 -6.76 58.01 -26.19
C GLY H 112 -8.09 57.42 -25.77
N LYS H 113 -8.77 56.80 -26.73
CA LYS H 113 -10.06 56.18 -26.47
C LYS H 113 -10.12 54.79 -27.08
N ILE H 114 -10.99 53.96 -26.51
CA ILE H 114 -11.16 52.58 -26.96
C ILE H 114 -12.59 52.37 -27.43
N TYR H 115 -12.73 51.89 -28.66
CA TYR H 115 -14.02 51.64 -29.30
C TYR H 115 -14.09 50.19 -29.79
N ILE H 116 -15.17 49.50 -29.44
CA ILE H 116 -15.41 48.16 -29.99
C ILE H 116 -16.46 48.28 -31.08
N VAL H 117 -16.08 47.95 -32.31
CA VAL H 117 -16.94 48.06 -33.49
C VAL H 117 -16.83 46.78 -34.31
N ASP H 118 -17.71 46.69 -35.31
CA ASP H 118 -17.69 45.65 -36.32
C ASP H 118 -17.36 46.26 -37.67
N GLY H 119 -16.90 45.43 -38.60
CA GLY H 119 -16.64 45.93 -39.95
C GLY H 119 -15.72 47.12 -40.09
N ASP H 120 -14.46 47.02 -39.68
CA ASP H 120 -13.62 48.21 -39.71
C ASP H 120 -13.41 48.77 -41.10
N ILE H 121 -13.69 47.99 -42.15
CA ILE H 121 -13.72 48.57 -43.49
C ILE H 121 -14.61 49.80 -43.43
N THR H 122 -15.86 49.55 -43.11
CA THR H 122 -17.15 50.15 -42.84
C THR H 122 -17.11 50.94 -41.56
N LYS H 123 -15.87 51.11 -41.10
CA LYS H 123 -15.44 51.72 -39.84
C LYS H 123 -16.35 52.77 -39.22
N HIS H 124 -15.77 53.77 -38.59
CA HIS H 124 -16.55 54.71 -37.82
C HIS H 124 -16.16 56.14 -38.10
N ILE H 125 -17.08 57.03 -37.70
CA ILE H 125 -16.86 58.46 -37.86
C ILE H 125 -15.59 58.86 -37.13
N SER H 126 -15.31 58.20 -36.00
CA SER H 126 -14.08 58.49 -35.31
C SER H 126 -12.91 58.24 -36.24
N LEU H 127 -13.01 57.17 -37.02
CA LEU H 127 -11.92 56.87 -37.93
C LEU H 127 -12.39 57.35 -39.29
N GLU H 128 -11.85 56.73 -40.33
CA GLU H 128 -12.17 56.98 -41.73
C GLU H 128 -11.60 58.30 -42.19
N ALA H 129 -10.99 59.07 -41.30
CA ALA H 129 -10.43 60.35 -41.69
C ALA H 129 -9.07 60.20 -42.32
N LEU H 130 -8.57 58.97 -42.44
CA LEU H 130 -7.23 58.73 -42.95
C LEU H 130 -7.24 57.64 -44.01
N SER H 131 -8.32 57.54 -44.78
CA SER H 131 -8.40 56.55 -45.83
C SER H 131 -7.48 57.00 -46.96
N GLU H 132 -6.25 56.51 -46.96
CA GLU H 132 -5.27 56.92 -47.95
C GLU H 132 -4.42 55.70 -48.30
N ASP H 133 -3.23 55.98 -48.85
CA ASP H 133 -2.32 54.91 -49.24
C ASP H 133 -1.88 54.11 -48.04
N LYS H 134 -1.75 54.75 -46.89
CA LYS H 134 -1.26 54.10 -45.68
C LYS H 134 -2.12 52.91 -45.28
N LYS H 135 -3.10 52.56 -46.12
CA LYS H 135 -4.00 51.46 -45.82
C LYS H 135 -3.30 50.12 -45.88
N LYS H 136 -2.05 50.08 -46.34
CA LYS H 136 -1.30 48.85 -46.41
C LYS H 136 -0.49 48.74 -45.13
N ILE H 137 -0.76 47.71 -44.35
CA ILE H 137 -0.14 47.50 -43.06
C ILE H 137 0.50 46.13 -43.10
N LYS H 138 1.48 45.93 -42.24
CA LYS H 138 2.20 44.67 -42.19
C LYS H 138 1.99 44.05 -40.83
N ASP H 139 1.51 42.82 -40.82
CA ASP H 139 1.28 42.09 -39.58
C ASP H 139 2.63 41.75 -38.95
N ILE H 140 2.58 40.97 -37.88
CA ILE H 140 3.81 40.61 -37.22
C ILE H 140 4.71 39.90 -38.18
N TYR H 141 4.14 39.10 -39.05
CA TYR H 141 4.97 38.39 -39.99
C TYR H 141 5.22 39.20 -41.25
N GLY H 142 4.54 40.33 -41.42
CA GLY H 142 4.85 41.16 -42.56
C GLY H 142 4.19 40.85 -43.88
N LYS H 143 3.28 39.89 -43.94
CA LYS H 143 2.73 39.51 -45.25
C LYS H 143 1.53 40.32 -45.74
N ASP H 144 0.40 40.22 -45.05
CA ASP H 144 -0.82 40.84 -45.54
C ASP H 144 -0.75 42.37 -45.45
N ALA H 145 -1.70 43.00 -46.15
CA ALA H 145 -1.89 44.44 -46.17
C ALA H 145 -3.25 44.77 -46.77
N LEU H 146 -4.25 45.02 -45.93
CA LEU H 146 -5.59 45.39 -46.39
C LEU H 146 -6.34 46.05 -45.26
N LEU H 147 -6.79 47.28 -45.49
CA LEU H 147 -7.51 48.01 -44.46
C LEU H 147 -8.72 47.23 -43.97
N HIS H 148 -9.46 46.62 -44.89
CA HIS H 148 -10.66 45.89 -44.51
C HIS H 148 -10.30 44.62 -43.76
N GLU H 149 -9.42 43.81 -44.34
CA GLU H 149 -9.06 42.50 -43.81
C GLU H 149 -8.67 42.55 -42.35
N HIS H 150 -7.55 43.22 -42.04
CA HIS H 150 -7.07 43.18 -40.67
C HIS H 150 -8.12 43.79 -39.76
N TYR H 151 -8.30 43.13 -38.64
CA TYR H 151 -9.17 43.51 -37.54
C TYR H 151 -8.66 44.59 -36.58
N VAL H 152 -7.36 44.75 -36.39
CA VAL H 152 -6.86 45.73 -35.43
C VAL H 152 -6.18 46.91 -36.11
N TYR H 153 -6.59 48.13 -35.74
CA TYR H 153 -5.87 49.32 -36.21
C TYR H 153 -5.99 50.46 -35.22
N ALA H 154 -5.01 51.37 -35.26
CA ALA H 154 -4.96 52.53 -34.38
C ALA H 154 -4.93 53.81 -35.21
N LYS H 155 -5.46 54.89 -34.64
CA LYS H 155 -5.57 56.15 -35.39
C LYS H 155 -4.19 56.69 -35.77
N GLU H 156 -3.19 56.52 -34.90
CA GLU H 156 -1.78 56.86 -35.14
C GLU H 156 -1.40 58.33 -35.02
N GLY H 157 -2.18 59.18 -34.39
CA GLY H 157 -1.72 60.55 -34.18
C GLY H 157 -2.75 61.37 -33.44
N TYR H 158 -2.28 62.47 -32.86
CA TYR H 158 -3.15 63.48 -32.27
C TYR H 158 -4.24 62.86 -31.40
N GLU H 159 -3.80 62.35 -30.26
CA GLU H 159 -4.66 61.60 -29.33
C GLU H 159 -5.20 60.38 -30.06
N PRO H 160 -4.32 59.49 -30.53
CA PRO H 160 -4.77 58.37 -31.36
C PRO H 160 -5.75 57.47 -30.63
N VAL H 161 -6.70 56.94 -31.38
CA VAL H 161 -7.66 55.97 -30.88
C VAL H 161 -7.52 54.70 -31.71
N LEU H 162 -7.62 53.56 -31.06
CA LEU H 162 -7.43 52.26 -31.71
C LEU H 162 -8.75 51.53 -31.91
N VAL H 163 -8.90 50.91 -33.07
CA VAL H 163 -10.06 50.08 -33.39
C VAL H 163 -9.61 48.63 -33.51
N ILE H 164 -10.39 47.74 -32.89
CA ILE H 164 -10.00 46.32 -32.80
C ILE H 164 -10.90 45.38 -33.58
N GLN H 165 -11.91 45.87 -34.30
CA GLN H 165 -12.87 44.97 -34.95
C GLN H 165 -13.29 43.88 -33.97
N SER H 166 -14.18 44.23 -33.05
CA SER H 166 -14.55 43.32 -31.98
C SER H 166 -15.17 42.03 -32.50
N SER H 167 -14.79 40.92 -31.87
CA SER H 167 -15.35 39.60 -32.16
C SER H 167 -15.34 38.81 -30.86
N GLU H 168 -15.51 37.49 -30.94
CA GLU H 168 -15.58 36.66 -29.74
C GLU H 168 -14.51 35.59 -29.62
N ASP H 169 -13.65 35.42 -30.60
CA ASP H 169 -12.71 34.32 -30.59
C ASP H 169 -11.35 34.73 -30.04
N TYR H 170 -11.22 35.97 -29.63
CA TYR H 170 -9.92 36.47 -29.21
C TYR H 170 -9.38 35.71 -28.00
N VAL H 171 -10.27 35.14 -27.20
CA VAL H 171 -9.83 34.44 -26.00
C VAL H 171 -8.94 33.26 -26.36
N GLU H 172 -9.38 32.45 -27.30
CA GLU H 172 -8.66 31.22 -27.61
C GLU H 172 -7.79 31.31 -28.84
N ASN H 173 -8.00 32.27 -29.72
CA ASN H 173 -7.23 32.30 -30.95
C ASN H 173 -6.02 33.18 -30.72
N THR H 174 -4.87 32.56 -30.50
CA THR H 174 -3.66 33.31 -30.26
C THR H 174 -3.25 34.11 -31.47
N GLU H 175 -3.28 33.46 -32.63
CA GLU H 175 -2.80 34.10 -33.84
C GLU H 175 -3.62 35.32 -34.15
N LYS H 176 -4.80 35.38 -33.59
CA LYS H 176 -5.67 36.52 -33.71
C LYS H 176 -5.41 37.52 -32.58
N ALA H 177 -5.10 37.01 -31.39
CA ALA H 177 -4.78 37.88 -30.26
C ALA H 177 -3.45 38.61 -30.40
N LEU H 178 -2.43 37.95 -30.97
CA LEU H 178 -1.12 38.60 -31.05
C LEU H 178 -1.20 39.93 -31.76
N ASN H 179 -1.98 40.00 -32.82
CA ASN H 179 -2.06 41.25 -33.53
C ASN H 179 -2.71 42.30 -32.67
N VAL H 180 -3.63 41.92 -31.81
CA VAL H 180 -4.23 42.91 -30.93
C VAL H 180 -3.17 43.51 -30.02
N TYR H 181 -2.39 42.65 -29.40
CA TYR H 181 -1.31 43.13 -28.55
C TYR H 181 -0.26 43.86 -29.34
N TYR H 182 0.00 43.42 -30.57
CA TYR H 182 1.05 44.06 -31.34
C TYR H 182 0.77 45.51 -31.62
N GLU H 183 -0.45 45.85 -31.98
CA GLU H 183 -0.66 47.26 -32.19
C GLU H 183 -0.79 48.05 -30.91
N ILE H 184 -1.31 47.44 -29.85
CA ILE H 184 -1.42 48.22 -28.64
C ILE H 184 -0.05 48.52 -28.09
N GLY H 185 0.86 47.57 -28.20
CA GLY H 185 2.23 47.86 -27.81
C GLY H 185 2.89 48.88 -28.72
N LYS H 186 2.46 48.95 -29.97
CA LYS H 186 3.07 49.87 -30.90
C LYS H 186 2.71 51.32 -30.61
N ILE H 187 1.47 51.60 -30.23
CA ILE H 187 1.15 52.98 -29.90
C ILE H 187 1.89 53.42 -28.64
N LEU H 188 2.05 52.53 -27.66
CA LEU H 188 2.74 52.94 -26.45
C LEU H 188 4.16 53.38 -26.77
N SER H 189 4.87 52.59 -27.57
CA SER H 189 6.24 52.94 -27.83
C SER H 189 6.33 54.12 -28.77
N ARG H 190 5.44 54.21 -29.75
CA ARG H 190 5.59 55.26 -30.73
C ARG H 190 5.02 56.59 -30.23
N ASP H 191 3.92 56.55 -29.49
CA ASP H 191 3.32 57.79 -29.03
C ASP H 191 3.67 58.15 -27.60
N ILE H 192 3.83 57.16 -26.73
CA ILE H 192 4.08 57.46 -25.32
C ILE H 192 5.56 57.62 -25.06
N LEU H 193 6.30 56.52 -25.18
CA LEU H 193 7.73 56.56 -24.88
C LEU H 193 8.46 57.60 -25.73
N SER H 194 8.03 57.75 -26.98
CA SER H 194 8.68 58.71 -27.85
C SER H 194 8.50 60.12 -27.32
N LYS H 195 7.41 60.36 -26.58
CA LYS H 195 7.20 61.69 -26.06
C LYS H 195 8.19 62.03 -24.96
N ILE H 196 8.84 61.02 -24.37
CA ILE H 196 9.82 61.31 -23.33
C ILE H 196 11.20 60.78 -23.73
N ASN H 197 11.40 60.53 -25.02
CA ASN H 197 12.71 60.14 -25.54
C ASN H 197 13.27 58.81 -25.02
N GLN H 198 12.52 58.06 -24.22
CA GLN H 198 13.04 56.75 -23.86
C GLN H 198 12.34 55.74 -24.74
N PRO H 199 13.06 54.90 -25.48
CA PRO H 199 14.34 54.30 -25.17
C PRO H 199 15.48 55.22 -25.51
N TYR H 200 16.52 55.23 -24.69
CA TYR H 200 17.71 56.01 -25.03
C TYR H 200 18.91 55.28 -24.46
N GLN H 201 19.68 54.66 -25.35
CA GLN H 201 20.92 53.97 -25.03
C GLN H 201 20.66 52.67 -24.31
N LYS H 202 19.85 52.72 -23.25
CA LYS H 202 19.60 51.51 -22.47
C LYS H 202 19.08 50.40 -23.35
N PHE H 203 18.22 50.75 -24.28
CA PHE H 203 17.75 49.76 -25.22
C PHE H 203 18.76 49.53 -26.33
N LEU H 204 19.54 50.54 -26.64
CA LEU H 204 20.48 50.43 -27.75
C LEU H 204 21.50 49.35 -27.50
N ASP H 205 21.97 49.23 -26.27
CA ASP H 205 23.02 48.23 -26.05
C ASP H 205 22.48 46.83 -26.19
N VAL H 206 21.23 46.60 -25.81
CA VAL H 206 20.61 45.31 -26.08
C VAL H 206 20.72 45.01 -27.55
N LEU H 207 20.34 45.99 -28.36
CA LEU H 207 20.42 45.84 -29.80
C LEU H 207 21.81 45.41 -30.23
N ASN H 208 22.83 46.12 -29.75
CA ASN H 208 24.19 45.81 -30.15
C ASN H 208 24.54 44.39 -29.76
N THR H 209 24.03 43.96 -28.64
CA THR H 209 24.28 42.61 -28.19
C THR H 209 23.52 41.61 -29.04
N ILE H 210 22.52 42.06 -29.79
CA ILE H 210 21.76 41.11 -30.58
C ILE H 210 22.47 40.82 -31.89
N LYS H 211 22.93 41.85 -32.58
CA LYS H 211 23.57 41.59 -33.85
C LYS H 211 24.93 40.95 -33.68
N ASN H 212 25.41 40.89 -32.45
CA ASN H 212 26.70 40.32 -32.13
C ASN H 212 26.58 39.08 -31.27
N ALA H 213 25.44 38.45 -31.25
CA ALA H 213 25.32 37.22 -30.50
C ALA H 213 25.82 36.07 -31.36
N SER H 214 26.34 35.04 -30.68
CA SER H 214 26.87 33.86 -31.36
C SER H 214 25.95 33.30 -32.43
N ASP H 215 24.72 32.94 -32.07
CA ASP H 215 23.84 32.35 -33.07
C ASP H 215 23.09 33.43 -33.82
N SER H 216 22.94 33.24 -35.11
CA SER H 216 22.29 34.27 -35.89
C SER H 216 20.78 34.10 -35.92
N ASP H 217 20.23 33.28 -35.02
CA ASP H 217 18.79 33.11 -34.93
C ASP H 217 18.04 34.36 -34.48
N GLY H 218 18.37 34.84 -33.29
CA GLY H 218 17.63 35.95 -32.70
C GLY H 218 17.46 37.20 -33.53
N GLN H 219 18.50 37.64 -34.22
CA GLN H 219 18.36 38.88 -34.98
C GLN H 219 17.21 38.75 -35.95
N ASP H 220 17.18 37.64 -36.66
CA ASP H 220 16.15 37.37 -37.63
C ASP H 220 14.79 37.54 -37.01
N LEU H 221 14.65 37.29 -35.72
CA LEU H 221 13.32 37.38 -35.15
C LEU H 221 12.84 38.80 -34.94
N LEU H 222 13.71 39.75 -34.64
CA LEU H 222 13.14 41.02 -34.21
C LEU H 222 13.39 42.18 -35.15
N PHE H 223 13.78 41.95 -36.39
CA PHE H 223 13.91 43.11 -37.28
C PHE H 223 14.09 42.64 -38.71
N THR H 224 13.60 43.47 -39.63
CA THR H 224 13.55 43.14 -41.05
C THR H 224 14.93 43.31 -41.68
N ASN H 225 14.97 43.25 -43.00
CA ASN H 225 16.24 43.26 -43.73
C ASN H 225 16.94 44.61 -43.65
N GLN H 226 16.16 45.70 -43.66
CA GLN H 226 16.77 47.03 -43.62
C GLN H 226 17.76 47.13 -42.48
N LEU H 227 17.40 46.56 -41.33
CA LEU H 227 18.30 46.65 -40.21
C LEU H 227 19.43 45.65 -40.39
N LYS H 228 19.09 44.47 -40.92
CA LYS H 228 20.07 43.42 -41.08
C LYS H 228 21.28 43.89 -41.89
N GLU H 229 21.05 44.74 -42.88
CA GLU H 229 22.13 45.20 -43.73
C GLU H 229 23.13 46.12 -43.03
N HIS H 230 22.88 46.51 -41.80
CA HIS H 230 23.82 47.40 -41.13
C HIS H 230 25.17 46.72 -40.96
N PRO H 231 26.25 47.30 -41.49
CA PRO H 231 27.56 46.66 -41.38
C PRO H 231 28.21 46.75 -40.00
N THR H 232 27.94 47.80 -39.23
CA THR H 232 28.61 48.00 -37.94
C THR H 232 27.61 48.05 -36.79
N ASP H 233 28.13 48.42 -35.61
CA ASP H 233 27.27 48.46 -34.44
C ASP H 233 26.44 49.73 -34.41
N PHE H 234 25.30 49.61 -33.75
CA PHE H 234 24.30 50.66 -33.63
C PHE H 234 24.67 51.73 -32.61
N SER H 235 24.81 52.97 -33.07
CA SER H 235 25.07 54.11 -32.23
C SER H 235 23.81 54.95 -32.03
N VAL H 236 23.87 55.86 -31.06
CA VAL H 236 22.72 56.69 -30.72
C VAL H 236 22.25 57.52 -31.91
N GLU H 237 23.15 57.89 -32.81
CA GLU H 237 22.70 58.68 -33.94
C GLU H 237 21.77 57.88 -34.83
N PHE H 238 22.09 56.62 -35.05
CA PHE H 238 21.25 55.81 -35.90
C PHE H 238 19.84 55.70 -35.35
N LEU H 239 19.70 55.47 -34.05
CA LEU H 239 18.36 55.35 -33.49
C LEU H 239 17.58 56.65 -33.61
N GLU H 240 18.25 57.78 -33.44
CA GLU H 240 17.52 59.04 -33.52
C GLU H 240 17.19 59.38 -34.96
N GLN H 241 17.97 58.87 -35.91
CA GLN H 241 17.76 59.23 -37.30
C GLN H 241 16.61 58.44 -37.92
N ASN H 242 16.57 57.12 -37.71
CA ASN H 242 15.46 56.36 -38.28
C ASN H 242 14.22 56.43 -37.39
N SER H 243 14.32 55.86 -36.20
CA SER H 243 13.26 55.84 -35.19
C SER H 243 12.07 54.98 -35.61
N ASN H 244 11.79 54.89 -36.90
CA ASN H 244 10.73 53.98 -37.33
C ASN H 244 11.14 52.55 -37.06
N GLU H 245 12.37 52.21 -37.45
CA GLU H 245 12.86 50.85 -37.29
C GLU H 245 12.90 50.44 -35.83
N VAL H 246 13.38 51.31 -34.97
CA VAL H 246 13.44 50.95 -33.55
C VAL H 246 12.05 50.74 -32.99
N GLN H 247 11.10 51.60 -33.33
CA GLN H 247 9.75 51.40 -32.85
C GLN H 247 9.24 50.03 -33.23
N GLU H 248 9.60 49.58 -34.42
CA GLU H 248 9.15 48.29 -34.91
C GLU H 248 9.78 47.16 -34.09
N VAL H 249 11.10 47.18 -33.95
CA VAL H 249 11.73 46.11 -33.20
C VAL H 249 11.20 46.08 -31.78
N PHE H 250 11.05 47.26 -31.18
CA PHE H 250 10.56 47.32 -29.82
C PHE H 250 9.18 46.73 -29.67
N ALA H 251 8.22 47.19 -30.48
CA ALA H 251 6.85 46.72 -30.34
C ALA H 251 6.76 45.21 -30.38
N LYS H 252 7.48 44.58 -31.31
CA LYS H 252 7.42 43.15 -31.43
C LYS H 252 7.76 42.48 -30.12
N ALA H 253 8.87 42.87 -29.53
CA ALA H 253 9.25 42.26 -28.28
C ALA H 253 8.17 42.44 -27.24
N PHE H 254 7.59 43.62 -27.15
CA PHE H 254 6.52 43.80 -26.17
C PHE H 254 5.43 42.78 -26.39
N ALA H 255 5.02 42.63 -27.63
CA ALA H 255 3.94 41.71 -27.94
C ALA H 255 4.27 40.30 -27.49
N TYR H 256 5.42 39.79 -27.89
CA TYR H 256 5.74 38.42 -27.54
C TYR H 256 5.70 38.18 -26.05
N TYR H 257 6.02 39.18 -25.23
CA TYR H 257 6.07 38.85 -23.82
C TYR H 257 4.69 38.74 -23.19
N ILE H 258 3.75 39.56 -23.62
CA ILE H 258 2.47 39.55 -22.94
C ILE H 258 1.71 38.27 -23.21
N GLU H 259 1.75 37.76 -24.43
CA GLU H 259 1.03 36.54 -24.72
C GLU H 259 1.59 35.35 -23.97
N PRO H 260 0.89 34.81 -23.02
CA PRO H 260 1.40 33.70 -22.21
C PRO H 260 2.13 32.58 -22.95
N GLN H 261 1.53 32.03 -23.99
CA GLN H 261 2.14 30.89 -24.68
C GLN H 261 3.46 31.18 -25.35
N HIS H 262 3.74 32.42 -25.71
CA HIS H 262 4.97 32.65 -26.44
C HIS H 262 6.12 33.06 -25.57
N ARG H 263 5.84 33.31 -24.29
CA ARG H 263 6.88 33.81 -23.40
C ARG H 263 8.07 32.90 -23.40
N ASP H 264 7.82 31.61 -23.37
CA ASP H 264 8.92 30.67 -23.37
C ASP H 264 9.73 30.79 -24.65
N VAL H 265 9.05 30.98 -25.77
CA VAL H 265 9.77 31.12 -27.03
C VAL H 265 10.76 32.25 -26.97
N LEU H 266 10.32 33.38 -26.41
CA LEU H 266 11.21 34.52 -26.30
C LEU H 266 12.48 34.17 -25.56
N GLN H 267 12.35 33.58 -24.39
CA GLN H 267 13.51 33.27 -23.57
C GLN H 267 14.52 32.42 -24.29
N LEU H 268 14.07 31.58 -25.20
CA LEU H 268 15.03 30.75 -25.88
C LEU H 268 15.83 31.51 -26.93
N TYR H 269 15.19 32.35 -27.71
CA TYR H 269 15.99 32.95 -28.76
C TYR H 269 16.61 34.30 -28.42
N ALA H 270 16.08 35.05 -27.46
CA ALA H 270 16.65 36.35 -27.10
C ALA H 270 16.71 36.47 -25.60
N PRO H 271 17.62 35.77 -24.95
CA PRO H 271 17.64 35.82 -23.48
C PRO H 271 17.70 37.21 -22.91
N GLU H 272 18.69 38.00 -23.34
CA GLU H 272 18.82 39.35 -22.81
C GLU H 272 17.56 40.15 -23.08
N ALA H 273 16.97 39.98 -24.26
CA ALA H 273 15.78 40.74 -24.59
C ALA H 273 14.67 40.36 -23.65
N PHE H 274 14.57 39.08 -23.35
CA PHE H 274 13.55 38.66 -22.42
C PHE H 274 13.83 39.32 -21.09
N ASN H 275 15.10 39.33 -20.71
CA ASN H 275 15.46 39.92 -19.45
C ASN H 275 15.03 41.38 -19.44
N TYR H 276 15.31 42.08 -20.52
CA TYR H 276 14.92 43.48 -20.59
C TYR H 276 13.44 43.65 -20.43
N MET H 277 12.67 42.92 -21.19
CA MET H 277 11.25 43.12 -21.03
C MET H 277 10.81 42.64 -19.68
N ASP H 278 11.52 41.67 -19.12
CA ASP H 278 11.09 41.14 -17.84
C ASP H 278 11.21 42.20 -16.75
N LYS H 279 12.37 42.86 -16.67
CA LYS H 279 12.47 43.90 -15.65
C LYS H 279 11.67 45.12 -16.03
N PHE H 280 11.41 45.32 -17.32
CA PHE H 280 10.74 46.54 -17.71
C PHE H 280 9.29 46.54 -17.31
N ASN H 281 8.59 45.52 -17.68
CA ASN H 281 7.16 45.48 -17.50
C ASN H 281 6.72 45.23 -16.08
N GLU H 282 7.64 45.10 -15.14
CA GLU H 282 7.18 44.86 -13.79
C GLU H 282 7.81 45.71 -12.69
N GLN H 283 8.87 46.49 -12.94
CA GLN H 283 9.02 47.57 -11.96
C GLN H 283 9.09 48.98 -12.53
N GLU H 284 9.91 49.23 -13.55
CA GLU H 284 10.05 50.63 -13.98
C GLU H 284 8.80 51.16 -14.64
N ILE H 285 7.95 50.29 -15.18
CA ILE H 285 6.83 50.80 -15.94
C ILE H 285 5.94 51.65 -15.05
N ASN H 286 5.73 51.23 -13.81
CA ASN H 286 4.97 52.08 -12.92
C ASN H 286 5.75 53.37 -12.68
N LEU H 287 7.07 53.26 -12.57
CA LEU H 287 7.88 54.45 -12.42
C LEU H 287 7.73 55.37 -13.62
N SER H 288 7.70 54.79 -14.81
CA SER H 288 7.59 55.58 -16.02
C SER H 288 6.29 56.38 -16.07
N LEU H 289 5.19 55.78 -15.64
CA LEU H 289 3.92 56.49 -15.77
C LEU H 289 3.97 57.86 -15.11
N GLU H 290 4.48 57.94 -13.87
CA GLU H 290 4.46 59.21 -13.16
C GLU H 290 5.13 60.32 -13.95
N GLU H 291 6.22 60.04 -14.64
CA GLU H 291 6.88 61.15 -15.32
C GLU H 291 5.97 61.72 -16.38
N LEU H 292 5.14 60.87 -16.98
CA LEU H 292 4.18 61.37 -17.95
C LEU H 292 3.24 62.37 -17.30
N LYS H 293 2.66 62.01 -16.16
CA LYS H 293 1.83 62.99 -15.48
C LYS H 293 2.66 64.19 -15.05
N ASP H 294 3.96 63.99 -14.80
CA ASP H 294 4.77 65.09 -14.32
C ASP H 294 4.96 66.22 -15.35
N GLN H 295 4.47 66.12 -16.58
CA GLN H 295 4.62 67.29 -17.44
C GLN H 295 3.45 68.22 -17.38
N ARG H 296 2.27 67.75 -16.97
CA ARG H 296 1.14 68.65 -16.92
C ARG H 296 1.22 69.39 -15.60
N MET H 297 1.35 70.72 -15.70
CA MET H 297 1.52 71.55 -14.52
C MET H 297 0.35 71.37 -13.56
N LEU H 298 -0.86 71.19 -14.12
CA LEU H 298 -2.04 71.08 -13.28
C LEU H 298 -1.89 69.88 -12.37
N ALA H 299 -1.40 68.78 -12.92
CA ALA H 299 -1.24 67.57 -12.14
C ALA H 299 -0.23 67.82 -11.04
N ARG H 300 0.85 68.54 -11.37
CA ARG H 300 1.89 68.80 -10.38
C ARG H 300 1.31 69.59 -9.23
N TYR H 301 0.49 70.57 -9.55
CA TYR H 301 -0.11 71.40 -8.51
C TYR H 301 -0.99 70.53 -7.62
N GLU H 302 -1.73 69.60 -8.23
CA GLU H 302 -2.63 68.76 -7.46
C GLU H 302 -1.85 67.96 -6.44
N LYS H 303 -0.72 67.40 -6.85
CA LYS H 303 0.08 66.62 -5.92
C LYS H 303 0.55 67.55 -4.81
N TRP H 304 1.04 68.73 -5.20
CA TRP H 304 1.57 69.68 -4.24
C TRP H 304 0.48 70.11 -3.29
N GLU H 305 -0.72 70.34 -3.82
CA GLU H 305 -1.84 70.76 -2.99
C GLU H 305 -2.18 69.63 -2.03
N LYS H 306 -2.17 68.40 -2.54
CA LYS H 306 -2.55 67.26 -1.73
C LYS H 306 -1.60 67.10 -0.56
N ILE H 307 -0.41 67.66 -0.67
CA ILE H 307 0.56 67.56 0.41
C ILE H 307 0.28 68.63 1.45
N LYS H 308 -0.26 69.77 1.03
CA LYS H 308 -0.46 70.89 1.93
C LYS H 308 -1.37 70.50 3.08
N GLN H 309 -2.57 70.00 2.78
CA GLN H 309 -3.57 69.76 3.81
C GLN H 309 -3.01 68.83 4.88
N HIS H 310 -2.28 67.80 4.45
CA HIS H 310 -1.68 66.85 5.38
C HIS H 310 -0.82 67.55 6.42
N TYR H 311 -0.15 68.63 6.02
CA TYR H 311 0.74 69.38 6.90
C TYR H 311 0.09 70.61 7.55
N GLN H 312 -1.22 70.79 7.44
CA GLN H 312 -1.82 71.99 8.02
C GLN H 312 -1.62 72.04 9.54
N HIS H 313 -1.88 70.93 10.24
CA HIS H 313 -1.75 70.95 11.70
C HIS H 313 -0.33 71.21 12.14
N TRP H 314 0.63 70.49 11.54
CA TRP H 314 2.02 70.72 11.87
C TRP H 314 2.43 72.15 11.60
N SER H 315 2.09 72.65 10.42
CA SER H 315 2.46 74.00 10.05
C SER H 315 1.84 75.00 11.01
N ASP H 316 0.56 74.83 11.31
CA ASP H 316 -0.13 75.76 12.20
C ASP H 316 0.49 75.74 13.60
N SER H 317 1.13 74.64 13.98
CA SER H 317 1.76 74.51 15.29
C SER H 317 3.23 74.91 15.31
N LEU H 318 3.79 75.30 14.17
CA LEU H 318 5.19 75.68 14.11
C LEU H 318 5.46 76.89 15.00
N SER H 319 6.56 76.85 15.74
CA SER H 319 6.91 77.99 16.59
C SER H 319 7.85 78.92 15.83
N GLU H 320 8.22 80.02 16.49
CA GLU H 320 9.14 80.96 15.88
C GLU H 320 10.55 80.39 15.85
N GLU H 321 10.94 79.67 16.91
CA GLU H 321 12.28 79.11 16.96
C GLU H 321 12.49 78.10 15.85
N GLY H 322 11.47 77.29 15.58
CA GLY H 322 11.60 76.33 14.50
C GLY H 322 11.81 77.01 13.17
N ARG H 323 10.92 77.96 12.82
CA ARG H 323 11.07 78.66 11.56
C ARG H 323 12.39 79.42 11.52
N GLY H 324 12.74 80.08 12.63
CA GLY H 324 14.01 80.78 12.64
C GLY H 324 15.14 79.80 12.43
N LEU H 325 15.06 78.65 13.07
CA LEU H 325 16.10 77.64 12.87
C LEU H 325 16.05 77.18 11.43
N LEU H 326 14.84 76.88 10.94
CA LEU H 326 14.68 76.44 9.58
C LEU H 326 15.20 77.49 8.61
N LYS H 327 15.02 78.77 8.94
CA LYS H 327 15.48 79.81 8.04
C LYS H 327 16.99 79.73 7.90
N LYS H 328 17.67 79.51 9.01
CA LYS H 328 19.13 79.43 9.02
C LYS H 328 19.59 78.26 8.18
N LEU H 329 18.86 77.14 8.27
CA LEU H 329 19.27 75.93 7.60
C LEU H 329 19.33 76.14 6.09
N GLN H 330 18.32 76.82 5.55
CA GLN H 330 18.26 76.97 4.11
C GLN H 330 19.43 77.77 3.57
N ILE H 331 19.83 78.83 4.25
CA ILE H 331 20.84 79.75 3.76
C ILE H 331 22.15 79.54 4.52
N PRO H 332 23.27 79.36 3.82
CA PRO H 332 24.58 79.28 4.51
C PRO H 332 24.89 80.59 5.22
N ILE H 333 25.48 80.50 6.42
CA ILE H 333 25.76 81.68 7.23
C ILE H 333 27.21 82.08 7.03
N GLU H 334 27.43 83.33 6.62
CA GLU H 334 28.76 83.87 6.33
C GLU H 334 29.39 84.52 7.56
N PRO H 335 30.67 84.28 7.80
CA PRO H 335 31.35 84.95 8.91
C PRO H 335 31.52 86.44 8.66
N LYS H 336 31.37 87.24 9.71
CA LYS H 336 31.55 88.68 9.57
C LYS H 336 32.99 89.02 9.95
N LYS H 337 33.67 89.74 9.05
CA LYS H 337 35.07 90.11 9.32
C LYS H 337 35.20 90.96 10.58
N ASP H 338 34.36 91.99 10.71
CA ASP H 338 34.46 92.92 11.85
C ASP H 338 34.47 92.19 13.18
N ASP H 339 33.79 91.05 13.29
CA ASP H 339 33.75 90.33 14.54
C ASP H 339 35.09 89.65 14.83
N ILE H 340 35.66 89.01 13.81
CA ILE H 340 36.94 88.32 13.98
C ILE H 340 38.05 89.31 14.29
N ILE H 341 38.11 90.40 13.52
CA ILE H 341 39.15 91.40 13.74
C ILE H 341 39.12 91.87 15.19
N HIS H 342 37.91 92.17 15.69
CA HIS H 342 37.76 92.57 17.08
C HIS H 342 38.08 91.44 18.05
N SER H 343 38.20 90.21 17.57
CA SER H 343 38.47 89.07 18.44
C SER H 343 39.95 88.72 18.58
N LEU H 344 40.85 89.34 17.81
CA LEU H 344 42.25 89.01 17.99
C LEU H 344 42.89 90.03 18.93
N SER H 345 43.07 91.26 18.46
CA SER H 345 43.58 92.39 19.23
C SER H 345 45.03 92.30 19.72
N GLN H 346 45.82 91.30 19.32
CA GLN H 346 47.17 91.27 19.89
C GLN H 346 48.21 91.49 18.79
N GLU H 347 49.46 91.21 19.15
CA GLU H 347 50.59 91.47 18.26
C GLU H 347 50.50 90.64 16.99
N GLU H 348 49.89 89.45 17.07
CA GLU H 348 49.76 88.62 15.88
C GLU H 348 49.13 89.41 14.75
N LYS H 349 48.20 90.32 15.07
CA LYS H 349 47.56 91.07 14.02
C LYS H 349 48.58 91.97 13.35
N GLU H 350 49.38 92.66 14.17
CA GLU H 350 50.49 93.43 13.63
C GLU H 350 51.43 92.50 12.91
N LEU H 351 51.76 91.37 13.55
CA LEU H 351 52.59 90.36 12.90
C LEU H 351 51.98 89.97 11.56
N LEU H 352 50.66 89.73 11.54
CA LEU H 352 49.99 89.36 10.31
C LEU H 352 50.11 90.46 9.25
N LYS H 353 50.06 91.73 9.68
CA LYS H 353 50.15 92.88 8.76
C LYS H 353 51.12 92.65 7.62
N ARG H 354 52.35 92.28 7.93
CA ARG H 354 53.40 92.14 6.91
C ARG H 354 53.82 90.68 6.86
N ILE H 355 53.01 89.88 6.17
CA ILE H 355 53.28 88.46 5.95
C ILE H 355 53.12 88.19 4.46
N GLN H 356 53.96 87.29 3.93
CA GLN H 356 53.85 86.94 2.52
C GLN H 356 52.61 86.08 2.33
N ILE H 357 51.46 86.74 2.08
CA ILE H 357 50.20 86.02 1.96
C ILE H 357 50.27 84.94 0.90
N ASP H 358 50.56 85.34 -0.34
CA ASP H 358 50.51 84.36 -1.43
C ASP H 358 51.70 83.42 -1.41
N SER H 359 51.97 82.79 -0.26
CA SER H 359 53.04 81.79 -0.21
C SER H 359 52.69 80.59 0.67
N SER H 360 51.43 80.41 1.05
CA SER H 360 51.03 79.28 1.88
C SER H 360 50.24 78.26 1.10
N ASP H 361 50.78 77.05 0.98
CA ASP H 361 50.03 75.99 0.32
C ASP H 361 48.87 75.54 1.21
N PHE H 362 49.04 75.66 2.53
CA PHE H 362 48.01 75.17 3.45
C PHE H 362 46.71 75.93 3.26
N LEU H 363 46.80 77.23 3.03
CA LEU H 363 45.62 78.03 2.78
C LEU H 363 45.02 77.66 1.44
N SER H 364 43.71 77.80 1.31
CA SER H 364 43.10 77.57 0.03
C SER H 364 42.75 78.89 -0.64
N THR H 365 42.32 78.78 -1.89
CA THR H 365 42.02 79.97 -2.69
C THR H 365 40.94 80.80 -2.01
N GLU H 366 39.83 80.14 -1.67
CA GLU H 366 38.72 80.83 -1.05
C GLU H 366 39.13 81.45 0.28
N GLU H 367 40.07 80.81 0.98
CA GLU H 367 40.51 81.32 2.27
C GLU H 367 41.47 82.49 2.09
N LYS H 368 42.15 82.55 0.95
CA LYS H 368 43.03 83.66 0.63
C LYS H 368 42.23 84.93 0.47
N GLU H 369 41.10 84.87 -0.23
CA GLU H 369 40.27 86.05 -0.36
C GLU H 369 39.92 86.60 1.01
N PHE H 370 39.53 85.74 1.95
CA PHE H 370 39.28 86.22 3.30
C PHE H 370 40.53 86.88 3.86
N LEU H 371 41.67 86.23 3.69
CA LEU H 371 42.91 86.81 4.19
C LEU H 371 43.21 88.12 3.48
N LYS H 372 42.95 88.16 2.16
CA LYS H 372 43.22 89.36 1.39
C LYS H 372 42.36 90.54 1.87
N LYS H 373 41.09 90.28 2.21
CA LYS H 373 40.24 91.34 2.73
C LYS H 373 40.77 91.86 4.05
N LEU H 374 41.19 90.97 4.93
CA LEU H 374 41.80 91.37 6.19
C LEU H 374 43.12 92.10 5.98
N GLN H 375 43.91 91.65 5.00
CA GLN H 375 45.22 92.24 4.76
C GLN H 375 45.09 93.70 4.37
N ILE H 376 44.07 94.04 3.57
CA ILE H 376 43.87 95.44 3.19
C ILE H 376 43.62 96.27 4.44
N ASP H 377 42.83 95.75 5.37
CA ASP H 377 42.57 96.45 6.62
C ASP H 377 43.85 96.62 7.43
N ILE H 378 44.69 95.59 7.47
CA ILE H 378 45.92 95.62 8.25
C ILE H 378 47.13 95.84 7.35
N SER H 402 57.72 81.73 5.43
CA SER H 402 58.06 80.32 5.61
C SER H 402 58.70 80.08 6.98
N GLU H 403 58.28 80.86 7.97
CA GLU H 403 58.84 80.78 9.31
C GLU H 403 57.76 80.44 10.33
N LYS H 404 58.00 80.79 11.60
CA LYS H 404 57.07 80.49 12.67
C LYS H 404 55.75 81.24 12.53
N GLU H 405 55.56 81.99 11.45
CA GLU H 405 54.33 82.74 11.27
C GLU H 405 53.28 81.91 10.55
N LYS H 406 53.70 80.91 9.80
CA LYS H 406 52.73 80.05 9.12
C LYS H 406 52.08 79.10 10.11
N GLU H 407 52.68 78.95 11.29
CA GLU H 407 52.05 78.14 12.32
C GLU H 407 50.93 78.92 12.97
N PHE H 408 51.09 80.24 13.09
CA PHE H 408 50.00 81.06 13.60
C PHE H 408 48.88 81.08 12.59
N LEU H 409 49.20 80.87 11.32
CA LEU H 409 48.19 80.86 10.29
C LEU H 409 47.36 79.59 10.37
N LYS H 410 47.98 78.51 10.87
CA LYS H 410 47.25 77.27 11.05
C LYS H 410 46.11 77.46 12.02
N LYS H 411 46.36 78.16 13.13
CA LYS H 411 45.26 78.42 14.06
C LYS H 411 44.19 79.24 13.36
N LEU H 412 44.61 80.29 12.64
CA LEU H 412 43.66 81.18 12.00
C LEU H 412 42.74 80.42 11.05
N LYS H 413 43.26 79.40 10.38
CA LYS H 413 42.44 78.63 9.45
C LYS H 413 41.25 77.99 10.15
N LEU H 414 41.44 77.53 11.37
CA LEU H 414 40.37 76.89 12.14
C LEU H 414 39.37 77.86 12.68
N ASP H 415 39.42 79.13 12.34
CA ASP H 415 38.49 80.09 12.89
C ASP H 415 37.73 80.90 11.85
N ILE H 416 38.13 80.83 10.58
CA ILE H 416 37.51 81.63 9.53
C ILE H 416 36.54 80.82 8.69
N GLN H 417 36.23 79.62 9.11
CA GLN H 417 35.31 78.86 8.29
C GLN H 417 33.87 79.32 8.49
N PRO H 418 33.08 79.30 7.43
CA PRO H 418 31.68 79.71 7.53
C PRO H 418 30.83 78.76 8.34
N TYR H 419 29.82 79.33 8.96
CA TYR H 419 28.85 78.60 9.76
C TYR H 419 27.91 77.87 8.82
N ASP H 420 28.15 76.58 8.59
CA ASP H 420 27.38 75.77 7.64
C ASP H 420 27.04 74.44 8.31
N ILE H 421 25.82 74.37 8.86
CA ILE H 421 25.37 73.18 9.59
C ILE H 421 25.47 71.91 8.75
N ASN H 422 24.91 71.94 7.55
CA ASN H 422 24.87 70.72 6.74
C ASN H 422 26.26 70.19 6.46
N GLN H 423 27.22 71.09 6.29
CA GLN H 423 28.58 70.67 5.96
C GLN H 423 29.26 69.92 7.08
N ARG H 424 29.09 70.35 8.32
CA ARG H 424 29.75 69.63 9.39
C ARG H 424 29.26 68.19 9.38
N LEU H 425 27.99 68.00 9.03
CA LEU H 425 27.36 66.71 9.18
C LEU H 425 27.98 65.65 8.28
N GLN H 426 28.36 65.98 7.05
CA GLN H 426 29.00 64.93 6.27
C GLN H 426 30.43 64.73 6.72
N ASP H 427 31.09 65.81 7.10
CA ASP H 427 32.48 65.73 7.52
C ASP H 427 32.63 64.88 8.75
N THR H 428 31.65 64.92 9.64
CA THR H 428 31.73 64.16 10.87
C THR H 428 31.04 62.81 10.79
N GLY H 429 30.27 62.56 9.75
CA GLY H 429 29.64 61.26 9.65
C GLY H 429 28.63 60.96 10.74
N GLY H 430 28.11 61.97 11.44
CA GLY H 430 27.16 61.75 12.51
C GLY H 430 27.74 61.73 13.91
N LEU H 431 29.06 61.73 14.03
CA LEU H 431 29.72 61.73 15.34
C LEU H 431 29.85 63.17 15.81
N ILE H 432 28.84 63.65 16.53
CA ILE H 432 28.74 65.07 16.82
C ILE H 432 29.75 65.54 17.86
N ASP H 433 30.37 64.61 18.57
CA ASP H 433 31.28 64.94 19.65
C ASP H 433 32.71 65.17 19.18
N SER H 434 32.91 65.30 17.88
CA SER H 434 34.26 65.36 17.36
C SER H 434 34.98 66.59 17.89
N PRO H 435 36.09 66.43 18.56
CA PRO H 435 36.83 67.59 19.06
C PRO H 435 37.63 68.27 17.98
N SER H 436 37.07 68.40 16.78
CA SER H 436 37.78 68.98 15.65
C SER H 436 37.67 70.50 15.58
N ILE H 437 36.81 71.12 16.37
CA ILE H 437 36.64 72.56 16.36
C ILE H 437 36.61 73.06 17.80
N ASN H 438 36.63 74.39 17.93
CA ASN H 438 36.60 75.00 19.24
C ASN H 438 35.40 74.51 20.02
N LEU H 439 35.57 74.36 21.33
CA LEU H 439 34.52 73.74 22.13
C LEU H 439 33.25 74.58 22.08
N ASP H 440 33.39 75.90 22.17
CA ASP H 440 32.21 76.76 22.17
C ASP H 440 31.46 76.61 20.87
N VAL H 441 32.17 76.60 19.75
CA VAL H 441 31.52 76.40 18.47
C VAL H 441 30.88 75.02 18.48
N ARG H 442 31.59 74.06 19.08
CA ARG H 442 31.11 72.69 19.18
C ARG H 442 29.81 72.66 19.96
N LYS H 443 29.76 73.39 21.08
CA LYS H 443 28.53 73.47 21.84
C LYS H 443 27.45 74.12 21.00
N GLN H 444 27.82 75.15 20.24
CA GLN H 444 26.83 75.82 19.42
C GLN H 444 26.23 74.86 18.41
N TYR H 445 27.07 74.10 17.73
CA TYR H 445 26.53 73.16 16.74
C TYR H 445 25.67 72.09 17.37
N LYS H 446 26.13 71.50 18.48
CA LYS H 446 25.38 70.38 19.04
C LYS H 446 23.97 70.78 19.44
N ARG H 447 23.80 71.95 20.04
CA ARG H 447 22.48 72.34 20.49
C ARG H 447 21.53 72.51 19.30
N ASP H 448 21.98 73.20 18.26
CA ASP H 448 21.10 73.46 17.13
C ASP H 448 20.63 72.18 16.46
N ILE H 449 21.52 71.24 16.21
CA ILE H 449 21.09 70.00 15.57
C ILE H 449 20.17 69.19 16.47
N GLN H 450 20.52 69.07 17.75
CA GLN H 450 19.62 68.32 18.61
C GLN H 450 18.26 68.99 18.64
N ASN H 451 18.25 70.33 18.65
CA ASN H 451 16.99 71.03 18.61
C ASN H 451 16.26 70.75 17.31
N ILE H 452 17.01 70.71 16.20
CA ILE H 452 16.42 70.40 14.90
C ILE H 452 15.88 68.98 14.89
N ASP H 453 16.60 68.06 15.53
CA ASP H 453 16.18 66.68 15.58
C ASP H 453 14.79 66.54 16.18
N ALA H 454 14.46 67.41 17.14
CA ALA H 454 13.15 67.37 17.75
C ALA H 454 12.09 67.95 16.82
N LEU H 455 12.49 68.89 15.96
CA LEU H 455 11.54 69.52 15.06
C LEU H 455 10.88 68.52 14.14
N LEU H 456 11.63 67.52 13.67
CA LEU H 456 11.06 66.57 12.71
C LEU H 456 10.36 65.46 13.48
N HIS H 457 9.21 65.82 14.03
CA HIS H 457 8.43 64.91 14.85
C HIS H 457 7.24 64.31 14.12
N GLN H 458 6.87 64.88 12.98
CA GLN H 458 5.70 64.40 12.26
C GLN H 458 6.11 63.38 11.20
N SER H 459 5.51 62.21 11.25
CA SER H 459 5.84 61.22 10.23
C SER H 459 5.00 61.45 8.99
N ILE H 460 5.55 61.03 7.86
CA ILE H 460 4.88 61.16 6.58
C ILE H 460 3.71 60.20 6.44
N GLY H 461 3.79 59.04 7.11
CA GLY H 461 2.79 57.99 7.00
C GLY H 461 1.33 58.40 6.97
N SER H 462 0.61 57.90 5.95
CA SER H 462 -0.79 58.24 5.81
C SER H 462 -1.50 57.15 4.99
N THR H 463 -2.82 57.21 5.03
CA THR H 463 -3.70 56.44 4.16
C THR H 463 -4.10 57.22 2.91
N LEU H 464 -3.61 58.45 2.78
CA LEU H 464 -4.04 59.34 1.71
C LEU H 464 -3.23 59.18 0.43
N TYR H 465 -2.06 58.56 0.49
CA TYR H 465 -1.22 58.48 -0.70
C TYR H 465 -0.34 57.25 -0.67
N ASN H 466 -0.07 56.73 -1.87
CA ASN H 466 0.78 55.57 -2.09
C ASN H 466 2.21 55.99 -2.42
N LYS H 467 2.85 55.21 -3.28
CA LYS H 467 4.21 55.46 -3.72
C LYS H 467 4.39 56.87 -4.27
N ILE H 468 5.24 57.66 -3.61
CA ILE H 468 5.58 59.01 -4.02
C ILE H 468 7.06 59.08 -4.36
N TYR H 469 7.38 59.69 -5.49
CA TYR H 469 8.77 59.88 -5.88
C TYR H 469 9.14 61.34 -5.85
N LEU H 470 10.34 61.64 -5.33
CA LEU H 470 10.85 62.99 -5.25
C LEU H 470 12.21 63.08 -5.92
N TYR H 471 12.59 64.29 -6.25
CA TYR H 471 13.77 64.54 -7.06
C TYR H 471 14.73 65.54 -6.42
N GLU H 472 16.00 65.43 -6.78
CA GLU H 472 17.03 66.33 -6.27
C GLU H 472 18.17 66.44 -7.27
N ASN H 473 18.59 67.66 -7.59
CA ASN H 473 19.71 67.83 -8.50
C ASN H 473 20.99 67.98 -7.70
N MET H 474 22.03 67.22 -8.08
CA MET H 474 23.27 67.21 -7.33
C MET H 474 24.46 67.24 -8.28
N ASN H 475 25.53 67.92 -7.87
CA ASN H 475 26.76 68.01 -8.66
C ASN H 475 27.69 66.81 -8.50
N ILE H 476 28.08 66.25 -9.63
CA ILE H 476 28.95 65.08 -9.63
C ILE H 476 30.26 65.34 -8.89
N ASN H 477 30.76 66.56 -8.92
CA ASN H 477 32.00 66.83 -8.23
C ASN H 477 31.87 66.68 -6.73
N ASN H 478 30.65 66.60 -6.20
CA ASN H 478 30.53 66.47 -4.76
C ASN H 478 30.80 65.06 -4.31
N LEU H 479 30.63 64.09 -5.20
CA LEU H 479 30.85 62.71 -4.83
C LEU H 479 32.23 62.23 -5.21
N THR H 480 32.70 62.60 -6.38
CA THR H 480 34.03 62.17 -6.81
C THR H 480 34.55 63.11 -7.89
N ALA H 481 35.45 63.99 -7.49
CA ALA H 481 36.01 64.91 -8.46
C ALA H 481 36.92 64.17 -9.42
N THR H 482 37.28 62.92 -9.10
CA THR H 482 38.13 62.16 -9.99
C THR H 482 37.30 61.70 -11.18
N LEU H 483 36.11 61.21 -10.91
CA LEU H 483 35.25 60.84 -12.01
C LEU H 483 34.65 62.10 -12.60
N GLY H 484 34.34 63.07 -11.74
CA GLY H 484 33.75 64.31 -12.19
C GLY H 484 34.62 65.08 -13.15
N ALA H 485 35.93 64.82 -13.13
CA ALA H 485 36.85 65.56 -13.98
C ALA H 485 36.78 65.12 -15.43
N ASP H 486 36.39 63.89 -15.69
CA ASP H 486 36.32 63.38 -17.06
C ASP H 486 34.92 62.86 -17.39
N LEU H 487 33.94 63.11 -16.55
CA LEU H 487 32.59 62.62 -16.81
C LEU H 487 31.98 63.22 -18.06
N VAL H 488 32.17 64.51 -18.24
CA VAL H 488 31.57 65.22 -19.37
C VAL H 488 32.48 65.12 -20.57
N ASP H 489 31.90 64.82 -21.73
CA ASP H 489 32.67 64.72 -22.97
C ASP H 489 33.52 65.97 -23.17
N SER H 490 34.80 65.72 -23.44
CA SER H 490 35.76 66.81 -23.57
C SER H 490 35.34 67.81 -24.64
N THR H 491 34.72 67.34 -25.72
CA THR H 491 34.39 68.28 -26.77
C THR H 491 33.00 68.88 -26.64
N ASP H 492 31.97 68.05 -26.55
CA ASP H 492 30.60 68.54 -26.46
C ASP H 492 30.04 68.29 -25.06
N ASN H 493 29.87 69.36 -24.30
CA ASN H 493 29.41 69.21 -22.93
C ASN H 493 28.00 68.63 -22.80
N THR H 494 27.24 68.48 -23.88
CA THR H 494 25.93 67.89 -23.70
C THR H 494 25.93 66.37 -23.71
N LYS H 495 27.02 65.73 -24.11
CA LYS H 495 27.13 64.27 -24.12
C LYS H 495 28.09 63.76 -23.06
N ILE H 496 27.85 62.52 -22.62
CA ILE H 496 28.65 61.87 -21.60
C ILE H 496 29.46 60.75 -22.24
N ASN H 497 30.75 60.68 -21.91
CA ASN H 497 31.60 59.62 -22.43
C ASN H 497 31.22 58.29 -21.81
N ARG H 498 30.78 57.37 -22.65
CA ARG H 498 30.34 56.06 -22.17
C ARG H 498 31.45 55.31 -21.46
N GLY H 499 32.70 55.47 -21.89
CA GLY H 499 33.77 54.67 -21.32
C GLY H 499 33.97 54.95 -19.85
N ILE H 500 34.03 56.22 -19.46
CA ILE H 500 34.18 56.52 -18.06
C ILE H 500 32.91 56.16 -17.33
N PHE H 501 31.78 56.33 -17.98
CA PHE H 501 30.50 55.99 -17.38
C PHE H 501 30.48 54.54 -16.95
N ASN H 502 30.99 53.65 -17.79
CA ASN H 502 30.92 52.23 -17.49
C ASN H 502 31.60 51.90 -16.18
N GLU H 503 32.66 52.61 -15.83
CA GLU H 503 33.30 52.36 -14.56
C GLU H 503 32.42 52.82 -13.42
N PHE H 504 31.85 54.00 -13.55
CA PHE H 504 30.99 54.53 -12.51
C PHE H 504 29.81 53.64 -12.18
N LYS H 505 29.18 53.05 -13.18
CA LYS H 505 28.00 52.28 -12.83
C LYS H 505 28.35 50.94 -12.19
N LYS H 506 29.52 50.42 -12.53
CA LYS H 506 29.94 49.08 -12.16
C LYS H 506 29.52 48.67 -10.76
N ASN H 507 30.02 49.33 -9.75
CA ASN H 507 29.77 48.91 -8.39
C ASN H 507 28.99 49.95 -7.60
N PHE H 508 28.07 50.64 -8.25
CA PHE H 508 27.26 51.62 -7.54
C PHE H 508 25.98 50.95 -7.11
N LYS H 509 25.94 50.45 -5.88
CA LYS H 509 24.76 49.69 -5.50
C LYS H 509 23.95 50.21 -4.32
N TYR H 510 24.55 50.89 -3.35
CA TYR H 510 23.74 51.40 -2.24
C TYR H 510 24.47 52.57 -1.60
N SER H 511 23.71 53.40 -0.89
CA SER H 511 24.25 54.61 -0.30
C SER H 511 23.54 54.94 1.01
N ILE H 512 24.23 55.73 1.85
CA ILE H 512 23.70 56.15 3.14
C ILE H 512 23.86 57.65 3.29
N SER H 513 22.82 58.28 3.83
CA SER H 513 22.79 59.72 4.07
C SER H 513 22.75 59.98 5.56
N SER H 514 23.84 60.55 6.08
CA SER H 514 23.94 60.89 7.49
C SER H 514 23.46 62.30 7.78
N ASN H 515 23.39 63.16 6.77
CA ASN H 515 23.01 64.54 6.99
C ASN H 515 21.55 64.75 6.64
N TYR H 516 21.16 66.01 6.60
CA TYR H 516 19.78 66.40 6.37
C TYR H 516 19.53 66.61 4.89
N MET H 517 18.79 65.70 4.28
CA MET H 517 18.41 65.81 2.88
C MET H 517 17.42 66.95 2.68
N ILE H 518 17.72 67.82 1.74
CA ILE H 518 16.80 68.87 1.33
C ILE H 518 16.27 68.47 -0.04
N VAL H 519 15.01 68.04 -0.09
CA VAL H 519 14.49 67.51 -1.33
C VAL H 519 13.34 68.39 -1.83
N ASP H 520 13.10 68.29 -3.14
CA ASP H 520 12.04 69.02 -3.83
C ASP H 520 10.79 68.14 -3.93
N ILE H 521 9.77 68.63 -4.64
CA ILE H 521 8.54 67.90 -4.88
C ILE H 521 8.30 67.67 -6.37
N ASN H 522 8.51 68.70 -7.18
CA ASN H 522 8.39 68.63 -8.62
C ASN H 522 9.72 68.95 -9.27
N GLU H 523 10.03 68.24 -10.34
CA GLU H 523 11.29 68.47 -11.03
C GLU H 523 11.32 69.88 -11.58
N ARG H 524 12.47 70.51 -11.44
CA ARG H 524 12.72 71.86 -11.90
C ARG H 524 14.02 71.83 -12.68
N PRO H 525 14.22 72.77 -13.61
CA PRO H 525 15.48 72.80 -14.33
C PRO H 525 16.65 72.99 -13.37
N ALA H 526 17.74 72.30 -13.68
CA ALA H 526 18.94 72.29 -12.86
C ALA H 526 19.94 73.34 -13.35
N LEU H 527 20.88 73.66 -12.47
CA LEU H 527 21.95 74.55 -12.83
C LEU H 527 22.96 73.81 -13.69
N ASP H 528 23.91 74.55 -14.24
CA ASP H 528 24.86 73.96 -15.16
C ASP H 528 25.60 72.78 -14.54
N ASN H 529 26.08 72.95 -13.31
CA ASN H 529 26.89 71.94 -12.65
C ASN H 529 26.11 70.79 -12.01
N GLU H 530 24.81 70.66 -12.26
CA GLU H 530 24.00 69.59 -11.65
C GLU H 530 23.59 68.60 -12.73
N ARG H 531 24.24 67.43 -12.72
CA ARG H 531 23.99 66.38 -13.71
C ARG H 531 23.33 65.12 -13.16
N LEU H 532 22.96 65.08 -11.89
CA LEU H 532 22.28 63.92 -11.32
C LEU H 532 20.81 64.18 -11.02
N LYS H 533 19.96 63.27 -11.45
CA LYS H 533 18.52 63.36 -11.22
C LYS H 533 18.05 62.14 -10.44
N TRP H 534 17.89 62.33 -9.13
CA TRP H 534 17.46 61.29 -8.22
C TRP H 534 15.96 61.10 -8.19
N ARG H 535 15.53 59.85 -8.08
CA ARG H 535 14.12 59.49 -7.91
C ARG H 535 14.04 58.71 -6.62
N ILE H 536 13.49 59.32 -5.59
CA ILE H 536 13.50 58.71 -4.27
C ILE H 536 12.11 58.27 -3.88
N GLN H 537 11.99 56.99 -3.56
CA GLN H 537 10.79 56.44 -2.97
C GLN H 537 10.92 56.51 -1.46
N LEU H 538 9.79 56.71 -0.81
CA LEU H 538 9.75 56.83 0.63
C LEU H 538 8.96 55.67 1.24
N SER H 539 9.18 55.45 2.51
CA SER H 539 8.47 54.44 3.25
C SER H 539 7.54 55.15 4.23
N PRO H 540 6.38 54.60 4.52
CA PRO H 540 5.46 55.27 5.46
C PRO H 540 6.05 55.58 6.83
N ASP H 541 7.07 54.84 7.27
CA ASP H 541 7.68 55.04 8.58
C ASP H 541 8.71 56.16 8.68
N THR H 542 9.21 56.70 7.58
CA THR H 542 10.23 57.73 7.64
C THR H 542 9.73 59.03 8.27
N ARG H 543 10.52 59.57 9.20
CA ARG H 543 10.16 60.81 9.87
C ARG H 543 10.68 61.93 8.97
N ALA H 544 9.94 63.03 8.88
CA ALA H 544 10.34 64.07 7.96
C ALA H 544 9.68 65.38 8.32
N GLY H 545 10.24 66.46 7.78
CA GLY H 545 9.70 67.78 7.98
C GLY H 545 9.27 68.34 6.63
N TYR H 546 8.21 69.13 6.67
CA TYR H 546 7.63 69.78 5.51
C TYR H 546 8.07 71.24 5.42
N LEU H 547 8.35 71.74 4.22
CA LEU H 547 8.67 73.15 4.06
C LEU H 547 7.65 73.85 3.18
N GLU H 548 7.32 75.08 3.57
CA GLU H 548 6.38 75.92 2.83
C GLU H 548 6.89 76.33 1.48
N ASN H 549 8.20 76.29 1.27
CA ASN H 549 8.79 76.75 0.02
C ASN H 549 8.92 75.63 -1.01
N GLY H 550 8.07 74.63 -0.92
CA GLY H 550 8.07 73.53 -1.86
C GLY H 550 9.23 72.57 -1.76
N LYS H 551 9.85 72.45 -0.59
CA LYS H 551 10.94 71.51 -0.35
C LYS H 551 10.62 70.68 0.88
N LEU H 552 11.29 69.54 1.02
CA LEU H 552 11.08 68.69 2.18
C LEU H 552 12.38 68.37 2.89
N ILE H 553 12.33 68.32 4.21
CA ILE H 553 13.48 67.96 5.04
C ILE H 553 13.30 66.58 5.64
N LEU H 554 14.16 65.67 5.24
CA LEU H 554 14.15 64.30 5.73
C LEU H 554 15.02 64.13 6.98
N GLN H 555 14.66 63.15 7.79
CA GLN H 555 15.44 62.80 8.97
C GLN H 555 16.83 62.32 8.56
N ARG H 556 17.77 62.41 9.49
CA ARG H 556 19.13 61.94 9.25
C ARG H 556 19.24 60.42 9.41
N ASN H 557 20.40 59.90 9.04
CA ASN H 557 20.74 58.48 9.15
C ASN H 557 19.79 57.58 8.35
N ILE H 558 19.61 57.93 7.10
CA ILE H 558 18.79 57.16 6.18
C ILE H 558 19.67 56.30 5.28
N GLY H 559 19.20 55.09 4.98
CA GLY H 559 19.87 54.16 4.08
C GLY H 559 19.17 54.00 2.74
N LEU H 560 19.98 53.88 1.67
CA LEU H 560 19.45 53.79 0.33
C LEU H 560 20.14 52.71 -0.48
N GLU H 561 19.38 51.86 -1.17
CA GLU H 561 19.93 50.87 -2.09
C GLU H 561 19.66 51.31 -3.51
N ILE H 562 20.70 51.25 -4.34
CA ILE H 562 20.61 51.67 -5.72
C ILE H 562 20.03 50.56 -6.57
N LYS H 563 18.91 50.84 -7.25
CA LYS H 563 18.31 49.81 -8.09
C LYS H 563 18.79 49.88 -9.53
N ASP H 564 19.17 51.05 -10.05
CA ASP H 564 19.60 51.06 -11.45
C ASP H 564 20.41 52.31 -11.75
N VAL H 565 21.25 52.20 -12.78
CA VAL H 565 22.11 53.29 -13.19
C VAL H 565 22.00 53.36 -14.70
N GLN H 566 21.50 54.48 -15.20
CA GLN H 566 21.33 54.58 -16.64
C GLN H 566 21.49 56.01 -17.12
N ILE H 567 21.70 56.14 -18.42
CA ILE H 567 21.82 57.42 -19.09
C ILE H 567 20.47 57.78 -19.67
N ILE H 568 20.02 59.00 -19.46
CA ILE H 568 18.75 59.43 -20.03
C ILE H 568 18.96 60.74 -20.76
N LYS H 569 17.97 61.10 -21.56
CA LYS H 569 18.02 62.32 -22.34
C LYS H 569 16.90 63.27 -21.96
N GLN H 570 17.24 64.54 -21.84
CA GLN H 570 16.24 65.56 -21.53
C GLN H 570 16.66 66.91 -22.07
N SER H 571 15.78 67.52 -22.85
CA SER H 571 16.00 68.84 -23.40
C SER H 571 17.38 69.01 -24.01
N GLU H 572 17.80 68.04 -24.82
CA GLU H 572 19.07 68.09 -25.53
C GLU H 572 20.30 67.96 -24.62
N LYS H 573 20.12 67.71 -23.32
CA LYS H 573 21.25 67.60 -22.43
C LYS H 573 21.24 66.22 -21.75
N GLU H 574 22.43 65.70 -21.48
CA GLU H 574 22.55 64.39 -20.85
C GLU H 574 22.54 64.46 -19.35
N TYR H 575 22.03 63.40 -18.74
CA TYR H 575 21.91 63.29 -17.30
C TYR H 575 22.11 61.85 -16.91
N ILE H 576 22.18 61.63 -15.60
CA ILE H 576 22.24 60.28 -15.03
C ILE H 576 20.97 60.06 -14.22
N ARG H 577 20.17 59.09 -14.63
CA ARG H 577 18.95 58.79 -13.92
C ARG H 577 19.24 57.76 -12.86
N ILE H 578 18.90 58.05 -11.62
CA ILE H 578 19.11 57.15 -10.50
C ILE H 578 17.85 56.99 -9.67
N ASP H 579 17.35 55.76 -9.55
CA ASP H 579 16.20 55.55 -8.68
C ASP H 579 16.68 55.13 -7.28
N ALA H 580 15.75 55.11 -6.32
CA ALA H 580 16.15 54.73 -4.98
C ALA H 580 14.95 54.50 -4.08
N LYS H 581 15.17 53.64 -3.09
CA LYS H 581 14.18 53.26 -2.09
C LYS H 581 14.78 53.48 -0.71
N VAL H 582 14.06 54.21 0.15
CA VAL H 582 14.54 54.42 1.51
C VAL H 582 14.38 53.14 2.31
N VAL H 583 15.41 52.79 3.07
CA VAL H 583 15.32 51.63 3.94
C VAL H 583 16.03 51.92 5.26
N PRO H 584 15.82 51.12 6.30
CA PRO H 584 16.53 51.36 7.56
C PRO H 584 18.02 51.22 7.37
N LYS H 585 18.76 52.19 7.90
CA LYS H 585 20.21 52.21 7.75
C LYS H 585 20.84 50.92 8.25
N SER H 586 20.27 50.34 9.30
CA SER H 586 20.82 49.11 9.86
C SER H 586 20.93 48.02 8.82
N LYS H 587 19.97 47.96 7.90
CA LYS H 587 20.03 46.89 6.91
C LYS H 587 21.27 47.06 6.06
N ILE H 588 21.67 48.29 5.80
CA ILE H 588 22.89 48.49 5.04
C ILE H 588 24.08 48.28 5.94
N ASP H 589 23.98 48.73 7.19
CA ASP H 589 25.10 48.56 8.09
C ASP H 589 25.49 47.10 8.19
N THR H 590 24.53 46.20 8.12
CA THR H 590 24.90 44.80 8.19
C THR H 590 25.80 44.42 7.03
N LYS H 591 25.59 45.03 5.88
CA LYS H 591 26.41 44.73 4.73
C LYS H 591 27.86 45.15 4.94
N ILE H 592 28.07 46.28 5.60
CA ILE H 592 29.45 46.73 5.74
C ILE H 592 30.25 45.77 6.60
N GLN H 593 29.71 45.29 7.73
CA GLN H 593 30.54 44.40 8.54
C GLN H 593 30.79 43.10 7.81
N GLU H 594 29.78 42.55 7.14
CA GLU H 594 30.04 41.31 6.44
C GLU H 594 31.05 41.56 5.34
N ALA H 595 31.05 42.76 4.77
CA ALA H 595 32.06 43.04 3.77
C ALA H 595 33.43 43.13 4.42
N GLN H 596 33.46 43.65 5.65
CA GLN H 596 34.72 43.77 6.36
C GLN H 596 35.34 42.39 6.58
N LEU H 597 34.51 41.42 6.95
CA LEU H 597 35.03 40.09 7.24
C LEU H 597 35.49 39.42 5.95
N ASN H 598 34.79 39.62 4.84
CA ASN H 598 35.25 38.95 3.65
C ASN H 598 36.64 39.41 3.28
N ILE H 599 36.88 40.71 3.34
CA ILE H 599 38.17 41.20 2.89
C ILE H 599 39.28 40.89 3.88
N ASN H 600 38.99 40.92 5.18
CA ASN H 600 40.07 40.68 6.13
C ASN H 600 40.47 39.23 6.15
N GLN H 601 39.51 38.33 6.01
CA GLN H 601 39.86 36.92 6.02
C GLN H 601 40.72 36.57 4.82
N GLU H 602 40.45 37.21 3.68
CA GLU H 602 41.21 36.86 2.49
C GLU H 602 42.65 37.27 2.66
N TRP H 603 42.91 38.46 3.20
CA TRP H 603 44.29 38.86 3.26
C TRP H 603 45.06 38.22 4.40
N ASN H 604 44.37 37.71 5.41
CA ASN H 604 45.14 37.05 6.45
C ASN H 604 45.81 35.79 5.89
N LYS H 605 45.12 35.09 5.00
CA LYS H 605 45.74 33.91 4.42
C LYS H 605 46.82 34.32 3.43
N ALA H 606 46.56 35.34 2.63
CA ALA H 606 47.56 35.76 1.66
C ALA H 606 48.80 36.29 2.34
N LEU H 607 48.68 36.78 3.56
CA LEU H 607 49.85 37.34 4.22
C LEU H 607 50.49 36.39 5.21
N GLY H 608 49.70 35.66 5.96
CA GLY H 608 50.18 34.74 6.96
C GLY H 608 49.96 35.23 8.37
N LEU H 609 49.08 36.12 8.56
CA LEU H 609 48.78 36.71 9.84
C LEU H 609 47.79 35.86 10.59
N PRO H 610 47.70 35.99 11.91
CA PRO H 610 46.67 35.27 12.64
C PRO H 610 45.30 35.56 12.05
N LYS H 611 44.45 34.52 12.08
CA LYS H 611 43.15 34.62 11.45
C LYS H 611 42.37 35.85 11.89
N TYR H 612 42.36 36.16 13.17
CA TYR H 612 41.52 37.28 13.61
C TYR H 612 42.29 38.52 14.00
N THR H 613 42.48 39.38 13.02
CA THR H 613 43.08 40.67 13.19
C THR H 613 42.11 41.61 12.51
N LYS H 614 42.01 42.83 13.01
CA LYS H 614 41.08 43.79 12.43
C LYS H 614 41.90 44.85 11.72
N LEU H 615 42.25 44.57 10.48
CA LEU H 615 43.19 45.42 9.77
C LEU H 615 42.53 46.33 8.75
N ILE H 616 41.54 45.90 7.97
CA ILE H 616 41.15 46.82 6.90
C ILE H 616 39.85 47.46 7.39
N THR H 617 39.68 47.57 8.70
CA THR H 617 38.43 48.13 9.19
C THR H 617 38.18 49.51 8.58
N PHE H 618 37.01 49.69 8.00
CA PHE H 618 36.61 50.98 7.45
C PHE H 618 35.22 51.37 7.92
N ASN H 619 35.05 52.62 8.31
CA ASN H 619 33.74 53.11 8.72
C ASN H 619 33.39 54.23 7.77
N VAL H 620 32.32 54.05 7.02
CA VAL H 620 31.90 55.00 5.99
C VAL H 620 30.44 55.35 6.15
N HIS H 621 30.12 56.63 6.08
CA HIS H 621 28.75 57.07 6.11
C HIS H 621 28.48 58.19 5.09
N ASN H 622 28.46 57.87 3.79
CA ASN H 622 28.27 58.92 2.79
C ASN H 622 27.58 58.36 1.55
N ARG H 623 27.52 59.19 0.52
CA ARG H 623 26.75 58.87 -0.67
C ARG H 623 27.39 57.86 -1.60
N TYR H 624 28.71 57.72 -1.58
CA TYR H 624 29.32 56.85 -2.56
C TYR H 624 29.92 55.59 -1.95
N ALA H 625 29.49 55.28 -0.73
CA ALA H 625 29.94 54.12 0.04
C ALA H 625 30.22 52.86 -0.78
N SER H 626 29.18 52.35 -1.41
CA SER H 626 29.30 51.05 -2.04
C SER H 626 30.44 50.96 -3.03
N ASN H 627 30.78 52.04 -3.71
CA ASN H 627 31.88 51.88 -4.64
C ASN H 627 33.20 51.83 -3.90
N ILE H 628 33.28 52.58 -2.82
CA ILE H 628 34.51 52.62 -2.03
C ILE H 628 34.84 51.24 -1.51
N VAL H 629 33.85 50.55 -0.97
CA VAL H 629 34.13 49.24 -0.41
C VAL H 629 34.65 48.32 -1.51
N GLU H 630 33.95 48.28 -2.63
CA GLU H 630 34.37 47.40 -3.69
C GLU H 630 35.73 47.84 -4.24
N SER H 631 36.06 49.12 -4.13
CA SER H 631 37.32 49.56 -4.71
C SER H 631 38.51 49.05 -3.93
N ALA H 632 38.28 48.53 -2.73
CA ALA H 632 39.37 47.90 -1.99
C ALA H 632 39.83 46.64 -2.68
N TYR H 633 38.90 45.85 -3.20
CA TYR H 633 39.23 44.61 -3.88
C TYR H 633 40.04 44.84 -5.15
N LEU H 634 40.42 46.06 -5.40
CA LEU H 634 41.20 46.36 -6.58
C LEU H 634 42.50 47.07 -6.25
N ILE H 635 42.47 47.96 -5.28
CA ILE H 635 43.67 48.67 -4.88
C ILE H 635 44.70 47.70 -4.33
N LEU H 636 44.25 46.73 -3.56
CA LEU H 636 45.20 45.80 -2.98
C LEU H 636 45.75 44.85 -4.02
N ASN H 637 44.93 44.45 -4.99
CA ASN H 637 45.42 43.55 -6.03
C ASN H 637 46.57 44.20 -6.78
N GLU H 638 46.42 45.47 -7.13
CA GLU H 638 47.49 46.17 -7.81
C GLU H 638 48.63 46.40 -6.83
N TRP H 639 48.29 46.48 -5.56
CA TRP H 639 49.31 46.72 -4.56
C TRP H 639 50.21 45.51 -4.38
N LYS H 640 49.63 44.33 -4.34
CA LYS H 640 50.42 43.13 -4.11
C LYS H 640 51.29 42.78 -5.32
N ASN H 641 50.67 42.57 -6.48
CA ASN H 641 51.37 42.18 -7.70
C ASN H 641 52.53 43.08 -8.08
N ASN H 642 52.64 44.26 -7.47
CA ASN H 642 53.67 45.21 -7.85
C ASN H 642 54.82 45.35 -6.87
N ILE H 643 54.74 44.79 -5.67
CA ILE H 643 55.82 44.98 -4.71
C ILE H 643 56.42 43.64 -4.34
N GLN H 644 57.73 43.64 -4.07
CA GLN H 644 58.41 42.41 -3.69
C GLN H 644 57.79 41.79 -2.45
N SER H 645 57.35 40.53 -2.62
CA SER H 645 56.63 39.78 -1.59
C SER H 645 57.23 39.86 -0.19
N ASP H 646 58.56 39.81 -0.07
CA ASP H 646 59.10 39.73 1.28
C ASP H 646 58.95 41.04 2.01
N LEU H 647 58.89 42.14 1.27
CA LEU H 647 58.71 43.44 1.89
C LEU H 647 57.33 43.56 2.50
N ILE H 648 56.31 43.10 1.80
CA ILE H 648 54.95 43.18 2.34
C ILE H 648 54.87 42.45 3.66
N LYS H 649 55.21 41.16 3.68
CA LYS H 649 55.12 40.40 4.91
C LYS H 649 55.86 41.10 6.03
N LYS H 650 57.11 41.47 5.79
CA LYS H 650 57.89 42.10 6.84
C LYS H 650 57.23 43.39 7.31
N VAL H 651 56.71 44.18 6.38
CA VAL H 651 56.13 45.47 6.74
C VAL H 651 54.78 45.27 7.39
N THR H 652 54.02 44.30 6.91
CA THR H 652 52.75 44.01 7.54
C THR H 652 52.98 43.57 8.97
N ASN H 653 54.05 42.80 9.18
CA ASN H 653 54.37 42.36 10.53
C ASN H 653 54.59 43.56 11.44
N TYR H 654 55.28 44.58 10.94
CA TYR H 654 55.50 45.74 11.80
C TYR H 654 54.18 46.36 12.20
N LEU H 655 53.28 46.51 11.24
CA LEU H 655 52.02 47.17 11.53
C LEU H 655 51.18 46.37 12.50
N VAL H 656 51.14 45.05 12.30
CA VAL H 656 50.35 44.20 13.16
C VAL H 656 50.94 44.14 14.55
N ASP H 657 52.27 44.25 14.67
CA ASP H 657 52.87 44.20 15.98
C ASP H 657 52.29 45.25 16.91
N GLY H 658 51.51 46.16 16.35
CA GLY H 658 50.83 47.17 17.13
C GLY H 658 49.39 47.07 16.70
N ASN H 659 48.59 47.98 17.20
CA ASN H 659 47.16 47.93 16.97
C ASN H 659 46.77 48.68 15.73
N GLY H 660 47.74 49.15 14.95
CA GLY H 660 47.42 49.96 13.80
C GLY H 660 46.61 49.17 12.80
N ARG H 661 45.72 49.89 12.12
CA ARG H 661 44.89 49.31 11.09
C ARG H 661 44.72 50.26 9.91
N PHE H 662 44.53 49.69 8.73
CA PHE H 662 44.18 50.55 7.62
C PHE H 662 42.75 51.01 7.82
N VAL H 663 42.47 52.24 7.40
CA VAL H 663 41.15 52.81 7.61
C VAL H 663 40.76 53.57 6.35
N PHE H 664 39.76 53.09 5.65
CA PHE H 664 39.22 53.73 4.47
C PHE H 664 37.95 54.46 4.84
N THR H 665 37.89 55.75 4.56
CA THR H 665 36.74 56.50 4.99
C THR H 665 36.25 57.43 3.92
N ASP H 666 35.08 57.96 4.19
CA ASP H 666 34.41 58.94 3.37
C ASP H 666 34.06 60.18 4.18
N ILE H 667 34.70 60.36 5.32
CA ILE H 667 34.55 61.55 6.14
C ILE H 667 35.92 62.20 6.20
N THR H 668 35.95 63.48 6.60
CA THR H 668 37.24 64.17 6.61
C THR H 668 38.17 63.53 7.61
N LEU H 669 39.42 63.38 7.20
CA LEU H 669 40.40 62.70 8.03
C LEU H 669 40.45 63.22 9.45
N PRO H 670 40.44 64.54 9.70
CA PRO H 670 40.54 65.00 11.08
C PRO H 670 39.44 64.52 11.98
N ASN H 671 38.42 63.88 11.44
CA ASN H 671 37.28 63.51 12.26
C ASN H 671 37.13 62.02 12.49
N ILE H 672 38.10 61.21 12.09
CA ILE H 672 37.78 59.79 12.19
C ILE H 672 37.79 59.22 13.61
N ALA H 673 38.97 59.00 14.18
CA ALA H 673 39.10 58.69 15.59
C ALA H 673 40.55 58.85 15.99
N GLU H 674 41.37 58.07 15.29
CA GLU H 674 42.78 57.94 15.64
C GLU H 674 43.53 59.26 15.51
N GLN H 675 43.28 59.98 14.42
CA GLN H 675 44.10 61.15 14.12
C GLN H 675 44.04 62.19 15.24
N TYR H 676 42.84 62.56 15.68
CA TYR H 676 42.73 63.64 16.65
C TYR H 676 43.41 63.30 17.97
N THR H 677 43.22 62.07 18.46
CA THR H 677 43.64 61.75 19.82
C THR H 677 45.13 61.98 20.04
N HIS H 678 45.97 61.39 19.20
CA HIS H 678 47.41 61.41 19.46
C HIS H 678 48.05 62.78 19.23
N GLN H 679 47.60 63.52 18.23
CA GLN H 679 48.20 64.82 17.97
C GLN H 679 48.03 65.75 19.16
N ASP H 680 46.81 65.81 19.70
CA ASP H 680 46.43 66.46 20.96
C ASP H 680 46.26 67.96 20.81
N GLU H 681 47.07 68.59 19.95
CA GLU H 681 46.83 69.99 19.65
C GLU H 681 45.57 70.10 18.80
N ILE H 682 44.76 71.12 19.05
CA ILE H 682 43.62 71.33 18.18
C ILE H 682 44.09 71.72 16.78
N TYR H 683 45.06 72.64 16.71
CA TYR H 683 45.60 73.13 15.46
C TYR H 683 46.42 72.10 14.70
N GLU H 684 46.75 70.95 15.29
CA GLU H 684 47.57 69.99 14.59
C GLU H 684 46.78 69.19 13.57
N GLN H 685 45.55 69.57 13.29
CA GLN H 685 44.72 68.84 12.34
C GLN H 685 45.28 69.01 10.93
N VAL H 686 45.27 67.93 10.16
CA VAL H 686 45.68 67.96 8.77
C VAL H 686 44.73 67.09 7.96
N HIS H 687 44.29 67.61 6.81
CA HIS H 687 43.46 66.89 5.86
C HIS H 687 44.05 66.93 4.47
N SER H 688 43.98 65.82 3.78
CA SER H 688 44.51 65.66 2.43
C SER H 688 44.03 64.31 1.91
N LYS H 689 44.58 63.89 0.78
CA LYS H 689 44.16 62.64 0.15
C LYS H 689 44.51 61.43 0.99
N GLY H 690 45.63 61.48 1.70
CA GLY H 690 46.08 60.37 2.51
C GLY H 690 46.83 60.88 3.71
N LEU H 691 47.05 59.98 4.67
CA LEU H 691 47.74 60.39 5.88
C LEU H 691 48.27 59.15 6.57
N TYR H 692 49.41 59.34 7.22
CA TYR H 692 50.10 58.32 7.97
C TYR H 692 50.41 58.73 9.40
N VAL H 693 50.03 57.88 10.34
CA VAL H 693 50.27 58.16 11.75
C VAL H 693 51.36 57.21 12.23
N PRO H 694 52.59 57.69 12.45
CA PRO H 694 53.62 56.79 12.96
C PRO H 694 53.25 56.25 14.33
N GLU H 695 52.74 57.13 15.18
CA GLU H 695 52.38 56.76 16.54
C GLU H 695 51.39 55.61 16.56
N SER H 696 50.42 55.64 15.66
CA SER H 696 49.42 54.59 15.64
C SER H 696 49.65 53.55 14.56
N ARG H 697 50.63 53.75 13.69
CA ARG H 697 50.95 52.80 12.64
C ARG H 697 49.68 52.42 11.88
N SER H 698 49.01 53.43 11.37
CA SER H 698 47.78 53.22 10.64
C SER H 698 47.83 54.00 9.33
N ILE H 699 47.19 53.45 8.31
CA ILE H 699 47.12 54.09 7.01
C ILE H 699 45.69 54.53 6.77
N LEU H 700 45.52 55.81 6.47
CA LEU H 700 44.20 56.37 6.27
C LEU H 700 44.04 56.76 4.81
N LEU H 701 42.96 56.31 4.18
CA LEU H 701 42.66 56.66 2.79
C LEU H 701 41.27 57.25 2.66
N HIS H 702 41.21 58.55 2.41
CA HIS H 702 39.95 59.22 2.20
C HIS H 702 39.64 59.15 0.71
N GLY H 703 38.69 58.31 0.35
CA GLY H 703 38.30 58.14 -1.02
C GLY H 703 37.75 59.36 -1.72
N PRO H 704 36.68 59.95 -1.17
CA PRO H 704 36.01 61.07 -1.86
C PRO H 704 36.89 62.16 -2.42
N SER H 705 37.99 62.55 -1.78
CA SER H 705 38.68 63.67 -2.38
C SER H 705 39.54 63.22 -3.56
N LYS H 706 39.96 64.19 -4.37
CA LYS H 706 40.76 63.94 -5.57
C LYS H 706 42.12 64.58 -5.45
N GLY H 707 43.18 63.77 -5.62
CA GLY H 707 44.51 64.30 -5.60
C GLY H 707 44.74 65.30 -6.71
N VAL H 708 45.14 66.51 -6.37
CA VAL H 708 45.44 67.51 -7.39
C VAL H 708 46.61 67.10 -8.27
N GLU H 709 47.29 66.02 -7.93
CA GLU H 709 48.46 65.57 -8.66
C GLU H 709 48.30 64.11 -9.05
N LEU H 710 47.96 63.26 -8.07
CA LEU H 710 47.85 61.84 -8.30
C LEU H 710 46.93 61.54 -9.47
N ARG H 711 47.25 60.46 -10.18
CA ARG H 711 46.48 60.05 -11.34
C ARG H 711 45.32 59.14 -10.96
N ASN H 712 45.51 58.29 -9.97
CA ASN H 712 44.45 57.40 -9.53
C ASN H 712 44.53 57.25 -8.02
N ASP H 713 43.70 56.35 -7.49
CA ASP H 713 43.64 56.10 -6.06
C ASP H 713 44.78 55.22 -5.56
N SER H 714 45.16 54.21 -6.35
CA SER H 714 46.25 53.33 -5.93
C SER H 714 47.49 54.13 -5.57
N GLU H 715 47.84 55.11 -6.40
CA GLU H 715 49.02 55.91 -6.12
C GLU H 715 48.88 56.63 -4.79
N GLY H 716 47.67 57.10 -4.47
CA GLY H 716 47.46 57.73 -3.18
C GLY H 716 47.81 56.78 -2.06
N PHE H 717 47.43 55.52 -2.23
CA PHE H 717 47.76 54.52 -1.24
C PHE H 717 49.27 54.33 -1.16
N ILE H 718 49.89 54.06 -2.29
CA ILE H 718 51.33 53.81 -2.31
C ILE H 718 52.09 54.95 -1.65
N HIS H 719 51.62 56.19 -1.82
CA HIS H 719 52.30 57.31 -1.18
C HIS H 719 52.25 57.17 0.32
N GLU H 720 51.08 56.89 0.86
CA GLU H 720 50.99 56.71 2.30
C GLU H 720 51.78 55.48 2.71
N PHE H 721 51.73 54.45 1.87
CA PHE H 721 52.50 53.25 2.16
C PHE H 721 53.97 53.60 2.31
N GLY H 722 54.46 54.50 1.46
CA GLY H 722 55.83 54.93 1.56
C GLY H 722 56.16 55.51 2.93
N HIS H 723 55.23 56.28 3.50
CA HIS H 723 55.52 56.92 4.78
C HIS H 723 55.68 55.91 5.90
N ALA H 724 54.86 54.86 5.92
CA ALA H 724 55.00 53.89 6.98
C ALA H 724 56.27 53.07 6.83
N VAL H 725 56.51 52.58 5.62
CA VAL H 725 57.68 51.75 5.37
C VAL H 725 58.94 52.49 5.71
N ASP H 726 58.99 53.76 5.35
CA ASP H 726 60.17 54.56 5.67
C ASP H 726 60.45 54.53 7.16
N ASP H 727 59.41 54.43 7.99
CA ASP H 727 59.58 54.43 9.43
C ASP H 727 60.21 53.14 9.93
N TYR H 728 59.79 52.01 9.37
CA TYR H 728 60.33 50.72 9.80
C TYR H 728 61.80 50.58 9.50
N ALA H 729 62.24 50.98 8.31
CA ALA H 729 63.66 50.90 7.99
C ALA H 729 64.50 51.57 9.06
N GLY H 730 64.10 52.76 9.50
CA GLY H 730 64.81 53.42 10.57
C GLY H 730 64.71 52.67 11.90
N TYR H 731 63.57 52.03 12.14
CA TYR H 731 63.40 51.29 13.38
C TYR H 731 64.34 50.11 13.48
N LEU H 732 64.66 49.47 12.36
CA LEU H 732 65.44 48.26 12.47
C LEU H 732 66.86 48.60 12.87
N LEU H 733 67.33 49.80 12.53
CA LEU H 733 68.70 50.15 12.85
C LEU H 733 68.91 50.18 14.35
N ASP H 734 67.96 50.76 15.09
CA ASP H 734 68.06 50.83 16.54
C ASP H 734 66.66 50.73 17.14
N LYS H 735 66.51 49.88 18.15
CA LYS H 735 65.18 49.63 18.71
C LYS H 735 64.78 50.69 19.73
N ASN H 736 65.72 51.08 20.60
CA ASN H 736 65.40 52.01 21.68
C ASN H 736 65.01 53.37 21.13
N GLN H 737 65.72 53.83 20.11
CA GLN H 737 65.53 55.17 19.61
C GLN H 737 64.45 55.14 18.54
N SER H 738 63.52 56.09 18.63
CA SER H 738 62.48 56.27 17.64
C SER H 738 62.94 57.36 16.70
N ASP H 739 63.22 57.00 15.46
CA ASP H 739 63.71 57.99 14.50
C ASP H 739 63.42 57.52 13.09
N LEU H 740 63.53 58.45 12.15
CA LEU H 740 63.23 58.16 10.76
C LEU H 740 64.54 57.87 10.02
N VAL H 741 64.43 57.44 8.76
CA VAL H 741 65.63 57.26 7.94
C VAL H 741 66.34 58.58 7.68
N THR H 742 65.61 59.64 7.43
CA THR H 742 66.27 60.93 7.37
C THR H 742 66.70 61.34 8.76
N ASN H 743 67.57 62.34 8.79
CA ASN H 743 68.33 62.87 9.91
C ASN H 743 69.64 62.10 10.03
N SER H 744 69.83 61.06 9.24
CA SER H 744 71.11 60.37 9.13
C SER H 744 71.93 61.04 8.05
N LYS H 745 73.14 61.46 8.40
CA LYS H 745 73.95 62.26 7.48
C LYS H 745 74.11 61.60 6.12
N LYS H 746 73.84 60.31 6.01
CA LYS H 746 73.96 59.64 4.73
C LYS H 746 72.71 59.81 3.86
N PHE H 747 71.76 60.65 4.25
CA PHE H 747 70.60 60.84 3.39
C PHE H 747 70.22 62.31 3.21
N ILE H 748 70.41 63.12 4.25
CA ILE H 748 70.10 64.55 4.18
C ILE H 748 70.81 65.20 3.00
N ASP H 749 72.10 64.92 2.88
CA ASP H 749 72.89 65.44 1.78
C ASP H 749 72.32 65.01 0.43
N ILE H 750 71.91 63.75 0.32
CA ILE H 750 71.37 63.26 -0.94
C ILE H 750 70.17 64.09 -1.35
N PHE H 751 69.42 64.62 -0.37
CA PHE H 751 68.28 65.46 -0.73
C PHE H 751 68.71 66.84 -1.18
N LYS H 752 69.93 67.25 -0.86
CA LYS H 752 70.37 68.58 -1.26
C LYS H 752 70.83 68.63 -2.70
N GLU H 753 71.16 67.48 -3.29
CA GLU H 753 71.68 67.44 -4.65
C GLU H 753 70.64 67.00 -5.69
N GLU H 754 70.08 65.80 -5.54
CA GLU H 754 69.12 65.28 -6.50
C GLU H 754 67.69 65.64 -6.15
N GLY H 755 67.44 66.19 -4.97
CA GLY H 755 66.11 66.56 -4.52
C GLY H 755 65.25 67.34 -5.48
N SER H 756 65.86 68.04 -6.43
CA SER H 756 65.15 68.89 -7.37
C SER H 756 65.17 68.37 -8.81
N ASN H 757 65.35 67.06 -9.00
CA ASN H 757 65.43 66.53 -10.35
C ASN H 757 64.15 65.83 -10.76
N LEU H 758 63.08 65.95 -9.99
CA LEU H 758 61.81 65.32 -10.29
C LEU H 758 60.70 66.33 -10.04
N THR H 759 59.49 65.84 -9.73
CA THR H 759 58.36 66.73 -9.53
C THR H 759 58.62 67.72 -8.39
N SER H 760 58.01 68.90 -8.54
CA SER H 760 58.15 69.96 -7.56
C SER H 760 57.49 69.61 -6.24
N TYR H 761 56.52 68.70 -6.26
CA TYR H 761 55.85 68.34 -5.00
C TYR H 761 56.82 67.62 -4.08
N GLY H 762 57.64 66.71 -4.62
CA GLY H 762 58.59 66.00 -3.79
C GLY H 762 59.68 66.88 -3.23
N ARG H 763 59.95 68.01 -3.88
CA ARG H 763 60.95 68.96 -3.42
C ARG H 763 60.59 69.60 -2.08
N THR H 764 59.33 69.48 -1.65
CA THR H 764 58.89 70.09 -0.40
C THR H 764 59.82 69.75 0.76
N ASN H 765 59.98 68.46 1.04
CA ASN H 765 60.89 68.08 2.12
C ASN H 765 61.29 66.62 1.95
N GLU H 766 62.20 66.19 2.83
CA GLU H 766 62.76 64.84 2.76
C GLU H 766 61.71 63.75 2.96
N ALA H 767 60.80 63.91 3.93
CA ALA H 767 59.87 62.83 4.22
C ALA H 767 59.00 62.49 3.01
N GLU H 768 58.37 63.51 2.43
CA GLU H 768 57.56 63.28 1.24
C GLU H 768 58.42 62.84 0.07
N PHE H 769 59.65 63.35 0.01
CA PHE H 769 60.57 63.05 -1.09
C PHE H 769 60.79 61.56 -1.25
N PHE H 770 61.00 60.85 -0.15
CA PHE H 770 61.17 59.41 -0.26
C PHE H 770 59.95 58.78 -0.91
N ALA H 771 58.75 59.18 -0.47
CA ALA H 771 57.52 58.61 -1.01
C ALA H 771 57.34 58.80 -2.51
N GLU H 772 57.68 59.97 -3.08
CA GLU H 772 57.46 60.10 -4.52
C GLU H 772 58.31 59.10 -5.29
N ALA H 773 59.59 59.01 -4.93
CA ALA H 773 60.48 58.08 -5.62
C ALA H 773 60.01 56.65 -5.45
N PHE H 774 59.48 56.33 -4.27
CA PHE H 774 59.10 54.95 -4.02
C PHE H 774 58.05 54.49 -5.01
N ARG H 775 57.00 55.28 -5.24
CA ARG H 775 56.04 54.84 -6.24
C ARG H 775 56.71 54.77 -7.60
N LEU H 776 57.45 55.81 -7.94
CA LEU H 776 58.07 55.85 -9.25
C LEU H 776 58.98 54.65 -9.50
N MET H 777 59.82 54.26 -8.53
CA MET H 777 60.65 53.11 -8.83
C MET H 777 59.83 51.85 -9.01
N HIS H 778 58.60 51.83 -8.52
CA HIS H 778 57.75 50.65 -8.65
C HIS H 778 56.54 50.92 -9.51
N SER H 779 56.57 51.98 -10.30
CA SER H 779 55.46 52.30 -11.18
C SER H 779 55.22 51.16 -12.18
N THR H 780 53.98 51.11 -12.70
CA THR H 780 53.61 50.10 -13.66
C THR H 780 54.15 50.38 -15.05
N ASP H 781 54.54 51.63 -15.32
CA ASP H 781 55.07 52.02 -16.62
C ASP H 781 56.59 51.98 -16.48
N HIS H 782 57.20 50.95 -17.06
CA HIS H 782 58.64 50.78 -16.94
C HIS H 782 59.39 52.06 -17.33
N ALA H 783 58.82 52.84 -18.24
CA ALA H 783 59.45 54.09 -18.62
C ALA H 783 59.66 54.98 -17.40
N GLU H 784 58.61 55.15 -16.59
CA GLU H 784 58.75 55.93 -15.35
C GLU H 784 59.90 55.39 -14.52
N ARG H 785 59.98 54.06 -14.39
CA ARG H 785 61.08 53.48 -13.64
C ARG H 785 62.39 53.89 -14.28
N LEU H 786 62.44 53.83 -15.62
CA LEU H 786 63.63 54.24 -16.33
C LEU H 786 63.90 55.72 -16.08
N LYS H 787 62.86 56.53 -16.10
CA LYS H 787 62.98 57.97 -15.89
C LYS H 787 63.71 58.30 -14.59
N VAL H 788 63.24 57.75 -13.47
CA VAL H 788 63.89 58.02 -12.19
C VAL H 788 65.33 57.53 -12.16
N GLN H 789 65.68 56.54 -12.99
CA GLN H 789 67.04 56.05 -13.01
C GLN H 789 67.98 57.09 -13.59
N LYS H 790 67.61 57.69 -14.70
CA LYS H 790 68.47 58.64 -15.38
C LYS H 790 68.35 60.04 -14.80
N ASN H 791 67.44 60.24 -13.85
CA ASN H 791 67.28 61.53 -13.22
C ASN H 791 67.80 61.58 -11.80
N ALA H 792 67.86 60.44 -11.12
CA ALA H 792 68.35 60.37 -9.75
C ALA H 792 69.11 59.06 -9.59
N PRO H 793 70.25 58.93 -10.27
CA PRO H 793 71.01 57.68 -10.20
C PRO H 793 71.46 57.30 -8.80
N LYS H 794 71.80 58.28 -7.95
CA LYS H 794 72.31 57.98 -6.62
C LYS H 794 71.24 57.34 -5.75
N THR H 795 70.07 57.95 -5.69
CA THR H 795 68.97 57.41 -4.89
C THR H 795 68.68 55.98 -5.26
N PHE H 796 68.78 55.65 -6.55
CA PHE H 796 68.41 54.31 -6.99
C PHE H 796 69.21 53.22 -6.29
N GLN H 797 70.49 53.45 -6.05
CA GLN H 797 71.20 52.39 -5.34
C GLN H 797 70.96 52.50 -3.85
N PHE H 798 70.67 53.71 -3.37
CA PHE H 798 70.41 53.93 -1.95
C PHE H 798 69.18 53.20 -1.49
N ILE H 799 68.07 53.35 -2.21
CA ILE H 799 66.81 52.70 -1.86
C ILE H 799 66.95 51.18 -1.80
N ASN H 800 67.66 50.59 -2.75
CA ASN H 800 67.87 49.14 -2.74
C ASN H 800 68.59 48.67 -1.49
N ASP H 801 69.24 49.56 -0.76
CA ASP H 801 69.96 49.15 0.44
C ASP H 801 69.09 49.06 1.68
N GLN H 802 68.01 49.83 1.77
CA GLN H 802 67.19 49.66 2.97
C GLN H 802 66.35 48.39 2.85
N ILE H 803 65.82 48.13 1.67
CA ILE H 803 65.01 46.94 1.48
C ILE H 803 65.83 45.67 1.64
N LYS H 804 67.15 45.76 1.53
CA LYS H 804 67.98 44.57 1.67
C LYS H 804 67.80 43.95 3.04
N PHE H 805 67.75 44.80 4.06
CA PHE H 805 67.53 44.38 5.43
C PHE H 805 66.27 43.54 5.47
N ILE H 806 66.44 42.23 5.59
CA ILE H 806 65.34 41.29 5.57
C ILE H 806 65.69 40.11 6.46
N GLN I 65 11.20 3.24 -5.94
CA GLN I 65 12.43 3.26 -6.72
C GLN I 65 12.71 4.67 -7.23
N GLU I 66 11.69 5.29 -7.81
CA GLU I 66 11.84 6.67 -8.25
C GLU I 66 12.15 7.59 -7.07
N GLU I 67 11.69 7.21 -5.89
CA GLU I 67 11.95 8.04 -4.72
C GLU I 67 13.44 8.07 -4.42
N HIS I 68 14.06 6.90 -4.38
CA HIS I 68 15.44 6.76 -3.93
C HIS I 68 16.42 7.52 -4.81
N LEU I 69 16.20 7.54 -6.12
CA LEU I 69 17.16 8.19 -7.01
C LEU I 69 17.52 9.60 -6.54
N LYS I 70 16.55 10.37 -6.07
CA LYS I 70 16.80 11.76 -5.69
C LYS I 70 17.91 11.90 -4.65
N GLU I 71 17.82 11.15 -3.54
CA GLU I 71 18.78 11.36 -2.45
C GLU I 71 20.20 11.06 -2.90
N ILE I 72 20.41 9.96 -3.62
CA ILE I 72 21.75 9.65 -4.11
C ILE I 72 22.20 10.74 -5.06
N MET I 73 21.29 11.24 -5.89
CA MET I 73 21.65 12.21 -6.89
C MET I 73 22.27 13.46 -6.28
N LYS I 74 21.64 14.00 -5.24
CA LYS I 74 22.16 15.24 -4.68
C LYS I 74 23.56 15.04 -4.12
N HIS I 75 23.78 13.96 -3.36
CA HIS I 75 25.07 13.75 -2.72
C HIS I 75 26.24 13.66 -3.70
N ILE I 76 26.07 13.02 -4.85
CA ILE I 76 27.26 12.83 -5.67
C ILE I 76 27.56 13.96 -6.65
N VAL I 77 26.57 14.68 -7.13
CA VAL I 77 26.76 15.59 -8.23
C VAL I 77 26.97 17.02 -7.72
N LYS I 78 28.21 17.38 -7.45
CA LYS I 78 28.47 18.72 -6.94
C LYS I 78 28.31 19.69 -8.09
N ILE I 79 27.32 20.59 -7.98
CA ILE I 79 26.88 21.38 -9.13
C ILE I 79 27.98 22.30 -9.63
N GLU I 80 28.72 22.94 -8.74
CA GLU I 80 29.72 23.89 -9.15
C GLU I 80 31.02 23.63 -8.42
N VAL I 81 32.11 24.11 -8.99
CA VAL I 81 33.44 23.90 -8.45
C VAL I 81 33.86 25.13 -7.66
N LYS I 82 33.82 24.99 -6.33
CA LYS I 82 34.29 26.04 -5.44
C LYS I 82 35.61 26.62 -5.94
N GLY I 83 36.52 25.75 -6.30
CA GLY I 83 37.83 26.19 -6.73
C GLY I 83 38.92 25.35 -6.11
N GLU I 84 40.16 25.58 -6.53
CA GLU I 84 41.28 24.78 -6.05
C GLU I 84 41.65 25.11 -4.62
N GLU I 85 41.65 26.40 -4.26
CA GLU I 85 42.13 26.78 -2.95
C GLU I 85 41.02 27.24 -2.02
N ALA I 86 39.85 27.58 -2.53
CA ALA I 86 38.78 28.03 -1.64
C ALA I 86 38.43 26.94 -0.64
N VAL I 87 38.25 25.71 -1.10
CA VAL I 87 37.92 24.59 -0.23
C VAL I 87 38.79 24.55 1.02
N LYS I 88 40.09 24.82 0.87
CA LYS I 88 40.96 24.76 2.04
C LYS I 88 40.53 25.77 3.09
N LYS I 89 40.32 27.01 2.67
CA LYS I 89 39.90 28.03 3.62
C LYS I 89 38.54 27.69 4.21
N GLU I 90 37.65 27.17 3.39
CA GLU I 90 36.31 26.86 3.85
C GLU I 90 36.34 25.70 4.83
N ALA I 91 37.25 24.76 4.64
CA ALA I 91 37.30 23.62 5.53
C ALA I 91 37.68 24.03 6.95
N ALA I 92 38.77 24.77 7.09
CA ALA I 92 39.22 25.14 8.41
C ALA I 92 38.18 25.95 9.16
N GLU I 93 37.60 26.94 8.49
CA GLU I 93 36.61 27.76 9.17
C GLU I 93 35.44 26.92 9.66
N LYS I 94 34.99 25.97 8.86
CA LYS I 94 33.91 25.14 9.37
C LYS I 94 34.36 24.38 10.59
N LEU I 95 35.62 23.92 10.59
CA LEU I 95 36.08 23.13 11.72
C LEU I 95 36.00 23.93 13.02
N LEU I 96 36.64 25.09 13.04
CA LEU I 96 36.60 25.87 14.26
C LEU I 96 35.20 26.27 14.64
N GLU I 97 34.26 26.25 13.69
CA GLU I 97 32.91 26.64 14.03
C GLU I 97 32.32 25.77 15.13
N LYS I 98 32.47 24.45 15.04
CA LYS I 98 31.84 23.58 16.03
C LYS I 98 32.25 23.85 17.47
N VAL I 99 33.38 24.49 17.72
CA VAL I 99 33.77 24.70 19.10
C VAL I 99 32.99 25.92 19.57
N PRO I 100 32.48 25.92 20.80
CA PRO I 100 31.70 27.07 21.26
C PRO I 100 32.48 28.36 21.13
N SER I 101 31.84 29.36 20.53
CA SER I 101 32.48 30.64 20.26
C SER I 101 33.15 31.21 21.51
N ASP I 102 32.50 31.05 22.66
CA ASP I 102 33.01 31.66 23.87
C ASP I 102 34.44 31.23 24.17
N VAL I 103 34.83 30.04 23.72
CA VAL I 103 36.20 29.58 23.90
C VAL I 103 37.17 30.45 23.12
N LEU I 104 36.81 30.79 21.89
CA LEU I 104 37.69 31.59 21.06
C LEU I 104 37.97 32.96 21.68
N GLU I 105 36.98 33.56 22.31
CA GLU I 105 37.21 34.86 22.91
C GLU I 105 38.19 34.74 24.06
N MET I 106 38.15 33.65 24.78
CA MET I 106 39.11 33.49 25.86
C MET I 106 40.52 33.38 25.31
N TYR I 107 40.69 32.66 24.20
CA TYR I 107 42.02 32.52 23.60
C TYR I 107 42.63 33.85 23.18
N LYS I 108 41.87 34.66 22.45
CA LYS I 108 42.42 35.94 22.00
C LYS I 108 42.82 36.83 23.18
N ALA I 109 42.00 36.86 24.22
CA ALA I 109 42.28 37.71 25.38
C ALA I 109 43.62 37.39 26.02
N ILE I 110 44.06 36.14 25.94
CA ILE I 110 45.32 35.83 26.61
C ILE I 110 46.47 36.00 25.65
N GLY I 111 46.22 36.64 24.52
CA GLY I 111 47.35 36.91 23.66
C GLY I 111 47.38 36.41 22.24
N GLY I 112 48.24 35.42 22.00
CA GLY I 112 48.48 34.96 20.65
C GLY I 112 47.30 34.27 20.03
N LYS I 113 47.27 34.26 18.71
CA LYS I 113 46.16 33.68 17.99
C LYS I 113 46.65 32.70 16.94
N ILE I 114 45.78 31.75 16.67
CA ILE I 114 46.05 30.67 15.72
C ILE I 114 46.08 31.19 14.29
N TYR I 115 47.14 30.84 13.56
CA TYR I 115 47.26 31.15 12.14
C TYR I 115 47.54 29.86 11.37
N ILE I 116 46.85 29.68 10.25
CA ILE I 116 46.89 28.46 9.46
C ILE I 116 47.92 28.58 8.34
N VAL I 117 48.93 27.73 8.39
CA VAL I 117 49.98 27.69 7.38
C VAL I 117 49.48 26.73 6.33
N ASP I 118 50.17 26.64 5.22
CA ASP I 118 49.79 25.72 4.16
C ASP I 118 50.78 24.60 3.90
N GLY I 119 52.07 24.85 4.01
CA GLY I 119 53.08 23.86 3.72
C GLY I 119 53.46 23.00 4.90
N ASP I 120 54.67 22.44 4.83
CA ASP I 120 55.19 21.57 5.87
C ASP I 120 55.29 22.31 7.20
N ILE I 121 54.45 21.93 8.15
CA ILE I 121 54.40 22.56 9.46
C ILE I 121 55.78 22.56 10.09
N THR I 122 56.63 21.64 9.63
CA THR I 122 57.96 21.50 10.21
C THR I 122 58.80 22.75 10.03
N LYS I 123 58.49 23.59 9.03
CA LYS I 123 59.34 24.72 8.67
C LYS I 123 58.54 26.00 8.67
N HIS I 124 58.52 26.69 9.80
CA HIS I 124 57.88 27.99 9.89
C HIS I 124 58.69 28.85 10.83
N ILE I 125 58.74 30.15 10.53
CA ILE I 125 59.57 31.08 11.29
C ILE I 125 59.25 31.03 12.77
N SER I 126 57.97 31.07 13.11
CA SER I 126 57.59 31.11 14.51
C SER I 126 58.03 29.86 15.26
N LEU I 127 58.01 28.70 14.61
CA LEU I 127 58.29 27.45 15.27
C LEU I 127 59.66 26.85 14.97
N GLU I 128 60.35 27.31 13.92
CA GLU I 128 61.62 26.70 13.56
C GLU I 128 62.66 26.91 14.64
N ALA I 129 62.70 28.10 15.22
CA ALA I 129 63.70 28.45 16.21
C ALA I 129 63.42 27.90 17.59
N LEU I 130 62.35 27.14 17.79
CA LEU I 130 62.05 26.72 19.15
C LEU I 130 61.58 25.29 19.27
N SER I 131 62.11 24.61 20.29
CA SER I 131 61.74 23.25 20.68
C SER I 131 62.13 22.18 19.67
N GLU I 132 63.25 22.34 18.97
CA GLU I 132 63.68 21.27 18.05
C GLU I 132 63.79 19.94 18.78
N ASP I 133 64.26 19.97 20.02
CA ASP I 133 64.45 18.74 20.78
C ASP I 133 63.13 18.02 21.00
N LYS I 134 62.08 18.75 21.31
CA LYS I 134 60.79 18.15 21.62
C LYS I 134 60.14 17.63 20.34
N LYS I 135 60.87 16.82 19.59
CA LYS I 135 60.37 16.22 18.36
C LYS I 135 59.41 15.08 18.62
N LYS I 136 59.32 14.60 19.86
CA LYS I 136 58.48 13.47 20.21
C LYS I 136 57.15 13.96 20.77
N ILE I 137 56.07 13.61 20.10
CA ILE I 137 54.73 13.99 20.50
C ILE I 137 53.94 12.69 20.60
N LYS I 138 52.89 12.70 21.41
CA LYS I 138 52.06 11.52 21.56
C LYS I 138 50.65 11.88 21.10
N ASP I 139 50.14 11.10 20.14
CA ASP I 139 48.82 11.32 19.61
C ASP I 139 47.75 10.99 20.65
N ILE I 140 46.50 11.11 20.23
CA ILE I 140 45.39 10.81 21.11
C ILE I 140 45.45 9.36 21.52
N TYR I 141 45.92 8.52 20.63
CA TYR I 141 46.00 7.11 20.91
C TYR I 141 47.26 6.77 21.67
N GLY I 142 48.09 7.76 21.95
CA GLY I 142 49.27 7.55 22.74
C GLY I 142 50.48 7.14 21.93
N LYS I 143 50.33 6.98 20.63
CA LYS I 143 51.46 6.61 19.81
C LYS I 143 52.27 7.83 19.41
N ASP I 144 53.59 7.66 19.40
CA ASP I 144 54.46 8.78 19.13
C ASP I 144 54.55 9.04 17.65
N ALA I 145 54.56 10.31 17.27
CA ALA I 145 54.73 10.64 15.88
C ALA I 145 55.72 11.78 15.77
N LEU I 146 56.51 11.76 14.70
CA LEU I 146 57.43 12.86 14.46
C LEU I 146 56.64 14.09 14.01
N LEU I 147 57.14 15.26 14.37
CA LEU I 147 56.40 16.47 14.10
C LEU I 147 56.25 16.73 12.61
N HIS I 148 57.30 16.53 11.83
CA HIS I 148 57.23 16.88 10.42
C HIS I 148 56.06 16.17 9.76
N GLU I 149 55.92 14.87 10.01
CA GLU I 149 54.79 14.15 9.43
C GLU I 149 53.48 14.68 9.97
N HIS I 150 53.44 15.01 11.25
CA HIS I 150 52.19 15.44 11.86
C HIS I 150 51.67 16.72 11.25
N TYR I 151 50.37 16.87 11.31
CA TYR I 151 49.69 17.95 10.61
C TYR I 151 49.15 19.04 11.53
N VAL I 152 49.49 19.03 12.81
CA VAL I 152 49.07 20.14 13.66
C VAL I 152 49.85 20.14 14.97
N TYR I 153 50.47 21.26 15.29
CA TYR I 153 51.21 21.42 16.54
C TYR I 153 50.86 22.73 17.24
N ALA I 154 51.08 22.75 18.54
CA ALA I 154 50.82 23.95 19.33
C ALA I 154 51.94 24.11 20.33
N LYS I 155 52.12 25.32 20.83
CA LYS I 155 53.22 25.60 21.76
C LYS I 155 52.76 26.57 22.82
N GLU I 156 53.15 26.28 24.06
CA GLU I 156 52.79 27.06 25.23
C GLU I 156 53.94 27.96 25.68
N GLY I 157 53.69 29.26 25.75
CA GLY I 157 54.70 30.19 26.22
C GLY I 157 54.13 31.56 26.51
N TYR I 158 55.02 32.56 26.48
CA TYR I 158 54.60 33.95 26.69
C TYR I 158 53.63 34.39 25.62
N GLU I 159 53.88 33.99 24.38
CA GLU I 159 52.99 34.23 23.24
C GLU I 159 52.33 32.91 22.93
N PRO I 160 51.22 32.57 23.58
CA PRO I 160 50.53 31.32 23.28
C PRO I 160 50.18 31.27 21.80
N VAL I 161 50.73 30.28 21.10
CA VAL I 161 50.45 30.15 19.69
C VAL I 161 50.03 28.72 19.37
N LEU I 162 49.06 28.60 18.46
CA LEU I 162 48.57 27.34 17.93
C LEU I 162 48.55 27.41 16.41
N VAL I 163 49.16 26.45 15.77
CA VAL I 163 49.25 26.43 14.32
C VAL I 163 48.62 25.16 13.77
N ILE I 164 47.79 25.31 12.73
CA ILE I 164 47.07 24.20 12.09
C ILE I 164 47.41 24.14 10.62
N GLN I 165 47.68 22.95 10.11
CA GLN I 165 48.04 22.75 8.72
C GLN I 165 46.80 22.63 7.86
N SER I 166 46.74 23.43 6.81
CA SER I 166 45.54 23.43 5.97
C SER I 166 45.43 22.13 5.20
N SER I 167 44.20 21.67 5.03
CA SER I 167 43.91 20.48 4.27
C SER I 167 42.46 20.54 3.84
N GLU I 168 42.12 19.71 2.87
CA GLU I 168 40.79 19.70 2.27
C GLU I 168 39.90 18.62 2.84
N ASP I 169 40.40 17.82 3.76
CA ASP I 169 39.70 16.66 4.26
C ASP I 169 39.30 16.79 5.72
N TYR I 170 38.83 17.95 6.13
CA TYR I 170 38.43 18.02 7.52
C TYR I 170 36.97 17.74 7.74
N VAL I 171 36.14 18.04 6.75
CA VAL I 171 34.73 17.71 6.88
C VAL I 171 34.51 16.23 6.62
N GLU I 172 35.14 15.69 5.59
CA GLU I 172 34.86 14.33 5.18
C GLU I 172 35.24 13.31 6.24
N ASN I 173 36.43 13.39 6.79
CA ASN I 173 36.86 12.37 7.72
C ASN I 173 36.67 12.88 9.13
N THR I 174 37.05 12.07 10.11
CA THR I 174 36.95 12.59 11.45
C THR I 174 38.24 12.47 12.24
N GLU I 175 39.09 11.50 11.90
CA GLU I 175 40.30 11.29 12.68
C GLU I 175 41.17 12.52 12.74
N LYS I 176 41.10 13.38 11.73
CA LYS I 176 41.93 14.57 11.76
C LYS I 176 41.35 15.64 12.65
N ALA I 177 40.04 15.78 12.64
CA ALA I 177 39.40 16.79 13.48
C ALA I 177 39.60 16.48 14.93
N LEU I 178 39.58 15.20 15.27
CA LEU I 178 39.73 14.84 16.66
C LEU I 178 41.05 15.35 17.22
N ASN I 179 42.13 15.28 16.45
CA ASN I 179 43.38 15.81 16.98
C ASN I 179 43.30 17.31 17.16
N VAL I 180 42.62 17.99 16.26
CA VAL I 180 42.51 19.44 16.40
C VAL I 180 41.75 19.78 17.65
N TYR I 181 40.61 19.13 17.85
CA TYR I 181 39.89 19.40 19.06
C TYR I 181 40.70 19.01 20.26
N TYR I 182 41.54 17.99 20.12
CA TYR I 182 42.38 17.60 21.23
C TYR I 182 43.33 18.72 21.59
N GLU I 183 43.84 19.40 20.58
CA GLU I 183 44.75 20.48 20.86
C GLU I 183 44.07 21.69 21.44
N ILE I 184 42.80 21.91 21.11
CA ILE I 184 42.14 23.06 21.69
C ILE I 184 41.94 22.88 23.16
N GLY I 185 41.61 21.66 23.58
CA GLY I 185 41.44 21.44 25.01
C GLY I 185 42.70 21.55 25.85
N LYS I 186 43.86 21.20 25.31
CA LYS I 186 45.03 21.31 26.15
C LYS I 186 45.37 22.76 26.35
N ILE I 187 45.18 23.56 25.32
CA ILE I 187 45.39 24.99 25.48
C ILE I 187 44.39 25.50 26.48
N LEU I 188 43.16 25.01 26.39
CA LEU I 188 42.14 25.47 27.30
C LEU I 188 42.48 25.12 28.73
N SER I 189 42.87 23.87 28.98
CA SER I 189 43.13 23.46 30.35
C SER I 189 44.44 23.97 30.92
N ARG I 190 45.51 23.94 30.14
CA ARG I 190 46.82 24.28 30.64
C ARG I 190 47.13 25.76 30.61
N ASP I 191 46.67 26.42 29.58
CA ASP I 191 47.00 27.81 29.41
C ASP I 191 45.89 28.75 29.83
N ILE I 192 44.64 28.36 29.65
CA ILE I 192 43.57 29.28 29.99
C ILE I 192 43.16 29.13 31.44
N LEU I 193 42.53 28.01 31.77
CA LEU I 193 42.05 27.78 33.13
C LEU I 193 43.13 27.88 34.19
N SER I 194 44.37 27.54 33.85
CA SER I 194 45.42 27.54 34.87
C SER I 194 45.60 28.89 35.52
N LYS I 195 45.25 29.98 34.85
CA LYS I 195 45.37 31.27 35.48
C LYS I 195 44.35 31.42 36.61
N ILE I 196 43.33 30.58 36.63
CA ILE I 196 42.32 30.59 37.67
C ILE I 196 42.25 29.27 38.42
N ASN I 197 43.05 28.29 38.02
CA ASN I 197 43.03 26.98 38.68
C ASN I 197 41.62 26.39 38.62
N GLN I 198 40.96 26.56 37.49
CA GLN I 198 39.56 26.14 37.39
C GLN I 198 39.38 24.65 37.57
N PRO I 199 40.19 23.76 37.00
CA PRO I 199 40.02 22.35 37.31
C PRO I 199 40.23 22.18 38.79
N TYR I 200 39.20 21.68 39.48
CA TYR I 200 39.35 21.58 40.92
C TYR I 200 38.40 20.48 41.42
N GLN I 201 37.87 20.57 42.64
CA GLN I 201 37.18 19.42 43.23
C GLN I 201 36.08 18.88 42.34
N LYS I 202 35.31 19.74 41.71
CA LYS I 202 34.25 19.20 40.87
C LYS I 202 34.87 18.31 39.81
N PHE I 203 35.94 18.78 39.19
CA PHE I 203 36.59 17.90 38.25
C PHE I 203 37.20 16.73 39.03
N LEU I 204 37.71 17.02 40.23
CA LEU I 204 38.30 15.93 40.99
C LEU I 204 37.24 14.97 41.47
N ASP I 205 36.02 15.44 41.68
CA ASP I 205 35.00 14.58 42.24
C ASP I 205 34.53 13.56 41.23
N VAL I 206 34.26 14.01 40.01
CA VAL I 206 33.98 13.06 38.95
C VAL I 206 35.16 12.14 38.77
N LEU I 207 36.36 12.72 38.74
CA LEU I 207 37.55 11.92 38.59
C LEU I 207 37.60 10.80 39.61
N ASN I 208 37.39 11.13 40.88
CA ASN I 208 37.45 10.08 41.89
C ASN I 208 36.40 9.00 41.66
N THR I 209 35.22 9.36 41.17
CA THR I 209 34.19 8.36 40.96
C THR I 209 34.54 7.41 39.84
N ILE I 210 35.44 7.81 38.96
CA ILE I 210 35.78 6.96 37.83
C ILE I 210 36.67 5.83 38.29
N LYS I 211 37.61 6.13 39.17
CA LYS I 211 38.55 5.10 39.58
C LYS I 211 37.80 3.94 40.20
N ASN I 212 36.83 4.25 41.06
CA ASN I 212 36.08 3.21 41.75
C ASN I 212 34.74 3.05 41.02
N ALA I 213 34.70 2.09 40.10
CA ALA I 213 33.46 1.77 39.42
C ALA I 213 33.60 0.39 38.80
N SER I 214 32.47 -0.32 38.75
CA SER I 214 32.43 -1.68 38.25
C SER I 214 33.13 -1.88 36.92
N ASP I 215 34.26 -2.59 36.93
CA ASP I 215 35.02 -3.01 35.75
C ASP I 215 34.80 -1.99 34.65
N SER I 216 35.00 -0.74 34.96
CA SER I 216 34.72 0.31 34.02
C SER I 216 35.94 0.59 33.15
N ASP I 217 35.88 0.14 31.91
CA ASP I 217 36.95 0.44 30.97
C ASP I 217 37.12 1.93 30.75
N GLY I 218 36.22 2.75 31.32
CA GLY I 218 36.36 4.18 31.19
C GLY I 218 37.76 4.59 31.57
N GLN I 219 38.30 3.94 32.60
CA GLN I 219 39.65 4.21 33.03
C GLN I 219 40.60 4.03 31.87
N ASP I 220 40.49 2.90 31.19
CA ASP I 220 41.35 2.65 30.04
C ASP I 220 41.26 3.80 29.06
N LEU I 221 40.09 4.42 28.97
CA LEU I 221 39.89 5.48 27.99
C LEU I 221 40.56 6.78 28.36
N LEU I 222 40.63 7.10 29.64
CA LEU I 222 41.12 8.41 30.01
C LEU I 222 42.42 8.43 30.80
N PHE I 223 42.80 7.35 31.46
CA PHE I 223 43.99 7.34 32.28
C PHE I 223 45.18 6.79 31.52
N THR I 224 46.35 7.36 31.81
CA THR I 224 47.57 6.84 31.23
C THR I 224 48.02 5.67 32.11
N ASN I 225 49.23 5.17 31.88
CA ASN I 225 49.68 4.05 32.70
C ASN I 225 49.99 4.52 34.12
N GLN I 226 50.60 5.69 34.24
CA GLN I 226 50.94 6.21 35.55
C GLN I 226 49.73 6.28 36.46
N LEU I 227 48.57 6.62 35.91
CA LEU I 227 47.42 6.76 36.79
C LEU I 227 46.83 5.43 37.19
N LYS I 228 46.74 4.48 36.26
CA LYS I 228 46.15 3.18 36.54
C LYS I 228 46.91 2.42 37.61
N GLU I 229 47.98 3.00 38.12
CA GLU I 229 48.82 2.34 39.10
C GLU I 229 48.88 3.10 40.41
N HIS I 230 48.08 4.14 40.57
CA HIS I 230 48.01 4.77 41.86
C HIS I 230 47.02 4.00 42.70
N PRO I 231 47.48 3.28 43.72
CA PRO I 231 46.58 2.32 44.39
C PRO I 231 45.39 2.94 45.06
N THR I 232 45.53 4.05 45.74
CA THR I 232 44.39 4.55 46.48
C THR I 232 43.69 5.62 45.66
N ASP I 233 42.67 6.21 46.26
CA ASP I 233 41.92 7.23 45.54
C ASP I 233 42.76 8.49 45.42
N PHE I 234 42.38 9.30 44.45
CA PHE I 234 43.13 10.51 44.18
C PHE I 234 42.92 11.56 45.26
N SER I 235 43.97 12.33 45.49
CA SER I 235 44.02 13.31 46.57
C SER I 235 44.39 14.65 45.96
N VAL I 236 43.91 15.71 46.60
CA VAL I 236 44.12 17.06 46.09
C VAL I 236 45.60 17.33 46.03
N GLU I 237 46.39 16.60 46.80
CA GLU I 237 47.81 16.79 46.73
C GLU I 237 48.36 16.33 45.39
N PHE I 238 47.85 15.22 44.84
CA PHE I 238 48.44 14.75 43.58
C PHE I 238 48.33 15.80 42.50
N LEU I 239 47.15 16.43 42.37
CA LEU I 239 47.00 17.44 41.33
C LEU I 239 48.04 18.53 41.51
N GLU I 240 48.33 18.88 42.76
CA GLU I 240 49.29 19.93 43.02
C GLU I 240 50.69 19.46 42.67
N GLN I 241 51.06 18.27 43.16
CA GLN I 241 52.38 17.75 42.90
C GLN I 241 52.53 17.39 41.44
N ASN I 242 51.49 16.80 40.88
CA ASN I 242 51.46 16.46 39.47
C ASN I 242 50.28 17.18 38.86
N SER I 243 50.55 18.09 37.96
CA SER I 243 49.49 18.87 37.34
C SER I 243 49.55 18.75 35.84
N ASN I 244 50.54 18.05 35.33
CA ASN I 244 50.58 17.76 33.91
C ASN I 244 49.66 16.58 33.61
N GLU I 245 49.64 15.62 34.53
CA GLU I 245 48.86 14.42 34.31
C GLU I 245 47.37 14.73 34.26
N VAL I 246 46.89 15.54 35.19
CA VAL I 246 45.47 15.84 35.23
C VAL I 246 45.02 16.62 33.99
N GLN I 247 45.78 17.63 33.59
CA GLN I 247 45.35 18.42 32.45
C GLN I 247 45.14 17.63 31.15
N GLU I 248 45.90 16.57 30.88
CA GLU I 248 45.61 15.86 29.65
C GLU I 248 44.25 15.19 29.69
N VAL I 249 43.96 14.53 30.81
CA VAL I 249 42.69 13.84 30.94
C VAL I 249 41.56 14.80 30.72
N PHE I 250 41.69 16.03 31.20
CA PHE I 250 40.64 16.98 30.88
C PHE I 250 40.48 17.10 29.38
N ALA I 251 41.60 17.30 28.69
CA ALA I 251 41.55 17.49 27.24
C ALA I 251 40.83 16.36 26.51
N LYS I 252 41.16 15.10 26.86
CA LYS I 252 40.50 14.01 26.16
C LYS I 252 39.00 14.11 26.34
N ALA I 253 38.56 14.28 27.59
CA ALA I 253 37.13 14.36 27.82
C ALA I 253 36.54 15.48 27.01
N PHE I 254 37.19 16.62 27.01
CA PHE I 254 36.69 17.72 26.22
C PHE I 254 36.60 17.33 24.77
N ALA I 255 37.67 16.72 24.27
CA ALA I 255 37.73 16.35 22.86
C ALA I 255 36.60 15.42 22.44
N TYR I 256 36.45 14.30 23.13
CA TYR I 256 35.41 13.38 22.71
C TYR I 256 34.06 14.04 22.73
N TYR I 257 33.86 15.03 23.56
CA TYR I 257 32.52 15.58 23.61
C TYR I 257 32.17 16.41 22.41
N ILE I 258 33.13 17.12 21.82
CA ILE I 258 32.78 18.03 20.74
C ILE I 258 32.42 17.28 19.47
N GLU I 259 33.19 16.29 19.09
CA GLU I 259 32.94 15.62 17.83
C GLU I 259 31.64 14.83 17.81
N PRO I 260 30.63 15.28 17.09
CA PRO I 260 29.33 14.62 17.09
C PRO I 260 29.32 13.09 17.02
N GLN I 261 30.01 12.50 16.05
CA GLN I 261 29.97 11.04 15.96
C GLN I 261 30.58 10.35 17.15
N HIS I 262 31.46 10.98 17.88
CA HIS I 262 32.02 10.28 19.02
C HIS I 262 31.25 10.58 20.29
N ARG I 263 30.34 11.52 20.21
CA ARG I 263 29.61 11.95 21.39
C ARG I 263 28.95 10.79 22.07
N ASP I 264 28.36 9.91 21.31
CA ASP I 264 27.65 8.80 21.92
C ASP I 264 28.61 7.90 22.67
N VAL I 265 29.79 7.66 22.11
CA VAL I 265 30.73 6.78 22.78
C VAL I 265 31.05 7.28 24.17
N LEU I 266 31.29 8.57 24.31
CA LEU I 266 31.64 9.10 25.62
C LEU I 266 30.55 8.83 26.64
N GLN I 267 29.33 9.24 26.34
CA GLN I 267 28.26 9.06 27.31
C GLN I 267 28.13 7.60 27.67
N LEU I 268 28.54 6.71 26.77
CA LEU I 268 28.37 5.30 27.05
C LEU I 268 29.35 4.78 28.10
N TYR I 269 30.63 5.11 28.00
CA TYR I 269 31.53 4.51 28.97
C TYR I 269 31.81 5.31 30.24
N ALA I 270 31.60 6.61 30.27
CA ALA I 270 31.84 7.42 31.46
C ALA I 270 30.66 8.35 31.63
N PRO I 271 29.54 7.83 32.09
CA PRO I 271 28.33 8.66 32.16
C PRO I 271 28.52 9.96 32.89
N GLU I 272 29.03 9.92 34.12
CA GLU I 272 29.23 11.16 34.85
C GLU I 272 30.18 12.11 34.13
N ALA I 273 31.24 11.60 33.51
CA ALA I 273 32.16 12.48 32.81
C ALA I 273 31.45 13.17 31.67
N PHE I 274 30.62 12.42 30.98
CA PHE I 274 29.81 13.00 29.93
C PHE I 274 28.90 14.04 30.53
N ASN I 275 28.32 13.71 31.68
CA ASN I 275 27.41 14.63 32.34
C ASN I 275 28.10 15.94 32.65
N TYR I 276 29.33 15.87 33.15
CA TYR I 276 30.07 17.08 33.48
C TYR I 276 30.21 18.02 32.27
N MET I 277 30.68 17.51 31.13
CA MET I 277 30.80 18.40 29.97
C MET I 277 29.47 18.86 29.43
N ASP I 278 28.41 18.09 29.60
CA ASP I 278 27.15 18.55 29.05
C ASP I 278 26.72 19.81 29.77
N LYS I 279 26.79 19.79 31.10
CA LYS I 279 26.43 20.97 31.86
C LYS I 279 27.48 22.05 31.71
N PHE I 280 28.70 21.67 31.39
CA PHE I 280 29.78 22.62 31.26
C PHE I 280 29.64 23.52 30.05
N ASN I 281 29.43 22.93 28.88
CA ASN I 281 29.31 23.77 27.69
C ASN I 281 27.97 24.48 27.61
N GLU I 282 26.97 23.99 28.31
CA GLU I 282 25.65 24.61 28.20
C GLU I 282 25.64 25.97 28.88
N GLN I 283 25.90 26.01 30.18
CA GLN I 283 25.77 27.27 30.89
C GLN I 283 26.91 27.54 31.87
N GLU I 284 28.06 26.89 31.69
CA GLU I 284 29.17 27.11 32.60
C GLU I 284 30.39 27.64 31.87
N ILE I 285 30.19 28.22 30.69
CA ILE I 285 31.28 28.79 29.95
C ILE I 285 31.25 30.31 29.93
N ASN I 286 30.07 30.91 29.97
CA ASN I 286 30.00 32.35 30.15
C ASN I 286 30.64 32.75 31.46
N LEU I 287 30.52 31.90 32.48
CA LEU I 287 31.17 32.23 33.75
C LEU I 287 32.68 32.20 33.63
N SER I 288 33.21 31.37 32.74
CA SER I 288 34.64 31.31 32.57
C SER I 288 35.19 32.62 32.02
N LEU I 289 34.54 33.16 31.00
CA LEU I 289 35.04 34.40 30.41
C LEU I 289 35.00 35.57 31.39
N GLU I 290 33.89 35.75 32.10
CA GLU I 290 33.80 36.90 32.97
C GLU I 290 34.87 36.84 34.04
N GLU I 291 35.09 35.67 34.62
CA GLU I 291 36.08 35.59 35.68
C GLU I 291 37.46 35.81 35.10
N LEU I 292 37.71 35.33 33.88
CA LEU I 292 38.99 35.58 33.24
C LEU I 292 39.18 37.06 33.02
N LYS I 293 38.15 37.74 32.54
CA LYS I 293 38.24 39.17 32.34
C LYS I 293 38.52 39.92 33.64
N ASP I 294 38.11 39.36 34.78
CA ASP I 294 38.30 40.02 36.07
C ASP I 294 39.76 40.16 36.48
N GLN I 295 40.70 39.64 35.71
CA GLN I 295 42.09 39.88 36.04
C GLN I 295 42.64 41.09 35.30
N ARG I 296 42.02 41.45 34.19
CA ARG I 296 42.57 42.55 33.41
C ARG I 296 42.11 43.86 34.03
N MET I 297 43.09 44.67 34.42
CA MET I 297 42.80 45.99 34.99
C MET I 297 41.90 46.78 34.05
N LEU I 298 42.23 46.81 32.77
CA LEU I 298 41.43 47.62 31.87
C LEU I 298 40.02 47.09 31.78
N ALA I 299 39.86 45.77 31.94
CA ALA I 299 38.52 45.22 31.91
C ALA I 299 37.69 45.71 33.09
N ARG I 300 38.28 45.77 34.28
CA ARG I 300 37.51 46.32 35.38
C ARG I 300 37.21 47.78 35.10
N TYR I 301 38.17 48.49 34.52
CA TYR I 301 37.99 49.91 34.30
C TYR I 301 37.02 50.19 33.16
N GLU I 302 37.07 49.40 32.07
CA GLU I 302 36.04 49.58 31.06
C GLU I 302 34.70 49.26 31.69
N LYS I 303 34.68 48.26 32.55
CA LYS I 303 33.46 47.92 33.25
C LYS I 303 33.02 49.12 34.06
N TRP I 304 33.98 49.78 34.71
CA TRP I 304 33.68 50.94 35.51
C TRP I 304 33.08 52.03 34.64
N GLU I 305 33.63 52.21 33.46
CA GLU I 305 33.12 53.23 32.55
C GLU I 305 31.64 53.00 32.30
N LYS I 306 31.30 51.77 31.89
CA LYS I 306 29.93 51.46 31.51
C LYS I 306 28.98 51.61 32.68
N ILE I 307 29.37 51.09 33.84
CA ILE I 307 28.45 51.11 34.98
C ILE I 307 28.19 52.54 35.44
N LYS I 308 29.24 53.35 35.57
CA LYS I 308 29.05 54.71 36.06
C LYS I 308 28.26 55.56 35.09
N GLN I 309 28.49 55.39 33.79
CA GLN I 309 27.84 56.25 32.82
C GLN I 309 26.31 56.14 32.84
N HIS I 310 25.77 54.93 32.86
CA HIS I 310 24.34 54.81 32.58
C HIS I 310 23.44 55.39 33.66
N TYR I 311 23.60 54.97 34.91
CA TYR I 311 22.67 55.45 35.94
C TYR I 311 23.01 56.84 36.46
N GLN I 312 24.06 57.47 35.94
CA GLN I 312 24.50 58.76 36.46
C GLN I 312 23.39 59.81 36.34
N HIS I 313 22.70 59.84 35.21
CA HIS I 313 21.67 60.87 35.00
C HIS I 313 20.63 60.85 36.10
N TRP I 314 20.09 59.67 36.42
CA TRP I 314 19.13 59.63 37.51
C TRP I 314 19.84 59.83 38.84
N SER I 315 21.08 59.37 38.93
CA SER I 315 21.83 59.51 40.18
C SER I 315 22.05 60.98 40.45
N ASP I 316 22.33 61.75 39.41
CA ASP I 316 22.49 63.19 39.57
C ASP I 316 21.16 63.79 40.04
N SER I 317 20.05 63.29 39.49
CA SER I 317 18.74 63.78 39.89
C SER I 317 18.49 63.51 41.36
N LEU I 318 18.95 62.37 41.85
CA LEU I 318 18.69 61.96 43.22
C LEU I 318 19.27 63.00 44.18
N SER I 319 18.47 63.38 45.17
CA SER I 319 18.86 64.41 46.12
C SER I 319 19.70 63.82 47.24
N GLU I 320 20.45 64.71 47.91
CA GLU I 320 21.23 64.30 49.07
C GLU I 320 20.34 63.81 50.19
N GLU I 321 19.17 64.43 50.37
CA GLU I 321 18.23 63.96 51.38
C GLU I 321 17.77 62.53 51.08
N GLY I 322 17.51 62.23 49.80
CA GLY I 322 17.19 60.86 49.46
C GLY I 322 18.35 59.94 49.76
N ARG I 323 19.56 60.40 49.49
CA ARG I 323 20.75 59.62 49.83
C ARG I 323 20.81 59.43 51.33
N GLY I 324 20.37 60.43 52.09
CA GLY I 324 20.28 60.40 53.53
C GLY I 324 19.91 59.00 53.99
N LEU I 325 18.81 58.50 53.43
CA LEU I 325 18.36 57.16 53.81
C LEU I 325 19.43 56.14 53.47
N LEU I 326 19.98 56.22 52.26
CA LEU I 326 21.05 55.30 51.85
C LEU I 326 22.26 55.45 52.77
N LYS I 327 22.50 56.67 53.25
CA LYS I 327 23.63 56.90 54.15
C LYS I 327 23.45 56.13 55.45
N LYS I 328 22.36 56.39 56.16
CA LYS I 328 22.09 55.67 57.39
C LYS I 328 21.90 54.19 57.12
N LEU I 329 21.60 53.84 55.86
CA LEU I 329 21.52 52.44 55.48
C LEU I 329 22.90 51.81 55.49
N GLN I 330 23.86 52.42 54.80
CA GLN I 330 25.19 51.83 54.70
C GLN I 330 25.83 51.69 56.07
N ILE I 331 25.70 52.70 56.93
CA ILE I 331 26.32 52.68 58.24
C ILE I 331 25.21 52.58 59.29
N PRO I 332 25.15 51.51 60.06
CA PRO I 332 24.11 51.43 61.11
C PRO I 332 24.34 52.42 62.22
N ILE I 333 23.25 52.95 62.77
CA ILE I 333 23.31 53.95 63.84
C ILE I 333 22.99 53.23 65.15
N GLU I 334 23.99 53.17 66.06
CA GLU I 334 23.90 52.50 67.35
C GLU I 334 23.35 53.44 68.42
N PRO I 335 22.72 52.89 69.45
CA PRO I 335 22.20 53.72 70.54
C PRO I 335 23.33 54.33 71.36
N LYS I 336 23.12 55.55 71.82
CA LYS I 336 24.12 56.26 72.62
C LYS I 336 23.86 56.06 74.10
N LYS I 337 24.92 55.69 74.84
CA LYS I 337 24.81 55.47 76.28
C LYS I 337 24.33 56.72 77.01
N ASP I 338 24.99 57.87 76.76
CA ASP I 338 24.63 59.12 77.42
C ASP I 338 23.16 59.49 77.24
N ASP I 339 22.57 59.15 76.10
CA ASP I 339 21.18 59.50 75.86
C ASP I 339 20.25 58.61 76.68
N ILE I 340 20.54 57.31 76.73
CA ILE I 340 19.70 56.37 77.47
C ILE I 340 19.73 56.68 78.96
N ILE I 341 20.92 56.85 79.53
CA ILE I 341 21.05 57.15 80.96
C ILE I 341 20.24 58.40 81.31
N HIS I 342 20.41 59.46 80.53
CA HIS I 342 19.67 60.70 80.77
C HIS I 342 18.17 60.55 80.50
N SER I 343 17.74 59.46 79.87
CA SER I 343 16.35 59.25 79.54
C SER I 343 15.56 58.44 80.57
N LEU I 344 16.22 57.86 81.57
CA LEU I 344 15.46 57.11 82.58
C LEU I 344 15.15 57.95 83.81
N SER I 345 16.17 58.28 84.60
CA SER I 345 16.04 59.18 85.75
C SER I 345 15.17 58.63 86.87
N GLN I 346 14.51 57.48 86.66
CA GLN I 346 13.59 57.00 87.67
C GLN I 346 14.24 55.94 88.55
N GLU I 347 13.48 54.92 88.94
CA GLU I 347 14.00 53.89 89.83
C GLU I 347 15.09 53.05 89.19
N GLU I 348 15.07 52.92 87.86
CA GLU I 348 16.04 52.08 87.15
C GLU I 348 17.47 52.42 87.54
N LYS I 349 17.76 53.71 87.71
CA LYS I 349 19.12 54.10 88.09
C LYS I 349 19.43 53.66 89.51
N GLU I 350 18.47 53.82 90.43
CA GLU I 350 18.68 53.36 91.79
C GLU I 350 19.01 51.87 91.82
N LEU I 351 18.17 51.07 91.17
CA LEU I 351 18.39 49.63 91.11
C LEU I 351 19.75 49.30 90.49
N LEU I 352 20.07 49.95 89.37
CA LEU I 352 21.32 49.68 88.67
C LEU I 352 22.54 49.94 89.54
N LYS I 353 22.50 50.99 90.37
CA LYS I 353 23.62 51.38 91.23
C LYS I 353 24.35 50.19 91.85
N ARG I 354 23.63 49.36 92.60
CA ARG I 354 24.21 48.17 93.26
C ARG I 354 23.43 46.96 92.77
N ILE I 355 23.74 46.50 91.56
CA ILE I 355 23.09 45.35 90.96
C ILE I 355 24.15 44.39 90.45
N GLN I 356 23.87 43.09 90.59
CA GLN I 356 24.78 42.07 90.06
C GLN I 356 24.64 42.06 88.54
N ILE I 357 25.46 42.87 87.87
CA ILE I 357 25.37 43.03 86.42
C ILE I 357 25.47 41.67 85.72
N ASP I 358 26.61 41.00 85.89
CA ASP I 358 26.83 39.73 85.20
C ASP I 358 26.02 38.60 85.82
N SER I 359 24.72 38.81 85.98
CA SER I 359 23.83 37.80 86.54
C SER I 359 22.69 37.46 85.59
N SER I 360 21.92 38.45 85.15
CA SER I 360 20.80 38.20 84.25
C SER I 360 21.28 37.57 82.95
N ASP I 361 20.39 36.77 82.34
CA ASP I 361 20.67 36.12 81.06
C ASP I 361 19.86 36.70 79.91
N PHE I 362 19.23 37.86 80.09
CA PHE I 362 18.42 38.44 79.03
C PHE I 362 19.22 39.35 78.11
N LEU I 363 20.38 39.82 78.55
CA LEU I 363 21.22 40.71 77.76
C LEU I 363 22.37 39.93 77.15
N SER I 364 23.01 40.54 76.17
CA SER I 364 24.15 39.94 75.48
C SER I 364 25.44 40.64 75.89
N THR I 365 26.56 40.10 75.43
CA THR I 365 27.85 40.68 75.76
C THR I 365 27.93 42.12 75.27
N GLU I 366 27.63 42.34 73.98
CA GLU I 366 27.63 43.70 73.45
C GLU I 366 26.58 44.55 74.16
N GLU I 367 25.47 43.94 74.58
CA GLU I 367 24.44 44.69 75.27
C GLU I 367 24.77 44.90 76.74
N LYS I 368 25.55 43.98 77.33
CA LYS I 368 25.96 44.16 78.73
C LYS I 368 26.97 45.29 78.84
N GLU I 369 28.00 45.25 78.00
CA GLU I 369 28.99 46.33 77.98
C GLU I 369 28.31 47.66 77.70
N PHE I 370 27.48 47.70 76.66
CA PHE I 370 26.78 48.94 76.30
C PHE I 370 25.92 49.44 77.46
N LEU I 371 25.15 48.55 78.07
CA LEU I 371 24.30 48.92 79.19
C LEU I 371 25.13 49.33 80.40
N ILE I 376 27.94 53.85 84.83
CA ILE I 376 28.85 54.95 85.12
C ILE I 376 28.31 56.25 84.54
N ASP I 377 27.00 56.27 84.28
CA ASP I 377 26.34 57.45 83.73
C ASP I 377 25.03 57.78 84.44
N ILE I 378 24.78 57.17 85.60
CA ILE I 378 23.56 57.43 86.35
C ILE I 378 23.88 58.26 87.59
N LEU I 401 20.99 40.19 89.48
CA LEU I 401 19.66 40.24 90.10
C LEU I 401 18.74 39.18 89.50
N SER I 402 17.84 38.66 90.33
CA SER I 402 16.90 37.62 89.93
C SER I 402 15.46 37.98 90.31
N GLU I 403 15.14 39.27 90.33
CA GLU I 403 13.79 39.71 90.71
C GLU I 403 13.08 40.48 89.61
N LYS I 404 12.12 41.32 90.02
CA LYS I 404 11.31 42.15 89.14
C LYS I 404 12.11 43.22 88.41
N GLU I 405 13.43 43.25 88.56
CA GLU I 405 14.27 44.24 87.91
C GLU I 405 14.76 43.78 86.55
N LYS I 406 14.76 42.47 86.29
CA LYS I 406 15.16 41.95 84.99
C LYS I 406 14.11 42.15 83.92
N GLU I 407 12.88 42.53 84.31
CA GLU I 407 11.84 42.81 83.32
C GLU I 407 12.06 44.17 82.67
N PHE I 408 12.64 45.12 83.41
CA PHE I 408 12.93 46.42 82.84
C PHE I 408 14.01 46.33 81.78
N LEU I 409 14.89 45.34 81.89
CA LEU I 409 15.95 45.14 80.90
C LEU I 409 15.41 44.53 79.62
N LYS I 410 14.39 43.68 79.72
CA LYS I 410 13.79 43.11 78.51
C LYS I 410 13.16 44.21 77.67
N LYS I 411 12.39 45.10 78.30
CA LYS I 411 11.81 46.22 77.57
C LYS I 411 12.90 47.12 77.01
N LEU I 412 13.90 47.44 77.84
CA LEU I 412 14.99 48.31 77.40
C LEU I 412 15.77 47.71 76.25
N LYS I 413 15.92 46.37 76.23
CA LYS I 413 16.65 45.74 75.14
C LYS I 413 15.98 46.04 73.80
N LEU I 414 14.65 46.09 73.78
CA LEU I 414 13.93 46.43 72.57
C LEU I 414 14.02 47.93 72.29
N ASP I 415 14.05 48.75 73.32
CA ASP I 415 14.15 50.19 73.16
C ASP I 415 15.58 50.66 72.91
N ILE I 416 16.58 49.80 73.16
CA ILE I 416 17.97 50.16 72.99
C ILE I 416 18.56 49.55 71.73
N GLN I 417 17.73 48.95 70.90
CA GLN I 417 18.24 48.37 69.67
C GLN I 417 18.50 49.47 68.65
N PRO I 418 19.54 49.31 67.83
CA PRO I 418 19.83 50.32 66.83
C PRO I 418 18.70 50.42 65.82
N TYR I 419 18.48 51.63 65.32
CA TYR I 419 17.46 51.85 64.31
C TYR I 419 18.00 51.31 63.00
N ASP I 420 17.52 50.13 62.62
CA ASP I 420 18.01 49.44 61.43
C ASP I 420 16.82 48.99 60.59
N ILE I 421 17.10 48.69 59.32
CA ILE I 421 16.08 48.30 58.36
C ILE I 421 16.35 46.91 57.79
N ASN I 422 17.55 46.70 57.24
CA ASN I 422 17.85 45.39 56.68
C ASN I 422 17.75 44.32 57.75
N GLN I 423 18.17 44.64 58.97
CA GLN I 423 18.01 43.69 60.05
C GLN I 423 16.56 43.61 60.43
N ARG I 424 15.89 44.76 60.46
CA ARG I 424 14.48 44.82 60.79
C ARG I 424 13.67 44.04 59.77
N LEU I 425 14.01 44.21 58.50
CA LEU I 425 13.27 43.50 57.47
C LEU I 425 13.57 42.02 57.54
N GLN I 426 14.82 41.68 57.86
CA GLN I 426 15.19 40.29 57.98
C GLN I 426 14.65 39.70 59.28
N ASP I 427 14.71 40.47 60.37
CA ASP I 427 14.20 39.95 61.64
C ASP I 427 12.68 39.81 61.58
N THR I 428 12.00 40.73 60.91
CA THR I 428 10.55 40.73 60.83
C THR I 428 10.02 40.06 59.58
N GLY I 429 10.88 39.73 58.63
CA GLY I 429 10.46 39.10 57.40
C GLY I 429 9.64 39.96 56.46
N GLY I 430 9.71 41.28 56.58
CA GLY I 430 8.96 42.13 55.68
C GLY I 430 7.64 42.64 56.20
N SER I 434 5.45 43.69 65.65
CA SER I 434 6.55 43.51 66.59
C SER I 434 6.27 44.24 67.89
N PRO I 435 5.74 43.52 68.88
CA PRO I 435 5.38 44.19 70.15
C PRO I 435 6.57 44.79 70.89
N SER I 436 7.72 44.10 70.89
CA SER I 436 8.82 44.54 71.76
C SER I 436 9.27 45.94 71.40
N ILE I 437 9.37 46.23 70.10
CA ILE I 437 9.82 47.54 69.65
C ILE I 437 8.79 48.59 70.05
N ASN I 438 9.27 49.79 70.39
CA ASN I 438 8.34 50.85 70.76
C ASN I 438 7.49 51.21 69.55
N LEU I 439 6.21 51.48 69.80
CA LEU I 439 5.28 51.79 68.71
C LEU I 439 5.74 53.04 67.98
N ASP I 440 6.24 54.02 68.75
CA ASP I 440 6.69 55.29 68.17
C ASP I 440 7.83 55.08 67.19
N VAL I 441 8.79 54.24 67.56
CA VAL I 441 9.89 53.95 66.63
C VAL I 441 9.32 53.28 65.39
N ARG I 442 8.28 52.46 65.55
CA ARG I 442 7.69 51.79 64.40
C ARG I 442 7.19 52.81 63.40
N LYS I 443 6.59 53.90 63.88
CA LYS I 443 6.08 54.92 62.99
C LYS I 443 7.20 55.52 62.15
N GLN I 444 8.36 55.75 62.78
CA GLN I 444 9.50 56.24 62.02
C GLN I 444 9.90 55.20 60.99
N TYR I 445 9.93 53.94 61.41
CA TYR I 445 10.20 52.85 60.50
C TYR I 445 9.18 52.87 59.36
N LYS I 446 7.91 53.02 59.71
CA LYS I 446 6.83 52.93 58.72
C LYS I 446 7.02 53.98 57.65
N ARG I 447 7.25 55.23 58.04
CA ARG I 447 7.44 56.27 57.04
C ARG I 447 8.74 56.07 56.29
N ASP I 448 9.81 55.74 57.02
CA ASP I 448 11.13 55.62 56.41
C ASP I 448 11.17 54.48 55.41
N ILE I 449 10.56 53.35 55.76
CA ILE I 449 10.45 52.22 54.83
C ILE I 449 9.60 52.61 53.62
N GLN I 450 8.48 53.29 53.86
CA GLN I 450 7.65 53.73 52.75
C GLN I 450 8.40 54.72 51.88
N ASN I 451 9.09 55.68 52.49
CA ASN I 451 9.80 56.69 51.69
C ASN I 451 10.92 56.05 50.89
N ILE I 452 11.70 55.17 51.50
CA ILE I 452 12.77 54.49 50.78
C ILE I 452 12.18 53.60 49.69
N ASP I 453 11.01 53.01 49.95
CA ASP I 453 10.39 52.14 48.96
C ASP I 453 10.05 52.90 47.70
N ALA I 454 9.49 54.09 47.83
CA ALA I 454 9.09 54.86 46.66
C ALA I 454 10.24 55.62 46.03
N LEU I 455 11.41 54.98 45.91
CA LEU I 455 12.58 55.61 45.34
C LEU I 455 13.00 55.00 44.00
N LEU I 456 13.27 53.70 43.95
CA LEU I 456 13.91 53.08 42.79
C LEU I 456 12.87 52.72 41.73
N HIS I 457 12.71 53.59 40.74
CA HIS I 457 11.94 53.28 39.56
C HIS I 457 12.80 52.72 38.43
N GLN I 458 14.09 52.60 38.66
CA GLN I 458 15.06 52.20 37.63
C GLN I 458 15.28 50.69 37.66
N SER I 459 14.72 50.00 36.67
CA SER I 459 15.02 48.59 36.47
C SER I 459 16.46 48.42 35.98
N ILE I 460 16.99 47.21 36.20
CA ILE I 460 18.38 46.93 35.88
C ILE I 460 18.63 46.98 34.38
N GLY I 461 17.61 46.71 33.56
CA GLY I 461 17.76 46.70 32.13
C GLY I 461 18.64 47.80 31.58
N SER I 462 19.61 47.41 30.76
CA SER I 462 20.56 48.36 30.20
C SER I 462 21.12 47.83 28.88
N ASN I 466 25.29 43.18 28.39
CA ASN I 466 24.79 41.82 28.58
C ASN I 466 24.77 41.45 30.05
N LYS I 467 24.49 40.19 30.35
CA LYS I 467 24.43 39.73 31.73
C LYS I 467 25.71 40.12 32.47
N ILE I 468 25.53 40.91 33.52
CA ILE I 468 26.62 41.35 34.37
C ILE I 468 26.53 40.60 35.70
N TYR I 469 27.65 40.11 36.19
CA TYR I 469 27.67 39.36 37.42
C TYR I 469 28.35 40.22 38.48
N LEU I 470 27.80 40.19 39.68
CA LEU I 470 28.28 41.01 40.78
C LEU I 470 28.66 40.11 41.94
N TYR I 471 29.46 40.66 42.87
CA TYR I 471 30.02 39.87 43.97
C TYR I 471 29.68 40.44 45.34
N GLU I 472 29.61 39.57 46.35
CA GLU I 472 29.32 40.04 47.71
C GLU I 472 29.90 39.01 48.67
N ASN I 473 30.67 39.47 49.65
CA ASN I 473 31.24 38.58 50.65
C ASN I 473 30.30 38.56 51.84
N MET I 474 29.95 37.39 52.36
CA MET I 474 28.96 37.33 53.44
C MET I 474 29.51 36.39 54.51
N ASN I 475 29.17 36.68 55.78
CA ASN I 475 29.61 35.88 56.93
C ASN I 475 28.80 34.60 57.07
N ILE I 476 29.52 33.47 57.13
CA ILE I 476 28.92 32.14 57.26
C ILE I 476 28.06 32.03 58.49
N ASN I 477 28.38 32.77 59.55
CA ASN I 477 27.57 32.64 60.74
C ASN I 477 26.14 33.08 60.48
N ASN I 478 25.90 33.74 59.35
CA ASN I 478 24.56 34.18 58.99
C ASN I 478 23.70 33.07 58.41
N LEU I 479 24.30 32.03 57.83
CA LEU I 479 23.51 30.95 57.25
C LEU I 479 23.32 29.75 58.18
N THR I 480 24.39 29.29 58.83
CA THR I 480 24.29 28.17 59.76
C THR I 480 25.50 28.21 60.68
N ALA I 481 25.31 28.71 61.89
CA ALA I 481 26.40 28.81 62.84
C ALA I 481 26.80 27.47 63.43
N THR I 482 25.97 26.43 63.28
CA THR I 482 26.33 25.15 63.87
C THR I 482 27.40 24.45 63.07
N LEU I 483 27.28 24.47 61.75
CA LEU I 483 28.32 23.88 60.94
C LEU I 483 29.53 24.80 60.88
N GLY I 484 29.29 26.10 60.93
CA GLY I 484 30.35 27.08 60.86
C GLY I 484 31.43 26.92 61.91
N ALA I 485 31.12 26.26 63.02
CA ALA I 485 32.12 26.08 64.05
C ALA I 485 33.16 25.03 63.65
N ASP I 486 32.79 24.11 62.77
CA ASP I 486 33.68 23.05 62.33
C ASP I 486 33.91 23.10 60.83
N LEU I 487 33.55 24.21 60.18
CA LEU I 487 33.74 24.30 58.73
C LEU I 487 35.22 24.24 58.36
N VAL I 488 36.07 24.90 59.12
CA VAL I 488 37.49 24.95 58.83
C VAL I 488 38.21 23.76 59.46
N ASP I 489 39.04 23.09 58.67
CA ASP I 489 39.82 21.97 59.18
C ASP I 489 40.61 22.40 60.42
N SER I 490 40.42 21.66 61.51
CA SER I 490 41.10 22.00 62.76
C SER I 490 42.62 21.96 62.59
N THR I 491 43.11 21.02 61.79
CA THR I 491 44.55 20.86 61.60
C THR I 491 45.08 21.69 60.44
N ASP I 492 44.21 22.31 59.67
CA ASP I 492 44.65 23.13 58.54
C ASP I 492 43.58 24.19 58.30
N ASN I 493 43.85 25.41 58.76
CA ASN I 493 42.87 26.46 58.64
C ASN I 493 42.62 26.89 57.20
N THR I 494 43.45 26.44 56.27
CA THR I 494 43.24 26.77 54.87
C THR I 494 42.32 25.80 54.16
N LYS I 495 42.05 24.63 54.73
CA LYS I 495 41.20 23.63 54.12
C LYS I 495 39.88 23.47 54.88
N ILE I 496 38.85 23.09 54.12
CA ILE I 496 37.50 22.84 54.63
C ILE I 496 37.20 21.35 54.55
N ASN I 497 36.62 20.80 55.61
CA ASN I 497 36.23 19.39 55.62
C ASN I 497 35.09 19.15 54.64
N ARG I 498 35.36 18.31 53.64
CA ARG I 498 34.37 18.04 52.60
C ARG I 498 33.09 17.48 53.16
N GLY I 499 33.17 16.75 54.27
CA GLY I 499 31.98 16.10 54.77
C GLY I 499 30.92 17.11 55.15
N ILE I 500 31.31 18.15 55.87
CA ILE I 500 30.33 19.17 56.22
C ILE I 500 29.93 19.94 54.98
N PHE I 501 30.89 20.15 54.08
CA PHE I 501 30.61 20.81 52.82
C PHE I 501 29.56 20.06 52.04
N ASN I 502 29.71 18.74 51.94
CA ASN I 502 28.76 17.92 51.21
C ASN I 502 27.37 18.05 51.81
N GLU I 503 27.29 18.26 53.11
CA GLU I 503 26.01 18.44 53.76
C GLU I 503 25.34 19.72 53.31
N PHE I 504 26.10 20.80 53.19
CA PHE I 504 25.52 22.07 52.77
C PHE I 504 24.79 21.96 51.45
N LYS I 505 25.37 21.24 50.49
CA LYS I 505 24.76 21.20 49.17
C LYS I 505 23.57 20.27 49.09
N LYS I 506 23.48 19.26 49.95
CA LYS I 506 22.46 18.22 49.86
C LYS I 506 21.12 18.75 49.40
N ASN I 507 20.48 19.54 50.24
CA ASN I 507 19.16 20.05 49.94
C ASN I 507 19.19 21.56 49.74
N PHE I 508 20.29 22.06 49.22
CA PHE I 508 20.42 23.49 48.97
C PHE I 508 20.18 23.78 47.49
N LYS I 509 18.95 24.13 47.17
CA LYS I 509 18.58 24.35 45.78
C LYS I 509 18.16 25.78 45.47
N TYR I 510 17.65 26.53 46.44
CA TYR I 510 17.26 27.92 46.19
C TYR I 510 17.30 28.69 47.50
N SER I 511 17.37 30.02 47.39
CA SER I 511 17.54 30.88 48.56
C SER I 511 16.80 32.20 48.34
N ILE I 512 16.46 32.89 49.44
CA ILE I 512 15.72 34.13 49.34
C ILE I 512 16.35 35.23 50.20
N SER I 513 16.36 36.44 49.63
CA SER I 513 16.83 37.67 50.28
C SER I 513 15.62 38.57 50.49
N SER I 514 15.24 38.80 51.73
CA SER I 514 14.08 39.64 52.01
C SER I 514 14.41 41.13 52.17
N ASN I 515 15.65 41.48 52.48
CA ASN I 515 16.04 42.87 52.66
C ASN I 515 16.80 43.41 51.45
N TYR I 516 17.37 44.61 51.60
CA TYR I 516 18.12 45.27 50.53
C TYR I 516 19.61 44.94 50.64
N MET I 517 20.09 44.07 49.77
CA MET I 517 21.52 43.74 49.74
C MET I 517 22.36 44.90 49.21
N ILE I 518 23.42 45.24 49.95
CA ILE I 518 24.42 46.22 49.53
C ILE I 518 25.66 45.43 49.15
N VAL I 519 25.92 45.28 47.85
CA VAL I 519 27.00 44.43 47.38
C VAL I 519 28.01 45.24 46.57
N ASP I 520 29.20 44.66 46.42
CA ASP I 520 30.29 45.26 45.65
C ASP I 520 30.30 44.78 44.20
N ILE I 521 30.51 45.72 43.28
CA ILE I 521 30.50 45.43 41.85
C ILE I 521 31.66 44.52 41.45
N ASN I 522 32.86 44.81 41.91
CA ASN I 522 34.02 44.01 41.55
C ASN I 522 34.62 43.35 42.77
N GLU I 523 35.08 42.12 42.60
CA GLU I 523 35.60 41.35 43.71
C GLU I 523 36.83 42.03 44.28
N ARG I 524 36.87 42.09 45.58
CA ARG I 524 37.95 42.63 46.40
C ARG I 524 38.21 41.61 47.48
N PRO I 525 39.39 41.63 48.08
CA PRO I 525 39.68 40.65 49.13
C PRO I 525 38.67 40.74 50.26
N ALA I 526 38.29 39.56 50.76
CA ALA I 526 37.28 39.39 51.78
C ALA I 526 37.91 39.34 53.17
N LEU I 527 37.06 39.55 54.17
CA LEU I 527 37.52 39.44 55.53
C LEU I 527 37.67 37.97 55.89
N ASP I 528 38.33 37.71 57.03
CA ASP I 528 38.62 36.34 57.41
C ASP I 528 37.33 35.54 57.58
N ASN I 529 36.36 36.12 58.26
CA ASN I 529 35.07 35.49 58.55
C ASN I 529 34.08 35.59 57.39
N GLU I 530 34.51 36.05 56.22
CA GLU I 530 33.66 36.13 55.04
C GLU I 530 34.16 35.08 54.04
N ARG I 531 33.49 33.93 53.98
CA ARG I 531 33.91 32.90 53.06
C ARG I 531 32.91 32.60 51.94
N LEU I 532 31.84 33.37 51.80
CA LEU I 532 30.86 33.15 50.74
C LEU I 532 31.04 34.17 49.63
N LYS I 533 31.38 33.69 48.42
CA LYS I 533 31.63 34.61 47.31
C LYS I 533 30.45 34.61 46.32
N TRP I 534 29.30 35.07 46.77
CA TRP I 534 28.14 34.99 45.88
C TRP I 534 28.32 35.76 44.59
N ARG I 535 27.84 35.17 43.49
CA ARG I 535 27.84 35.76 42.17
C ARG I 535 26.40 35.67 41.72
N ILE I 536 25.93 36.65 40.98
CA ILE I 536 24.51 36.72 40.66
C ILE I 536 24.25 37.04 39.21
N GLN I 537 23.36 36.27 38.61
CA GLN I 537 22.85 36.52 37.28
C GLN I 537 21.60 37.38 37.44
N LEU I 538 21.71 38.65 37.05
CA LEU I 538 20.65 39.63 37.20
C LEU I 538 19.48 39.36 36.26
N SER I 539 18.36 39.98 36.58
CA SER I 539 17.12 40.06 35.83
C SER I 539 16.89 41.47 35.32
N PRO I 540 16.31 41.64 34.14
CA PRO I 540 16.08 42.99 33.62
C PRO I 540 15.20 43.86 34.49
N ASP I 541 14.29 43.28 35.28
CA ASP I 541 13.37 44.03 36.12
C ASP I 541 13.92 44.45 37.48
N THR I 542 15.05 43.90 37.92
CA THR I 542 15.59 44.16 39.24
C THR I 542 16.00 45.63 39.42
N ARG I 543 15.46 46.25 40.47
CA ARG I 543 15.78 47.64 40.78
C ARG I 543 16.95 47.69 41.76
N ALA I 544 17.81 48.70 41.57
CA ALA I 544 18.98 48.84 42.43
C ALA I 544 19.52 50.27 42.34
N GLY I 545 20.30 50.64 43.34
CA GLY I 545 20.92 51.95 43.41
C GLY I 545 22.44 51.85 43.41
N TYR I 546 23.09 52.92 42.95
CA TYR I 546 24.54 53.01 43.03
C TYR I 546 25.03 53.48 44.40
N LEU I 547 26.35 53.47 44.52
CA LEU I 547 27.07 54.12 45.60
C LEU I 547 28.35 54.67 44.98
N GLU I 548 28.81 55.80 45.52
CA GLU I 548 29.99 56.42 44.93
C GLU I 548 31.21 55.52 44.99
N ASN I 549 31.23 54.55 45.91
CA ASN I 549 32.38 53.66 46.06
C ASN I 549 32.27 52.39 45.25
N GLY I 550 31.50 52.40 44.16
CA GLY I 550 31.39 51.21 43.33
C GLY I 550 30.55 50.07 43.87
N LYS I 551 29.54 50.35 44.67
CA LYS I 551 28.65 49.33 45.20
C LYS I 551 27.20 49.65 44.85
N LEU I 552 26.36 48.63 44.94
CA LEU I 552 24.95 48.75 44.64
C LEU I 552 24.09 48.32 45.82
N ILE I 553 22.97 49.01 46.00
CA ILE I 553 21.97 48.67 47.00
C ILE I 553 20.79 48.05 46.26
N LEU I 554 20.54 46.79 46.56
CA LEU I 554 19.50 46.02 45.88
C LEU I 554 18.14 46.20 46.51
N GLN I 555 17.11 46.00 45.70
CA GLN I 555 15.73 46.04 46.17
C GLN I 555 15.51 44.94 47.21
N ARG I 556 14.57 45.17 48.13
CA ARG I 556 14.25 44.15 49.13
C ARG I 556 13.29 43.10 48.57
N ASN I 557 13.11 42.01 49.35
CA ASN I 557 12.19 40.91 49.01
C ASN I 557 12.52 40.26 47.66
N ILE I 558 13.78 39.84 47.50
CA ILE I 558 14.28 39.21 46.28
C ILE I 558 14.31 37.69 46.43
N GLY I 559 13.95 36.99 45.36
CA GLY I 559 14.00 35.52 45.30
C GLY I 559 15.13 35.05 44.41
N LEU I 560 15.80 33.97 44.84
CA LEU I 560 16.96 33.43 44.12
C LEU I 560 16.93 31.91 44.08
N GLU I 561 17.22 31.34 42.91
CA GLU I 561 17.36 29.90 42.73
C GLU I 561 18.83 29.53 42.72
N ILE I 562 19.21 28.59 43.56
CA ILE I 562 20.60 28.16 43.66
C ILE I 562 20.86 27.10 42.60
N LYS I 563 21.79 27.39 41.70
CA LYS I 563 22.16 26.45 40.64
C LYS I 563 23.34 25.57 41.00
N ASP I 564 24.26 26.03 41.85
CA ASP I 564 25.44 25.23 42.10
C ASP I 564 26.11 25.70 43.37
N VAL I 565 26.83 24.75 43.99
CA VAL I 565 27.60 25.01 45.20
C VAL I 565 28.93 24.31 45.04
N GLN I 566 30.01 25.08 45.07
CA GLN I 566 31.31 24.48 44.83
C GLN I 566 32.40 25.14 45.68
N ILE I 567 33.49 24.42 45.78
CA ILE I 567 34.68 24.83 46.50
C ILE I 567 35.67 25.38 45.50
N ILE I 568 36.30 26.50 45.81
CA ILE I 568 37.29 27.03 44.89
C ILE I 568 38.56 27.34 45.67
N LYS I 569 39.63 27.59 44.92
CA LYS I 569 40.92 27.93 45.47
C LYS I 569 41.30 29.32 44.98
N GLN I 570 41.85 30.14 45.87
CA GLN I 570 42.22 31.49 45.47
C GLN I 570 43.39 31.99 46.31
N SER I 571 44.43 32.44 45.63
CA SER I 571 45.60 32.98 46.30
C SER I 571 46.09 32.04 47.40
N GLU I 572 46.20 30.76 47.06
CA GLU I 572 46.72 29.71 47.92
C GLU I 572 45.81 29.45 49.11
N LYS I 573 44.67 30.10 49.21
CA LYS I 573 43.71 29.87 50.30
C LYS I 573 42.38 29.47 49.70
N GLU I 574 41.67 28.61 50.40
CA GLU I 574 40.41 28.12 49.87
C GLU I 574 39.24 29.01 50.27
N TYR I 575 38.23 29.03 49.40
CA TYR I 575 37.00 29.80 49.53
C TYR I 575 35.88 28.97 48.96
N ILE I 576 34.66 29.45 49.17
CA ILE I 576 33.45 28.80 48.65
C ILE I 576 32.82 29.72 47.63
N ARG I 577 32.81 29.28 46.37
CA ARG I 577 32.19 30.04 45.29
C ARG I 577 30.74 29.61 45.17
N ILE I 578 29.83 30.57 45.22
CA ILE I 578 28.40 30.31 45.11
C ILE I 578 27.82 31.03 43.91
N ASP I 579 27.32 30.28 42.95
CA ASP I 579 26.69 30.86 41.76
C ASP I 579 25.18 30.88 41.95
N ALA I 580 24.59 32.06 41.88
CA ALA I 580 23.16 32.24 42.08
C ALA I 580 22.57 33.01 40.91
N LYS I 581 21.27 32.79 40.69
CA LYS I 581 20.51 33.40 39.62
C LYS I 581 19.32 34.17 40.18
N VAL I 582 19.13 35.41 39.72
CA VAL I 582 17.98 36.18 40.15
C VAL I 582 16.73 35.55 39.55
N VAL I 583 15.70 35.38 40.38
CA VAL I 583 14.43 34.86 39.86
C VAL I 583 13.28 35.60 40.53
N PRO I 584 12.09 35.53 39.93
CA PRO I 584 10.92 36.17 40.54
C PRO I 584 10.61 35.51 41.88
N LYS I 585 10.43 36.34 42.91
CA LYS I 585 10.10 35.79 44.22
C LYS I 585 8.77 35.04 44.16
N SER I 586 7.81 35.56 43.40
CA SER I 586 6.51 34.91 43.27
C SER I 586 6.63 33.51 42.65
N LYS I 587 7.54 33.34 41.69
CA LYS I 587 7.64 32.05 41.01
C LYS I 587 8.13 30.94 41.94
N ILE I 588 9.02 31.26 42.87
CA ILE I 588 9.51 30.23 43.77
C ILE I 588 8.49 29.96 44.87
N ASP I 589 7.79 30.99 45.35
CA ASP I 589 6.77 30.77 46.35
C ASP I 589 5.73 29.77 45.85
N THR I 590 5.46 29.77 44.54
CA THR I 590 4.55 28.77 44.01
C THR I 590 5.12 27.38 44.19
N LYS I 591 6.44 27.24 44.09
CA LYS I 591 7.05 25.95 44.35
C LYS I 591 6.92 25.57 45.82
N ILE I 592 7.00 26.58 46.70
CA ILE I 592 6.93 26.35 48.14
C ILE I 592 5.59 25.74 48.53
N GLN I 593 4.52 26.17 47.87
CA GLN I 593 3.18 25.69 48.24
C GLN I 593 3.07 24.18 48.05
N GLU I 594 3.63 23.66 46.95
CA GLU I 594 3.57 22.22 46.71
C GLU I 594 4.33 21.43 47.78
N ALA I 595 5.38 22.02 48.36
CA ALA I 595 6.13 21.32 49.39
C ALA I 595 5.32 21.22 50.69
N GLN I 596 4.59 22.29 51.03
CA GLN I 596 3.76 22.26 52.23
C GLN I 596 2.64 21.23 52.08
N LEU I 597 2.05 21.14 50.88
CA LEU I 597 1.01 20.13 50.69
C LEU I 597 1.65 18.74 50.70
N ASN I 598 2.86 18.62 50.14
CA ASN I 598 3.53 17.34 50.15
C ASN I 598 3.75 16.88 51.57
N ILE I 599 4.17 17.79 52.45
CA ILE I 599 4.31 17.41 53.84
C ILE I 599 2.93 17.20 54.44
N ASN I 600 1.94 17.98 53.99
CA ASN I 600 0.58 17.82 54.51
C ASN I 600 -0.10 16.58 53.96
N GLN I 601 0.09 16.28 52.67
CA GLN I 601 -0.52 15.08 52.12
C GLN I 601 0.10 13.81 52.70
N GLU I 602 1.42 13.81 52.87
CA GLU I 602 2.11 12.63 53.39
C GLU I 602 1.76 12.40 54.85
N TRP I 603 1.79 13.45 55.64
CA TRP I 603 1.57 13.33 57.07
C TRP I 603 0.11 13.28 57.46
N ASN I 604 -0.81 13.72 56.59
CA ASN I 604 -2.21 13.57 56.98
C ASN I 604 -2.57 12.10 57.00
N LYS I 605 -2.07 11.36 56.03
CA LYS I 605 -2.24 9.92 55.97
C LYS I 605 -1.31 9.20 56.92
N ALA I 606 -0.30 9.88 57.44
CA ALA I 606 0.69 9.26 58.30
C ALA I 606 0.09 8.82 59.63
N LEU I 607 -0.34 9.76 60.45
CA LEU I 607 -0.87 9.41 61.77
C LEU I 607 -2.39 9.41 61.83
N GLY I 608 -3.04 8.88 60.79
CA GLY I 608 -4.48 8.73 60.84
C GLY I 608 -5.24 10.04 60.82
N LEU I 609 -4.64 11.09 60.36
CA LEU I 609 -5.36 12.35 60.38
C LEU I 609 -6.23 12.51 59.16
N PRO I 610 -7.27 13.35 59.25
CA PRO I 610 -8.12 13.62 58.08
C PRO I 610 -7.33 14.15 56.91
N LYS I 611 -7.75 13.75 55.71
CA LYS I 611 -7.11 14.16 54.46
C LYS I 611 -6.94 15.67 54.27
N TYR I 612 -7.72 16.52 54.93
CA TYR I 612 -7.67 17.95 54.63
C TYR I 612 -7.03 18.81 55.71
N THR I 613 -6.57 18.22 56.81
CA THR I 613 -5.91 19.03 57.82
C THR I 613 -4.53 19.45 57.32
N LYS I 614 -4.05 20.58 57.82
CA LYS I 614 -2.76 21.12 57.39
C LYS I 614 -1.72 20.93 58.47
N LEU I 615 -1.90 21.55 59.64
CA LEU I 615 -0.99 21.39 60.77
C LEU I 615 0.43 21.85 60.48
N ILE I 616 0.70 22.33 59.25
CA ILE I 616 2.05 22.69 58.85
C ILE I 616 1.98 23.96 58.02
N THR I 617 2.72 24.97 58.42
CA THR I 617 2.87 26.23 57.69
C THR I 617 4.35 26.56 57.62
N PHE I 618 4.83 26.91 56.44
CA PHE I 618 6.22 27.30 56.27
C PHE I 618 6.37 28.81 56.48
N ASN I 619 6.83 29.19 57.68
CA ASN I 619 7.07 30.59 58.02
C ASN I 619 8.55 30.96 58.00
N VAL I 620 9.41 30.06 57.54
CA VAL I 620 10.84 30.34 57.51
C VAL I 620 11.09 31.45 56.50
N HIS I 621 11.86 32.46 56.90
CA HIS I 621 12.25 33.53 55.99
C HIS I 621 13.70 33.94 56.22
N ASN I 622 14.58 33.60 55.27
CA ASN I 622 16.01 33.84 55.37
C ASN I 622 16.72 33.33 54.11
N ARG I 623 18.04 33.49 54.06
CA ARG I 623 18.81 33.02 52.92
C ARG I 623 19.01 31.52 52.94
N TYR I 624 18.78 30.87 54.09
CA TYR I 624 18.95 29.43 54.22
C TYR I 624 17.62 28.75 54.38
N ALA I 625 16.55 29.43 53.95
CA ALA I 625 15.18 28.97 54.17
C ALA I 625 14.93 27.62 53.52
N SER I 626 15.43 27.43 52.31
CA SER I 626 15.06 26.21 51.61
C SER I 626 15.73 25.00 52.22
N ASN I 627 16.95 25.17 52.75
CA ASN I 627 17.59 24.03 53.41
C ASN I 627 16.73 23.57 54.58
N ILE I 628 16.10 24.53 55.26
CA ILE I 628 15.17 24.25 56.34
C ILE I 628 13.99 23.43 55.81
N VAL I 629 13.50 23.78 54.62
CA VAL I 629 12.31 23.11 54.08
C VAL I 629 12.53 21.61 53.94
N GLU I 630 13.59 21.18 53.26
CA GLU I 630 13.78 19.73 53.17
C GLU I 630 14.08 19.14 54.53
N SER I 631 14.68 19.92 55.44
CA SER I 631 15.00 19.35 56.74
C SER I 631 13.76 19.19 57.59
N ALA I 632 12.65 19.85 57.22
CA ALA I 632 11.41 19.60 57.93
C ALA I 632 10.99 18.15 57.73
N TYR I 633 11.18 17.66 56.51
CA TYR I 633 10.92 16.25 56.22
C TYR I 633 11.79 15.35 57.08
N LEU I 634 13.08 15.68 57.20
CA LEU I 634 13.99 14.87 58.01
C LEU I 634 13.58 14.90 59.47
N ILE I 635 13.29 16.09 59.99
CA ILE I 635 12.93 16.23 61.40
C ILE I 635 11.63 15.48 61.69
N LEU I 636 10.64 15.65 60.82
CA LEU I 636 9.36 15.01 61.06
C LEU I 636 9.49 13.49 60.98
N ASN I 637 10.25 13.00 60.00
CA ASN I 637 10.45 11.55 59.85
C ASN I 637 11.16 10.98 61.06
N GLU I 638 12.16 11.68 61.56
CA GLU I 638 12.85 11.25 62.77
C GLU I 638 11.89 11.30 63.96
N TRP I 639 11.06 12.33 64.04
CA TRP I 639 10.08 12.43 65.13
C TRP I 639 9.32 11.13 65.29
N LYS I 640 8.71 10.62 64.22
CA LYS I 640 8.02 9.34 64.39
C LYS I 640 9.02 8.25 64.76
N ASN I 641 10.19 8.25 64.12
CA ASN I 641 11.16 7.21 64.34
C ASN I 641 12.04 7.46 65.55
N ASN I 642 11.61 8.35 66.46
CA ASN I 642 12.35 8.58 67.69
C ASN I 642 11.44 8.69 68.90
N ILE I 643 10.12 8.78 68.72
CA ILE I 643 9.18 8.94 69.81
C ILE I 643 8.23 7.75 69.82
N GLN I 644 7.77 7.38 71.00
CA GLN I 644 6.87 6.24 71.14
C GLN I 644 5.61 6.41 70.27
N SER I 645 5.41 5.42 69.41
CA SER I 645 4.27 5.37 68.49
C SER I 645 2.94 5.69 69.17
N ASP I 646 2.76 5.22 70.41
CA ASP I 646 1.48 5.45 71.05
C ASP I 646 1.34 6.91 71.45
N LEU I 647 2.44 7.61 71.68
CA LEU I 647 2.34 9.02 71.96
C LEU I 647 1.88 9.77 70.72
N ILE I 648 2.42 9.39 69.56
CA ILE I 648 2.03 10.04 68.32
C ILE I 648 0.52 9.94 68.11
N LYS I 649 -0.02 8.73 68.14
CA LYS I 649 -1.46 8.58 67.96
C LYS I 649 -2.22 9.47 68.93
N LYS I 650 -1.83 9.42 70.20
CA LYS I 650 -2.48 10.22 71.24
C LYS I 650 -2.35 11.71 70.96
N VAL I 651 -1.11 12.19 70.73
CA VAL I 651 -0.91 13.63 70.53
C VAL I 651 -1.66 14.13 69.32
N THR I 652 -1.70 13.34 68.24
CA THR I 652 -2.40 13.83 67.06
C THR I 652 -3.87 14.03 67.34
N ASN I 653 -4.49 13.10 68.07
CA ASN I 653 -5.87 13.31 68.44
C ASN I 653 -6.03 14.61 69.23
N TYR I 654 -5.09 14.90 70.14
CA TYR I 654 -5.16 16.14 70.90
C TYR I 654 -4.96 17.36 70.02
N LEU I 655 -4.29 17.22 68.89
CA LEU I 655 -4.11 18.34 67.99
C LEU I 655 -5.15 18.35 66.90
N VAL I 656 -5.49 17.18 66.35
CA VAL I 656 -6.52 17.15 65.33
C VAL I 656 -7.82 17.64 65.92
N ASP I 657 -8.05 17.35 67.21
CA ASP I 657 -9.24 17.85 67.88
C ASP I 657 -9.29 19.37 67.85
N GLY I 658 -8.14 20.03 67.86
CA GLY I 658 -8.11 21.47 67.79
C GLY I 658 -7.80 21.99 66.42
N ASN I 659 -7.01 23.06 66.37
CA ASN I 659 -6.61 23.72 65.13
C ASN I 659 -5.16 24.17 65.22
N GLY I 660 -4.29 23.28 65.72
CA GLY I 660 -2.89 23.63 65.84
C GLY I 660 -2.09 23.43 64.56
N ARG I 661 -0.84 23.89 64.60
CA ARG I 661 0.04 23.82 63.46
C ARG I 661 1.48 23.69 63.94
N PHE I 662 2.34 23.22 63.05
CA PHE I 662 3.78 23.14 63.29
C PHE I 662 4.46 24.26 62.51
N VAL I 663 4.85 25.32 63.21
CA VAL I 663 5.40 26.50 62.59
C VAL I 663 6.92 26.44 62.60
N PHE I 664 7.50 26.27 61.41
CA PHE I 664 8.93 26.31 61.21
C PHE I 664 9.27 27.67 60.62
N THR I 665 10.10 28.44 61.30
CA THR I 665 10.37 29.80 60.84
C THR I 665 11.82 30.16 61.04
N ASP I 666 12.20 31.28 60.42
CA ASP I 666 13.54 31.84 60.55
C ASP I 666 13.47 33.31 60.97
N ILE I 667 12.37 33.70 61.61
CA ILE I 667 12.20 35.04 62.14
C ILE I 667 12.11 34.93 63.65
N THR I 668 12.31 36.06 64.34
CA THR I 668 12.32 36.02 65.79
C THR I 668 10.96 35.61 66.32
N LEU I 669 10.98 34.79 67.37
CA LEU I 669 9.74 34.25 67.91
C LEU I 669 8.67 35.29 68.20
N PRO I 670 8.98 36.43 68.83
CA PRO I 670 7.93 37.41 69.10
C PRO I 670 7.29 38.01 67.87
N ASN I 671 7.92 37.87 66.70
CA ASN I 671 7.40 38.46 65.48
C ASN I 671 7.02 37.47 64.39
N ILE I 672 7.02 36.16 64.67
CA ILE I 672 6.83 35.22 63.57
C ILE I 672 5.39 35.22 63.07
N ALA I 673 4.43 34.85 63.92
CA ALA I 673 3.06 34.85 63.43
C ALA I 673 1.99 35.19 64.48
N GLU I 674 2.05 34.50 65.62
CA GLU I 674 1.07 34.69 66.69
C GLU I 674 1.64 34.67 68.09
N GLN I 675 2.88 34.22 68.28
CA GLN I 675 3.53 34.24 69.60
C GLN I 675 3.17 35.49 70.37
N TYR I 676 3.35 36.66 69.74
CA TYR I 676 3.06 37.92 70.40
C TYR I 676 1.58 38.08 70.71
N THR I 677 0.71 37.46 69.92
CA THR I 677 -0.72 37.57 70.18
C THR I 677 -1.13 36.88 71.47
N HIS I 678 -0.27 36.01 72.02
CA HIS I 678 -0.54 35.33 73.27
C HIS I 678 0.35 35.87 74.40
N GLN I 679 1.08 36.95 74.16
CA GLN I 679 1.90 37.57 75.19
C GLN I 679 1.06 38.58 75.97
N ASP I 680 1.34 38.67 77.27
CA ASP I 680 0.63 39.61 78.13
C ASP I 680 1.24 41.00 78.11
N GLU I 681 2.56 41.10 77.94
CA GLU I 681 3.24 42.38 77.90
C GLU I 681 4.23 42.40 76.76
N ILE I 682 4.43 43.58 76.18
CA ILE I 682 5.39 43.73 75.10
C ILE I 682 6.78 43.33 75.57
N TYR I 683 7.17 43.78 76.76
CA TYR I 683 8.46 43.44 77.34
C TYR I 683 8.59 41.97 77.69
N GLU I 684 7.48 41.23 77.75
CA GLU I 684 7.50 39.81 78.06
C GLU I 684 7.81 38.92 76.87
N GLN I 685 8.21 39.49 75.73
CA GLN I 685 8.49 38.69 74.56
C GLN I 685 9.76 37.86 74.74
N VAL I 686 9.77 36.68 74.11
CA VAL I 686 10.91 35.77 74.16
C VAL I 686 11.22 35.30 72.74
N HIS I 687 12.49 35.31 72.38
CA HIS I 687 12.96 34.82 71.10
C HIS I 687 14.01 33.74 71.34
N SER I 688 13.91 32.64 70.61
CA SER I 688 14.81 31.50 70.74
C SER I 688 14.46 30.53 69.62
N LYS I 689 15.03 29.32 69.69
CA LYS I 689 14.76 28.33 68.66
C LYS I 689 13.30 27.89 68.69
N GLY I 690 12.69 27.85 69.86
CA GLY I 690 11.30 27.47 69.97
C GLY I 690 10.94 27.06 71.38
N LEU I 691 9.63 27.00 71.61
CA LEU I 691 9.08 26.61 72.90
C LEU I 691 7.63 26.21 72.67
N TYR I 692 7.17 25.22 73.41
CA TYR I 692 5.79 24.78 73.27
C TYR I 692 4.86 25.84 73.84
N VAL I 693 3.91 26.28 73.03
CA VAL I 693 2.95 27.29 73.46
C VAL I 693 1.59 26.61 73.57
N PRO I 694 1.09 26.35 74.78
CA PRO I 694 -0.23 25.74 74.91
C PRO I 694 -1.31 26.61 74.33
N GLU I 695 -1.24 27.92 74.60
CA GLU I 695 -2.29 28.85 74.18
C GLU I 695 -2.55 28.74 72.69
N SER I 696 -1.50 28.60 71.90
CA SER I 696 -1.69 28.48 70.47
C SER I 696 -1.59 27.05 70.00
N ARG I 697 -1.20 26.12 70.88
CA ARG I 697 -1.05 24.71 70.54
C ARG I 697 -0.29 24.57 69.23
N SER I 698 0.85 25.25 69.18
CA SER I 698 1.70 25.30 67.99
C SER I 698 3.14 25.04 68.37
N ILE I 699 3.87 24.44 67.42
CA ILE I 699 5.28 24.15 67.60
C ILE I 699 6.04 25.13 66.72
N LEU I 700 6.95 25.88 67.33
CA LEU I 700 7.76 26.86 66.64
C LEU I 700 9.22 26.41 66.59
N LEU I 701 9.78 26.41 65.38
CA LEU I 701 11.17 26.00 65.20
C LEU I 701 11.89 27.13 64.47
N HIS I 702 12.77 27.82 65.19
CA HIS I 702 13.56 28.92 64.63
C HIS I 702 14.82 28.31 64.02
N GLY I 703 14.86 28.24 62.70
CA GLY I 703 15.99 27.68 62.01
C GLY I 703 17.26 28.47 62.24
N PRO I 704 17.21 29.78 61.94
CA PRO I 704 18.41 30.61 62.08
C PRO I 704 19.18 30.43 63.38
N SER I 705 18.51 30.22 64.49
CA SER I 705 19.29 30.15 65.72
C SER I 705 19.95 28.79 65.86
N LYS I 706 20.91 28.73 66.78
CA LYS I 706 21.62 27.50 67.11
C LYS I 706 21.30 27.17 68.56
N GLY I 707 20.80 25.96 68.80
CA GLY I 707 20.50 25.58 70.16
C GLY I 707 21.72 25.65 71.05
N VAL I 708 21.65 26.43 72.13
CA VAL I 708 22.75 26.58 73.06
C VAL I 708 23.13 25.29 73.79
N GLU I 709 22.33 24.23 73.67
CA GLU I 709 22.64 23.00 74.37
C GLU I 709 22.66 21.76 73.48
N LEU I 710 21.55 21.50 72.80
CA LEU I 710 21.43 20.31 71.97
C LEU I 710 22.57 20.20 70.98
N ARG I 711 22.93 18.97 70.64
CA ARG I 711 24.02 18.72 69.73
C ARG I 711 23.55 18.78 68.28
N ASN I 712 22.31 18.41 68.03
CA ASN I 712 21.75 18.42 66.70
C ASN I 712 20.32 18.95 66.80
N ASP I 713 19.60 18.88 65.67
CA ASP I 713 18.23 19.37 65.64
C ASP I 713 17.27 18.41 66.35
N SER I 714 17.51 17.11 66.20
CA SER I 714 16.67 16.11 66.85
C SER I 714 16.57 16.37 68.35
N GLU I 715 17.72 16.59 69.00
CA GLU I 715 17.70 16.86 70.42
C GLU I 715 16.99 18.18 70.72
N GLY I 716 17.24 19.19 69.88
CA GLY I 716 16.56 20.47 70.06
C GLY I 716 15.05 20.36 69.96
N PHE I 717 14.58 19.63 68.95
CA PHE I 717 13.14 19.46 68.76
C PHE I 717 12.52 18.63 69.88
N ILE I 718 13.03 17.42 70.09
CA ILE I 718 12.50 16.53 71.11
C ILE I 718 12.42 17.24 72.46
N HIS I 719 13.39 18.11 72.74
CA HIS I 719 13.31 18.90 73.96
C HIS I 719 12.11 19.84 73.92
N GLU I 720 11.94 20.57 72.82
CA GLU I 720 10.78 21.46 72.72
C GLU I 720 9.49 20.66 72.62
N PHE I 721 9.51 19.56 71.86
CA PHE I 721 8.33 18.71 71.75
C PHE I 721 7.89 18.20 73.12
N GLY I 722 8.86 17.87 73.98
CA GLY I 722 8.54 17.37 75.31
C GLY I 722 7.62 18.29 76.09
N HIS I 723 7.83 19.60 75.98
CA HIS I 723 6.98 20.55 76.69
C HIS I 723 5.55 20.51 76.16
N ALA I 724 5.37 20.30 74.85
CA ALA I 724 4.02 20.20 74.29
C ALA I 724 3.30 18.96 74.81
N VAL I 725 3.99 17.82 74.81
CA VAL I 725 3.41 16.59 75.33
C VAL I 725 3.06 16.77 76.80
N ASP I 726 3.99 17.36 77.58
CA ASP I 726 3.72 17.63 78.98
C ASP I 726 2.50 18.53 79.14
N ASP I 727 2.26 19.41 78.16
CA ASP I 727 1.10 20.29 78.25
C ASP I 727 -0.19 19.52 78.00
N TYR I 728 -0.18 18.64 76.99
CA TYR I 728 -1.37 17.84 76.72
C TYR I 728 -1.63 16.84 77.83
N ALA I 729 -0.57 16.11 78.24
CA ALA I 729 -0.68 15.17 79.35
C ALA I 729 -1.21 15.85 80.61
N GLY I 730 -0.68 17.03 80.93
CA GLY I 730 -1.18 17.78 82.06
C GLY I 730 -2.59 18.28 81.84
N TYR I 731 -2.96 18.57 80.59
CA TYR I 731 -4.31 19.04 80.30
C TYR I 731 -5.35 17.98 80.66
N LEU I 732 -4.97 16.70 80.60
CA LEU I 732 -5.87 15.61 80.94
C LEU I 732 -5.88 15.30 82.43
N LEU I 733 -5.09 16.03 83.23
CA LEU I 733 -5.11 15.91 84.68
C LEU I 733 -6.07 16.94 85.27
N ASP I 734 -5.76 18.22 85.08
CA ASP I 734 -6.61 19.32 85.47
C ASP I 734 -7.08 19.97 84.18
N LYS I 735 -8.36 19.78 83.84
CA LYS I 735 -8.87 20.31 82.58
C LYS I 735 -8.89 21.83 82.56
N ASN I 736 -9.33 22.46 83.65
CA ASN I 736 -9.48 23.91 83.67
C ASN I 736 -8.34 24.61 84.38
N GLN I 737 -7.30 23.88 84.78
CA GLN I 737 -6.19 24.44 85.53
C GLN I 737 -4.88 24.12 84.84
N SER I 738 -3.87 24.94 85.13
CA SER I 738 -2.50 24.80 84.59
C SER I 738 -2.11 23.34 84.43
N ASP I 739 -1.87 22.91 83.19
CA ASP I 739 -1.54 21.51 82.90
C ASP I 739 -0.43 20.97 83.80
N LEU I 740 0.55 21.81 84.13
CA LEU I 740 1.71 21.39 84.91
C LEU I 740 1.72 21.96 86.32
N VAL I 741 0.57 22.39 86.85
CA VAL I 741 0.57 22.89 88.21
C VAL I 741 0.74 21.75 89.20
N THR I 742 0.30 20.55 88.83
CA THR I 742 0.48 19.39 89.69
C THR I 742 1.92 18.92 89.67
N ASN I 743 2.58 19.05 88.53
CA ASN I 743 3.98 18.68 88.36
C ASN I 743 4.92 19.72 88.94
N SER I 744 4.41 20.89 89.32
CA SER I 744 5.24 21.96 89.83
C SER I 744 5.78 21.53 91.18
N LYS I 745 4.89 21.34 92.15
CA LYS I 745 5.34 20.91 93.46
C LYS I 745 5.88 19.50 93.43
N LYS I 746 5.59 18.74 92.38
CA LYS I 746 6.08 17.37 92.29
C LYS I 746 7.53 17.34 91.80
N PHE I 747 7.85 18.19 90.84
CA PHE I 747 9.21 18.24 90.31
C PHE I 747 10.11 19.18 91.10
N ILE I 748 9.55 20.24 91.67
CA ILE I 748 10.36 21.16 92.48
C ILE I 748 11.08 20.38 93.56
N ASP I 749 10.35 19.51 94.27
CA ASP I 749 10.96 18.69 95.30
C ASP I 749 12.05 17.80 94.69
N ILE I 750 11.73 17.15 93.57
CA ILE I 750 12.69 16.33 92.85
C ILE I 750 13.87 17.18 92.38
N PHE I 751 13.63 18.46 92.10
CA PHE I 751 14.67 19.35 91.63
C PHE I 751 15.59 19.80 92.76
N LYS I 752 15.16 19.63 94.01
CA LYS I 752 15.98 20.03 95.15
C LYS I 752 17.10 19.03 95.39
N GLU I 753 16.77 17.75 95.51
CA GLU I 753 17.78 16.75 95.81
C GLU I 753 18.83 16.63 94.71
N GLU I 754 18.39 16.56 93.44
CA GLU I 754 19.35 16.35 92.37
C GLU I 754 19.01 17.06 91.07
N GLY I 755 18.11 18.04 91.07
CA GLY I 755 17.69 18.65 89.80
C GLY I 755 18.82 19.37 89.10
N SER I 756 19.63 20.13 89.84
CA SER I 756 20.70 20.91 89.23
C SER I 756 21.85 20.04 88.76
N ASN I 757 21.91 18.77 89.19
CA ASN I 757 23.03 17.90 88.85
C ASN I 757 23.15 17.72 87.34
N LEU I 758 22.02 17.63 86.65
CA LEU I 758 22.03 17.35 85.22
C LEU I 758 22.45 18.57 84.43
N THR I 759 22.17 18.57 83.12
CA THR I 759 22.48 19.71 82.26
C THR I 759 22.03 21.02 82.90
N SER I 760 22.77 22.09 82.59
CA SER I 760 22.43 23.41 83.12
C SER I 760 21.10 23.91 82.58
N TYR I 761 20.69 23.41 81.41
CA TYR I 761 19.41 23.82 80.84
C TYR I 761 18.25 23.29 81.68
N GLY I 762 18.33 22.02 82.09
CA GLY I 762 17.25 21.47 82.90
C GLY I 762 17.20 22.05 84.30
N ARG I 763 18.34 22.53 84.81
CA ARG I 763 18.34 23.12 86.15
C ARG I 763 17.54 24.42 86.20
N THR I 764 17.26 25.02 85.04
CA THR I 764 16.51 26.27 84.98
C THR I 764 15.18 26.20 85.72
N ASN I 765 14.31 25.27 85.33
CA ASN I 765 13.02 25.12 85.99
C ASN I 765 12.45 23.74 85.67
N GLU I 766 11.29 23.47 86.27
CA GLU I 766 10.62 22.18 86.07
C GLU I 766 10.23 21.94 84.62
N ALA I 767 9.72 22.97 83.94
CA ALA I 767 9.27 22.81 82.55
C ALA I 767 10.40 22.39 81.64
N GLU I 768 11.52 23.09 81.68
CA GLU I 768 12.66 22.73 80.83
C GLU I 768 13.23 21.37 81.18
N PHE I 769 13.33 21.07 82.47
CA PHE I 769 13.84 19.76 82.89
C PHE I 769 12.95 18.63 82.41
N PHE I 770 11.64 18.75 82.62
CA PHE I 770 10.70 17.72 82.18
C PHE I 770 10.77 17.50 80.67
N ALA I 771 10.72 18.59 79.90
CA ALA I 771 10.79 18.48 78.45
C ALA I 771 12.09 17.83 77.99
N GLU I 772 13.21 18.24 78.60
CA GLU I 772 14.51 17.66 78.24
C GLU I 772 14.59 16.19 78.63
N ALA I 773 14.13 15.84 79.82
CA ALA I 773 14.20 14.44 80.28
C ALA I 773 13.45 13.52 79.33
N PHE I 774 12.31 13.96 78.82
CA PHE I 774 11.54 13.12 77.91
C PHE I 774 12.38 12.78 76.68
N ARG I 775 13.07 13.79 76.13
CA ARG I 775 13.93 13.54 74.98
C ARG I 775 14.98 12.50 75.34
N LEU I 776 15.67 12.71 76.47
CA LEU I 776 16.70 11.76 76.89
C LEU I 776 16.11 10.38 77.09
N MET I 777 14.93 10.31 77.72
CA MET I 777 14.28 9.03 77.96
C MET I 777 13.86 8.34 76.68
N HIS I 778 13.67 9.09 75.58
CA HIS I 778 13.25 8.51 74.31
C HIS I 778 14.27 8.73 73.20
N SER I 779 15.50 9.10 73.56
CA SER I 779 16.53 9.36 72.56
C SER I 779 16.84 8.11 71.74
N THR I 780 17.35 8.33 70.53
CA THR I 780 17.73 7.23 69.67
C THR I 780 19.06 6.63 70.08
N ASP I 781 19.86 7.35 70.85
CA ASP I 781 21.15 6.89 71.34
C ASP I 781 20.91 6.35 72.75
N HIS I 782 20.91 5.03 72.87
CA HIS I 782 20.66 4.38 74.16
C HIS I 782 21.57 4.92 75.25
N ALA I 783 22.78 5.35 74.90
CA ALA I 783 23.69 5.89 75.89
C ALA I 783 23.07 7.07 76.62
N GLU I 784 22.54 8.04 75.89
CA GLU I 784 21.87 9.17 76.53
C GLU I 784 20.74 8.66 77.42
N ARG I 785 19.93 7.74 76.90
CA ARG I 785 18.88 7.15 77.72
C ARG I 785 19.49 6.44 78.90
N LEU I 786 20.56 5.68 78.65
CA LEU I 786 21.25 4.98 79.74
C LEU I 786 21.79 5.98 80.73
N LYS I 787 22.33 7.09 80.23
CA LYS I 787 22.93 8.10 81.09
C LYS I 787 21.98 8.49 82.22
N VAL I 788 20.74 8.85 81.86
CA VAL I 788 19.77 9.24 82.87
C VAL I 788 19.47 8.12 83.86
N GLN I 789 19.69 6.86 83.46
CA GLN I 789 19.41 5.72 84.32
C GLN I 789 20.40 5.63 85.49
N LYS I 790 21.70 5.69 85.19
CA LYS I 790 22.73 5.52 86.21
C LYS I 790 23.08 6.81 86.94
N ASN I 791 22.54 7.94 86.53
CA ASN I 791 22.79 9.20 87.22
C ASN I 791 21.59 9.68 88.00
N ALA I 792 20.39 9.25 87.64
CA ALA I 792 19.15 9.60 88.33
C ALA I 792 18.27 8.38 88.32
N PRO I 793 18.67 7.30 89.00
CA PRO I 793 17.85 6.08 89.01
C PRO I 793 16.46 6.33 89.56
N LYS I 794 16.35 7.22 90.55
CA LYS I 794 15.06 7.55 91.14
C LYS I 794 14.16 8.23 90.13
N THR I 795 14.64 9.34 89.56
CA THR I 795 13.84 10.12 88.63
C THR I 795 13.25 9.26 87.52
N PHE I 796 13.96 8.20 87.13
CA PHE I 796 13.57 7.40 85.98
C PHE I 796 12.17 6.81 86.15
N GLN I 797 11.88 6.22 87.30
CA GLN I 797 10.61 5.50 87.44
C GLN I 797 9.40 6.41 87.27
N PHE I 798 9.37 7.56 87.94
CA PHE I 798 8.14 8.34 87.81
C PHE I 798 8.02 8.86 86.39
N ILE I 799 9.15 9.20 85.76
CA ILE I 799 9.10 9.64 84.38
C ILE I 799 8.58 8.50 83.51
N ASN I 800 9.08 7.28 83.76
CA ASN I 800 8.55 6.13 83.06
C ASN I 800 7.06 5.99 83.35
N ASP I 801 6.64 6.46 84.53
CA ASP I 801 5.27 6.33 84.98
C ASP I 801 4.40 7.44 84.46
N GLN I 802 4.99 8.59 84.11
CA GLN I 802 4.19 9.69 83.59
C GLN I 802 3.75 9.41 82.16
N ILE I 803 4.63 8.81 81.36
CA ILE I 803 4.30 8.45 79.98
C ILE I 803 3.25 7.36 79.93
N LYS I 804 3.11 6.58 81.01
CA LYS I 804 2.08 5.54 81.05
C LYS I 804 0.69 6.15 80.95
N PHE I 805 0.48 7.30 81.59
CA PHE I 805 -0.80 7.98 81.59
C PHE I 805 -1.37 8.17 80.20
N ILE I 806 -2.37 7.36 79.84
CA ILE I 806 -3.01 7.49 78.54
C ILE I 806 -4.37 8.16 78.69
N LYS J 88 -3.03 3.82 45.61
CA LYS J 88 -4.32 3.86 46.29
C LYS J 88 -4.84 5.28 46.36
N LYS J 89 -3.97 6.19 46.81
CA LYS J 89 -4.36 7.59 46.91
C LYS J 89 -4.72 8.12 45.54
N GLU J 90 -3.97 7.74 44.52
CA GLU J 90 -4.24 8.24 43.19
C GLU J 90 -5.55 7.68 42.68
N ALA J 91 -5.88 6.44 43.05
CA ALA J 91 -7.12 5.85 42.58
C ALA J 91 -8.33 6.57 43.16
N ALA J 92 -8.35 6.77 44.47
CA ALA J 92 -9.49 7.43 45.09
C ALA J 92 -9.67 8.85 44.56
N GLU J 93 -8.58 9.62 44.48
CA GLU J 93 -8.69 11.00 44.00
C GLU J 93 -9.25 11.10 42.60
N LYS J 94 -8.86 10.22 41.67
CA LYS J 94 -9.45 10.32 40.34
C LYS J 94 -10.94 10.10 40.39
N LEU J 95 -11.40 9.19 41.25
CA LEU J 95 -12.83 8.93 41.32
C LEU J 95 -13.58 10.20 41.70
N LEU J 96 -13.21 10.80 42.82
CA LEU J 96 -13.89 12.03 43.23
C LEU J 96 -13.70 13.14 42.20
N GLU J 97 -12.67 13.05 41.36
CA GLU J 97 -12.44 14.10 40.37
C GLU J 97 -13.63 14.27 39.43
N LYS J 98 -14.18 13.16 38.92
CA LYS J 98 -15.24 13.27 37.94
C LYS J 98 -16.43 14.10 38.41
N VAL J 99 -16.64 14.24 39.72
CA VAL J 99 -17.81 15.00 40.13
C VAL J 99 -17.48 16.48 40.07
N PRO J 100 -18.40 17.34 39.61
CA PRO J 100 -18.11 18.77 39.55
C PRO J 100 -17.70 19.31 40.92
N SER J 101 -16.61 20.08 40.92
CA SER J 101 -16.03 20.64 42.14
C SER J 101 -17.06 21.33 43.04
N ASP J 102 -18.01 22.03 42.44
CA ASP J 102 -18.96 22.82 43.22
C ASP J 102 -19.68 22.01 44.28
N VAL J 103 -19.86 20.71 44.05
CA VAL J 103 -20.48 19.85 45.06
C VAL J 103 -19.58 19.73 46.29
N LEU J 104 -18.27 19.59 46.07
CA LEU J 104 -17.34 19.45 47.19
C LEU J 104 -17.38 20.65 48.11
N GLU J 105 -17.52 21.85 47.56
CA GLU J 105 -17.57 23.02 48.41
C GLU J 105 -18.82 23.02 49.26
N MET J 106 -19.92 22.48 48.74
CA MET J 106 -21.14 22.42 49.53
C MET J 106 -20.97 21.49 50.72
N TYR J 107 -20.30 20.35 50.53
CA TYR J 107 -20.10 19.43 51.64
C TYR J 107 -19.30 20.08 52.75
N LYS J 108 -18.17 20.70 52.40
CA LYS J 108 -17.36 21.36 53.42
C LYS J 108 -18.14 22.47 54.11
N ALA J 109 -18.92 23.23 53.34
CA ALA J 109 -19.65 24.36 53.92
C ALA J 109 -20.60 23.95 55.04
N ILE J 110 -21.15 22.74 55.00
CA ILE J 110 -22.07 22.37 56.07
C ILE J 110 -21.27 21.67 57.13
N GLY J 111 -19.95 21.76 57.04
CA GLY J 111 -19.10 21.13 58.01
C GLY J 111 -18.80 19.69 57.64
N GLY J 112 -17.54 19.28 57.75
CA GLY J 112 -17.18 17.91 57.48
C GLY J 112 -16.77 17.68 56.04
N LYS J 113 -15.96 16.65 55.84
CA LYS J 113 -15.51 16.26 54.51
C LYS J 113 -15.47 14.75 54.44
N ILE J 114 -15.36 14.26 53.22
CA ILE J 114 -15.37 12.83 52.95
C ILE J 114 -13.97 12.24 53.13
N TYR J 115 -13.45 12.24 54.36
CA TYR J 115 -12.14 11.62 54.56
C TYR J 115 -12.29 10.11 54.29
N ILE J 116 -11.22 9.53 53.75
CA ILE J 116 -11.22 8.14 53.31
C ILE J 116 -10.35 7.29 54.21
N VAL J 117 -10.82 6.07 54.47
CA VAL J 117 -10.07 5.13 55.29
C VAL J 117 -9.54 4.05 54.38
N ASP J 118 -8.83 3.09 54.94
CA ASP J 118 -8.22 2.04 54.16
C ASP J 118 -8.64 0.64 54.56
N GLY J 119 -8.84 0.39 55.85
CA GLY J 119 -9.17 -0.92 56.33
C GLY J 119 -10.65 -1.22 56.35
N ASP J 120 -11.01 -2.18 57.20
CA ASP J 120 -12.40 -2.60 57.35
C ASP J 120 -13.29 -1.47 57.84
N ILE J 121 -14.17 -1.00 56.95
CA ILE J 121 -15.07 0.11 57.23
C ILE J 121 -15.87 -0.21 58.48
N THR J 122 -16.00 -1.49 58.80
CA THR J 122 -16.82 -1.89 59.92
C THR J 122 -16.28 -1.36 61.25
N LYS J 123 -14.99 -1.06 61.32
CA LYS J 123 -14.36 -0.72 62.59
C LYS J 123 -13.64 0.62 62.46
N HIS J 124 -14.34 1.71 62.79
CA HIS J 124 -13.74 3.04 62.82
C HIS J 124 -14.37 3.85 63.93
N ILE J 125 -13.56 4.70 64.55
CA ILE J 125 -14.02 5.46 65.71
C ILE J 125 -15.26 6.28 65.38
N SER J 126 -15.24 6.99 64.24
CA SER J 126 -16.34 7.87 63.88
C SER J 126 -17.65 7.11 63.71
N LEU J 127 -17.59 5.89 63.17
CA LEU J 127 -18.81 5.15 62.86
C LEU J 127 -19.14 4.02 63.81
N GLU J 128 -18.19 3.55 64.62
CA GLU J 128 -18.46 2.41 65.49
C GLU J 128 -19.51 2.74 66.55
N ALA J 129 -19.42 3.93 67.13
CA ALA J 129 -20.31 4.33 68.22
C ALA J 129 -21.69 4.79 67.77
N LEU J 130 -22.02 4.78 66.48
CA LEU J 130 -23.30 5.32 66.07
C LEU J 130 -23.97 4.48 64.98
N SER J 131 -25.28 4.28 65.16
CA SER J 131 -26.13 3.57 64.19
C SER J 131 -25.81 2.09 64.10
N GLU J 132 -25.40 1.49 65.21
CA GLU J 132 -25.13 0.06 65.22
C GLU J 132 -26.30 -0.76 64.69
N ASP J 133 -27.54 -0.32 65.01
CA ASP J 133 -28.71 -1.10 64.61
C ASP J 133 -28.83 -1.22 63.10
N LYS J 134 -28.56 -0.15 62.36
CA LYS J 134 -28.73 -0.16 60.91
C LYS J 134 -27.63 -0.96 60.20
N LYS J 135 -27.41 -2.21 60.62
CA LYS J 135 -26.41 -3.06 59.97
C LYS J 135 -26.87 -3.60 58.62
N LYS J 136 -28.15 -3.45 58.28
CA LYS J 136 -28.74 -3.96 57.05
C LYS J 136 -28.79 -2.84 56.02
N ILE J 137 -28.13 -3.03 54.89
CA ILE J 137 -28.12 -2.00 53.87
C ILE J 137 -28.63 -2.58 52.57
N LYS J 138 -29.20 -1.72 51.73
CA LYS J 138 -29.70 -2.10 50.42
C LYS J 138 -28.94 -1.32 49.38
N ASP J 139 -28.34 -2.03 48.43
CA ASP J 139 -27.59 -1.39 47.36
C ASP J 139 -28.54 -0.65 46.42
N ILE J 140 -27.94 -0.06 45.38
CA ILE J 140 -28.70 0.67 44.38
C ILE J 140 -29.71 -0.23 43.69
N TYR J 141 -29.37 -1.50 43.53
CA TYR J 141 -30.27 -2.42 42.86
C TYR J 141 -31.37 -2.96 43.76
N GLY J 142 -31.41 -2.55 45.03
CA GLY J 142 -32.45 -2.96 45.94
C GLY J 142 -32.21 -4.24 46.71
N LYS J 143 -31.09 -4.91 46.49
CA LYS J 143 -30.82 -6.11 47.25
C LYS J 143 -30.21 -5.74 48.58
N ASP J 144 -30.55 -6.49 49.62
CA ASP J 144 -30.02 -6.17 50.93
C ASP J 144 -28.53 -6.48 50.96
N ALA J 145 -27.86 -5.99 52.00
CA ALA J 145 -26.43 -6.20 52.14
C ALA J 145 -25.99 -5.77 53.52
N LEU J 146 -24.96 -6.44 54.04
CA LEU J 146 -24.45 -6.17 55.36
C LEU J 146 -23.29 -5.19 55.29
N LEU J 147 -23.13 -4.41 56.35
CA LEU J 147 -22.19 -3.31 56.32
C LEU J 147 -20.75 -3.76 56.22
N HIS J 148 -20.39 -4.88 56.85
CA HIS J 148 -18.99 -5.29 56.87
C HIS J 148 -18.46 -5.56 55.47
N GLU J 149 -19.17 -6.34 54.66
CA GLU J 149 -18.67 -6.60 53.32
C GLU J 149 -18.66 -5.33 52.48
N HIS J 150 -19.70 -4.52 52.62
CA HIS J 150 -19.82 -3.34 51.78
C HIS J 150 -18.66 -2.40 52.09
N TYR J 151 -18.27 -1.59 51.11
CA TYR J 151 -17.06 -0.79 51.18
C TYR J 151 -17.27 0.70 51.39
N VAL J 152 -18.48 1.16 51.70
CA VAL J 152 -18.68 2.58 51.98
C VAL J 152 -20.01 2.80 52.70
N TYR J 153 -19.97 3.50 53.83
CA TYR J 153 -21.16 3.81 54.61
C TYR J 153 -21.20 5.29 54.98
N ALA J 154 -22.40 5.76 55.25
CA ALA J 154 -22.63 7.15 55.59
C ALA J 154 -23.62 7.24 56.74
N LYS J 155 -23.60 8.39 57.41
CA LYS J 155 -24.42 8.66 58.58
C LYS J 155 -24.90 10.11 58.55
N GLU J 156 -26.17 10.30 58.87
CA GLU J 156 -26.82 11.61 58.85
C GLU J 156 -26.94 12.18 60.26
N GLY J 157 -26.38 13.35 60.47
CA GLY J 157 -26.53 13.98 61.76
C GLY J 157 -26.08 15.43 61.75
N TYR J 158 -25.74 15.93 62.94
CA TYR J 158 -25.23 17.28 63.07
C TYR J 158 -23.90 17.45 62.34
N GLU J 159 -23.02 16.44 62.41
CA GLU J 159 -21.75 16.42 61.70
C GLU J 159 -21.77 15.44 60.54
N PRO J 160 -22.25 15.83 59.37
CA PRO J 160 -22.22 14.93 58.21
C PRO J 160 -20.80 14.47 57.90
N VAL J 161 -20.59 13.17 57.96
CA VAL J 161 -19.29 12.57 57.68
C VAL J 161 -19.47 11.47 56.67
N LEU J 162 -18.51 11.33 55.76
CA LEU J 162 -18.49 10.24 54.78
C LEU J 162 -17.16 9.53 54.80
N VAL J 163 -17.21 8.21 54.95
CA VAL J 163 -16.01 7.38 55.03
C VAL J 163 -16.06 6.37 53.89
N ILE J 164 -14.93 6.26 53.18
CA ILE J 164 -14.77 5.39 52.02
C ILE J 164 -13.60 4.47 52.27
N GLN J 165 -13.76 3.18 51.95
CA GLN J 165 -12.67 2.24 52.15
C GLN J 165 -11.77 2.27 50.92
N SER J 166 -10.48 2.45 51.14
CA SER J 166 -9.54 2.58 50.02
C SER J 166 -9.38 1.27 49.27
N SER J 167 -9.24 1.37 47.95
CA SER J 167 -9.02 0.20 47.11
C SER J 167 -8.37 0.65 45.81
N GLU J 168 -7.83 -0.32 45.08
CA GLU J 168 -7.09 -0.07 43.85
C GLU J 168 -7.94 -0.22 42.61
N ASP J 169 -9.22 -0.56 42.76
CA ASP J 169 -10.07 -0.89 41.62
C ASP J 169 -11.19 0.12 41.44
N TYR J 170 -10.88 1.40 41.60
CA TYR J 170 -11.91 2.42 41.40
C TYR J 170 -11.92 2.99 39.99
N VAL J 171 -10.76 3.05 39.33
CA VAL J 171 -10.75 3.47 37.93
C VAL J 171 -11.16 2.33 37.02
N GLU J 172 -10.65 1.13 37.29
CA GLU J 172 -10.83 0.00 36.39
C GLU J 172 -12.31 -0.39 36.28
N ASN J 173 -13.00 -0.53 37.39
CA ASN J 173 -14.35 -1.03 37.32
C ASN J 173 -15.32 0.14 37.43
N THR J 174 -16.61 -0.18 37.39
CA THR J 174 -17.63 0.84 37.57
C THR J 174 -18.63 0.46 38.66
N GLU J 175 -18.81 -0.84 38.86
CA GLU J 175 -19.80 -1.27 39.85
C GLU J 175 -19.48 -0.71 41.22
N LYS J 176 -18.21 -0.45 41.48
CA LYS J 176 -17.89 0.12 42.77
C LYS J 176 -18.13 1.61 42.74
N ALA J 177 -17.85 2.24 41.61
CA ALA J 177 -18.08 3.67 41.48
C ALA J 177 -19.56 3.99 41.52
N LEU J 178 -20.38 3.14 40.92
CA LEU J 178 -21.81 3.39 40.94
C LEU J 178 -22.35 3.47 42.35
N ASN J 179 -21.89 2.58 43.23
CA ASN J 179 -22.38 2.66 44.60
C ASN J 179 -21.89 3.93 45.26
N VAL J 180 -20.66 4.33 44.94
CA VAL J 180 -20.12 5.55 45.50
C VAL J 180 -20.89 6.76 44.99
N TYR J 181 -21.10 6.83 43.67
CA TYR J 181 -21.87 7.93 43.15
C TYR J 181 -23.29 7.90 43.69
N TYR J 182 -23.83 6.70 43.90
CA TYR J 182 -25.18 6.60 44.46
C TYR J 182 -25.22 7.19 45.86
N GLU J 183 -24.17 6.96 46.64
CA GLU J 183 -24.14 7.52 47.97
C GLU J 183 -23.89 9.02 47.91
N ILE J 184 -23.16 9.47 46.89
CA ILE J 184 -22.94 10.90 46.75
C ILE J 184 -24.21 11.62 46.37
N GLY J 185 -25.01 11.00 45.50
CA GLY J 185 -26.29 11.59 45.15
C GLY J 185 -27.24 11.60 46.32
N LYS J 186 -27.10 10.64 47.22
CA LYS J 186 -27.98 10.60 48.38
C LYS J 186 -27.65 11.69 49.39
N ILE J 187 -26.37 12.01 49.57
CA ILE J 187 -26.00 13.09 50.47
C ILE J 187 -26.55 14.43 50.01
N LEU J 188 -26.48 14.69 48.71
CA LEU J 188 -26.95 15.97 48.19
C LEU J 188 -28.45 16.13 48.43
N SER J 189 -29.23 15.10 48.11
CA SER J 189 -30.68 15.27 48.22
C SER J 189 -31.14 15.23 49.68
N ARG J 190 -30.60 14.33 50.48
CA ARG J 190 -31.13 14.22 51.83
C ARG J 190 -30.47 15.22 52.78
N ASP J 191 -29.18 15.47 52.62
CA ASP J 191 -28.52 16.37 53.56
C ASP J 191 -28.33 17.77 53.01
N ILE J 192 -28.09 17.91 51.71
CA ILE J 192 -27.84 19.23 51.15
C ILE J 192 -29.14 19.89 50.72
N LEU J 193 -29.76 19.36 49.67
CA LEU J 193 -30.96 19.97 49.13
C LEU J 193 -32.06 20.10 50.19
N SER J 194 -32.11 19.18 51.15
CA SER J 194 -33.17 19.22 52.15
C SER J 194 -33.12 20.52 52.95
N LYS J 195 -31.94 21.12 53.07
CA LYS J 195 -31.82 22.39 53.76
C LYS J 195 -32.46 23.53 53.00
N ILE J 196 -32.72 23.34 51.71
CA ILE J 196 -33.36 24.35 50.89
C ILE J 196 -34.68 23.87 50.32
N ASN J 197 -35.07 22.63 50.59
CA ASN J 197 -36.33 22.07 50.09
C ASN J 197 -36.36 22.18 48.56
N GLN J 198 -35.20 21.92 47.96
CA GLN J 198 -35.05 22.12 46.52
C GLN J 198 -35.95 21.24 45.68
N PRO J 199 -36.16 19.97 45.98
CA PRO J 199 -37.11 19.18 45.18
C PRO J 199 -38.51 19.77 45.23
N TYR J 200 -39.04 20.11 44.04
CA TYR J 200 -40.36 20.74 43.99
C TYR J 200 -41.05 20.48 42.64
N GLN J 201 -41.89 21.43 42.21
CA GLN J 201 -42.84 21.21 41.11
C GLN J 201 -42.15 20.77 39.82
N LYS J 202 -41.01 21.39 39.48
CA LYS J 202 -40.34 21.01 38.26
C LYS J 202 -39.93 19.55 38.33
N PHE J 203 -39.36 19.15 39.47
CA PHE J 203 -39.00 17.75 39.65
C PHE J 203 -40.25 16.90 39.69
N LEU J 204 -41.32 17.43 40.27
CA LEU J 204 -42.55 16.65 40.33
C LEU J 204 -43.14 16.49 38.94
N ASP J 205 -42.88 17.46 38.06
CA ASP J 205 -43.51 17.42 36.75
C ASP J 205 -42.89 16.35 35.86
N VAL J 206 -41.56 16.28 35.80
CA VAL J 206 -40.94 15.17 35.10
C VAL J 206 -41.31 13.84 35.75
N LEU J 207 -41.20 13.77 37.08
CA LEU J 207 -41.57 12.54 37.79
C LEU J 207 -42.97 12.11 37.42
N ASN J 208 -43.93 13.02 37.48
CA ASN J 208 -45.30 12.65 37.13
C ASN J 208 -45.35 12.16 35.69
N THR J 209 -44.51 12.72 34.81
CA THR J 209 -44.53 12.30 33.42
C THR J 209 -44.05 10.86 33.26
N ILE J 210 -43.33 10.33 34.23
CA ILE J 210 -42.83 8.96 34.10
C ILE J 210 -43.95 7.99 34.37
N LYS J 211 -44.77 8.27 35.39
CA LYS J 211 -45.83 7.33 35.73
C LYS J 211 -46.75 7.16 34.54
N ASN J 212 -47.12 8.27 33.90
CA ASN J 212 -48.03 8.22 32.77
C ASN J 212 -47.17 8.35 31.51
N ALA J 213 -46.78 7.21 30.96
CA ALA J 213 -46.06 7.20 29.70
C ALA J 213 -46.16 5.80 29.12
N SER J 214 -46.19 5.72 27.80
CA SER J 214 -46.34 4.44 27.11
C SER J 214 -45.36 3.39 27.63
N ASP J 215 -45.87 2.37 28.33
CA ASP J 215 -45.15 1.20 28.82
C ASP J 215 -43.68 1.53 29.09
N SER J 216 -43.43 2.57 29.86
CA SER J 216 -42.07 2.99 30.10
C SER J 216 -41.54 2.22 31.30
N ASP J 217 -40.69 1.23 31.05
CA ASP J 217 -40.05 0.51 32.15
C ASP J 217 -39.20 1.45 32.98
N GLY J 218 -39.09 2.71 32.53
CA GLY J 218 -38.35 3.71 33.29
C GLY J 218 -38.79 3.72 34.73
N GLN J 219 -40.10 3.54 34.95
CA GLN J 219 -40.63 3.49 36.30
C GLN J 219 -39.90 2.42 37.09
N ASP J 220 -39.85 1.22 36.51
CA ASP J 220 -39.15 0.13 37.18
C ASP J 220 -37.74 0.55 37.50
N LEU J 221 -37.15 1.37 36.64
CA LEU J 221 -35.77 1.79 36.85
C LEU J 221 -35.68 2.85 37.93
N LEU J 222 -36.68 3.70 38.06
CA LEU J 222 -36.58 4.79 39.01
C LEU J 222 -37.60 4.72 40.13
N PHE J 223 -38.72 4.06 39.95
CA PHE J 223 -39.75 4.00 40.97
C PHE J 223 -39.57 2.71 41.77
N THR J 224 -39.84 2.76 43.06
CA THR J 224 -39.81 1.54 43.84
C THR J 224 -41.17 0.86 43.72
N ASN J 225 -41.37 -0.20 44.50
CA ASN J 225 -42.67 -0.85 44.42
C ASN J 225 -43.74 0.01 45.09
N GLN J 226 -43.41 0.61 46.24
CA GLN J 226 -44.38 1.47 46.91
C GLN J 226 -44.87 2.55 45.97
N LEU J 227 -43.97 3.07 45.14
CA LEU J 227 -44.37 4.13 44.24
C LEU J 227 -45.16 3.54 43.09
N LYS J 228 -44.69 2.39 42.60
CA LYS J 228 -45.33 1.70 41.50
C LYS J 228 -46.74 1.28 41.90
N GLU J 229 -47.13 1.58 43.13
CA GLU J 229 -48.42 1.17 43.66
C GLU J 229 -49.29 2.36 44.03
N HIS J 230 -48.85 3.56 43.72
CA HIS J 230 -49.73 4.71 43.89
C HIS J 230 -50.63 4.84 42.67
N PRO J 231 -51.93 4.58 42.83
CA PRO J 231 -52.77 4.48 41.63
C PRO J 231 -52.83 5.76 40.84
N THR J 232 -52.90 6.90 41.51
CA THR J 232 -53.09 8.16 40.81
C THR J 232 -51.75 8.85 40.59
N ASP J 233 -51.82 10.04 40.00
CA ASP J 233 -50.62 10.82 39.72
C ASP J 233 -50.03 11.36 41.01
N PHE J 234 -48.76 11.73 40.93
CA PHE J 234 -48.04 12.18 42.12
C PHE J 234 -48.58 13.54 42.55
N SER J 235 -48.59 13.76 43.86
CA SER J 235 -49.19 14.95 44.45
C SER J 235 -48.18 15.65 45.34
N VAL J 236 -48.31 16.98 45.42
CA VAL J 236 -47.39 17.77 46.21
C VAL J 236 -47.50 17.36 47.67
N GLU J 237 -48.64 16.80 48.06
CA GLU J 237 -48.80 16.33 49.42
C GLU J 237 -47.90 15.13 49.68
N PHE J 238 -47.77 14.23 48.70
CA PHE J 238 -46.99 13.02 48.95
C PHE J 238 -45.56 13.38 49.33
N LEU J 239 -44.95 14.32 48.61
CA LEU J 239 -43.56 14.67 48.93
C LEU J 239 -43.43 15.16 50.36
N GLU J 240 -44.41 15.93 50.83
CA GLU J 240 -44.32 16.43 52.20
C GLU J 240 -44.50 15.29 53.19
N GLN J 241 -45.53 14.47 52.98
CA GLN J 241 -45.80 13.37 53.89
C GLN J 241 -44.74 12.30 53.78
N ASN J 242 -44.30 12.00 52.56
CA ASN J 242 -43.23 11.04 52.34
C ASN J 242 -42.13 11.76 51.59
N SER J 243 -40.97 11.89 52.22
CA SER J 243 -39.88 12.61 51.61
C SER J 243 -38.61 11.78 51.53
N ASN J 244 -38.60 10.57 52.06
CA ASN J 244 -37.45 9.73 51.88
C ASN J 244 -37.51 9.03 50.53
N GLU J 245 -38.69 8.61 50.12
CA GLU J 245 -38.82 7.89 48.86
C GLU J 245 -38.47 8.79 47.69
N VAL J 246 -39.03 10.00 47.68
CA VAL J 246 -38.79 10.91 46.57
C VAL J 246 -37.33 11.32 46.52
N GLN J 247 -36.74 11.66 47.66
CA GLN J 247 -35.33 12.05 47.70
C GLN J 247 -34.43 10.96 47.13
N GLU J 248 -34.81 9.68 47.31
CA GLU J 248 -34.00 8.61 46.78
C GLU J 248 -34.00 8.61 45.25
N VAL J 249 -35.18 8.74 44.65
CA VAL J 249 -35.27 8.74 43.19
C VAL J 249 -34.39 9.83 42.61
N PHE J 250 -34.38 11.00 43.22
CA PHE J 250 -33.50 12.04 42.74
C PHE J 250 -32.06 11.57 42.80
N ALA J 251 -31.66 11.04 43.95
CA ALA J 251 -30.29 10.57 44.15
C ALA J 251 -29.90 9.56 43.09
N LYS J 252 -30.79 8.61 42.82
CA LYS J 252 -30.49 7.59 41.82
C LYS J 252 -30.21 8.24 40.48
N ALA J 253 -31.08 9.16 40.06
CA ALA J 253 -30.88 9.82 38.78
C ALA J 253 -29.53 10.49 38.72
N PHE J 254 -29.13 11.15 39.80
CA PHE J 254 -27.83 11.79 39.83
C PHE J 254 -26.72 10.80 39.55
N ALA J 255 -26.75 9.65 40.21
CA ALA J 255 -25.70 8.65 40.03
C ALA J 255 -25.61 8.22 38.57
N TYR J 256 -26.74 7.81 37.99
CA TYR J 256 -26.73 7.34 36.62
C TYR J 256 -26.21 8.40 35.66
N TYR J 257 -26.35 9.66 36.02
CA TYR J 257 -25.91 10.70 35.10
C TYR J 257 -24.40 10.80 35.05
N ILE J 258 -23.74 10.55 36.17
CA ILE J 258 -22.31 10.75 36.21
C ILE J 258 -21.57 9.70 35.38
N GLU J 259 -21.95 8.44 35.49
CA GLU J 259 -21.20 7.39 34.78
C GLU J 259 -21.28 7.41 33.26
N PRO J 260 -20.20 7.81 32.56
CA PRO J 260 -20.22 7.90 31.10
C PRO J 260 -20.86 6.72 30.39
N GLN J 261 -20.39 5.51 30.71
CA GLN J 261 -20.93 4.35 30.04
C GLN J 261 -22.38 4.13 30.37
N HIS J 262 -22.83 4.62 31.50
CA HIS J 262 -24.22 4.44 31.84
C HIS J 262 -25.05 5.62 31.41
N ARG J 263 -24.38 6.69 30.99
CA ARG J 263 -25.07 7.91 30.60
C ARG J 263 -26.05 7.67 29.49
N ASP J 264 -25.66 6.89 28.49
CA ASP J 264 -26.53 6.65 27.36
C ASP J 264 -27.77 5.89 27.78
N VAL J 265 -27.59 4.89 28.63
CA VAL J 265 -28.74 4.12 29.10
C VAL J 265 -29.76 5.03 29.73
N LEU J 266 -29.28 5.97 30.54
CA LEU J 266 -30.18 6.89 31.22
C LEU J 266 -31.02 7.67 30.22
N GLN J 267 -30.37 8.32 29.26
CA GLN J 267 -31.10 9.12 28.30
C GLN J 267 -32.09 8.28 27.52
N LEU J 268 -31.84 6.98 27.38
CA LEU J 268 -32.70 6.14 26.59
C LEU J 268 -34.06 5.88 27.24
N TYR J 269 -34.07 5.58 28.51
CA TYR J 269 -35.35 5.22 29.10
C TYR J 269 -36.12 6.37 29.72
N ALA J 270 -35.47 7.46 30.05
CA ALA J 270 -36.16 8.62 30.61
C ALA J 270 -35.66 9.85 29.88
N PRO J 271 -36.08 10.04 28.63
CA PRO J 271 -35.58 11.17 27.85
C PRO J 271 -35.76 12.51 28.54
N GLU J 272 -36.99 12.81 28.94
CA GLU J 272 -37.25 14.07 29.64
C GLU J 272 -36.43 14.15 30.92
N ALA J 273 -36.30 13.03 31.63
CA ALA J 273 -35.53 13.03 32.86
C ALA J 273 -34.07 13.31 32.57
N PHE J 274 -33.55 12.73 31.48
CA PHE J 274 -32.18 13.04 31.11
C PHE J 274 -32.06 14.52 30.82
N ASN J 275 -33.04 15.06 30.11
CA ASN J 275 -33.01 16.48 29.79
C ASN J 275 -33.01 17.28 31.08
N TYR J 276 -33.85 16.87 32.03
CA TYR J 276 -33.93 17.53 33.32
C TYR J 276 -32.57 17.55 34.02
N MET J 277 -31.93 16.39 34.15
CA MET J 277 -30.64 16.35 34.82
C MET J 277 -29.58 17.06 34.00
N ASP J 278 -29.75 17.08 32.69
CA ASP J 278 -28.78 17.71 31.81
C ASP J 278 -28.74 19.21 32.06
N LYS J 279 -29.89 19.85 32.18
CA LYS J 279 -29.92 21.28 32.42
C LYS J 279 -29.45 21.63 33.81
N PHE J 280 -29.56 20.70 34.77
CA PHE J 280 -29.13 20.99 36.13
C PHE J 280 -27.62 21.05 36.23
N ASN J 281 -26.93 20.04 35.71
CA ASN J 281 -25.47 20.05 35.80
C ASN J 281 -24.85 21.03 34.82
N GLU J 282 -25.56 21.41 33.76
CA GLU J 282 -24.95 22.32 32.80
C GLU J 282 -24.81 23.71 33.39
N GLN J 283 -25.95 24.35 33.73
CA GLN J 283 -25.87 25.72 34.20
C GLN J 283 -26.77 25.99 35.40
N GLU J 284 -27.16 24.95 36.14
CA GLU J 284 -28.04 25.11 37.29
C GLU J 284 -27.42 24.62 38.60
N ILE J 285 -26.09 24.54 38.65
CA ILE J 285 -25.41 24.10 39.86
C ILE J 285 -24.70 25.25 40.56
N ASN J 286 -24.22 26.25 39.81
CA ASN J 286 -23.72 27.47 40.44
C ASN J 286 -24.79 28.16 41.24
N LEU J 287 -26.05 28.05 40.83
CA LEU J 287 -27.13 28.67 41.59
C LEU J 287 -27.30 27.99 42.94
N SER J 288 -26.98 26.70 43.03
CA SER J 288 -27.10 26.01 44.31
C SER J 288 -26.13 26.57 45.34
N LEU J 289 -24.88 26.81 44.94
CA LEU J 289 -23.89 27.33 45.86
C LEU J 289 -24.25 28.73 46.35
N GLU J 290 -24.65 29.62 45.44
CA GLU J 290 -24.94 30.99 45.88
C GLU J 290 -26.08 31.00 46.89
N GLU J 291 -27.13 30.22 46.64
CA GLU J 291 -28.25 30.24 47.55
C GLU J 291 -27.89 29.64 48.91
N LEU J 292 -27.04 28.62 48.95
CA LEU J 292 -26.65 28.06 50.24
C LEU J 292 -25.87 29.05 51.09
N LYS J 293 -24.92 29.78 50.51
CA LYS J 293 -24.16 30.73 51.31
C LYS J 293 -25.04 31.80 51.95
N ASP J 294 -26.17 32.14 51.34
CA ASP J 294 -27.05 33.19 51.87
C ASP J 294 -27.70 32.85 53.21
N GLN J 295 -27.53 31.65 53.77
CA GLN J 295 -28.09 31.40 55.10
C GLN J 295 -27.08 31.65 56.21
N ARG J 296 -25.79 31.59 55.92
CA ARG J 296 -24.77 31.77 56.94
C ARG J 296 -24.53 33.26 57.14
N MET J 297 -24.78 33.74 58.36
CA MET J 297 -24.68 35.18 58.62
C MET J 297 -23.27 35.69 58.31
N LEU J 298 -22.25 34.91 58.69
CA LEU J 298 -20.89 35.36 58.50
C LEU J 298 -20.60 35.58 57.02
N ALA J 299 -21.06 34.65 56.19
CA ALA J 299 -20.78 34.73 54.76
C ALA J 299 -21.43 35.95 54.15
N ARG J 300 -22.73 36.15 54.42
CA ARG J 300 -23.43 37.26 53.79
C ARG J 300 -22.80 38.57 54.22
N TYR J 301 -22.48 38.69 55.51
CA TYR J 301 -21.87 39.91 55.99
C TYR J 301 -20.53 40.13 55.32
N GLU J 302 -19.74 39.05 55.18
CA GLU J 302 -18.44 39.18 54.55
C GLU J 302 -18.59 39.61 53.09
N LYS J 303 -19.55 39.02 52.39
CA LYS J 303 -19.75 39.38 51.00
C LYS J 303 -20.13 40.85 50.86
N TRP J 304 -21.03 41.31 51.74
CA TRP J 304 -21.47 42.70 51.69
C TRP J 304 -20.31 43.64 51.98
N GLU J 305 -19.49 43.31 52.96
CA GLU J 305 -18.34 44.14 53.34
C GLU J 305 -17.35 44.26 52.19
N LYS J 306 -17.06 43.15 51.50
CA LYS J 306 -16.09 43.16 50.42
C LYS J 306 -16.49 44.08 49.28
N ILE J 307 -17.76 44.02 48.86
CA ILE J 307 -18.18 44.84 47.73
C ILE J 307 -18.08 46.31 48.08
N LYS J 308 -18.40 46.66 49.33
CA LYS J 308 -18.34 48.06 49.75
C LYS J 308 -16.91 48.56 49.71
N GLN J 309 -15.95 47.72 50.10
CA GLN J 309 -14.54 48.14 50.21
C GLN J 309 -13.91 48.38 48.86
N HIS J 310 -14.67 48.25 47.77
CA HIS J 310 -14.23 48.54 46.42
C HIS J 310 -14.74 49.90 45.96
N TYR J 311 -16.05 50.12 46.07
CA TYR J 311 -16.71 51.32 45.58
C TYR J 311 -16.56 52.50 46.54
N GLN J 312 -15.88 52.30 47.67
CA GLN J 312 -15.76 53.34 48.70
C GLN J 312 -15.09 54.60 48.15
N HIS J 313 -14.01 54.42 47.39
CA HIS J 313 -13.22 55.55 46.89
C HIS J 313 -14.08 56.53 46.10
N TRP J 314 -14.90 56.02 45.18
CA TRP J 314 -15.76 56.92 44.42
C TRP J 314 -16.87 57.52 45.28
N SER J 315 -17.30 56.82 46.33
CA SER J 315 -18.32 57.39 47.20
C SER J 315 -17.83 58.67 47.87
N ASP J 316 -16.57 58.69 48.29
CA ASP J 316 -16.01 59.94 48.80
C ASP J 316 -15.96 60.99 47.71
N SER J 317 -15.61 60.59 46.49
CA SER J 317 -15.56 61.50 45.36
C SER J 317 -16.94 62.02 44.97
N LEU J 318 -18.00 61.30 45.32
CA LEU J 318 -19.35 61.66 44.88
C LEU J 318 -19.71 63.08 45.30
N SER J 319 -20.29 63.83 44.37
CA SER J 319 -20.67 65.21 44.63
C SER J 319 -22.01 65.29 45.36
N GLU J 320 -22.25 66.46 45.95
CA GLU J 320 -23.50 66.70 46.67
C GLU J 320 -24.70 66.60 45.73
N GLU J 321 -24.62 67.29 44.58
CA GLU J 321 -25.67 67.21 43.57
C GLU J 321 -26.08 65.78 43.27
N GLY J 322 -25.11 64.87 43.17
CA GLY J 322 -25.44 63.47 42.93
C GLY J 322 -26.30 62.90 44.04
N ARG J 323 -25.89 63.10 45.29
CA ARG J 323 -26.67 62.62 46.42
C ARG J 323 -28.08 63.23 46.42
N GLY J 324 -28.17 64.53 46.13
CA GLY J 324 -29.48 65.16 46.06
C GLY J 324 -30.39 64.53 45.01
N LEU J 325 -29.84 64.21 43.85
CA LEU J 325 -30.64 63.58 42.81
C LEU J 325 -31.09 62.19 43.26
N LEU J 326 -30.17 61.40 43.80
CA LEU J 326 -30.51 60.07 44.28
C LEU J 326 -31.56 60.12 45.39
N LYS J 327 -31.55 61.17 46.21
CA LYS J 327 -32.54 61.29 47.28
C LYS J 327 -33.94 61.41 46.71
N LYS J 328 -34.18 62.45 45.90
CA LYS J 328 -35.50 62.61 45.29
C LYS J 328 -35.83 61.45 44.35
N LEU J 329 -34.82 60.72 43.89
CA LEU J 329 -35.08 59.52 43.09
C LEU J 329 -35.66 58.41 43.97
N GLN J 330 -34.96 58.10 45.07
CA GLN J 330 -35.39 56.99 45.93
C GLN J 330 -36.77 57.27 46.51
N ILE J 331 -37.02 58.51 46.93
CA ILE J 331 -38.28 58.86 47.57
C ILE J 331 -39.07 59.76 46.63
N PRO J 332 -40.23 59.33 46.15
CA PRO J 332 -41.02 60.23 45.29
C PRO J 332 -41.53 61.41 46.07
N ILE J 333 -41.59 62.57 45.41
CA ILE J 333 -42.03 63.81 46.02
C ILE J 333 -43.46 64.08 45.54
N GLU J 334 -44.41 64.04 46.45
CA GLU J 334 -45.81 64.24 46.10
C GLU J 334 -46.17 65.72 46.12
N HIS J 342 -53.45 77.03 46.09
CA HIS J 342 -52.92 78.38 46.16
C HIS J 342 -52.38 78.83 44.81
N SER J 343 -52.24 77.88 43.89
CA SER J 343 -51.71 78.16 42.56
C SER J 343 -52.80 78.44 41.53
N LEU J 344 -54.08 78.24 41.87
CA LEU J 344 -55.16 78.53 40.94
C LEU J 344 -55.73 79.92 41.19
N SER J 345 -56.42 80.09 42.32
CA SER J 345 -56.94 81.38 42.77
C SER J 345 -58.02 81.94 41.84
N GLN J 346 -58.25 81.27 40.71
CA GLN J 346 -59.19 81.77 39.71
C GLN J 346 -60.56 81.10 39.86
N GLU J 347 -61.21 80.80 38.74
CA GLU J 347 -62.54 80.22 38.77
C GLU J 347 -62.53 78.81 39.34
N GLU J 348 -61.41 78.09 39.20
CA GLU J 348 -61.34 76.71 39.67
C GLU J 348 -61.76 76.57 41.13
N LYS J 349 -61.39 77.54 41.97
CA LYS J 349 -61.78 77.47 43.37
C LYS J 349 -63.28 77.70 43.53
N GLU J 350 -63.83 78.68 42.80
CA GLU J 350 -65.27 78.93 42.85
C GLU J 350 -66.05 77.68 42.48
N LEU J 351 -65.72 77.08 41.33
CA LEU J 351 -66.41 75.87 40.89
C LEU J 351 -66.27 74.76 41.93
N LEU J 352 -65.04 74.55 42.41
CA LEU J 352 -64.81 73.47 43.37
C LEU J 352 -65.62 73.66 44.64
N LYS J 353 -65.76 74.90 45.09
CA LYS J 353 -66.50 75.26 46.31
C LYS J 353 -67.79 74.45 46.52
N THR J 365 -59.07 57.59 42.56
CA THR J 365 -59.31 57.60 44.00
C THR J 365 -58.23 58.39 44.72
N GLU J 366 -56.98 58.05 44.45
CA GLU J 366 -55.87 58.77 45.07
C GLU J 366 -55.88 60.24 44.65
N GLU J 367 -56.33 60.52 43.43
CA GLU J 367 -56.39 61.90 42.96
C GLU J 367 -57.64 62.60 43.48
N LYS J 368 -58.70 61.83 43.74
CA LYS J 368 -59.91 62.41 44.30
C LYS J 368 -59.71 62.81 45.75
N GLU J 369 -59.15 61.90 46.56
CA GLU J 369 -58.86 62.22 47.95
C GLU J 369 -57.94 63.43 48.06
N PHE J 370 -56.85 63.42 47.29
CA PHE J 370 -55.90 64.54 47.33
C PHE J 370 -56.58 65.85 46.96
N LEU J 371 -57.36 65.84 45.88
CA LEU J 371 -58.07 67.03 45.41
C LEU J 371 -59.12 67.46 46.42
N LEU J 401 -69.37 66.39 37.86
CA LEU J 401 -69.72 67.32 36.79
C LEU J 401 -69.44 66.71 35.42
N SER J 402 -70.25 67.08 34.43
CA SER J 402 -70.12 66.58 33.07
C SER J 402 -70.11 67.72 32.06
N GLU J 403 -69.60 68.88 32.47
CA GLU J 403 -69.56 70.05 31.60
C GLU J 403 -68.13 70.51 31.41
N LYS J 404 -67.94 71.79 31.09
CA LYS J 404 -66.61 72.36 30.87
C LYS J 404 -65.76 72.38 32.14
N GLU J 405 -66.25 71.85 33.26
CA GLU J 405 -65.48 71.85 34.50
C GLU J 405 -64.64 70.59 34.68
N LYS J 406 -64.98 69.50 34.01
CA LYS J 406 -64.19 68.28 34.10
C LYS J 406 -62.91 68.36 33.30
N GLU J 407 -62.77 69.36 32.41
CA GLU J 407 -61.54 69.55 31.66
C GLU J 407 -60.45 70.16 32.52
N PHE J 408 -60.82 70.99 33.50
CA PHE J 408 -59.84 71.58 34.39
C PHE J 408 -59.18 70.52 35.27
N LEU J 409 -59.90 69.43 35.55
CA LEU J 409 -59.31 68.36 36.36
C LEU J 409 -58.34 67.52 35.54
N LYS J 410 -58.58 67.37 34.24
CA LYS J 410 -57.63 66.66 33.39
C LYS J 410 -56.31 67.40 33.32
N LYS J 411 -56.36 68.72 33.09
CA LYS J 411 -55.14 69.52 33.09
C LYS J 411 -54.48 69.50 34.46
N LEU J 412 -55.26 69.68 35.52
CA LEU J 412 -54.70 69.68 36.86
C LEU J 412 -54.09 68.33 37.21
N LYS J 413 -54.67 67.24 36.71
CA LYS J 413 -54.13 65.91 36.96
C LYS J 413 -52.70 65.79 36.46
N LEU J 414 -52.40 66.43 35.33
CA LEU J 414 -51.03 66.41 34.82
C LEU J 414 -50.14 67.34 35.64
N ASP J 415 -50.70 68.46 36.11
CA ASP J 415 -49.95 69.41 36.92
C ASP J 415 -49.85 69.00 38.38
N ILE J 416 -50.64 68.03 38.83
CA ILE J 416 -50.64 67.59 40.23
C ILE J 416 -49.94 66.25 40.40
N GLN J 417 -49.28 65.75 39.35
CA GLN J 417 -48.58 64.48 39.49
C GLN J 417 -47.27 64.68 40.24
N PRO J 418 -46.87 63.69 41.05
CA PRO J 418 -45.60 63.83 41.78
C PRO J 418 -44.41 63.85 40.83
N TYR J 419 -43.38 64.60 41.21
CA TYR J 419 -42.17 64.68 40.40
C TYR J 419 -41.38 63.40 40.61
N ASP J 420 -41.46 62.50 39.64
CA ASP J 420 -40.84 61.18 39.71
C ASP J 420 -40.06 60.92 38.42
N ILE J 421 -39.16 59.96 38.47
CA ILE J 421 -38.28 59.65 37.35
C ILE J 421 -38.44 58.21 36.85
N ASN J 422 -38.31 57.23 37.75
CA ASN J 422 -38.38 55.83 37.31
C ASN J 422 -39.71 55.45 36.66
N GLN J 423 -40.84 55.94 37.16
CA GLN J 423 -42.08 55.58 36.45
C GLN J 423 -42.20 56.34 35.13
N ARG J 424 -41.80 57.62 35.12
CA ARG J 424 -41.87 58.42 33.91
C ARG J 424 -41.04 57.82 32.79
N LEU J 425 -39.83 57.33 33.12
CA LEU J 425 -39.00 56.76 32.07
C LEU J 425 -39.61 55.47 31.58
N GLN J 426 -40.19 54.69 32.50
CA GLN J 426 -40.83 53.43 32.12
C GLN J 426 -42.18 53.69 31.46
N ASP J 427 -42.94 54.65 31.97
CA ASP J 427 -44.25 54.96 31.40
C ASP J 427 -44.13 55.56 30.02
N THR J 428 -43.11 56.38 29.79
CA THR J 428 -42.94 57.05 28.52
C THR J 428 -42.00 56.31 27.58
N GLY J 429 -41.30 55.28 28.07
CA GLY J 429 -40.38 54.55 27.23
C GLY J 429 -39.17 55.32 26.78
N GLY J 430 -38.84 56.40 27.49
CA GLY J 430 -37.68 57.21 27.13
C GLY J 430 -38.04 58.43 26.33
N ASN J 438 -47.22 69.83 32.18
CA ASN J 438 -46.77 71.16 31.80
C ASN J 438 -45.32 71.16 31.30
N LEU J 439 -45.08 71.99 30.27
CA LEU J 439 -43.78 72.05 29.63
C LEU J 439 -42.68 72.49 30.60
N ASP J 440 -42.98 73.40 31.52
CA ASP J 440 -41.95 73.91 32.42
C ASP J 440 -41.32 72.78 33.23
N VAL J 441 -42.14 71.85 33.72
CA VAL J 441 -41.59 70.71 34.46
C VAL J 441 -40.67 69.89 33.57
N ARG J 442 -40.97 69.83 32.27
CA ARG J 442 -40.14 69.03 31.36
C ARG J 442 -38.70 69.50 31.38
N LYS J 443 -38.47 70.81 31.45
CA LYS J 443 -37.11 71.33 31.49
C LYS J 443 -36.38 70.78 32.71
N GLN J 444 -37.08 70.72 33.84
CA GLN J 444 -36.53 70.13 35.05
C GLN J 444 -36.26 68.65 34.82
N TYR J 445 -37.20 67.94 34.20
CA TYR J 445 -37.01 66.53 33.86
C TYR J 445 -35.77 66.36 33.01
N LYS J 446 -35.64 67.17 31.95
CA LYS J 446 -34.52 67.01 31.03
C LYS J 446 -33.19 67.21 31.74
N ARG J 447 -33.09 68.27 32.54
CA ARG J 447 -31.84 68.56 33.23
C ARG J 447 -31.53 67.51 34.28
N ASP J 448 -32.53 67.12 35.07
CA ASP J 448 -32.30 66.15 36.14
C ASP J 448 -31.95 64.79 35.58
N ILE J 449 -32.64 64.37 34.52
CA ILE J 449 -32.30 63.11 33.87
C ILE J 449 -30.91 63.16 33.26
N GLN J 450 -30.57 64.28 32.61
CA GLN J 450 -29.22 64.42 32.07
C GLN J 450 -28.18 64.43 33.19
N ASN J 451 -28.45 65.16 34.27
CA ASN J 451 -27.48 65.24 35.36
C ASN J 451 -27.30 63.89 36.04
N ILE J 452 -28.41 63.19 36.33
CA ILE J 452 -28.32 61.88 36.97
C ILE J 452 -27.62 60.89 36.03
N ASP J 453 -27.85 61.02 34.72
CA ASP J 453 -27.22 60.11 33.77
C ASP J 453 -25.70 60.25 33.80
N ALA J 454 -25.19 61.47 33.84
CA ALA J 454 -23.76 61.70 33.81
C ALA J 454 -23.12 61.56 35.19
N LEU J 455 -23.54 60.55 35.95
CA LEU J 455 -23.00 60.29 37.28
C LEU J 455 -22.22 58.99 37.33
N LEU J 456 -22.85 57.87 36.98
CA LEU J 456 -22.28 56.55 37.19
C LEU J 456 -21.38 56.21 36.02
N HIS J 457 -20.08 56.43 36.19
CA HIS J 457 -19.09 55.98 35.23
C HIS J 457 -18.50 54.62 35.59
N GLN J 458 -18.94 54.03 36.70
CA GLN J 458 -18.36 52.79 37.21
C GLN J 458 -19.15 51.59 36.70
N SER J 459 -18.57 50.88 35.73
CA SER J 459 -19.14 49.60 35.32
C SER J 459 -18.94 48.57 36.42
N ILE J 460 -19.78 47.54 36.41
CA ILE J 460 -19.74 46.53 37.45
C ILE J 460 -18.46 45.71 37.41
N GLY J 461 -17.84 45.59 36.23
CA GLY J 461 -16.62 44.82 36.04
C GLY J 461 -15.56 44.93 37.12
N ASN J 466 -16.12 38.16 41.52
CA ASN J 466 -16.75 37.33 40.51
C ASN J 466 -18.24 37.66 40.43
N LYS J 467 -19.00 36.88 39.68
CA LYS J 467 -20.43 37.11 39.53
C LYS J 467 -21.11 37.21 40.89
N ILE J 468 -21.74 38.35 41.14
CA ILE J 468 -22.45 38.63 42.38
C ILE J 468 -23.94 38.62 42.06
N TYR J 469 -24.72 37.97 42.91
CA TYR J 469 -26.16 37.91 42.71
C TYR J 469 -26.88 38.78 43.73
N LEU J 470 -27.91 39.47 43.24
CA LEU J 470 -28.71 40.42 43.99
C LEU J 470 -30.17 40.03 43.93
N TYR J 471 -30.96 40.59 44.85
CA TYR J 471 -32.35 40.24 44.97
C TYR J 471 -33.20 41.50 44.86
N GLU J 472 -34.42 41.33 44.36
CA GLU J 472 -35.36 42.43 44.19
C GLU J 472 -36.77 41.88 44.22
N ASN J 473 -37.61 42.45 45.07
CA ASN J 473 -39.01 42.08 45.18
C ASN J 473 -39.87 43.03 44.35
N MET J 474 -40.78 42.46 43.55
CA MET J 474 -41.59 43.25 42.64
C MET J 474 -43.04 42.81 42.74
N ASN J 475 -43.94 43.79 42.58
CA ASN J 475 -45.38 43.56 42.62
C ASN J 475 -45.87 42.96 41.31
N ILE J 476 -46.58 41.84 41.40
CA ILE J 476 -47.10 41.18 40.21
C ILE J 476 -48.00 42.12 39.43
N ASN J 477 -48.65 43.06 40.10
CA ASN J 477 -49.51 44.02 39.42
C ASN J 477 -48.73 44.89 38.45
N ASN J 478 -47.40 44.88 38.55
CA ASN J 478 -46.57 45.67 37.64
C ASN J 478 -46.41 44.98 36.30
N LEU J 479 -46.55 43.66 36.26
CA LEU J 479 -46.42 42.89 35.03
C LEU J 479 -47.78 42.60 34.41
N THR J 480 -48.76 42.16 35.21
CA THR J 480 -50.09 41.86 34.71
C THR J 480 -51.04 41.87 35.91
N ALA J 481 -51.80 42.97 36.06
CA ALA J 481 -52.72 43.08 37.17
C ALA J 481 -53.95 42.20 37.01
N THR J 482 -54.19 41.67 35.81
CA THR J 482 -55.37 40.83 35.58
C THR J 482 -55.19 39.44 36.19
N LEU J 483 -54.01 38.85 35.98
CA LEU J 483 -53.69 37.56 36.57
C LEU J 483 -53.37 37.68 38.06
N GLY J 484 -52.76 38.79 38.47
CA GLY J 484 -52.38 38.97 39.86
C GLY J 484 -53.53 38.88 40.83
N ALA J 485 -54.76 39.09 40.36
CA ALA J 485 -55.92 39.01 41.25
C ALA J 485 -56.27 37.59 41.61
N ASP J 486 -55.91 36.62 40.77
CA ASP J 486 -56.25 35.22 41.02
C ASP J 486 -55.03 34.31 41.12
N LEU J 487 -53.83 34.87 41.26
CA LEU J 487 -52.63 34.04 41.33
C LEU J 487 -52.66 33.12 42.56
N VAL J 488 -53.16 33.61 43.68
CA VAL J 488 -53.23 32.81 44.91
C VAL J 488 -54.52 32.01 44.88
N ASP J 489 -54.40 30.73 45.18
CA ASP J 489 -55.55 29.83 45.24
C ASP J 489 -56.63 30.41 46.15
N SER J 490 -57.85 30.50 45.62
CA SER J 490 -58.94 31.08 46.38
C SER J 490 -59.16 30.32 47.68
N THR J 491 -58.97 29.00 47.66
CA THR J 491 -59.18 28.20 48.84
C THR J 491 -57.92 28.05 49.69
N ASP J 492 -56.77 28.51 49.21
CA ASP J 492 -55.52 28.42 49.96
C ASP J 492 -54.59 29.53 49.50
N ASN J 493 -54.51 30.60 50.27
CA ASN J 493 -53.71 31.78 49.92
C ASN J 493 -52.21 31.50 49.90
N THR J 494 -51.75 30.37 50.43
CA THR J 494 -50.33 30.07 50.41
C THR J 494 -49.91 29.38 49.12
N LYS J 495 -50.85 28.85 48.36
CA LYS J 495 -50.58 28.13 47.11
C LYS J 495 -51.06 28.92 45.90
N ILE J 496 -50.37 28.72 44.78
CA ILE J 496 -50.71 29.32 43.49
C ILE J 496 -51.20 28.22 42.56
N ASN J 497 -52.29 28.50 41.84
CA ASN J 497 -52.84 27.54 40.90
C ASN J 497 -51.90 27.31 39.73
N ARG J 498 -51.46 26.07 39.56
CA ARG J 498 -50.54 25.72 38.48
C ARG J 498 -51.12 26.06 37.12
N GLY J 499 -52.45 26.00 36.98
CA GLY J 499 -53.07 26.19 35.67
C GLY J 499 -52.79 27.57 35.11
N ILE J 500 -52.97 28.61 35.92
CA ILE J 500 -52.65 29.94 35.45
C ILE J 500 -51.15 30.09 35.32
N PHE J 501 -50.41 29.45 36.22
CA PHE J 501 -48.94 29.51 36.22
C PHE J 501 -48.32 29.01 34.93
N ASN J 502 -48.75 27.85 34.43
CA ASN J 502 -48.13 27.37 33.19
C ASN J 502 -48.36 28.35 32.06
N GLU J 503 -49.50 29.06 32.10
CA GLU J 503 -49.80 30.05 31.08
C GLU J 503 -48.82 31.21 31.18
N PHE J 504 -48.53 31.65 32.40
CA PHE J 504 -47.59 32.75 32.60
C PHE J 504 -46.25 32.42 31.98
N LYS J 505 -45.79 31.17 32.15
CA LYS J 505 -44.47 30.80 31.66
C LYS J 505 -44.47 30.57 30.17
N LYS J 506 -45.63 30.26 29.59
CA LYS J 506 -45.80 29.87 28.20
C LYS J 506 -44.88 30.66 27.27
N ASN J 507 -45.13 31.96 27.15
CA ASN J 507 -44.38 32.82 26.24
C ASN J 507 -43.49 33.82 26.97
N PHE J 508 -42.97 33.44 28.13
CA PHE J 508 -42.09 34.31 28.92
C PHE J 508 -40.65 33.86 28.68
N LYS J 509 -39.98 34.49 27.71
CA LYS J 509 -38.63 34.07 27.37
C LYS J 509 -37.56 35.13 27.61
N TYR J 510 -37.91 36.41 27.57
CA TYR J 510 -36.95 37.48 27.83
C TYR J 510 -37.73 38.71 28.28
N SER J 511 -37.03 39.62 28.96
CA SER J 511 -37.68 40.79 29.56
C SER J 511 -36.71 41.96 29.49
N ILE J 512 -37.24 43.19 29.54
CA ILE J 512 -36.43 44.40 29.45
C ILE J 512 -36.81 45.36 30.57
N SER J 513 -35.80 46.00 31.16
CA SER J 513 -35.97 47.04 32.19
C SER J 513 -35.53 48.37 31.60
N SER J 514 -36.49 49.30 31.44
CA SER J 514 -36.18 50.59 30.85
C SER J 514 -35.77 51.67 31.85
N ASN J 515 -36.09 51.53 33.13
CA ASN J 515 -35.74 52.52 34.14
C ASN J 515 -34.56 52.04 34.99
N TYR J 516 -34.30 52.77 36.08
CA TYR J 516 -33.19 52.45 36.98
C TYR J 516 -33.71 51.55 38.09
N MET J 517 -33.36 50.26 38.03
CA MET J 517 -33.75 49.31 39.06
C MET J 517 -33.05 49.58 40.39
N ILE J 518 -33.83 49.64 41.46
CA ILE J 518 -33.31 49.77 42.82
C ILE J 518 -33.43 48.40 43.48
N VAL J 519 -32.31 47.70 43.63
CA VAL J 519 -32.32 46.33 44.12
C VAL J 519 -31.56 46.19 45.43
N ASP J 520 -31.85 45.10 46.14
CA ASP J 520 -31.21 44.75 47.40
C ASP J 520 -30.02 43.82 47.21
N ILE J 521 -28.93 44.10 47.93
CA ILE J 521 -27.71 43.29 47.82
C ILE J 521 -27.94 41.88 48.33
N ASN J 522 -28.58 41.76 49.49
CA ASN J 522 -28.88 40.49 50.14
C ASN J 522 -30.38 40.35 50.24
N GLU J 523 -30.87 39.12 50.06
CA GLU J 523 -32.30 38.90 50.06
C GLU J 523 -32.88 39.24 51.43
N ARG J 524 -34.01 39.93 51.41
CA ARG J 524 -34.75 40.32 52.60
C ARG J 524 -36.22 39.99 52.39
N PRO J 525 -36.99 39.85 53.47
CA PRO J 525 -38.41 39.52 53.31
C PRO J 525 -39.15 40.54 52.47
N ALA J 526 -40.08 40.02 51.67
CA ALA J 526 -40.87 40.78 50.72
C ALA J 526 -42.19 41.21 51.34
N LEU J 527 -42.82 42.20 50.70
CA LEU J 527 -44.13 42.64 51.14
C LEU J 527 -45.18 41.62 50.72
N ASP J 528 -46.39 41.77 51.26
CA ASP J 528 -47.44 40.79 51.02
C ASP J 528 -47.75 40.64 49.53
N ASN J 529 -47.92 41.75 48.82
CA ASN J 529 -48.24 41.66 47.41
C ASN J 529 -47.01 41.46 46.53
N GLU J 530 -45.84 41.21 47.11
CA GLU J 530 -44.63 40.93 46.34
C GLU J 530 -44.20 39.48 46.57
N ARG J 531 -44.51 38.62 45.61
CA ARG J 531 -44.15 37.20 45.67
C ARG J 531 -43.13 36.87 44.59
N LEU J 532 -42.65 37.89 43.88
CA LEU J 532 -41.67 37.75 42.81
C LEU J 532 -40.30 38.24 43.30
N LYS J 533 -39.34 37.31 43.34
CA LYS J 533 -37.97 37.51 43.84
C LYS J 533 -36.90 37.56 42.74
N TRP J 534 -36.89 38.59 41.90
CA TRP J 534 -35.91 38.61 40.82
C TRP J 534 -34.46 38.52 41.29
N ARG J 535 -33.69 37.72 40.54
CA ARG J 535 -32.23 37.60 40.68
C ARG J 535 -31.65 37.83 39.29
N ILE J 536 -30.48 38.44 39.23
CA ILE J 536 -29.92 38.83 37.95
C ILE J 536 -28.45 38.47 37.89
N GLN J 537 -28.04 37.87 36.77
CA GLN J 537 -26.63 37.62 36.50
C GLN J 537 -26.11 38.84 35.78
N LEU J 538 -25.33 39.65 36.47
CA LEU J 538 -24.82 40.90 35.95
C LEU J 538 -23.78 40.68 34.85
N SER J 539 -23.52 41.75 34.11
CA SER J 539 -22.48 41.83 33.10
C SER J 539 -21.39 42.78 33.60
N PRO J 540 -20.12 42.51 33.31
CA PRO J 540 -19.06 43.43 33.78
C PRO J 540 -19.19 44.86 33.30
N ASP J 541 -19.81 45.10 32.14
CA ASP J 541 -19.92 46.46 31.63
C ASP J 541 -21.11 47.23 32.20
N THR J 542 -22.06 46.57 32.84
CA THR J 542 -23.25 47.24 33.34
C THR J 542 -22.89 48.20 34.46
N ARG J 543 -23.29 49.47 34.32
CA ARG J 543 -23.01 50.45 35.35
C ARG J 543 -24.15 50.41 36.36
N ALA J 544 -23.81 50.33 37.64
CA ALA J 544 -24.81 50.30 38.70
C ALA J 544 -24.36 51.19 39.85
N GLY J 545 -25.32 51.76 40.56
CA GLY J 545 -24.93 52.64 41.64
C GLY J 545 -25.39 52.19 43.01
N TYR J 546 -24.42 52.02 43.88
CA TYR J 546 -24.61 51.57 45.25
C TYR J 546 -25.15 52.68 46.15
N LEU J 547 -25.92 52.27 47.15
CA LEU J 547 -26.46 53.18 48.15
C LEU J 547 -26.00 52.74 49.53
N GLU J 548 -26.15 53.64 50.50
CA GLU J 548 -25.67 53.38 51.84
C GLU J 548 -26.55 52.36 52.57
N ASN J 549 -27.80 52.20 52.14
CA ASN J 549 -28.72 51.27 52.79
C ASN J 549 -28.69 49.89 52.17
N GLY J 550 -27.58 49.51 51.54
CA GLY J 550 -27.48 48.19 50.97
C GLY J 550 -28.27 47.99 49.71
N LYS J 551 -28.47 49.04 48.91
CA LYS J 551 -29.19 48.90 47.65
C LYS J 551 -28.35 49.43 46.49
N LEU J 552 -28.76 49.02 45.29
CA LEU J 552 -28.12 49.43 44.05
C LEU J 552 -29.12 50.07 43.10
N ILE J 553 -28.67 51.08 42.38
CA ILE J 553 -29.44 51.71 41.32
C ILE J 553 -28.82 51.25 40.01
N LEU J 554 -29.59 50.52 39.22
CA LEU J 554 -29.06 49.97 37.98
C LEU J 554 -29.18 50.96 36.83
N GLN J 555 -28.30 50.79 35.84
CA GLN J 555 -28.35 51.62 34.65
C GLN J 555 -29.67 51.43 33.93
N ARG J 556 -30.10 52.45 33.21
CA ARG J 556 -31.33 52.30 32.45
C ARG J 556 -31.06 51.56 31.14
N ASN J 557 -32.14 51.16 30.48
CA ASN J 557 -32.07 50.47 29.19
C ASN J 557 -31.23 49.20 29.31
N ILE J 558 -31.59 48.37 30.28
CA ILE J 558 -30.91 47.11 30.54
C ILE J 558 -31.69 45.97 29.92
N GLY J 559 -30.98 45.02 29.32
CA GLY J 559 -31.59 43.82 28.75
C GLY J 559 -31.29 42.60 29.59
N LEU J 560 -32.29 41.74 29.75
CA LEU J 560 -32.16 40.54 30.55
C LEU J 560 -32.83 39.38 29.83
N GLU J 561 -32.16 38.24 29.79
CA GLU J 561 -32.75 37.04 29.21
C GLU J 561 -33.23 36.11 30.32
N ILE J 562 -34.50 35.70 30.24
CA ILE J 562 -35.09 34.83 31.24
C ILE J 562 -34.76 33.39 30.85
N LYS J 563 -34.03 32.68 31.70
CA LYS J 563 -33.72 31.31 31.38
C LYS J 563 -34.71 30.32 31.97
N ASP J 564 -35.29 30.63 33.12
CA ASP J 564 -36.20 29.68 33.76
C ASP J 564 -37.03 30.39 34.81
N VAL J 565 -38.24 29.88 35.03
CA VAL J 565 -39.15 30.41 36.03
C VAL J 565 -39.82 29.23 36.73
N GLN J 566 -39.65 29.14 38.04
CA GLN J 566 -40.19 28.01 38.78
C GLN J 566 -40.65 28.49 40.15
N ILE J 567 -41.47 27.67 40.77
CA ILE J 567 -42.00 27.91 42.10
C ILE J 567 -41.14 27.19 43.13
N ILE J 568 -40.80 27.86 44.23
CA ILE J 568 -40.02 27.26 45.30
C ILE J 568 -40.77 27.57 46.57
N LYS J 569 -40.37 26.90 47.64
CA LYS J 569 -40.99 27.09 48.94
C LYS J 569 -39.98 27.66 49.92
N GLN J 570 -40.44 28.62 50.73
CA GLN J 570 -39.62 29.28 51.73
C GLN J 570 -40.51 29.72 52.89
N SER J 571 -40.12 29.32 54.09
CA SER J 571 -40.82 29.66 55.33
C SER J 571 -42.32 29.35 55.25
N GLU J 572 -42.63 28.14 54.78
CA GLU J 572 -43.97 27.58 54.68
C GLU J 572 -44.85 28.31 53.67
N LYS J 573 -44.33 29.28 52.96
CA LYS J 573 -45.14 29.97 51.96
C LYS J 573 -44.46 29.89 50.60
N GLU J 574 -45.28 29.82 49.56
CA GLU J 574 -44.77 29.70 48.21
C GLU J 574 -44.54 31.08 47.63
N TYR J 575 -43.59 31.17 46.72
CA TYR J 575 -43.27 32.43 46.07
C TYR J 575 -42.87 32.11 44.63
N ILE J 576 -42.69 33.14 43.80
CA ILE J 576 -42.29 32.97 42.39
C ILE J 576 -40.90 33.53 42.04
N ARG J 577 -39.98 32.61 41.68
CA ARG J 577 -38.60 32.84 41.21
C ARG J 577 -38.50 32.91 39.69
N ILE J 578 -37.92 34.02 39.24
CA ILE J 578 -37.61 34.33 37.84
C ILE J 578 -36.09 34.50 37.76
N ASP J 579 -35.44 33.63 36.99
CA ASP J 579 -33.99 33.68 36.82
C ASP J 579 -33.68 34.47 35.56
N ALA J 580 -32.95 35.56 35.70
CA ALA J 580 -32.60 36.40 34.57
C ALA J 580 -31.10 36.67 34.53
N LYS J 581 -30.61 36.94 33.32
CA LYS J 581 -29.21 37.23 33.07
C LYS J 581 -29.07 38.58 32.37
N VAL J 582 -28.13 39.41 32.83
CA VAL J 582 -27.94 40.69 32.16
C VAL J 582 -27.36 40.43 30.78
N VAL J 583 -27.93 41.08 29.78
CA VAL J 583 -27.44 40.97 28.40
C VAL J 583 -27.55 42.36 27.78
N PRO J 584 -26.81 42.64 26.72
CA PRO J 584 -26.99 43.96 26.07
C PRO J 584 -28.38 44.09 25.46
N LYS J 585 -29.02 45.22 25.79
CA LYS J 585 -30.36 45.49 25.26
C LYS J 585 -30.36 45.54 23.75
N SER J 586 -29.30 46.09 23.15
CA SER J 586 -29.22 46.16 21.69
C SER J 586 -29.29 44.76 21.09
N LYS J 587 -28.68 43.78 21.75
CA LYS J 587 -28.67 42.43 21.21
C LYS J 587 -30.08 41.85 21.17
N ILE J 588 -30.91 42.16 22.17
CA ILE J 588 -32.27 41.64 22.18
C ILE J 588 -33.16 42.44 21.23
N ASP J 589 -32.97 43.77 21.16
CA ASP J 589 -33.75 44.56 20.21
C ASP J 589 -33.59 44.06 18.79
N THR J 590 -32.39 43.56 18.44
CA THR J 590 -32.20 42.98 17.13
C THR J 590 -33.09 41.75 16.97
N LYS J 591 -33.29 41.01 18.05
CA LYS J 591 -34.20 39.87 18.01
C LYS J 591 -35.63 40.36 17.81
N ILE J 592 -35.95 41.53 18.33
CA ILE J 592 -37.32 42.04 18.26
C ILE J 592 -37.71 42.36 16.83
N GLN J 593 -36.78 42.97 16.07
CA GLN J 593 -37.13 43.35 14.70
C GLN J 593 -37.42 42.12 13.85
N GLU J 594 -36.64 41.06 14.04
CA GLU J 594 -36.86 39.83 13.29
C GLU J 594 -38.23 39.23 13.61
N ALA J 595 -38.61 39.25 14.89
CA ALA J 595 -39.92 38.74 15.28
C ALA J 595 -41.02 39.57 14.64
N GLN J 596 -40.83 40.90 14.61
CA GLN J 596 -41.81 41.77 13.97
C GLN J 596 -41.94 41.43 12.49
N LEU J 597 -40.82 41.22 11.81
CA LEU J 597 -40.86 40.91 10.39
C LEU J 597 -41.61 39.60 10.13
N ASN J 598 -41.39 38.59 10.96
CA ASN J 598 -42.02 37.29 10.77
C ASN J 598 -43.54 37.37 10.90
N ILE J 599 -44.05 38.09 11.90
CA ILE J 599 -45.51 38.24 12.01
C ILE J 599 -46.07 39.00 10.82
N ASN J 600 -45.37 40.04 10.37
CA ASN J 600 -45.90 40.85 9.28
C ASN J 600 -45.92 40.04 7.97
N GLN J 601 -44.78 39.44 7.62
CA GLN J 601 -44.67 38.67 6.40
C GLN J 601 -45.74 37.59 6.31
N GLU J 602 -46.05 36.96 7.45
CA GLU J 602 -47.05 35.90 7.48
C GLU J 602 -48.44 36.47 7.21
N TRP J 603 -48.78 37.58 7.87
CA TRP J 603 -50.12 38.15 7.74
C TRP J 603 -50.26 39.02 6.49
N ASN J 604 -49.16 39.46 5.89
CA ASN J 604 -49.28 40.24 4.66
C ASN J 604 -49.83 39.39 3.53
N LYS J 605 -49.41 38.13 3.45
CA LYS J 605 -49.95 37.22 2.45
C LYS J 605 -51.33 36.71 2.84
N ALA J 606 -51.74 36.87 4.10
CA ALA J 606 -53.01 36.37 4.61
C ALA J 606 -54.23 37.06 4.00
N LEU J 607 -54.40 38.35 4.26
CA LEU J 607 -55.55 39.12 3.81
C LEU J 607 -55.21 39.98 2.59
N GLY J 608 -54.46 39.41 1.65
CA GLY J 608 -54.16 40.08 0.41
C GLY J 608 -53.24 41.27 0.55
N LEU J 609 -52.67 41.48 1.73
CA LEU J 609 -51.87 42.65 2.01
C LEU J 609 -50.58 42.60 1.19
N PRO J 610 -50.02 43.75 0.83
CA PRO J 610 -48.73 43.72 0.12
C PRO J 610 -47.65 43.15 1.03
N LYS J 611 -46.73 42.38 0.45
CA LYS J 611 -45.76 41.66 1.26
C LYS J 611 -44.87 42.62 2.04
N TYR J 612 -44.38 43.68 1.38
CA TYR J 612 -43.41 44.57 2.01
C TYR J 612 -43.99 45.38 3.16
N THR J 613 -45.25 45.80 3.06
CA THR J 613 -45.80 46.71 4.06
C THR J 613 -45.71 46.09 5.46
N LYS J 614 -45.25 46.89 6.42
CA LYS J 614 -45.09 46.40 7.79
C LYS J 614 -46.45 46.19 8.44
N LEU J 615 -47.33 47.20 8.37
CA LEU J 615 -48.64 47.19 9.03
C LEU J 615 -48.61 46.81 10.51
N ILE J 616 -47.45 46.49 11.07
CA ILE J 616 -47.32 46.01 12.44
C ILE J 616 -45.96 46.43 12.96
N THR J 617 -45.95 47.12 14.09
CA THR J 617 -44.73 47.52 14.76
C THR J 617 -44.83 47.16 16.23
N PHE J 618 -43.78 46.53 16.76
CA PHE J 618 -43.72 46.16 18.17
C PHE J 618 -43.11 47.32 18.93
N ASN J 619 -43.98 48.10 19.58
CA ASN J 619 -43.57 49.25 20.38
C ASN J 619 -43.59 48.95 21.87
N VAL J 620 -43.82 47.69 22.26
CA VAL J 620 -43.86 47.37 23.67
C VAL J 620 -42.47 47.56 24.28
N HIS J 621 -42.44 48.25 25.41
CA HIS J 621 -41.24 48.43 26.22
C HIS J 621 -41.68 48.37 27.67
N ASN J 622 -41.31 47.29 28.35
CA ASN J 622 -41.75 47.05 29.73
C ASN J 622 -41.11 45.78 30.26
N ARG J 623 -41.43 45.45 31.51
CA ARG J 623 -40.87 44.28 32.15
C ARG J 623 -41.53 42.99 31.66
N TYR J 624 -42.70 43.10 31.02
CA TYR J 624 -43.53 42.02 30.51
C TYR J 624 -43.58 41.93 28.98
N ALA J 625 -42.57 42.47 28.29
CA ALA J 625 -42.65 42.62 26.84
C ALA J 625 -42.78 41.31 26.06
N SER J 626 -42.05 40.26 26.42
CA SER J 626 -42.02 39.10 25.52
C SER J 626 -43.31 38.28 25.49
N ASN J 627 -44.03 38.14 26.60
CA ASN J 627 -45.30 37.43 26.52
C ASN J 627 -46.30 38.19 25.64
N ILE J 628 -46.28 39.51 25.72
CA ILE J 628 -47.13 40.32 24.85
C ILE J 628 -46.77 40.10 23.38
N VAL J 629 -45.47 40.05 23.07
CA VAL J 629 -45.03 39.87 21.69
C VAL J 629 -45.54 38.54 21.14
N GLU J 630 -45.30 37.45 21.86
CA GLU J 630 -45.77 36.16 21.38
C GLU J 630 -47.30 36.10 21.35
N SER J 631 -47.96 36.88 22.22
CA SER J 631 -49.41 36.87 22.26
C SER J 631 -50.04 37.59 21.08
N ALA J 632 -49.27 38.39 20.34
CA ALA J 632 -49.82 39.00 19.14
C ALA J 632 -50.22 37.95 18.11
N TYR J 633 -49.43 36.89 17.97
CA TYR J 633 -49.82 35.80 17.08
C TYR J 633 -51.14 35.21 17.52
N LEU J 634 -51.28 34.97 18.83
CA LEU J 634 -52.52 34.41 19.34
C LEU J 634 -53.67 35.37 19.10
N ILE J 635 -53.46 36.65 19.38
CA ILE J 635 -54.52 37.63 19.21
C ILE J 635 -54.91 37.73 17.75
N LEU J 636 -53.90 37.80 16.87
CA LEU J 636 -54.17 37.94 15.44
C LEU J 636 -54.87 36.71 14.91
N ASN J 637 -54.42 35.51 15.33
CA ASN J 637 -55.05 34.28 14.86
C ASN J 637 -56.51 34.21 15.30
N GLU J 638 -56.78 34.64 16.54
CA GLU J 638 -58.16 34.69 17.01
C GLU J 638 -58.97 35.72 16.23
N TRP J 639 -58.38 36.89 15.98
CA TRP J 639 -59.10 37.96 15.30
C TRP J 639 -59.62 37.50 13.95
N LYS J 640 -58.80 36.77 13.19
CA LYS J 640 -59.23 36.29 11.89
C LYS J 640 -60.29 35.20 12.05
N ASN J 641 -59.94 34.13 12.77
CA ASN J 641 -60.86 33.02 13.01
C ASN J 641 -62.21 33.47 13.60
N ASN J 642 -62.29 34.69 14.13
CA ASN J 642 -63.50 35.16 14.78
C ASN J 642 -64.27 36.19 13.98
N ILE J 643 -63.70 36.73 12.89
CA ILE J 643 -64.36 37.76 12.12
C ILE J 643 -64.61 37.26 10.70
N GLN J 644 -65.69 37.77 10.10
CA GLN J 644 -66.07 37.39 8.74
C GLN J 644 -64.95 37.65 7.75
N SER J 645 -64.53 36.60 7.04
CA SER J 645 -63.46 36.72 6.05
C SER J 645 -63.67 37.92 5.14
N ASP J 646 -64.92 38.19 4.74
CA ASP J 646 -65.17 39.30 3.83
C ASP J 646 -65.04 40.64 4.54
N LEU J 647 -65.28 40.66 5.86
CA LEU J 647 -65.08 41.88 6.62
C LEU J 647 -63.61 42.22 6.71
N ILE J 648 -62.77 41.20 6.95
CA ILE J 648 -61.32 41.40 7.00
C ILE J 648 -60.83 42.01 5.69
N LYS J 649 -61.17 41.37 4.57
CA LYS J 649 -60.75 41.89 3.27
C LYS J 649 -61.15 43.35 3.11
N LYS J 650 -62.40 43.68 3.42
CA LYS J 650 -62.88 45.05 3.28
C LYS J 650 -62.06 46.02 4.13
N VAL J 651 -61.92 45.74 5.43
CA VAL J 651 -61.21 46.66 6.33
C VAL J 651 -59.76 46.81 5.90
N THR J 652 -59.11 45.72 5.50
CA THR J 652 -57.71 45.79 5.11
C THR J 652 -57.52 46.65 3.87
N ASN J 653 -58.41 46.52 2.89
CA ASN J 653 -58.36 47.38 1.71
C ASN J 653 -58.45 48.85 2.12
N TYR J 654 -59.28 49.14 3.11
CA TYR J 654 -59.41 50.51 3.62
C TYR J 654 -58.14 50.97 4.33
N LEU J 655 -57.32 50.04 4.83
CA LEU J 655 -56.08 50.40 5.51
C LEU J 655 -54.88 50.40 4.57
N VAL J 656 -54.79 49.41 3.68
CA VAL J 656 -53.67 49.36 2.75
C VAL J 656 -53.71 50.58 1.83
N ASP J 657 -54.91 51.05 1.47
CA ASP J 657 -55.03 52.25 0.65
C ASP J 657 -54.37 53.45 1.31
N GLY J 658 -54.37 53.51 2.63
CA GLY J 658 -53.73 54.59 3.37
C GLY J 658 -52.37 54.18 3.90
N ASN J 659 -52.07 54.63 5.12
CA ASN J 659 -50.81 54.33 5.76
C ASN J 659 -51.01 54.08 7.25
N GLY J 660 -52.02 53.27 7.58
CA GLY J 660 -52.30 52.98 8.97
C GLY J 660 -51.42 51.87 9.52
N ARG J 661 -51.52 51.67 10.83
CA ARG J 661 -50.70 50.69 11.52
C ARG J 661 -51.47 50.12 12.71
N PHE J 662 -51.05 48.93 13.13
CA PHE J 662 -51.58 48.29 14.33
C PHE J 662 -50.48 48.39 15.38
N VAL J 663 -50.62 49.34 16.29
CA VAL J 663 -49.58 49.65 17.27
C VAL J 663 -49.88 48.91 18.57
N PHE J 664 -49.05 47.93 18.89
CA PHE J 664 -49.13 47.21 20.17
C PHE J 664 -48.02 47.75 21.07
N THR J 665 -48.40 48.34 22.20
CA THR J 665 -47.44 48.98 23.07
C THR J 665 -47.79 48.73 24.53
N ASP J 666 -46.85 49.09 25.40
CA ASP J 666 -47.03 49.00 26.85
C ASP J 666 -46.73 50.34 27.52
N ILE J 667 -46.82 51.42 26.75
CA ILE J 667 -46.65 52.78 27.24
C ILE J 667 -47.97 53.52 27.11
N THR J 668 -48.09 54.63 27.83
CA THR J 668 -49.35 55.36 27.82
C THR J 668 -49.63 55.92 26.44
N LEU J 669 -50.90 55.85 26.04
CA LEU J 669 -51.33 56.26 24.70
C LEU J 669 -50.86 57.65 24.27
N PRO J 670 -50.97 58.70 25.09
CA PRO J 670 -50.54 60.03 24.60
C PRO J 670 -49.05 60.15 24.31
N ASN J 671 -48.22 59.22 24.78
CA ASN J 671 -46.79 59.29 24.55
C ASN J 671 -46.27 58.10 23.75
N ILE J 672 -47.16 57.24 23.22
CA ILE J 672 -46.69 56.00 22.60
C ILE J 672 -46.05 56.29 21.24
N ALA J 673 -46.83 56.82 20.29
CA ALA J 673 -46.25 57.09 18.99
C ALA J 673 -46.83 58.32 18.28
N GLU J 674 -48.15 58.40 18.18
CA GLU J 674 -48.78 59.52 17.47
C GLU J 674 -50.04 60.09 18.10
N GLN J 675 -50.67 59.41 19.07
CA GLN J 675 -51.85 59.94 19.75
C GLN J 675 -51.79 61.45 20.01
N TYR J 676 -50.70 61.91 20.64
CA TYR J 676 -50.60 63.33 20.95
C TYR J 676 -50.51 64.17 19.68
N THR J 677 -49.96 63.63 18.60
CA THR J 677 -49.84 64.39 17.36
C THR J 677 -51.21 64.68 16.74
N HIS J 678 -52.24 63.95 17.13
CA HIS J 678 -53.59 64.18 16.64
C HIS J 678 -54.50 64.79 17.70
N GLN J 679 -53.94 65.19 18.83
CA GLN J 679 -54.70 65.85 19.89
C GLN J 679 -54.73 67.35 19.64
N ASP J 680 -55.85 67.98 19.98
CA ASP J 680 -55.98 69.42 19.82
C ASP J 680 -55.42 70.19 21.00
N GLU J 681 -55.50 69.62 22.20
CA GLU J 681 -55.01 70.25 23.42
C GLU J 681 -54.24 69.22 24.23
N ILE J 682 -53.21 69.69 24.94
CA ILE J 682 -52.41 68.79 25.78
C ILE J 682 -53.30 68.13 26.82
N TYR J 683 -54.17 68.92 27.47
CA TYR J 683 -55.08 68.38 28.47
C TYR J 683 -56.12 67.45 27.88
N GLU J 684 -56.29 67.46 26.56
CA GLU J 684 -57.25 66.60 25.88
C GLU J 684 -56.72 65.19 25.64
N GLN J 685 -55.56 64.85 26.20
CA GLN J 685 -54.98 63.54 25.99
C GLN J 685 -55.80 62.48 26.71
N VAL J 686 -55.82 61.28 26.13
CA VAL J 686 -56.55 60.14 26.69
C VAL J 686 -55.62 58.93 26.70
N HIS J 687 -55.60 58.21 27.83
CA HIS J 687 -54.83 56.99 27.98
C HIS J 687 -55.76 55.86 28.40
N SER J 688 -55.61 54.71 27.75
CA SER J 688 -56.44 53.53 28.00
C SER J 688 -55.82 52.39 27.19
N LYS J 689 -56.56 51.27 27.09
CA LYS J 689 -56.05 50.13 26.35
C LYS J 689 -55.93 50.45 24.87
N GLY J 690 -56.83 51.27 24.34
CA GLY J 690 -56.77 51.66 22.94
C GLY J 690 -58.10 52.18 22.46
N LEU J 691 -58.04 52.85 21.32
CA LEU J 691 -59.22 53.42 20.67
C LEU J 691 -58.89 53.73 19.22
N TYR J 692 -59.88 53.56 18.35
CA TYR J 692 -59.67 53.85 16.94
C TYR J 692 -59.58 55.36 16.75
N VAL J 693 -58.50 55.80 16.11
CA VAL J 693 -58.28 57.22 15.84
C VAL J 693 -58.42 57.44 14.34
N PRO J 694 -59.49 58.08 13.88
CA PRO J 694 -59.64 58.32 12.44
C PRO J 694 -58.53 59.15 11.85
N GLU J 695 -58.13 60.23 12.54
CA GLU J 695 -57.12 61.14 12.02
C GLU J 695 -55.84 60.40 11.64
N SER J 696 -55.43 59.43 12.46
CA SER J 696 -54.23 58.67 12.17
C SER J 696 -54.51 57.29 11.59
N ARG J 697 -55.78 56.89 11.52
CA ARG J 697 -56.20 55.60 10.98
C ARG J 697 -55.32 54.47 11.55
N SER J 698 -55.21 54.45 12.87
CA SER J 698 -54.37 53.47 13.55
C SER J 698 -55.12 52.82 14.70
N ILE J 699 -54.75 51.56 14.97
CA ILE J 699 -55.32 50.79 16.06
C ILE J 699 -54.26 50.66 17.14
N LEU J 700 -54.61 51.06 18.36
CA LEU J 700 -53.70 51.02 19.50
C LEU J 700 -54.16 49.96 20.48
N LEU J 701 -53.24 49.07 20.86
CA LEU J 701 -53.53 48.01 21.82
C LEU J 701 -52.48 48.11 22.92
N HIS J 702 -52.90 48.54 24.12
CA HIS J 702 -52.00 48.66 25.25
C HIS J 702 -51.95 47.33 25.97
N GLY J 703 -50.84 46.60 25.80
CA GLY J 703 -50.66 45.32 26.42
C GLY J 703 -50.62 45.42 27.93
N PRO J 704 -49.71 46.25 28.45
CA PRO J 704 -49.57 46.40 29.91
C PRO J 704 -50.87 46.58 30.66
N SER J 705 -51.83 47.32 30.10
CA SER J 705 -53.05 47.59 30.86
C SER J 705 -54.00 46.39 30.82
N LYS J 706 -54.98 46.43 31.72
CA LYS J 706 -56.04 45.43 31.82
C LYS J 706 -57.36 46.09 31.49
N GLY J 707 -58.09 45.55 30.52
CA GLY J 707 -59.38 46.12 30.16
C GLY J 707 -60.35 46.14 31.33
N VAL J 708 -60.87 47.32 31.65
CA VAL J 708 -61.81 47.50 32.75
C VAL J 708 -63.12 46.75 32.55
N GLU J 709 -63.36 46.19 31.36
CA GLU J 709 -64.61 45.48 31.11
C GLU J 709 -64.37 44.08 30.55
N LEU J 710 -63.67 44.01 29.42
CA LEU J 710 -63.43 42.73 28.75
C LEU J 710 -62.81 41.72 29.71
N ARG J 711 -63.11 40.44 29.46
CA ARG J 711 -62.61 39.36 30.30
C ARG J 711 -61.22 38.90 29.88
N ASN J 712 -60.92 38.97 28.59
CA ASN J 712 -59.63 38.55 28.06
C ASN J 712 -59.19 39.57 27.01
N ASP J 713 -58.12 39.24 26.29
CA ASP J 713 -57.60 40.16 25.29
C ASP J 713 -58.46 40.16 24.04
N SER J 714 -58.98 38.98 23.66
CA SER J 714 -59.83 38.88 22.48
C SER J 714 -60.99 39.86 22.58
N GLU J 715 -61.67 39.88 23.72
CA GLU J 715 -62.78 40.80 23.92
C GLU J 715 -62.31 42.25 23.88
N GLY J 716 -61.14 42.52 24.46
CA GLY J 716 -60.60 43.87 24.42
C GLY J 716 -60.37 44.37 23.01
N PHE J 717 -59.83 43.51 22.15
CA PHE J 717 -59.59 43.89 20.76
C PHE J 717 -60.90 44.12 20.03
N ILE J 718 -61.77 43.11 20.04
CA ILE J 718 -63.07 43.19 19.37
C ILE J 718 -63.82 44.45 19.79
N HIS J 719 -63.67 44.85 21.05
CA HIS J 719 -64.28 46.09 21.53
C HIS J 719 -63.68 47.29 20.81
N GLU J 720 -62.36 47.30 20.62
CA GLU J 720 -61.75 48.37 19.85
C GLU J 720 -62.02 48.20 18.37
N PHE J 721 -62.26 46.96 17.93
CA PHE J 721 -62.52 46.68 16.52
C PHE J 721 -63.80 47.38 16.05
N GLY J 722 -64.72 47.66 16.97
CA GLY J 722 -65.95 48.32 16.58
C GLY J 722 -65.75 49.75 16.14
N HIS J 723 -64.91 50.49 16.87
CA HIS J 723 -64.71 51.91 16.53
C HIS J 723 -64.09 52.01 15.15
N ALA J 724 -63.12 51.14 14.85
CA ALA J 724 -62.48 51.14 13.54
C ALA J 724 -63.46 50.77 12.44
N VAL J 725 -64.36 49.83 12.73
CA VAL J 725 -65.37 49.43 11.75
C VAL J 725 -66.28 50.60 11.41
N ASP J 726 -66.66 51.39 12.42
CA ASP J 726 -67.54 52.53 12.17
C ASP J 726 -66.86 53.52 11.24
N ASP J 727 -65.56 53.76 11.46
CA ASP J 727 -64.82 54.71 10.62
C ASP J 727 -64.80 54.25 9.16
N TYR J 728 -64.61 52.96 8.93
CA TYR J 728 -64.57 52.44 7.56
C TYR J 728 -65.94 52.63 6.91
N ALA J 729 -67.01 52.39 7.66
CA ALA J 729 -68.36 52.59 7.11
C ALA J 729 -68.58 54.05 6.77
N GLY J 730 -68.08 54.95 7.62
CA GLY J 730 -68.19 56.37 7.33
C GLY J 730 -67.44 56.78 6.08
N TYR J 731 -66.25 56.20 5.87
CA TYR J 731 -65.48 56.49 4.67
C TYR J 731 -66.26 56.13 3.42
N LEU J 732 -66.93 54.98 3.44
CA LEU J 732 -67.72 54.56 2.29
C LEU J 732 -68.89 55.52 2.03
N LEU J 733 -69.55 56.00 3.09
CA LEU J 733 -70.75 56.80 2.90
C LEU J 733 -70.40 58.26 2.65
N ASP J 734 -70.36 59.07 3.71
CA ASP J 734 -70.00 60.49 3.56
C ASP J 734 -68.49 60.60 3.43
N LYS J 735 -68.01 60.91 2.23
CA LYS J 735 -66.57 60.99 2.00
C LYS J 735 -65.95 62.18 2.73
N ASN J 736 -66.61 63.33 2.70
CA ASN J 736 -66.08 64.57 3.26
C ASN J 736 -66.66 64.92 4.62
N GLN J 737 -67.45 64.04 5.23
CA GLN J 737 -68.11 64.35 6.49
C GLN J 737 -67.79 63.29 7.53
N SER J 738 -67.91 63.70 8.80
CA SER J 738 -67.66 62.87 9.97
C SER J 738 -68.07 61.41 9.76
N ASP J 739 -67.08 60.51 9.85
CA ASP J 739 -67.32 59.09 9.60
C ASP J 739 -68.50 58.55 10.38
N LEU J 740 -68.70 59.03 11.61
CA LEU J 740 -69.77 58.52 12.46
C LEU J 740 -70.90 59.52 12.64
N VAL J 741 -71.01 60.52 11.75
CA VAL J 741 -72.11 61.45 11.87
C VAL J 741 -73.41 60.79 11.47
N THR J 742 -73.36 59.80 10.58
CA THR J 742 -74.57 59.09 10.19
C THR J 742 -75.04 58.16 11.30
N ASN J 743 -74.10 57.55 12.03
CA ASN J 743 -74.42 56.67 13.13
C ASN J 743 -74.83 57.40 14.40
N SER J 744 -74.65 58.73 14.45
CA SER J 744 -74.97 59.49 15.64
C SER J 744 -76.48 59.51 15.90
N LYS J 745 -77.23 60.13 14.99
CA LYS J 745 -78.68 60.19 15.16
C LYS J 745 -79.33 58.82 15.00
N LYS J 746 -78.61 57.85 14.41
CA LYS J 746 -79.17 56.52 14.24
C LYS J 746 -79.05 55.69 15.51
N PHE J 747 -77.92 55.80 16.20
CA PHE J 747 -77.71 55.04 17.43
C PHE J 747 -78.22 55.77 18.67
N ILE J 748 -78.19 57.10 18.67
CA ILE J 748 -78.71 57.86 19.82
C ILE J 748 -80.14 57.43 20.12
N ASP J 749 -80.98 57.36 19.09
CA ASP J 749 -82.36 56.92 19.29
C ASP J 749 -82.39 55.50 19.84
N ILE J 750 -81.59 54.61 19.26
CA ILE J 750 -81.49 53.24 19.76
C ILE J 750 -80.95 53.22 21.18
N PHE J 751 -80.10 54.19 21.52
CA PHE J 751 -79.52 54.24 22.87
C PHE J 751 -80.49 54.77 23.90
N LYS J 752 -81.56 55.45 23.47
CA LYS J 752 -82.55 55.96 24.41
C LYS J 752 -83.45 54.85 24.93
N GLU J 753 -84.06 54.08 24.03
CA GLU J 753 -85.01 53.05 24.44
C GLU J 753 -84.34 51.97 25.28
N GLU J 754 -83.18 51.47 24.83
CA GLU J 754 -82.56 50.36 25.55
C GLU J 754 -81.03 50.42 25.57
N GLY J 755 -80.42 51.56 25.24
CA GLY J 755 -78.96 51.59 25.15
C GLY J 755 -78.30 51.34 26.48
N SER J 756 -78.83 51.94 27.55
CA SER J 756 -78.23 51.80 28.87
C SER J 756 -78.47 50.42 29.47
N ASN J 757 -79.38 49.63 28.90
CA ASN J 757 -79.71 48.34 29.48
C ASN J 757 -78.52 47.40 29.51
N LEU J 758 -77.69 47.46 28.46
CA LEU J 758 -76.56 46.55 28.33
C LEU J 758 -75.43 46.92 29.27
N THR J 759 -74.23 46.38 28.99
CA THR J 759 -73.04 46.69 29.79
C THR J 759 -72.89 48.19 30.00
N SER J 760 -72.30 48.55 31.14
CA SER J 760 -72.08 49.96 31.45
C SER J 760 -71.09 50.63 30.51
N TYR J 761 -70.21 49.84 29.87
CA TYR J 761 -69.25 50.43 28.94
C TYR J 761 -69.95 50.96 27.70
N GLY J 762 -70.91 50.20 27.16
CA GLY J 762 -71.61 50.65 25.97
C GLY J 762 -72.54 51.82 26.24
N ARG J 763 -73.00 51.97 27.48
CA ARG J 763 -73.89 53.08 27.83
C ARG J 763 -73.20 54.43 27.72
N THR J 764 -71.87 54.44 27.66
CA THR J 764 -71.12 55.69 27.58
C THR J 764 -71.60 56.58 26.43
N ASN J 765 -71.57 56.05 25.21
CA ASN J 765 -72.01 56.82 24.05
C ASN J 765 -72.31 55.86 22.91
N GLU J 766 -72.78 56.42 21.80
CA GLU J 766 -73.13 55.62 20.63
C GLU J 766 -71.91 54.86 20.11
N ALA J 767 -70.75 55.52 20.07
CA ALA J 767 -69.54 54.88 19.54
C ALA J 767 -69.19 53.66 20.37
N GLU J 768 -69.14 53.81 21.70
CA GLU J 768 -68.82 52.67 22.55
C GLU J 768 -69.90 51.61 22.47
N PHE J 769 -71.17 52.02 22.41
CA PHE J 769 -72.26 51.06 22.29
C PHE J 769 -72.15 50.28 20.99
N PHE J 770 -71.94 51.00 19.88
CA PHE J 770 -71.80 50.34 18.58
C PHE J 770 -70.61 49.37 18.60
N ALA J 771 -69.46 49.84 19.09
CA ALA J 771 -68.28 48.98 19.16
C ALA J 771 -68.52 47.77 20.04
N GLU J 772 -69.16 47.97 21.19
CA GLU J 772 -69.46 46.85 22.09
C GLU J 772 -70.45 45.88 21.44
N ALA J 773 -71.51 46.41 20.83
CA ALA J 773 -72.52 45.56 20.21
C ALA J 773 -71.92 44.69 19.12
N PHE J 774 -71.00 45.25 18.33
CA PHE J 774 -70.36 44.47 17.27
C PHE J 774 -69.60 43.29 17.85
N ARG J 775 -68.85 43.53 18.93
CA ARG J 775 -68.10 42.44 19.57
C ARG J 775 -69.03 41.32 20.03
N LEU J 776 -70.10 41.67 20.76
CA LEU J 776 -71.04 40.66 21.22
C LEU J 776 -71.66 39.90 20.05
N MET J 777 -72.02 40.62 18.98
CA MET J 777 -72.62 39.97 17.82
C MET J 777 -71.64 39.04 17.10
N HIS J 778 -70.34 39.23 17.28
CA HIS J 778 -69.33 38.39 16.63
C HIS J 778 -68.45 37.64 17.63
N SER J 779 -68.87 37.57 18.89
CA SER J 779 -68.09 36.89 19.91
C SER J 779 -67.90 35.41 19.57
N THR J 780 -66.83 34.83 20.12
CA THR J 780 -66.56 33.42 19.91
C THR J 780 -67.45 32.54 20.79
N ASP J 781 -68.05 33.11 21.82
CA ASP J 781 -68.94 32.39 22.73
C ASP J 781 -70.37 32.68 22.26
N HIS J 782 -70.98 31.68 21.61
CA HIS J 782 -72.33 31.84 21.09
C HIS J 782 -73.32 32.36 22.13
N ALA J 783 -73.07 32.05 23.41
CA ALA J 783 -73.95 32.54 24.47
C ALA J 783 -74.02 34.07 24.44
N GLU J 784 -72.87 34.74 24.43
CA GLU J 784 -72.83 36.20 24.35
C GLU J 784 -73.61 36.68 23.13
N ARG J 785 -73.39 36.06 21.97
CA ARG J 785 -74.11 36.43 20.77
C ARG J 785 -75.62 36.23 20.96
N LEU J 786 -76.01 35.09 21.54
CA LEU J 786 -77.42 34.81 21.78
C LEU J 786 -78.05 35.85 22.70
N LYS J 787 -77.31 36.29 23.72
CA LYS J 787 -77.83 37.25 24.69
C LYS J 787 -78.44 38.47 24.00
N VAL J 788 -77.69 39.09 23.10
CA VAL J 788 -78.18 40.27 22.39
C VAL J 788 -79.45 39.98 21.60
N GLN J 789 -79.66 38.72 21.19
CA GLN J 789 -80.86 38.39 20.41
C GLN J 789 -82.12 38.45 21.27
N LYS J 790 -82.09 37.80 22.44
CA LYS J 790 -83.25 37.73 23.32
C LYS J 790 -83.35 38.92 24.27
N ASN J 791 -82.34 39.80 24.31
CA ASN J 791 -82.36 40.97 25.16
C ASN J 791 -82.56 42.27 24.37
N ALA J 792 -82.22 42.27 23.09
CA ALA J 792 -82.39 43.44 22.23
C ALA J 792 -82.80 42.95 20.85
N PRO J 793 -84.00 42.36 20.73
CA PRO J 793 -84.44 41.86 19.42
C PRO J 793 -84.51 42.96 18.38
N LYS J 794 -84.88 44.18 18.77
CA LYS J 794 -84.96 45.29 17.83
C LYS J 794 -83.57 45.63 17.31
N THR J 795 -82.65 45.92 18.23
CA THR J 795 -81.30 46.32 17.86
C THR J 795 -80.65 45.37 16.87
N PHE J 796 -80.97 44.07 16.97
CA PHE J 796 -80.30 43.06 16.17
C PHE J 796 -80.41 43.31 14.67
N GLN J 797 -81.62 43.60 14.17
CA GLN J 797 -81.79 43.69 12.72
C GLN J 797 -80.97 44.82 12.09
N PHE J 798 -81.03 46.03 12.65
CA PHE J 798 -80.28 47.10 12.01
C PHE J 798 -78.79 46.87 12.17
N ILE J 799 -78.37 46.31 13.30
CA ILE J 799 -76.97 46.03 13.54
C ILE J 799 -76.46 45.03 12.50
N ASN J 800 -77.26 44.02 12.21
CA ASN J 800 -76.91 43.08 11.15
C ASN J 800 -76.73 43.77 9.80
N ASP J 801 -77.40 44.90 9.58
CA ASP J 801 -77.41 45.54 8.27
C ASP J 801 -76.22 46.43 7.93
N GLN J 802 -75.52 47.02 8.90
CA GLN J 802 -74.37 47.85 8.50
C GLN J 802 -73.20 46.99 8.04
N ILE J 803 -72.96 45.85 8.70
CA ILE J 803 -71.87 44.99 8.28
C ILE J 803 -72.15 44.40 6.90
N LYS J 804 -73.42 44.35 6.48
CA LYS J 804 -73.74 43.88 5.14
C LYS J 804 -73.16 44.81 4.08
N PHE J 805 -73.21 46.13 4.34
CA PHE J 805 -72.70 47.15 3.44
C PHE J 805 -71.27 46.88 3.01
N ILE J 806 -71.08 46.41 1.78
CA ILE J 806 -69.74 46.14 1.27
C ILE J 806 -69.33 47.24 0.29
#